data_5ZDH
#
_entry.id   5ZDH
#
loop_
_entity.id
_entity.type
_entity.pdbx_description
1 polymer 'Type II secretion system protein D'
2 polymer 'Type II secretion system lipoprotein'
#
loop_
_entity_poly.entity_id
_entity_poly.type
_entity_poly.pdbx_seq_one_letter_code
_entity_poly.pdbx_strand_id
1 'polypeptide(L)'
;EEATFTANFKDTDLKSFIETVGANLNKTIIMGPGVQGKVSIRTMTPLNERQYYQLFLNLLEAQGYAVVPMENDVLKVVKS
SAAKVEPLPLVGEGSDNYAGDEMVTKVVPVRNVSVRELAPILRQMIDSAGSGNVVNYDPSNVIMLTGRASVVERLTEVIQ
RVDHAGNRTEEVIPLDNASASEIARVLESLTKNSGENQPATLKSQIVADERTNSVIVSGDPATRDKMRRLIRRLDSEMER
SGNSQVFYLKYSKAEDLVDVLKQVSGTLTAAKEEAEGTVGSGREIVSIAASKHSNALIVTAPQDIMQSLQSVIEQLDIRR
AQVHVEALIVEVAEGSNINFGVQWASKDAGLMQFANGTQIPIGTLGAAISQAKPQKGSTVISENGATTINPDTNGDLSTL
AQLLSGFSGTAVGVVKGDWMALVQAVKNDSSSNVLSTPSITTLDNQEAFFMVGQDVPVLTGSTVGSNNSNPFNTVERKKV
GIMLKVTPQINEGNAVQMVIEQEVSKVEGQTSLDVVFGERKLKTTVLANDGELIVLGGLMDDQAGESVAKVPLLGDIPLI
GNLFKSTADKKEKRNLMVFIRPTILRDGMAADGVSQRKYNYMRAEQIYRDEQGLSLMPHTAQPVLPAQNQALPPEVRAFL
NAGRTR
;
A,B,C,D,E,F,G,H,I,J,K,L,M,N,O
2 'polypeptide(L)'
;CASHNENASLLAKKQAQNISQNLPIKSAGYTLVLAQSSGTTVKMTIISEAGTQTTQTPDAFLTSYQRQMCADPTVKLMLT
EGINYSITINDTRTGNQYQRKLDRTTCGIVKA
;
P,Q,R,S,T,U,V,W,X,Y,Z,a,b,c,d
#
# COMPACT_ATOMS: atom_id res chain seq x y z
N GLY A 100 -85.26 68.90 24.74
CA GLY A 100 -86.38 69.28 23.88
C GLY A 100 -85.92 69.98 22.62
N ASP A 101 -86.32 71.24 22.48
CA ASP A 101 -85.90 72.08 21.37
C ASP A 101 -84.70 72.95 21.72
N GLU A 102 -84.15 72.80 22.92
CA GLU A 102 -83.04 73.64 23.35
C GLU A 102 -81.79 73.37 22.52
N MET A 103 -81.23 74.43 21.93
CA MET A 103 -80.02 74.32 21.14
C MET A 103 -78.81 74.31 22.05
N VAL A 104 -78.05 73.22 22.04
CA VAL A 104 -76.84 73.06 22.84
C VAL A 104 -75.83 72.20 22.07
N THR A 105 -74.60 72.17 22.59
CA THR A 105 -73.59 71.22 22.16
C THR A 105 -73.36 70.19 23.26
N LYS A 106 -73.00 68.96 22.86
CA LYS A 106 -72.76 67.90 23.82
C LYS A 106 -71.57 67.06 23.39
N VAL A 107 -70.93 66.42 24.36
CA VAL A 107 -69.74 65.59 24.16
C VAL A 107 -70.14 64.13 24.36
N VAL A 108 -69.94 63.33 23.32
CA VAL A 108 -70.13 61.89 23.41
C VAL A 108 -68.84 61.16 23.09
N PRO A 109 -68.17 60.56 24.07
CA PRO A 109 -67.06 59.65 23.75
C PRO A 109 -67.58 58.33 23.22
N VAL A 110 -66.99 57.88 22.12
CA VAL A 110 -67.33 56.58 21.53
C VAL A 110 -66.12 55.69 21.75
N ARG A 111 -66.27 54.71 22.64
CA ARG A 111 -65.12 53.92 23.11
C ARG A 111 -64.93 52.68 22.24
N ASN A 112 -65.82 51.69 22.38
CA ASN A 112 -65.64 50.42 21.69
C ASN A 112 -65.99 50.49 20.20
N VAL A 113 -66.90 51.39 19.83
CA VAL A 113 -67.48 51.42 18.49
C VAL A 113 -66.60 52.26 17.58
N SER A 114 -66.45 51.84 16.34
CA SER A 114 -65.85 52.71 15.34
C SER A 114 -66.79 53.86 15.07
N VAL A 115 -66.30 55.09 15.24
CA VAL A 115 -67.16 56.28 15.16
C VAL A 115 -67.83 56.40 13.81
N ARG A 116 -67.20 55.91 12.76
CA ARG A 116 -67.85 55.96 11.45
C ARG A 116 -68.79 54.80 11.21
N GLU A 117 -68.75 53.76 12.03
CA GLU A 117 -69.82 52.77 11.98
C GLU A 117 -71.17 53.40 12.24
N LEU A 118 -71.18 54.48 13.01
CA LEU A 118 -72.39 55.18 13.41
C LEU A 118 -72.77 56.28 12.44
N ALA A 119 -72.07 56.39 11.32
CA ALA A 119 -72.46 57.35 10.28
C ALA A 119 -73.93 57.23 9.89
N PRO A 120 -74.48 56.05 9.58
CA PRO A 120 -75.88 56.02 9.13
C PRO A 120 -76.88 56.48 10.17
N ILE A 121 -76.81 55.94 11.38
CA ILE A 121 -77.95 56.06 12.30
C ILE A 121 -77.97 57.43 12.97
N LEU A 122 -76.82 58.05 13.16
CA LEU A 122 -76.78 59.35 13.79
C LEU A 122 -77.18 60.44 12.80
N ARG A 123 -76.74 60.32 11.56
CA ARG A 123 -77.09 61.30 10.54
C ARG A 123 -78.50 61.05 10.00
N GLN A 124 -78.94 59.79 9.95
CA GLN A 124 -80.32 59.53 9.54
C GLN A 124 -81.32 60.08 10.54
N MET A 125 -80.88 60.36 11.77
CA MET A 125 -81.74 61.04 12.72
C MET A 125 -81.97 62.49 12.30
N ILE A 126 -80.96 63.10 11.69
CA ILE A 126 -81.05 64.48 11.21
C ILE A 126 -82.14 64.59 10.15
N ASP A 127 -82.39 63.51 9.41
CA ASP A 127 -83.55 63.44 8.53
C ASP A 127 -84.83 63.69 9.30
N SER A 128 -85.02 62.95 10.40
CA SER A 128 -86.20 63.11 11.24
C SER A 128 -86.06 64.31 12.18
N ALA A 129 -84.86 64.53 12.73
CA ALA A 129 -84.67 65.63 13.67
C ALA A 129 -84.76 66.98 12.98
N GLY A 130 -84.38 67.06 11.71
CA GLY A 130 -84.36 68.32 11.01
C GLY A 130 -83.10 69.12 11.24
N SER A 131 -83.24 70.44 11.35
CA SER A 131 -82.09 71.33 11.46
C SER A 131 -81.62 71.44 12.91
N GLY A 132 -80.54 72.20 13.09
CA GLY A 132 -80.02 72.51 14.40
C GLY A 132 -79.10 71.48 14.99
N ASN A 133 -79.16 70.23 14.53
CA ASN A 133 -78.38 69.14 15.10
C ASN A 133 -77.26 68.74 14.15
N VAL A 134 -76.07 68.54 14.72
CA VAL A 134 -74.88 68.19 13.97
C VAL A 134 -74.20 67.02 14.67
N VAL A 135 -73.76 66.04 13.88
CA VAL A 135 -73.06 64.87 14.38
C VAL A 135 -71.67 64.85 13.77
N ASN A 136 -70.66 64.71 14.61
CA ASN A 136 -69.26 64.83 14.21
C ASN A 136 -68.54 63.52 14.45
N TYR A 137 -67.81 63.04 13.45
CA TYR A 137 -67.14 61.75 13.51
C TYR A 137 -65.63 61.97 13.48
N ASP A 138 -64.97 61.77 14.62
CA ASP A 138 -63.54 62.01 14.67
C ASP A 138 -62.79 60.70 14.81
N PRO A 139 -61.86 60.38 13.91
CA PRO A 139 -61.09 59.13 14.04
C PRO A 139 -60.31 59.00 15.34
N SER A 140 -60.14 60.08 16.10
CA SER A 140 -59.66 60.00 17.47
C SER A 140 -60.69 59.34 18.37
N ASN A 141 -61.82 58.91 17.79
CA ASN A 141 -62.80 58.02 18.39
C ASN A 141 -63.63 58.70 19.50
N VAL A 142 -64.14 59.88 19.19
CA VAL A 142 -65.34 60.40 19.83
C VAL A 142 -66.28 60.89 18.74
N ILE A 143 -67.53 61.15 19.14
CA ILE A 143 -68.54 61.69 18.24
C ILE A 143 -69.16 62.91 18.91
N MET A 144 -68.97 64.08 18.30
CA MET A 144 -69.42 65.35 18.86
C MET A 144 -70.83 65.66 18.36
N LEU A 145 -71.77 65.74 19.30
CA LEU A 145 -73.16 66.02 19.00
C LEU A 145 -73.47 67.45 19.41
N THR A 146 -73.84 68.28 18.44
CA THR A 146 -74.22 69.66 18.69
C THR A 146 -75.59 69.88 18.11
N GLY A 147 -76.57 70.16 18.97
CA GLY A 147 -77.91 70.40 18.50
C GLY A 147 -78.92 70.40 19.64
N ARG A 148 -80.17 70.10 19.27
CA ARG A 148 -81.27 70.18 20.22
C ARG A 148 -81.18 69.06 21.25
N ALA A 149 -81.18 69.44 22.53
CA ALA A 149 -80.78 68.55 23.62
C ALA A 149 -81.63 67.28 23.72
N SER A 150 -82.79 67.22 23.06
CA SER A 150 -83.55 65.98 23.08
C SER A 150 -83.02 64.97 22.07
N VAL A 151 -82.68 65.42 20.87
CA VAL A 151 -82.24 64.48 19.84
C VAL A 151 -80.82 64.01 20.12
N VAL A 152 -79.96 64.89 20.63
CA VAL A 152 -78.65 64.45 21.07
C VAL A 152 -78.80 63.45 22.21
N GLU A 153 -79.80 63.67 23.07
CA GLU A 153 -80.04 62.79 24.21
C GLU A 153 -80.11 61.33 23.77
N ARG A 154 -80.93 61.05 22.75
CA ARG A 154 -81.04 59.69 22.25
C ARG A 154 -79.70 59.17 21.72
N LEU A 155 -78.92 60.03 21.07
CA LEU A 155 -77.69 59.55 20.50
C LEU A 155 -76.55 59.50 21.51
N THR A 156 -76.75 60.08 22.71
CA THR A 156 -76.02 59.63 23.88
C THR A 156 -76.64 58.33 24.42
N GLU A 157 -77.96 58.19 24.29
CA GLU A 157 -78.62 56.94 24.66
C GLU A 157 -78.24 55.81 23.70
N VAL A 158 -78.48 56.02 22.41
CA VAL A 158 -78.29 54.95 21.43
C VAL A 158 -76.86 54.42 21.50
N ILE A 159 -75.90 55.30 21.26
CA ILE A 159 -74.51 54.85 21.10
C ILE A 159 -74.04 54.14 22.36
N GLN A 160 -74.13 54.80 23.51
CA GLN A 160 -73.63 54.22 24.74
C GLN A 160 -74.45 53.03 25.22
N ARG A 161 -75.62 52.81 24.64
CA ARG A 161 -76.28 51.51 24.68
C ARG A 161 -75.74 50.57 23.61
N VAL A 162 -75.54 51.07 22.39
CA VAL A 162 -74.96 50.24 21.34
C VAL A 162 -73.50 49.94 21.66
N ASP A 163 -72.79 50.91 22.25
CA ASP A 163 -71.41 50.67 22.65
C ASP A 163 -71.32 49.56 23.68
N HIS A 164 -72.42 49.24 24.35
CA HIS A 164 -72.49 48.06 25.19
C HIS A 164 -72.56 46.79 24.37
N ALA A 165 -73.25 46.84 23.23
CA ALA A 165 -73.55 45.63 22.46
C ALA A 165 -72.27 44.94 21.99
N GLY A 166 -71.30 45.71 21.53
CA GLY A 166 -70.10 45.11 20.99
C GLY A 166 -69.01 44.90 22.04
N ASN A 167 -69.40 44.85 23.31
CA ASN A 167 -68.43 44.79 24.40
C ASN A 167 -67.62 43.50 24.34
N ARG A 168 -66.30 43.64 24.34
CA ARG A 168 -65.39 42.51 24.14
C ARG A 168 -64.40 42.48 25.29
N THR A 169 -64.49 41.45 26.13
CA THR A 169 -63.63 41.29 27.29
C THR A 169 -62.97 39.92 27.22
N GLU A 170 -61.81 39.79 27.86
CA GLU A 170 -61.01 38.59 27.76
C GLU A 170 -60.86 37.93 29.12
N GLU A 171 -60.67 36.61 29.11
CA GLU A 171 -60.60 35.87 30.35
C GLU A 171 -59.70 34.66 30.14
N VAL A 172 -59.02 34.26 31.21
CA VAL A 172 -58.06 33.17 31.19
C VAL A 172 -58.69 31.98 31.86
N ILE A 173 -58.92 30.92 31.10
CA ILE A 173 -59.53 29.68 31.59
C ILE A 173 -58.42 28.66 31.75
N PRO A 174 -58.11 28.21 32.96
CA PRO A 174 -57.07 27.21 33.14
C PRO A 174 -57.49 25.85 32.60
N LEU A 175 -56.49 24.98 32.40
CA LEU A 175 -56.71 23.65 31.90
C LEU A 175 -55.93 22.66 32.76
N ASP A 176 -56.66 21.78 33.45
CA ASP A 176 -56.02 20.85 34.37
C ASP A 176 -55.46 19.62 33.68
N ASN A 177 -56.09 19.16 32.59
CA ASN A 177 -55.68 17.91 31.97
C ASN A 177 -55.13 18.13 30.57
N ALA A 178 -55.93 18.62 29.64
CA ALA A 178 -55.48 18.74 28.26
C ALA A 178 -54.44 19.84 28.13
N SER A 179 -53.65 19.76 27.07
CA SER A 179 -52.70 20.80 26.77
C SER A 179 -53.41 22.00 26.17
N ALA A 180 -53.02 23.19 26.60
CA ALA A 180 -53.65 24.38 26.05
C ALA A 180 -53.32 24.58 24.59
N SER A 181 -52.22 24.02 24.11
CA SER A 181 -51.84 24.23 22.71
C SER A 181 -52.69 23.39 21.77
N GLU A 182 -53.10 22.18 22.17
CA GLU A 182 -54.06 21.44 21.37
C GLU A 182 -55.38 22.18 21.28
N ILE A 183 -56.00 22.43 22.43
CA ILE A 183 -57.30 23.10 22.49
C ILE A 183 -57.31 24.40 21.71
N ALA A 184 -56.15 25.05 21.61
CA ALA A 184 -56.07 26.26 20.80
C ALA A 184 -56.09 25.97 19.31
N ARG A 185 -55.62 24.79 18.88
CA ARG A 185 -55.77 24.45 17.47
C ARG A 185 -57.16 23.91 17.18
N VAL A 186 -57.68 23.06 18.05
CA VAL A 186 -59.01 22.49 17.82
C VAL A 186 -60.06 23.59 17.77
N LEU A 187 -60.17 24.37 18.85
CA LEU A 187 -61.21 25.38 18.91
C LEU A 187 -61.06 26.44 17.82
N GLU A 188 -59.88 26.59 17.24
CA GLU A 188 -59.71 27.50 16.13
C GLU A 188 -59.88 26.82 14.78
N SER A 189 -59.99 25.50 14.75
CA SER A 189 -60.33 24.82 13.51
C SER A 189 -61.82 24.88 13.23
N LEU A 190 -62.63 25.17 14.25
CA LEU A 190 -64.07 25.28 14.03
C LEU A 190 -64.42 26.61 13.37
N THR A 191 -63.60 27.63 13.57
CA THR A 191 -63.94 28.97 13.12
C THR A 191 -62.73 29.79 12.71
N GLN A 205 -61.60 34.52 18.74
CA GLN A 205 -60.17 34.61 19.00
C GLN A 205 -59.75 33.81 20.21
N ILE A 206 -58.79 32.90 20.01
CA ILE A 206 -58.28 32.05 21.08
C ILE A 206 -56.76 32.02 20.99
N VAL A 207 -56.10 32.34 22.09
CA VAL A 207 -54.65 32.24 22.21
C VAL A 207 -54.34 31.47 23.47
N ALA A 208 -53.39 30.54 23.37
CA ALA A 208 -53.04 29.67 24.47
C ALA A 208 -51.76 30.15 25.15
N ASP A 209 -51.76 30.11 26.48
CA ASP A 209 -50.59 30.47 27.26
C ASP A 209 -49.93 29.19 27.76
N GLU A 210 -48.65 29.02 27.42
CA GLU A 210 -47.98 27.75 27.71
C GLU A 210 -47.72 27.57 29.19
N ARG A 211 -47.14 28.59 29.83
CA ARG A 211 -46.60 28.45 31.18
C ARG A 211 -47.66 27.95 32.16
N THR A 212 -48.73 28.71 32.30
CA THR A 212 -49.78 28.35 33.24
C THR A 212 -50.73 27.31 32.69
N ASN A 213 -50.52 26.89 31.45
CA ASN A 213 -51.39 25.91 30.79
C ASN A 213 -52.84 26.41 30.83
N SER A 214 -53.07 27.51 30.13
CA SER A 214 -54.35 28.19 30.21
C SER A 214 -54.62 28.86 28.88
N VAL A 215 -55.91 28.94 28.53
CA VAL A 215 -56.35 29.44 27.25
C VAL A 215 -56.96 30.82 27.45
N ILE A 216 -56.44 31.80 26.72
CA ILE A 216 -57.01 33.14 26.69
C ILE A 216 -58.10 33.17 25.64
N VAL A 217 -59.27 33.68 26.01
CA VAL A 217 -60.42 33.73 25.12
C VAL A 217 -60.95 35.15 25.08
N SER A 218 -61.60 35.51 23.98
CA SER A 218 -62.14 36.86 23.81
C SER A 218 -63.45 36.84 23.05
N GLY A 219 -64.40 37.66 23.49
CA GLY A 219 -65.70 37.76 22.86
C GLY A 219 -66.73 38.29 23.83
N ASP A 220 -67.94 38.48 23.31
CA ASP A 220 -69.03 38.97 24.15
C ASP A 220 -69.46 37.89 25.15
N PRO A 221 -70.11 38.28 26.25
CA PRO A 221 -70.39 37.31 27.32
C PRO A 221 -71.24 36.13 26.90
N ALA A 222 -71.93 36.17 25.77
CA ALA A 222 -72.63 34.97 25.31
C ALA A 222 -71.69 34.00 24.61
N THR A 223 -70.78 34.51 23.79
CA THR A 223 -69.80 33.64 23.14
C THR A 223 -68.82 33.08 24.15
N ARG A 224 -68.42 33.88 25.12
CA ARG A 224 -67.55 33.36 26.17
C ARG A 224 -68.27 32.41 27.09
N ASP A 225 -69.58 32.22 26.91
CA ASP A 225 -70.26 31.12 27.60
C ASP A 225 -70.01 29.79 26.90
N LYS A 226 -70.16 29.76 25.58
CA LYS A 226 -70.10 28.49 24.87
C LYS A 226 -68.72 27.87 24.97
N MET A 227 -67.68 28.62 24.58
CA MET A 227 -66.33 28.11 24.71
C MET A 227 -65.98 27.76 26.15
N ARG A 228 -66.65 28.34 27.12
CA ARG A 228 -66.39 27.94 28.50
C ARG A 228 -67.07 26.61 28.84
N ARG A 229 -68.19 26.29 28.17
CA ARG A 229 -68.79 24.98 28.33
C ARG A 229 -68.11 23.92 27.48
N LEU A 230 -67.58 24.30 26.32
CA LEU A 230 -66.92 23.33 25.47
C LEU A 230 -65.53 23.00 25.96
N ILE A 231 -64.86 23.94 26.63
CA ILE A 231 -63.56 23.65 27.22
C ILE A 231 -63.67 22.78 28.46
N ARG A 232 -64.80 22.78 29.15
CA ARG A 232 -64.94 21.89 30.30
C ARG A 232 -65.05 20.43 29.87
N ARG A 233 -65.58 20.14 28.68
CA ARG A 233 -65.57 18.76 28.22
C ARG A 233 -64.22 18.35 27.65
N LEU A 234 -63.54 19.23 26.93
CA LEU A 234 -62.24 18.85 26.43
C LEU A 234 -61.18 18.75 27.52
N ASP A 235 -61.46 19.29 28.70
CA ASP A 235 -60.60 19.12 29.86
C ASP A 235 -61.01 17.94 30.72
N SER A 236 -62.12 17.27 30.40
CA SER A 236 -62.56 16.15 31.20
C SER A 236 -61.46 15.09 31.26
N GLU A 237 -61.32 14.45 32.41
CA GLU A 237 -60.23 13.52 32.60
C GLU A 237 -60.45 12.25 31.80
N MET A 238 -59.41 11.85 31.07
CA MET A 238 -59.37 10.58 30.39
C MET A 238 -59.39 9.44 31.39
N GLU A 239 -60.03 8.32 31.03
CA GLU A 239 -60.05 7.19 31.94
C GLU A 239 -58.90 6.27 31.58
N ARG A 240 -57.80 6.39 32.34
CA ARG A 240 -56.75 5.37 32.48
C ARG A 240 -56.12 4.98 31.15
N SER A 241 -56.79 5.26 30.04
CA SER A 241 -56.42 4.71 28.74
C SER A 241 -56.00 5.84 27.83
N GLY A 242 -54.70 5.98 27.62
CA GLY A 242 -54.17 6.94 26.68
C GLY A 242 -53.99 6.27 25.34
N ASN A 243 -53.20 6.91 24.50
CA ASN A 243 -52.79 6.19 23.32
C ASN A 243 -51.75 5.14 23.64
N SER A 244 -51.23 5.10 24.86
CA SER A 244 -50.21 4.16 25.27
C SER A 244 -50.76 3.20 26.31
N GLN A 245 -50.59 1.90 26.06
CA GLN A 245 -50.88 0.88 27.04
C GLN A 245 -49.67 0.01 27.22
N VAL A 246 -49.66 -0.73 28.31
CA VAL A 246 -48.56 -1.58 28.70
C VAL A 246 -49.09 -2.99 28.80
N PHE A 247 -48.59 -3.88 27.95
CA PHE A 247 -49.01 -5.27 27.93
C PHE A 247 -47.95 -6.13 28.58
N TYR A 248 -48.28 -6.74 29.70
CA TYR A 248 -47.41 -7.73 30.29
C TYR A 248 -47.61 -9.05 29.58
N LEU A 249 -46.55 -9.55 28.97
CA LEU A 249 -46.67 -10.76 28.20
C LEU A 249 -46.60 -11.97 29.11
N LYS A 250 -47.56 -12.87 28.94
CA LYS A 250 -47.63 -14.03 29.81
C LYS A 250 -46.65 -15.10 29.42
N TYR A 251 -46.36 -15.24 28.14
CA TYR A 251 -45.47 -16.30 27.70
C TYR A 251 -44.38 -15.76 26.79
N SER A 252 -44.78 -15.14 25.70
CA SER A 252 -43.80 -14.67 24.73
C SER A 252 -42.75 -13.80 25.40
N LYS A 253 -41.54 -13.84 24.85
CA LYS A 253 -40.50 -12.92 25.27
C LYS A 253 -40.72 -11.58 24.61
N ALA A 254 -40.85 -10.54 25.41
CA ALA A 254 -41.37 -9.26 24.93
C ALA A 254 -40.67 -8.75 23.70
N GLU A 255 -39.38 -9.00 23.58
CA GLU A 255 -38.63 -8.43 22.47
C GLU A 255 -38.53 -9.36 21.29
N ASP A 256 -39.21 -10.50 21.32
CA ASP A 256 -39.43 -11.24 20.09
C ASP A 256 -40.61 -10.69 19.31
N LEU A 257 -41.72 -10.40 20.01
CA LEU A 257 -42.87 -9.81 19.36
C LEU A 257 -42.62 -8.40 18.89
N VAL A 258 -41.52 -7.77 19.29
CA VAL A 258 -41.43 -6.34 19.04
C VAL A 258 -41.19 -6.09 17.56
N ASP A 259 -40.48 -6.99 16.88
CA ASP A 259 -40.30 -6.83 15.44
C ASP A 259 -41.50 -7.35 14.67
N VAL A 260 -42.05 -8.48 15.09
CA VAL A 260 -43.28 -8.98 14.49
C VAL A 260 -44.35 -7.91 14.48
N LEU A 261 -44.40 -7.08 15.52
CA LEU A 261 -45.38 -6.02 15.59
C LEU A 261 -44.96 -4.76 14.89
N LYS A 262 -43.70 -4.60 14.53
CA LYS A 262 -43.34 -3.37 13.83
C LYS A 262 -43.77 -3.42 12.37
N GLN A 263 -43.78 -4.59 11.76
CA GLN A 263 -44.30 -4.71 10.40
C GLN A 263 -45.82 -4.64 10.39
N VAL A 264 -46.47 -5.43 11.24
CA VAL A 264 -47.92 -5.37 11.38
C VAL A 264 -48.38 -3.96 11.62
N SER A 265 -47.67 -3.21 12.44
CA SER A 265 -48.04 -1.83 12.70
C SER A 265 -47.59 -0.91 11.60
N GLY A 266 -46.55 -1.29 10.85
CA GLY A 266 -46.05 -0.42 9.81
C GLY A 266 -47.07 -0.17 8.72
N THR A 267 -47.61 -1.24 8.14
CA THR A 267 -48.54 -1.15 7.03
C THR A 267 -49.98 -1.04 7.47
N LEU A 268 -50.22 -0.95 8.76
CA LEU A 268 -51.56 -0.71 9.28
C LEU A 268 -51.84 0.77 9.46
N THR A 269 -50.83 1.61 9.28
CA THR A 269 -51.00 3.05 9.25
C THR A 269 -51.71 3.49 7.98
N ILE A 285 -49.45 7.76 13.53
CA ILE A 285 -48.15 7.14 13.73
C ILE A 285 -48.26 6.13 14.87
N VAL A 286 -47.37 5.15 14.88
CA VAL A 286 -47.44 4.01 15.78
C VAL A 286 -46.04 3.66 16.24
N SER A 287 -45.88 3.43 17.53
CA SER A 287 -44.60 3.05 18.10
C SER A 287 -44.78 1.85 18.99
N ILE A 288 -43.85 0.89 18.87
CA ILE A 288 -43.81 -0.29 19.71
C ILE A 288 -42.45 -0.32 20.39
N ALA A 289 -42.46 -0.44 21.71
CA ALA A 289 -41.22 -0.54 22.47
C ALA A 289 -41.37 -1.63 23.51
N ALA A 290 -40.25 -2.29 23.82
CA ALA A 290 -40.26 -3.42 24.73
C ALA A 290 -39.28 -3.18 25.87
N SER A 291 -39.76 -3.32 27.09
CA SER A 291 -38.93 -3.19 28.27
C SER A 291 -38.34 -4.55 28.58
N LYS A 292 -37.02 -4.69 28.45
CA LYS A 292 -36.41 -6.00 28.68
C LYS A 292 -36.58 -6.43 30.13
N HIS A 293 -36.23 -5.55 31.06
CA HIS A 293 -36.25 -5.94 32.46
C HIS A 293 -37.65 -6.36 32.89
N SER A 294 -38.68 -5.67 32.41
CA SER A 294 -40.02 -5.98 32.85
C SER A 294 -40.76 -6.96 31.96
N ASN A 295 -40.19 -7.35 30.83
CA ASN A 295 -40.85 -8.26 29.88
C ASN A 295 -42.24 -7.76 29.52
N ALA A 296 -42.30 -6.52 29.07
CA ALA A 296 -43.58 -5.95 28.68
C ALA A 296 -43.32 -5.00 27.54
N LEU A 297 -44.24 -4.97 26.59
CA LEU A 297 -44.13 -4.08 25.46
C LEU A 297 -45.20 -3.00 25.57
N ILE A 298 -44.89 -1.84 25.02
CA ILE A 298 -45.65 -0.63 25.25
C ILE A 298 -46.12 -0.14 23.90
N VAL A 299 -47.42 -0.24 23.67
CA VAL A 299 -48.00 0.08 22.38
C VAL A 299 -48.61 1.45 22.48
N THR A 300 -48.17 2.35 21.61
CA THR A 300 -48.77 3.67 21.50
C THR A 300 -49.31 3.84 20.09
N ALA A 301 -50.63 3.93 19.97
CA ALA A 301 -51.25 4.07 18.67
C ALA A 301 -52.64 4.68 18.87
N PRO A 302 -53.31 5.06 17.78
CA PRO A 302 -54.68 5.53 17.90
C PRO A 302 -55.61 4.43 18.36
N GLN A 303 -56.80 4.83 18.78
CA GLN A 303 -57.72 3.87 19.39
C GLN A 303 -58.09 2.74 18.45
N ASP A 304 -58.02 2.96 17.13
CA ASP A 304 -58.39 1.89 16.21
C ASP A 304 -57.27 0.88 16.02
N ILE A 305 -56.04 1.37 15.80
CA ILE A 305 -54.92 0.45 15.61
C ILE A 305 -54.68 -0.34 16.89
N MET A 306 -54.89 0.28 18.04
CA MET A 306 -54.69 -0.42 19.30
C MET A 306 -55.55 -1.67 19.36
N GLN A 307 -56.85 -1.52 19.13
CA GLN A 307 -57.75 -2.67 19.25
C GLN A 307 -57.39 -3.79 18.29
N SER A 308 -56.71 -3.46 17.19
CA SER A 308 -56.15 -4.50 16.35
C SER A 308 -54.98 -5.18 17.04
N LEU A 309 -53.99 -4.40 17.44
CA LEU A 309 -52.81 -4.95 18.07
C LEU A 309 -53.09 -5.62 19.41
N GLN A 310 -54.27 -5.47 19.96
CA GLN A 310 -54.57 -6.26 21.15
C GLN A 310 -55.04 -7.65 20.80
N SER A 311 -55.66 -7.85 19.66
CA SER A 311 -56.09 -9.18 19.30
C SER A 311 -54.98 -9.99 18.68
N VAL A 312 -53.95 -9.34 18.16
CA VAL A 312 -52.76 -10.05 17.73
C VAL A 312 -51.99 -10.55 18.94
N ILE A 313 -51.61 -9.64 19.83
CA ILE A 313 -50.85 -10.01 21.02
C ILE A 313 -51.58 -11.07 21.83
N GLU A 314 -52.90 -11.00 21.87
CA GLU A 314 -53.64 -12.03 22.58
C GLU A 314 -53.43 -13.39 21.95
N GLN A 315 -53.25 -13.45 20.64
CA GLN A 315 -53.12 -14.72 19.93
C GLN A 315 -51.68 -15.16 19.72
N LEU A 316 -50.70 -14.30 19.96
CA LEU A 316 -49.30 -14.69 19.88
C LEU A 316 -48.72 -15.03 21.23
N ASP A 317 -49.49 -14.90 22.28
CA ASP A 317 -49.01 -15.06 23.64
C ASP A 317 -49.23 -16.47 24.16
N ILE A 318 -49.61 -17.40 23.29
CA ILE A 318 -50.02 -18.74 23.70
C ILE A 318 -48.87 -19.52 24.34
N ARG A 319 -49.23 -20.57 25.06
CA ARG A 319 -48.30 -21.43 25.78
C ARG A 319 -47.67 -22.47 24.85
N ARG A 320 -46.37 -22.67 24.99
CA ARG A 320 -45.60 -23.54 24.10
C ARG A 320 -45.47 -24.91 24.70
N ALA A 321 -45.48 -25.92 23.85
CA ALA A 321 -45.30 -27.31 24.25
C ALA A 321 -43.83 -27.66 24.12
N GLN A 322 -43.34 -28.51 25.00
CA GLN A 322 -41.95 -28.93 24.93
C GLN A 322 -41.84 -30.42 24.63
N VAL A 323 -40.75 -30.80 24.01
CA VAL A 323 -40.57 -32.09 23.38
C VAL A 323 -39.39 -32.77 24.02
N HIS A 324 -39.46 -34.06 24.22
CA HIS A 324 -38.34 -34.83 24.72
C HIS A 324 -37.89 -35.81 23.65
N VAL A 325 -36.71 -35.60 23.11
CA VAL A 325 -36.23 -36.32 21.95
C VAL A 325 -35.15 -37.29 22.38
N GLU A 326 -35.43 -38.58 22.32
CA GLU A 326 -34.44 -39.61 22.57
C GLU A 326 -33.90 -40.14 21.26
N ALA A 327 -32.62 -40.41 21.20
CA ALA A 327 -32.04 -41.13 20.09
C ALA A 327 -31.61 -42.48 20.62
N LEU A 328 -31.55 -43.49 19.77
CA LEU A 328 -31.00 -44.76 20.17
C LEU A 328 -29.99 -45.22 19.15
N ILE A 329 -28.74 -45.29 19.54
CA ILE A 329 -27.74 -45.67 18.57
C ILE A 329 -27.30 -47.09 18.86
N VAL A 330 -27.67 -48.04 18.04
CA VAL A 330 -27.35 -49.43 18.27
C VAL A 330 -26.22 -49.81 17.35
N GLU A 331 -25.31 -50.65 17.81
CA GLU A 331 -24.31 -51.23 16.92
C GLU A 331 -23.99 -52.64 17.36
N VAL A 332 -24.00 -53.59 16.44
CA VAL A 332 -23.66 -54.96 16.74
C VAL A 332 -22.63 -55.40 15.72
N ALA A 333 -21.39 -55.60 16.14
CA ALA A 333 -20.35 -56.03 15.24
C ALA A 333 -19.94 -57.44 15.59
N GLU A 334 -19.59 -58.22 14.58
CA GLU A 334 -19.04 -59.53 14.86
C GLU A 334 -17.97 -59.98 13.89
N GLY A 335 -16.73 -60.12 14.35
CA GLY A 335 -15.63 -60.45 13.48
C GLY A 335 -15.30 -61.93 13.53
N SER A 336 -14.42 -62.37 12.64
CA SER A 336 -13.85 -63.70 12.72
C SER A 336 -12.64 -63.68 11.78
N ASN A 337 -11.72 -64.60 11.98
CA ASN A 337 -10.83 -65.03 10.91
C ASN A 337 -10.14 -66.31 11.34
N ILE A 338 -9.60 -67.04 10.41
CA ILE A 338 -8.89 -68.26 10.72
C ILE A 338 -7.73 -68.37 9.77
N ASN A 339 -6.62 -68.88 10.27
CA ASN A 339 -5.38 -68.89 9.53
C ASN A 339 -4.66 -70.21 9.77
N PHE A 340 -4.47 -71.00 8.74
CA PHE A 340 -3.80 -72.29 8.93
C PHE A 340 -2.86 -72.67 7.81
N GLY A 341 -1.58 -72.86 8.06
CA GLY A 341 -0.72 -73.32 6.98
C GLY A 341 0.61 -73.85 7.43
N VAL A 342 1.16 -74.73 6.63
CA VAL A 342 2.37 -75.47 6.93
C VAL A 342 3.53 -74.86 6.19
N GLN A 343 4.70 -74.91 6.79
CA GLN A 343 5.90 -74.40 6.16
C GLN A 343 7.05 -75.34 6.42
N TRP A 344 7.95 -75.45 5.46
CA TRP A 344 9.12 -76.29 5.59
C TRP A 344 10.36 -75.44 5.45
N ALA A 345 11.48 -76.03 5.81
CA ALA A 345 12.77 -75.45 5.53
C ALA A 345 13.75 -76.59 5.60
N SER A 346 14.95 -76.35 5.14
CA SER A 346 15.93 -77.42 5.14
C SER A 346 17.32 -76.81 4.98
N LYS A 347 18.26 -77.69 4.70
CA LYS A 347 19.62 -77.38 4.37
C LYS A 347 19.63 -76.74 2.99
N ASP A 348 20.76 -76.80 2.31
CA ASP A 348 20.90 -76.35 0.95
C ASP A 348 19.82 -76.91 0.02
N ALA A 349 19.05 -77.90 0.46
CA ALA A 349 18.08 -78.61 -0.35
C ALA A 349 16.68 -78.00 -0.38
N GLY A 350 16.46 -76.80 0.19
CA GLY A 350 15.28 -76.07 -0.23
C GLY A 350 14.63 -75.27 0.88
N LEU A 351 13.45 -74.72 0.57
CA LEU A 351 12.51 -74.22 1.56
C LEU A 351 11.13 -74.13 0.93
N MET A 352 10.13 -73.95 1.79
CA MET A 352 8.76 -73.64 1.39
C MET A 352 8.26 -72.58 2.33
N GLN A 353 7.78 -71.47 1.81
CA GLN A 353 7.51 -70.32 2.64
C GLN A 353 6.26 -69.63 2.14
N PHE A 354 5.38 -69.22 3.04
CA PHE A 354 4.15 -68.56 2.62
C PHE A 354 3.96 -67.28 3.41
N ALA A 355 3.59 -66.22 2.69
CA ALA A 355 3.52 -64.86 3.23
C ALA A 355 2.12 -64.47 3.70
N ASN A 356 1.18 -65.39 3.71
CA ASN A 356 -0.15 -65.07 4.23
C ASN A 356 -0.05 -64.70 5.70
N GLY A 357 -1.04 -63.98 6.19
CA GLY A 357 -1.03 -63.57 7.58
C GLY A 357 0.05 -62.52 7.83
N THR A 358 0.51 -62.24 9.06
CA THR A 358 0.13 -62.78 10.38
C THR A 358 0.71 -64.18 10.60
N GLN A 359 1.10 -64.83 9.53
CA GLN A 359 1.73 -66.14 9.61
C GLN A 359 3.20 -65.93 9.35
N ILE A 360 4.01 -66.03 10.40
CA ILE A 360 5.39 -65.53 10.30
C ILE A 360 6.21 -66.48 9.45
N PRO A 361 6.95 -65.98 8.47
CA PRO A 361 7.57 -66.85 7.48
C PRO A 361 8.79 -67.57 8.02
N ILE A 362 8.97 -68.79 7.52
CA ILE A 362 10.00 -69.66 8.07
C ILE A 362 11.38 -69.27 7.62
N GLY A 363 11.51 -68.54 6.53
CA GLY A 363 12.82 -68.08 6.15
C GLY A 363 13.32 -67.07 7.15
N THR A 364 12.57 -66.00 7.36
CA THR A 364 13.05 -64.97 8.26
C THR A 364 13.06 -65.43 9.70
N LEU A 365 12.43 -66.55 10.01
CA LEU A 365 12.61 -67.16 11.31
C LEU A 365 13.95 -67.86 11.41
N GLY A 366 14.23 -68.77 10.47
CA GLY A 366 15.46 -69.54 10.51
C GLY A 366 16.70 -68.69 10.52
N ALA A 367 16.61 -67.44 10.09
CA ALA A 367 17.73 -66.53 10.27
C ALA A 367 17.79 -66.04 11.72
N ALA A 368 16.67 -65.51 12.21
CA ALA A 368 16.66 -64.96 13.56
C ALA A 368 17.05 -65.98 14.60
N ILE A 369 16.85 -67.27 14.32
CA ILE A 369 17.36 -68.27 15.24
C ILE A 369 18.88 -68.33 15.17
N SER A 370 19.44 -68.24 13.97
CA SER A 370 20.87 -68.41 13.85
C SER A 370 21.63 -67.16 14.27
N GLN A 371 21.09 -65.97 14.03
CA GLN A 371 21.69 -64.79 14.61
C GLN A 371 21.59 -64.77 16.13
N ALA A 372 20.84 -65.69 16.71
CA ALA A 372 20.71 -65.78 18.15
C ALA A 372 21.64 -66.79 18.77
N LYS A 373 22.48 -67.41 18.00
CA LYS A 373 23.35 -68.38 18.63
C LYS A 373 24.47 -67.67 19.38
N PRO A 374 24.97 -68.25 20.46
CA PRO A 374 26.10 -67.63 21.16
C PRO A 374 27.35 -67.67 20.31
N GLN A 375 28.02 -66.54 20.19
CA GLN A 375 29.25 -66.46 19.42
C GLN A 375 30.44 -66.57 20.36
N LYS A 376 31.17 -67.68 20.23
CA LYS A 376 32.26 -67.94 21.15
C LYS A 376 33.39 -66.98 20.84
N GLY A 377 33.74 -66.15 21.80
CA GLY A 377 34.76 -65.17 21.63
C GLY A 377 36.08 -65.61 22.22
N SER A 378 37.13 -64.96 21.77
CA SER A 378 38.44 -65.01 22.40
C SER A 378 39.16 -63.74 21.96
N THR A 379 40.09 -63.28 22.77
CA THR A 379 40.86 -62.10 22.39
C THR A 379 42.31 -62.28 22.79
N VAL A 380 43.20 -62.18 21.81
CA VAL A 380 44.64 -62.32 22.00
C VAL A 380 45.32 -61.47 20.95
N ILE A 381 46.44 -60.86 21.33
CA ILE A 381 47.35 -60.08 20.49
C ILE A 381 46.65 -59.36 19.35
N ILE A 389 41.14 -65.10 27.13
CA ILE A 389 39.82 -65.25 27.75
C ILE A 389 38.98 -66.33 27.16
N ASN A 390 37.91 -66.67 27.87
CA ASN A 390 36.90 -67.60 27.36
C ASN A 390 35.51 -67.11 27.77
N PRO A 391 35.15 -65.89 27.39
CA PRO A 391 33.76 -65.46 27.53
C PRO A 391 32.94 -66.02 26.39
N ASP A 392 31.63 -65.97 26.56
CA ASP A 392 30.71 -66.21 25.46
C ASP A 392 29.72 -65.07 25.44
N THR A 393 29.74 -64.28 24.37
CA THR A 393 28.85 -63.13 24.23
C THR A 393 27.39 -63.55 24.26
N ASN A 394 27.11 -64.84 24.15
CA ASN A 394 25.76 -65.38 24.08
C ASN A 394 25.08 -64.73 22.87
N GLY A 395 23.79 -64.42 22.95
CA GLY A 395 23.06 -63.95 21.80
C GLY A 395 22.70 -62.48 21.87
N ASP A 396 22.04 -62.04 20.82
CA ASP A 396 21.21 -60.84 20.85
C ASP A 396 19.86 -61.23 20.27
N LEU A 397 18.85 -61.26 21.12
CA LEU A 397 17.53 -61.71 20.74
C LEU A 397 16.67 -60.59 20.20
N SER A 398 17.23 -59.41 20.01
CA SER A 398 16.47 -58.32 19.41
C SER A 398 15.77 -58.75 18.13
N THR A 399 16.47 -59.54 17.31
CA THR A 399 15.87 -59.92 16.04
C THR A 399 14.77 -60.95 16.24
N LEU A 400 15.02 -61.98 17.05
CA LEU A 400 14.03 -63.02 17.21
C LEU A 400 12.80 -62.53 17.95
N ALA A 401 13.01 -61.71 18.98
CA ALA A 401 11.87 -61.19 19.72
C ALA A 401 11.10 -60.13 18.95
N GLN A 402 11.61 -59.69 17.80
CA GLN A 402 10.81 -58.77 17.00
C GLN A 402 9.79 -59.50 16.14
N LEU A 403 10.13 -60.69 15.66
CA LEU A 403 9.11 -61.53 15.02
C LEU A 403 7.97 -61.79 15.97
N LEU A 404 8.29 -62.31 17.14
CA LEU A 404 7.29 -62.74 18.10
C LEU A 404 6.55 -61.58 18.74
N SER A 405 6.90 -60.34 18.41
CA SER A 405 6.29 -59.20 19.09
C SER A 405 4.77 -59.22 18.93
N GLY A 406 4.28 -59.21 17.70
CA GLY A 406 2.87 -59.21 17.45
C GLY A 406 2.27 -60.55 17.12
N PHE A 407 3.08 -61.60 17.06
CA PHE A 407 2.61 -62.92 16.69
C PHE A 407 1.56 -63.42 17.68
N SER A 408 0.60 -64.17 17.16
CA SER A 408 -0.49 -64.69 17.96
C SER A 408 -0.89 -66.05 17.42
N GLY A 409 -1.14 -66.99 18.30
CA GLY A 409 -1.59 -68.31 17.91
C GLY A 409 -0.46 -69.31 17.79
N THR A 410 -0.85 -70.55 17.60
CA THR A 410 0.09 -71.67 17.58
C THR A 410 1.21 -71.45 16.59
N ALA A 411 2.41 -71.88 16.97
CA ALA A 411 3.44 -72.30 16.01
C ALA A 411 4.04 -73.57 16.58
N VAL A 412 3.81 -74.69 15.93
CA VAL A 412 4.41 -75.95 16.34
C VAL A 412 5.50 -76.26 15.35
N GLY A 413 6.56 -76.89 15.81
CA GLY A 413 7.68 -77.09 14.92
C GLY A 413 8.42 -78.36 15.18
N VAL A 414 9.33 -78.65 14.27
CA VAL A 414 10.39 -79.62 14.47
C VAL A 414 11.64 -78.89 14.03
N VAL A 415 12.50 -78.50 14.96
CA VAL A 415 13.78 -77.93 14.55
C VAL A 415 14.85 -78.92 15.00
N LYS A 416 15.36 -79.70 14.07
CA LYS A 416 16.44 -80.64 14.33
C LYS A 416 17.28 -80.72 13.07
N GLY A 417 18.60 -80.56 13.21
CA GLY A 417 19.45 -80.58 12.02
C GLY A 417 19.13 -79.48 11.03
N ASP A 418 18.69 -78.32 11.51
CA ASP A 418 18.48 -77.11 10.73
C ASP A 418 17.31 -77.22 9.75
N TRP A 419 16.84 -78.42 9.48
CA TRP A 419 15.62 -78.57 8.72
C TRP A 419 14.46 -78.51 9.69
N MET A 420 13.36 -77.91 9.26
CA MET A 420 12.26 -77.70 10.17
C MET A 420 10.94 -77.72 9.43
N ALA A 421 9.88 -78.03 10.15
CA ALA A 421 8.52 -77.98 9.63
C ALA A 421 7.67 -77.27 10.67
N LEU A 422 7.10 -76.13 10.31
CA LEU A 422 6.51 -75.22 11.27
C LEU A 422 5.05 -75.03 10.93
N VAL A 423 4.15 -75.56 11.76
CA VAL A 423 2.73 -75.60 11.46
C VAL A 423 2.03 -74.52 12.27
N GLN A 424 1.58 -73.47 11.64
CA GLN A 424 0.98 -72.36 12.37
C GLN A 424 -0.51 -72.34 12.15
N ALA A 425 -1.26 -72.07 13.20
CA ALA A 425 -2.71 -71.98 13.10
C ALA A 425 -3.27 -71.08 14.19
N VAL A 426 -4.37 -70.40 13.93
CA VAL A 426 -5.01 -69.53 14.91
C VAL A 426 -6.45 -69.37 14.48
N LYS A 427 -7.32 -69.00 15.40
CA LYS A 427 -8.65 -68.56 15.05
C LYS A 427 -9.03 -67.38 15.91
N ASN A 428 -9.08 -66.20 15.34
CA ASN A 428 -9.46 -65.03 16.09
C ASN A 428 -10.94 -64.82 15.92
N ASP A 429 -11.60 -64.52 17.01
CA ASP A 429 -13.03 -64.32 16.96
C ASP A 429 -13.40 -63.21 17.90
N SER A 430 -14.03 -62.16 17.43
CA SER A 430 -14.41 -61.07 18.31
C SER A 430 -15.92 -60.90 18.28
N SER A 431 -16.39 -59.92 19.01
CA SER A 431 -17.78 -59.54 19.04
C SER A 431 -17.86 -58.15 19.62
N SER A 432 -18.99 -57.51 19.47
CA SER A 432 -19.23 -56.26 20.15
C SER A 432 -20.72 -56.02 20.24
N ASN A 433 -21.10 -55.21 21.19
CA ASN A 433 -22.48 -54.81 21.29
C ASN A 433 -22.48 -53.45 21.94
N VAL A 434 -23.22 -52.49 21.43
CA VAL A 434 -23.18 -51.14 21.98
C VAL A 434 -24.58 -50.58 21.90
N LEU A 435 -25.02 -49.92 22.95
CA LEU A 435 -26.28 -49.22 22.87
C LEU A 435 -26.14 -47.90 23.59
N SER A 436 -26.21 -46.79 22.90
CA SER A 436 -26.12 -45.52 23.57
C SER A 436 -27.31 -44.67 23.17
N THR A 437 -27.81 -43.92 24.10
CA THR A 437 -29.08 -43.25 23.92
C THR A 437 -29.14 -41.85 24.51
N PRO A 438 -28.54 -40.87 23.86
CA PRO A 438 -28.61 -39.50 24.34
C PRO A 438 -29.99 -38.93 24.15
N SER A 439 -30.36 -37.99 25.01
CA SER A 439 -31.67 -37.39 24.92
C SER A 439 -31.64 -35.97 25.44
N ILE A 440 -32.46 -35.12 24.86
CA ILE A 440 -32.46 -33.70 25.17
C ILE A 440 -33.91 -33.25 25.28
N THR A 441 -34.14 -32.14 25.95
CA THR A 441 -35.49 -31.60 26.13
C THR A 441 -35.49 -30.15 25.74
N THR A 442 -36.35 -29.76 24.82
CA THR A 442 -36.38 -28.41 24.30
C THR A 442 -37.80 -27.90 24.35
N LEU A 443 -37.95 -26.61 24.19
CA LEU A 443 -39.25 -26.12 23.77
C LEU A 443 -39.44 -26.38 22.30
N ASP A 444 -40.69 -26.37 21.87
CA ASP A 444 -41.02 -26.36 20.47
C ASP A 444 -40.28 -25.24 19.75
N ASN A 445 -39.87 -25.50 18.51
CA ASN A 445 -39.31 -24.54 17.59
C ASN A 445 -37.97 -23.99 18.01
N GLN A 446 -37.45 -24.36 19.17
CA GLN A 446 -36.15 -23.92 19.65
C GLN A 446 -35.15 -25.04 19.45
N GLU A 447 -33.92 -24.71 19.09
CA GLU A 447 -32.96 -25.79 18.85
C GLU A 447 -32.12 -26.09 20.07
N ALA A 448 -31.91 -27.37 20.30
CA ALA A 448 -31.14 -27.86 21.42
C ALA A 448 -29.87 -28.50 20.92
N PHE A 449 -28.87 -28.50 21.76
CA PHE A 449 -27.57 -29.04 21.42
C PHE A 449 -27.12 -29.85 22.61
N PHE A 450 -26.64 -31.06 22.38
CA PHE A 450 -26.21 -31.89 23.48
C PHE A 450 -24.94 -32.61 23.08
N MET A 451 -23.84 -32.36 23.78
CA MET A 451 -22.59 -33.02 23.46
C MET A 451 -22.05 -33.70 24.68
N VAL A 452 -21.66 -34.95 24.55
CA VAL A 452 -20.88 -35.64 25.56
C VAL A 452 -19.68 -36.20 24.84
N GLY A 453 -18.51 -35.68 25.15
CA GLY A 453 -17.39 -35.94 24.29
C GLY A 453 -16.16 -35.33 24.86
N GLN A 454 -15.20 -35.04 24.00
CA GLN A 454 -14.02 -34.32 24.42
C GLN A 454 -13.60 -33.40 23.31
N ASP A 455 -12.81 -32.40 23.67
CA ASP A 455 -12.49 -31.29 22.80
C ASP A 455 -11.01 -31.33 22.48
N VAL A 456 -10.67 -31.65 21.25
CA VAL A 456 -9.31 -32.09 20.89
C VAL A 456 -8.74 -31.17 19.82
N PRO A 457 -7.46 -30.82 19.87
CA PRO A 457 -6.89 -29.89 18.88
C PRO A 457 -6.57 -30.53 17.54
N VAL A 458 -6.81 -29.79 16.47
CA VAL A 458 -6.49 -30.23 15.12
C VAL A 458 -5.51 -29.24 14.53
N LEU A 459 -4.62 -29.73 13.66
CA LEU A 459 -3.28 -29.17 13.55
C LEU A 459 -3.22 -27.66 13.44
N THR A 460 -4.03 -26.99 12.63
CA THR A 460 -4.42 -27.36 11.29
C THR A 460 -4.11 -26.08 10.51
N GLY A 461 -3.07 -26.13 9.69
CA GLY A 461 -2.49 -24.94 9.11
C GLY A 461 -1.02 -24.83 9.43
N THR A 474 -1.33 -24.10 13.43
CA THR A 474 -2.25 -23.03 13.77
C THR A 474 -3.34 -23.54 14.73
N VAL A 475 -3.37 -24.85 14.92
CA VAL A 475 -4.08 -25.51 16.01
C VAL A 475 -5.46 -24.96 16.29
N GLU A 476 -6.42 -25.25 15.44
CA GLU A 476 -7.80 -25.07 15.78
C GLU A 476 -8.28 -26.18 16.72
N ARG A 477 -9.41 -25.94 17.37
CA ARG A 477 -9.90 -26.71 18.50
C ARG A 477 -11.22 -27.38 18.13
N LYS A 478 -11.22 -28.71 18.04
CA LYS A 478 -12.34 -29.47 17.47
C LYS A 478 -12.97 -30.38 18.51
N LYS A 479 -14.29 -30.54 18.43
CA LYS A 479 -15.06 -31.29 19.39
C LYS A 479 -15.50 -32.62 18.83
N VAL A 480 -15.18 -33.71 19.52
CA VAL A 480 -15.55 -35.05 19.10
C VAL A 480 -16.33 -35.71 20.23
N GLY A 481 -17.31 -36.49 19.87
CA GLY A 481 -18.03 -37.31 20.82
C GLY A 481 -19.46 -37.40 20.39
N ILE A 482 -20.30 -38.01 21.21
CA ILE A 482 -21.72 -38.04 20.92
C ILE A 482 -22.25 -36.63 20.84
N MET A 483 -22.90 -36.29 19.74
CA MET A 483 -23.47 -34.98 19.58
C MET A 483 -24.84 -35.14 18.98
N LEU A 484 -25.80 -34.40 19.49
CA LEU A 484 -27.16 -34.47 19.00
C LEU A 484 -27.65 -33.04 18.96
N LYS A 485 -28.10 -32.59 17.81
CA LYS A 485 -28.61 -31.23 17.69
C LYS A 485 -29.92 -31.29 16.94
N VAL A 486 -31.01 -30.95 17.61
CA VAL A 486 -32.34 -31.20 17.08
C VAL A 486 -33.18 -29.96 17.32
N THR A 487 -34.14 -29.72 16.44
CA THR A 487 -35.01 -28.54 16.54
C THR A 487 -36.45 -28.83 16.14
N PRO A 488 -37.25 -29.33 17.07
CA PRO A 488 -38.56 -29.88 16.72
C PRO A 488 -39.61 -28.82 16.46
N GLN A 489 -40.66 -29.21 15.74
CA GLN A 489 -41.87 -28.40 15.72
C GLN A 489 -43.09 -29.30 15.67
N ILE A 490 -44.06 -29.06 16.52
CA ILE A 490 -45.20 -29.95 16.61
C ILE A 490 -46.20 -29.61 15.51
N ASN A 491 -46.56 -30.60 14.71
CA ASN A 491 -47.36 -30.40 13.51
C ASN A 491 -48.84 -30.58 13.73
N GLU A 492 -49.29 -30.70 14.96
CA GLU A 492 -50.71 -30.50 15.25
C GLU A 492 -51.54 -31.69 14.76
N GLY A 493 -50.96 -32.51 13.89
CA GLY A 493 -51.48 -33.85 13.87
C GLY A 493 -50.97 -34.68 15.02
N ASN A 494 -50.32 -34.02 15.99
CA ASN A 494 -49.57 -34.65 17.07
C ASN A 494 -48.37 -35.44 16.53
N ALA A 495 -47.57 -34.78 15.70
CA ALA A 495 -46.43 -35.39 15.02
C ALA A 495 -45.29 -34.39 14.97
N VAL A 496 -44.08 -34.82 15.33
CA VAL A 496 -43.08 -33.88 15.79
C VAL A 496 -42.17 -33.24 14.74
N GLN A 497 -41.85 -33.88 13.61
CA GLN A 497 -41.06 -33.13 12.62
C GLN A 497 -39.71 -32.62 13.11
N MET A 498 -38.71 -33.49 13.24
CA MET A 498 -37.39 -33.11 13.69
C MET A 498 -36.58 -32.46 12.58
N VAL A 499 -35.57 -31.71 12.96
CA VAL A 499 -34.46 -31.39 12.09
C VAL A 499 -33.20 -31.72 12.87
N ILE A 500 -32.50 -32.75 12.47
CA ILE A 500 -31.63 -33.46 13.38
C ILE A 500 -30.25 -33.63 12.78
N GLU A 501 -29.22 -33.51 13.62
CA GLU A 501 -27.87 -33.90 13.25
C GLU A 501 -27.33 -34.78 14.35
N GLN A 502 -27.20 -36.05 14.09
CA GLN A 502 -26.58 -36.98 14.98
C GLN A 502 -25.13 -37.09 14.61
N GLU A 503 -24.27 -37.28 15.59
CA GLU A 503 -22.88 -37.54 15.26
C GLU A 503 -22.24 -38.33 16.37
N VAL A 504 -21.38 -39.27 16.01
CA VAL A 504 -20.65 -40.05 17.01
C VAL A 504 -19.21 -40.14 16.54
N SER A 505 -18.31 -39.51 17.25
CA SER A 505 -16.93 -39.44 16.86
C SER A 505 -16.05 -40.01 17.96
N LYS A 506 -14.81 -40.29 17.61
CA LYS A 506 -13.80 -40.58 18.61
C LYS A 506 -12.45 -40.42 17.99
N VAL A 507 -11.44 -40.22 18.82
CA VAL A 507 -10.08 -40.15 18.31
C VAL A 507 -9.57 -41.57 18.11
N GLU A 508 -9.24 -41.91 16.87
CA GLU A 508 -8.59 -43.16 16.56
C GLU A 508 -7.23 -42.85 15.97
N GLY A 509 -6.34 -43.83 16.00
CA GLY A 509 -4.95 -43.46 16.03
C GLY A 509 -4.38 -42.70 14.85
N GLN A 510 -3.92 -41.49 15.14
CA GLN A 510 -2.90 -40.74 14.42
C GLN A 510 -2.97 -40.72 12.90
N THR A 511 -1.80 -40.51 12.32
CA THR A 511 -1.45 -40.46 10.89
C THR A 511 -0.06 -39.89 10.94
N SER A 512 0.60 -39.69 9.80
CA SER A 512 1.86 -38.99 9.85
C SER A 512 1.77 -37.70 10.66
N LEU A 513 0.98 -36.74 10.19
CA LEU A 513 1.03 -35.38 10.68
C LEU A 513 -0.07 -34.98 11.66
N ASP A 514 -1.01 -35.86 12.01
CA ASP A 514 -2.12 -35.47 12.90
C ASP A 514 -2.85 -36.68 13.43
N VAL A 515 -4.00 -36.40 14.08
CA VAL A 515 -4.96 -37.40 14.53
C VAL A 515 -6.05 -37.58 13.49
N VAL A 516 -6.43 -38.81 13.27
CA VAL A 516 -7.59 -39.15 12.48
C VAL A 516 -8.72 -39.40 13.46
N PHE A 517 -9.94 -39.00 13.12
CA PHE A 517 -11.07 -39.24 13.99
C PHE A 517 -11.99 -40.24 13.33
N GLY A 518 -12.35 -41.29 14.05
CA GLY A 518 -13.46 -42.08 13.59
C GLY A 518 -14.68 -41.20 13.66
N GLU A 519 -15.51 -41.19 12.64
CA GLU A 519 -16.66 -40.30 12.66
C GLU A 519 -17.80 -40.93 11.90
N ARG A 520 -18.98 -40.92 12.48
CA ARG A 520 -20.17 -41.33 11.75
C ARG A 520 -21.30 -40.39 12.08
N LYS A 521 -21.82 -39.69 11.09
CA LYS A 521 -22.84 -38.72 11.37
C LYS A 521 -23.89 -38.76 10.29
N LEU A 522 -25.09 -38.36 10.65
CA LEU A 522 -26.14 -38.24 9.67
C LEU A 522 -27.00 -37.05 10.01
N LYS A 523 -27.26 -36.21 9.02
CA LYS A 523 -28.13 -35.07 9.24
C LYS A 523 -29.23 -35.06 8.22
N THR A 524 -30.45 -35.20 8.69
CA THR A 524 -31.60 -35.47 7.88
C THR A 524 -32.74 -34.61 8.42
N THR A 525 -33.94 -34.85 7.93
CA THR A 525 -35.14 -34.28 8.51
C THR A 525 -36.22 -35.33 8.49
N VAL A 526 -36.77 -35.66 9.63
CA VAL A 526 -37.70 -36.76 9.72
C VAL A 526 -38.99 -36.23 10.30
N LEU A 527 -40.03 -37.03 10.18
CA LEU A 527 -41.34 -36.68 10.66
C LEU A 527 -41.85 -37.86 11.47
N ALA A 528 -41.97 -37.69 12.78
CA ALA A 528 -42.25 -38.80 13.66
C ALA A 528 -43.51 -38.54 14.45
N ASN A 529 -44.29 -39.57 14.69
CA ASN A 529 -45.47 -39.43 15.52
C ASN A 529 -45.08 -39.16 16.96
N ASP A 530 -46.06 -38.74 17.74
CA ASP A 530 -45.82 -38.27 19.10
C ASP A 530 -45.02 -39.27 19.91
N GLY A 531 -45.49 -40.49 20.03
CA GLY A 531 -44.83 -41.39 20.93
C GLY A 531 -44.06 -42.52 20.29
N GLU A 532 -43.80 -42.40 19.00
CA GLU A 532 -43.39 -43.55 18.21
C GLU A 532 -42.04 -43.33 17.56
N LEU A 533 -41.49 -44.42 17.07
CA LEU A 533 -40.07 -44.60 16.86
C LEU A 533 -39.80 -44.68 15.37
N ILE A 534 -39.05 -43.73 14.83
CA ILE A 534 -38.73 -43.74 13.42
C ILE A 534 -37.24 -43.96 13.27
N VAL A 535 -36.84 -44.66 12.22
CA VAL A 535 -35.45 -44.98 11.96
C VAL A 535 -34.82 -43.89 11.11
N LEU A 536 -33.73 -43.32 11.60
CA LEU A 536 -33.06 -42.28 10.83
C LEU A 536 -32.13 -42.84 9.79
N GLY A 537 -31.39 -43.88 10.11
CA GLY A 537 -30.25 -44.21 9.29
C GLY A 537 -29.82 -45.62 9.58
N GLY A 538 -28.65 -45.96 9.11
CA GLY A 538 -28.21 -47.31 9.33
C GLY A 538 -27.13 -47.71 8.37
N LEU A 539 -26.56 -48.87 8.63
CA LEU A 539 -25.56 -49.44 7.77
C LEU A 539 -25.60 -50.93 8.03
N MET A 540 -25.29 -51.72 7.02
CA MET A 540 -25.15 -53.14 7.23
C MET A 540 -23.96 -53.53 6.38
N ASP A 541 -22.93 -54.11 6.96
CA ASP A 541 -21.70 -54.25 6.21
C ASP A 541 -21.15 -55.64 6.42
N ASP A 542 -21.01 -56.41 5.36
CA ASP A 542 -20.48 -57.76 5.45
C ASP A 542 -19.22 -57.86 4.62
N GLN A 543 -18.40 -58.83 4.93
CA GLN A 543 -17.25 -59.15 4.11
C GLN A 543 -16.97 -60.62 4.28
N ALA A 544 -16.49 -61.27 3.25
CA ALA A 544 -15.89 -62.57 3.43
C ALA A 544 -14.64 -62.61 2.57
N GLY A 545 -13.51 -62.56 3.17
CA GLY A 545 -12.30 -62.67 2.41
C GLY A 545 -11.91 -64.10 2.25
N GLU A 546 -10.86 -64.32 1.48
CA GLU A 546 -10.16 -65.59 1.48
C GLU A 546 -8.82 -65.36 0.82
N SER A 547 -7.93 -66.31 1.01
CA SER A 547 -6.65 -66.31 0.34
C SER A 547 -6.18 -67.74 0.34
N VAL A 548 -5.19 -68.02 -0.49
CA VAL A 548 -4.58 -69.33 -0.42
C VAL A 548 -3.22 -69.17 -1.05
N ALA A 549 -2.34 -70.13 -0.84
CA ALA A 549 -1.11 -70.22 -1.57
C ALA A 549 -0.78 -71.68 -1.61
N LYS A 550 -0.12 -72.13 -2.65
CA LYS A 550 0.24 -73.53 -2.68
C LYS A 550 1.35 -73.73 -3.69
N VAL A 551 1.68 -74.98 -3.95
CA VAL A 551 2.90 -75.30 -4.69
C VAL A 551 3.00 -75.01 -6.18
N PRO A 552 1.97 -75.16 -7.01
CA PRO A 552 0.60 -75.58 -7.23
C PRO A 552 0.20 -77.02 -7.33
N LEU A 553 1.00 -77.86 -7.95
CA LEU A 553 0.43 -79.11 -8.42
C LEU A 553 0.11 -80.04 -7.26
N LEU A 554 0.90 -79.97 -6.18
CA LEU A 554 0.73 -80.84 -5.03
C LEU A 554 -0.36 -80.36 -4.09
N GLY A 555 -0.72 -79.10 -4.14
CA GLY A 555 -1.75 -78.63 -3.26
C GLY A 555 -3.14 -79.16 -3.55
N ASP A 556 -3.31 -79.91 -4.63
CA ASP A 556 -4.63 -80.37 -5.02
C ASP A 556 -4.93 -81.81 -4.61
N ILE A 557 -3.97 -82.53 -4.04
CA ILE A 557 -4.32 -83.88 -3.61
C ILE A 557 -5.35 -83.78 -2.49
N PRO A 558 -6.43 -84.59 -2.52
CA PRO A 558 -7.53 -84.36 -1.58
C PRO A 558 -7.20 -84.66 -0.13
N LEU A 559 -6.15 -85.44 0.14
CA LEU A 559 -5.75 -85.73 1.52
C LEU A 559 -4.54 -84.92 1.96
N ILE A 560 -3.40 -85.15 1.31
CA ILE A 560 -2.12 -84.62 1.77
C ILE A 560 -1.91 -83.25 1.17
N GLY A 561 -2.92 -82.74 0.47
CA GLY A 561 -2.80 -81.39 -0.05
C GLY A 561 -2.49 -80.38 1.03
N ASN A 562 -3.13 -80.51 2.19
CA ASN A 562 -3.03 -79.49 3.22
C ASN A 562 -1.62 -79.30 3.73
N LEU A 563 -0.71 -80.21 3.44
CA LEU A 563 0.66 -79.98 3.88
C LEU A 563 1.31 -78.87 3.09
N PHE A 564 0.87 -78.65 1.87
CA PHE A 564 1.51 -77.71 0.97
C PHE A 564 0.82 -76.36 0.85
N LYS A 565 -0.24 -76.10 1.60
CA LYS A 565 -1.07 -74.92 1.42
C LYS A 565 -0.91 -73.98 2.59
N SER A 566 -1.24 -72.72 2.38
CA SER A 566 -1.40 -71.77 3.46
C SER A 566 -2.64 -70.96 3.21
N THR A 567 -3.62 -71.04 4.10
CA THR A 567 -4.92 -70.44 3.87
C THR A 567 -5.17 -69.36 4.90
N ALA A 568 -5.92 -68.33 4.50
CA ALA A 568 -6.38 -67.33 5.45
C ALA A 568 -7.81 -66.96 5.11
N ASP A 569 -8.72 -67.08 6.05
CA ASP A 569 -10.10 -66.74 5.80
C ASP A 569 -10.50 -65.57 6.68
N LYS A 570 -11.57 -64.91 6.31
CA LYS A 570 -12.01 -63.79 7.10
C LYS A 570 -13.49 -63.65 6.91
N LYS A 571 -14.16 -63.18 7.93
CA LYS A 571 -15.58 -62.93 7.88
C LYS A 571 -15.82 -61.78 8.82
N GLU A 572 -16.74 -60.90 8.47
CA GLU A 572 -16.88 -59.71 9.26
C GLU A 572 -18.29 -59.20 9.09
N LYS A 573 -18.79 -58.51 10.08
CA LYS A 573 -20.16 -58.03 9.95
C LYS A 573 -20.34 -56.85 10.86
N ARG A 574 -21.24 -55.97 10.49
CA ARG A 574 -21.49 -54.80 11.31
C ARG A 574 -22.91 -54.34 11.04
N ASN A 575 -23.53 -53.76 12.04
CA ASN A 575 -24.86 -53.21 11.84
C ASN A 575 -24.95 -51.95 12.66
N LEU A 576 -25.30 -50.84 12.04
CA LEU A 576 -25.72 -49.69 12.80
C LEU A 576 -27.20 -49.46 12.60
N MET A 577 -27.78 -48.81 13.57
CA MET A 577 -29.09 -48.23 13.37
C MET A 577 -29.11 -47.01 14.25
N VAL A 578 -29.88 -46.03 13.85
CA VAL A 578 -30.15 -44.88 14.69
C VAL A 578 -31.64 -44.69 14.66
N PHE A 579 -32.25 -44.62 15.82
CA PHE A 579 -33.68 -44.46 15.90
C PHE A 579 -33.94 -43.16 16.61
N ILE A 580 -35.16 -42.68 16.56
CA ILE A 580 -35.46 -41.50 17.35
C ILE A 580 -36.89 -41.60 17.81
N ARG A 581 -37.13 -41.31 19.07
CA ARG A 581 -38.47 -41.29 19.61
C ARG A 581 -38.79 -39.93 20.19
N PRO A 582 -39.66 -39.14 19.58
CA PRO A 582 -40.13 -37.91 20.22
C PRO A 582 -41.15 -38.19 21.29
N THR A 583 -41.37 -37.20 22.13
CA THR A 583 -42.45 -37.23 23.10
C THR A 583 -42.86 -35.80 23.34
N ILE A 584 -44.15 -35.56 23.47
CA ILE A 584 -44.66 -34.21 23.59
C ILE A 584 -45.14 -34.01 25.00
N LEU A 585 -44.63 -32.98 25.65
CA LEU A 585 -45.01 -32.63 27.00
C LEU A 585 -45.82 -31.35 26.91
N ARG A 586 -47.14 -31.45 27.06
CA ARG A 586 -48.02 -30.30 26.89
C ARG A 586 -48.43 -29.70 28.22
N ASP A 587 -49.07 -30.48 29.07
CA ASP A 587 -49.50 -30.02 30.36
C ASP A 587 -48.27 -29.66 31.20
N GLY A 588 -48.49 -28.81 32.20
CA GLY A 588 -47.52 -28.71 33.26
C GLY A 588 -47.31 -30.04 33.97
N MET A 589 -48.33 -30.89 33.95
CA MET A 589 -48.23 -32.21 34.54
C MET A 589 -47.54 -33.23 33.62
N ALA A 590 -47.49 -32.94 32.32
CA ALA A 590 -46.82 -33.85 31.40
C ALA A 590 -45.30 -33.78 31.55
N ALA A 591 -44.77 -32.61 31.87
CA ALA A 591 -43.34 -32.46 32.06
C ALA A 591 -42.85 -33.19 33.30
N ASP A 592 -43.73 -33.38 34.27
CA ASP A 592 -43.37 -34.04 35.52
C ASP A 592 -43.66 -35.52 35.47
N GLY A 593 -44.28 -36.02 34.41
CA GLY A 593 -44.46 -37.45 34.25
C GLY A 593 -43.22 -38.11 33.68
N VAL A 594 -42.61 -37.49 32.68
CA VAL A 594 -41.38 -38.03 32.12
C VAL A 594 -40.20 -37.75 33.04
N SER A 595 -40.08 -36.51 33.50
CA SER A 595 -38.91 -36.18 34.29
C SER A 595 -38.98 -36.74 35.69
N GLN A 596 -40.13 -37.22 36.14
CA GLN A 596 -40.16 -37.89 37.43
C GLN A 596 -39.79 -39.35 37.32
N ARG A 597 -40.05 -40.00 36.21
CA ARG A 597 -39.68 -41.39 36.14
C ARG A 597 -38.21 -41.58 35.81
N LYS A 598 -37.59 -40.64 35.11
CA LYS A 598 -36.15 -40.74 34.95
C LYS A 598 -35.42 -40.37 36.23
N TYR A 599 -36.02 -39.55 37.07
CA TYR A 599 -35.43 -39.28 38.36
C TYR A 599 -35.44 -40.53 39.22
N ASN A 600 -36.62 -41.11 39.43
CA ASN A 600 -36.70 -42.33 40.21
C ASN A 600 -35.96 -43.48 39.58
N TYR A 601 -35.54 -43.36 38.33
CA TYR A 601 -34.69 -44.39 37.77
C TYR A 601 -33.23 -44.19 38.16
N MET A 602 -32.74 -42.96 38.16
CA MET A 602 -31.39 -42.70 38.63
C MET A 602 -31.28 -42.88 40.11
N ARG A 603 -32.33 -42.59 40.85
CA ARG A 603 -32.24 -42.71 42.29
C ARG A 603 -32.29 -44.16 42.70
N ALA A 604 -32.75 -45.05 41.82
CA ALA A 604 -32.67 -46.46 42.13
C ALA A 604 -31.38 -47.09 41.66
N GLU A 605 -30.61 -46.40 40.83
CA GLU A 605 -29.24 -46.83 40.58
C GLU A 605 -28.35 -46.50 41.76
N GLN A 606 -28.53 -45.31 42.34
CA GLN A 606 -27.70 -44.87 43.41
C GLN A 606 -28.04 -45.52 44.73
N ILE A 607 -29.21 -46.10 44.86
CA ILE A 607 -29.51 -46.89 46.04
C ILE A 607 -28.90 -48.28 45.91
N TYR A 608 -29.03 -48.90 44.76
CA TYR A 608 -28.42 -50.20 44.59
C TYR A 608 -26.91 -50.13 44.59
N ARG A 609 -26.36 -49.02 44.12
CA ARG A 609 -24.93 -48.78 44.28
C ARG A 609 -24.58 -48.59 45.75
N ASP A 610 -25.52 -48.07 46.54
CA ASP A 610 -25.30 -47.84 47.95
C ASP A 610 -25.52 -49.09 48.78
N GLU A 611 -26.53 -49.89 48.44
CA GLU A 611 -26.81 -51.10 49.21
C GLU A 611 -25.59 -52.01 49.26
N GLN A 612 -24.83 -52.10 48.19
CA GLN A 612 -23.56 -52.79 48.21
C GLN A 612 -22.50 -51.70 48.33
N GLY A 613 -21.95 -51.55 49.52
CA GLY A 613 -21.27 -50.32 49.85
C GLY A 613 -19.89 -50.25 49.27
N LEU A 614 -19.19 -49.20 49.64
CA LEU A 614 -17.76 -49.20 49.52
C LEU A 614 -17.22 -50.28 50.42
N SER A 615 -16.45 -51.21 49.86
CA SER A 615 -16.20 -52.45 50.58
C SER A 615 -15.18 -52.28 51.68
N LEU A 616 -14.15 -51.48 51.45
CA LEU A 616 -13.14 -51.29 52.48
C LEU A 616 -13.66 -50.40 53.60
N MET A 617 -14.24 -49.26 53.26
CA MET A 617 -14.83 -48.42 54.28
C MET A 617 -16.31 -48.69 54.40
N PRO A 618 -16.79 -49.37 55.44
CA PRO A 618 -18.20 -49.22 55.76
C PRO A 618 -18.35 -48.14 56.82
N HIS A 619 -19.57 -47.77 57.16
CA HIS A 619 -20.70 -47.95 56.29
C HIS A 619 -20.62 -46.84 55.26
N THR A 620 -20.43 -45.62 55.76
CA THR A 620 -19.95 -44.49 54.98
C THR A 620 -20.85 -44.20 53.78
N ALA A 621 -22.03 -43.67 54.11
CA ALA A 621 -22.73 -42.73 53.24
C ALA A 621 -22.87 -43.19 51.80
N GLN A 622 -22.17 -42.46 50.91
CA GLN A 622 -22.15 -42.47 49.46
C GLN A 622 -23.32 -41.65 48.96
N PRO A 623 -23.18 -40.90 47.87
CA PRO A 623 -24.23 -39.96 47.49
C PRO A 623 -25.44 -40.69 46.96
N VAL A 624 -26.61 -40.28 47.43
CA VAL A 624 -27.87 -40.74 46.86
C VAL A 624 -28.70 -39.49 46.65
N LEU A 625 -29.56 -39.58 45.79
CA LEU A 625 -30.27 -38.42 45.30
C LEU A 625 -31.55 -38.24 46.11
N PRO A 626 -31.89 -37.02 46.54
CA PRO A 626 -32.95 -36.85 47.53
C PRO A 626 -34.26 -37.45 47.05
N ALA A 627 -35.06 -37.92 47.99
CA ALA A 627 -36.34 -38.51 47.64
C ALA A 627 -37.31 -37.43 47.20
N GLN A 628 -38.37 -37.86 46.52
CA GLN A 628 -39.49 -36.98 46.20
C GLN A 628 -40.67 -37.32 47.09
N ASN A 629 -41.36 -36.29 47.56
CA ASN A 629 -42.44 -36.44 48.54
C ASN A 629 -41.93 -37.11 49.81
N GLN A 630 -40.87 -36.53 50.37
CA GLN A 630 -40.36 -37.00 51.65
C GLN A 630 -41.40 -36.95 52.76
N ALA A 631 -42.42 -36.11 52.59
CA ALA A 631 -43.41 -35.79 53.63
C ALA A 631 -42.65 -35.24 54.84
N LEU A 632 -43.05 -35.58 56.03
CA LEU A 632 -42.55 -34.95 57.24
C LEU A 632 -41.55 -35.85 57.95
N PRO A 633 -40.41 -35.31 58.36
CA PRO A 633 -39.50 -36.09 59.19
C PRO A 633 -40.18 -36.56 60.45
N PRO A 634 -39.68 -37.63 61.07
CA PRO A 634 -40.42 -38.20 62.22
C PRO A 634 -40.57 -37.25 63.37
N GLU A 635 -39.56 -36.43 63.66
CA GLU A 635 -39.69 -35.53 64.79
C GLU A 635 -40.54 -34.32 64.46
N VAL A 636 -40.52 -33.87 63.20
CA VAL A 636 -41.43 -32.82 62.79
C VAL A 636 -42.86 -33.31 62.88
N ARG A 637 -43.06 -34.62 62.69
CA ARG A 637 -44.39 -35.21 62.78
C ARG A 637 -45.03 -34.93 64.14
N ALA A 638 -44.26 -35.12 65.22
CA ALA A 638 -44.81 -34.96 66.56
C ALA A 638 -45.18 -33.52 66.86
N PHE A 639 -44.40 -32.55 66.39
CA PHE A 639 -44.66 -31.15 66.68
C PHE A 639 -46.07 -30.73 66.25
N LEU A 640 -46.61 -31.37 65.22
CA LEU A 640 -48.00 -31.13 64.84
C LEU A 640 -48.95 -31.66 65.90
N ASN A 641 -48.66 -32.84 66.45
CA ASN A 641 -49.57 -33.49 67.37
C ASN A 641 -49.64 -32.81 68.73
N ALA A 642 -48.78 -31.82 68.98
CA ALA A 642 -48.90 -31.04 70.21
C ALA A 642 -49.67 -29.76 69.95
N GLY A 643 -49.05 -28.83 69.25
CA GLY A 643 -49.66 -27.53 68.99
C GLY A 643 -50.87 -27.60 68.08
N GLY B 100 -68.09 86.68 21.84
CA GLY B 100 -69.36 87.01 21.20
C GLY B 100 -69.21 87.25 19.71
N ASP B 101 -69.50 88.48 19.29
CA ASP B 101 -69.33 88.91 17.91
C ASP B 101 -68.01 89.61 17.68
N GLU B 102 -67.16 89.69 18.71
CA GLU B 102 -65.90 90.41 18.60
C GLU B 102 -64.96 89.72 17.61
N MET B 103 -64.49 90.47 16.61
CA MET B 103 -63.56 89.94 15.63
C MET B 103 -62.14 89.97 16.19
N VAL B 104 -61.52 88.79 16.34
CA VAL B 104 -60.15 88.66 16.84
C VAL B 104 -59.49 87.46 16.16
N THR B 105 -58.17 87.35 16.35
CA THR B 105 -57.42 86.17 16.01
C THR B 105 -57.00 85.45 17.28
N LYS B 106 -56.88 84.12 17.20
CA LYS B 106 -56.49 83.32 18.37
C LYS B 106 -55.55 82.20 17.94
N VAL B 107 -54.73 81.75 18.89
CA VAL B 107 -53.74 80.71 18.67
C VAL B 107 -54.20 79.45 19.39
N VAL B 108 -54.37 78.37 18.63
CA VAL B 108 -54.68 77.06 19.20
C VAL B 108 -53.58 76.06 18.82
N PRO B 109 -52.74 75.64 19.76
CA PRO B 109 -51.85 74.50 19.48
C PRO B 109 -52.63 73.21 19.50
N VAL B 110 -52.41 72.38 18.49
CA VAL B 110 -53.01 71.05 18.42
C VAL B 110 -51.89 70.04 18.61
N ARG B 111 -51.88 69.39 19.77
CA ARG B 111 -50.73 68.57 20.18
C ARG B 111 -50.91 67.13 19.70
N ASN B 112 -51.81 66.38 20.34
CA ASN B 112 -51.96 64.96 20.05
C ASN B 112 -52.68 64.69 18.75
N VAL B 113 -53.58 65.59 18.34
CA VAL B 113 -54.49 65.36 17.23
C VAL B 113 -53.82 65.76 15.93
N SER B 114 -54.07 65.00 14.88
CA SER B 114 -53.67 65.46 13.55
C SER B 114 -54.54 66.64 13.16
N VAL B 115 -53.91 67.76 12.83
CA VAL B 115 -54.63 69.01 12.61
C VAL B 115 -55.63 68.88 11.47
N ARG B 116 -55.38 68.02 10.50
CA ARG B 116 -56.34 67.84 9.43
C ARG B 116 -57.43 66.84 9.78
N GLU B 117 -57.27 66.07 10.85
CA GLU B 117 -58.39 65.29 11.36
C GLU B 117 -59.55 66.19 11.73
N LEU B 118 -59.24 67.43 12.10
CA LEU B 118 -60.23 68.40 12.54
C LEU B 118 -60.76 69.26 11.41
N ALA B 119 -60.38 68.94 10.17
CA ALA B 119 -60.95 69.63 9.02
C ALA B 119 -62.47 69.68 9.03
N PRO B 120 -63.19 68.56 9.23
CA PRO B 120 -64.66 68.66 9.16
C PRO B 120 -65.29 69.55 10.22
N ILE B 121 -64.94 69.35 11.48
CA ILE B 121 -65.76 69.91 12.55
C ILE B 121 -65.47 71.39 12.77
N LEU B 122 -64.26 71.83 12.48
CA LEU B 122 -63.92 73.23 12.66
C LEU B 122 -64.47 74.07 11.51
N ARG B 123 -64.40 73.53 10.29
CA ARG B 123 -64.92 74.24 9.14
C ARG B 123 -66.44 74.11 9.04
N GLN B 124 -67.00 72.98 9.48
CA GLN B 124 -68.45 72.86 9.51
C GLN B 124 -69.09 73.83 10.50
N MET B 125 -68.30 74.34 11.45
CA MET B 125 -68.80 75.40 12.32
C MET B 125 -68.99 76.69 11.54
N ILE B 126 -68.12 76.94 10.56
CA ILE B 126 -68.23 78.13 9.71
C ILE B 126 -69.55 78.15 8.96
N ASP B 127 -70.10 76.96 8.66
CA ASP B 127 -71.44 76.85 8.14
C ASP B 127 -72.44 77.53 9.08
N SER B 128 -72.40 77.15 10.36
CA SER B 128 -73.26 77.73 11.37
C SER B 128 -72.76 79.10 11.83
N ALA B 129 -71.44 79.24 12.00
CA ALA B 129 -70.90 80.50 12.48
C ALA B 129 -71.04 81.61 11.46
N GLY B 130 -71.02 81.27 10.17
CA GLY B 130 -71.08 82.29 9.13
C GLY B 130 -69.72 82.89 8.81
N SER B 131 -69.70 84.19 8.54
CA SER B 131 -68.48 84.86 8.10
C SER B 131 -67.62 85.27 9.29
N GLY B 132 -66.47 85.87 8.98
CA GLY B 132 -65.58 86.42 9.96
C GLY B 132 -64.64 85.44 10.61
N ASN B 133 -64.94 84.14 10.58
CA ASN B 133 -64.15 83.13 11.26
C ASN B 133 -63.36 82.31 10.25
N VAL B 134 -62.10 82.06 10.55
CA VAL B 134 -61.20 81.32 9.68
C VAL B 134 -60.48 80.28 10.53
N VAL B 135 -60.35 79.07 9.99
CA VAL B 135 -59.67 77.97 10.65
C VAL B 135 -58.51 77.54 9.76
N ASN B 136 -57.32 77.47 10.34
CA ASN B 136 -56.08 77.23 9.59
C ASN B 136 -55.46 75.92 10.07
N TYR B 137 -55.08 75.08 9.12
CA TYR B 137 -54.54 73.76 9.40
C TYR B 137 -53.08 73.69 8.95
N ASP B 138 -52.16 73.69 9.92
CA ASP B 138 -50.76 73.69 9.55
C ASP B 138 -50.13 72.35 9.90
N PRO B 139 -49.51 71.65 8.95
CA PRO B 139 -48.86 70.36 9.27
C PRO B 139 -47.77 70.46 10.33
N SER B 140 -47.30 71.66 10.65
CA SER B 140 -46.47 71.86 11.84
C SER B 140 -47.28 71.66 13.11
N ASN B 141 -48.55 71.30 12.96
CA ASN B 141 -49.41 70.78 14.04
C ASN B 141 -49.83 71.86 15.04
N VAL B 142 -50.30 72.99 14.51
CA VAL B 142 -51.21 73.86 15.23
C VAL B 142 -52.37 74.20 14.30
N ILE B 143 -53.42 74.77 14.87
CA ILE B 143 -54.58 75.22 14.12
C ILE B 143 -54.88 76.66 14.51
N MET B 144 -54.75 77.57 13.54
CA MET B 144 -54.91 78.99 13.78
C MET B 144 -56.36 79.40 13.56
N LEU B 145 -56.99 79.89 14.62
CA LEU B 145 -58.38 80.31 14.58
C LEU B 145 -58.42 81.83 14.59
N THR B 146 -58.98 82.42 13.53
CA THR B 146 -59.12 83.87 13.43
C THR B 146 -60.58 84.17 13.16
N GLY B 147 -61.24 84.83 14.09
CA GLY B 147 -62.64 85.16 13.91
C GLY B 147 -63.30 85.63 15.18
N ARG B 148 -64.61 85.47 15.23
CA ARG B 148 -65.41 85.99 16.34
C ARG B 148 -65.14 85.19 17.61
N ALA B 149 -64.75 85.89 18.67
CA ALA B 149 -64.16 85.27 19.86
C ALA B 149 -65.07 84.25 20.53
N SER B 150 -66.35 84.22 20.23
CA SER B 150 -67.21 83.18 20.80
C SER B 150 -67.06 81.85 20.05
N VAL B 151 -67.03 81.90 18.73
CA VAL B 151 -66.98 80.66 17.96
C VAL B 151 -65.60 80.04 18.02
N VAL B 152 -64.56 80.86 18.02
CA VAL B 152 -63.21 80.34 18.27
C VAL B 152 -63.14 79.73 19.66
N GLU B 153 -63.84 80.34 20.61
CA GLU B 153 -63.84 79.85 21.99
C GLU B 153 -64.16 78.36 22.04
N ARG B 154 -65.25 77.96 21.38
CA ARG B 154 -65.63 76.55 21.35
C ARG B 154 -64.55 75.69 20.71
N LEU B 155 -63.91 76.20 19.68
CA LEU B 155 -62.92 75.37 18.99
C LEU B 155 -61.56 75.40 19.70
N THR B 156 -61.37 76.31 20.66
CA THR B 156 -60.39 76.06 21.71
C THR B 156 -60.95 75.10 22.74
N GLU B 157 -62.27 75.15 22.98
CA GLU B 157 -62.92 74.18 23.85
C GLU B 157 -62.93 72.79 23.22
N VAL B 158 -63.50 72.68 22.01
CA VAL B 158 -63.69 71.36 21.41
C VAL B 158 -62.35 70.63 21.29
N ILE B 159 -61.41 71.24 20.58
CA ILE B 159 -60.17 70.54 20.24
C ILE B 159 -59.44 70.11 21.51
N GLN B 160 -59.16 71.08 22.39
CA GLN B 160 -58.39 70.77 23.58
C GLN B 160 -59.15 69.91 24.58
N ARG B 161 -60.47 69.75 24.38
CA ARG B 161 -61.20 68.64 24.98
C ARG B 161 -61.08 67.37 24.15
N VAL B 162 -61.17 67.48 22.82
CA VAL B 162 -60.97 66.31 21.98
C VAL B 162 -59.53 65.85 22.02
N ASP B 163 -58.59 66.80 22.09
CA ASP B 163 -57.18 66.46 22.21
C ASP B 163 -56.92 65.65 23.48
N HIS B 164 -57.82 65.73 24.46
CA HIS B 164 -57.77 64.85 25.62
C HIS B 164 -58.19 63.44 25.25
N ALA B 165 -59.16 63.30 24.35
CA ALA B 165 -59.76 61.99 24.09
C ALA B 165 -58.74 61.00 23.57
N GLY B 166 -57.87 61.43 22.67
CA GLY B 166 -56.91 60.52 22.08
C GLY B 166 -55.62 60.41 22.84
N ASN B 167 -55.65 60.76 24.14
CA ASN B 167 -54.43 60.84 24.92
C ASN B 167 -53.80 59.46 25.07
N ARG B 168 -52.51 59.35 24.72
CA ARG B 168 -51.80 58.08 24.67
C ARG B 168 -50.54 58.19 25.50
N THR B 169 -50.49 57.45 26.62
CA THR B 169 -49.37 57.47 27.54
C THR B 169 -48.89 56.03 27.74
N GLU B 170 -47.63 55.89 28.09
CA GLU B 170 -46.99 54.57 28.17
C GLU B 170 -46.54 54.30 29.60
N GLU B 171 -46.49 53.02 29.94
CA GLU B 171 -46.15 52.63 31.30
C GLU B 171 -45.47 51.27 31.27
N VAL B 172 -44.56 51.06 32.21
CA VAL B 172 -43.75 49.86 32.29
C VAL B 172 -44.29 49.02 33.43
N ILE B 173 -44.82 47.85 33.10
CA ILE B 173 -45.39 46.91 34.07
C ILE B 173 -44.38 45.80 34.28
N PRO B 174 -43.80 45.64 35.47
CA PRO B 174 -42.85 44.56 35.69
C PRO B 174 -43.52 43.20 35.71
N LEU B 175 -42.71 42.17 35.55
CA LEU B 175 -43.18 40.79 35.55
C LEU B 175 -42.30 39.95 36.45
N ASP B 176 -42.89 39.43 37.52
CA ASP B 176 -42.12 38.69 38.52
C ASP B 176 -41.89 37.24 38.12
N ASN B 177 -42.83 36.62 37.41
CA ASN B 177 -42.73 35.20 37.12
C ASN B 177 -42.57 34.93 35.63
N ALA B 178 -43.54 35.28 34.80
CA ALA B 178 -43.48 34.95 33.40
C ALA B 178 -42.42 35.78 32.70
N SER B 179 -41.97 35.29 31.56
CA SER B 179 -41.03 36.02 30.74
C SER B 179 -41.76 37.11 29.98
N ALA B 180 -41.16 38.30 29.93
CA ALA B 180 -41.80 39.38 29.20
C ALA B 180 -41.86 39.12 27.71
N SER B 181 -40.99 38.27 27.18
CA SER B 181 -41.00 38.03 25.74
C SER B 181 -42.15 37.12 25.32
N GLU B 182 -42.55 36.17 26.17
CA GLU B 182 -43.76 35.41 25.88
C GLU B 182 -44.98 36.32 25.88
N ILE B 183 -45.23 36.97 27.01
CA ILE B 183 -46.39 37.84 27.17
C ILE B 183 -46.48 38.87 26.05
N ALA B 184 -45.35 39.27 25.48
CA ALA B 184 -45.38 40.17 24.35
C ALA B 184 -45.84 39.50 23.06
N ARG B 185 -45.61 38.19 22.92
CA ARG B 185 -46.17 37.51 21.76
C ARG B 185 -47.63 37.16 21.98
N VAL B 186 -47.99 36.68 23.16
CA VAL B 186 -49.37 36.30 23.44
C VAL B 186 -50.28 37.52 23.31
N LEU B 187 -50.02 38.56 24.08
CA LEU B 187 -50.89 39.73 24.07
C LEU B 187 -50.95 40.40 22.72
N GLU B 188 -49.97 40.18 21.86
CA GLU B 188 -50.02 40.72 20.51
C GLU B 188 -50.62 39.74 19.52
N SER B 189 -50.86 38.50 19.92
CA SER B 189 -51.59 37.59 19.05
C SER B 189 -53.09 37.82 19.13
N LEU B 190 -53.56 38.51 20.17
CA LEU B 190 -54.98 38.81 20.28
C LEU B 190 -55.38 39.95 19.35
N THR B 191 -54.43 40.82 19.03
CA THR B 191 -54.76 42.03 18.29
C THR B 191 -53.65 42.49 17.37
N GLN B 205 -50.43 48.40 21.23
CA GLN B 205 -48.99 48.32 21.10
C GLN B 205 -48.32 47.81 22.37
N ILE B 206 -47.56 46.73 22.24
CA ILE B 206 -46.85 46.11 23.36
C ILE B 206 -45.43 45.80 22.93
N VAL B 207 -44.46 46.28 23.70
CA VAL B 207 -43.06 45.98 23.49
C VAL B 207 -42.48 45.52 24.82
N ALA B 208 -41.69 44.45 24.79
CA ALA B 208 -41.13 43.87 25.99
C ALA B 208 -39.68 44.29 26.17
N ASP B 209 -39.32 44.61 27.40
CA ASP B 209 -37.94 44.95 27.75
C ASP B 209 -37.31 43.75 28.44
N GLU B 210 -36.19 43.28 27.89
CA GLU B 210 -35.59 42.04 28.37
C GLU B 210 -34.95 42.23 29.73
N ARG B 211 -34.12 43.27 29.88
CA ARG B 211 -33.25 43.39 31.05
C ARG B 211 -34.04 43.38 32.34
N THR B 212 -34.95 44.32 32.50
CA THR B 212 -35.73 44.42 33.71
C THR B 212 -36.90 43.45 33.75
N ASN B 213 -37.08 42.66 32.69
CA ASN B 213 -38.19 41.72 32.59
C ASN B 213 -39.51 42.45 32.81
N SER B 214 -39.82 43.35 31.88
CA SER B 214 -40.96 44.23 32.05
C SER B 214 -41.52 44.56 30.68
N VAL B 215 -42.83 44.76 30.63
CA VAL B 215 -43.56 44.97 29.39
C VAL B 215 -43.96 46.43 29.31
N ILE B 216 -43.56 47.08 28.21
CA ILE B 216 -43.99 48.43 27.91
C ILE B 216 -45.32 48.37 27.18
N VAL B 217 -46.28 49.16 27.65
CA VAL B 217 -47.63 49.16 27.08
C VAL B 217 -48.01 50.59 26.73
N SER B 218 -48.91 50.75 25.77
CA SER B 218 -49.33 52.07 25.31
C SER B 218 -50.81 52.08 24.94
N GLY B 219 -51.50 53.14 25.31
CA GLY B 219 -52.91 53.28 25.01
C GLY B 219 -53.58 54.23 26.00
N ASP B 220 -54.86 54.49 25.73
CA ASP B 220 -55.62 55.36 26.61
C ASP B 220 -55.86 54.68 27.96
N PRO B 221 -56.15 55.45 29.01
CA PRO B 221 -56.21 54.87 30.36
C PRO B 221 -57.26 53.78 30.54
N ALA B 222 -58.23 53.64 29.63
CA ALA B 222 -59.14 52.51 29.74
C ALA B 222 -58.51 51.23 29.18
N THR B 223 -57.82 51.33 28.05
CA THR B 223 -57.15 50.16 27.49
C THR B 223 -55.99 49.73 28.36
N ARG B 224 -55.26 50.70 28.92
CA ARG B 224 -54.19 50.32 29.84
C ARG B 224 -54.72 49.80 31.15
N ASP B 225 -56.04 49.79 31.35
CA ASP B 225 -56.61 49.06 32.48
C ASP B 225 -56.69 47.58 32.18
N LYS B 226 -57.20 47.21 31.00
CA LYS B 226 -57.46 45.80 30.71
C LYS B 226 -56.17 45.01 30.68
N MET B 227 -55.22 45.44 29.85
CA MET B 227 -53.93 44.75 29.81
C MET B 227 -53.23 44.75 31.16
N ARG B 228 -53.56 45.68 32.04
CA ARG B 228 -52.97 45.62 33.38
C ARG B 228 -53.65 44.57 34.24
N ARG B 229 -54.93 44.28 33.99
CA ARG B 229 -55.59 43.18 34.68
C ARG B 229 -55.28 41.83 34.05
N LEU B 230 -55.05 41.79 32.75
CA LEU B 230 -54.75 40.53 32.10
C LEU B 230 -53.32 40.11 32.32
N ILE B 231 -52.41 41.07 32.51
CA ILE B 231 -51.03 40.72 32.83
C ILE B 231 -50.87 40.26 34.27
N ARG B 232 -51.78 40.64 35.18
CA ARG B 232 -51.68 40.12 36.53
C ARG B 232 -52.03 38.64 36.61
N ARG B 233 -52.89 38.14 35.72
CA ARG B 233 -53.15 36.70 35.71
C ARG B 233 -52.05 35.94 35.01
N LEU B 234 -51.51 36.45 33.91
CA LEU B 234 -50.44 35.73 33.25
C LEU B 234 -49.15 35.75 34.04
N ASP B 235 -49.02 36.62 35.03
CA ASP B 235 -47.90 36.63 35.95
C ASP B 235 -48.18 35.80 37.21
N SER B 236 -49.39 35.28 37.37
CA SER B 236 -49.70 34.50 38.56
C SER B 236 -48.73 33.34 38.67
N GLU B 237 -48.35 33.02 39.91
CA GLU B 237 -47.33 31.99 40.10
C GLU B 237 -47.89 30.61 39.81
N MET B 238 -47.14 29.86 39.01
CA MET B 238 -47.41 28.46 38.75
C MET B 238 -47.26 27.66 40.03
N GLU B 239 -48.07 26.62 40.19
CA GLU B 239 -47.96 25.79 41.38
C GLU B 239 -47.04 24.62 41.05
N ARG B 240 -45.77 24.75 41.47
CA ARG B 240 -44.83 23.65 41.66
C ARG B 240 -44.63 22.80 40.40
N SER B 241 -45.54 22.89 39.45
CA SER B 241 -45.60 21.94 38.34
C SER B 241 -45.35 22.71 37.04
N GLY B 242 -44.15 22.56 36.51
CA GLY B 242 -43.82 23.12 35.22
C GLY B 242 -44.07 22.11 34.15
N ASN B 243 -43.48 22.34 32.99
CA ASN B 243 -43.49 21.26 32.03
C ASN B 243 -42.50 20.17 32.40
N SER B 244 -41.67 20.38 33.41
CA SER B 244 -40.67 19.42 33.84
C SER B 244 -41.00 18.88 35.22
N GLN B 245 -41.03 17.56 35.34
CA GLN B 245 -41.15 16.91 36.63
C GLN B 245 -40.02 15.91 36.77
N VAL B 246 -39.78 15.51 38.01
CA VAL B 246 -38.70 14.62 38.37
C VAL B 246 -39.33 13.39 39.02
N PHE B 247 -39.16 12.24 38.38
CA PHE B 247 -39.70 10.99 38.89
C PHE B 247 -38.59 10.17 39.50
N TYR B 248 -38.66 9.95 40.79
CA TYR B 248 -37.75 9.03 41.45
C TYR B 248 -38.27 7.62 41.22
N LEU B 249 -37.47 6.79 40.58
CA LEU B 249 -37.92 5.45 40.25
C LEU B 249 -37.72 4.55 41.45
N LYS B 250 -38.77 3.82 41.80
CA LYS B 250 -38.71 2.97 42.97
C LYS B 250 -37.98 1.67 42.71
N TYR B 251 -38.08 1.13 41.50
CA TYR B 251 -37.45 -0.13 41.21
C TYR B 251 -36.61 -0.06 39.95
N SER B 252 -37.22 0.31 38.84
CA SER B 252 -36.51 0.33 37.58
C SER B 252 -35.24 1.15 37.68
N LYS B 253 -34.23 0.76 36.91
CA LYS B 253 -33.04 1.56 36.77
C LYS B 253 -33.29 2.69 35.79
N ALA B 254 -33.09 3.92 36.25
CA ALA B 254 -33.61 5.09 35.54
C ALA B 254 -33.23 5.12 34.08
N GLU B 255 -32.05 4.62 33.75
CA GLU B 255 -31.58 4.74 32.38
C GLU B 255 -31.90 3.52 31.54
N ASP B 256 -32.66 2.57 32.08
CA ASP B 256 -33.27 1.57 31.22
C ASP B 256 -34.57 2.09 30.62
N LEU B 257 -35.40 2.74 31.42
CA LEU B 257 -36.63 3.33 30.92
C LEU B 257 -36.38 4.50 29.99
N VAL B 258 -35.16 5.01 29.92
CA VAL B 258 -35.01 6.28 29.22
C VAL B 258 -35.16 6.08 27.73
N ASP B 259 -34.75 4.92 27.21
CA ASP B 259 -34.96 4.65 25.80
C ASP B 259 -36.37 4.17 25.51
N VAL B 260 -36.89 3.29 26.37
CA VAL B 260 -38.28 2.88 26.28
C VAL B 260 -39.20 4.08 26.18
N LEU B 261 -38.89 5.14 26.91
CA LEU B 261 -39.70 6.33 26.88
C LEU B 261 -39.37 7.27 25.75
N LYS B 262 -38.25 7.10 25.07
CA LYS B 262 -37.98 8.01 23.96
C LYS B 262 -38.79 7.66 22.73
N GLN B 263 -39.09 6.38 22.53
CA GLN B 263 -39.97 6.00 21.43
C GLN B 263 -41.41 6.33 21.76
N VAL B 264 -41.88 5.91 22.93
CA VAL B 264 -43.22 6.25 23.38
C VAL B 264 -43.47 7.74 23.28
N SER B 265 -42.48 8.55 23.65
CA SER B 265 -42.63 9.99 23.56
C SER B 265 -42.42 10.49 22.15
N GLY B 266 -41.66 9.75 21.33
CA GLY B 266 -41.39 10.20 19.99
C GLY B 266 -42.64 10.32 19.14
N THR B 267 -43.42 9.25 19.07
CA THR B 267 -44.61 9.20 18.23
C THR B 267 -45.86 9.67 18.94
N LEU B 268 -45.72 10.15 20.17
CA LEU B 268 -46.84 10.74 20.89
C LEU B 268 -46.91 12.25 20.66
N THR B 269 -45.91 12.81 20.00
CA THR B 269 -45.94 14.20 19.57
C THR B 269 -46.93 14.39 18.43
N ILE B 285 -42.83 19.54 21.73
CA ILE B 285 -41.59 18.79 21.80
C ILE B 285 -41.48 18.16 23.19
N VAL B 286 -40.72 17.07 23.28
CA VAL B 286 -40.65 16.25 24.48
C VAL B 286 -39.22 15.80 24.68
N SER B 287 -38.74 15.90 25.90
CA SER B 287 -37.39 15.47 26.24
C SER B 287 -37.43 14.60 27.48
N ILE B 288 -36.66 13.51 27.43
CA ILE B 288 -36.51 12.60 28.56
C ILE B 288 -35.03 12.52 28.88
N ALA B 289 -34.68 12.76 30.14
CA ALA B 289 -33.31 12.66 30.58
C ALA B 289 -33.26 11.93 31.90
N ALA B 290 -32.18 11.20 32.12
CA ALA B 290 -32.03 10.37 33.32
C ALA B 290 -30.76 10.74 34.06
N SER B 291 -30.90 11.01 35.35
CA SER B 291 -29.76 11.30 36.20
C SER B 291 -29.25 9.99 36.76
N LYS B 292 -28.04 9.61 36.38
CA LYS B 292 -27.52 8.32 36.85
C LYS B 292 -27.32 8.34 38.35
N HIS B 293 -26.66 9.37 38.87
CA HIS B 293 -26.32 9.38 40.28
C HIS B 293 -27.58 9.34 41.13
N SER B 294 -28.63 10.03 40.72
CA SER B 294 -29.82 10.09 41.54
C SER B 294 -30.86 9.05 41.19
N ASN B 295 -30.67 8.28 40.13
CA ASN B 295 -31.65 7.28 39.69
C ASN B 295 -33.03 7.89 39.52
N ALA B 296 -33.10 8.95 38.75
CA ALA B 296 -34.37 9.61 38.51
C ALA B 296 -34.35 10.16 37.11
N LEU B 297 -35.48 10.09 36.44
CA LEU B 297 -35.60 10.62 35.10
C LEU B 297 -36.49 11.85 35.13
N ILE B 298 -36.23 12.75 34.19
CA ILE B 298 -36.78 14.08 34.21
C ILE B 298 -37.55 14.28 32.93
N VAL B 299 -38.87 14.34 33.05
CA VAL B 299 -39.75 14.39 31.90
C VAL B 299 -40.17 15.83 31.71
N THR B 300 -39.90 16.37 30.53
CA THR B 300 -40.38 17.70 30.17
C THR B 300 -41.27 17.57 28.94
N ALA B 301 -42.56 17.85 29.12
CA ALA B 301 -43.50 17.75 28.02
C ALA B 301 -44.71 18.61 28.35
N PRO B 302 -45.61 18.80 27.38
CA PRO B 302 -46.84 19.51 27.67
C PRO B 302 -47.72 18.75 28.65
N GLN B 303 -48.70 19.45 29.19
CA GLN B 303 -49.50 18.87 30.26
C GLN B 303 -50.22 17.61 29.82
N ASP B 304 -50.49 17.45 28.53
CA ASP B 304 -51.20 16.25 28.09
C ASP B 304 -50.28 15.05 27.96
N ILE B 305 -49.13 15.24 27.32
CA ILE B 305 -48.19 14.13 27.17
C ILE B 305 -47.69 13.68 28.52
N MET B 306 -47.52 14.61 29.45
CA MET B 306 -47.05 14.25 30.77
C MET B 306 -47.98 13.23 31.41
N GLN B 307 -49.26 13.54 31.46
CA GLN B 307 -50.19 12.64 32.14
C GLN B 307 -50.23 11.26 31.50
N SER B 308 -49.86 11.15 30.24
CA SER B 308 -49.65 9.84 29.63
C SER B 308 -48.41 9.18 30.20
N LEU B 309 -47.27 9.87 30.11
CA LEU B 309 -46.02 9.30 30.59
C LEU B 309 -45.99 9.08 32.08
N GLN B 310 -46.95 9.57 32.84
CA GLN B 310 -46.99 9.19 34.24
C GLN B 310 -47.66 7.86 34.45
N SER B 311 -48.59 7.48 33.60
CA SER B 311 -49.23 6.19 33.78
C SER B 311 -48.41 5.07 33.19
N VAL B 312 -47.50 5.37 32.27
CA VAL B 312 -46.56 4.37 31.82
C VAL B 312 -45.54 4.08 32.90
N ILE B 313 -44.84 5.13 33.36
CA ILE B 313 -43.83 4.96 34.38
C ILE B 313 -44.40 4.31 35.63
N GLU B 314 -45.64 4.60 35.95
CA GLU B 314 -46.25 3.95 37.09
C GLU B 314 -46.36 2.45 36.88
N GLN B 315 -46.55 2.01 35.65
CA GLN B 315 -46.74 0.61 35.35
C GLN B 315 -45.47 -0.12 34.94
N LEU B 316 -44.39 0.59 34.67
CA LEU B 316 -43.11 -0.05 34.40
C LEU B 316 -42.21 -0.10 35.61
N ASP B 317 -42.65 0.44 36.73
CA ASP B 317 -41.83 0.56 37.91
C ASP B 317 -42.04 -0.60 38.87
N ILE B 318 -42.73 -1.65 38.45
CA ILE B 318 -43.13 -2.73 39.33
C ILE B 318 -41.93 -3.49 39.89
N ARG B 319 -42.18 -4.24 40.96
CA ARG B 319 -41.18 -5.02 41.66
C ARG B 319 -40.93 -6.36 40.98
N ARG B 320 -39.67 -6.74 40.86
CA ARG B 320 -39.26 -7.93 40.13
C ARG B 320 -39.10 -9.11 41.06
N ALA B 321 -39.44 -10.29 40.58
CA ALA B 321 -39.29 -11.52 41.34
C ALA B 321 -37.96 -12.14 40.98
N GLN B 322 -37.33 -12.80 41.93
CA GLN B 322 -36.06 -13.45 41.67
C GLN B 322 -36.19 -14.96 41.83
N VAL B 323 -35.35 -15.68 41.11
CA VAL B 323 -35.47 -17.10 40.89
C VAL B 323 -34.23 -17.77 41.41
N HIS B 324 -34.37 -18.94 42.00
CA HIS B 324 -33.23 -19.72 42.43
C HIS B 324 -33.19 -21.01 41.64
N VAL B 325 -32.19 -21.16 40.80
CA VAL B 325 -32.12 -22.24 39.83
C VAL B 325 -31.06 -23.23 40.27
N GLU B 326 -31.47 -24.42 40.67
CA GLU B 326 -30.56 -25.50 40.99
C GLU B 326 -30.46 -26.46 39.82
N ALA B 327 -29.27 -26.94 39.54
CA ALA B 327 -29.08 -28.02 38.61
C ALA B 327 -28.66 -29.24 39.40
N LEU B 328 -28.94 -30.43 38.90
CA LEU B 328 -28.43 -31.63 39.54
C LEU B 328 -27.78 -32.51 38.49
N ILE B 329 -26.49 -32.69 38.59
CA ILE B 329 -25.84 -33.48 37.58
C ILE B 329 -25.46 -34.82 38.18
N VAL B 330 -26.14 -35.88 37.79
CA VAL B 330 -25.91 -37.19 38.34
C VAL B 330 -25.12 -38.00 37.34
N GLU B 331 -24.21 -38.83 37.82
CA GLU B 331 -23.55 -39.79 36.94
C GLU B 331 -23.25 -41.05 37.70
N VAL B 332 -23.61 -42.20 37.14
CA VAL B 332 -23.33 -43.48 37.75
C VAL B 332 -22.67 -44.36 36.71
N ALA B 333 -21.40 -44.64 36.87
CA ALA B 333 -20.68 -45.46 35.92
C ALA B 333 -20.32 -46.79 36.58
N GLU B 334 -20.35 -47.86 35.79
CA GLU B 334 -19.87 -49.12 36.33
C GLU B 334 -19.15 -49.98 35.32
N GLY B 335 -17.86 -50.21 35.49
CA GLY B 335 -17.07 -50.95 34.53
C GLY B 335 -16.89 -52.39 34.96
N SER B 336 -16.34 -53.20 34.07
CA SER B 336 -15.89 -54.54 34.40
C SER B 336 -15.00 -54.98 33.26
N ASN B 337 -14.15 -55.96 33.49
CA ASN B 337 -13.63 -56.81 32.42
C ASN B 337 -12.98 -58.02 33.06
N ILE B 338 -12.79 -59.06 32.29
CA ILE B 338 -12.14 -60.25 32.79
C ILE B 338 -11.29 -60.83 31.67
N ASN B 339 -10.15 -61.36 32.02
CA ASN B 339 -9.17 -61.78 31.05
C ASN B 339 -8.55 -63.08 31.52
N PHE B 340 -8.72 -64.16 30.76
CA PHE B 340 -8.16 -65.44 31.17
C PHE B 340 -7.61 -66.26 30.03
N GLY B 341 -6.33 -66.60 30.02
CA GLY B 341 -5.85 -67.46 28.96
C GLY B 341 -4.50 -68.08 29.22
N VAL B 342 -4.28 -69.22 28.63
CA VAL B 342 -3.12 -70.06 28.85
C VAL B 342 -2.15 -69.88 27.70
N GLN B 343 -0.86 -69.97 27.99
CA GLN B 343 0.16 -69.86 26.97
C GLN B 343 1.24 -70.88 27.23
N TRP B 344 1.83 -71.40 26.17
CA TRP B 344 2.90 -72.36 26.28
C TRP B 344 4.12 -71.81 25.60
N ALA B 345 5.24 -72.46 25.86
CA ALA B 345 6.45 -72.21 25.10
C ALA B 345 7.29 -73.44 25.29
N SER B 346 8.35 -73.55 24.50
CA SER B 346 9.18 -74.73 24.60
C SER B 346 10.51 -74.45 23.94
N LYS B 347 11.25 -75.51 23.73
CA LYS B 347 12.50 -75.54 23.01
C LYS B 347 12.19 -75.30 21.55
N ASP B 348 13.09 -75.74 20.68
CA ASP B 348 12.88 -75.70 19.24
C ASP B 348 11.54 -76.29 18.80
N ALA B 349 10.84 -76.98 19.70
CA ALA B 349 9.61 -77.70 19.39
C ALA B 349 8.32 -76.89 19.51
N GLY B 350 8.38 -75.57 19.72
CA GLY B 350 7.21 -74.78 19.38
C GLY B 350 6.96 -73.62 20.32
N LEU B 351 5.81 -72.97 20.14
CA LEU B 351 5.24 -72.07 21.13
C LEU B 351 3.74 -71.92 20.85
N MET B 352 3.04 -71.34 21.81
CA MET B 352 1.65 -70.92 21.67
C MET B 352 1.53 -69.57 22.34
N GLN B 353 1.05 -68.57 21.63
CA GLN B 353 1.12 -67.21 22.11
C GLN B 353 -0.14 -66.48 21.73
N PHE B 354 -0.70 -65.70 22.64
CA PHE B 354 -1.93 -64.97 22.35
C PHE B 354 -1.77 -63.51 22.71
N ALA B 355 -2.21 -62.63 21.82
CA ALA B 355 -2.01 -61.20 21.93
C ALA B 355 -3.17 -60.46 22.57
N ASN B 356 -4.17 -61.17 23.08
CA ASN B 356 -5.25 -60.49 23.77
C ASN B 356 -4.73 -59.76 25.00
N GLY B 357 -5.48 -58.78 25.46
CA GLY B 357 -5.04 -58.02 26.61
C GLY B 357 -3.84 -57.14 26.27
N THR B 358 -3.04 -56.63 27.21
CA THR B 358 -3.07 -56.72 28.68
C THR B 358 -2.61 -58.08 29.18
N GLN B 359 -2.59 -59.06 28.30
CA GLN B 359 -2.09 -60.38 28.63
C GLN B 359 -0.73 -60.51 27.98
N ILE B 360 0.33 -60.45 28.78
CA ILE B 360 1.67 -60.25 28.22
C ILE B 360 2.12 -61.52 27.53
N PRO B 361 2.61 -61.44 26.30
CA PRO B 361 2.84 -62.64 25.50
C PRO B 361 4.09 -63.39 25.94
N ILE B 362 4.01 -64.71 25.81
CA ILE B 362 5.06 -65.56 26.35
C ILE B 362 6.29 -65.55 25.47
N GLY B 363 6.18 -65.18 24.22
CA GLY B 363 7.38 -65.07 23.42
C GLY B 363 8.23 -63.94 23.92
N THR B 364 7.68 -62.73 23.96
CA THR B 364 8.49 -61.60 24.37
C THR B 364 8.85 -61.65 25.83
N LEU B 365 8.22 -62.52 26.60
CA LEU B 365 8.69 -62.78 27.95
C LEU B 365 9.93 -63.65 27.94
N GLY B 366 9.85 -64.80 27.29
CA GLY B 366 10.96 -65.73 27.27
C GLY B 366 12.24 -65.14 26.72
N ALA B 367 12.16 -64.06 25.97
CA ALA B 367 13.36 -63.34 25.60
C ALA B 367 13.86 -62.50 26.76
N ALA B 368 12.98 -61.68 27.33
CA ALA B 368 13.39 -60.79 28.40
C ALA B 368 13.96 -61.54 29.59
N ILE B 369 13.56 -62.81 29.77
CA ILE B 369 14.21 -63.60 30.80
C ILE B 369 15.63 -63.93 30.40
N SER B 370 15.85 -64.26 29.13
CA SER B 370 17.17 -64.71 28.72
C SER B 370 18.14 -63.54 28.56
N GLN B 371 17.65 -62.39 28.11
CA GLN B 371 18.52 -61.20 28.15
C GLN B 371 18.83 -60.77 29.56
N ALA B 372 18.19 -61.35 30.56
CA ALA B 372 18.45 -61.02 31.95
C ALA B 372 19.42 -61.98 32.61
N LYS B 373 19.95 -62.93 31.88
CA LYS B 373 20.87 -63.82 32.56
C LYS B 373 22.21 -63.13 32.76
N PRO B 374 22.93 -63.49 33.81
CA PRO B 374 24.26 -62.90 34.02
C PRO B 374 25.22 -63.39 32.96
N GLN B 375 25.93 -62.46 32.35
CA GLN B 375 26.90 -62.81 31.32
C GLN B 375 28.29 -62.88 31.95
N LYS B 376 28.85 -64.08 31.99
CA LYS B 376 30.12 -64.26 32.66
C LYS B 376 31.21 -63.63 31.82
N GLY B 377 31.88 -62.65 32.38
CA GLY B 377 32.91 -61.94 31.66
C GLY B 377 34.29 -62.43 32.04
N SER B 378 35.24 -62.13 31.17
CA SER B 378 36.66 -62.22 31.47
C SER B 378 37.35 -61.27 30.51
N THR B 379 38.50 -60.76 30.90
CA THR B 379 39.25 -59.89 30.00
C THR B 379 40.73 -60.20 30.09
N VAL B 380 41.33 -60.53 28.94
CA VAL B 380 42.74 -60.86 28.83
C VAL B 380 43.18 -60.45 27.43
N ILE B 381 44.42 -59.96 27.34
CA ILE B 381 45.13 -59.61 26.11
C ILE B 381 44.22 -59.12 25.00
N ILE B 389 40.53 -61.51 35.24
CA ILE B 389 39.43 -61.24 36.15
C ILE B 389 38.36 -62.29 36.13
N ASN B 390 37.50 -62.23 37.15
CA ASN B 390 36.30 -63.07 37.20
C ASN B 390 35.13 -62.25 37.75
N PRO B 391 34.79 -61.14 37.12
CA PRO B 391 33.55 -60.46 37.44
C PRO B 391 32.40 -61.16 36.75
N ASP B 392 31.20 -60.84 37.19
CA ASP B 392 29.99 -61.20 36.47
C ASP B 392 29.14 -59.95 36.34
N THR B 393 28.95 -59.50 35.11
CA THR B 393 28.17 -58.30 34.84
C THR B 393 26.74 -58.43 35.34
N ASN B 394 26.32 -59.63 35.70
CA ASN B 394 24.95 -59.93 36.10
C ASN B 394 24.04 -59.52 34.95
N GLY B 395 22.85 -58.98 35.22
CA GLY B 395 21.88 -58.72 34.21
C GLY B 395 21.70 -57.24 33.91
N ASP B 396 20.82 -56.99 32.95
CA ASP B 396 20.15 -55.71 32.81
C ASP B 396 18.66 -56.00 32.71
N LEU B 397 17.93 -55.62 33.74
CA LEU B 397 16.52 -55.93 33.83
C LEU B 397 15.65 -54.86 33.20
N SER B 398 16.25 -53.89 32.53
CA SER B 398 15.46 -52.88 31.83
C SER B 398 14.41 -53.52 30.95
N THR B 399 14.77 -54.61 30.26
CA THR B 399 13.81 -55.21 29.34
C THR B 399 12.71 -55.94 30.09
N LEU B 400 13.08 -56.73 31.10
CA LEU B 400 12.07 -57.51 31.80
C LEU B 400 11.16 -56.63 32.62
N ALA B 401 11.71 -55.62 33.27
CA ALA B 401 10.87 -54.73 34.07
C ALA B 401 10.03 -53.80 33.21
N GLN B 402 10.24 -53.77 31.90
CA GLN B 402 9.35 -52.99 31.06
C GLN B 402 8.06 -53.73 30.74
N LEU B 403 8.14 -55.04 30.57
CA LEU B 403 6.91 -55.84 30.47
C LEU B 403 6.05 -55.63 31.70
N LEU B 404 6.63 -55.86 32.86
CA LEU B 404 5.90 -55.84 34.12
C LEU B 404 5.47 -54.45 34.53
N SER B 405 5.84 -53.41 33.78
CA SER B 405 5.55 -52.05 34.19
C SER B 405 4.06 -51.84 34.41
N GLY B 406 3.25 -52.08 33.38
CA GLY B 406 1.83 -51.91 33.48
C GLY B 406 1.04 -53.17 33.72
N PHE B 407 1.70 -54.31 33.80
CA PHE B 407 1.01 -55.58 33.98
C PHE B 407 0.24 -55.60 35.28
N SER B 408 -0.90 -56.29 35.26
CA SER B 408 -1.77 -56.38 36.42
C SER B 408 -2.43 -57.75 36.42
N GLY B 409 -2.53 -58.36 37.58
CA GLY B 409 -3.19 -59.63 37.73
C GLY B 409 -2.24 -60.80 37.65
N THR B 410 -2.78 -61.97 37.96
CA THR B 410 -1.99 -63.19 38.05
C THR B 410 -1.17 -63.44 36.81
N ALA B 411 0.04 -63.96 37.00
CA ALA B 411 0.71 -64.79 36.02
C ALA B 411 1.32 -65.95 36.78
N VAL B 412 0.83 -67.14 36.58
CA VAL B 412 1.38 -68.33 37.20
C VAL B 412 2.12 -69.09 36.12
N GLY B 413 3.21 -69.73 36.49
CA GLY B 413 4.01 -70.36 35.46
C GLY B 413 4.67 -71.62 35.92
N VAL B 414 5.25 -72.31 34.96
CA VAL B 414 6.24 -73.34 35.19
C VAL B 414 7.38 -72.99 34.27
N VAL B 415 8.50 -72.52 34.80
CA VAL B 415 9.66 -72.31 33.96
C VAL B 415 10.71 -73.31 34.42
N LYS B 416 10.87 -74.38 33.67
CA LYS B 416 11.89 -75.39 33.95
C LYS B 416 12.34 -75.96 32.61
N GLY B 417 13.64 -76.00 32.38
CA GLY B 417 14.14 -76.48 31.09
C GLY B 417 13.66 -75.66 29.92
N ASP B 418 13.49 -74.34 30.12
CA ASP B 418 13.18 -73.37 29.08
C ASP B 418 11.78 -73.54 28.48
N TRP B 419 11.14 -74.66 28.70
CA TRP B 419 9.75 -74.80 28.33
C TRP B 419 8.92 -74.28 29.48
N MET B 420 7.81 -73.64 29.16
CA MET B 420 7.02 -73.01 30.19
C MET B 420 5.56 -73.00 29.82
N ALA B 421 4.71 -72.91 30.84
CA ALA B 421 3.27 -72.77 30.66
C ALA B 421 2.81 -71.67 31.60
N LEU B 422 2.28 -70.60 31.05
CA LEU B 422 2.07 -69.37 31.80
C LEU B 422 0.60 -69.01 31.78
N VAL B 423 -0.09 -69.15 32.91
CA VAL B 423 -1.53 -69.02 32.98
C VAL B 423 -1.87 -67.67 33.56
N GLN B 424 -2.38 -66.76 32.76
CA GLN B 424 -2.64 -65.41 33.24
C GLN B 424 -4.13 -65.19 33.39
N ALA B 425 -4.53 -64.52 34.45
CA ALA B 425 -5.94 -64.21 34.67
C ALA B 425 -6.07 -62.97 35.53
N VAL B 426 -7.15 -62.20 35.35
CA VAL B 426 -7.40 -61.02 36.13
C VAL B 426 -8.88 -60.72 36.02
N LYS B 427 -9.43 -59.98 36.96
CA LYS B 427 -10.76 -59.42 36.82
C LYS B 427 -10.77 -58.01 37.34
N ASN B 428 -10.85 -57.03 36.47
CA ASN B 428 -10.90 -55.65 36.88
C ASN B 428 -12.34 -55.24 37.02
N ASP B 429 -12.64 -54.55 38.08
CA ASP B 429 -14.01 -54.13 38.32
C ASP B 429 -14.00 -52.76 38.94
N SER B 430 -14.62 -51.78 38.32
CA SER B 430 -14.64 -50.44 38.89
C SER B 430 -16.07 -50.04 39.17
N SER B 431 -16.23 -48.83 39.65
CA SER B 431 -17.52 -48.22 39.89
C SER B 431 -17.29 -46.73 40.03
N SER B 432 -18.36 -45.97 39.95
CA SER B 432 -18.28 -44.56 40.26
C SER B 432 -19.66 -44.06 40.62
N ASN B 433 -19.68 -42.97 41.34
CA ASN B 433 -20.93 -42.32 41.63
C ASN B 433 -20.63 -40.85 41.82
N VAL B 434 -21.38 -39.96 41.23
CA VAL B 434 -21.07 -38.54 41.32
C VAL B 434 -22.37 -37.79 41.40
N LEU B 435 -22.43 -36.80 42.27
CA LEU B 435 -23.60 -35.95 42.29
C LEU B 435 -23.13 -34.52 42.51
N SER B 436 -23.29 -33.64 41.54
CA SER B 436 -22.89 -32.27 41.76
C SER B 436 -24.06 -31.37 41.41
N THR B 437 -24.21 -30.32 42.16
CA THR B 437 -25.41 -29.51 42.09
C THR B 437 -25.18 -28.03 42.21
N PRO B 438 -24.68 -27.37 41.17
CA PRO B 438 -24.48 -25.93 41.22
C PRO B 438 -25.79 -25.20 41.20
N SER B 439 -25.82 -24.02 41.78
CA SER B 439 -27.05 -23.25 41.84
C SER B 439 -26.73 -21.77 41.87
N ILE B 440 -27.59 -20.97 41.27
CA ILE B 440 -27.37 -19.54 41.12
C ILE B 440 -28.69 -18.85 41.41
N THR B 441 -28.62 -17.57 41.77
CA THR B 441 -29.80 -16.78 42.07
C THR B 441 -29.77 -15.50 41.27
N THR B 442 -30.82 -15.23 40.51
CA THR B 442 -30.85 -14.08 39.63
C THR B 442 -32.15 -13.35 39.85
N LEU B 443 -32.22 -12.14 39.34
CA LEU B 443 -33.53 -11.57 39.11
C LEU B 443 -34.13 -12.18 37.87
N ASP B 444 -35.45 -12.06 37.77
CA ASP B 444 -36.15 -12.38 36.55
C ASP B 444 -35.53 -11.64 35.37
N ASN B 445 -35.51 -12.28 34.22
CA ASN B 445 -35.13 -11.72 32.93
C ASN B 445 -33.68 -11.31 32.85
N GLN B 446 -32.90 -11.45 33.91
CA GLN B 446 -31.48 -11.13 33.91
C GLN B 446 -30.69 -12.42 33.83
N GLU B 447 -29.58 -12.42 33.12
CA GLU B 447 -28.83 -13.67 32.99
C GLU B 447 -27.72 -13.76 34.01
N ALA B 448 -27.58 -14.95 34.57
CA ALA B 448 -26.58 -15.25 35.57
C ALA B 448 -25.57 -16.21 35.01
N PHE B 449 -24.38 -16.16 35.55
CA PHE B 449 -23.29 -16.99 35.10
C PHE B 449 -22.60 -17.52 36.33
N PHE B 450 -22.31 -18.80 36.38
CA PHE B 450 -21.69 -19.38 37.54
C PHE B 450 -20.66 -20.38 37.10
N MET B 451 -19.39 -20.15 37.40
CA MET B 451 -18.34 -21.07 37.02
C MET B 451 -17.55 -21.47 38.23
N VAL B 452 -17.34 -22.77 38.40
CA VAL B 452 -16.38 -23.29 39.36
C VAL B 452 -15.48 -24.21 38.58
N GLY B 453 -14.24 -23.84 38.43
CA GLY B 453 -13.42 -24.52 37.45
C GLY B 453 -12.02 -23.99 37.50
N GLN B 454 -11.32 -24.12 36.40
CA GLN B 454 -10.01 -23.54 36.29
C GLN B 454 -9.82 -23.03 34.89
N ASP B 455 -8.87 -22.12 34.73
CA ASP B 455 -8.70 -21.36 33.51
C ASP B 455 -7.37 -21.73 32.88
N VAL B 456 -7.41 -22.43 31.76
CA VAL B 456 -6.25 -23.17 31.25
C VAL B 456 -5.92 -22.69 29.84
N PRO B 457 -4.64 -22.56 29.48
CA PRO B 457 -4.29 -22.05 28.16
C PRO B 457 -4.40 -23.08 27.03
N VAL B 458 -4.85 -22.62 25.87
CA VAL B 458 -4.96 -23.45 24.69
C VAL B 458 -4.09 -22.85 23.62
N LEU B 459 -3.54 -23.69 22.76
CA LEU B 459 -2.23 -23.43 22.16
C LEU B 459 -2.05 -22.04 21.59
N THR B 460 -2.98 -21.48 20.83
CA THR B 460 -3.76 -22.12 19.80
C THR B 460 -3.55 -21.17 18.63
N GLY B 461 -2.79 -21.62 17.64
CA GLY B 461 -2.28 -20.76 16.60
C GLY B 461 -0.78 -20.81 16.51
N THR B 474 0.10 -19.00 20.05
CA THR B 474 -0.59 -17.73 20.26
C THR B 474 -1.42 -17.77 21.55
N VAL B 475 -1.52 -18.95 22.13
CA VAL B 475 -1.96 -19.16 23.51
C VAL B 475 -3.15 -18.32 23.93
N GLU B 476 -4.32 -18.66 23.45
CA GLU B 476 -5.54 -18.15 24.04
C GLU B 476 -5.85 -18.88 25.35
N ARG B 477 -6.72 -18.28 26.15
CA ARG B 477 -6.96 -18.62 27.55
C ARG B 477 -8.39 -19.13 27.71
N LYS B 478 -8.55 -20.42 28.03
CA LYS B 478 -9.84 -21.09 28.00
C LYS B 478 -10.24 -21.56 29.38
N LYS B 479 -11.54 -21.50 29.67
CA LYS B 479 -12.09 -21.83 30.97
C LYS B 479 -12.79 -23.17 30.95
N VAL B 480 -12.40 -24.06 31.85
CA VAL B 480 -13.00 -25.38 31.97
C VAL B 480 -13.50 -25.57 33.39
N GLY B 481 -14.62 -26.24 33.53
CA GLY B 481 -15.13 -26.64 34.82
C GLY B 481 -16.61 -26.58 34.78
N ILE B 482 -17.25 -26.80 35.93
CA ILE B 482 -18.69 -26.66 35.99
C ILE B 482 -19.09 -25.25 35.63
N MET B 483 -19.99 -25.12 34.66
CA MET B 483 -20.44 -23.81 34.24
C MET B 483 -21.93 -23.89 34.06
N LEU B 484 -22.64 -22.89 34.54
CA LEU B 484 -24.07 -22.85 34.41
C LEU B 484 -24.42 -21.44 34.06
N LYS B 485 -25.13 -21.22 32.97
CA LYS B 485 -25.51 -19.88 32.56
C LYS B 485 -26.98 -19.92 32.20
N VAL B 486 -27.80 -19.23 32.96
CA VAL B 486 -29.25 -19.37 32.87
C VAL B 486 -29.86 -17.99 32.90
N THR B 487 -31.00 -17.84 32.24
CA THR B 487 -31.70 -16.54 32.18
C THR B 487 -33.22 -16.67 32.24
N PRO B 488 -33.77 -16.76 33.43
CA PRO B 488 -35.17 -17.15 33.59
C PRO B 488 -36.14 -16.03 33.27
N GLN B 489 -37.38 -16.41 32.98
CA GLN B 489 -38.47 -15.44 32.99
C GLN B 489 -39.73 -16.09 33.50
N ILE B 490 -40.41 -15.47 34.45
CA ILE B 490 -41.56 -16.09 35.07
C ILE B 490 -42.78 -15.89 34.19
N ASN B 491 -43.44 -16.98 33.84
CA ASN B 491 -44.53 -16.98 32.85
C ASN B 491 -45.89 -16.84 33.46
N GLU B 492 -46.00 -16.54 34.74
CA GLU B 492 -47.25 -16.02 35.27
C GLU B 492 -48.30 -17.14 35.38
N GLY B 493 -48.07 -18.25 34.70
CA GLY B 493 -48.70 -19.44 35.21
C GLY B 493 -47.97 -20.00 36.41
N ASN B 494 -47.01 -19.23 36.94
CA ASN B 494 -46.06 -19.67 37.95
C ASN B 494 -45.14 -20.77 37.41
N ALA B 495 -44.53 -20.50 36.25
CA ALA B 495 -43.70 -21.47 35.55
C ALA B 495 -42.52 -20.73 34.93
N VAL B 496 -41.31 -21.25 35.11
CA VAL B 496 -40.14 -20.40 35.01
C VAL B 496 -39.49 -20.24 33.63
N GLN B 497 -39.56 -21.20 32.71
CA GLN B 497 -39.00 -20.90 31.38
C GLN B 497 -37.52 -20.51 31.36
N MET B 498 -36.62 -21.48 31.52
CA MET B 498 -35.19 -21.22 31.50
C MET B 498 -34.66 -21.05 30.09
N VAL B 499 -33.52 -20.41 29.98
CA VAL B 499 -32.67 -20.53 28.81
C VAL B 499 -31.29 -20.85 29.35
N ILE B 500 -30.82 -22.06 29.11
CA ILE B 500 -29.81 -22.63 29.97
C ILE B 500 -28.67 -23.20 29.14
N GLU B 501 -27.45 -23.04 29.64
CA GLU B 501 -26.29 -23.73 29.11
C GLU B 501 -25.56 -24.37 30.26
N GLN B 502 -25.63 -25.66 30.37
CA GLN B 502 -24.87 -26.41 31.34
C GLN B 502 -23.59 -26.86 30.69
N GLU B 503 -22.52 -26.93 31.45
CA GLU B 503 -21.31 -27.51 30.90
C GLU B 503 -20.47 -28.08 32.01
N VAL B 504 -19.83 -29.21 31.77
CA VAL B 504 -18.94 -29.81 32.74
C VAL B 504 -17.70 -30.26 32.01
N SER B 505 -16.58 -29.63 32.26
CA SER B 505 -15.35 -29.90 31.55
C SER B 505 -14.27 -30.30 32.54
N LYS B 506 -13.21 -30.89 32.01
CA LYS B 506 -12.00 -31.05 32.79
C LYS B 506 -10.86 -31.31 31.84
N VAL B 507 -9.65 -31.07 32.31
CA VAL B 507 -8.48 -31.38 31.51
C VAL B 507 -8.18 -32.87 31.62
N GLU B 508 -8.24 -33.57 30.51
CA GLU B 508 -7.84 -34.96 30.46
C GLU B 508 -6.67 -35.06 29.50
N GLY B 509 -5.90 -36.13 29.62
CA GLY B 509 -4.52 -36.01 29.20
C GLY B 509 -4.23 -35.71 27.75
N GLN B 510 -3.59 -34.57 27.54
CA GLN B 510 -2.74 -34.22 26.40
C GLN B 510 -3.22 -34.61 25.01
N THR B 511 -2.24 -34.77 24.13
CA THR B 511 -2.30 -35.16 22.73
C THR B 511 -0.90 -34.84 22.27
N SER B 512 -0.56 -35.07 21.01
CA SER B 512 0.73 -34.62 20.54
C SER B 512 0.98 -33.16 20.92
N LEU B 513 0.20 -32.25 20.36
CA LEU B 513 0.51 -30.83 20.40
C LEU B 513 -0.24 -30.00 21.44
N ASP B 514 -1.12 -30.57 22.26
CA ASP B 514 -1.89 -29.79 23.21
C ASP B 514 -2.58 -30.65 24.24
N VAL B 515 -3.47 -30.01 25.02
CA VAL B 515 -4.35 -30.67 25.97
C VAL B 515 -5.70 -30.93 25.31
N VAL B 516 -6.24 -32.09 25.58
CA VAL B 516 -7.60 -32.42 25.23
C VAL B 516 -8.44 -32.21 26.48
N PHE B 517 -9.66 -31.72 26.33
CA PHE B 517 -10.53 -31.50 27.47
C PHE B 517 -11.69 -32.46 27.39
N GLY B 518 -11.93 -33.21 28.45
CA GLY B 518 -13.19 -33.89 28.52
C GLY B 518 -14.26 -32.82 28.61
N GLU B 519 -15.33 -32.95 27.86
CA GLU B 519 -16.34 -31.90 27.88
C GLU B 519 -17.70 -32.50 27.64
N ARG B 520 -18.68 -32.14 28.45
CA ARG B 520 -20.05 -32.51 28.18
C ARG B 520 -20.95 -31.34 28.47
N LYS B 521 -21.65 -30.85 27.46
CA LYS B 521 -22.46 -29.68 27.66
C LYS B 521 -23.76 -29.83 26.92
N LEU B 522 -24.76 -29.13 27.41
CA LEU B 522 -26.03 -29.11 26.72
C LEU B 522 -26.64 -27.74 26.86
N LYS B 523 -27.09 -27.17 25.76
CA LYS B 523 -27.75 -25.88 25.82
C LYS B 523 -29.08 -25.95 25.14
N THR B 524 -30.14 -25.75 25.91
CA THR B 524 -31.48 -26.02 25.51
C THR B 524 -32.34 -24.87 26.00
N THR B 525 -33.65 -25.02 25.91
CA THR B 525 -34.58 -24.11 26.55
C THR B 525 -35.72 -24.93 27.10
N VAL B 526 -35.96 -24.83 28.39
CA VAL B 526 -36.93 -25.70 29.02
C VAL B 526 -37.96 -24.82 29.70
N LEU B 527 -39.06 -25.43 30.08
CA LEU B 527 -40.16 -24.74 30.73
C LEU B 527 -40.53 -25.55 31.95
N ALA B 528 -40.27 -25.01 33.13
CA ALA B 528 -40.40 -25.78 34.35
C ALA B 528 -41.36 -25.10 35.30
N ASN B 529 -42.15 -25.89 36.02
CA ASN B 529 -43.03 -25.32 37.02
C ASN B 529 -42.24 -24.75 38.18
N ASP B 530 -42.92 -23.97 38.99
CA ASP B 530 -42.26 -23.20 40.05
C ASP B 530 -41.37 -24.07 40.91
N GLY B 531 -41.91 -25.12 41.50
CA GLY B 531 -41.12 -25.84 42.47
C GLY B 531 -40.67 -27.21 42.03
N GLU B 532 -40.76 -27.50 40.73
CA GLU B 532 -40.70 -28.87 40.27
C GLU B 532 -39.56 -29.06 39.28
N LEU B 533 -39.28 -30.32 39.03
CA LEU B 533 -37.99 -30.80 38.56
C LEU B 533 -38.15 -31.32 37.14
N ILE B 534 -37.49 -30.69 36.19
CA ILE B 534 -37.57 -31.13 34.81
C ILE B 534 -36.21 -31.64 34.38
N VAL B 535 -36.19 -32.66 33.53
CA VAL B 535 -34.96 -33.28 33.07
C VAL B 535 -34.48 -32.57 31.81
N LEU B 536 -33.25 -32.09 31.82
CA LEU B 536 -32.72 -31.43 30.64
C LEU B 536 -32.18 -32.41 29.63
N GLY B 537 -31.48 -33.43 30.07
CA GLY B 537 -30.64 -34.16 29.15
C GLY B 537 -30.29 -35.49 29.75
N GLY B 538 -29.33 -36.15 29.15
CA GLY B 538 -28.98 -37.45 29.66
C GLY B 538 -28.26 -38.26 28.64
N LEU B 539 -27.76 -39.39 29.10
CA LEU B 539 -27.08 -40.33 28.24
C LEU B 539 -27.19 -41.67 28.94
N MET B 540 -27.25 -42.74 28.18
CA MET B 540 -27.20 -44.06 28.77
C MET B 540 -26.33 -44.85 27.83
N ASP B 541 -25.24 -45.43 28.29
CA ASP B 541 -24.28 -45.98 27.36
C ASP B 541 -23.83 -47.33 27.85
N ASP B 542 -24.07 -48.37 27.07
CA ASP B 542 -23.66 -49.72 27.44
C ASP B 542 -22.70 -50.26 26.42
N GLN B 543 -21.91 -51.24 26.80
CA GLN B 543 -21.08 -51.96 25.87
C GLN B 543 -20.91 -53.35 26.42
N ALA B 544 -20.80 -54.33 25.54
CA ALA B 544 -20.29 -55.61 25.96
C ALA B 544 -19.34 -56.10 24.89
N GLY B 545 -18.09 -56.09 25.16
CA GLY B 545 -17.15 -56.61 24.21
C GLY B 545 -16.95 -58.07 24.41
N GLU B 546 -16.19 -58.67 23.51
CA GLU B 546 -15.64 -59.99 23.75
C GLU B 546 -14.52 -60.19 22.75
N SER B 547 -13.72 -61.19 23.01
CA SER B 547 -12.67 -61.59 22.09
C SER B 547 -12.36 -63.03 22.41
N VAL B 548 -11.67 -63.69 21.50
CA VAL B 548 -11.19 -65.02 21.83
C VAL B 548 -10.04 -65.26 20.87
N ALA B 549 -9.24 -66.27 21.15
CA ALA B 549 -8.27 -66.76 20.21
C ALA B 549 -8.11 -68.22 20.55
N LYS B 550 -7.81 -69.03 19.57
CA LYS B 550 -7.61 -70.43 19.88
C LYS B 550 -6.84 -71.09 18.75
N VAL B 551 -6.72 -72.40 18.82
CA VAL B 551 -5.79 -73.11 17.95
C VAL B 551 -6.06 -73.26 16.46
N PRO B 552 -7.30 -73.44 15.98
CA PRO B 552 -8.72 -73.66 16.22
C PRO B 552 -9.26 -74.98 16.66
N LEU B 553 -8.74 -76.09 16.16
CA LEU B 553 -9.55 -77.29 16.25
C LEU B 553 -9.62 -77.81 17.67
N LEU B 554 -8.57 -77.59 18.45
CA LEU B 554 -8.50 -78.08 19.82
C LEU B 554 -9.22 -77.18 20.80
N GLY B 555 -9.47 -75.93 20.46
CA GLY B 555 -10.17 -75.07 21.38
C GLY B 555 -11.62 -75.42 21.58
N ASP B 556 -12.16 -76.39 20.85
CA ASP B 556 -13.56 -76.70 20.96
C ASP B 556 -13.88 -77.90 21.84
N ILE B 557 -12.87 -78.60 22.36
CA ILE B 557 -13.22 -79.71 23.26
C ILE B 557 -13.89 -79.13 24.49
N PRO B 558 -15.00 -79.71 24.97
CA PRO B 558 -15.78 -79.05 26.03
C PRO B 558 -15.09 -79.02 27.38
N LEU B 559 -14.09 -79.85 27.62
CA LEU B 559 -13.36 -79.83 28.88
C LEU B 559 -12.00 -79.16 28.75
N ILE B 560 -11.11 -79.74 27.96
CA ILE B 560 -9.71 -79.33 27.93
C ILE B 560 -9.54 -78.23 26.89
N GLY B 561 -10.65 -77.76 26.34
CA GLY B 561 -10.56 -76.64 25.42
C GLY B 561 -9.85 -75.46 26.04
N ASN B 562 -10.17 -75.15 27.29
CA ASN B 562 -9.69 -73.93 27.92
C ASN B 562 -8.18 -73.85 28.00
N LEU B 563 -7.47 -74.95 27.80
CA LEU B 563 -6.02 -74.86 27.82
C LEU B 563 -5.50 -74.13 26.59
N PHE B 564 -6.25 -74.17 25.50
CA PHE B 564 -5.79 -73.63 24.22
C PHE B 564 -6.36 -72.26 23.86
N LYS B 565 -7.14 -71.64 24.72
CA LYS B 565 -7.86 -70.42 24.40
C LYS B 565 -7.30 -69.25 25.16
N SER B 566 -7.55 -68.05 24.65
CA SER B 566 -7.32 -66.83 25.40
C SER B 566 -8.49 -65.92 25.20
N THR B 567 -9.19 -65.59 26.28
CA THR B 567 -10.44 -64.85 26.20
C THR B 567 -10.29 -63.50 26.87
N ALA B 568 -11.02 -62.51 26.37
CA ALA B 568 -11.11 -61.23 27.05
C ALA B 568 -12.52 -60.72 26.96
N ASP B 569 -13.15 -60.42 28.07
CA ASP B 569 -14.51 -59.93 28.06
C ASP B 569 -14.54 -58.52 28.61
N LYS B 570 -15.60 -57.81 28.32
CA LYS B 570 -15.69 -56.47 28.81
C LYS B 570 -17.15 -56.12 28.95
N LYS B 571 -17.45 -55.28 29.90
CA LYS B 571 -18.80 -54.80 30.11
C LYS B 571 -18.67 -53.42 30.69
N GLU B 572 -19.57 -52.54 30.32
CA GLU B 572 -19.37 -51.16 30.71
C GLU B 572 -20.70 -50.49 30.72
N LYS B 573 -20.85 -49.47 31.55
CA LYS B 573 -22.14 -48.83 31.61
C LYS B 573 -21.96 -47.43 32.13
N ARG B 574 -22.83 -46.53 31.73
CA ARG B 574 -22.74 -45.17 32.18
C ARG B 574 -24.12 -44.55 32.13
N ASN B 575 -24.39 -43.63 33.02
CA ASN B 575 -25.65 -42.93 32.98
C ASN B 575 -25.40 -41.50 33.37
N LEU B 576 -25.79 -40.55 32.56
CA LEU B 576 -25.87 -39.19 32.99
C LEU B 576 -27.32 -38.77 33.09
N MET B 577 -27.56 -37.80 33.92
CA MET B 577 -28.79 -37.07 33.88
C MET B 577 -28.47 -35.68 34.31
N VAL B 578 -29.22 -34.72 33.83
CA VAL B 578 -29.13 -33.36 34.31
C VAL B 578 -30.55 -32.93 34.59
N PHE B 579 -30.80 -32.45 35.77
CA PHE B 579 -32.13 -32.03 36.14
C PHE B 579 -32.06 -30.55 36.46
N ILE B 580 -33.19 -29.90 36.54
CA ILE B 580 -33.15 -28.53 36.99
C ILE B 580 -34.40 -28.24 37.77
N ARG B 581 -34.26 -27.60 38.91
CA ARG B 581 -35.39 -27.19 39.72
C ARG B 581 -35.41 -25.69 39.91
N PRO B 582 -36.33 -24.96 39.32
CA PRO B 582 -36.48 -23.55 39.64
C PRO B 582 -37.19 -23.34 40.96
N THR B 583 -37.08 -22.13 41.48
CA THR B 583 -37.84 -21.73 42.63
C THR B 583 -38.03 -20.23 42.51
N ILE B 584 -39.21 -19.75 42.87
CA ILE B 584 -39.53 -18.34 42.68
C ILE B 584 -39.59 -17.69 44.04
N LEU B 585 -38.82 -16.63 44.20
CA LEU B 585 -38.77 -15.87 45.43
C LEU B 585 -39.45 -14.54 45.14
N ARG B 586 -40.68 -14.37 45.63
CA ARG B 586 -41.46 -13.18 45.32
C ARG B 586 -41.42 -12.17 46.46
N ASP B 587 -41.89 -12.58 47.64
CA ASP B 587 -41.89 -11.71 48.79
C ASP B 587 -40.45 -11.36 49.17
N GLY B 588 -40.31 -10.25 49.88
CA GLY B 588 -39.07 -10.04 50.60
C GLY B 588 -38.81 -11.14 51.61
N MET B 589 -39.87 -11.78 52.09
CA MET B 589 -39.73 -12.89 53.02
C MET B 589 -39.43 -14.21 52.32
N ALA B 590 -39.71 -14.31 51.02
CA ALA B 590 -39.42 -15.54 50.30
C ALA B 590 -37.92 -15.69 50.05
N ALA B 591 -37.21 -14.58 49.86
CA ALA B 591 -35.76 -14.64 49.66
C ALA B 591 -35.04 -15.09 50.91
N ASP B 592 -35.62 -14.84 52.07
CA ASP B 592 -35.01 -15.19 53.33
C ASP B 592 -35.44 -16.57 53.82
N GLY B 593 -36.37 -17.22 53.13
CA GLY B 593 -36.72 -18.58 53.46
C GLY B 593 -35.76 -19.58 52.86
N VAL B 594 -35.38 -19.36 51.59
CA VAL B 594 -34.41 -20.24 50.95
C VAL B 594 -33.02 -19.93 51.44
N SER B 595 -32.65 -18.66 51.46
CA SER B 595 -31.28 -18.33 51.82
C SER B 595 -31.01 -18.48 53.29
N GLN B 596 -32.03 -18.60 54.12
CA GLN B 596 -31.77 -18.88 55.52
C GLN B 596 -31.59 -20.36 55.78
N ARG B 597 -32.21 -21.24 55.01
CA ARG B 597 -32.01 -22.64 55.29
C ARG B 597 -30.71 -23.16 54.69
N LYS B 598 -30.22 -22.57 53.62
CA LYS B 598 -28.89 -22.95 53.16
C LYS B 598 -27.81 -22.39 54.06
N TYR B 599 -28.08 -21.28 54.73
CA TYR B 599 -27.12 -20.77 55.70
C TYR B 599 -27.02 -21.73 56.87
N ASN B 600 -28.14 -22.02 57.51
CA ASN B 600 -28.13 -22.94 58.63
C ASN B 600 -27.71 -24.34 58.23
N TYR B 601 -27.63 -24.63 56.94
CA TYR B 601 -27.07 -25.91 56.53
C TYR B 601 -25.55 -25.86 56.49
N MET B 602 -24.97 -24.77 55.99
CA MET B 602 -23.52 -24.65 56.04
C MET B 602 -23.02 -24.43 57.44
N ARG B 603 -23.80 -23.76 58.27
CA ARG B 603 -23.33 -23.52 59.62
C ARG B 603 -23.40 -24.78 60.45
N ALA B 604 -24.17 -25.77 60.02
CA ALA B 604 -24.15 -27.04 60.72
C ALA B 604 -23.10 -27.99 60.17
N GLU B 605 -22.52 -27.69 59.02
CA GLU B 605 -21.33 -28.39 58.58
C GLU B 605 -20.13 -27.92 59.37
N GLN B 606 -20.02 -26.62 59.59
CA GLN B 606 -18.88 -26.05 60.25
C GLN B 606 -18.91 -26.25 61.75
N ILE B 607 -20.05 -26.57 62.31
CA ILE B 607 -20.08 -26.94 63.71
C ILE B 607 -19.68 -28.40 63.88
N TYR B 608 -20.17 -29.28 63.02
CA TYR B 608 -19.77 -30.66 63.13
C TYR B 608 -18.31 -30.85 62.75
N ARG B 609 -17.80 -30.03 61.85
CA ARG B 609 -16.37 -30.00 61.59
C ARG B 609 -15.61 -29.48 62.80
N ASP B 610 -16.25 -28.62 63.59
CA ASP B 610 -15.63 -28.06 64.77
C ASP B 610 -15.73 -28.99 65.97
N GLU B 611 -16.87 -29.66 66.14
CA GLU B 611 -17.04 -30.55 67.29
C GLU B 611 -15.94 -31.60 67.34
N GLN B 612 -15.53 -32.11 66.18
CA GLN B 612 -14.36 -32.98 66.12
C GLN B 612 -13.22 -32.10 65.64
N GLY B 613 -12.34 -31.73 66.56
CA GLY B 613 -11.49 -30.60 66.34
C GLY B 613 -10.32 -30.93 65.47
N LEU B 614 -9.45 -29.95 65.31
CA LEU B 614 -8.11 -30.23 64.86
C LEU B 614 -7.45 -31.11 65.91
N SER B 615 -6.97 -32.26 65.49
CA SER B 615 -6.65 -33.30 66.48
C SER B 615 -5.35 -33.01 67.20
N LEU B 616 -4.34 -32.49 66.50
CA LEU B 616 -3.08 -32.21 67.16
C LEU B 616 -3.19 -30.98 68.04
N MET B 617 -3.72 -29.88 67.52
CA MET B 617 -3.92 -28.71 68.34
C MET B 617 -5.34 -28.68 68.88
N PRO B 618 -5.57 -28.97 70.16
CA PRO B 618 -6.82 -28.50 70.74
C PRO B 618 -6.57 -27.16 71.43
N HIS B 619 -7.60 -26.50 71.92
CA HIS B 619 -8.95 -26.72 71.44
C HIS B 619 -9.04 -25.96 70.13
N THR B 620 -8.60 -24.70 70.17
CA THR B 620 -8.24 -23.92 69.00
C THR B 620 -9.41 -23.80 68.01
N ALA B 621 -10.41 -23.02 68.42
CA ALA B 621 -11.22 -22.24 67.50
C ALA B 621 -11.79 -23.04 66.34
N GLN B 622 -11.30 -22.71 65.14
CA GLN B 622 -11.69 -23.11 63.79
C GLN B 622 -12.87 -22.26 63.35
N PRO B 623 -12.95 -21.87 62.09
CA PRO B 623 -13.97 -20.89 61.70
C PRO B 623 -15.34 -21.53 61.71
N VAL B 624 -16.29 -20.81 62.30
CA VAL B 624 -17.69 -21.18 62.21
C VAL B 624 -18.43 -19.91 61.84
N LEU B 625 -19.50 -20.08 61.27
CA LEU B 625 -20.20 -18.98 60.62
C LEU B 625 -21.18 -18.38 61.62
N PRO B 626 -21.27 -17.05 61.73
CA PRO B 626 -22.00 -16.44 62.84
C PRO B 626 -23.44 -16.91 62.88
N ALA B 627 -23.99 -16.96 64.09
CA ALA B 627 -25.37 -17.40 64.24
C ALA B 627 -26.32 -16.32 63.74
N GLN B 628 -27.56 -16.72 63.49
CA GLN B 628 -28.63 -15.79 63.18
C GLN B 628 -29.54 -15.67 64.38
N ASN B 629 -29.98 -14.44 64.67
CA ASN B 629 -30.75 -14.14 65.87
C ASN B 629 -29.99 -14.51 67.13
N GLN B 630 -28.76 -14.01 67.22
CA GLN B 630 -27.96 -14.19 68.43
C GLN B 630 -28.66 -13.66 69.68
N ALA B 631 -29.59 -12.73 69.51
CA ALA B 631 -30.23 -11.97 70.60
C ALA B 631 -29.11 -11.26 71.38
N LEU B 632 -29.20 -11.20 72.67
CA LEU B 632 -28.34 -10.36 73.47
C LEU B 632 -27.26 -11.20 74.18
N PRO B 633 -26.00 -10.76 74.12
CA PRO B 633 -24.98 -11.45 74.90
C PRO B 633 -25.34 -11.44 76.36
N PRO B 634 -24.79 -12.37 77.15
CA PRO B 634 -25.22 -12.48 78.55
C PRO B 634 -24.96 -11.24 79.37
N GLU B 635 -23.83 -10.55 79.14
CA GLU B 635 -23.56 -9.37 79.95
C GLU B 635 -24.36 -8.17 79.47
N VAL B 636 -24.63 -8.09 78.18
CA VAL B 636 -25.53 -7.04 77.68
C VAL B 636 -26.92 -7.24 78.25
N ARG B 637 -27.28 -8.49 78.52
CA ARG B 637 -28.58 -8.80 79.10
C ARG B 637 -28.79 -8.06 80.41
N ALA B 638 -27.79 -8.09 81.29
CA ALA B 638 -27.92 -7.48 82.61
C ALA B 638 -28.06 -5.96 82.54
N PHE B 639 -27.34 -5.30 81.62
CA PHE B 639 -27.39 -3.85 81.53
C PHE B 639 -28.81 -3.34 81.34
N LEU B 640 -29.67 -4.13 80.69
CA LEU B 640 -31.08 -3.76 80.59
C LEU B 640 -31.75 -3.80 81.96
N ASN B 641 -31.43 -4.82 82.76
CA ASN B 641 -32.12 -5.04 84.03
C ASN B 641 -31.74 -4.02 85.09
N ALA B 642 -30.76 -3.16 84.82
CA ALA B 642 -30.45 -2.08 85.75
C ALA B 642 -31.14 -0.81 85.30
N GLY B 643 -30.65 -0.20 84.22
CA GLY B 643 -31.18 1.05 83.73
C GLY B 643 -32.59 0.95 83.19
N GLY C 100 -50.76 99.79 9.72
CA GLY C 100 -52.11 100.14 9.32
C GLY C 100 -52.35 99.95 7.84
N ASP C 101 -52.63 101.05 7.16
CA ASP C 101 -52.80 101.06 5.70
C ASP C 101 -51.52 101.43 4.98
N GLU C 102 -50.42 101.63 5.69
CA GLU C 102 -49.18 102.07 5.07
C GLU C 102 -48.62 100.99 4.16
N MET C 103 -48.37 101.34 2.90
CA MET C 103 -47.80 100.41 1.93
C MET C 103 -46.30 100.35 2.11
N VAL C 104 -45.78 99.17 2.45
CA VAL C 104 -44.35 98.94 2.65
C VAL C 104 -44.01 97.52 2.23
N THR C 105 -42.71 97.23 2.12
CA THR C 105 -42.19 95.88 1.99
C THR C 105 -41.51 95.47 3.29
N LYS C 106 -41.54 94.17 3.60
CA LYS C 106 -40.94 93.66 4.82
C LYS C 106 -40.27 92.32 4.54
N VAL C 107 -39.26 92.01 5.36
CA VAL C 107 -38.47 90.78 5.25
C VAL C 107 -38.83 89.87 6.40
N VAL C 108 -39.31 88.67 6.07
CA VAL C 108 -39.57 87.64 7.08
C VAL C 108 -38.73 86.40 6.77
N PRO C 109 -37.70 86.11 7.55
CA PRO C 109 -37.04 84.80 7.45
C PRO C 109 -37.90 83.71 8.05
N VAL C 110 -38.05 82.61 7.31
CA VAL C 110 -38.78 81.44 7.80
C VAL C 110 -37.75 80.35 8.01
N ARG C 111 -37.48 80.03 9.28
CA ARG C 111 -36.35 79.17 9.63
C ARG C 111 -36.78 77.71 9.68
N ASN C 112 -37.54 77.33 10.70
CA ASN C 112 -37.91 75.93 10.91
C ASN C 112 -38.99 75.45 9.95
N VAL C 113 -39.87 76.35 9.51
CA VAL C 113 -41.07 75.99 8.78
C VAL C 113 -40.75 75.91 7.29
N SER C 114 -41.35 74.94 6.61
CA SER C 114 -41.30 74.95 5.16
C SER C 114 -42.11 76.11 4.64
N VAL C 115 -41.49 76.98 3.84
CA VAL C 115 -42.13 78.23 3.43
C VAL C 115 -43.41 77.98 2.66
N ARG C 116 -43.51 76.85 1.95
CA ARG C 116 -44.75 76.56 1.26
C ARG C 116 -45.79 75.89 2.13
N GLU C 117 -45.40 75.42 3.32
CA GLU C 117 -46.43 75.02 4.29
C GLU C 117 -47.34 76.18 4.62
N LEU C 118 -46.82 77.39 4.52
CA LEU C 118 -47.55 78.60 4.86
C LEU C 118 -48.29 79.19 3.68
N ALA C 119 -48.29 78.50 2.55
CA ALA C 119 -49.09 78.95 1.40
C ALA C 119 -50.53 79.25 1.76
N PRO C 120 -51.28 78.38 2.46
CA PRO C 120 -52.70 78.70 2.70
C PRO C 120 -52.92 79.94 3.56
N ILE C 121 -52.26 80.03 4.70
CA ILE C 121 -52.70 80.99 5.71
C ILE C 121 -52.23 82.39 5.39
N LEU C 122 -51.09 82.53 4.71
CA LEU C 122 -50.58 83.84 4.37
C LEU C 122 -51.35 84.42 3.19
N ARG C 123 -51.67 83.59 2.20
CA ARG C 123 -52.41 84.04 1.05
C ARG C 123 -53.91 84.14 1.35
N GLN C 124 -54.43 83.29 2.24
CA GLN C 124 -55.83 83.43 2.64
C GLN C 124 -56.06 84.72 3.41
N MET C 125 -55.00 85.33 3.95
CA MET C 125 -55.13 86.65 4.53
C MET C 125 -55.41 87.71 3.48
N ILE C 126 -54.83 87.52 2.28
CA ILE C 126 -55.04 88.44 1.16
C ILE C 126 -56.52 88.48 0.77
N ASP C 127 -57.22 87.37 0.99
CA ASP C 127 -58.68 87.36 0.86
C ASP C 127 -59.31 88.43 1.75
N SER C 128 -58.95 88.41 3.04
CA SER C 128 -59.44 89.38 4.00
C SER C 128 -58.70 90.71 3.90
N ALA C 129 -57.38 90.67 3.69
CA ALA C 129 -56.61 91.90 3.62
C ALA C 129 -56.92 92.70 2.37
N GLY C 130 -57.29 92.03 1.28
CA GLY C 130 -57.52 92.72 0.04
C GLY C 130 -56.26 92.96 -0.77
N SER C 131 -56.19 94.12 -1.42
CA SER C 131 -55.08 94.43 -2.31
C SER C 131 -53.89 95.00 -1.54
N GLY C 132 -52.82 95.27 -2.28
CA GLY C 132 -51.64 95.91 -1.74
C GLY C 132 -50.66 94.99 -1.08
N ASN C 133 -51.08 93.80 -0.64
CA ASN C 133 -50.23 92.89 0.11
C ASN C 133 -49.85 91.70 -0.75
N VAL C 134 -48.57 91.33 -0.70
CA VAL C 134 -48.02 90.24 -1.48
C VAL C 134 -47.19 89.36 -0.56
N VAL C 135 -47.34 88.05 -0.71
CA VAL C 135 -46.61 87.07 0.07
C VAL C 135 -45.79 86.22 -0.90
N ASN C 136 -44.50 86.09 -0.62
CA ASN C 136 -43.53 85.46 -1.52
C ASN C 136 -42.94 84.24 -0.84
N TYR C 137 -42.93 83.12 -1.54
CA TYR C 137 -42.47 81.84 -1.00
C TYR C 137 -41.20 81.42 -1.73
N ASP C 138 -40.05 81.52 -1.06
CA ASP C 138 -38.81 81.17 -1.74
C ASP C 138 -38.24 79.89 -1.14
N PRO C 139 -37.97 78.86 -1.96
CA PRO C 139 -37.39 77.62 -1.42
C PRO C 139 -36.05 77.80 -0.72
N SER C 140 -35.39 78.94 -0.90
CA SER C 140 -34.25 79.32 -0.07
C SER C 140 -34.69 79.60 1.36
N ASN C 141 -35.98 79.44 1.63
CA ASN C 141 -36.56 79.39 2.98
C ASN C 141 -36.58 80.75 3.67
N VAL C 142 -37.07 81.76 2.95
CA VAL C 142 -37.67 82.94 3.56
C VAL C 142 -38.99 83.21 2.87
N ILE C 143 -39.78 84.09 3.48
CA ILE C 143 -41.06 84.51 2.92
C ILE C 143 -41.10 86.02 2.90
N MET C 144 -41.15 86.61 1.71
CA MET C 144 -41.10 88.06 1.53
C MET C 144 -42.51 88.63 1.55
N LEU C 145 -42.77 89.49 2.52
CA LEU C 145 -44.07 90.12 2.68
C LEU C 145 -43.96 91.57 2.23
N THR C 146 -44.73 91.93 1.22
CA THR C 146 -44.76 93.30 0.71
C THR C 146 -46.20 93.76 0.71
N GLY C 147 -46.51 94.76 1.53
CA GLY C 147 -47.86 95.26 1.58
C GLY C 147 -48.09 96.17 2.78
N ARG C 148 -49.36 96.25 3.17
CA ARG C 148 -49.76 97.18 4.23
C ARG C 148 -49.23 96.71 5.58
N ALA C 149 -48.50 97.61 6.27
CA ALA C 149 -47.67 97.23 7.39
C ALA C 149 -48.44 96.60 8.55
N SER C 150 -49.77 96.71 8.58
CA SER C 150 -50.53 96.03 9.62
C SER C 150 -50.73 94.55 9.30
N VAL C 151 -51.06 94.23 8.05
CA VAL C 151 -51.34 92.84 7.72
C VAL C 151 -50.05 92.03 7.64
N VAL C 152 -48.97 92.63 7.14
CA VAL C 152 -47.68 91.96 7.21
C VAL C 152 -47.28 91.75 8.66
N GLU C 153 -47.63 92.70 9.52
CA GLU C 153 -47.30 92.61 10.95
C GLU C 153 -47.74 91.27 11.52
N ARG C 154 -49.01 90.91 11.29
CA ARG C 154 -49.51 89.63 11.79
C ARG C 154 -48.73 88.46 11.20
N LEU C 155 -48.36 88.55 9.94
CA LEU C 155 -47.68 87.41 9.34
C LEU C 155 -46.19 87.38 9.64
N THR C 156 -45.65 88.47 10.21
CA THR C 156 -44.45 88.35 11.03
C THR C 156 -44.80 87.81 12.41
N GLU C 157 -45.98 88.16 12.92
CA GLU C 157 -46.46 87.58 14.18
C GLU C 157 -46.77 86.10 14.02
N VAL C 158 -47.66 85.77 13.07
CA VAL C 158 -48.13 84.39 12.96
C VAL C 158 -46.96 83.44 12.76
N ILE C 159 -46.19 83.66 11.70
CA ILE C 159 -45.18 82.69 11.31
C ILE C 159 -44.17 82.50 12.44
N GLN C 160 -43.56 83.59 12.89
CA GLN C 160 -42.52 83.49 13.91
C GLN C 160 -43.07 83.08 15.27
N ARG C 161 -44.39 83.10 15.43
CA ARG C 161 -45.04 82.34 16.50
C ARG C 161 -45.27 80.88 16.10
N VAL C 162 -45.72 80.65 14.86
CA VAL C 162 -45.87 79.28 14.38
C VAL C 162 -44.52 78.61 14.22
N ASP C 163 -43.51 79.38 13.78
CA ASP C 163 -42.17 78.83 13.67
C ASP C 163 -41.64 78.37 15.02
N HIS C 164 -42.22 78.86 16.11
CA HIS C 164 -41.95 78.33 17.44
C HIS C 164 -42.58 76.97 17.64
N ALA C 165 -43.77 76.76 17.07
CA ALA C 165 -44.55 75.56 17.37
C ALA C 165 -43.81 74.30 16.94
N GLY C 166 -43.18 74.31 15.79
CA GLY C 166 -42.52 73.12 15.29
C GLY C 166 -41.08 73.00 15.74
N ASN C 167 -40.71 73.69 16.81
CA ASN C 167 -39.32 73.76 17.24
C ASN C 167 -38.81 72.40 17.65
N ARG C 168 -37.69 71.97 17.06
CA ARG C 168 -37.15 70.63 17.24
C ARG C 168 -35.71 70.73 17.68
N THR C 169 -35.42 70.34 18.91
CA THR C 169 -34.10 70.40 19.50
C THR C 169 -33.72 69.01 19.99
N GLU C 170 -32.42 68.74 20.07
CA GLU C 170 -31.93 67.42 20.40
C GLU C 170 -31.13 67.46 21.69
N GLU C 171 -31.10 66.32 22.39
CA GLU C 171 -30.45 66.26 23.68
C GLU C 171 -29.93 64.86 23.91
N VAL C 172 -28.83 64.76 24.63
CA VAL C 172 -28.15 63.49 24.87
C VAL C 172 -28.43 63.10 26.32
N ILE C 173 -29.15 61.99 26.49
CA ILE C 173 -29.50 61.46 27.80
C ILE C 173 -28.59 60.29 28.11
N PRO C 174 -27.73 60.36 29.11
CA PRO C 174 -26.86 59.23 29.42
C PRO C 174 -27.63 58.06 30.01
N LEU C 175 -27.00 56.90 29.99
CA LEU C 175 -27.58 55.67 30.51
C LEU C 175 -26.57 54.97 31.40
N ASP C 176 -26.89 54.87 32.69
CA ASP C 176 -25.96 54.30 33.65
C ASP C 176 -25.98 52.78 33.67
N ASN C 177 -27.14 52.17 33.42
CA ASN C 177 -27.26 50.72 33.56
C ASN C 177 -27.54 50.04 32.23
N ALA C 178 -28.67 50.32 31.60
CA ALA C 178 -29.03 49.61 30.38
C ALA C 178 -28.13 50.03 29.23
N SER C 179 -28.05 49.18 28.22
CA SER C 179 -27.31 49.49 27.02
C SER C 179 -28.12 50.45 26.17
N ALA C 180 -27.45 51.46 25.62
CA ALA C 180 -28.14 52.40 24.77
C ALA C 180 -28.64 51.76 23.48
N SER C 181 -28.04 50.66 23.04
CA SER C 181 -28.46 50.05 21.80
C SER C 181 -29.77 49.27 21.96
N GLU C 182 -30.01 48.67 23.11
CA GLU C 182 -31.33 48.07 23.37
C GLU C 182 -32.39 49.16 23.37
N ILE C 183 -32.25 50.12 24.28
CA ILE C 183 -33.25 51.18 24.43
C ILE C 183 -33.53 51.88 23.11
N ALA C 184 -32.57 51.89 22.20
CA ALA C 184 -32.82 52.46 20.88
C ALA C 184 -33.68 51.55 20.01
N ARG C 185 -33.64 50.23 20.22
CA ARG C 185 -34.56 49.37 19.50
C ARG C 185 -35.93 49.35 20.14
N VAL C 186 -35.98 49.28 21.47
CA VAL C 186 -37.26 49.24 22.16
C VAL C 186 -38.06 50.51 21.88
N LEU C 187 -37.48 51.67 22.22
CA LEU C 187 -38.22 52.92 22.06
C LEU C 187 -38.59 53.21 20.62
N GLU C 188 -37.90 52.59 19.66
CA GLU C 188 -38.27 52.75 18.26
C GLU C 188 -39.22 51.66 17.79
N SER C 189 -39.46 50.63 18.59
CA SER C 189 -40.48 49.66 18.24
C SER C 189 -41.87 50.16 18.60
N LEU C 190 -41.96 51.18 19.45
CA LEU C 190 -43.27 51.73 19.79
C LEU C 190 -43.78 52.64 18.68
N THR C 191 -42.89 53.21 17.89
CA THR C 191 -43.28 54.21 16.92
C THR C 191 -42.42 54.21 15.68
N GLN C 205 -37.72 60.30 16.68
CA GLN C 205 -36.38 59.92 16.25
C GLN C 205 -35.45 59.67 17.43
N ILE C 206 -34.85 58.48 17.46
CA ILE C 206 -33.93 58.08 18.51
C ILE C 206 -32.72 57.42 17.87
N VAL C 207 -31.54 57.92 18.21
CA VAL C 207 -30.28 57.33 17.78
C VAL C 207 -29.41 57.16 19.01
N ALA C 208 -28.76 56.00 19.12
CA ALA C 208 -27.96 55.67 20.28
C ALA C 208 -26.48 55.86 19.97
N ASP C 209 -25.76 56.44 20.92
CA ASP C 209 -24.32 56.62 20.82
C ASP C 209 -23.64 55.55 21.67
N GLU C 210 -22.77 54.77 21.04
CA GLU C 210 -22.17 53.62 21.72
C GLU C 210 -21.16 54.06 22.78
N ARG C 211 -20.24 54.93 22.40
CA ARG C 211 -19.07 55.22 23.23
C ARG C 211 -19.47 55.68 24.62
N THR C 212 -20.21 56.78 24.69
CA THR C 212 -20.60 57.34 25.98
C THR C 212 -21.80 56.62 26.58
N ASN C 213 -22.36 55.63 25.88
CA ASN C 213 -23.53 54.91 26.33
C ASN C 213 -24.66 55.88 26.62
N SER C 214 -25.13 56.54 25.56
CA SER C 214 -26.09 57.61 25.71
C SER C 214 -26.97 57.65 24.49
N VAL C 215 -28.22 58.06 24.69
CA VAL C 215 -29.24 58.05 23.65
C VAL C 215 -29.50 59.47 23.21
N ILE C 216 -29.36 59.73 21.92
CA ILE C 216 -29.72 61.01 21.33
C ILE C 216 -31.19 60.98 20.98
N VAL C 217 -31.92 62.02 21.40
CA VAL C 217 -33.36 62.11 21.19
C VAL C 217 -33.67 63.44 20.52
N SER C 218 -34.79 63.48 19.79
CA SER C 218 -35.19 64.68 19.08
C SER C 218 -36.70 64.83 19.07
N GLY C 219 -37.17 66.06 19.25
CA GLY C 219 -38.58 66.36 19.26
C GLY C 219 -38.86 67.63 20.04
N ASP C 220 -40.13 68.04 20.02
CA ASP C 220 -40.53 69.23 20.75
C ASP C 220 -40.46 68.99 22.26
N PRO C 221 -40.37 70.06 23.06
CA PRO C 221 -40.11 69.87 24.49
C PRO C 221 -41.17 69.08 25.24
N ALA C 222 -42.36 68.86 24.68
CA ALA C 222 -43.31 67.98 25.33
C ALA C 222 -42.99 66.51 25.05
N THR C 223 -42.63 66.18 23.82
CA THR C 223 -42.26 64.81 23.50
C THR C 223 -40.95 64.43 24.16
N ARG C 224 -40.00 65.37 24.21
CA ARG C 224 -38.76 65.08 24.92
C ARG C 224 -38.96 65.03 26.42
N ASP C 225 -40.16 65.31 26.92
CA ASP C 225 -40.47 65.01 28.31
C ASP C 225 -40.79 63.53 28.51
N LYS C 226 -41.63 62.96 27.65
CA LYS C 226 -42.09 61.59 27.87
C LYS C 226 -40.93 60.61 27.79
N MET C 227 -40.21 60.63 26.66
CA MET C 227 -39.07 59.75 26.53
C MET C 227 -38.02 59.98 27.61
N ARG C 228 -38.00 61.16 28.23
CA ARG C 228 -37.07 61.37 29.33
C ARG C 228 -37.59 60.71 30.62
N ARG C 229 -38.92 60.60 30.77
CA ARG C 229 -39.47 59.86 31.91
C ARG C 229 -39.46 58.36 31.66
N LEU C 230 -39.61 57.94 30.41
CA LEU C 230 -39.63 56.51 30.13
C LEU C 230 -38.24 55.92 30.13
N ILE C 231 -37.21 56.71 29.80
CA ILE C 231 -35.85 56.23 29.87
C ILE C 231 -35.35 56.15 31.31
N ARG C 232 -35.92 56.92 32.23
CA ARG C 232 -35.51 56.78 33.62
C ARG C 232 -35.96 55.45 34.23
N ARG C 233 -37.08 54.90 33.77
CA ARG C 233 -37.46 53.57 34.25
C ARG C 233 -36.69 52.46 33.57
N LEU C 234 -36.42 52.57 32.27
CA LEU C 234 -35.65 51.52 31.64
C LEU C 234 -34.18 51.53 32.06
N ASP C 235 -33.72 52.60 32.69
CA ASP C 235 -32.39 52.66 33.26
C ASP C 235 -32.39 52.26 34.74
N SER C 236 -33.55 52.02 35.33
CA SER C 236 -33.60 51.66 36.74
C SER C 236 -32.76 50.42 36.98
N GLU C 237 -32.07 50.37 38.12
CA GLU C 237 -31.15 49.28 38.38
C GLU C 237 -31.90 48.00 38.65
N MET C 238 -31.47 46.94 37.98
CA MET C 238 -31.94 45.58 38.22
C MET C 238 -31.52 45.15 39.62
N GLU C 239 -32.35 44.34 40.26
CA GLU C 239 -31.99 43.86 41.60
C GLU C 239 -31.32 42.50 41.43
N ARG C 240 -29.99 42.51 41.48
CA ARG C 240 -29.14 41.37 41.77
C ARG C 240 -29.36 40.19 40.82
N SER C 241 -30.50 40.16 40.13
CA SER C 241 -30.95 38.99 39.40
C SER C 241 -30.99 39.33 37.92
N GLY C 242 -30.00 38.82 37.19
CA GLY C 242 -29.98 38.95 35.75
C GLY C 242 -30.62 37.74 35.13
N ASN C 243 -30.35 37.56 33.85
CA ASN C 243 -30.73 36.28 33.29
C ASN C 243 -29.79 35.18 33.74
N SER C 244 -28.70 35.51 34.41
CA SER C 244 -27.72 34.53 34.86
C SER C 244 -27.71 34.45 36.37
N GLN C 245 -27.82 33.24 36.90
CA GLN C 245 -27.64 32.98 38.31
C GLN C 245 -26.62 31.89 38.48
N VAL C 246 -26.09 31.80 39.70
CA VAL C 246 -25.05 30.86 40.05
C VAL C 246 -25.59 29.99 41.17
N PHE C 247 -25.72 28.69 40.90
CA PHE C 247 -26.22 27.74 41.87
C PHE C 247 -25.06 26.93 42.41
N TYR C 248 -24.79 27.09 43.70
CA TYR C 248 -23.84 26.23 44.36
C TYR C 248 -24.52 24.93 44.72
N LEU C 249 -24.03 23.83 44.18
CA LEU C 249 -24.67 22.55 44.40
C LEU C 249 -24.24 21.98 45.72
N LYS C 250 -25.21 21.56 46.52
CA LYS C 250 -24.92 21.07 47.85
C LYS C 250 -24.42 19.64 47.83
N TYR C 251 -24.89 18.82 46.89
CA TYR C 251 -24.50 17.43 46.87
C TYR C 251 -24.03 17.02 45.49
N SER C 252 -24.88 17.18 44.49
CA SER C 252 -24.55 16.73 43.16
C SER C 252 -23.22 17.32 42.70
N LYS C 253 -22.52 16.56 41.86
CA LYS C 253 -21.33 17.08 41.22
C LYS C 253 -21.74 17.92 40.03
N ALA C 254 -21.30 19.19 40.04
CA ALA C 254 -21.88 20.19 39.16
C ALA C 254 -21.91 19.76 37.71
N GLU C 255 -20.92 19.00 37.26
CA GLU C 255 -20.84 18.66 35.86
C GLU C 255 -21.50 17.33 35.53
N ASP C 256 -22.16 16.71 36.50
CA ASP C 256 -23.08 15.64 36.15
C ASP C 256 -24.44 16.19 35.73
N LEU C 257 -24.95 17.17 36.48
CA LEU C 257 -26.21 17.80 36.13
C LEU C 257 -26.11 18.62 34.86
N VAL C 258 -24.91 18.88 34.34
CA VAL C 258 -24.83 19.85 33.28
C VAL C 258 -25.41 19.30 31.99
N ASP C 259 -25.28 17.99 31.78
CA ASP C 259 -25.89 17.39 30.60
C ASP C 259 -27.36 17.09 30.82
N VAL C 260 -27.71 16.60 32.00
CA VAL C 260 -29.11 16.41 32.36
C VAL C 260 -29.90 17.68 32.13
N LEU C 261 -29.30 18.83 32.39
CA LEU C 261 -29.97 20.10 32.21
C LEU C 261 -29.87 20.62 30.79
N LYS C 262 -29.00 20.09 29.95
CA LYS C 262 -28.96 20.61 28.59
C LYS C 262 -30.11 20.08 27.75
N GLN C 263 -30.57 18.87 28.02
CA GLN C 263 -31.75 18.36 27.34
C GLN C 263 -33.01 19.01 27.88
N VAL C 264 -33.17 19.02 29.19
CA VAL C 264 -34.30 19.69 29.83
C VAL C 264 -34.42 21.11 29.33
N SER C 265 -33.30 21.80 29.19
CA SER C 265 -33.34 23.17 28.71
C SER C 265 -33.47 23.23 27.20
N GLY C 266 -33.04 22.18 26.51
CA GLY C 266 -33.11 22.20 25.06
C GLY C 266 -34.53 22.31 24.54
N THR C 267 -35.40 21.40 24.98
CA THR C 267 -36.76 21.33 24.49
C THR C 267 -37.71 22.19 25.30
N LEU C 268 -37.20 22.95 26.25
CA LEU C 268 -38.01 23.90 27.00
C LEU C 268 -38.00 25.27 26.35
N THR C 269 -37.17 25.47 25.33
CA THR C 269 -37.19 26.66 24.52
C THR C 269 -38.43 26.71 23.64
N ILE C 285 -33.10 31.77 24.16
CA ILE C 285 -31.97 30.86 24.16
C ILE C 285 -31.55 30.61 25.60
N VAL C 286 -30.90 29.47 25.84
CA VAL C 286 -30.58 29.01 27.18
C VAL C 286 -29.20 28.39 27.17
N SER C 287 -28.39 28.73 28.16
CA SER C 287 -27.05 28.18 28.28
C SER C 287 -26.83 27.69 29.69
N ILE C 288 -26.21 26.52 29.81
CA ILE C 288 -25.84 25.94 31.09
C ILE C 288 -24.34 25.70 31.07
N ALA C 289 -23.65 26.19 32.08
CA ALA C 289 -22.22 25.98 32.18
C ALA C 289 -21.88 25.63 33.62
N ALA C 290 -20.85 24.82 33.80
CA ALA C 290 -20.47 24.32 35.10
C ALA C 290 -19.01 24.65 35.39
N SER C 291 -18.76 25.28 36.52
CA SER C 291 -17.42 25.59 36.95
C SER C 291 -16.90 24.41 37.75
N LYS C 292 -15.89 23.73 37.23
CA LYS C 292 -15.38 22.55 37.94
C LYS C 292 -14.77 22.94 39.28
N HIS C 293 -13.90 23.93 39.27
CA HIS C 293 -13.19 24.26 40.50
C HIS C 293 -14.16 24.68 41.59
N SER C 294 -15.21 25.40 41.25
CA SER C 294 -16.12 25.89 42.27
C SER C 294 -17.32 24.99 42.52
N ASN C 295 -17.50 23.94 41.72
CA ASN C 295 -18.65 23.04 41.84
C ASN C 295 -19.96 23.81 41.83
N ALA C 296 -20.13 24.62 40.80
CA ALA C 296 -21.34 25.41 40.68
C ALA C 296 -21.66 25.54 39.22
N LEU C 297 -22.94 25.50 38.89
CA LEU C 297 -23.37 25.66 37.52
C LEU C 297 -24.09 26.98 37.37
N ILE C 298 -24.01 27.54 36.18
CA ILE C 298 -24.41 28.90 35.91
C ILE C 298 -25.49 28.87 34.86
N VAL C 299 -26.70 29.20 35.25
CA VAL C 299 -27.86 29.09 34.39
C VAL C 299 -28.17 30.47 33.88
N THR C 300 -28.18 30.62 32.56
CA THR C 300 -28.61 31.87 31.94
C THR C 300 -29.82 31.57 31.05
N ALA C 301 -30.97 32.11 31.43
CA ALA C 301 -32.19 31.88 30.66
C ALA C 301 -33.17 32.99 30.98
N PRO C 302 -34.28 33.06 30.26
CA PRO C 302 -35.31 34.03 30.60
C PRO C 302 -35.95 33.72 31.93
N GLN C 303 -36.67 34.70 32.45
CA GLN C 303 -37.20 34.58 33.80
C GLN C 303 -38.13 33.39 33.95
N ASP C 304 -38.76 32.93 32.87
CA ASP C 304 -39.69 31.80 32.99
C ASP C 304 -38.95 30.48 33.03
N ILE C 305 -38.00 30.28 32.11
CA ILE C 305 -37.26 29.03 32.08
C ILE C 305 -36.45 28.87 33.36
N MET C 306 -35.94 29.98 33.89
CA MET C 306 -35.16 29.91 35.11
C MET C 306 -35.96 29.28 36.23
N GLN C 307 -37.16 29.80 36.48
CA GLN C 307 -37.95 29.29 37.59
C GLN C 307 -38.29 27.83 37.44
N SER C 308 -38.29 27.32 36.21
CA SER C 308 -38.38 25.88 36.01
C SER C 308 -37.10 25.19 36.44
N LEU C 309 -35.98 25.62 35.88
CA LEU C 309 -34.71 24.99 36.20
C LEU C 309 -34.28 25.19 37.64
N GLN C 310 -34.95 26.02 38.41
CA GLN C 310 -34.63 26.05 39.83
C GLN C 310 -35.35 24.96 40.59
N SER C 311 -36.51 24.52 40.14
CA SER C 311 -37.20 23.47 40.84
C SER C 311 -36.69 22.10 40.46
N VAL C 312 -36.04 21.98 39.31
CA VAL C 312 -35.36 20.75 38.96
C VAL C 312 -34.11 20.60 39.82
N ILE C 313 -33.22 21.58 39.75
CA ILE C 313 -31.98 21.52 40.52
C ILE C 313 -32.24 21.34 41.99
N GLU C 314 -33.32 21.92 42.50
CA GLU C 314 -33.65 21.72 43.89
C GLU C 314 -33.96 20.26 44.18
N GLN C 315 -34.53 19.54 43.22
CA GLN C 315 -34.93 18.16 43.41
C GLN C 315 -33.89 17.14 42.96
N LEU C 316 -32.86 17.56 42.25
CA LEU C 316 -31.77 16.66 41.89
C LEU C 316 -30.58 16.78 42.81
N ASP C 317 -30.64 17.67 43.78
CA ASP C 317 -29.52 17.96 44.64
C ASP C 317 -29.57 17.15 45.93
N ILE C 318 -30.45 16.16 46.02
CA ILE C 318 -30.70 15.44 47.27
C ILE C 318 -29.47 14.67 47.72
N ARG C 319 -29.49 14.29 49.00
CA ARG C 319 -28.41 13.57 49.64
C ARG C 319 -28.49 12.07 49.38
N ARG C 320 -27.35 11.46 49.08
CA ARG C 320 -27.28 10.07 48.67
C ARG C 320 -26.98 9.18 49.86
N ALA C 321 -27.55 7.99 49.85
CA ALA C 321 -27.32 7.00 50.90
C ALA C 321 -26.20 6.09 50.43
N GLN C 322 -25.40 5.61 51.36
CA GLN C 322 -24.33 4.69 51.03
C GLN C 322 -24.55 3.33 51.66
N VAL C 323 -24.01 2.32 51.02
CA VAL C 323 -24.34 0.93 51.27
C VAL C 323 -23.06 0.22 51.68
N HIS C 324 -23.15 -0.71 52.61
CA HIS C 324 -22.01 -1.53 52.98
C HIS C 324 -22.32 -2.97 52.63
N VAL C 325 -21.61 -3.51 51.66
CA VAL C 325 -21.91 -4.81 51.09
C VAL C 325 -20.88 -5.81 51.54
N GLU C 326 -21.27 -6.76 52.37
CA GLU C 326 -20.41 -7.86 52.78
C GLU C 326 -20.73 -9.09 51.97
N ALA C 327 -19.72 -9.83 51.58
CA ALA C 327 -19.90 -11.14 51.00
C ALA C 327 -19.40 -12.15 52.01
N LEU C 328 -19.91 -13.37 51.98
CA LEU C 328 -19.37 -14.42 52.81
C LEU C 328 -19.12 -15.64 51.96
N ILE C 329 -17.87 -16.01 51.80
CA ILE C 329 -17.61 -17.16 50.95
C ILE C 329 -17.21 -18.33 51.83
N VAL C 330 -18.07 -19.32 51.95
CA VAL C 330 -17.82 -20.44 52.82
C VAL C 330 -17.42 -21.62 51.95
N GLU C 331 -16.50 -22.44 52.43
CA GLU C 331 -16.20 -23.69 51.75
C GLU C 331 -15.83 -24.74 52.77
N VAL C 332 -16.44 -25.92 52.68
CA VAL C 332 -16.13 -27.01 53.58
C VAL C 332 -15.86 -28.23 52.72
N ALA C 333 -14.63 -28.68 52.66
CA ALA C 333 -14.29 -29.85 51.87
C ALA C 333 -13.89 -30.98 52.80
N GLU C 334 -14.23 -32.20 52.40
CA GLU C 334 -13.76 -33.34 53.17
C GLU C 334 -13.43 -34.55 52.33
N GLY C 335 -12.16 -34.94 52.26
CA GLY C 335 -11.74 -36.03 51.41
C GLY C 335 -11.60 -37.31 52.21
N SER C 336 -11.40 -38.42 51.50
CA SER C 336 -11.00 -39.68 52.11
C SER C 336 -10.50 -40.56 50.97
N ASN C 337 -9.71 -41.57 51.29
CA ASN C 337 -9.61 -42.75 50.45
C ASN C 337 -8.93 -43.85 51.24
N ILE C 338 -9.05 -45.06 50.81
CA ILE C 338 -8.41 -46.17 51.48
C ILE C 338 -7.97 -47.16 50.42
N ASN C 339 -6.83 -47.77 50.64
CA ASN C 339 -6.19 -48.60 49.64
C ASN C 339 -5.60 -49.82 50.33
N PHE C 340 -6.08 -51.02 50.00
CA PHE C 340 -5.55 -52.21 50.64
C PHE C 340 -5.41 -53.39 49.70
N GLY C 341 -4.22 -53.93 49.50
CA GLY C 341 -4.14 -55.13 48.67
C GLY C 341 -2.84 -55.87 48.78
N VAL C 342 -2.90 -57.15 48.53
CA VAL C 342 -1.81 -58.09 48.72
C VAL C 342 -1.17 -58.39 47.37
N GLN C 343 0.12 -58.63 47.37
CA GLN C 343 0.83 -58.97 46.15
C GLN C 343 1.84 -60.05 46.45
N TRP C 344 2.05 -60.93 45.48
CA TRP C 344 3.02 -62.00 45.63
C TRP C 344 4.05 -61.88 44.54
N ALA C 345 5.13 -62.61 44.72
CA ALA C 345 6.10 -62.79 43.67
C ALA C 345 6.85 -64.05 44.02
N SER C 346 7.62 -64.55 43.08
CA SER C 346 8.34 -65.78 43.33
C SER C 346 9.46 -65.92 42.32
N LYS C 347 10.00 -67.11 42.28
CA LYS C 347 11.00 -67.55 41.33
C LYS C 347 10.32 -67.66 39.97
N ASP C 348 10.90 -68.47 39.10
CA ASP C 348 10.30 -68.78 37.81
C ASP C 348 8.84 -69.23 37.89
N ALA C 349 8.36 -69.53 39.10
CA ALA C 349 7.03 -70.07 39.33
C ALA C 349 5.91 -69.04 39.49
N GLY C 350 6.15 -67.74 39.27
CA GLY C 350 5.00 -66.89 38.99
C GLY C 350 5.15 -65.49 39.56
N LEU C 351 4.05 -64.73 39.47
CA LEU C 351 3.86 -63.52 40.24
C LEU C 351 2.38 -63.18 40.29
N MET C 352 2.02 -62.26 41.16
CA MET C 352 0.70 -61.65 41.23
C MET C 352 0.90 -60.17 41.47
N GLN C 353 0.33 -59.34 40.62
CA GLN C 353 0.67 -57.94 40.63
C GLN C 353 -0.58 -57.13 40.34
N PHE C 354 -0.79 -56.05 41.09
CA PHE C 354 -1.97 -55.22 40.88
C PHE C 354 -1.57 -53.76 40.74
N ALA C 355 -2.17 -53.10 39.76
CA ALA C 355 -1.80 -51.74 39.36
C ALA C 355 -2.66 -50.67 40.00
N ASN C 356 -3.54 -51.03 40.93
CA ASN C 356 -4.33 -50.02 41.61
C ASN C 356 -3.41 -49.09 42.39
N GLY C 357 -3.91 -47.90 42.71
CA GLY C 357 -3.10 -46.94 43.43
C GLY C 357 -1.96 -46.42 42.57
N THR C 358 -0.89 -45.81 43.09
CA THR C 358 -0.52 -45.49 44.49
C THR C 358 -0.07 -46.74 45.25
N GLN C 359 -0.39 -47.90 44.73
CA GLN C 359 0.04 -49.16 45.32
C GLN C 359 1.17 -49.68 44.44
N ILE C 360 2.40 -49.59 44.92
CA ILE C 360 3.54 -49.79 44.02
C ILE C 360 3.66 -51.26 43.66
N PRO C 361 3.80 -51.60 42.39
CA PRO C 361 3.68 -52.99 41.96
C PRO C 361 4.92 -53.80 42.31
N ILE C 362 4.68 -55.07 42.61
CA ILE C 362 5.75 -55.92 43.11
C ILE C 362 6.69 -56.36 42.02
N GLY C 363 6.29 -56.31 40.77
CA GLY C 363 7.22 -56.63 39.72
C GLY C 363 8.28 -55.57 39.64
N THR C 364 7.89 -54.33 39.43
CA THR C 364 8.88 -53.28 39.27
C THR C 364 9.62 -52.99 40.56
N LEU C 365 9.14 -53.50 41.69
CA LEU C 365 9.94 -53.47 42.90
C LEU C 365 11.05 -54.51 42.85
N GLY C 366 10.67 -55.77 42.62
CA GLY C 366 11.64 -56.85 42.63
C GLY C 366 12.77 -56.66 41.66
N ALA C 367 12.58 -55.82 40.65
CA ALA C 367 13.71 -55.44 39.80
C ALA C 367 14.59 -54.42 40.50
N ALA C 368 13.98 -53.33 40.98
CA ALA C 368 14.76 -52.28 41.60
C ALA C 368 15.54 -52.77 42.80
N ILE C 369 15.10 -53.85 43.44
CA ILE C 369 15.92 -54.44 44.47
C ILE C 369 17.15 -55.10 43.87
N SER C 370 16.97 -55.80 42.75
CA SER C 370 18.09 -56.56 42.21
C SER C 370 19.07 -55.66 41.47
N GLN C 371 18.60 -54.61 40.82
CA GLN C 371 19.55 -53.63 40.28
C GLN C 371 20.28 -52.89 41.39
N ALA C 372 19.89 -53.06 42.63
CA ALA C 372 20.55 -52.42 43.76
C ALA C 372 21.56 -53.32 44.43
N LYS C 373 21.78 -54.51 43.93
CA LYS C 373 22.75 -55.33 44.61
C LYS C 373 24.16 -54.85 44.28
N PRO C 374 25.10 -55.03 45.18
CA PRO C 374 26.49 -54.66 44.88
C PRO C 374 27.07 -55.57 43.82
N GLN C 375 27.67 -54.98 42.81
CA GLN C 375 28.29 -55.74 41.73
C GLN C 375 29.78 -55.88 42.02
N LYS C 376 30.21 -57.11 42.28
CA LYS C 376 31.59 -57.32 42.66
C LYS C 376 32.46 -57.14 41.44
N GLY C 377 33.35 -56.17 41.50
CA GLY C 377 34.21 -55.87 40.38
C GLY C 377 35.59 -56.47 40.55
N SER C 378 36.29 -56.58 39.44
CA SER C 378 37.72 -56.83 39.40
C SER C 378 38.20 -56.31 38.06
N THR C 379 39.46 -55.93 38.00
CA THR C 379 40.02 -55.47 36.74
C THR C 379 41.43 -55.99 36.56
N VAL C 380 41.65 -56.71 35.46
CA VAL C 380 42.93 -57.31 35.13
C VAL C 380 43.01 -57.37 33.61
N ILE C 381 44.22 -57.15 33.08
CA ILE C 381 44.60 -57.26 31.67
C ILE C 381 43.47 -56.93 30.72
N ILE C 389 42.52 -55.81 41.76
CA ILE C 389 41.75 -55.13 42.78
C ILE C 389 40.62 -55.94 43.34
N ASN C 390 40.08 -55.47 44.45
CA ASN C 390 38.87 -56.04 45.03
C ASN C 390 37.98 -54.92 45.58
N PRO C 391 37.59 -53.98 44.72
CA PRO C 391 36.55 -53.02 45.12
C PRO C 391 35.20 -53.67 44.96
N ASP C 392 34.20 -53.04 45.55
CA ASP C 392 32.81 -53.37 45.28
C ASP C 392 32.09 -52.07 44.97
N THR C 393 31.60 -51.95 43.74
CA THR C 393 30.90 -50.74 43.32
C THR C 393 29.66 -50.49 44.15
N ASN C 394 29.24 -51.46 44.95
CA ASN C 394 28.01 -51.40 45.73
C ASN C 394 26.86 -51.15 44.76
N GLY C 395 25.85 -50.37 45.13
CA GLY C 395 24.67 -50.22 44.33
C GLY C 395 24.56 -48.88 43.66
N ASP C 396 23.48 -48.75 42.91
CA ASP C 396 22.92 -47.45 42.53
C ASP C 396 21.45 -47.49 42.88
N LEU C 397 21.06 -46.73 43.88
CA LEU C 397 19.71 -46.76 44.39
C LEU C 397 18.81 -45.77 43.69
N SER C 398 19.29 -45.13 42.64
CA SER C 398 18.44 -44.22 41.87
C SER C 398 17.13 -44.89 41.49
N THR C 399 17.17 -46.16 41.11
CA THR C 399 15.95 -46.81 40.67
C THR C 399 15.04 -47.11 41.85
N LEU C 400 15.59 -47.65 42.93
CA LEU C 400 14.74 -48.03 44.05
C LEU C 400 14.18 -46.82 44.76
N ALA C 401 14.99 -45.78 44.92
CA ALA C 401 14.49 -44.58 45.57
C ALA C 401 13.54 -43.78 44.69
N GLN C 402 13.38 -44.15 43.43
CA GLN C 402 12.37 -43.47 42.62
C GLN C 402 10.99 -44.03 42.86
N LEU C 403 10.87 -45.35 43.09
CA LEU C 403 9.60 -45.91 43.53
C LEU C 403 9.14 -45.23 44.80
N LEU C 404 9.99 -45.24 45.80
CA LEU C 404 9.64 -44.76 47.13
C LEU C 404 9.48 -43.25 47.18
N SER C 405 9.72 -42.54 46.08
CA SER C 405 9.69 -41.09 46.12
C SER C 405 8.34 -40.57 46.61
N GLY C 406 7.27 -40.94 45.92
CA GLY C 406 5.95 -40.50 46.29
C GLY C 406 5.13 -41.49 47.09
N PHE C 407 5.68 -42.67 47.36
CA PHE C 407 4.95 -43.70 48.06
C PHE C 407 4.56 -43.24 49.46
N SER C 408 3.40 -43.70 49.91
CA SER C 408 2.88 -43.32 51.21
C SER C 408 2.12 -44.50 51.79
N GLY C 409 2.29 -44.75 53.07
CA GLY C 409 1.57 -45.81 53.75
C GLY C 409 2.35 -47.10 53.81
N THR C 410 1.80 -48.03 54.57
CA THR C 410 2.46 -49.30 54.85
C THR C 410 2.88 -50.02 53.58
N ALA C 411 4.04 -50.66 53.64
CA ALA C 411 4.33 -51.83 52.83
C ALA C 411 5.02 -52.83 53.74
N VAL C 412 4.37 -53.93 54.03
CA VAL C 412 4.95 -54.98 54.84
C VAL C 412 5.30 -56.11 53.90
N GLY C 413 6.38 -56.82 54.19
CA GLY C 413 6.80 -57.82 53.24
C GLY C 413 7.43 -59.01 53.90
N VAL C 414 7.66 -60.02 53.07
CA VAL C 414 8.57 -61.11 53.37
C VAL C 414 9.44 -61.22 52.14
N VAL C 415 10.70 -60.83 52.23
CA VAL C 415 11.60 -61.06 51.12
C VAL C 415 12.64 -62.05 51.60
N LYS C 416 12.48 -63.31 51.20
CA LYS C 416 13.43 -64.36 51.52
C LYS C 416 13.44 -65.34 50.36
N GLY C 417 14.62 -65.66 49.85
CA GLY C 417 14.69 -66.55 48.69
C GLY C 417 13.99 -66.01 47.47
N ASP C 418 14.01 -64.68 47.29
CA ASP C 418 13.53 -63.98 46.10
C ASP C 418 12.01 -64.06 45.93
N TRP C 419 11.34 -64.96 46.64
CA TRP C 419 9.90 -64.94 46.67
C TRP C 419 9.47 -64.00 47.76
N MET C 420 8.38 -63.29 47.53
CA MET C 420 7.97 -62.27 48.48
C MET C 420 6.47 -62.11 48.47
N ALA C 421 5.95 -61.61 49.58
CA ALA C 421 4.54 -61.27 49.71
C ALA C 421 4.47 -59.90 50.35
N LEU C 422 3.91 -58.94 49.64
CA LEU C 422 4.04 -57.53 50.01
C LEU C 422 2.65 -56.95 50.23
N VAL C 423 2.30 -56.66 51.47
CA VAL C 423 0.94 -56.27 51.84
C VAL C 423 0.91 -54.77 52.05
N GLN C 424 0.29 -54.03 51.15
CA GLN C 424 0.30 -52.58 51.24
C GLN C 424 -1.06 -52.08 51.66
N ALA C 425 -1.08 -51.08 52.53
CA ALA C 425 -2.34 -50.49 52.96
C ALA C 425 -2.12 -49.05 53.41
N VAL C 426 -3.11 -48.19 53.26
CA VAL C 426 -3.04 -46.81 53.69
C VAL C 426 -4.45 -46.31 53.84
N LYS C 427 -4.65 -45.26 54.61
CA LYS C 427 -5.89 -44.54 54.62
C LYS C 427 -5.63 -43.06 54.69
N ASN C 428 -5.85 -42.35 53.59
CA ASN C 428 -5.65 -40.93 53.57
C ASN C 428 -6.96 -40.26 53.91
N ASP C 429 -6.89 -39.26 54.76
CA ASP C 429 -8.08 -38.56 55.16
C ASP C 429 -7.77 -37.10 55.31
N SER C 430 -8.44 -36.22 54.59
CA SER C 430 -8.17 -34.80 54.72
C SER C 430 -9.43 -34.10 55.18
N SER C 431 -9.33 -32.80 55.30
CA SER C 431 -10.43 -31.93 55.63
C SER C 431 -10.04 -30.53 55.25
N SER C 432 -11.00 -29.64 55.20
CA SER C 432 -10.71 -28.24 55.04
C SER C 432 -11.88 -27.42 55.53
N ASN C 433 -11.60 -26.19 55.87
CA ASN C 433 -12.65 -25.28 56.25
C ASN C 433 -12.17 -23.89 55.90
N VAL C 434 -12.96 -23.07 55.26
CA VAL C 434 -12.51 -21.77 54.83
C VAL C 434 -13.65 -20.80 54.98
N LEU C 435 -13.39 -19.62 55.50
CA LEU C 435 -14.41 -18.60 55.53
C LEU C 435 -13.76 -17.28 55.19
N SER C 436 -14.10 -16.68 54.07
CA SER C 436 -13.52 -15.39 53.75
C SER C 436 -14.65 -14.43 53.43
N THR C 437 -14.49 -13.21 53.85
CA THR C 437 -15.57 -12.25 53.81
C THR C 437 -15.17 -10.85 53.42
N PRO C 438 -14.92 -10.60 52.14
CA PRO C 438 -14.57 -9.25 51.69
C PRO C 438 -15.77 -8.34 51.76
N SER C 439 -15.52 -7.05 51.95
CA SER C 439 -16.61 -6.10 52.05
C SER C 439 -16.15 -4.74 51.56
N ILE C 440 -17.07 -4.00 50.96
CA ILE C 440 -16.76 -2.72 50.34
C ILE C 440 -17.87 -1.76 50.71
N THR C 441 -17.58 -0.47 50.63
CA THR C 441 -18.55 0.57 50.94
C THR C 441 -18.62 1.56 49.81
N THR C 442 -19.80 1.79 49.27
CA THR C 442 -19.97 2.64 48.11
C THR C 442 -21.08 3.63 48.40
N LEU C 443 -21.16 4.65 47.58
CA LEU C 443 -22.42 5.35 47.50
C LEU C 443 -23.41 4.55 46.68
N ASP C 444 -24.68 4.86 46.87
CA ASP C 444 -25.71 4.36 46.00
C ASP C 444 -25.38 4.63 44.54
N ASN C 445 -25.74 3.70 43.66
CA ASN C 445 -25.67 3.82 42.22
C ASN C 445 -24.27 3.93 41.67
N GLN C 446 -23.25 3.96 42.51
CA GLN C 446 -21.85 4.03 42.08
C GLN C 446 -21.25 2.64 42.22
N GLU C 447 -20.38 2.25 41.30
CA GLU C 447 -19.82 0.91 41.39
C GLU C 447 -18.49 0.90 42.10
N ALA C 448 -18.31 -0.10 42.93
CA ALA C 448 -17.11 -0.28 43.73
C ALA C 448 -16.39 -1.52 43.26
N PHE C 449 -15.10 -1.54 43.46
CA PHE C 449 -14.25 -2.63 43.04
C PHE C 449 -13.31 -2.92 44.18
N PHE C 450 -13.15 -4.17 44.55
CA PHE C 450 -12.29 -4.51 45.65
C PHE C 450 -11.51 -5.76 45.30
N MET C 451 -10.20 -5.68 45.22
CA MET C 451 -9.39 -6.84 44.89
C MET C 451 -8.35 -7.04 45.95
N VAL C 452 -8.22 -8.25 46.46
CA VAL C 452 -7.09 -8.65 47.28
C VAL C 452 -6.53 -9.88 46.63
N GLY C 453 -5.34 -9.80 46.08
CA GLY C 453 -4.90 -10.84 45.19
C GLY C 453 -3.50 -10.57 44.75
N GLN C 454 -3.14 -11.12 43.61
CA GLN C 454 -1.86 -10.81 43.02
C GLN C 454 -2.01 -10.74 41.52
N ASP C 455 -1.07 -10.09 40.89
CA ASP C 455 -1.16 -9.73 39.49
C ASP C 455 -0.10 -10.47 38.71
N VAL C 456 -0.52 -11.44 37.89
CA VAL C 456 0.38 -12.47 37.37
C VAL C 456 0.36 -12.45 35.85
N PRO C 457 1.49 -12.65 35.18
CA PRO C 457 1.52 -12.59 33.71
C PRO C 457 1.00 -13.84 33.02
N VAL C 458 0.29 -13.63 31.92
CA VAL C 458 -0.22 -14.72 31.11
C VAL C 458 0.38 -14.59 29.72
N LEU C 459 0.60 -15.72 29.06
CA LEU C 459 1.71 -15.85 28.12
C LEU C 459 1.85 -14.72 27.13
N THR C 460 0.80 -14.24 26.47
CA THR C 460 -0.28 -14.99 25.91
C THR C 460 -0.31 -14.44 24.48
N GLY C 461 0.09 -15.27 23.52
CA GLY C 461 0.38 -14.81 22.18
C GLY C 461 1.79 -15.15 21.77
N THR C 474 3.78 -12.62 24.27
CA THR C 474 3.30 -11.25 24.24
C THR C 474 2.86 -10.79 25.64
N VAL C 475 2.80 -11.74 26.57
CA VAL C 475 2.75 -11.49 28.00
C VAL C 475 1.80 -10.38 28.40
N GLU C 476 0.51 -10.63 28.35
CA GLU C 476 -0.43 -9.78 29.02
C GLU C 476 -0.44 -10.06 30.53
N ARG C 477 -1.00 -9.12 31.29
CA ARG C 477 -0.88 -9.03 32.74
C ARG C 477 -2.24 -9.22 33.38
N LYS C 478 -2.43 -10.33 34.10
CA LYS C 478 -3.74 -10.75 34.58
C LYS C 478 -3.80 -10.76 36.10
N LYS C 479 -4.96 -10.40 36.65
CA LYS C 479 -5.15 -10.27 38.08
C LYS C 479 -5.95 -11.42 38.64
N VAL C 480 -5.42 -12.09 39.65
CA VAL C 480 -6.09 -13.21 40.29
C VAL C 480 -6.19 -12.91 41.78
N GLY C 481 -7.29 -13.31 42.38
CA GLY C 481 -7.46 -13.27 43.80
C GLY C 481 -8.89 -12.96 44.11
N ILE C 482 -9.20 -12.75 45.38
CA ILE C 482 -10.55 -12.36 45.73
C ILE C 482 -10.90 -11.05 45.06
N MET C 483 -12.00 -11.02 44.35
CA MET C 483 -12.43 -9.83 43.65
C MET C 483 -13.91 -9.69 43.86
N LEU C 484 -14.36 -8.49 44.16
CA LEU C 484 -15.76 -8.24 44.37
C LEU C 484 -16.06 -6.93 43.71
N LYS C 485 -17.01 -6.90 42.80
CA LYS C 485 -17.37 -5.67 42.11
C LYS C 485 -18.87 -5.54 42.13
N VAL C 486 -19.38 -4.55 42.81
CA VAL C 486 -20.80 -4.46 43.10
C VAL C 486 -21.25 -3.04 42.86
N THR C 487 -22.50 -2.87 42.47
CA THR C 487 -23.06 -1.54 42.18
C THR C 487 -24.51 -1.39 42.63
N PRO C 488 -24.72 -1.05 43.90
CA PRO C 488 -26.05 -1.14 44.49
C PRO C 488 -26.96 0.01 44.08
N GLN C 489 -28.27 -0.21 44.22
CA GLN C 489 -29.21 0.90 44.19
C GLN C 489 -30.34 0.63 45.16
N ILE C 490 -30.66 1.60 46.00
CA ILE C 490 -31.66 1.37 47.04
C ILE C 490 -33.05 1.54 46.44
N ASN C 491 -33.89 0.52 46.61
CA ASN C 491 -35.18 0.45 45.95
C ASN C 491 -36.32 0.98 46.79
N GLU C 492 -36.04 1.62 47.91
CA GLU C 492 -37.04 2.47 48.53
C GLU C 492 -38.12 1.63 49.22
N GLY C 493 -38.19 0.35 48.87
CA GLY C 493 -38.77 -0.52 49.86
C GLY C 493 -37.80 -0.87 50.96
N ASN C 494 -36.66 -0.16 50.99
CA ASN C 494 -35.52 -0.46 51.84
C ASN C 494 -34.89 -1.81 51.46
N ALA C 495 -34.60 -1.97 50.17
CA ALA C 495 -34.08 -3.21 49.61
C ALA C 495 -33.06 -2.89 48.54
N VAL C 496 -31.91 -3.55 48.59
CA VAL C 496 -30.73 -2.97 47.96
C VAL C 496 -30.48 -3.31 46.48
N GLN C 497 -30.89 -4.45 45.94
CA GLN C 497 -30.69 -4.62 44.49
C GLN C 497 -29.24 -4.52 44.00
N MET C 498 -28.43 -5.54 44.23
CA MET C 498 -27.04 -5.55 43.80
C MET C 498 -26.91 -5.86 42.33
N VAL C 499 -25.79 -5.48 41.76
CA VAL C 499 -25.30 -6.05 40.52
C VAL C 499 -23.87 -6.46 40.78
N ILE C 500 -23.60 -7.74 40.83
CA ILE C 500 -22.44 -8.23 41.56
C ILE C 500 -21.64 -9.18 40.70
N GLU C 501 -20.32 -9.11 40.82
CA GLU C 501 -19.43 -10.11 40.27
C GLU C 501 -18.47 -10.53 41.36
N GLN C 502 -18.64 -11.72 41.88
CA GLN C 502 -17.72 -12.29 42.82
C GLN C 502 -16.71 -13.12 42.05
N GLU C 503 -15.49 -13.16 42.53
CA GLU C 503 -14.54 -14.06 41.91
C GLU C 503 -13.48 -14.45 42.91
N VAL C 504 -13.05 -15.71 42.88
CA VAL C 504 -11.98 -16.16 43.76
C VAL C 504 -11.05 -17.01 42.93
N SER C 505 -9.84 -16.52 42.71
CA SER C 505 -8.89 -17.19 41.84
C SER C 505 -7.62 -17.49 42.62
N LYS C 506 -6.81 -18.37 42.06
CA LYS C 506 -5.45 -18.53 42.55
C LYS C 506 -4.65 -19.23 41.48
N VAL C 507 -3.34 -19.09 41.56
CA VAL C 507 -2.47 -19.79 40.64
C VAL C 507 -2.30 -21.22 41.13
N GLU C 508 -2.73 -22.18 40.33
CA GLU C 508 -2.49 -23.57 40.61
C GLU C 508 -1.64 -24.13 39.48
N GLY C 509 -0.98 -25.25 39.74
CA GLY C 509 0.24 -25.48 38.99
C GLY C 509 0.14 -25.65 37.49
N GLN C 510 0.80 -24.73 36.80
CA GLN C 510 1.34 -24.85 35.45
C GLN C 510 0.46 -25.51 34.39
N THR C 511 1.14 -26.06 33.40
CA THR C 511 0.66 -26.80 32.24
C THR C 511 1.91 -26.88 31.39
N SER C 512 1.85 -27.49 30.22
CA SER C 512 3.01 -27.40 29.34
C SER C 512 3.49 -25.96 29.19
N LEU C 513 2.67 -25.11 28.59
CA LEU C 513 3.12 -23.81 28.11
C LEU C 513 2.78 -22.61 28.99
N ASP C 514 2.10 -22.79 30.12
CA ASP C 514 1.71 -21.65 30.95
C ASP C 514 1.25 -22.08 32.33
N VAL C 515 0.67 -21.11 33.06
CA VAL C 515 0.02 -21.32 34.35
C VAL C 515 -1.47 -21.52 34.14
N VAL C 516 -2.03 -22.45 34.86
CA VAL C 516 -3.46 -22.62 34.96
C VAL C 516 -3.90 -21.94 36.24
N PHE C 517 -5.06 -21.30 36.24
CA PHE C 517 -5.56 -20.65 37.43
C PHE C 517 -6.79 -21.38 37.92
N GLY C 518 -6.79 -21.75 39.18
CA GLY C 518 -8.05 -22.16 39.76
C GLY C 518 -8.94 -20.94 39.76
N GLU C 519 -10.18 -21.07 39.36
CA GLU C 519 -11.04 -19.90 39.29
C GLU C 519 -12.47 -20.31 39.57
N ARG C 520 -13.14 -19.57 40.44
CA ARG C 520 -14.56 -19.76 40.62
C ARG C 520 -15.22 -18.42 40.74
N LYS C 521 -16.13 -18.11 39.82
CA LYS C 521 -16.74 -16.80 39.84
C LYS C 521 -18.20 -16.91 39.52
N LEU C 522 -18.96 -15.95 39.98
CA LEU C 522 -20.36 -15.90 39.65
C LEU C 522 -20.78 -14.46 39.50
N LYS C 523 -21.45 -14.13 38.42
CA LYS C 523 -21.93 -12.77 38.24
C LYS C 523 -23.41 -12.80 37.94
N THR C 524 -24.18 -12.22 38.83
CA THR C 524 -25.61 -12.35 38.87
C THR C 524 -26.18 -10.98 39.17
N THR C 525 -27.48 -10.92 39.44
CA THR C 525 -28.11 -9.73 39.97
C THR C 525 -29.11 -10.15 41.00
N VAL C 526 -28.99 -9.67 42.22
CA VAL C 526 -29.82 -10.15 43.30
C VAL C 526 -30.53 -8.96 43.90
N LEU C 527 -31.55 -9.25 44.68
CA LEU C 527 -32.34 -8.23 45.32
C LEU C 527 -32.44 -8.61 46.79
N ALA C 528 -31.82 -7.83 47.66
CA ALA C 528 -31.68 -8.20 49.05
C ALA C 528 -32.28 -7.14 49.94
N ASN C 529 -32.90 -7.55 51.03
CA ASN C 529 -33.42 -6.59 51.98
C ASN C 529 -32.29 -5.88 52.70
N ASP C 530 -32.63 -4.80 53.37
CA ASP C 530 -31.65 -3.91 53.96
C ASP C 530 -30.64 -4.65 54.81
N GLY C 531 -31.09 -5.39 55.80
CA GLY C 531 -30.14 -5.95 56.72
C GLY C 531 -29.97 -7.45 56.63
N GLU C 532 -30.44 -8.05 55.55
CA GLU C 532 -30.63 -9.48 55.53
C GLU C 532 -29.84 -10.12 54.41
N LEU C 533 -29.76 -11.44 54.49
CA LEU C 533 -28.70 -12.24 53.90
C LEU C 533 -29.30 -13.08 52.79
N ILE C 534 -28.87 -12.86 51.56
CA ILE C 534 -29.37 -13.64 50.44
C ILE C 534 -28.24 -14.47 49.89
N VAL C 535 -28.55 -15.67 49.40
CA VAL C 535 -27.55 -16.58 48.87
C VAL C 535 -27.38 -16.35 47.38
N LEU C 536 -26.14 -16.09 46.96
CA LEU C 536 -25.90 -15.88 45.55
C LEU C 536 -25.75 -17.17 44.78
N GLY C 537 -25.06 -18.14 45.33
CA GLY C 537 -24.59 -19.23 44.51
C GLY C 537 -24.22 -20.38 45.39
N GLY C 538 -23.53 -21.34 44.80
CA GLY C 538 -23.18 -22.49 45.60
C GLY C 538 -22.84 -23.66 44.73
N LEU C 539 -22.34 -24.70 45.37
CA LEU C 539 -22.03 -25.94 44.72
C LEU C 539 -22.07 -26.99 45.80
N MET C 540 -22.44 -28.20 45.44
CA MET C 540 -22.35 -29.31 46.37
C MET C 540 -21.86 -30.46 45.54
N ASP C 541 -20.75 -31.07 45.89
CA ASP C 541 -20.14 -32.01 44.97
C ASP C 541 -19.70 -33.24 45.72
N ASP C 542 -20.25 -34.39 45.39
CA ASP C 542 -19.89 -35.64 46.04
C ASP C 542 -19.29 -36.59 45.02
N GLN C 543 -18.53 -37.55 45.50
CA GLN C 543 -18.06 -38.63 44.67
C GLN C 543 -17.88 -39.83 45.55
N ALA C 544 -18.11 -41.01 45.02
CA ALA C 544 -17.64 -42.20 45.68
C ALA C 544 -17.07 -43.12 44.61
N GLY C 545 -15.80 -43.25 44.57
CA GLY C 545 -15.21 -44.16 43.63
C GLY C 545 -15.11 -45.53 44.21
N GLU C 546 -14.68 -46.46 43.39
CA GLU C 546 -14.22 -47.75 43.88
C GLU C 546 -13.44 -48.40 42.76
N SER C 547 -12.70 -49.42 43.11
CA SER C 547 -11.99 -50.22 42.14
C SER C 547 -11.74 -51.56 42.80
N VAL C 548 -11.39 -52.54 42.00
CA VAL C 548 -10.97 -53.80 42.59
C VAL C 548 -10.17 -54.49 41.51
N ALA C 549 -9.42 -55.50 41.89
CA ALA C 549 -8.80 -56.39 40.95
C ALA C 549 -8.69 -57.71 41.66
N LYS C 550 -8.75 -58.80 40.94
CA LYS C 550 -8.61 -60.08 41.60
C LYS C 550 -8.25 -61.14 40.58
N VAL C 551 -8.24 -62.38 41.01
CA VAL C 551 -7.66 -63.45 40.21
C VAL C 551 -8.35 -63.94 38.93
N PRO C 552 -9.68 -64.03 38.85
CA PRO C 552 -10.99 -63.92 39.47
C PRO C 552 -11.51 -64.97 40.40
N LEU C 553 -11.26 -66.24 40.16
CA LEU C 553 -12.13 -67.22 40.79
C LEU C 553 -11.85 -67.32 42.29
N LEU C 554 -10.61 -67.08 42.70
CA LEU C 554 -10.21 -67.18 44.09
C LEU C 554 -10.55 -65.94 44.89
N GLY C 555 -10.76 -64.81 44.25
CA GLY C 555 -11.10 -63.63 45.00
C GLY C 555 -12.46 -63.64 45.64
N ASP C 556 -13.26 -64.66 45.39
CA ASP C 556 -14.61 -64.70 45.90
C ASP C 556 -14.78 -65.54 47.16
N ILE C 557 -13.76 -66.23 47.61
CA ILE C 557 -13.94 -66.97 48.86
C ILE C 557 -14.19 -65.99 49.99
N PRO C 558 -15.18 -66.22 50.87
CA PRO C 558 -15.57 -65.18 51.82
C PRO C 558 -14.53 -64.89 52.90
N LEU C 559 -13.59 -65.80 53.14
CA LEU C 559 -12.54 -65.56 54.13
C LEU C 559 -11.21 -65.20 53.48
N ILE C 560 -10.63 -66.11 52.72
CA ILE C 560 -9.27 -65.98 52.24
C ILE C 560 -9.28 -65.24 50.92
N GLY C 561 -10.45 -64.76 50.51
CA GLY C 561 -10.50 -63.96 49.30
C GLY C 561 -9.54 -62.79 49.34
N ASN C 562 -9.47 -62.11 50.49
CA ASN C 562 -8.72 -60.87 50.57
C ASN C 562 -7.25 -61.03 50.28
N LEU C 563 -6.74 -62.25 50.26
CA LEU C 563 -5.34 -62.40 49.91
C LEU C 563 -5.10 -62.14 48.44
N PHE C 564 -6.13 -62.34 47.61
CA PHE C 564 -5.98 -62.25 46.17
C PHE C 564 -6.50 -60.96 45.54
N LYS C 565 -6.95 -60.00 46.33
CA LYS C 565 -7.61 -58.80 45.83
C LYS C 565 -6.75 -57.58 46.04
N SER C 566 -7.01 -56.55 45.27
CA SER C 566 -6.46 -55.23 45.54
C SER C 566 -7.56 -54.21 45.36
N THR C 567 -7.89 -53.49 46.40
CA THR C 567 -9.04 -52.60 46.40
C THR C 567 -8.58 -51.17 46.57
N ALA C 568 -9.32 -50.23 45.98
CA ALA C 568 -9.09 -48.82 46.24
C ALA C 568 -10.43 -48.12 46.33
N ASP C 569 -10.69 -47.43 47.42
CA ASP C 569 -11.94 -46.72 47.58
C ASP C 569 -11.68 -45.24 47.65
N LYS C 570 -12.71 -44.46 47.43
CA LYS C 570 -12.53 -43.03 47.48
C LYS C 570 -13.85 -42.43 47.84
N LYS C 571 -13.81 -41.32 48.55
CA LYS C 571 -14.99 -40.58 48.91
C LYS C 571 -14.58 -39.14 48.99
N GLU C 572 -15.44 -38.24 48.58
CA GLU C 572 -15.01 -36.87 48.49
C GLU C 572 -16.23 -35.99 48.60
N LYS C 573 -16.04 -34.79 49.09
CA LYS C 573 -17.20 -33.94 49.25
C LYS C 573 -16.74 -32.50 49.26
N ARG C 574 -17.60 -31.61 48.83
CA ARG C 574 -17.25 -30.21 48.80
C ARG C 574 -18.54 -29.40 48.89
N ASN C 575 -18.45 -28.24 49.50
CA ASN C 575 -19.61 -27.38 49.55
C ASN C 575 -19.12 -25.96 49.42
N LEU C 576 -19.63 -25.22 48.46
CA LEU C 576 -19.45 -23.78 48.47
C LEU C 576 -20.78 -23.12 48.77
N MET C 577 -20.67 -21.93 49.30
CA MET C 577 -21.81 -21.04 49.33
C MET C 577 -21.23 -19.65 49.23
N VAL C 578 -21.99 -18.75 48.66
CA VAL C 578 -21.64 -17.34 48.68
C VAL C 578 -22.89 -16.62 49.14
N PHE C 579 -22.76 -15.80 50.14
CA PHE C 579 -23.89 -15.07 50.67
C PHE C 579 -23.59 -13.60 50.49
N ILE C 580 -24.59 -12.76 50.64
CA ILE C 580 -24.28 -11.35 50.62
C ILE C 580 -25.24 -10.65 51.55
N ARG C 581 -24.73 -9.76 52.35
CA ARG C 581 -25.54 -8.96 53.26
C ARG C 581 -25.36 -7.48 52.98
N PRO C 582 -26.35 -6.80 52.43
CA PRO C 582 -26.26 -5.34 52.32
C PRO C 582 -26.56 -4.68 53.65
N THR C 583 -26.19 -3.41 53.73
CA THR C 583 -26.56 -2.57 54.86
C THR C 583 -26.63 -1.16 54.33
N ILE C 584 -27.61 -0.40 54.78
CA ILE C 584 -27.84 0.94 54.27
C ILE C 584 -27.45 1.94 55.33
N LEU C 585 -26.57 2.84 54.98
CA LEU C 585 -26.11 3.89 55.88
C LEU C 585 -26.72 5.19 55.36
N ARG C 586 -27.74 5.69 56.05
CA ARG C 586 -28.46 6.87 55.59
C ARG C 586 -28.01 8.13 56.32
N ASP C 587 -28.17 8.14 57.64
CA ASP C 587 -27.77 9.27 58.43
C ASP C 587 -26.26 9.45 58.34
N GLY C 588 -25.81 10.68 58.63
CA GLY C 588 -24.42 10.85 58.94
C GLY C 588 -23.99 10.03 60.14
N MET C 589 -24.94 9.74 61.04
CA MET C 589 -24.66 8.91 62.20
C MET C 589 -24.69 7.42 61.88
N ALA C 590 -25.33 7.03 60.78
CA ALA C 590 -25.36 5.62 60.41
C ALA C 590 -24.01 5.15 59.88
N ALA C 591 -23.28 6.03 59.20
CA ALA C 591 -21.96 5.67 58.69
C ALA C 591 -20.96 5.45 59.81
N ASP C 592 -21.17 6.10 60.95
CA ASP C 592 -20.28 6.00 62.08
C ASP C 592 -20.68 4.90 63.04
N GLY C 593 -21.83 4.26 62.82
CA GLY C 593 -22.20 3.12 63.62
C GLY C 593 -21.55 1.85 63.15
N VAL C 594 -21.52 1.65 61.83
CA VAL C 594 -20.85 0.48 61.27
C VAL C 594 -19.35 0.66 61.31
N SER C 595 -18.87 1.81 60.84
CA SER C 595 -17.44 1.97 60.76
C SER C 595 -16.79 2.18 62.11
N GLN C 596 -17.55 2.47 63.15
CA GLN C 596 -16.94 2.53 64.46
C GLN C 596 -16.83 1.17 65.10
N ARG C 597 -17.72 0.25 64.81
CA ARG C 597 -17.59 -1.05 65.44
C ARG C 597 -16.57 -1.93 64.75
N LYS C 598 -16.34 -1.74 63.46
CA LYS C 598 -15.23 -2.45 62.84
C LYS C 598 -13.89 -1.87 63.25
N TYR C 599 -13.85 -0.59 63.60
CA TYR C 599 -12.62 -0.02 64.11
C TYR C 599 -12.30 -0.62 65.47
N ASN C 600 -13.22 -0.53 66.41
CA ASN C 600 -12.99 -1.11 67.70
C ASN C 600 -12.83 -2.62 67.66
N TYR C 601 -13.14 -3.25 66.55
CA TYR C 601 -12.84 -4.67 66.42
C TYR C 601 -11.39 -4.89 66.03
N MET C 602 -10.87 -4.09 65.10
CA MET C 602 -9.46 -4.22 64.76
C MET C 602 -8.58 -3.72 65.87
N ARG C 603 -9.03 -2.73 66.62
CA ARG C 603 -8.18 -2.22 67.67
C ARG C 603 -8.15 -3.18 68.85
N ALA C 604 -9.09 -4.10 68.93
CA ALA C 604 -9.00 -5.12 69.95
C ALA C 604 -8.25 -6.35 69.50
N GLU C 605 -7.98 -6.47 68.20
CA GLU C 605 -7.02 -7.46 67.74
C GLU C 605 -5.61 -7.01 68.03
N GLN C 606 -5.33 -5.74 67.81
CA GLN C 606 -3.99 -5.22 67.99
C GLN C 606 -3.63 -4.99 69.43
N ILE C 607 -4.60 -4.95 70.32
CA ILE C 607 -4.28 -4.93 71.74
C ILE C 607 -3.98 -6.32 72.24
N TYR C 608 -4.77 -7.30 71.83
CA TYR C 608 -4.50 -8.66 72.26
C TYR C 608 -3.23 -9.19 71.62
N ARG C 609 -2.91 -8.74 70.42
CA ARG C 609 -1.60 -9.03 69.84
C ARG C 609 -0.50 -8.35 70.63
N ASP C 610 -0.81 -7.21 71.23
CA ASP C 610 0.17 -6.46 72.00
C ASP C 610 0.31 -7.01 73.43
N GLU C 611 -0.80 -7.40 74.05
CA GLU C 611 -0.73 -7.91 75.42
C GLU C 611 0.23 -9.08 75.53
N GLN C 612 0.25 -9.94 74.52
CA GLN C 612 1.27 -10.98 74.45
C GLN C 612 2.33 -10.47 73.48
N GLY C 613 3.44 -10.03 74.01
CA GLY C 613 4.31 -9.17 73.26
C GLY C 613 5.15 -9.92 72.27
N LEU C 614 6.04 -9.18 71.64
CA LEU C 614 7.17 -9.80 70.99
C LEU C 614 8.00 -10.46 72.07
N SER C 615 8.24 -11.75 71.93
CA SER C 615 8.72 -12.53 73.07
C SER C 615 10.19 -12.28 73.35
N LEU C 616 11.01 -12.15 72.31
CA LEU C 616 12.42 -11.92 72.54
C LEU C 616 12.68 -10.50 73.00
N MET C 617 12.13 -9.52 72.30
CA MET C 617 12.29 -8.15 72.76
C MET C 617 11.07 -7.73 73.57
N PRO C 618 11.18 -7.62 74.90
CA PRO C 618 10.19 -6.81 75.59
C PRO C 618 10.75 -5.40 75.75
N HIS C 619 9.96 -4.46 76.24
CA HIS C 619 8.52 -4.56 76.18
C HIS C 619 8.14 -4.17 74.76
N THR C 620 8.70 -3.05 74.32
CA THR C 620 8.79 -2.68 72.91
C THR C 620 7.42 -2.64 72.24
N ALA C 621 6.65 -1.61 72.62
CA ALA C 621 5.70 -0.98 71.71
C ALA C 621 4.76 -1.95 71.02
N GLN C 622 4.92 -2.04 69.70
CA GLN C 622 4.14 -2.72 68.67
C GLN C 622 2.98 -1.83 68.28
N PRO C 623 2.59 -1.79 67.01
CA PRO C 623 1.60 -0.79 66.59
C PRO C 623 0.23 -1.15 67.12
N VAL C 624 -0.45 -0.15 67.67
CA VAL C 624 -1.85 -0.28 68.02
C VAL C 624 -2.53 0.96 67.48
N LEU C 625 -3.73 0.83 67.25
CA LEU C 625 -4.47 1.81 66.48
C LEU C 625 -5.08 2.82 67.45
N PRO C 626 -5.00 4.12 67.16
CA PRO C 626 -5.34 5.12 68.17
C PRO C 626 -6.75 4.94 68.70
N ALA C 627 -6.95 5.31 69.96
CA ALA C 627 -8.27 5.18 70.55
C ALA C 627 -9.21 6.23 69.98
N GLN C 628 -10.50 6.00 70.16
CA GLN C 628 -11.53 6.99 69.86
C GLN C 628 -12.05 7.58 71.14
N ASN C 629 -12.28 8.89 71.14
CA ASN C 629 -12.66 9.63 72.33
C ASN C 629 -11.61 9.49 73.42
N GLN C 630 -10.36 9.78 73.07
CA GLN C 630 -9.29 9.79 74.06
C GLN C 630 -9.56 10.75 75.20
N ALA C 631 -10.40 11.74 74.99
CA ALA C 631 -10.64 12.87 75.91
C ALA C 631 -9.29 13.55 76.14
N LEU C 632 -9.02 13.97 77.34
CA LEU C 632 -7.88 14.83 77.63
C LEU C 632 -6.75 14.05 78.27
N PRO C 633 -5.52 14.22 77.80
CA PRO C 633 -4.39 13.61 78.49
C PRO C 633 -4.33 14.08 79.91
N PRO C 634 -3.68 13.32 80.80
CA PRO C 634 -3.72 13.67 82.24
C PRO C 634 -3.12 15.01 82.54
N GLU C 635 -2.04 15.40 81.86
CA GLU C 635 -1.44 16.69 82.18
C GLU C 635 -2.22 17.84 81.57
N VAL C 636 -2.83 17.62 80.41
CA VAL C 636 -3.72 18.64 79.84
C VAL C 636 -4.92 18.84 80.75
N ARG C 637 -5.31 17.79 81.47
CA ARG C 637 -6.42 17.88 82.41
C ARG C 637 -6.20 18.97 83.44
N ALA C 638 -5.00 19.00 84.02
CA ALA C 638 -4.70 19.96 85.09
C ALA C 638 -4.70 21.40 84.59
N PHE C 639 -4.21 21.65 83.38
CA PHE C 639 -4.14 23.01 82.86
C PHE C 639 -5.49 23.69 82.86
N LEU C 640 -6.58 22.92 82.71
CA LEU C 640 -7.92 23.49 82.83
C LEU C 640 -8.18 23.93 84.27
N ASN C 641 -7.76 23.12 85.24
CA ASN C 641 -8.09 23.38 86.63
C ASN C 641 -7.33 24.56 87.21
N ALA C 642 -6.39 25.14 86.47
CA ALA C 642 -5.73 26.36 86.93
C ALA C 642 -6.39 27.56 86.29
N GLY C 643 -6.16 27.76 84.99
CA GLY C 643 -6.68 28.91 84.29
C GLY C 643 -8.19 28.91 84.15
N GLY D 100 -36.24 105.95 -9.50
CA GLY D 100 -37.61 106.41 -9.65
C GLY D 100 -38.26 105.87 -10.90
N ASP D 101 -38.62 106.78 -11.81
CA ASP D 101 -39.17 106.43 -13.11
C ASP D 101 -38.12 106.37 -14.21
N GLU D 102 -36.84 106.56 -13.86
CA GLU D 102 -35.79 106.60 -14.86
C GLU D 102 -35.62 105.23 -15.50
N MET D 103 -35.68 105.18 -16.83
CA MET D 103 -35.50 103.94 -17.58
C MET D 103 -34.01 103.67 -17.74
N VAL D 104 -33.53 102.55 -17.18
CA VAL D 104 -32.14 102.14 -17.27
C VAL D 104 -32.06 100.61 -17.31
N THR D 105 -30.88 100.10 -17.62
CA THR D 105 -30.55 98.69 -17.46
C THR D 105 -29.58 98.54 -16.29
N LYS D 106 -29.65 97.39 -15.61
CA LYS D 106 -28.78 97.13 -14.46
C LYS D 106 -28.35 95.67 -14.47
N VAL D 107 -27.20 95.42 -13.85
CA VAL D 107 -26.58 94.10 -13.77
C VAL D 107 -26.71 93.60 -12.34
N VAL D 108 -27.37 92.46 -12.17
CA VAL D 108 -27.44 91.80 -10.88
C VAL D 108 -26.85 90.40 -10.97
N PRO D 109 -25.67 90.16 -10.39
CA PRO D 109 -25.19 88.77 -10.26
C PRO D 109 -25.96 88.04 -9.17
N VAL D 110 -26.40 86.84 -9.48
CA VAL D 110 -27.08 85.98 -8.50
C VAL D 110 -26.15 84.83 -8.21
N ARG D 111 -25.56 84.83 -7.01
CA ARG D 111 -24.47 83.90 -6.68
C ARG D 111 -25.02 82.60 -6.10
N ASN D 112 -25.50 82.66 -4.85
CA ASN D 112 -25.92 81.44 -4.15
C ASN D 112 -27.27 80.92 -4.64
N VAL D 113 -28.14 81.80 -5.11
CA VAL D 113 -29.54 81.48 -5.40
C VAL D 113 -29.64 80.94 -6.82
N SER D 114 -30.50 79.94 -7.02
CA SER D 114 -30.84 79.54 -8.37
C SER D 114 -31.66 80.67 -9.00
N VAL D 115 -31.20 81.16 -10.15
CA VAL D 115 -31.79 82.34 -10.77
C VAL D 115 -33.26 82.12 -11.10
N ARG D 116 -33.66 80.89 -11.38
CA ARG D 116 -35.06 80.63 -11.66
C ARG D 116 -35.88 80.41 -10.39
N GLU D 117 -35.23 80.22 -9.24
CA GLU D 117 -35.98 80.27 -7.98
C GLU D 117 -36.65 81.62 -7.82
N LEU D 118 -36.07 82.65 -8.40
CA LEU D 118 -36.56 84.02 -8.28
C LEU D 118 -37.52 84.39 -9.39
N ALA D 119 -37.92 83.43 -10.21
CA ALA D 119 -38.94 83.69 -11.22
C ALA D 119 -40.20 84.32 -10.64
N PRO D 120 -40.81 83.81 -9.56
CA PRO D 120 -42.07 84.43 -9.09
C PRO D 120 -41.93 85.87 -8.63
N ILE D 121 -40.97 86.15 -7.76
CA ILE D 121 -41.01 87.40 -7.01
C ILE D 121 -40.51 88.57 -7.86
N LEU D 122 -39.60 88.31 -8.79
CA LEU D 122 -39.09 89.38 -9.62
C LEU D 122 -40.09 89.75 -10.71
N ARG D 123 -40.74 88.73 -11.28
CA ARG D 123 -41.74 88.98 -12.32
C ARG D 123 -43.07 89.43 -11.73
N GLN D 124 -43.40 88.95 -10.53
CA GLN D 124 -44.61 89.43 -9.87
C GLN D 124 -44.50 90.90 -9.50
N MET D 125 -43.28 91.43 -9.44
CA MET D 125 -43.12 92.87 -9.26
C MET D 125 -43.57 93.63 -10.49
N ILE D 126 -43.37 93.04 -11.68
CA ILE D 126 -43.79 93.64 -12.94
C ILE D 126 -45.30 93.83 -12.96
N ASP D 127 -46.02 92.97 -12.25
CA ASP D 127 -47.45 93.17 -12.04
C ASP D 127 -47.70 94.52 -11.38
N SER D 128 -47.01 94.79 -10.27
CA SER D 128 -47.13 96.07 -9.57
C SER D 128 -46.32 97.16 -10.24
N ALA D 129 -45.11 96.84 -10.73
CA ALA D 129 -44.27 97.85 -11.35
C ALA D 129 -44.84 98.33 -12.67
N GLY D 130 -45.56 97.47 -13.40
CA GLY D 130 -46.06 97.83 -14.70
C GLY D 130 -45.05 97.62 -15.81
N SER D 131 -45.04 98.53 -16.78
CA SER D 131 -44.21 98.39 -17.96
C SER D 131 -42.80 98.93 -17.70
N GLY D 132 -41.95 98.81 -18.72
CA GLY D 132 -40.62 99.35 -18.69
C GLY D 132 -39.58 98.48 -18.01
N ASN D 133 -39.98 97.56 -17.17
CA ASN D 133 -39.05 96.74 -16.40
C ASN D 133 -39.03 95.32 -16.92
N VAL D 134 -37.83 94.77 -17.05
CA VAL D 134 -37.62 93.42 -17.57
C VAL D 134 -36.67 92.69 -16.64
N VAL D 135 -36.98 91.44 -16.35
CA VAL D 135 -36.16 90.59 -15.51
C VAL D 135 -35.72 89.38 -16.34
N ASN D 136 -34.42 89.11 -16.34
CA ASN D 136 -33.81 88.11 -17.20
C ASN D 136 -33.17 87.03 -16.34
N TYR D 137 -33.45 85.77 -16.66
CA TYR D 137 -32.99 84.63 -15.87
C TYR D 137 -32.02 83.82 -16.72
N ASP D 138 -30.73 83.89 -16.41
CA ASP D 138 -29.76 83.16 -17.21
C ASP D 138 -29.16 82.01 -16.41
N PRO D 139 -29.25 80.78 -16.91
CA PRO D 139 -28.66 79.64 -16.17
C PRO D 139 -27.17 79.77 -15.90
N SER D 140 -26.47 80.69 -16.57
CA SER D 140 -25.12 81.07 -16.17
C SER D 140 -25.12 81.80 -14.84
N ASN D 141 -26.30 81.95 -14.24
CA ASN D 141 -26.49 82.36 -12.85
C ASN D 141 -26.18 83.84 -12.62
N VAL D 142 -26.75 84.68 -13.48
CA VAL D 142 -27.03 86.07 -13.12
C VAL D 142 -28.47 86.37 -13.53
N ILE D 143 -28.97 87.49 -13.05
CA ILE D 143 -30.30 87.97 -13.40
C ILE D 143 -30.20 89.41 -13.85
N MET D 144 -30.53 89.65 -15.13
CA MET D 144 -30.38 90.97 -15.75
C MET D 144 -31.67 91.75 -15.58
N LEU D 145 -31.58 92.88 -14.89
CA LEU D 145 -32.72 93.75 -14.62
C LEU D 145 -32.60 94.99 -15.49
N THR D 146 -33.56 95.19 -16.38
CA THR D 146 -33.60 96.35 -17.25
C THR D 146 -34.94 97.03 -17.05
N GLY D 147 -34.91 98.26 -16.52
CA GLY D 147 -36.15 98.98 -16.31
C GLY D 147 -35.95 100.20 -15.43
N ARG D 148 -37.04 100.60 -14.79
CA ARG D 148 -37.05 101.83 -14.02
C ARG D 148 -36.22 101.67 -12.74
N ALA D 149 -35.24 102.56 -12.55
CA ALA D 149 -34.17 102.38 -11.59
C ALA D 149 -34.66 102.23 -10.15
N SER D 150 -35.92 102.56 -9.86
CA SER D 150 -36.41 102.33 -8.50
C SER D 150 -36.83 100.88 -8.30
N VAL D 151 -37.52 100.30 -9.28
CA VAL D 151 -38.02 98.93 -9.10
C VAL D 151 -36.89 97.92 -9.22
N VAL D 152 -35.93 98.17 -10.12
CA VAL D 152 -34.74 97.33 -10.15
C VAL D 152 -33.99 97.45 -8.84
N GLU D 153 -33.99 98.65 -8.25
CA GLU D 153 -33.29 98.88 -6.99
C GLU D 153 -33.68 97.85 -5.95
N ARG D 154 -34.98 97.65 -5.76
CA ARG D 154 -35.46 96.67 -4.78
C ARG D 154 -34.99 95.27 -5.16
N LEU D 155 -34.97 94.94 -6.44
CA LEU D 155 -34.59 93.59 -6.81
C LEU D 155 -33.09 93.39 -6.87
N THR D 156 -32.31 94.48 -6.79
CA THR D 156 -30.95 94.39 -6.29
C THR D 156 -30.95 94.29 -4.77
N GLU D 157 -31.91 94.96 -4.12
CA GLU D 157 -32.08 94.85 -2.68
C GLU D 157 -32.57 93.46 -2.30
N VAL D 158 -33.71 93.03 -2.85
CA VAL D 158 -34.32 91.78 -2.44
C VAL D 158 -33.35 90.63 -2.61
N ILE D 159 -32.89 90.41 -3.83
CA ILE D 159 -32.11 89.21 -4.13
C ILE D 159 -30.85 89.16 -3.27
N GLN D 160 -30.05 90.21 -3.33
CA GLN D 160 -28.79 90.21 -2.61
C GLN D 160 -28.97 90.29 -1.09
N ARG D 161 -30.19 90.57 -0.63
CA ARG D 161 -30.59 90.26 0.74
C ARG D 161 -31.06 88.81 0.85
N VAL D 162 -31.85 88.33 -0.11
CA VAL D 162 -32.27 86.93 -0.10
C VAL D 162 -31.07 86.02 -0.36
N ASP D 163 -30.16 86.44 -1.23
CA ASP D 163 -28.95 85.67 -1.48
C ASP D 163 -28.12 85.50 -0.22
N HIS D 164 -28.34 86.37 0.77
CA HIS D 164 -27.76 86.17 2.09
C HIS D 164 -28.44 85.04 2.84
N ALA D 165 -29.76 84.90 2.66
CA ALA D 165 -30.53 83.97 3.48
C ALA D 165 -30.07 82.53 3.31
N GLY D 166 -29.78 82.13 2.07
CA GLY D 166 -29.40 80.75 1.83
C GLY D 166 -27.91 80.51 1.94
N ASN D 167 -27.20 81.39 2.65
CA ASN D 167 -25.75 81.33 2.68
C ASN D 167 -25.28 80.06 3.37
N ARG D 168 -24.41 79.31 2.67
CA ARG D 168 -23.98 77.99 3.12
C ARG D 168 -22.45 77.96 3.16
N THR D 169 -21.89 77.86 4.36
CA THR D 169 -20.45 77.85 4.56
C THR D 169 -20.09 76.60 5.36
N GLU D 170 -18.85 76.15 5.21
CA GLU D 170 -18.41 74.90 5.80
C GLU D 170 -17.29 75.14 6.80
N GLU D 171 -17.19 74.26 7.77
CA GLU D 171 -16.21 74.42 8.84
C GLU D 171 -15.79 73.06 9.35
N VAL D 172 -14.55 72.97 9.79
CA VAL D 172 -13.95 71.73 10.24
C VAL D 172 -13.85 71.78 11.75
N ILE D 173 -14.60 70.90 12.42
CA ILE D 173 -14.63 70.82 13.88
C ILE D 173 -13.79 69.62 14.30
N PRO D 174 -12.68 69.82 14.99
CA PRO D 174 -11.87 68.68 15.42
C PRO D 174 -12.56 67.87 16.51
N LEU D 175 -12.08 66.64 16.69
CA LEU D 175 -12.61 65.72 17.69
C LEU D 175 -11.47 65.12 18.49
N ASP D 176 -11.43 65.44 19.78
CA ASP D 176 -10.32 64.99 20.61
C ASP D 176 -10.50 63.56 21.11
N ASN D 177 -11.72 63.11 21.34
CA ASN D 177 -11.95 61.81 21.93
C ASN D 177 -12.64 60.85 20.98
N ALA D 178 -13.87 61.14 20.57
CA ALA D 178 -14.60 60.20 19.75
C ALA D 178 -14.03 60.14 18.35
N SER D 179 -14.31 59.04 17.66
CA SER D 179 -13.90 58.89 16.28
C SER D 179 -14.81 59.70 15.39
N ALA D 180 -14.23 60.39 14.41
CA ALA D 180 -15.05 61.18 13.51
C ALA D 180 -15.93 60.31 12.64
N SER D 181 -15.58 59.05 12.43
CA SER D 181 -16.40 58.21 11.56
C SER D 181 -17.67 57.75 12.25
N GLU D 182 -17.64 57.52 13.56
CA GLU D 182 -18.88 57.26 14.29
C GLU D 182 -19.81 58.46 14.22
N ILE D 183 -19.33 59.60 14.71
CA ILE D 183 -20.13 60.82 14.77
C ILE D 183 -20.70 61.17 13.41
N ALA D 184 -20.03 60.78 12.33
CA ALA D 184 -20.58 61.00 11.01
C ALA D 184 -21.73 60.06 10.68
N ARG D 185 -21.76 58.86 11.27
CA ARG D 185 -22.92 58.00 11.08
C ARG D 185 -24.06 58.40 12.00
N VAL D 186 -23.75 58.70 13.25
CA VAL D 186 -24.79 59.07 14.20
C VAL D 186 -25.50 60.33 13.75
N LEU D 187 -24.75 61.41 13.58
CA LEU D 187 -25.37 62.69 13.23
C LEU D 187 -26.09 62.64 11.89
N GLU D 188 -25.77 61.68 11.03
CA GLU D 188 -26.49 61.52 9.78
C GLU D 188 -27.63 60.52 9.90
N SER D 189 -27.73 59.80 11.01
CA SER D 189 -28.90 58.97 11.22
C SER D 189 -30.08 59.78 11.72
N LEU D 190 -29.84 60.99 12.22
CA LEU D 190 -30.94 61.83 12.67
C LEU D 190 -31.65 62.47 11.50
N THR D 191 -30.96 62.66 10.39
CA THR D 191 -31.51 63.41 9.27
C THR D 191 -31.03 62.93 7.92
N GLN D 205 -25.66 68.15 5.89
CA GLN D 205 -24.54 67.45 5.29
C GLN D 205 -23.35 67.36 6.23
N ILE D 206 -22.89 66.14 6.49
CA ILE D 206 -21.76 65.88 7.36
C ILE D 206 -20.84 64.87 6.70
N VAL D 207 -19.57 65.23 6.57
CA VAL D 207 -18.54 64.34 6.07
C VAL D 207 -17.37 64.36 7.05
N ALA D 208 -16.84 63.19 7.34
CA ALA D 208 -15.78 63.04 8.33
C ALA D 208 -14.44 62.89 7.64
N ASP D 209 -13.43 63.56 8.18
CA ASP D 209 -12.06 63.45 7.69
C ASP D 209 -11.28 62.56 8.63
N GLU D 210 -10.70 61.50 8.09
CA GLU D 210 -10.06 60.49 8.93
C GLU D 210 -8.76 61.01 9.53
N ARG D 211 -7.89 61.58 8.70
CA ARG D 211 -6.51 61.87 9.11
C ARG D 211 -6.47 62.75 10.34
N THR D 212 -7.06 63.94 10.25
CA THR D 212 -7.03 64.88 11.35
C THR D 212 -8.08 64.57 12.41
N ASN D 213 -8.89 63.53 12.19
CA ASN D 213 -9.96 63.18 13.11
C ASN D 213 -10.87 64.37 13.34
N SER D 214 -11.54 64.79 12.28
CA SER D 214 -12.31 66.02 12.32
C SER D 214 -13.50 65.87 11.38
N VAL D 215 -14.59 66.53 11.74
CA VAL D 215 -15.85 66.42 11.02
C VAL D 215 -16.08 67.70 10.24
N ILE D 216 -16.28 67.57 8.94
CA ILE D 216 -16.67 68.69 8.09
C ILE D 216 -18.17 68.82 8.13
N VAL D 217 -18.65 70.04 8.36
CA VAL D 217 -20.08 70.31 8.49
C VAL D 217 -20.43 71.45 7.53
N SER D 218 -21.70 71.49 7.10
CA SER D 218 -22.16 72.50 6.17
C SER D 218 -23.59 72.92 6.47
N GLY D 219 -23.86 74.21 6.38
CA GLY D 219 -25.19 74.75 6.63
C GLY D 219 -25.12 76.20 7.03
N ASP D 220 -26.31 76.79 7.19
CA ASP D 220 -26.38 78.19 7.59
C ASP D 220 -25.91 78.35 9.04
N PRO D 221 -25.51 79.57 9.42
CA PRO D 221 -24.89 79.74 10.75
C PRO D 221 -25.77 79.37 11.92
N ALA D 222 -27.08 79.22 11.75
CA ALA D 222 -27.89 78.71 12.85
C ALA D 222 -27.81 77.20 12.97
N THR D 223 -27.83 76.49 11.84
CA THR D 223 -27.70 75.04 11.88
C THR D 223 -26.29 74.64 12.29
N ARG D 224 -25.29 75.37 11.84
CA ARG D 224 -23.94 75.07 12.29
C ARG D 224 -23.71 75.46 13.74
N ASP D 225 -24.70 76.07 14.39
CA ASP D 225 -24.65 76.22 15.83
C ASP D 225 -25.03 74.92 16.55
N LYS D 226 -26.12 74.30 16.12
CA LYS D 226 -26.64 73.15 16.86
C LYS D 226 -25.66 71.99 16.80
N MET D 227 -25.27 71.58 15.59
CA MET D 227 -24.29 70.51 15.47
C MET D 227 -22.98 70.83 16.15
N ARG D 228 -22.67 72.12 16.35
CA ARG D 228 -21.47 72.45 17.10
C ARG D 228 -21.67 72.27 18.60
N ARG D 229 -22.90 72.43 19.09
CA ARG D 229 -23.19 72.13 20.48
C ARG D 229 -23.39 70.64 20.72
N LEU D 230 -23.93 69.92 19.74
CA LEU D 230 -24.16 68.51 19.91
C LEU D 230 -22.88 67.70 19.77
N ILE D 231 -21.93 68.19 18.97
CA ILE D 231 -20.64 67.53 18.86
C ILE D 231 -19.76 67.74 20.09
N ARG D 232 -19.99 68.81 20.85
CA ARG D 232 -19.23 68.98 22.08
C ARG D 232 -19.63 67.96 23.15
N ARG D 233 -20.87 67.51 23.16
CA ARG D 233 -21.24 66.45 24.11
C ARG D 233 -20.78 65.08 23.63
N LEU D 234 -20.88 64.79 22.34
CA LEU D 234 -20.41 63.49 21.88
C LEU D 234 -18.90 63.37 21.93
N ASP D 235 -18.18 64.47 22.07
CA ASP D 235 -16.74 64.44 22.28
C ASP D 235 -16.37 64.47 23.75
N SER D 236 -17.35 64.60 24.65
CA SER D 236 -17.03 64.64 26.07
C SER D 236 -16.28 63.38 26.46
N GLU D 237 -15.33 63.53 27.38
CA GLU D 237 -14.47 62.40 27.74
C GLU D 237 -15.24 61.38 28.55
N MET D 238 -15.12 60.12 28.15
CA MET D 238 -15.63 59.00 28.90
C MET D 238 -14.89 58.88 30.23
N GLU D 239 -15.59 58.43 31.26
CA GLU D 239 -14.92 58.27 32.55
C GLU D 239 -14.45 56.83 32.66
N ARG D 240 -13.16 56.62 32.38
CA ARG D 240 -12.38 55.46 32.80
C ARG D 240 -12.97 54.14 32.34
N SER D 241 -14.26 54.13 31.97
CA SER D 241 -14.99 52.89 31.76
C SER D 241 -15.41 52.81 30.30
N GLY D 242 -14.72 51.98 29.55
CA GLY D 242 -15.08 51.71 28.17
C GLY D 242 -15.98 50.51 28.12
N ASN D 243 -16.09 49.93 26.93
CA ASN D 243 -16.72 48.64 26.89
C ASN D 243 -15.81 47.55 27.43
N SER D 244 -14.56 47.86 27.69
CA SER D 244 -13.58 46.89 28.18
C SER D 244 -13.17 47.22 29.59
N GLN D 245 -13.25 46.24 30.48
CA GLN D 245 -12.71 46.34 31.81
C GLN D 245 -11.79 45.17 32.06
N VAL D 246 -10.96 45.31 33.09
CA VAL D 246 -9.95 44.34 33.45
C VAL D 246 -10.24 43.91 34.88
N PHE D 247 -10.57 42.63 35.05
CA PHE D 247 -10.88 42.08 36.36
C PHE D 247 -9.70 41.26 36.84
N TYR D 248 -9.07 41.70 37.91
CA TYR D 248 -8.06 40.90 38.56
C TYR D 248 -8.75 39.88 39.45
N LEU D 249 -8.52 38.61 39.17
CA LEU D 249 -9.20 37.56 39.90
C LEU D 249 -8.48 37.31 41.21
N LYS D 250 -9.23 37.30 42.30
CA LYS D 250 -8.63 37.13 43.60
C LYS D 250 -8.30 35.69 43.90
N TYR D 251 -9.09 34.75 43.41
CA TYR D 251 -8.84 33.36 43.71
C TYR D 251 -8.82 32.51 42.46
N SER D 252 -9.89 32.54 41.69
CA SER D 252 -9.98 31.70 40.50
C SER D 252 -8.78 31.90 39.60
N LYS D 253 -8.43 30.85 38.89
CA LYS D 253 -7.41 30.95 37.85
C LYS D 253 -8.04 31.52 36.60
N ALA D 254 -7.51 32.63 36.12
CA ALA D 254 -8.20 33.44 35.13
C ALA D 254 -8.68 32.65 33.93
N GLU D 255 -7.93 31.65 33.52
CA GLU D 255 -8.26 30.92 32.31
C GLU D 255 -9.10 29.69 32.57
N ASP D 256 -9.54 29.48 33.81
CA ASP D 256 -10.61 28.53 34.03
C ASP D 256 -11.97 29.17 33.80
N LEU D 257 -12.17 30.39 34.31
CA LEU D 257 -13.41 31.12 34.08
C LEU D 257 -13.59 31.53 32.63
N VAL D 258 -12.56 31.43 31.80
CA VAL D 258 -12.68 32.06 30.50
C VAL D 258 -13.64 31.28 29.62
N ASP D 259 -13.70 29.96 29.79
CA ASP D 259 -14.67 29.18 29.02
C ASP D 259 -16.05 29.22 29.67
N VAL D 260 -16.10 29.13 30.99
CA VAL D 260 -17.35 29.29 31.71
C VAL D 260 -18.05 30.57 31.29
N LEU D 261 -17.29 31.61 31.05
CA LEU D 261 -17.86 32.88 30.64
C LEU D 261 -18.11 32.99 29.16
N LYS D 262 -17.55 32.10 28.34
CA LYS D 262 -17.85 32.23 26.91
C LYS D 262 -19.23 31.70 26.58
N GLN D 263 -19.71 30.69 27.31
CA GLN D 263 -21.08 30.24 27.10
C GLN D 263 -22.07 31.22 27.69
N VAL D 264 -21.86 31.60 28.95
CA VAL D 264 -22.71 32.61 29.59
C VAL D 264 -22.81 33.86 28.73
N SER D 265 -21.71 34.27 28.13
CA SER D 265 -21.74 35.44 27.28
C SER D 265 -22.29 35.12 25.89
N GLY D 266 -22.17 33.86 25.47
CA GLY D 266 -22.63 33.51 24.14
C GLY D 266 -24.12 33.71 23.96
N THR D 267 -24.91 33.12 24.85
CA THR D 267 -26.36 33.15 24.75
C THR D 267 -26.97 34.35 25.45
N LEU D 268 -26.14 35.23 25.98
CA LEU D 268 -26.62 36.47 26.58
C LEU D 268 -26.65 37.60 25.55
N THR D 269 -26.12 37.37 24.36
CA THR D 269 -26.24 38.30 23.25
C THR D 269 -27.68 38.31 22.71
N ILE D 285 -21.95 42.32 20.39
CA ILE D 285 -20.96 41.26 20.41
C ILE D 285 -20.17 41.34 21.72
N VAL D 286 -19.60 40.23 22.13
CA VAL D 286 -18.97 40.09 23.44
C VAL D 286 -17.71 39.26 23.29
N SER D 287 -16.62 39.71 23.90
CA SER D 287 -15.37 38.99 23.88
C SER D 287 -14.81 38.86 25.28
N ILE D 288 -14.32 37.68 25.60
CA ILE D 288 -13.66 37.41 26.87
C ILE D 288 -12.26 36.91 26.56
N ALA D 289 -11.27 37.53 27.19
CA ALA D 289 -9.89 37.11 27.02
C ALA D 289 -9.20 37.11 28.37
N ALA D 290 -8.25 36.21 28.54
CA ALA D 290 -7.56 36.03 29.81
C ALA D 290 -6.07 36.16 29.62
N SER D 291 -5.46 37.03 30.42
CA SER D 291 -4.01 37.20 30.40
C SER D 291 -3.41 36.20 31.39
N LYS D 292 -2.65 35.24 30.87
CA LYS D 292 -2.09 34.23 31.76
C LYS D 292 -1.11 34.85 32.74
N HIS D 293 -0.17 35.63 32.23
CA HIS D 293 0.87 36.16 33.09
C HIS D 293 0.29 37.01 34.21
N SER D 294 -0.74 37.79 33.91
CA SER D 294 -1.28 38.68 34.92
C SER D 294 -2.45 38.10 35.70
N ASN D 295 -2.95 36.92 35.33
CA ASN D 295 -4.09 36.31 35.99
C ASN D 295 -5.27 37.26 36.05
N ALA D 296 -5.65 37.79 34.89
CA ALA D 296 -6.77 38.70 34.84
C ALA D 296 -7.46 38.49 33.52
N LEU D 297 -8.77 38.58 33.52
CA LEU D 297 -9.56 38.45 32.31
C LEU D 297 -10.15 39.78 31.94
N ILE D 298 -10.35 39.97 30.65
CA ILE D 298 -10.67 41.26 30.08
C ILE D 298 -11.99 41.14 29.36
N VAL D 299 -13.02 41.76 29.92
CA VAL D 299 -14.36 41.62 29.43
C VAL D 299 -14.68 42.85 28.61
N THR D 300 -15.04 42.65 27.35
CA THR D 300 -15.50 43.73 26.49
C THR D 300 -16.93 43.42 26.05
N ALA D 301 -17.88 44.23 26.51
CA ALA D 301 -19.27 44.01 26.16
C ALA D 301 -20.01 45.32 26.34
N PRO D 302 -21.26 45.39 25.91
CA PRO D 302 -22.07 46.58 26.17
C PRO D 302 -22.34 46.76 27.64
N GLN D 303 -22.79 47.96 28.00
CA GLN D 303 -22.95 48.29 29.41
C GLN D 303 -23.91 47.37 30.13
N ASP D 304 -24.85 46.75 29.42
CA ASP D 304 -25.80 45.87 30.09
C ASP D 304 -25.22 44.49 30.35
N ILE D 305 -24.59 43.90 29.35
CA ILE D 305 -24.01 42.58 29.53
C ILE D 305 -22.90 42.63 30.55
N MET D 306 -22.15 43.74 30.58
CA MET D 306 -21.08 43.86 31.55
C MET D 306 -21.60 43.71 32.96
N GLN D 307 -22.63 44.47 33.33
CA GLN D 307 -23.13 44.43 34.70
C GLN D 307 -23.63 43.05 35.07
N SER D 308 -24.02 42.24 34.10
CA SER D 308 -24.31 40.85 34.37
C SER D 308 -23.03 40.09 34.68
N LEU D 309 -22.06 40.14 33.77
CA LEU D 309 -20.82 39.42 33.96
C LEU D 309 -20.00 39.91 35.13
N GLN D 310 -20.34 41.03 35.74
CA GLN D 310 -19.65 41.37 36.97
C GLN D 310 -20.23 40.67 38.17
N SER D 311 -21.51 40.35 38.15
CA SER D 311 -22.07 39.65 39.30
C SER D 311 -21.82 38.16 39.23
N VAL D 312 -21.53 37.62 38.05
CA VAL D 312 -21.09 36.25 37.96
C VAL D 312 -19.68 36.12 38.49
N ILE D 313 -18.74 36.88 37.93
CA ILE D 313 -17.36 36.82 38.36
C ILE D 313 -17.23 37.09 39.84
N GLU D 314 -18.06 37.96 40.37
CA GLU D 314 -18.01 38.20 41.81
C GLU D 314 -18.37 36.95 42.59
N GLN D 315 -19.25 36.11 42.05
CA GLN D 315 -19.70 34.92 42.74
C GLN D 315 -18.94 33.66 42.39
N LEU D 316 -18.11 33.68 41.36
CA LEU D 316 -17.26 32.55 41.06
C LEU D 316 -15.86 32.70 41.59
N ASP D 317 -15.56 33.80 42.23
CA ASP D 317 -14.22 34.14 42.67
C ASP D 317 -13.98 33.72 44.11
N ILE D 318 -14.90 32.95 44.71
CA ILE D 318 -14.86 32.65 46.13
C ILE D 318 -13.63 31.82 46.50
N ARG D 319 -13.34 31.81 47.80
CA ARG D 319 -12.20 31.12 48.37
C ARG D 319 -12.50 29.64 48.59
N ARG D 320 -11.54 28.78 48.23
CA ARG D 320 -11.73 27.34 48.27
C ARG D 320 -11.20 26.77 49.57
N ALA D 321 -11.86 25.74 50.06
CA ALA D 321 -11.44 25.04 51.26
C ALA D 321 -10.59 23.86 50.86
N GLN D 322 -9.62 23.51 51.68
CA GLN D 322 -8.77 22.37 51.39
C GLN D 322 -8.95 21.29 52.43
N VAL D 323 -8.70 20.06 52.04
CA VAL D 323 -9.08 18.88 52.76
C VAL D 323 -7.82 18.08 53.05
N HIS D 324 -7.73 17.47 54.22
CA HIS D 324 -6.62 16.59 54.54
C HIS D 324 -7.16 15.19 54.73
N VAL D 325 -6.80 14.30 53.83
CA VAL D 325 -7.36 12.96 53.77
C VAL D 325 -6.35 11.97 54.25
N GLU D 326 -6.59 11.36 55.40
CA GLU D 326 -5.76 10.27 55.90
C GLU D 326 -6.41 8.94 55.61
N ALA D 327 -5.62 7.97 55.24
CA ALA D 327 -6.08 6.59 55.14
C ALA D 327 -5.42 5.81 56.26
N LEU D 328 -6.04 4.76 56.73
CA LEU D 328 -5.38 3.88 57.69
C LEU D 328 -5.50 2.44 57.22
N ILE D 329 -4.39 1.84 56.89
CA ILE D 329 -4.47 0.48 56.40
C ILE D 329 -3.98 -0.45 57.46
N VAL D 330 -4.86 -1.21 58.08
CA VAL D 330 -4.49 -2.10 59.17
C VAL D 330 -4.45 -3.51 58.64
N GLU D 331 -3.53 -4.32 59.10
CA GLU D 331 -3.54 -5.74 58.80
C GLU D 331 -3.01 -6.53 59.98
N VAL D 332 -3.73 -7.56 60.39
CA VAL D 332 -3.29 -8.40 61.48
C VAL D 332 -3.40 -9.84 60.99
N ALA D 333 -2.27 -10.49 60.78
CA ALA D 333 -2.27 -11.87 60.32
C ALA D 333 -1.76 -12.77 61.43
N GLU D 334 -2.30 -13.96 61.52
CA GLU D 334 -1.76 -14.91 62.47
C GLU D 334 -1.77 -16.35 61.98
N GLY D 335 -0.63 -16.96 61.74
CA GLY D 335 -0.57 -18.30 61.20
C GLY D 335 -0.32 -19.32 62.28
N SER D 336 -0.44 -20.59 61.91
CA SER D 336 0.00 -21.68 62.78
C SER D 336 0.06 -22.92 61.87
N ASN D 337 0.81 -23.93 62.29
CA ASN D 337 0.57 -25.29 61.85
C ASN D 337 1.33 -26.23 62.75
N ILE D 338 0.97 -27.47 62.76
CA ILE D 338 1.66 -28.47 63.56
C ILE D 338 1.71 -29.76 62.78
N ASN D 339 2.79 -30.47 62.89
CA ASN D 339 3.04 -31.64 62.09
C ASN D 339 3.69 -32.71 62.94
N PHE D 340 3.02 -33.84 63.11
CA PHE D 340 3.59 -34.91 63.95
C PHE D 340 3.35 -36.29 63.40
N GLY D 341 4.38 -37.08 63.11
CA GLY D 341 4.11 -38.44 62.69
C GLY D 341 5.32 -39.34 62.71
N VAL D 342 5.06 -40.61 62.88
CA VAL D 342 6.07 -41.63 63.08
C VAL D 342 6.27 -42.39 61.79
N GLN D 343 7.49 -42.84 61.55
CA GLN D 343 7.80 -43.62 60.37
C GLN D 343 8.74 -44.74 60.74
N TRP D 344 8.60 -45.87 60.07
CA TRP D 344 9.46 -47.01 60.31
C TRP D 344 10.16 -47.36 59.01
N ALA D 345 11.16 -48.20 59.14
CA ALA D 345 11.80 -48.82 58.01
C ALA D 345 12.48 -50.05 58.54
N SER D 346 12.91 -50.91 57.64
CA SER D 346 13.54 -52.13 58.07
C SER D 346 14.32 -52.72 56.93
N LYS D 347 14.72 -53.95 57.12
CA LYS D 347 15.37 -54.81 56.13
C LYS D 347 14.34 -55.15 55.09
N ASP D 348 14.58 -56.25 54.38
CA ASP D 348 13.62 -56.80 53.43
C ASP D 348 12.21 -56.94 53.99
N ALA D 349 12.04 -56.81 55.31
CA ALA D 349 10.77 -57.04 56.00
C ALA D 349 9.85 -55.83 56.10
N GLY D 350 10.14 -54.70 55.44
CA GLY D 350 9.06 -53.77 55.20
C GLY D 350 9.48 -52.32 55.25
N LEU D 351 8.49 -51.43 55.19
CA LEU D 351 8.63 -50.03 55.59
C LEU D 351 7.25 -49.45 55.88
N MET D 352 7.25 -48.28 56.48
CA MET D 352 6.06 -47.45 56.68
C MET D 352 6.45 -46.03 56.39
N GLN D 353 5.76 -45.37 55.49
CA GLN D 353 6.22 -44.09 55.00
C GLN D 353 5.04 -43.19 54.78
N PHE D 354 5.14 -41.92 55.18
CA PHE D 354 4.03 -40.99 55.02
C PHE D 354 4.51 -39.72 54.35
N ALA D 355 3.74 -39.25 53.37
CA ALA D 355 4.11 -38.14 52.51
C ALA D 355 3.56 -36.80 52.99
N ASN D 356 2.95 -36.74 54.15
CA ASN D 356 2.48 -35.46 54.67
C ASN D 356 3.66 -34.52 54.89
N GLY D 357 3.39 -33.23 54.93
CA GLY D 357 4.45 -32.27 55.11
C GLY D 357 5.36 -32.20 53.89
N THR D 358 6.58 -31.68 53.93
CA THR D 358 7.34 -31.06 55.05
C THR D 358 7.87 -32.11 56.02
N GLN D 359 7.31 -33.30 55.97
CA GLN D 359 7.76 -34.41 56.80
C GLN D 359 8.54 -35.34 55.88
N ILE D 360 9.86 -35.34 56.01
CA ILE D 360 10.69 -35.96 54.97
C ILE D 360 10.57 -37.48 55.05
N PRO D 361 10.32 -38.16 53.95
CA PRO D 361 9.96 -39.57 54.01
C PRO D 361 11.15 -40.46 54.28
N ILE D 362 10.89 -41.54 54.99
CA ILE D 362 11.97 -42.39 55.47
C ILE D 362 12.52 -43.26 54.38
N GLY D 363 11.80 -43.49 53.31
CA GLY D 363 12.36 -44.23 52.22
C GLY D 363 13.47 -43.43 51.57
N THR D 364 13.15 -42.24 51.09
CA THR D 364 14.15 -41.46 50.40
C THR D 364 15.25 -40.97 51.32
N LEU D 365 15.05 -41.07 52.63
CA LEU D 365 16.16 -40.86 53.55
C LEU D 365 17.09 -42.05 53.57
N GLY D 366 16.55 -43.24 53.82
CA GLY D 366 17.38 -44.42 53.94
C GLY D 366 18.20 -44.70 52.71
N ALA D 367 17.84 -44.14 51.56
CA ALA D 367 18.71 -44.21 50.41
C ALA D 367 19.84 -43.20 50.54
N ALA D 368 19.50 -41.94 50.79
CA ALA D 368 20.52 -40.90 50.85
C ALA D 368 21.55 -41.19 51.92
N ILE D 369 21.20 -41.96 52.95
CA ILE D 369 22.21 -42.38 53.90
C ILE D 369 23.15 -43.39 53.26
N SER D 370 22.60 -44.32 52.48
CA SER D 370 23.45 -45.37 51.94
C SER D 370 24.28 -44.89 50.75
N GLN D 371 23.75 -43.99 49.94
CA GLN D 371 24.60 -43.37 48.94
C GLN D 371 25.68 -42.50 49.55
N ALA D 372 25.64 -42.26 50.85
CA ALA D 372 26.63 -41.47 51.53
C ALA D 372 27.70 -42.31 52.19
N LYS D 373 27.66 -43.61 52.04
CA LYS D 373 28.70 -44.37 52.69
C LYS D 373 30.00 -44.25 51.90
N PRO D 374 31.13 -44.34 52.58
CA PRO D 374 32.41 -44.30 51.86
C PRO D 374 32.58 -45.55 51.03
N GLN D 375 32.94 -45.37 49.76
CA GLN D 375 33.16 -46.50 48.86
C GLN D 375 34.65 -46.81 48.81
N LYS D 376 35.02 -47.97 49.33
CA LYS D 376 36.42 -48.31 49.42
C LYS D 376 36.94 -48.62 48.03
N GLY D 377 37.90 -47.84 47.58
CA GLY D 377 38.44 -48.01 46.26
C GLY D 377 39.74 -48.77 46.28
N SER D 378 40.10 -49.29 45.11
CA SER D 378 41.44 -49.78 44.83
C SER D 378 41.58 -49.73 43.32
N THR D 379 42.81 -49.61 42.84
CA THR D 379 43.03 -49.61 41.40
C THR D 379 44.28 -50.40 41.08
N VAL D 380 44.12 -51.41 40.22
CA VAL D 380 45.20 -52.29 39.80
C VAL D 380 44.85 -52.77 38.40
N ILE D 381 45.88 -52.91 37.57
CA ILE D 381 45.85 -53.46 36.21
C ILE D 381 44.53 -53.22 35.48
N ILE D 389 46.77 -49.02 45.56
CA ILE D 389 46.38 -47.96 46.48
C ILE D 389 45.38 -48.39 47.50
N ASN D 390 45.21 -47.54 48.52
CA ASN D 390 44.16 -47.71 49.52
C ASN D 390 43.57 -46.36 49.88
N PRO D 391 43.05 -45.62 48.90
CA PRO D 391 42.26 -44.43 49.21
C PRO D 391 40.85 -44.87 49.58
N ASP D 392 40.12 -43.94 50.17
CA ASP D 392 38.69 -44.08 50.35
C ASP D 392 38.04 -42.80 49.84
N THR D 393 37.25 -42.93 48.77
CA THR D 393 36.58 -41.78 48.18
C THR D 393 35.64 -41.10 49.17
N ASN D 394 35.37 -41.74 50.29
CA ASN D 394 34.42 -41.26 51.29
C ASN D 394 33.08 -41.09 50.59
N GLY D 395 32.29 -40.07 50.93
CA GLY D 395 30.94 -39.95 50.43
C GLY D 395 30.78 -38.82 49.42
N ASP D 396 29.56 -38.72 48.94
CA ASP D 396 29.05 -37.50 48.34
C ASP D 396 27.72 -37.19 49.01
N LEU D 397 27.71 -36.13 49.80
CA LEU D 397 26.56 -35.78 50.60
C LEU D 397 25.59 -34.88 49.86
N SER D 398 25.83 -34.64 48.57
CA SER D 398 24.89 -33.84 47.79
C SER D 398 23.47 -34.35 47.95
N THR D 399 23.29 -35.66 47.98
CA THR D 399 21.93 -36.19 48.05
C THR D 399 21.35 -35.99 49.45
N LEU D 400 22.12 -36.32 50.48
CA LEU D 400 21.59 -36.23 51.83
C LEU D 400 21.36 -34.79 52.24
N ALA D 401 22.27 -33.90 51.89
CA ALA D 401 22.10 -32.50 52.25
C ALA D 401 21.03 -31.82 51.42
N GLN D 402 20.48 -32.48 50.40
CA GLN D 402 19.37 -31.87 49.69
C GLN D 402 18.05 -32.10 50.40
N LEU D 403 17.88 -33.26 51.03
CA LEU D 403 16.74 -33.46 51.91
C LEU D 403 16.70 -32.40 52.98
N LEU D 404 17.79 -32.28 53.72
CA LEU D 404 17.86 -31.41 54.87
C LEU D 404 17.87 -29.94 54.50
N SER D 405 17.88 -29.61 53.22
CA SER D 405 17.99 -28.21 52.81
C SER D 405 16.88 -27.36 53.42
N GLY D 406 15.64 -27.71 53.15
CA GLY D 406 14.53 -26.96 53.67
C GLY D 406 13.87 -27.55 54.90
N PHE D 407 14.34 -28.68 55.38
CA PHE D 407 13.73 -29.35 56.51
C PHE D 407 13.80 -28.47 57.75
N SER D 408 12.77 -28.57 58.59
CA SER D 408 12.67 -27.79 59.80
C SER D 408 11.98 -28.61 60.86
N GLY D 409 12.47 -28.53 62.08
CA GLY D 409 11.87 -29.23 63.19
C GLY D 409 12.50 -30.57 63.47
N THR D 410 12.10 -31.16 64.58
CA THR D 410 12.68 -32.39 65.07
C THR D 410 12.67 -33.50 64.02
N ALA D 411 13.73 -34.28 64.00
CA ALA D 411 13.67 -35.67 63.53
C ALA D 411 14.48 -36.48 64.52
N VAL D 412 13.84 -37.33 65.27
CA VAL D 412 14.52 -38.21 66.20
C VAL D 412 14.48 -39.60 65.60
N GLY D 413 15.52 -40.38 65.83
CA GLY D 413 15.57 -41.66 65.15
C GLY D 413 16.25 -42.72 65.97
N VAL D 414 16.14 -43.94 65.47
CA VAL D 414 16.98 -45.04 65.87
C VAL D 414 17.46 -45.63 64.56
N VAL D 415 18.73 -45.45 64.23
CA VAL D 415 19.27 -46.13 63.07
C VAL D 415 20.30 -47.13 63.57
N LYS D 416 19.92 -48.39 63.62
CA LYS D 416 20.81 -49.46 64.01
C LYS D 416 20.41 -50.70 63.24
N GLY D 417 21.37 -51.36 62.58
CA GLY D 417 21.03 -52.51 61.77
C GLY D 417 20.07 -52.21 60.63
N ASP D 418 20.17 -51.00 60.07
CA ASP D 418 19.44 -50.57 58.88
C ASP D 418 17.94 -50.43 59.09
N TRP D 419 17.42 -50.99 60.17
CA TRP D 419 16.04 -50.71 60.53
C TRP D 419 16.02 -49.44 61.36
N MET D 420 14.98 -48.65 61.18
CA MET D 420 14.95 -47.36 61.84
C MET D 420 13.53 -46.95 62.14
N ALA D 421 13.39 -46.09 63.14
CA ALA D 421 12.11 -45.49 63.49
C ALA D 421 12.34 -44.00 63.68
N LEU D 422 11.71 -43.18 62.86
CA LEU D 422 12.07 -41.77 62.74
C LEU D 422 10.85 -40.92 63.09
N VAL D 423 10.89 -40.26 64.24
CA VAL D 423 9.74 -39.55 64.77
C VAL D 423 9.90 -38.06 64.52
N GLN D 424 9.13 -37.50 63.60
CA GLN D 424 9.31 -36.11 63.25
C GLN D 424 8.17 -35.27 63.79
N ALA D 425 8.49 -34.10 64.31
CA ALA D 425 7.47 -33.21 64.82
C ALA D 425 7.93 -31.76 64.75
N VAL D 426 7.03 -30.82 64.57
CA VAL D 426 7.35 -29.41 64.53
C VAL D 426 6.09 -28.64 64.86
N LYS D 427 6.22 -27.41 65.29
CA LYS D 427 5.09 -26.50 65.37
C LYS D 427 5.51 -25.13 64.91
N ASN D 428 5.07 -24.72 63.75
CA ASN D 428 5.39 -23.41 63.24
C ASN D 428 4.29 -22.45 63.65
N ASP D 429 4.69 -21.30 64.12
CA ASP D 429 3.72 -20.32 64.56
C ASP D 429 4.20 -18.94 64.17
N SER D 430 3.44 -18.19 63.41
CA SER D 430 3.88 -16.86 63.03
C SER D 430 2.88 -15.85 63.53
N SER D 431 3.13 -14.60 63.22
CA SER D 431 2.25 -13.50 63.53
C SER D 431 2.65 -12.34 62.66
N SER D 432 1.81 -11.35 62.58
CA SER D 432 2.17 -10.11 61.92
C SER D 432 1.27 -9.01 62.41
N ASN D 433 1.75 -7.79 62.28
CA ASN D 433 0.93 -6.65 62.59
C ASN D 433 1.43 -5.51 61.74
N VAL D 434 0.58 -4.77 61.08
CA VAL D 434 1.02 -3.73 60.18
C VAL D 434 0.06 -2.57 60.30
N LEU D 435 0.58 -1.36 60.35
CA LEU D 435 -0.30 -0.21 60.30
C LEU D 435 0.36 0.84 59.44
N SER D 436 -0.21 1.17 58.30
CA SER D 436 0.36 2.20 57.48
C SER D 436 -0.70 3.22 57.16
N THR D 437 -0.32 4.46 57.13
CA THR D 437 -1.27 5.55 57.05
C THR D 437 -0.87 6.71 56.18
N PRO D 438 -0.94 6.56 54.86
CA PRO D 438 -0.61 7.65 53.97
C PRO D 438 -1.64 8.74 54.04
N SER D 439 -1.23 9.96 53.75
CA SER D 439 -2.15 11.08 53.81
C SER D 439 -1.71 12.15 52.83
N ILE D 440 -2.69 12.85 52.27
CA ILE D 440 -2.43 13.85 51.24
C ILE D 440 -3.31 15.05 51.54
N THR D 441 -2.93 16.21 51.00
CA THR D 441 -3.68 17.45 51.21
C THR D 441 -3.95 18.09 49.88
N THR D 442 -5.21 18.36 49.59
CA THR D 442 -5.60 18.89 48.30
C THR D 442 -6.49 20.09 48.52
N LEU D 443 -6.71 20.86 47.48
CA LEU D 443 -7.85 21.72 47.48
C LEU D 443 -9.10 20.92 47.20
N ASP D 444 -10.23 21.47 47.58
CA ASP D 444 -11.52 20.94 47.17
C ASP D 444 -11.57 20.76 45.66
N ASN D 445 -12.24 19.69 45.22
CA ASN D 445 -12.56 19.41 43.84
C ASN D 445 -11.36 19.12 42.96
N GLN D 446 -10.15 19.20 43.50
CA GLN D 446 -8.93 18.90 42.76
C GLN D 446 -8.45 17.52 43.16
N GLU D 447 -7.91 16.76 42.23
CA GLU D 447 -7.48 15.41 42.58
C GLU D 447 -6.01 15.37 42.94
N ALA D 448 -5.71 14.61 43.97
CA ALA D 448 -4.36 14.45 44.46
C ALA D 448 -3.92 13.02 44.24
N PHE D 449 -2.63 12.84 44.13
CA PHE D 449 -2.04 11.54 43.88
C PHE D 449 -0.86 11.42 44.80
N PHE D 450 -0.73 10.30 45.48
CA PHE D 450 0.37 10.11 46.40
C PHE D 450 0.90 8.70 46.28
N MET D 451 2.13 8.54 45.87
CA MET D 451 2.71 7.22 45.73
C MET D 451 3.99 7.13 46.52
N VAL D 452 4.13 6.09 47.33
CA VAL D 452 5.39 5.74 47.94
C VAL D 452 5.64 4.29 47.58
N GLY D 453 6.63 4.03 46.78
CA GLY D 453 6.70 2.73 46.17
C GLY D 453 7.96 2.62 45.36
N GLN D 454 7.92 1.74 44.38
CA GLN D 454 9.02 1.65 43.44
C GLN D 454 8.46 1.34 42.08
N ASP D 455 9.26 1.62 41.06
CA ASP D 455 8.81 1.60 39.68
C ASP D 455 9.55 0.49 38.95
N VAL D 456 8.84 -0.56 38.58
CA VAL D 456 9.44 -1.83 38.21
C VAL D 456 9.01 -2.22 36.80
N PRO D 457 9.89 -2.80 35.98
CA PRO D 457 9.51 -3.12 34.60
C PRO D 457 8.71 -4.40 34.46
N VAL D 458 7.75 -4.39 33.55
CA VAL D 458 6.93 -5.55 33.25
C VAL D 458 7.14 -5.89 31.79
N LEU D 459 7.05 -7.18 31.47
CA LEU D 459 7.84 -7.75 30.39
C LEU D 459 7.81 -6.98 29.09
N THR D 460 6.68 -6.51 28.58
CA THR D 460 5.41 -7.19 28.54
C THR D 460 5.04 -7.05 27.07
N GLY D 461 5.09 -8.15 26.34
CA GLY D 461 5.04 -8.13 24.90
C GLY D 461 6.24 -8.81 24.28
N THR D 474 9.08 -6.08 25.36
CA THR D 474 8.73 -4.72 25.03
C THR D 474 8.75 -3.83 26.29
N VAL D 475 8.87 -4.47 27.44
CA VAL D 475 9.23 -3.84 28.70
C VAL D 475 8.54 -2.51 28.96
N GLU D 476 7.26 -2.54 29.29
CA GLU D 476 6.63 -1.38 29.88
C GLU D 476 7.01 -1.25 31.35
N ARG D 477 6.77 -0.06 31.90
CA ARG D 477 7.31 0.39 33.18
C ARG D 477 6.14 0.62 34.15
N LYS D 478 6.06 -0.20 35.19
CA LYS D 478 4.90 -0.24 36.07
C LYS D 478 5.26 0.17 37.49
N LYS D 479 4.34 0.85 38.16
CA LYS D 479 4.56 1.40 39.49
C LYS D 479 3.83 0.60 40.55
N VAL D 480 4.56 0.14 41.56
CA VAL D 480 3.98 -0.63 42.65
C VAL D 480 4.32 0.06 43.96
N GLY D 481 3.41 0.03 44.88
CA GLY D 481 3.64 0.49 46.23
C GLY D 481 2.38 1.12 46.75
N ILE D 482 2.45 1.71 47.93
CA ILE D 482 1.30 2.41 48.46
C ILE D 482 0.91 3.53 47.52
N MET D 483 -0.34 3.55 47.11
CA MET D 483 -0.82 4.57 46.21
C MET D 483 -2.17 5.02 46.70
N LEU D 484 -2.40 6.31 46.74
CA LEU D 484 -3.67 6.85 47.18
C LEU D 484 -4.00 7.96 46.22
N LYS D 485 -5.16 7.91 45.60
CA LYS D 485 -5.57 8.94 44.68
C LYS D 485 -6.99 9.34 45.00
N VAL D 486 -7.19 10.56 45.45
CA VAL D 486 -8.46 10.95 46.03
C VAL D 486 -8.82 12.32 45.49
N THR D 487 -10.12 12.60 45.37
CA THR D 487 -10.60 13.87 44.83
C THR D 487 -11.84 14.39 45.53
N PRO D 488 -11.67 15.08 46.65
CA PRO D 488 -12.79 15.39 47.52
C PRO D 488 -13.66 16.52 47.03
N GLN D 489 -14.89 16.57 47.52
CA GLN D 489 -15.69 17.78 47.38
C GLN D 489 -16.53 17.98 48.62
N ILE D 490 -16.51 19.19 49.17
CA ILE D 490 -17.21 19.42 50.44
C ILE D 490 -18.68 19.66 50.16
N ASN D 491 -19.54 18.87 50.82
CA ASN D 491 -20.96 18.87 50.54
C ASN D 491 -21.77 19.80 51.42
N GLU D 492 -21.13 20.65 52.19
CA GLU D 492 -21.84 21.79 52.75
C GLU D 492 -22.75 21.36 53.89
N GLY D 493 -23.04 20.08 53.97
CA GLY D 493 -23.41 19.61 55.29
C GLY D 493 -22.21 19.41 56.18
N ASN D 494 -21.05 19.89 55.73
CA ASN D 494 -19.75 19.63 56.34
C ASN D 494 -19.40 18.15 56.25
N ALA D 495 -19.48 17.60 55.04
CA ALA D 495 -19.27 16.18 54.78
C ALA D 495 -18.54 16.03 53.45
N VAL D 496 -17.49 15.21 53.42
CA VAL D 496 -16.48 15.39 52.39
C VAL D 496 -16.68 14.63 51.07
N GLN D 497 -17.32 13.47 51.01
CA GLN D 497 -17.56 12.89 49.69
C GLN D 497 -16.29 12.61 48.87
N MET D 498 -15.55 11.55 49.19
CA MET D 498 -14.35 11.20 48.48
C MET D 498 -14.66 10.48 47.19
N VAL D 499 -13.70 10.49 46.28
CA VAL D 499 -13.63 9.53 45.19
C VAL D 499 -12.24 8.97 45.22
N ILE D 500 -12.08 7.72 45.59
CA ILE D 500 -10.83 7.25 46.14
C ILE D 500 -10.39 5.99 45.45
N GLU D 501 -9.09 5.86 45.24
CA GLU D 501 -8.48 4.60 44.82
C GLU D 501 -7.31 4.34 45.72
N GLN D 502 -7.44 3.38 46.60
CA GLN D 502 -6.35 2.92 47.43
C GLN D 502 -5.68 1.76 46.74
N GLU D 503 -4.38 1.63 46.90
CA GLU D 503 -3.73 0.45 46.39
C GLU D 503 -2.48 0.17 47.18
N VAL D 504 -2.19 -1.10 47.43
CA VAL D 504 -0.99 -1.48 48.13
C VAL D 504 -0.40 -2.67 47.40
N SER D 505 0.75 -2.48 46.77
CA SER D 505 1.35 -3.51 45.95
C SER D 505 2.75 -3.81 46.46
N LYS D 506 3.29 -4.93 46.02
CA LYS D 506 4.70 -5.18 46.20
C LYS D 506 5.11 -6.26 45.24
N VAL D 507 6.40 -6.34 44.96
CA VAL D 507 6.91 -7.41 44.12
C VAL D 507 7.07 -8.65 44.98
N GLU D 508 6.34 -9.70 44.62
CA GLU D 508 6.52 -10.99 45.25
C GLU D 508 6.96 -11.97 44.18
N GLY D 509 7.56 -13.07 44.60
CA GLY D 509 8.49 -13.71 43.70
C GLY D 509 7.97 -14.25 42.39
N GLN D 510 8.51 -13.67 41.31
CA GLN D 510 8.63 -14.25 39.98
C GLN D 510 7.45 -15.00 39.41
N THR D 511 7.76 -15.92 38.50
CA THR D 511 6.92 -16.84 37.77
C THR D 511 7.87 -17.36 36.71
N SER D 512 7.44 -18.24 35.83
CA SER D 512 8.30 -18.60 34.72
C SER D 512 8.86 -17.36 34.03
N LEU D 513 8.00 -16.57 33.40
CA LEU D 513 8.42 -15.55 32.46
C LEU D 513 8.45 -14.12 33.00
N ASP D 514 8.10 -13.86 34.25
CA ASP D 514 8.06 -12.49 34.76
C ASP D 514 7.96 -12.44 36.27
N VAL D 515 7.71 -11.23 36.79
CA VAL D 515 7.41 -10.97 38.19
C VAL D 515 5.91 -10.96 38.41
N VAL D 516 5.49 -11.55 39.50
CA VAL D 516 4.13 -11.44 39.97
C VAL D 516 4.12 -10.37 41.05
N PHE D 517 3.08 -9.56 41.12
CA PHE D 517 2.99 -8.53 42.15
C PHE D 517 1.88 -8.90 43.11
N GLY D 518 2.18 -8.91 44.38
CA GLY D 518 1.10 -8.92 45.33
C GLY D 518 0.38 -7.61 45.19
N GLU D 519 -0.95 -7.62 45.14
CA GLU D 519 -1.67 -6.38 44.93
C GLU D 519 -3.00 -6.45 45.64
N ARG D 520 -3.33 -5.40 46.37
CA ARG D 520 -4.66 -5.30 46.94
C ARG D 520 -5.14 -3.87 46.79
N LYS D 521 -6.22 -3.67 46.06
CA LYS D 521 -6.67 -2.31 45.83
C LYS D 521 -8.16 -2.26 45.90
N LEU D 522 -8.67 -1.09 46.22
CA LEU D 522 -10.10 -0.89 46.22
C LEU D 522 -10.39 0.51 45.75
N LYS D 523 -11.30 0.65 44.80
CA LYS D 523 -11.69 1.96 44.33
C LYS D 523 -13.19 2.11 44.41
N THR D 524 -13.62 3.04 45.24
CA THR D 524 -14.99 3.18 45.65
C THR D 524 -15.33 4.66 45.65
N THR D 525 -16.47 5.01 46.19
CA THR D 525 -16.83 6.39 46.46
C THR D 525 -17.55 6.43 47.78
N VAL D 526 -17.04 7.19 48.73
CA VAL D 526 -17.59 7.18 50.06
C VAL D 526 -17.99 8.59 50.42
N LEU D 527 -18.77 8.71 51.47
CA LEU D 527 -19.27 9.98 51.94
C LEU D 527 -18.98 10.03 53.43
N ALA D 528 -18.07 10.89 53.84
CA ALA D 528 -17.60 10.89 55.22
C ALA D 528 -17.83 12.24 55.85
N ASN D 529 -18.16 12.25 57.13
CA ASN D 529 -18.30 13.51 57.85
C ASN D 529 -16.95 14.17 58.02
N ASP D 530 -16.99 15.44 58.40
CA ASP D 530 -15.80 16.27 58.43
C ASP D 530 -14.67 15.62 59.21
N GLY D 531 -14.91 15.28 60.45
CA GLY D 531 -13.79 14.82 61.25
C GLY D 531 -13.80 13.34 61.58
N GLU D 532 -14.60 12.56 60.88
CA GLU D 532 -14.93 11.23 61.33
C GLU D 532 -14.55 10.18 60.31
N LEU D 533 -14.58 8.95 60.77
CA LEU D 533 -13.80 7.85 60.22
C LEU D 533 -14.76 6.85 59.59
N ILE D 534 -14.66 6.66 58.29
CA ILE D 534 -15.53 5.71 57.61
C ILE D 534 -14.67 4.58 57.09
N VAL D 535 -15.23 3.37 57.07
CA VAL D 535 -14.50 2.19 56.64
C VAL D 535 -14.72 1.98 55.14
N LEU D 536 -13.64 1.90 54.39
CA LEU D 536 -13.77 1.67 52.97
C LEU D 536 -13.97 0.22 52.62
N GLY D 537 -13.25 -0.68 53.26
CA GLY D 537 -13.13 -2.00 52.72
C GLY D 537 -12.64 -2.92 53.79
N GLY D 538 -12.24 -4.10 53.38
CA GLY D 538 -11.79 -5.04 54.37
C GLY D 538 -11.82 -6.45 53.86
N LEU D 539 -11.27 -7.34 54.65
CA LEU D 539 -11.27 -8.75 54.36
C LEU D 539 -11.12 -9.45 55.68
N MET D 540 -11.69 -10.63 55.81
CA MET D 540 -11.45 -11.44 56.98
C MET D 540 -11.31 -12.85 56.45
N ASP D 541 -10.21 -13.52 56.70
CA ASP D 541 -9.99 -14.76 55.99
C ASP D 541 -9.47 -15.80 56.97
N ASP D 542 -10.19 -16.89 57.13
CA ASP D 542 -9.80 -17.95 58.02
C ASP D 542 -9.60 -19.23 57.24
N GLN D 543 -8.84 -20.15 57.80
CA GLN D 543 -8.71 -21.47 57.24
C GLN D 543 -8.42 -22.40 58.39
N ALA D 544 -8.90 -23.63 58.30
CA ALA D 544 -8.37 -24.66 59.16
C ALA D 544 -8.21 -25.90 58.32
N GLY D 545 -7.02 -26.27 58.02
CA GLY D 545 -6.81 -27.49 57.30
C GLY D 545 -6.68 -28.65 58.22
N GLU D 546 -6.59 -29.83 57.65
CA GLU D 546 -6.14 -30.99 58.38
C GLU D 546 -5.77 -32.05 57.37
N SER D 547 -5.06 -33.05 57.83
CA SER D 547 -4.72 -34.20 57.02
C SER D 547 -4.43 -35.33 57.97
N VAL D 548 -4.41 -36.53 57.45
CA VAL D 548 -3.97 -37.63 58.28
C VAL D 548 -3.56 -38.71 57.30
N ALA D 549 -2.85 -39.70 57.79
CA ALA D 549 -2.59 -40.90 57.04
C ALA D 549 -2.42 -41.98 58.08
N LYS D 550 -2.78 -43.20 57.75
CA LYS D 550 -2.59 -44.25 58.72
C LYS D 550 -2.63 -45.59 58.02
N VAL D 551 -2.61 -46.66 58.79
CA VAL D 551 -2.38 -47.99 58.24
C VAL D 551 -3.44 -48.68 57.38
N PRO D 552 -4.75 -48.55 57.63
CA PRO D 552 -5.82 -48.07 58.48
C PRO D 552 -6.17 -48.71 59.78
N LEU D 553 -6.11 -50.02 59.89
CA LEU D 553 -6.86 -50.64 60.98
C LEU D 553 -6.20 -50.37 62.32
N LEU D 554 -4.87 -50.25 62.33
CA LEU D 554 -4.11 -50.04 63.56
C LEU D 554 -4.10 -48.59 64.00
N GLY D 555 -4.37 -47.66 63.11
CA GLY D 555 -4.38 -46.28 63.53
C GLY D 555 -5.50 -45.89 64.44
N ASP D 556 -6.44 -46.78 64.70
CA ASP D 556 -7.60 -46.44 65.52
C ASP D 556 -7.50 -46.87 66.97
N ILE D 557 -6.45 -47.58 67.36
CA ILE D 557 -6.35 -47.92 68.78
C ILE D 557 -6.19 -46.64 69.58
N PRO D 558 -6.92 -46.45 70.69
CA PRO D 558 -6.92 -45.14 71.34
C PRO D 558 -5.61 -44.76 72.00
N LEU D 559 -4.73 -45.71 72.28
CA LEU D 559 -3.43 -45.42 72.88
C LEU D 559 -2.30 -45.46 71.86
N ILE D 560 -2.05 -46.64 71.30
CA ILE D 560 -0.87 -46.88 70.49
C ILE D 560 -1.17 -46.53 69.05
N GLY D 561 -2.34 -45.98 68.81
CA GLY D 561 -2.65 -45.54 67.46
C GLY D 561 -1.62 -44.59 66.91
N ASN D 562 -1.17 -43.64 67.74
CA ASN D 562 -0.30 -42.57 67.27
C ASN D 562 1.00 -43.07 66.69
N LEU D 563 1.38 -44.31 66.94
CA LEU D 563 2.60 -44.81 66.33
C LEU D 563 2.44 -44.98 64.83
N PHE D 564 1.22 -45.21 64.37
CA PHE D 564 0.97 -45.54 62.98
C PHE D 564 0.44 -44.40 62.13
N LYS D 565 0.31 -43.19 62.68
CA LYS D 565 -0.35 -42.09 62.00
C LYS D 565 0.66 -41.02 61.62
N SER D 566 0.29 -40.20 60.65
CA SER D 566 1.01 -38.98 60.37
C SER D 566 0.02 -37.86 60.15
N THR D 567 0.06 -36.84 60.98
CA THR D 567 -0.95 -35.81 60.98
C THR D 567 -0.34 -34.48 60.59
N ALA D 568 -1.11 -33.63 59.94
CA ALA D 568 -0.68 -32.27 59.68
C ALA D 568 -1.87 -31.34 59.86
N ASP D 569 -1.76 -30.35 60.73
CA ASP D 569 -2.85 -29.43 60.95
C ASP D 569 -2.43 -28.04 60.52
N LYS D 570 -3.40 -27.19 60.31
CA LYS D 570 -3.07 -25.85 59.89
C LYS D 570 -4.18 -24.94 60.34
N LYS D 571 -3.84 -23.71 60.64
CA LYS D 571 -4.81 -22.71 61.03
C LYS D 571 -4.23 -21.40 60.58
N GLU D 572 -5.09 -20.51 60.12
CA GLU D 572 -4.57 -19.31 59.51
C GLU D 572 -5.62 -18.24 59.64
N LYS D 573 -5.20 -16.99 59.68
CA LYS D 573 -6.18 -15.95 59.85
C LYS D 573 -5.59 -14.67 59.31
N ARG D 574 -6.46 -13.78 58.84
CA ARG D 574 -5.99 -12.52 58.30
C ARG D 574 -7.11 -11.51 58.44
N ASN D 575 -6.76 -10.27 58.63
CA ASN D 575 -7.77 -9.23 58.68
C ASN D 575 -7.20 -8.00 58.01
N LEU D 576 -7.87 -7.47 57.03
CA LEU D 576 -7.57 -6.14 56.55
C LEU D 576 -8.68 -5.20 56.95
N MET D 577 -8.33 -3.94 57.04
CA MET D 577 -9.32 -2.91 57.07
C MET D 577 -8.66 -1.72 56.42
N VAL D 578 -9.45 -0.89 55.80
CA VAL D 578 -8.98 0.39 55.31
C VAL D 578 -9.97 1.41 55.79
N PHE D 579 -9.50 2.44 56.44
CA PHE D 579 -10.35 3.47 56.97
C PHE D 579 -9.98 4.76 56.29
N ILE D 580 -10.81 5.77 56.40
CA ILE D 580 -10.39 7.05 55.89
C ILE D 580 -10.99 8.13 56.76
N ARG D 581 -10.19 9.11 57.11
CA ARG D 581 -10.65 10.25 57.89
C ARG D 581 -10.41 11.54 57.14
N PRO D 582 -11.43 12.21 56.65
CA PRO D 582 -11.23 13.54 56.09
C PRO D 582 -11.09 14.58 57.19
N THR D 583 -10.59 15.75 56.79
CA THR D 583 -10.56 16.90 57.66
C THR D 583 -10.64 18.10 56.76
N ILE D 584 -11.38 19.12 57.18
CA ILE D 584 -11.61 20.29 56.35
C ILE D 584 -10.84 21.45 56.94
N LEU D 585 -10.01 22.07 56.13
CA LEU D 585 -9.23 23.22 56.53
C LEU D 585 -9.82 24.42 55.80
N ARG D 586 -10.56 25.25 56.52
CA ARG D 586 -11.26 26.37 55.90
C ARG D 586 -10.51 27.69 56.10
N ASP D 587 -10.30 28.07 57.34
CA ASP D 587 -9.59 29.29 57.64
C ASP D 587 -8.15 29.18 57.15
N GLY D 588 -7.53 30.34 56.93
CA GLY D 588 -6.08 30.35 56.84
C GLY D 588 -5.43 29.81 58.10
N MET D 589 -6.12 29.95 59.23
CA MET D 589 -5.62 29.42 60.49
C MET D 589 -5.87 27.93 60.66
N ALA D 590 -6.82 27.38 59.90
CA ALA D 590 -7.09 25.95 60.01
C ALA D 590 -5.99 25.13 59.35
N ALA D 591 -5.39 25.65 58.28
CA ALA D 591 -4.30 24.94 57.61
C ALA D 591 -3.06 24.87 58.48
N ASP D 592 -2.89 25.82 59.38
CA ASP D 592 -1.73 25.88 60.25
C ASP D 592 -1.97 25.16 61.56
N GLY D 593 -3.18 24.70 61.82
CA GLY D 593 -3.43 23.89 63.00
C GLY D 593 -3.06 22.45 62.79
N VAL D 594 -3.41 21.90 61.63
CA VAL D 594 -3.03 20.53 61.31
C VAL D 594 -1.57 20.45 60.93
N SER D 595 -1.13 21.33 60.05
CA SER D 595 0.23 21.22 59.59
C SER D 595 1.24 21.67 60.61
N GLN D 596 0.83 22.35 61.66
CA GLN D 596 1.78 22.65 62.71
C GLN D 596 1.93 21.51 63.69
N ARG D 597 0.90 20.72 63.91
CA ARG D 597 1.09 19.63 64.86
C ARG D 597 1.79 18.44 64.25
N LYS D 598 1.67 18.23 62.95
CA LYS D 598 2.49 17.20 62.34
C LYS D 598 3.93 17.64 62.21
N TYR D 599 4.19 18.93 62.14
CA TYR D 599 5.57 19.40 62.15
C TYR D 599 6.19 19.13 63.51
N ASN D 600 5.58 19.64 64.57
CA ASN D 600 6.11 19.40 65.89
C ASN D 600 6.10 17.93 66.27
N TYR D 601 5.43 17.08 65.51
CA TYR D 601 5.55 15.65 65.75
C TYR D 601 6.80 15.08 65.12
N MET D 602 7.12 15.50 63.89
CA MET D 602 8.37 15.04 63.29
C MET D 602 9.56 15.66 63.95
N ARG D 603 9.43 16.88 64.45
CA ARG D 603 10.58 17.49 65.07
C ARG D 603 10.85 16.90 66.43
N ALA D 604 9.88 16.21 67.01
CA ALA D 604 10.14 15.50 68.25
C ALA D 604 10.62 14.08 68.02
N GLU D 605 10.51 13.57 66.80
CA GLU D 605 11.20 12.35 66.46
C GLU D 605 12.68 12.61 66.25
N GLN D 606 13.01 13.71 65.59
CA GLN D 606 14.38 14.02 65.29
C GLN D 606 15.15 14.55 66.47
N ILE D 607 14.47 15.00 67.51
CA ILE D 607 15.17 15.35 68.72
C ILE D 607 15.46 14.11 69.55
N TYR D 608 14.50 13.21 69.65
CA TYR D 608 14.75 11.99 70.39
C TYR D 608 15.74 11.10 69.68
N ARG D 609 15.75 11.14 68.36
CA ARG D 609 16.81 10.49 67.60
C ARG D 609 18.15 11.16 67.86
N ASP D 610 18.13 12.45 68.14
CA ASP D 610 19.35 13.20 68.40
C ASP D 610 19.82 13.04 69.84
N GLU D 611 18.90 13.03 70.80
CA GLU D 611 19.29 12.90 72.19
C GLU D 611 20.13 11.65 72.44
N GLN D 612 19.79 10.56 71.76
CA GLN D 612 20.65 9.38 71.78
C GLN D 612 21.43 9.42 70.47
N GLY D 613 22.69 9.79 70.57
CA GLY D 613 23.40 10.25 69.41
C GLY D 613 23.86 9.13 68.53
N LEU D 614 24.60 9.52 67.50
CA LEU D 614 25.45 8.55 66.83
C LEU D 614 26.48 8.07 67.84
N SER D 615 26.54 6.77 68.03
CA SER D 615 27.24 6.26 69.21
C SER D 615 28.75 6.31 69.06
N LEU D 616 29.25 6.02 67.86
CA LEU D 616 30.70 6.04 67.67
C LEU D 616 31.20 7.47 67.60
N MET D 617 30.58 8.31 66.80
CA MET D 617 30.98 9.70 66.76
C MET D 617 30.09 10.53 67.66
N PRO D 618 30.57 10.97 68.83
CA PRO D 618 29.90 12.10 69.46
C PRO D 618 30.61 13.38 69.04
N HIS D 619 30.08 14.55 69.40
CA HIS D 619 28.67 14.68 69.72
C HIS D 619 27.95 14.73 68.38
N THR D 620 28.48 15.58 67.50
CA THR D 620 28.21 15.53 66.05
C THR D 620 26.71 15.63 65.75
N ALA D 621 26.19 16.83 65.96
CA ALA D 621 25.09 17.36 65.16
C ALA D 621 23.91 16.42 65.04
N GLN D 622 23.69 15.94 63.82
CA GLN D 622 22.60 15.16 63.25
C GLN D 622 21.46 16.10 62.89
N PRO D 623 20.75 15.87 61.80
CA PRO D 623 19.78 16.87 61.34
C PRO D 623 18.58 16.92 62.26
N VAL D 624 18.17 18.12 62.62
CA VAL D 624 16.93 18.34 63.32
C VAL D 624 16.24 19.48 62.59
N LEU D 625 15.02 19.51 62.70
CA LEU D 625 14.19 20.36 61.88
C LEU D 625 13.97 21.68 62.60
N PRO D 626 14.09 22.82 61.91
CA PRO D 626 14.15 24.10 62.62
C PRO D 626 12.93 24.31 63.50
N ALA D 627 13.12 25.03 64.59
CA ALA D 627 12.01 25.30 65.49
C ALA D 627 11.05 26.30 64.87
N GLN D 628 9.84 26.36 65.40
CA GLN D 628 8.87 27.39 65.06
C GLN D 628 8.78 28.39 66.20
N ASN D 629 8.69 29.67 65.84
CA ASN D 629 8.72 30.75 66.81
C ASN D 629 10.01 30.72 67.62
N GLN D 630 11.14 30.70 66.90
CA GLN D 630 12.44 30.78 67.56
C GLN D 630 12.60 32.04 68.39
N ALA D 631 11.82 33.08 68.09
CA ALA D 631 11.96 34.43 68.65
C ALA D 631 13.37 34.91 68.34
N LEU D 632 14.01 35.59 69.26
CA LEU D 632 15.26 36.28 68.99
C LEU D 632 16.44 35.52 69.56
N PRO D 633 17.51 35.33 68.78
CA PRO D 633 18.72 34.75 69.34
C PRO D 633 19.22 35.57 70.50
N PRO D 634 20.01 34.97 71.40
CA PRO D 634 20.39 35.69 72.62
C PRO D 634 21.18 36.95 72.36
N GLU D 635 22.06 36.95 71.36
CA GLU D 635 22.86 38.15 71.12
C GLU D 635 22.04 39.21 70.38
N VAL D 636 21.12 38.79 69.52
CA VAL D 636 20.22 39.75 68.90
C VAL D 636 19.34 40.40 69.96
N ARG D 637 19.06 39.67 71.04
CA ARG D 637 18.26 40.20 72.14
C ARG D 637 18.86 41.47 72.70
N ALA D 638 20.18 41.45 72.95
CA ALA D 638 20.85 42.59 73.57
C ALA D 638 20.85 43.83 72.68
N PHE D 639 21.02 43.64 71.36
CA PHE D 639 21.07 44.78 70.45
C PHE D 639 19.83 45.67 70.56
N LEU D 640 18.68 45.08 70.91
CA LEU D 640 17.50 45.89 71.17
C LEU D 640 17.67 46.73 72.43
N ASN D 641 18.27 46.15 73.47
CA ASN D 641 18.37 46.83 74.76
C ASN D 641 19.36 47.98 74.74
N ALA D 642 20.12 48.16 73.68
CA ALA D 642 20.98 49.33 73.56
C ALA D 642 20.30 50.41 72.75
N GLY D 643 20.18 50.20 71.46
CA GLY D 643 19.59 51.19 70.57
C GLY D 643 18.11 51.42 70.80
N GLY E 100 -27.06 104.09 -32.57
CA GLY E 100 -28.37 104.73 -32.53
C GLY E 100 -29.40 104.00 -33.36
N ASP E 101 -29.88 104.67 -34.40
CA ASP E 101 -30.82 104.09 -35.36
C ASP E 101 -30.10 103.55 -36.60
N GLU E 102 -28.78 103.61 -36.64
CA GLU E 102 -28.04 103.18 -37.81
C GLU E 102 -28.18 101.68 -38.03
N MET E 103 -28.61 101.30 -39.23
CA MET E 103 -28.76 99.89 -39.58
C MET E 103 -27.41 99.33 -40.00
N VAL E 104 -26.91 98.35 -39.26
CA VAL E 104 -25.63 97.69 -39.55
C VAL E 104 -25.73 96.22 -39.13
N THR E 105 -24.73 95.44 -39.53
CA THR E 105 -24.50 94.10 -39.03
C THR E 105 -23.26 94.09 -38.14
N LYS E 106 -23.26 93.20 -37.13
CA LYS E 106 -22.14 93.12 -36.21
C LYS E 106 -21.87 91.66 -35.87
N VAL E 107 -20.61 91.38 -35.50
CA VAL E 107 -20.13 90.05 -35.16
C VAL E 107 -19.91 89.98 -33.66
N VAL E 108 -20.60 89.06 -33.00
CA VAL E 108 -20.39 88.80 -31.58
C VAL E 108 -19.97 87.34 -31.39
N PRO E 109 -18.71 87.06 -31.06
CA PRO E 109 -18.35 85.71 -30.62
C PRO E 109 -18.85 85.44 -29.21
N VAL E 110 -19.48 84.29 -29.02
CA VAL E 110 -19.94 83.86 -27.71
C VAL E 110 -19.08 82.69 -27.30
N ARG E 111 -18.20 82.90 -26.33
CA ARG E 111 -17.16 81.93 -26.01
C ARG E 111 -17.64 80.94 -24.94
N ASN E 112 -17.75 81.42 -23.69
CA ASN E 112 -18.09 80.53 -22.58
C ASN E 112 -19.55 80.13 -22.55
N VAL E 113 -20.43 81.00 -23.06
CA VAL E 113 -21.87 80.86 -22.89
C VAL E 113 -22.42 79.98 -24.02
N SER E 114 -23.38 79.13 -23.70
CA SER E 114 -24.13 78.45 -24.75
C SER E 114 -24.98 79.47 -25.48
N VAL E 115 -24.80 79.56 -26.80
CA VAL E 115 -25.44 80.62 -27.59
C VAL E 115 -26.95 80.57 -27.48
N ARG E 116 -27.52 79.40 -27.27
CA ARG E 116 -28.96 79.33 -27.11
C ARG E 116 -29.41 79.60 -25.69
N GLU E 117 -28.51 79.62 -24.72
CA GLU E 117 -28.87 80.13 -23.40
C GLU E 117 -29.33 81.57 -23.50
N LEU E 118 -28.83 82.29 -24.49
CA LEU E 118 -29.14 83.70 -24.68
C LEU E 118 -30.33 83.92 -25.58
N ALA E 119 -31.03 82.86 -25.97
CA ALA E 119 -32.26 83.01 -26.74
C ALA E 119 -33.25 83.98 -26.09
N PRO E 120 -33.58 83.89 -24.81
CA PRO E 120 -34.59 84.82 -24.27
C PRO E 120 -34.20 86.28 -24.31
N ILE E 121 -33.01 86.62 -23.81
CA ILE E 121 -32.73 88.02 -23.50
C ILE E 121 -32.37 88.81 -24.74
N LEU E 122 -31.79 88.15 -25.74
CA LEU E 122 -31.41 88.85 -26.96
C LEU E 122 -32.63 89.08 -27.84
N ARG E 123 -33.52 88.09 -27.91
CA ARG E 123 -34.72 88.21 -28.71
C ARG E 123 -35.79 89.02 -27.98
N GLN E 124 -35.83 88.95 -26.65
CA GLN E 124 -36.76 89.80 -25.90
C GLN E 124 -36.41 91.27 -26.04
N MET E 125 -35.18 91.58 -26.42
CA MET E 125 -34.83 92.96 -26.74
C MET E 125 -35.53 93.43 -28.01
N ILE E 126 -35.72 92.51 -28.96
CA ILE E 126 -36.41 92.81 -30.22
C ILE E 126 -37.84 93.26 -29.94
N ASP E 127 -38.43 92.74 -28.86
CA ASP E 127 -39.71 93.25 -28.38
C ASP E 127 -39.64 94.75 -28.14
N SER E 128 -38.65 95.18 -27.35
CA SER E 128 -38.45 96.59 -27.06
C SER E 128 -37.75 97.31 -28.21
N ALA E 129 -36.76 96.66 -28.84
CA ALA E 129 -36.03 97.32 -29.92
C ALA E 129 -36.89 97.51 -31.16
N GLY E 130 -37.86 96.62 -31.39
CA GLY E 130 -38.66 96.69 -32.58
C GLY E 130 -38.02 96.03 -33.78
N SER E 131 -38.20 96.63 -34.96
CA SER E 131 -37.73 96.04 -36.21
C SER E 131 -36.26 96.37 -36.46
N GLY E 132 -35.74 95.83 -37.56
CA GLY E 132 -34.41 96.12 -38.01
C GLY E 132 -33.31 95.31 -37.38
N ASN E 133 -33.55 94.73 -36.19
CA ASN E 133 -32.53 94.00 -35.46
C ASN E 133 -32.79 92.50 -35.52
N VAL E 134 -31.74 91.74 -35.76
CA VAL E 134 -31.82 90.29 -35.87
C VAL E 134 -30.71 89.69 -35.03
N VAL E 135 -31.05 88.63 -34.29
CA VAL E 135 -30.11 87.91 -33.45
C VAL E 135 -30.03 86.47 -33.95
N ASN E 136 -28.82 85.99 -34.18
CA ASN E 136 -28.57 84.70 -34.81
C ASN E 136 -27.82 83.80 -33.83
N TYR E 137 -28.31 82.58 -33.67
CA TYR E 137 -27.76 81.63 -32.72
C TYR E 137 -27.14 80.45 -33.47
N ASP E 138 -25.81 80.38 -33.51
CA ASP E 138 -25.18 79.31 -34.26
C ASP E 138 -24.51 78.34 -33.30
N PRO E 139 -24.83 77.04 -33.37
CA PRO E 139 -24.18 76.06 -32.48
C PRO E 139 -22.67 76.00 -32.62
N SER E 140 -22.09 76.58 -33.68
CA SER E 140 -20.66 76.80 -33.75
C SER E 140 -20.22 77.85 -32.75
N ASN E 141 -21.16 78.36 -31.96
CA ASN E 141 -20.93 79.15 -30.75
C ASN E 141 -20.43 80.57 -31.06
N VAL E 142 -21.12 81.24 -31.97
CA VAL E 142 -21.17 82.69 -32.01
C VAL E 142 -22.63 83.11 -32.14
N ILE E 143 -22.87 84.40 -31.92
CA ILE E 143 -24.19 84.99 -32.07
C ILE E 143 -24.08 86.21 -32.97
N MET E 144 -24.72 86.15 -34.14
CA MET E 144 -24.62 87.21 -35.14
C MET E 144 -25.73 88.23 -34.93
N LEU E 145 -25.33 89.46 -34.65
CA LEU E 145 -26.27 90.55 -34.40
C LEU E 145 -26.28 91.46 -35.62
N THR E 146 -27.44 91.59 -36.26
CA THR E 146 -27.59 92.47 -37.41
C THR E 146 -28.75 93.40 -37.12
N GLY E 147 -28.47 94.69 -37.01
CA GLY E 147 -29.52 95.64 -36.74
C GLY E 147 -28.96 97.00 -36.36
N ARG E 148 -29.80 97.75 -35.64
CA ARG E 148 -29.46 99.12 -35.28
C ARG E 148 -28.34 99.16 -34.26
N ALA E 149 -27.27 99.90 -34.59
CA ALA E 149 -26.00 99.79 -33.89
C ALA E 149 -26.08 100.11 -32.40
N SER E 150 -27.16 100.74 -31.93
CA SER E 150 -27.29 100.97 -30.50
C SER E 150 -27.78 99.71 -29.77
N VAL E 151 -28.76 99.02 -30.33
CA VAL E 151 -29.32 97.86 -29.64
C VAL E 151 -28.37 96.67 -29.71
N VAL E 152 -27.68 96.51 -30.84
CA VAL E 152 -26.63 95.50 -30.90
C VAL E 152 -25.53 95.83 -29.90
N GLU E 153 -25.26 97.12 -29.72
CA GLU E 153 -24.23 97.57 -28.79
C GLU E 153 -24.41 96.94 -27.42
N ARG E 154 -25.63 97.03 -26.88
CA ARG E 154 -25.91 96.43 -25.58
C ARG E 154 -25.69 94.93 -25.60
N LEU E 155 -26.06 94.27 -26.69
CA LEU E 155 -25.94 92.82 -26.70
C LEU E 155 -24.52 92.36 -27.05
N THR E 156 -23.66 93.27 -27.49
CA THR E 156 -22.22 93.09 -27.31
C THR E 156 -21.82 93.42 -25.88
N GLU E 157 -22.50 94.39 -25.27
CA GLU E 157 -22.27 94.69 -23.86
C GLU E 157 -22.76 93.56 -22.97
N VAL E 158 -24.05 93.21 -23.09
CA VAL E 158 -24.65 92.24 -22.18
C VAL E 158 -23.88 90.93 -22.21
N ILE E 159 -23.79 90.32 -23.39
CA ILE E 159 -23.25 88.97 -23.48
C ILE E 159 -21.82 88.94 -22.96
N GLN E 160 -20.95 89.77 -23.52
CA GLN E 160 -19.54 89.75 -23.15
C GLN E 160 -19.30 90.26 -21.74
N ARG E 161 -20.31 90.87 -21.12
CA ARG E 161 -20.35 91.01 -19.66
C ARG E 161 -20.91 89.74 -19.00
N VAL E 162 -21.98 89.17 -19.56
CA VAL E 162 -22.50 87.92 -19.02
C VAL E 162 -21.53 86.78 -19.27
N ASP E 163 -20.85 86.79 -20.42
CA ASP E 163 -19.84 85.78 -20.70
C ASP E 163 -18.72 85.82 -19.68
N HIS E 164 -18.56 86.94 -18.97
CA HIS E 164 -17.66 87.01 -17.83
C HIS E 164 -18.23 86.25 -16.63
N ALA E 165 -19.55 86.30 -16.45
CA ALA E 165 -20.15 85.78 -15.22
C ALA E 165 -19.89 84.29 -15.06
N GLY E 166 -19.99 83.52 -16.13
CA GLY E 166 -19.83 82.10 -16.03
C GLY E 166 -18.39 81.63 -16.21
N ASN E 167 -17.44 82.53 -15.99
CA ASN E 167 -16.04 82.23 -16.28
C ASN E 167 -15.53 81.13 -15.37
N ARG E 168 -14.96 80.08 -15.98
CA ARG E 168 -14.54 78.88 -15.27
C ARG E 168 -13.09 78.59 -15.59
N THR E 169 -12.23 78.73 -14.58
CA THR E 169 -10.79 78.52 -14.72
C THR E 169 -10.35 77.49 -13.69
N GLU E 170 -9.25 76.80 -13.99
CA GLU E 170 -8.79 75.70 -13.16
C GLU E 170 -7.42 76.01 -12.58
N GLU E 171 -7.14 75.42 -11.43
CA GLU E 171 -5.89 75.69 -10.74
C GLU E 171 -5.49 74.47 -9.93
N VAL E 172 -4.18 74.29 -9.80
CA VAL E 172 -3.61 73.13 -9.14
C VAL E 172 -3.10 73.57 -7.79
N ILE E 173 -3.71 73.04 -6.73
CA ILE E 173 -3.35 73.36 -5.35
C ILE E 173 -2.54 72.20 -4.80
N PRO E 174 -1.26 72.38 -4.47
CA PRO E 174 -0.49 71.28 -3.92
C PRO E 174 -0.93 70.91 -2.51
N LEU E 175 -0.53 69.73 -2.08
CA LEU E 175 -0.86 69.22 -0.75
C LEU E 175 0.40 68.67 -0.11
N ASP E 176 0.82 69.30 0.99
CA ASP E 176 2.07 68.91 1.64
C ASP E 176 1.90 67.71 2.57
N ASN E 177 0.75 67.56 3.21
CA ASN E 177 0.57 66.52 4.20
C ASN E 177 -0.45 65.48 3.77
N ALA E 178 -1.71 65.86 3.61
CA ALA E 178 -2.73 64.88 3.30
C ALA E 178 -2.56 64.34 1.89
N SER E 179 -3.14 63.17 1.66
CA SER E 179 -3.14 62.58 0.34
C SER E 179 -4.18 63.27 -0.52
N ALA E 180 -3.82 63.56 -1.77
CA ALA E 180 -4.77 64.20 -2.65
C ALA E 180 -5.95 63.30 -2.98
N SER E 181 -5.79 61.99 -2.88
CA SER E 181 -6.88 61.10 -3.23
C SER E 181 -7.96 61.06 -2.15
N GLU E 182 -7.60 61.20 -0.88
CA GLU E 182 -8.61 61.36 0.16
C GLU E 182 -9.40 62.64 -0.06
N ILE E 183 -8.70 63.77 -0.05
CA ILE E 183 -9.32 65.08 -0.18
C ILE E 183 -10.22 65.15 -1.41
N ALA E 184 -9.90 64.37 -2.44
CA ALA E 184 -10.77 64.32 -3.61
C ALA E 184 -12.04 63.54 -3.36
N ARG E 185 -12.04 62.56 -2.44
CA ARG E 185 -13.28 61.91 -2.08
C ARG E 185 -14.07 62.72 -1.09
N VAL E 186 -13.40 63.29 -0.09
CA VAL E 186 -14.10 64.07 0.92
C VAL E 186 -14.79 65.27 0.28
N LEU E 187 -14.02 66.12 -0.39
CA LEU E 187 -14.59 67.34 -0.95
C LEU E 187 -15.65 67.06 -2.00
N GLU E 188 -15.66 65.86 -2.58
CA GLU E 188 -16.71 65.50 -3.52
C GLU E 188 -17.87 64.77 -2.84
N SER E 189 -17.73 64.42 -1.57
CA SER E 189 -18.87 63.89 -0.84
C SER E 189 -19.78 64.99 -0.34
N LEU E 190 -19.30 66.23 -0.30
CA LEU E 190 -20.14 67.34 0.11
C LEU E 190 -21.09 67.76 -1.00
N THR E 191 -20.71 67.51 -2.25
CA THR E 191 -21.47 68.02 -3.38
C THR E 191 -21.43 67.13 -4.59
N GLN E 205 -16.36 70.59 -9.32
CA GLN E 205 -15.52 69.57 -9.92
C GLN E 205 -14.13 69.54 -9.31
N ILE E 206 -13.73 68.36 -8.81
CA ILE E 206 -12.43 68.16 -8.19
C ILE E 206 -11.83 66.86 -8.71
N VAL E 207 -10.62 66.95 -9.23
CA VAL E 207 -9.86 65.80 -9.67
C VAL E 207 -8.47 65.88 -9.05
N ALA E 208 -7.99 64.76 -8.53
CA ALA E 208 -6.73 64.70 -7.83
C ALA E 208 -5.63 64.14 -8.73
N ASP E 209 -4.46 64.75 -8.68
CA ASP E 209 -3.30 64.27 -9.42
C ASP E 209 -2.38 63.55 -8.46
N GLU E 210 -2.07 62.29 -8.77
CA GLU E 210 -1.32 61.45 -7.84
C GLU E 210 0.14 61.89 -7.75
N ARG E 211 0.79 62.05 -8.90
CA ARG E 211 2.24 62.19 -8.92
C ARG E 211 2.72 63.36 -8.06
N THR E 212 2.24 64.56 -8.37
CA THR E 212 2.66 65.74 -7.65
C THR E 212 1.92 65.91 -6.35
N ASN E 213 0.98 65.02 -6.03
CA ASN E 213 0.17 65.11 -4.83
C ASN E 213 -0.52 66.46 -4.76
N SER E 214 -1.41 66.69 -5.71
CA SER E 214 -2.02 67.99 -5.88
C SER E 214 -3.42 67.81 -6.42
N VAL E 215 -4.31 68.72 -6.03
CA VAL E 215 -5.72 68.64 -6.36
C VAL E 215 -6.03 69.68 -7.42
N ILE E 216 -6.60 69.24 -8.54
CA ILE E 216 -7.08 70.14 -9.57
C ILE E 216 -8.51 70.54 -9.22
N VAL E 217 -8.78 71.84 -9.27
CA VAL E 217 -10.09 72.38 -8.89
C VAL E 217 -10.58 73.27 -10.03
N SER E 218 -11.90 73.39 -10.15
CA SER E 218 -12.51 74.20 -11.21
C SER E 218 -13.75 74.91 -10.72
N GLY E 219 -13.92 76.16 -11.13
CA GLY E 219 -15.06 76.95 -10.76
C GLY E 219 -14.75 78.44 -10.85
N ASP E 220 -15.78 79.24 -10.61
CA ASP E 220 -15.60 80.69 -10.64
C ASP E 220 -14.74 81.15 -9.47
N PRO E 221 -14.13 82.33 -9.57
CA PRO E 221 -13.15 82.74 -8.55
C PRO E 221 -13.71 82.86 -7.14
N ALA E 222 -15.02 82.90 -6.95
CA ALA E 222 -15.55 82.87 -5.59
C ALA E 222 -15.59 81.44 -5.04
N THR E 223 -15.99 80.47 -5.87
CA THR E 223 -15.99 79.08 -5.42
C THR E 223 -14.57 78.57 -5.25
N ARG E 224 -13.66 78.97 -6.12
CA ARG E 224 -12.27 78.58 -5.93
C ARG E 224 -11.63 79.29 -4.77
N ASP E 225 -12.33 80.22 -4.12
CA ASP E 225 -11.86 80.73 -2.84
C ASP E 225 -12.16 79.77 -1.70
N LYS E 226 -13.39 79.25 -1.64
CA LYS E 226 -13.78 78.44 -0.49
C LYS E 226 -12.97 77.16 -0.42
N MET E 227 -12.98 76.39 -1.50
CA MET E 227 -12.18 75.17 -1.52
C MET E 227 -10.70 75.43 -1.30
N ARG E 228 -10.23 76.64 -1.58
CA ARG E 228 -8.84 76.95 -1.27
C ARG E 228 -8.64 77.22 0.22
N ARG E 229 -9.67 77.72 0.91
CA ARG E 229 -9.59 77.86 2.36
C ARG E 229 -9.87 76.55 3.08
N LEU E 230 -10.71 75.69 2.51
CA LEU E 230 -11.02 74.43 3.16
C LEU E 230 -9.92 73.42 2.97
N ILE E 231 -9.17 73.50 1.87
CA ILE E 231 -8.03 72.61 1.66
C ILE E 231 -6.85 73.01 2.53
N ARG E 232 -6.74 74.26 2.96
CA ARG E 232 -5.67 74.63 3.87
C ARG E 232 -5.84 74.02 5.25
N ARG E 233 -7.09 73.81 5.70
CA ARG E 233 -7.27 73.12 6.97
C ARG E 233 -7.10 71.62 6.84
N LEU E 234 -7.57 71.01 5.76
CA LEU E 234 -7.38 69.57 5.63
C LEU E 234 -5.93 69.20 5.36
N ASP E 235 -5.09 70.16 4.98
CA ASP E 235 -3.67 69.95 4.84
C ASP E 235 -2.91 70.30 6.11
N SER E 236 -3.58 70.84 7.13
CA SER E 236 -2.88 71.21 8.35
C SER E 236 -2.18 69.99 8.93
N GLU E 237 -0.99 70.21 9.50
CA GLU E 237 -0.19 69.09 9.96
C GLU E 237 -0.80 68.48 11.22
N MET E 238 -0.92 67.15 11.20
CA MET E 238 -1.31 66.37 12.36
C MET E 238 -0.24 66.49 13.43
N GLU E 239 -0.67 66.47 14.70
CA GLU E 239 0.30 66.55 15.79
C GLU E 239 0.65 65.13 16.21
N ARG E 240 1.78 64.63 15.71
CA ARG E 240 2.53 63.52 16.27
C ARG E 240 1.71 62.23 16.39
N SER E 241 0.39 62.35 16.35
CA SER E 241 -0.51 61.25 16.71
C SER E 241 -1.31 60.86 15.48
N GLY E 242 -0.93 59.74 14.88
CA GLY E 242 -1.68 59.18 13.79
C GLY E 242 -2.67 58.18 14.32
N ASN E 243 -3.16 57.35 13.41
CA ASN E 243 -3.91 56.22 13.92
C ASN E 243 -3.00 55.17 14.53
N SER E 244 -1.68 55.31 14.38
CA SER E 244 -0.72 54.35 14.89
C SER E 244 0.10 54.97 16.01
N GLN E 245 0.17 54.29 17.15
CA GLN E 245 1.06 54.65 18.22
C GLN E 245 1.90 53.46 18.59
N VAL E 246 2.99 53.73 19.30
CA VAL E 246 3.96 52.74 19.69
C VAL E 246 4.03 52.75 21.20
N PHE E 247 3.64 51.65 21.83
CA PHE E 247 3.66 51.52 23.29
C PHE E 247 4.84 50.68 23.70
N TYR E 248 5.77 51.28 24.41
CA TYR E 248 6.85 50.52 25.01
C TYR E 248 6.33 49.91 26.31
N LEU E 249 6.35 48.59 26.38
CA LEU E 249 5.80 47.92 27.54
C LEU E 249 6.83 47.90 28.66
N LYS E 250 6.40 48.31 29.83
CA LYS E 250 7.32 48.40 30.96
C LYS E 250 7.58 47.06 31.59
N TYR E 251 6.60 46.16 31.59
CA TYR E 251 6.78 44.89 32.25
C TYR E 251 6.38 43.75 31.34
N SER E 252 5.14 43.76 30.88
CA SER E 252 4.65 42.66 30.07
C SER E 252 5.57 42.40 28.88
N LYS E 253 5.62 41.14 28.47
CA LYS E 253 6.31 40.80 27.25
C LYS E 253 5.42 41.09 26.07
N ALA E 254 5.90 41.92 25.15
CA ALA E 254 5.05 42.55 24.15
C ALA E 254 4.19 41.56 23.40
N GLU E 255 4.70 40.37 23.16
CA GLU E 255 3.97 39.42 22.33
C GLU E 255 3.11 38.47 23.15
N ASP E 256 3.02 38.67 24.46
CA ASP E 256 1.95 38.02 25.21
C ASP E 256 0.66 38.81 25.11
N LEU E 257 0.73 40.13 25.25
CA LEU E 257 -0.45 40.96 25.12
C LEU E 257 -0.97 41.00 23.70
N VAL E 258 -0.23 40.50 22.72
CA VAL E 258 -0.64 40.77 21.35
C VAL E 258 -1.87 39.96 21.00
N ASP E 259 -2.01 38.77 21.57
CA ASP E 259 -3.23 38.00 21.34
C ASP E 259 -4.37 38.45 22.24
N VAL E 260 -4.06 38.71 23.50
CA VAL E 260 -5.05 39.28 24.41
C VAL E 260 -5.71 40.49 23.80
N LEU E 261 -4.95 41.30 23.08
CA LEU E 261 -5.49 42.49 22.45
C LEU E 261 -6.12 42.23 21.10
N LYS E 262 -5.90 41.08 20.49
CA LYS E 262 -6.55 40.86 19.20
C LYS E 262 -8.02 40.50 19.38
N GLN E 263 -8.38 39.84 20.46
CA GLN E 263 -9.79 39.58 20.74
C GLN E 263 -10.48 40.84 21.22
N VAL E 264 -9.90 41.52 22.22
CA VAL E 264 -10.43 42.79 22.70
C VAL E 264 -10.65 43.75 21.55
N SER E 265 -9.73 43.80 20.61
CA SER E 265 -9.88 44.68 19.47
C SER E 265 -10.80 44.09 18.42
N GLY E 266 -10.93 42.77 18.39
CA GLY E 266 -11.77 42.15 17.37
C GLY E 266 -13.23 42.55 17.50
N THR E 267 -13.80 42.37 18.68
CA THR E 267 -15.21 42.63 18.92
C THR E 267 -15.48 44.05 19.35
N LEU E 268 -14.46 44.90 19.37
CA LEU E 268 -14.64 46.31 19.65
C LEU E 268 -14.84 47.11 18.38
N THR E 269 -14.68 46.48 17.22
CA THR E 269 -15.01 47.07 15.94
C THR E 269 -16.53 47.20 15.78
N ILE E 285 -11.30 49.38 11.07
CA ILE E 285 -10.45 48.21 11.18
C ILE E 285 -9.33 48.51 12.18
N VAL E 286 -8.77 47.46 12.76
CA VAL E 286 -7.83 47.56 13.86
C VAL E 286 -6.74 46.53 13.69
N SER E 287 -5.50 46.93 13.86
CA SER E 287 -4.37 46.02 13.75
C SER E 287 -3.47 46.19 14.96
N ILE E 288 -3.01 45.06 15.51
CA ILE E 288 -2.07 45.03 16.60
C ILE E 288 -0.85 44.24 16.15
N ALA E 289 0.32 44.82 16.29
CA ALA E 289 1.55 44.14 15.94
C ALA E 289 2.58 44.39 17.02
N ALA E 290 3.46 43.41 17.23
CA ALA E 290 4.44 43.47 18.30
C ALA E 290 5.83 43.28 17.74
N SER E 291 6.72 44.21 18.07
CA SER E 291 8.12 44.12 17.67
C SER E 291 8.86 43.34 18.73
N LYS E 292 9.35 42.15 18.37
CA LYS E 292 10.04 41.34 19.38
C LYS E 292 11.31 42.01 19.85
N HIS E 293 12.14 42.47 18.92
CA HIS E 293 13.43 43.01 19.31
C HIS E 293 13.26 44.22 20.21
N SER E 294 12.26 45.05 19.96
CA SER E 294 12.11 46.27 20.74
C SER E 294 11.15 46.13 21.91
N ASN E 295 10.47 45.00 22.04
CA ASN E 295 9.49 44.79 23.10
C ASN E 295 8.47 45.92 23.15
N ALA E 296 7.84 46.16 22.02
CA ALA E 296 6.84 47.21 21.94
C ALA E 296 5.80 46.78 20.94
N LEU E 297 4.55 47.09 21.24
CA LEU E 297 3.46 46.77 20.35
C LEU E 297 2.91 48.04 19.73
N ILE E 298 2.38 47.91 18.53
CA ILE E 298 2.05 49.03 17.69
C ILE E 298 0.58 48.96 17.38
N VAL E 299 -0.19 49.87 17.94
CA VAL E 299 -1.63 49.84 17.84
C VAL E 299 -2.04 50.84 16.79
N THR E 300 -2.75 50.37 15.77
CA THR E 300 -3.33 51.24 14.76
C THR E 300 -4.84 51.08 14.78
N ALA E 301 -5.54 52.12 15.17
CA ALA E 301 -6.99 52.08 15.25
C ALA E 301 -7.52 53.49 15.19
N PRO E 302 -8.84 53.65 15.06
CA PRO E 302 -9.41 54.98 15.13
C PRO E 302 -9.26 55.60 16.50
N GLN E 303 -9.47 56.91 16.57
CA GLN E 303 -9.20 57.63 17.80
C GLN E 303 -10.01 57.12 18.98
N ASP E 304 -11.17 56.50 18.73
CA ASP E 304 -11.98 56.02 19.84
C ASP E 304 -11.49 54.68 20.36
N ILE E 305 -11.21 53.74 19.47
CA ILE E 305 -10.73 52.44 19.91
C ILE E 305 -9.38 52.57 20.58
N MET E 306 -8.56 53.50 20.09
CA MET E 306 -7.25 53.69 20.70
C MET E 306 -7.37 54.01 22.17
N GLN E 307 -8.19 55.02 22.51
CA GLN E 307 -8.29 55.43 23.90
C GLN E 307 -8.81 54.31 24.79
N SER E 308 -9.52 53.35 24.23
CA SER E 308 -9.85 52.15 24.98
C SER E 308 -8.62 51.29 25.19
N LEU E 309 -7.94 50.94 24.11
CA LEU E 309 -6.77 50.08 24.20
C LEU E 309 -5.62 50.73 24.95
N GLN E 310 -5.67 52.01 25.25
CA GLN E 310 -4.63 52.55 26.12
C GLN E 310 -4.93 52.30 27.58
N SER E 311 -6.18 52.21 27.96
CA SER E 311 -6.48 51.96 29.36
C SER E 311 -6.40 50.49 29.69
N VAL E 312 -6.50 49.61 28.71
CA VAL E 312 -6.24 48.21 28.93
C VAL E 312 -4.75 47.98 29.13
N ILE E 313 -3.94 48.39 28.16
CA ILE E 313 -2.50 48.20 28.25
C ILE E 313 -1.94 48.83 29.51
N GLU E 314 -2.51 49.95 29.93
CA GLU E 314 -2.04 50.55 31.17
C GLU E 314 -2.29 49.64 32.35
N GLN E 315 -3.35 48.85 32.31
CA GLN E 315 -3.72 48.00 33.43
C GLN E 315 -3.20 46.57 33.31
N LEU E 316 -2.70 46.17 32.17
CA LEU E 316 -2.07 44.86 32.01
C LEU E 316 -0.56 44.91 32.14
N ASP E 317 0.00 46.08 32.31
CA ASP E 317 1.43 46.28 32.32
C ASP E 317 2.01 46.24 33.72
N ILE E 318 1.22 45.83 34.71
CA ILE E 318 1.62 45.92 36.12
C ILE E 318 2.82 45.02 36.42
N ARG E 319 3.46 45.31 37.55
CA ARG E 319 4.63 44.60 38.02
C ARG E 319 4.27 43.31 38.74
N ARG E 320 5.00 42.24 38.45
CA ARG E 320 4.70 40.91 38.97
C ARG E 320 5.50 40.63 40.21
N ALA E 321 4.90 39.90 41.14
CA ALA E 321 5.57 39.49 42.36
C ALA E 321 6.16 38.11 42.15
N GLN E 322 7.28 37.84 42.78
CA GLN E 322 7.90 36.54 42.67
C GLN E 322 7.93 35.82 44.01
N VAL E 323 7.93 34.51 43.95
CA VAL E 323 7.66 33.65 45.08
C VAL E 323 8.86 32.76 45.29
N HIS E 324 9.21 32.48 46.53
CA HIS E 324 10.27 31.54 46.84
C HIS E 324 9.68 30.35 47.56
N VAL E 325 9.69 29.20 46.92
CA VAL E 325 9.00 28.02 47.41
C VAL E 325 10.01 27.02 47.92
N GLU E 326 10.04 26.80 49.22
CA GLU E 326 10.86 25.77 49.83
C GLU E 326 10.04 24.54 50.10
N ALA E 327 10.59 23.37 49.88
CA ALA E 327 9.99 22.13 50.32
C ALA E 327 10.86 21.59 51.43
N LEU E 328 10.30 20.81 52.33
CA LEU E 328 11.10 20.12 53.33
C LEU E 328 10.72 18.67 53.36
N ILE E 329 11.64 17.81 52.98
CA ILE E 329 11.28 16.41 52.96
C ILE E 329 11.97 15.71 54.11
N VAL E 330 11.22 15.31 55.12
CA VAL E 330 11.79 14.71 56.30
C VAL E 330 11.53 13.22 56.23
N GLU E 331 12.48 12.42 56.69
CA GLU E 331 12.23 10.99 56.84
C GLU E 331 12.99 10.48 58.04
N VAL E 332 12.32 9.73 58.92
CA VAL E 332 12.96 9.15 60.07
C VAL E 332 12.59 7.67 60.10
N ALA E 333 13.53 6.79 59.83
CA ALA E 333 13.28 5.38 59.83
C ALA E 333 14.00 4.73 61.01
N GLU E 334 13.38 3.72 61.58
CA GLU E 334 14.07 2.97 62.61
C GLU E 334 13.78 1.49 62.61
N GLY E 335 14.75 0.65 62.31
CA GLY E 335 14.53 -0.78 62.19
C GLY E 335 14.95 -1.50 63.45
N SER E 336 14.63 -2.78 63.53
CA SER E 336 15.17 -3.66 64.56
C SER E 336 14.88 -5.08 64.08
N ASN E 337 15.60 -6.05 64.60
CA ASN E 337 15.12 -7.42 64.66
C ASN E 337 16.00 -8.20 65.61
N ILE E 338 15.54 -9.32 66.08
CA ILE E 338 16.33 -10.16 66.96
C ILE E 338 16.03 -11.60 66.63
N ASN E 339 17.04 -12.44 66.69
CA ASN E 339 16.94 -13.81 66.23
C ASN E 339 17.69 -14.70 67.21
N PHE E 340 16.99 -15.61 67.87
CA PHE E 340 17.65 -16.49 68.82
C PHE E 340 17.15 -17.92 68.81
N GLY E 341 17.97 -18.90 68.53
CA GLY E 341 17.47 -20.27 68.61
C GLY E 341 18.54 -21.32 68.64
N VAL E 342 18.23 -22.44 69.23
CA VAL E 342 19.14 -23.54 69.49
C VAL E 342 18.91 -24.64 68.49
N GLN E 343 19.96 -25.33 68.12
CA GLN E 343 19.86 -26.44 67.18
C GLN E 343 20.76 -27.56 67.65
N TRP E 344 20.32 -28.78 67.41
CA TRP E 344 21.10 -29.95 67.77
C TRP E 344 21.38 -30.76 66.52
N ALA E 345 22.30 -31.69 66.67
CA ALA E 345 22.53 -32.69 65.65
C ALA E 345 23.21 -33.83 66.35
N SER E 346 23.30 -34.96 65.69
CA SER E 346 23.91 -36.11 66.32
C SER E 346 24.28 -37.12 65.25
N LYS E 347 24.59 -38.31 65.71
CA LYS E 347 24.86 -39.48 64.92
C LYS E 347 23.55 -39.92 64.30
N ASP E 348 23.48 -41.19 63.93
CA ASP E 348 22.26 -41.79 63.43
C ASP E 348 21.04 -41.54 64.33
N ALA E 349 21.25 -41.02 65.55
CA ALA E 349 20.21 -40.85 66.55
C ALA E 349 19.47 -39.51 66.49
N GLY E 350 19.67 -38.67 65.47
CA GLY E 350 18.66 -37.66 65.21
C GLY E 350 19.23 -36.35 64.72
N LEU E 351 18.34 -35.35 64.63
CA LEU E 351 18.72 -33.94 64.53
C LEU E 351 17.55 -33.08 64.95
N MET E 352 17.82 -31.80 65.15
CA MET E 352 16.81 -30.77 65.36
C MET E 352 17.25 -29.56 64.57
N GLN E 353 16.40 -29.06 63.70
CA GLN E 353 16.83 -28.06 62.75
C GLN E 353 15.72 -27.06 62.55
N PHE E 354 16.06 -25.77 62.51
CA PHE E 354 15.04 -24.74 62.34
C PHE E 354 15.44 -23.80 61.22
N ALA E 355 14.48 -23.48 60.36
CA ALA E 355 14.71 -22.72 59.14
C ALA E 355 14.43 -21.23 59.28
N ASN E 356 14.18 -20.75 60.50
CA ASN E 356 13.99 -19.32 60.69
C ASN E 356 15.27 -18.58 60.33
N GLY E 357 15.15 -17.30 60.03
CA GLY E 357 16.32 -16.52 59.66
C GLY E 357 16.85 -16.94 58.31
N THR E 358 18.09 -16.64 57.90
CA THR E 358 19.18 -15.89 58.56
C THR E 358 19.85 -16.71 59.65
N GLN E 359 19.18 -17.76 60.09
CA GLN E 359 19.73 -18.67 61.09
C GLN E 359 20.13 -19.92 60.35
N ILE E 360 21.43 -20.12 60.16
CA ILE E 360 21.88 -21.13 59.19
C ILE E 360 21.64 -22.52 59.76
N PRO E 361 21.03 -23.43 59.01
CA PRO E 361 20.57 -24.69 59.58
C PRO E 361 21.70 -25.66 59.82
N ILE E 362 21.54 -26.44 60.88
CA ILE E 362 22.62 -27.31 61.32
C ILE E 362 22.77 -28.53 60.44
N GLY E 363 21.76 -28.90 59.70
CA GLY E 363 21.93 -30.01 58.78
C GLY E 363 22.88 -29.61 57.68
N THR E 364 22.56 -28.55 56.96
CA THR E 364 23.41 -28.18 55.84
C THR E 364 24.75 -27.65 56.28
N LEU E 365 24.92 -27.37 57.57
CA LEU E 365 26.24 -27.10 58.09
C LEU E 365 27.04 -28.38 58.26
N GLY E 366 26.48 -29.35 58.98
CA GLY E 366 27.18 -30.59 59.25
C GLY E 366 27.60 -31.32 58.01
N ALA E 367 26.99 -31.04 56.87
CA ALA E 367 27.50 -31.57 55.62
C ALA E 367 28.72 -30.78 55.16
N ALA E 368 28.58 -29.45 55.09
CA ALA E 368 29.67 -28.63 54.60
C ALA E 368 30.93 -28.79 55.43
N ILE E 369 30.81 -29.18 56.69
CA ILE E 369 31.99 -29.50 57.46
C ILE E 369 32.61 -30.79 56.95
N SER E 370 31.79 -31.79 56.64
CA SER E 370 32.35 -33.07 56.27
C SER E 370 32.86 -33.08 54.84
N GLN E 371 32.22 -32.36 53.93
CA GLN E 371 32.81 -32.19 52.62
C GLN E 371 34.10 -31.38 52.67
N ALA E 372 34.43 -30.79 53.80
CA ALA E 372 35.66 -30.03 53.96
C ALA E 372 36.78 -30.84 54.57
N LYS E 373 36.56 -32.10 54.83
CA LYS E 373 37.67 -32.83 55.42
C LYS E 373 38.71 -33.15 54.35
N PRO E 374 39.97 -33.26 54.74
CA PRO E 374 41.00 -33.64 53.76
C PRO E 374 40.82 -35.07 53.33
N GLN E 375 40.82 -35.31 52.03
CA GLN E 375 40.68 -36.65 51.49
C GLN E 375 42.05 -37.21 51.19
N LYS E 376 42.44 -38.24 51.94
CA LYS E 376 43.78 -38.78 51.80
C LYS E 376 43.86 -39.54 50.49
N GLY E 377 44.72 -39.09 49.61
CA GLY E 377 44.87 -39.69 48.31
C GLY E 377 46.05 -40.63 48.25
N SER E 378 46.01 -41.50 47.26
CA SER E 378 47.17 -42.28 46.83
C SER E 378 46.89 -42.66 45.39
N THR E 379 47.95 -42.88 44.62
CA THR E 379 47.76 -43.31 43.24
C THR E 379 48.80 -44.36 42.89
N VAL E 380 48.31 -45.52 42.45
CA VAL E 380 49.15 -46.65 42.07
C VAL E 380 48.38 -47.42 41.00
N ILE E 381 49.13 -47.96 40.03
CA ILE E 381 48.66 -48.84 38.96
C ILE E 381 47.23 -48.57 38.53
N ILE E 389 52.55 -42.28 46.02
CA ILE E 389 52.53 -40.96 46.64
C ILE E 389 51.81 -40.91 47.95
N ASN E 390 52.01 -39.81 48.67
CA ASN E 390 51.26 -39.53 49.89
C ASN E 390 50.93 -38.04 49.95
N PRO E 391 50.23 -37.52 48.94
CA PRO E 391 49.68 -36.17 49.06
C PRO E 391 48.39 -36.24 49.85
N ASP E 392 47.95 -35.06 50.29
CA ASP E 392 46.61 -34.92 50.83
C ASP E 392 45.97 -33.73 50.12
N THR E 393 44.91 -34.00 49.36
CA THR E 393 44.22 -32.95 48.63
C THR E 393 43.66 -31.88 49.55
N ASN E 394 43.65 -32.14 50.84
CA ASN E 394 43.06 -31.25 51.84
C ASN E 394 41.59 -31.04 51.47
N GLY E 395 41.03 -29.85 51.65
CA GLY E 395 39.62 -29.64 51.46
C GLY E 395 39.30 -28.82 50.22
N ASP E 396 38.00 -28.64 50.04
CA ASP E 396 37.47 -27.54 49.22
C ASP E 396 36.42 -26.84 50.07
N LEU E 397 36.72 -25.63 50.48
CA LEU E 397 35.87 -24.88 51.38
C LEU E 397 34.83 -24.06 50.65
N SER E 398 34.73 -24.22 49.33
CA SER E 398 33.69 -23.51 48.59
C SER E 398 32.33 -23.70 49.22
N THR E 399 32.03 -24.91 49.69
CA THR E 399 30.70 -25.16 50.24
C THR E 399 30.56 -24.49 51.60
N LEU E 400 31.55 -24.65 52.48
CA LEU E 400 31.41 -24.11 53.82
C LEU E 400 31.45 -22.60 53.81
N ALA E 401 32.31 -22.01 53.00
CA ALA E 401 32.37 -20.56 52.95
C ALA E 401 31.19 -19.95 52.22
N GLN E 402 30.33 -20.76 51.61
CA GLN E 402 29.12 -20.18 51.03
C GLN E 402 28.03 -19.98 52.07
N LEU E 403 27.94 -20.88 53.05
CA LEU E 403 27.06 -20.63 54.18
C LEU E 403 27.43 -19.33 54.86
N LEU E 404 28.68 -19.21 55.25
CA LEU E 404 29.16 -18.09 56.03
C LEU E 404 29.20 -16.80 55.24
N SER E 405 28.88 -16.83 53.95
CA SER E 405 29.02 -15.64 53.12
C SER E 405 28.21 -14.48 53.69
N GLY E 406 26.91 -14.66 53.83
CA GLY E 406 26.06 -13.62 54.35
C GLY E 406 25.71 -13.73 55.82
N PHE E 407 26.19 -14.77 56.49
CA PHE E 407 25.86 -14.98 57.89
C PHE E 407 26.35 -13.82 58.74
N SER E 408 25.58 -13.53 59.79
CA SER E 408 25.89 -12.44 60.69
C SER E 408 25.45 -12.81 62.08
N GLY E 409 26.26 -12.49 63.08
CA GLY E 409 25.92 -12.75 64.46
C GLY E 409 26.48 -14.06 64.96
N THR E 410 26.34 -14.24 66.27
CA THR E 410 26.91 -15.39 66.96
C THR E 410 26.50 -16.71 66.33
N ALA E 411 27.43 -17.65 66.30
CA ALA E 411 27.12 -19.07 66.31
C ALA E 411 28.09 -19.71 67.28
N VAL E 412 27.60 -20.20 68.39
CA VAL E 412 28.42 -20.92 69.35
C VAL E 412 28.08 -22.38 69.23
N GLY E 413 29.07 -23.24 69.43
CA GLY E 413 28.81 -24.63 69.19
C GLY E 413 29.57 -25.53 70.11
N VAL E 414 29.21 -26.81 70.04
CA VAL E 414 30.02 -27.89 70.54
C VAL E 414 30.07 -28.88 69.41
N VAL E 415 31.21 -29.02 68.75
CA VAL E 415 31.33 -30.07 67.75
C VAL E 415 32.36 -31.06 68.28
N LYS E 416 31.88 -32.18 68.79
CA LYS E 416 32.75 -33.25 69.27
C LYS E 416 32.02 -34.56 69.04
N GLY E 417 32.70 -35.52 68.40
CA GLY E 417 32.04 -36.78 68.09
C GLY E 417 30.85 -36.63 67.18
N ASP E 418 30.90 -35.65 66.26
CA ASP E 418 29.92 -35.45 65.20
C ASP E 418 28.55 -34.99 65.70
N TRP E 419 28.29 -35.13 67.00
CA TRP E 419 27.10 -34.53 67.57
C TRP E 419 27.43 -33.12 67.95
N MET E 420 26.47 -32.23 67.79
CA MET E 420 26.75 -30.82 68.00
C MET E 420 25.51 -30.11 68.50
N ALA E 421 25.72 -29.00 69.18
CA ALA E 421 24.66 -28.11 69.63
C ALA E 421 25.08 -26.69 69.30
N LEU E 422 24.33 -26.03 68.44
CA LEU E 422 24.78 -24.79 67.81
C LEU E 422 23.79 -23.68 68.17
N VAL E 423 24.20 -22.75 69.00
CA VAL E 423 23.31 -21.73 69.56
C VAL E 423 23.55 -20.43 68.83
N GLN E 424 22.62 -20.00 68.00
CA GLN E 424 22.82 -18.81 67.20
C GLN E 424 21.96 -17.68 67.72
N ALA E 425 22.52 -16.48 67.76
CA ALA E 425 21.77 -15.31 68.20
C ALA E 425 22.34 -14.05 67.58
N VAL E 426 21.51 -13.04 67.35
CA VAL E 426 21.95 -11.77 66.80
C VAL E 426 20.90 -10.74 67.16
N LYS E 427 21.26 -9.48 67.16
CA LYS E 427 20.30 -8.41 67.22
C LYS E 427 20.70 -7.30 66.28
N ASN E 428 20.00 -7.15 65.18
CA ASN E 428 20.29 -6.10 64.25
C ASN E 428 19.46 -4.89 64.59
N ASP E 429 20.08 -3.74 64.57
CA ASP E 429 19.36 -2.53 64.91
C ASP E 429 19.85 -1.42 64.02
N SER E 430 18.99 -0.78 63.26
CA SER E 430 19.42 0.31 62.41
C SER E 430 18.70 1.58 62.80
N SER E 431 18.98 2.63 62.07
CA SER E 431 18.33 3.91 62.22
C SER E 431 18.59 4.70 60.97
N SER E 432 17.85 5.77 60.79
CA SER E 432 18.14 6.70 59.72
C SER E 432 17.52 8.04 60.04
N ASN E 433 18.06 9.06 59.45
CA ASN E 433 17.47 10.37 59.58
C ASN E 433 17.83 11.13 58.33
N VAL E 434 16.90 11.81 57.70
CA VAL E 434 17.18 12.49 56.44
C VAL E 434 16.40 13.77 56.42
N LEU E 435 17.02 14.84 55.99
CA LEU E 435 16.29 16.08 55.80
C LEU E 435 16.77 16.72 54.52
N SER E 436 15.95 16.83 53.50
CA SER E 436 16.38 17.49 52.30
C SER E 436 15.37 18.55 51.94
N THR E 437 15.84 19.65 51.44
CA THR E 437 15.02 20.82 51.27
C THR E 437 15.28 21.61 50.01
N PRO E 438 14.82 21.13 48.86
CA PRO E 438 15.00 21.87 47.62
C PRO E 438 14.13 23.10 47.60
N SER E 439 14.57 24.11 46.86
CA SER E 439 13.81 25.35 46.80
C SER E 439 14.06 26.03 45.47
N ILE E 440 13.05 26.71 44.96
CA ILE E 440 13.09 27.32 43.64
C ILE E 440 12.47 28.70 43.76
N THR E 441 12.79 29.58 42.82
CA THR E 441 12.25 30.93 42.82
C THR E 441 11.69 31.23 41.44
N THR E 442 10.43 31.64 41.40
CA THR E 442 9.75 31.86 40.13
C THR E 442 9.08 33.21 40.18
N LEU E 443 8.67 33.69 39.03
CA LEU E 443 7.64 34.71 39.05
C LEU E 443 6.30 34.08 39.33
N ASP E 444 5.37 34.91 39.77
CA ASP E 444 3.98 34.51 39.86
C ASP E 444 3.50 33.94 38.54
N ASN E 445 2.63 32.94 38.61
CA ASN E 445 1.91 32.36 37.49
C ASN E 445 2.80 31.65 36.49
N GLN E 446 4.11 31.65 36.68
CA GLN E 446 5.03 30.95 35.80
C GLN E 446 5.48 29.68 36.47
N GLU E 447 5.66 28.60 35.72
CA GLU E 447 6.05 27.35 36.36
C GLU E 447 7.54 27.15 36.35
N ALA E 448 8.04 26.66 37.47
CA ALA E 448 9.46 26.40 37.66
C ALA E 448 9.68 24.92 37.78
N PHE E 449 10.86 24.48 37.43
CA PHE E 449 11.23 23.09 37.47
C PHE E 449 12.61 23.01 38.07
N PHE E 450 12.81 22.12 39.01
CA PHE E 450 14.10 22.00 39.66
C PHE E 450 14.43 20.55 39.85
N MET E 451 15.49 20.05 39.23
CA MET E 451 15.87 18.66 39.38
C MET E 451 17.30 18.58 39.83
N VAL E 452 17.56 17.79 40.86
CA VAL E 452 18.91 17.40 41.23
C VAL E 452 18.89 15.90 41.29
N GLY E 453 19.60 15.25 40.38
CA GLY E 453 19.38 13.85 40.20
C GLY E 453 20.34 13.31 39.20
N GLN E 454 19.96 12.21 38.57
CA GLN E 454 20.74 11.68 37.48
C GLN E 454 19.80 11.12 36.44
N ASP E 455 20.31 10.97 35.23
CA ASP E 455 19.51 10.66 34.07
C ASP E 455 19.89 9.29 33.55
N VAL E 456 19.01 8.32 33.71
CA VAL E 456 19.37 6.91 33.61
C VAL E 456 18.53 6.23 32.53
N PRO E 457 19.09 5.33 31.74
CA PRO E 457 18.32 4.70 30.66
C PRO E 457 17.39 3.59 31.11
N VAL E 458 16.22 3.53 30.48
CA VAL E 458 15.24 2.49 30.75
C VAL E 458 14.99 1.73 29.46
N LEU E 459 14.71 0.44 29.58
CA LEU E 459 15.12 -0.53 28.57
C LEU E 459 14.81 -0.13 27.14
N THR E 460 13.62 0.36 26.80
CA THR E 460 12.34 -0.07 27.26
C THR E 460 11.58 -0.27 25.94
N GLY E 461 11.33 -1.52 25.61
CA GLY E 461 10.89 -1.88 24.28
C GLY E 461 11.80 -2.89 23.64
N THR E 474 15.07 -0.51 23.14
CA THR E 474 14.79 0.75 22.49
C THR E 474 15.23 1.93 23.37
N VAL E 475 15.60 1.62 24.61
CA VAL E 475 16.36 2.49 25.50
C VAL E 475 15.89 3.93 25.49
N GLU E 476 14.76 4.21 26.10
CA GLU E 476 14.42 5.57 26.44
C GLU E 476 15.21 6.04 27.67
N ARG E 477 15.24 7.35 27.87
CA ARG E 477 16.15 8.04 28.78
C ARG E 477 15.34 8.71 29.88
N LYS E 478 15.47 8.23 31.12
CA LYS E 478 14.59 8.63 32.22
C LYS E 478 15.37 9.33 33.32
N LYS E 479 14.73 10.32 33.94
CA LYS E 479 15.36 11.16 34.96
C LYS E 479 14.88 10.81 36.34
N VAL E 480 15.81 10.53 37.24
CA VAL E 480 15.49 10.19 38.62
C VAL E 480 16.23 11.13 39.54
N GLY E 481 15.61 11.51 40.62
CA GLY E 481 16.25 12.28 41.66
C GLY E 481 15.25 13.22 42.26
N ILE E 482 15.71 14.09 43.15
CA ILE E 482 14.81 15.09 43.68
C ILE E 482 14.29 15.97 42.57
N MET E 483 12.98 16.09 42.48
CA MET E 483 12.37 16.91 41.45
C MET E 483 11.26 17.69 42.10
N LEU E 484 11.17 18.97 41.78
CA LEU E 484 10.14 19.82 42.32
C LEU E 484 9.66 20.67 41.18
N LYS E 485 8.37 20.65 40.89
CA LYS E 485 7.83 21.46 39.81
C LYS E 485 6.60 22.16 40.33
N VAL E 486 6.64 23.47 40.42
CA VAL E 486 5.62 24.23 41.13
C VAL E 486 5.26 25.43 40.29
N THR E 487 4.02 25.88 40.41
CA THR E 487 3.53 27.03 39.63
C THR E 487 2.59 27.93 40.42
N PRO E 488 3.13 28.86 41.19
CA PRO E 488 2.33 29.57 42.17
C PRO E 488 1.47 30.66 41.57
N GLN E 489 0.42 31.06 42.31
CA GLN E 489 -0.26 32.30 41.99
C GLN E 489 -0.71 32.98 43.27
N ILE E 490 -0.42 34.25 43.41
CA ILE E 490 -0.71 34.94 44.67
C ILE E 490 -2.17 35.35 44.69
N ASN E 491 -2.89 34.93 45.73
CA ASN E 491 -4.33 35.10 45.82
C ASN E 491 -4.77 36.34 46.54
N GLU E 492 -3.86 37.26 46.84
CA GLU E 492 -4.28 38.61 47.17
C GLU E 492 -4.88 38.67 48.57
N GLY E 493 -5.26 37.53 49.11
CA GLY E 493 -5.30 37.50 50.54
C GLY E 493 -3.92 37.35 51.14
N ASN E 494 -2.89 37.48 50.31
CA ASN E 494 -1.50 37.18 50.65
C ASN E 494 -1.32 35.68 50.93
N ALA E 495 -1.80 34.85 50.01
CA ALA E 495 -1.79 33.40 50.15
C ALA E 495 -1.49 32.77 48.80
N VAL E 496 -0.57 31.81 48.78
CA VAL E 496 0.13 31.53 47.54
C VAL E 496 -0.50 30.48 46.59
N GLN E 497 -1.24 29.49 47.05
CA GLN E 497 -1.88 28.62 46.05
C GLN E 497 -0.93 27.91 45.08
N MET E 498 -0.23 26.87 45.54
CA MET E 498 0.69 26.13 44.70
C MET E 498 -0.03 25.16 43.79
N VAL E 499 0.64 24.76 42.72
CA VAL E 499 0.31 23.55 42.00
C VAL E 499 1.61 22.78 41.87
N ILE E 500 1.73 21.67 42.56
CA ILE E 500 3.04 21.16 42.92
C ILE E 500 3.15 19.69 42.57
N GLU E 501 4.32 19.28 42.10
CA GLU E 501 4.66 17.88 41.95
C GLU E 501 6.02 17.67 42.59
N GLN E 502 6.04 17.02 43.73
CA GLN E 502 7.26 16.62 44.38
C GLN E 502 7.59 15.22 43.94
N GLU E 503 8.87 14.93 43.82
CA GLU E 503 9.24 13.55 43.55
C GLU E 503 10.63 13.29 44.08
N VAL E 504 10.84 12.10 44.63
CA VAL E 504 12.16 11.71 45.10
C VAL E 504 12.40 10.29 44.66
N SER E 505 13.34 10.10 43.75
CA SER E 505 13.59 8.81 43.17
C SER E 505 15.04 8.42 43.40
N LYS E 506 15.33 7.14 43.21
CA LYS E 506 16.71 6.71 43.12
C LYS E 506 16.73 5.35 42.47
N VAL E 507 17.88 4.98 41.93
CA VAL E 507 18.03 3.66 41.36
C VAL E 507 18.30 2.68 42.49
N GLU E 508 17.41 1.72 42.66
CA GLU E 508 17.63 0.63 43.59
C GLU E 508 17.66 -0.66 42.79
N GLY E 509 18.24 -1.70 43.38
CA GLY E 509 18.83 -2.70 42.52
C GLY E 509 17.92 -3.48 41.59
N GLN E 510 18.19 -3.32 40.30
CA GLN E 510 17.89 -4.24 39.22
C GLN E 510 16.52 -4.90 39.19
N THR E 511 16.49 -6.06 38.57
CA THR E 511 15.39 -7.00 38.37
C THR E 511 15.95 -7.93 37.33
N SER E 512 15.21 -8.94 36.89
CA SER E 512 15.71 -9.72 35.76
C SER E 512 16.17 -8.83 34.62
N LEU E 513 15.25 -8.10 34.01
CA LEU E 513 15.49 -7.45 32.73
C LEU E 513 15.80 -5.96 32.78
N ASP E 514 15.84 -5.32 33.94
CA ASP E 514 16.06 -3.88 34.00
C ASP E 514 16.39 -3.41 35.41
N VAL E 515 16.41 -2.07 35.57
CA VAL E 515 16.54 -1.41 36.87
C VAL E 515 15.16 -1.07 37.41
N VAL E 516 15.00 -1.26 38.69
CA VAL E 516 13.84 -0.80 39.41
C VAL E 516 14.24 0.50 40.08
N PHE E 517 13.34 1.47 40.15
CA PHE E 517 13.63 2.73 40.80
C PHE E 517 12.80 2.85 42.06
N GLY E 518 13.45 3.12 43.17
CA GLY E 518 12.67 3.55 44.31
C GLY E 518 12.06 4.88 43.93
N GLU E 519 10.78 5.08 44.20
CA GLU E 519 10.15 6.32 43.80
C GLU E 519 9.08 6.69 44.80
N ARG E 520 9.06 7.94 45.23
CA ARG E 520 7.95 8.42 46.03
C ARG E 520 7.58 9.81 45.57
N LYS E 521 6.37 10.00 45.09
CA LYS E 521 6.00 11.28 44.57
C LYS E 521 4.60 11.62 44.97
N LEU E 522 4.32 12.90 45.03
CA LEU E 522 2.97 13.35 45.30
C LEU E 522 2.69 14.59 44.50
N LYS E 523 1.58 14.63 43.81
CA LYS E 523 1.21 15.81 43.07
C LYS E 523 -0.19 16.23 43.45
N THR E 524 -0.29 17.41 44.03
CA THR E 524 -1.48 17.88 44.69
C THR E 524 -1.65 19.34 44.31
N THR E 525 -2.57 20.02 44.97
CA THR E 525 -2.69 21.46 44.88
C THR E 525 -3.02 21.98 46.26
N VAL E 526 -2.20 22.88 46.78
CA VAL E 526 -2.36 23.31 48.15
C VAL E 526 -2.51 24.81 48.14
N LEU E 527 -2.95 25.33 49.26
CA LEU E 527 -3.17 26.76 49.42
C LEU E 527 -2.49 27.16 50.72
N ALA E 528 -1.43 27.93 50.62
CA ALA E 528 -0.59 28.22 51.78
C ALA E 528 -0.50 29.71 52.01
N ASN E 529 -0.47 30.11 53.26
CA ASN E 529 -0.29 31.52 53.56
C ASN E 529 1.12 31.97 53.21
N ASP E 530 1.30 33.27 53.18
CA ASP E 530 2.53 33.87 52.67
C ASP E 530 3.76 33.26 53.33
N GLY E 531 3.84 33.31 54.65
CA GLY E 531 5.08 32.90 55.25
C GLY E 531 5.03 31.60 56.00
N GLU E 532 4.00 30.81 55.78
CA GLU E 532 3.67 29.72 56.69
C GLU E 532 3.66 28.40 55.98
N LEU E 533 3.64 27.35 56.79
CA LEU E 533 4.12 26.03 56.43
C LEU E 533 2.94 25.08 56.38
N ILE E 534 2.65 24.52 55.21
CA ILE E 534 1.55 23.60 55.08
C ILE E 534 2.11 22.23 54.74
N VAL E 535 1.46 21.18 55.23
CA VAL E 535 1.92 19.81 55.01
C VAL E 535 1.28 19.26 53.76
N LEU E 536 2.10 18.79 52.83
CA LEU E 536 1.55 18.21 51.61
C LEU E 536 1.14 16.78 51.77
N GLY E 537 1.91 15.97 52.47
CA GLY E 537 1.75 14.56 52.35
C GLY E 537 2.43 13.88 53.50
N GLY E 538 2.59 12.59 53.40
CA GLY E 538 3.20 11.88 54.49
C GLY E 538 2.89 10.42 54.45
N LEU E 539 3.55 9.70 55.33
CA LEU E 539 3.33 8.28 55.48
C LEU E 539 3.77 7.94 56.88
N MET E 540 3.15 6.96 57.50
CA MET E 540 3.62 6.47 58.76
C MET E 540 3.46 4.97 58.67
N ASP E 541 4.52 4.21 58.86
CA ASP E 541 4.43 2.80 58.52
C ASP E 541 5.09 2.00 59.61
N ASP E 542 4.33 1.13 60.28
CA ASP E 542 4.86 0.29 61.33
C ASP E 542 4.71 -1.16 60.95
N GLN E 543 5.51 -2.02 61.56
CA GLN E 543 5.34 -3.45 61.42
C GLN E 543 5.85 -4.07 62.70
N ALA E 544 5.25 -5.16 63.11
CA ALA E 544 5.89 -6.00 64.09
C ALA E 544 5.69 -7.44 63.66
N GLY E 545 6.72 -8.07 63.21
CA GLY E 545 6.60 -9.46 62.86
C GLY E 545 6.86 -10.32 64.04
N GLU E 546 6.68 -11.62 63.85
CA GLU E 546 7.20 -12.60 64.77
C GLU E 546 7.18 -13.94 64.07
N SER E 547 7.89 -14.88 64.64
CA SER E 547 7.87 -16.24 64.15
C SER E 547 8.30 -17.11 65.32
N VAL E 548 8.06 -18.40 65.20
CA VAL E 548 8.60 -19.29 66.19
C VAL E 548 8.63 -20.65 65.54
N ALA E 549 9.35 -21.58 66.12
CA ALA E 549 9.27 -22.96 65.73
C ALA E 549 9.61 -23.74 66.97
N LYS E 550 9.06 -24.91 67.13
CA LYS E 550 9.41 -25.69 68.30
C LYS E 550 9.05 -27.14 68.07
N VAL E 551 9.17 -27.94 69.11
CA VAL E 551 9.11 -29.39 68.94
C VAL E 551 7.80 -30.09 68.60
N PRO E 552 6.63 -29.68 69.11
CA PRO E 552 5.89 -28.80 70.00
C PRO E 552 5.85 -29.00 71.48
N LEU E 553 5.80 -30.22 71.96
CA LEU E 553 5.32 -30.39 73.33
C LEU E 553 6.35 -29.89 74.34
N LEU E 554 7.64 -30.00 74.00
CA LEU E 554 8.72 -29.61 74.88
C LEU E 554 9.00 -28.11 74.85
N GLY E 555 8.58 -27.43 73.81
CA GLY E 555 8.83 -26.01 73.77
C GLY E 555 8.04 -25.19 74.75
N ASP E 556 7.13 -25.81 75.50
CA ASP E 556 6.27 -25.06 76.41
C ASP E 556 6.73 -25.10 77.86
N ILE E 557 7.77 -25.85 78.19
CA ILE E 557 8.22 -25.80 79.59
C ILE E 557 8.72 -24.41 79.89
N PRO E 558 8.35 -23.81 81.03
CA PRO E 558 8.65 -22.39 81.24
C PRO E 558 10.12 -22.07 81.43
N LEU E 559 10.95 -23.05 81.77
CA LEU E 559 12.39 -22.83 81.92
C LEU E 559 13.18 -23.35 80.73
N ILE E 560 13.16 -24.65 80.51
CA ILE E 560 14.05 -25.31 79.56
C ILE E 560 13.40 -25.31 78.19
N GLY E 561 12.25 -24.65 78.08
CA GLY E 561 11.63 -24.54 76.77
C GLY E 561 12.56 -23.97 75.74
N ASN E 562 13.31 -22.94 76.11
CA ASN E 562 14.11 -22.19 75.15
C ASN E 562 15.16 -23.04 74.45
N LEU E 563 15.45 -24.22 74.97
CA LEU E 563 16.42 -25.05 74.27
C LEU E 563 15.84 -25.60 72.98
N PHE E 564 14.52 -25.74 72.91
CA PHE E 564 13.87 -26.38 71.78
C PHE E 564 13.23 -25.42 70.79
N LYS E 565 13.37 -24.13 70.94
CA LYS E 565 12.67 -23.14 70.14
C LYS E 565 13.62 -22.40 69.23
N SER E 566 13.09 -21.82 68.18
CA SER E 566 13.82 -20.87 67.37
C SER E 566 12.91 -19.70 67.06
N THR E 567 13.28 -18.52 67.51
CA THR E 567 12.41 -17.36 67.42
C THR E 567 13.02 -16.32 66.51
N ALA E 568 12.18 -15.55 65.83
CA ALA E 568 12.65 -14.39 65.09
C ALA E 568 11.66 -13.27 65.25
N ASP E 569 12.09 -12.11 65.72
CA ASP E 569 11.21 -10.99 65.89
C ASP E 569 11.62 -9.87 64.97
N LYS E 570 10.71 -8.95 64.76
CA LYS E 570 11.04 -7.85 63.88
C LYS E 570 10.19 -6.69 64.28
N LYS E 571 10.73 -5.49 64.10
CA LYS E 571 10.01 -4.27 64.38
C LYS E 571 10.55 -3.24 63.43
N GLU E 572 9.69 -2.38 62.94
CA GLU E 572 10.13 -1.50 61.90
C GLU E 572 9.27 -0.26 61.93
N LYS E 573 9.81 0.85 61.48
CA LYS E 573 9.02 2.05 61.55
C LYS E 573 9.55 3.03 60.52
N ARG E 574 8.69 3.88 60.02
CA ARG E 574 9.11 4.86 59.04
C ARG E 574 8.16 6.04 59.12
N ASN E 575 8.67 7.21 58.83
CA ASN E 575 7.83 8.38 58.80
C ASN E 575 8.31 9.27 57.68
N LEU E 576 7.44 9.63 56.76
CA LEU E 576 7.73 10.70 55.85
C LEU E 576 6.86 11.89 56.19
N MET E 577 7.35 13.04 55.81
CA MET E 577 6.51 14.21 55.74
C MET E 577 7.07 15.04 54.63
N VAL E 578 6.23 15.81 53.99
CA VAL E 578 6.66 16.80 53.03
C VAL E 578 5.94 18.07 53.41
N PHE E 579 6.68 19.14 53.58
CA PHE E 579 6.10 20.40 53.95
C PHE E 579 6.39 21.38 52.85
N ILE E 580 5.73 22.51 52.84
CA ILE E 580 6.11 23.51 51.87
C ILE E 580 5.89 24.87 52.49
N ARG E 581 6.85 25.75 52.33
CA ARG E 581 6.73 27.11 52.81
C ARG E 581 6.88 28.09 51.67
N PRO E 582 5.83 28.78 51.24
CA PRO E 582 5.99 29.86 50.29
C PRO E 582 6.53 31.11 50.94
N THR E 583 7.01 32.02 50.10
CA THR E 583 7.39 33.34 50.55
C THR E 583 7.19 34.26 49.37
N ILE E 584 6.69 35.47 49.62
CA ILE E 584 6.36 36.39 48.54
C ILE E 584 7.36 37.52 48.55
N LEU E 585 7.99 37.73 47.43
CA LEU E 585 8.96 38.80 47.26
C LEU E 585 8.31 39.84 46.36
N ARG E 586 7.88 40.96 46.94
CA ARG E 586 7.15 41.97 46.20
C ARG E 586 8.05 43.14 45.80
N ASP E 587 8.63 43.80 46.79
CA ASP E 587 9.51 44.91 46.52
C ASP E 587 10.74 44.43 45.76
N GLY E 588 11.39 45.36 45.07
CA GLY E 588 12.74 45.10 44.64
C GLY E 588 13.66 44.82 45.81
N MET E 589 13.33 45.37 46.97
CA MET E 589 14.11 45.12 48.18
C MET E 589 13.76 43.80 48.85
N ALA E 590 12.60 43.23 48.55
CA ALA E 590 12.23 41.95 49.14
C ALA E 590 13.02 40.81 48.52
N ALA E 591 13.35 40.91 47.24
CA ALA E 591 14.13 39.87 46.58
C ALA E 591 15.56 39.82 47.11
N ASP E 592 16.06 40.94 47.61
CA ASP E 592 17.42 41.02 48.13
C ASP E 592 17.48 40.74 49.61
N GLY E 593 16.35 40.58 50.28
CA GLY E 593 16.36 40.17 51.66
C GLY E 593 16.51 38.68 51.83
N VAL E 594 15.81 37.92 51.00
CA VAL E 594 15.95 36.47 51.04
C VAL E 594 17.23 36.03 50.38
N SER E 595 17.49 36.56 49.19
CA SER E 595 18.66 36.09 48.47
C SER E 595 19.96 36.62 49.04
N GLN E 596 19.91 37.62 49.90
CA GLN E 596 21.14 38.02 50.56
C GLN E 596 21.44 37.19 51.78
N ARG E 597 20.45 36.67 52.46
CA ARG E 597 20.78 35.86 53.62
C ARG E 597 21.17 34.45 53.26
N LYS E 598 20.68 33.92 52.15
CA LYS E 598 21.19 32.64 51.70
C LYS E 598 22.58 32.76 51.12
N TYR E 599 22.93 33.92 50.59
CA TYR E 599 24.29 34.14 50.15
C TYR E 599 25.24 34.14 51.33
N ASN E 600 25.00 35.01 52.30
CA ASN E 600 25.84 35.05 53.47
C ASN E 600 25.79 33.76 54.27
N TYR E 601 24.86 32.86 53.98
CA TYR E 601 24.91 31.56 54.62
C TYR E 601 25.87 30.63 53.91
N MET E 602 25.88 30.64 52.58
CA MET E 602 26.86 29.83 51.87
C MET E 602 28.25 30.39 52.01
N ARG E 603 28.39 31.69 52.13
CA ARG E 603 29.71 32.24 52.24
C ARG E 603 30.28 32.01 53.62
N ALA E 604 29.45 31.68 54.59
CA ALA E 604 29.98 31.30 55.88
C ALA E 604 30.23 29.81 56.00
N GLU E 605 29.74 29.01 55.05
CA GLU E 605 30.20 27.64 54.94
C GLU E 605 31.58 27.57 54.33
N GLN E 606 31.81 28.38 53.31
CA GLN E 606 33.07 28.35 52.61
C GLN E 606 34.18 29.05 53.36
N ILE E 607 33.86 29.87 54.34
CA ILE E 607 34.90 30.41 55.19
C ILE E 607 35.28 29.41 56.26
N TYR E 608 34.30 28.75 56.86
CA TYR E 608 34.63 27.75 57.86
C TYR E 608 35.29 26.53 57.23
N ARG E 609 34.94 26.22 55.99
CA ARG E 609 35.69 25.22 55.25
C ARG E 609 37.10 25.69 54.97
N ASP E 610 37.30 26.99 54.85
CA ASP E 610 38.60 27.56 54.57
C ASP E 610 39.43 27.71 55.84
N GLU E 611 38.81 28.12 56.94
CA GLU E 611 39.57 28.31 58.17
C GLU E 611 40.30 27.04 58.58
N GLN E 612 39.70 25.89 58.37
CA GLN E 612 40.40 24.63 58.54
C GLN E 612 40.80 24.17 57.14
N GLY E 613 42.06 24.33 56.82
CA GLY E 613 42.46 24.34 55.45
C GLY E 613 42.56 22.96 54.87
N LEU E 614 43.03 22.92 53.63
CA LEU E 614 43.55 21.68 53.10
C LEU E 614 44.77 21.32 53.93
N SER E 615 44.76 20.13 54.50
CA SER E 615 45.70 19.84 55.59
C SER E 615 47.10 19.58 55.07
N LEU E 616 47.24 18.90 53.94
CA LEU E 616 48.56 18.63 53.42
C LEU E 616 49.17 19.86 52.80
N MET E 617 48.43 20.56 51.94
CA MET E 617 48.94 21.79 51.39
C MET E 617 48.41 22.98 52.19
N PRO E 618 49.24 23.63 53.02
CA PRO E 618 48.87 24.98 53.40
C PRO E 618 49.56 25.96 52.46
N HIS E 619 49.26 27.24 52.56
CA HIS E 619 48.02 27.70 53.14
C HIS E 619 46.97 27.51 52.06
N THR E 620 47.31 28.00 50.87
CA THR E 620 46.66 27.61 49.62
C THR E 620 45.15 27.87 49.65
N ALA E 621 44.83 29.16 49.60
CA ALA E 621 43.60 29.63 48.97
C ALA E 621 42.34 28.91 49.42
N GLN E 622 41.76 28.18 48.48
CA GLN E 622 40.48 27.47 48.45
C GLN E 622 39.38 28.46 48.10
N PRO E 623 38.37 28.07 47.33
CA PRO E 623 37.42 29.07 46.83
C PRO E 623 36.53 29.56 47.95
N VAL E 624 36.36 30.86 48.01
CA VAL E 624 35.37 31.48 48.88
C VAL E 624 34.63 32.48 48.02
N LEU E 625 33.49 32.75 48.41
CA LEU E 625 32.56 33.48 47.57
C LEU E 625 32.68 34.96 47.89
N PRO E 626 32.72 35.84 46.88
CA PRO E 626 33.08 37.23 47.13
C PRO E 626 32.18 37.88 48.16
N ALA E 627 32.73 38.83 48.91
CA ALA E 627 31.94 39.51 49.92
C ALA E 627 30.95 40.46 49.26
N GLN E 628 29.95 40.86 50.03
CA GLN E 628 29.02 41.91 49.62
C GLN E 628 29.35 43.19 50.38
N ASN E 629 29.29 44.32 49.68
CA ASN E 629 29.69 45.60 50.24
C ASN E 629 31.15 45.57 50.69
N GLN E 630 32.02 45.16 49.79
CA GLN E 630 33.45 45.19 50.05
C GLN E 630 33.95 46.59 50.40
N ALA E 631 33.23 47.61 49.98
CA ALA E 631 33.65 49.02 50.06
C ALA E 631 34.97 49.16 49.29
N LEU E 632 35.89 49.93 49.79
CA LEU E 632 37.08 50.30 49.04
C LEU E 632 38.29 49.52 49.52
N PRO E 633 39.07 48.96 48.60
CA PRO E 633 40.33 48.34 49.02
C PRO E 633 41.20 49.35 49.72
N PRO E 634 42.15 48.87 50.55
CA PRO E 634 42.93 49.83 51.37
C PRO E 634 43.73 50.81 50.54
N GLU E 635 44.30 50.38 49.42
CA GLU E 635 45.10 51.33 48.64
C GLU E 635 44.24 52.27 47.84
N VAL E 636 43.07 51.81 47.39
CA VAL E 636 42.12 52.71 46.73
C VAL E 636 41.65 53.75 47.72
N ARG E 637 41.61 53.39 49.00
CA ARG E 637 41.19 54.33 50.04
C ARG E 637 42.05 55.58 50.03
N ALA E 638 43.37 55.41 49.96
CA ALA E 638 44.29 56.54 50.03
C ALA E 638 44.17 57.47 48.82
N PHE E 639 43.94 56.92 47.63
CA PHE E 639 43.85 57.74 46.42
C PHE E 639 42.79 58.82 46.55
N LEU E 640 41.73 58.56 47.32
CA LEU E 640 40.75 59.60 47.60
C LEU E 640 41.33 60.71 48.45
N ASN E 641 42.14 60.33 49.44
CA ASN E 641 42.65 61.31 50.41
C ASN E 641 43.71 62.22 49.82
N ALA E 642 44.16 61.97 48.59
CA ALA E 642 45.07 62.90 47.94
C ALA E 642 44.30 63.83 47.02
N GLY E 643 43.80 63.30 45.91
CA GLY E 643 43.10 64.10 44.93
C GLY E 643 41.76 64.63 45.42
N GLY F 100 -24.80 94.56 -55.44
CA GLY F 100 -25.98 95.39 -55.29
C GLY F 100 -27.26 94.65 -55.59
N ASP F 101 -27.95 95.09 -56.63
CA ASP F 101 -29.16 94.44 -57.13
C ASP F 101 -28.88 93.48 -58.27
N GLU F 102 -27.61 93.30 -58.64
CA GLU F 102 -27.27 92.45 -59.77
C GLU F 102 -27.61 90.99 -59.47
N MET F 103 -28.40 90.38 -60.37
CA MET F 103 -28.77 88.98 -60.23
C MET F 103 -27.65 88.10 -60.76
N VAL F 104 -27.06 87.27 -59.89
CA VAL F 104 -25.98 86.35 -60.25
C VAL F 104 -26.09 85.09 -59.40
N THR F 105 -25.33 84.08 -59.78
CA THR F 105 -25.10 82.90 -58.95
C THR F 105 -23.68 82.92 -58.41
N LYS F 106 -23.48 82.35 -57.23
CA LYS F 106 -22.16 82.32 -56.60
C LYS F 106 -21.95 80.98 -55.91
N VAL F 107 -20.67 80.60 -55.78
CA VAL F 107 -20.25 79.35 -55.17
C VAL F 107 -19.63 79.65 -53.82
N VAL F 108 -20.20 79.07 -52.76
CA VAL F 108 -19.62 79.17 -51.43
C VAL F 108 -19.31 77.77 -50.91
N PRO F 109 -18.05 77.37 -50.81
CA PRO F 109 -17.71 76.14 -50.08
C PRO F 109 -17.84 76.36 -48.58
N VAL F 110 -18.50 75.44 -47.90
CA VAL F 110 -18.62 75.46 -46.46
C VAL F 110 -17.78 74.30 -45.92
N ARG F 111 -16.66 74.62 -45.30
CA ARG F 111 -15.67 73.59 -44.95
C ARG F 111 -15.93 73.05 -43.55
N ASN F 112 -15.64 73.84 -42.51
CA ASN F 112 -15.74 73.35 -41.14
C ASN F 112 -17.18 73.24 -40.65
N VAL F 113 -18.07 74.08 -41.17
CA VAL F 113 -19.42 74.24 -40.64
C VAL F 113 -20.33 73.20 -41.28
N SER F 114 -21.26 72.65 -40.50
CA SER F 114 -22.32 71.85 -41.08
C SER F 114 -23.23 72.77 -41.87
N VAL F 115 -23.42 72.46 -43.16
CA VAL F 115 -24.14 73.36 -44.06
C VAL F 115 -25.57 73.61 -43.60
N ARG F 116 -26.17 72.65 -42.91
CA ARG F 116 -27.51 72.88 -42.40
C ARG F 116 -27.54 73.61 -41.06
N GLU F 117 -26.38 73.72 -40.39
CA GLU F 117 -26.32 74.62 -39.24
C GLU F 117 -26.66 76.03 -39.66
N LEU F 118 -26.39 76.38 -40.92
CA LEU F 118 -26.59 77.70 -41.45
C LEU F 118 -27.97 77.88 -42.07
N ALA F 119 -28.83 76.89 -41.93
CA ALA F 119 -30.21 77.04 -42.40
C ALA F 119 -30.89 78.30 -41.88
N PRO F 120 -30.84 78.63 -40.58
CA PRO F 120 -31.58 79.82 -40.12
C PRO F 120 -31.07 81.13 -40.71
N ILE F 121 -29.77 81.37 -40.63
CA ILE F 121 -29.29 82.73 -40.83
C ILE F 121 -29.20 83.09 -42.31
N LEU F 122 -28.98 82.10 -43.16
CA LEU F 122 -28.89 82.37 -44.59
C LEU F 122 -30.29 82.56 -45.19
N ARG F 123 -31.24 81.75 -44.74
CA ARG F 123 -32.60 81.87 -45.23
C ARG F 123 -33.34 83.01 -44.56
N GLN F 124 -33.03 83.32 -43.29
CA GLN F 124 -33.62 84.47 -42.64
C GLN F 124 -33.19 85.78 -43.30
N MET F 125 -32.09 85.75 -44.04
CA MET F 125 -31.71 86.92 -44.84
C MET F 125 -32.69 87.13 -45.98
N ILE F 126 -33.21 86.04 -46.55
CA ILE F 126 -34.19 86.11 -47.63
C ILE F 126 -35.44 86.85 -47.17
N ASP F 127 -35.75 86.76 -45.88
CA ASP F 127 -36.80 87.59 -45.29
C ASP F 127 -36.52 89.07 -45.54
N SER F 128 -35.31 89.51 -45.18
CA SER F 128 -34.91 90.89 -45.39
C SER F 128 -34.48 91.15 -46.84
N ALA F 129 -33.77 90.19 -47.45
CA ALA F 129 -33.30 90.39 -48.82
C ALA F 129 -34.45 90.39 -49.82
N GLY F 130 -35.52 89.65 -49.53
CA GLY F 130 -36.62 89.55 -50.47
C GLY F 130 -36.40 88.48 -51.52
N SER F 131 -36.83 88.76 -52.75
CA SER F 131 -36.79 87.78 -53.83
C SER F 131 -35.42 87.78 -54.51
N GLY F 132 -35.28 86.89 -55.49
CA GLY F 132 -34.10 86.80 -56.31
C GLY F 132 -32.95 86.02 -55.72
N ASN F 133 -32.91 85.82 -54.40
CA ASN F 133 -31.80 85.16 -53.75
C ASN F 133 -32.22 83.77 -53.28
N VAL F 134 -31.35 82.80 -53.52
CA VAL F 134 -31.59 81.41 -53.16
C VAL F 134 -30.36 80.87 -52.45
N VAL F 135 -30.59 80.13 -51.37
CA VAL F 135 -29.52 79.51 -50.60
C VAL F 135 -29.74 78.00 -50.63
N ASN F 136 -28.67 77.27 -50.98
CA ASN F 136 -28.74 75.84 -51.23
C ASN F 136 -27.84 75.11 -50.24
N TYR F 137 -28.38 74.08 -49.60
CA TYR F 137 -27.68 73.34 -48.55
C TYR F 137 -27.41 71.92 -49.04
N ASP F 138 -26.16 71.61 -49.37
CA ASP F 138 -25.86 70.29 -49.88
C ASP F 138 -25.05 69.51 -48.87
N PRO F 139 -25.50 68.32 -48.45
CA PRO F 139 -24.73 67.51 -47.48
C PRO F 139 -23.32 67.15 -47.95
N SER F 140 -23.02 67.32 -49.24
CA SER F 140 -21.64 67.27 -49.71
C SER F 140 -20.84 68.46 -49.21
N ASN F 141 -21.49 69.32 -48.41
CA ASN F 141 -20.84 70.35 -47.59
C ASN F 141 -20.31 71.52 -48.43
N VAL F 142 -21.16 72.03 -49.32
CA VAL F 142 -21.08 73.40 -49.78
C VAL F 142 -22.47 74.02 -49.69
N ILE F 143 -22.51 75.34 -49.82
CA ILE F 143 -23.77 76.08 -49.83
C ILE F 143 -23.79 76.98 -51.05
N MET F 144 -24.72 76.72 -51.96
CA MET F 144 -24.81 77.43 -53.24
C MET F 144 -25.71 78.65 -53.08
N LEU F 145 -25.15 79.83 -53.30
CA LEU F 145 -25.86 81.08 -53.18
C LEU F 145 -26.11 81.63 -54.58
N THR F 146 -27.38 81.77 -54.94
CA THR F 146 -27.76 82.32 -56.24
C THR F 146 -28.71 83.48 -55.98
N GLY F 147 -28.27 84.69 -56.34
CA GLY F 147 -29.13 85.85 -56.14
C GLY F 147 -28.36 87.15 -56.32
N ARG F 148 -28.87 88.19 -55.69
CA ARG F 148 -28.33 89.53 -55.87
C ARG F 148 -26.97 89.65 -55.19
N ALA F 149 -25.97 90.06 -55.97
CA ALA F 149 -24.56 89.93 -55.59
C ALA F 149 -24.21 90.66 -54.30
N SER F 150 -25.05 91.55 -53.80
CA SER F 150 -24.76 92.18 -52.52
C SER F 150 -25.15 91.28 -51.34
N VAL F 151 -26.31 90.63 -51.42
CA VAL F 151 -26.77 89.83 -50.31
C VAL F 151 -25.99 88.53 -50.23
N VAL F 152 -25.66 87.94 -51.38
CA VAL F 152 -24.76 86.78 -51.37
C VAL F 152 -23.42 87.17 -50.81
N GLU F 153 -22.97 88.41 -51.11
CA GLU F 153 -21.68 88.89 -50.62
C GLU F 153 -21.54 88.69 -49.12
N ARG F 154 -22.55 89.14 -48.37
CA ARG F 154 -22.51 88.98 -46.91
C ARG F 154 -22.46 87.50 -46.52
N LEU F 155 -23.17 86.65 -47.25
CA LEU F 155 -23.20 85.25 -46.84
C LEU F 155 -21.99 84.48 -47.36
N THR F 156 -21.20 85.07 -48.25
CA THR F 156 -19.80 84.69 -48.37
C THR F 156 -18.98 85.32 -47.25
N GLU F 157 -19.36 86.53 -46.81
CA GLU F 157 -18.73 87.15 -45.66
C GLU F 157 -19.07 86.40 -44.37
N VAL F 158 -20.37 86.26 -44.08
CA VAL F 158 -20.78 85.70 -42.79
C VAL F 158 -20.18 84.31 -42.61
N ILE F 159 -20.48 83.40 -43.53
CA ILE F 159 -20.11 82.00 -43.33
C ILE F 159 -18.61 81.86 -43.18
N GLN F 160 -17.86 82.36 -44.16
CA GLN F 160 -16.41 82.20 -44.14
C GLN F 160 -15.73 83.01 -43.04
N ARG F 161 -16.47 83.93 -42.42
CA ARG F 161 -16.10 84.45 -41.11
C ARG F 161 -16.57 83.55 -39.98
N VAL F 162 -17.79 83.03 -40.07
CA VAL F 162 -18.27 82.08 -39.07
C VAL F 162 -17.52 80.76 -39.18
N ASP F 163 -17.18 80.35 -40.40
CA ASP F 163 -16.40 79.14 -40.59
C ASP F 163 -15.04 79.26 -39.92
N HIS F 164 -14.58 80.49 -39.65
CA HIS F 164 -13.40 80.70 -38.83
C HIS F 164 -13.69 80.40 -37.37
N ALA F 165 -14.89 80.73 -36.89
CA ALA F 165 -15.18 80.67 -35.47
C ALA F 165 -15.04 79.25 -34.92
N GLY F 166 -15.50 78.26 -35.65
CA GLY F 166 -15.46 76.90 -35.16
C GLY F 166 -14.19 76.17 -35.53
N ASN F 167 -13.12 76.91 -35.82
CA ASN F 167 -11.90 76.31 -36.33
C ASN F 167 -11.26 75.42 -35.27
N ARG F 168 -10.98 74.17 -35.65
CA ARG F 168 -10.51 73.15 -34.72
C ARG F 168 -9.23 72.54 -35.27
N THR F 169 -8.11 72.79 -34.58
CA THR F 169 -6.81 72.31 -35.00
C THR F 169 -6.19 71.53 -33.82
N GLU F 170 -5.29 70.61 -34.15
CA GLU F 170 -4.72 69.70 -33.16
C GLU F 170 -3.23 69.92 -33.03
N GLU F 171 -2.70 69.62 -31.86
CA GLU F 171 -1.29 69.86 -31.59
C GLU F 171 -0.79 68.83 -30.59
N VAL F 172 0.47 68.47 -30.71
CA VAL F 172 1.09 67.44 -29.89
C VAL F 172 1.99 68.14 -28.88
N ILE F 173 1.65 68.04 -27.60
CA ILE F 173 2.41 68.65 -26.51
C ILE F 173 3.21 67.56 -25.84
N PRO F 174 4.54 67.59 -25.89
CA PRO F 174 5.33 66.56 -25.23
C PRO F 174 5.26 66.68 -23.71
N LEU F 175 5.64 65.59 -23.04
CA LEU F 175 5.65 65.53 -21.59
C LEU F 175 6.98 64.96 -21.12
N ASP F 176 7.75 65.78 -20.40
CA ASP F 176 9.08 65.37 -19.97
C ASP F 176 9.07 64.52 -18.72
N ASN F 177 8.12 64.74 -17.82
CA ASN F 177 8.13 64.06 -16.53
C ASN F 177 6.93 63.13 -16.37
N ALA F 178 5.71 63.66 -16.35
CA ALA F 178 4.55 62.83 -16.08
C ALA F 178 4.27 61.91 -17.26
N SER F 179 3.55 60.84 -16.98
CA SER F 179 3.13 59.93 -18.03
C SER F 179 1.96 60.52 -18.78
N ALA F 180 1.99 60.41 -20.11
CA ALA F 180 0.90 60.94 -20.89
C ALA F 180 -0.40 60.20 -20.66
N SER F 181 -0.34 58.96 -20.19
CA SER F 181 -1.58 58.21 -19.98
C SER F 181 -2.32 58.65 -18.72
N GLU F 182 -1.61 59.06 -17.68
CA GLU F 182 -2.27 59.67 -16.53
C GLU F 182 -2.96 60.96 -16.93
N ILE F 183 -2.17 61.91 -17.44
CA ILE F 183 -2.69 63.22 -17.82
C ILE F 183 -3.88 63.11 -18.77
N ALA F 184 -3.94 62.05 -19.55
CA ALA F 184 -5.09 61.83 -20.40
C ALA F 184 -6.32 61.39 -19.63
N ARG F 185 -6.14 60.71 -18.50
CA ARG F 185 -7.30 60.39 -17.68
C ARG F 185 -7.72 61.57 -16.82
N VAL F 186 -6.75 62.26 -16.22
CA VAL F 186 -7.05 63.39 -15.36
C VAL F 186 -7.78 64.48 -16.15
N LEU F 187 -7.13 64.97 -17.22
CA LEU F 187 -7.71 66.07 -17.98
C LEU F 187 -9.04 65.71 -18.61
N GLU F 188 -9.33 64.42 -18.77
CA GLU F 188 -10.63 64.00 -19.28
C GLU F 188 -11.63 63.71 -18.17
N SER F 189 -11.17 63.68 -16.92
CA SER F 189 -12.12 63.57 -15.82
C SER F 189 -12.75 64.91 -15.48
N LEU F 190 -12.16 66.01 -15.94
CA LEU F 190 -12.74 67.32 -15.70
C LEU F 190 -13.91 67.58 -16.63
N THR F 191 -13.91 66.94 -17.80
CA THR F 191 -14.91 67.25 -18.81
C THR F 191 -15.29 66.07 -19.66
N GLN F 205 -11.40 67.21 -26.27
CA GLN F 205 -10.86 65.93 -26.72
C GLN F 205 -9.36 65.83 -26.46
N ILE F 206 -8.96 64.79 -25.74
CA ILE F 206 -7.56 64.53 -25.41
C ILE F 206 -7.27 63.06 -25.65
N VAL F 207 -6.23 62.79 -26.43
CA VAL F 207 -5.74 61.45 -26.67
C VAL F 207 -4.24 61.45 -26.44
N ALA F 208 -3.75 60.44 -25.74
CA ALA F 208 -2.35 60.36 -25.36
C ALA F 208 -1.61 59.39 -26.28
N ASP F 209 -0.41 59.79 -26.70
CA ASP F 209 0.45 58.94 -27.51
C ASP F 209 1.53 58.34 -26.62
N GLU F 210 1.62 57.02 -26.59
CA GLU F 210 2.51 56.35 -25.65
C GLU F 210 3.96 56.53 -26.04
N ARG F 211 4.29 56.25 -27.30
CA ARG F 211 5.69 56.14 -27.72
C ARG F 211 6.48 57.39 -27.39
N THR F 212 6.07 58.53 -27.94
CA THR F 212 6.78 59.77 -27.73
C THR F 212 6.44 60.41 -26.40
N ASN F 213 5.55 59.81 -25.61
CA ASN F 213 5.12 60.36 -24.34
C ASN F 213 4.61 61.78 -24.53
N SER F 214 3.51 61.89 -25.27
CA SER F 214 3.01 63.18 -25.67
C SER F 214 1.50 63.12 -25.79
N VAL F 215 0.85 64.23 -25.51
CA VAL F 215 -0.60 64.32 -25.45
C VAL F 215 -1.09 65.07 -26.66
N ILE F 216 -1.98 64.45 -27.43
CA ILE F 216 -2.64 65.11 -28.54
C ILE F 216 -3.87 65.82 -28.01
N VAL F 217 -4.02 67.10 -28.38
CA VAL F 217 -5.11 67.93 -27.91
C VAL F 217 -5.82 68.55 -29.10
N SER F 218 -7.10 68.87 -28.94
CA SER F 218 -7.89 69.44 -30.02
C SER F 218 -8.88 70.47 -29.50
N GLY F 219 -9.03 71.57 -30.22
CA GLY F 219 -9.94 72.63 -29.84
C GLY F 219 -9.52 73.95 -30.46
N ASP F 220 -10.36 74.96 -30.23
CA ASP F 220 -10.07 76.28 -30.75
C ASP F 220 -8.88 76.89 -30.01
N PRO F 221 -8.21 77.88 -30.61
CA PRO F 221 -6.96 78.37 -30.02
C PRO F 221 -7.08 78.95 -28.63
N ALA F 222 -8.29 79.28 -28.16
CA ALA F 222 -8.41 79.70 -26.77
C ALA F 222 -8.44 78.50 -25.81
N THR F 223 -9.14 77.43 -26.18
CA THR F 223 -9.15 76.24 -25.35
C THR F 223 -7.80 75.55 -25.36
N ARG F 224 -7.13 75.54 -26.51
CA ARG F 224 -5.80 74.98 -26.54
C ARG F 224 -4.78 75.86 -25.84
N ASP F 225 -5.19 77.03 -25.35
CA ASP F 225 -4.33 77.79 -24.43
C ASP F 225 -4.41 77.22 -23.03
N LYS F 226 -5.61 76.96 -22.52
CA LYS F 226 -5.75 76.57 -21.12
C LYS F 226 -5.08 75.24 -20.86
N MET F 227 -5.46 74.21 -21.62
CA MET F 227 -4.82 72.92 -21.45
C MET F 227 -3.31 72.97 -21.68
N ARG F 228 -2.82 73.97 -22.41
CA ARG F 228 -1.38 74.10 -22.55
C ARG F 228 -0.75 74.73 -21.31
N ARG F 229 -1.50 75.55 -20.58
CA ARG F 229 -1.01 76.07 -19.30
C ARG F 229 -1.21 75.06 -18.17
N LEU F 230 -2.25 74.25 -18.24
CA LEU F 230 -2.49 73.28 -17.18
C LEU F 230 -1.58 72.08 -17.31
N ILE F 231 -1.17 71.73 -18.53
CA ILE F 231 -0.22 70.64 -18.70
C ILE F 231 1.19 71.03 -18.31
N ARG F 232 1.52 72.32 -18.32
CA ARG F 232 2.85 72.73 -17.85
C ARG F 232 3.00 72.56 -16.34
N ARG F 233 1.92 72.69 -15.58
CA ARG F 233 2.01 72.40 -14.15
C ARG F 233 2.01 70.93 -13.84
N LEU F 234 1.19 70.14 -14.54
CA LEU F 234 1.20 68.71 -14.27
C LEU F 234 2.48 68.04 -14.75
N ASP F 235 3.27 68.69 -15.59
CA ASP F 235 4.57 68.21 -15.99
C ASP F 235 5.69 68.76 -15.11
N SER F 236 5.38 69.65 -14.18
CA SER F 236 6.41 70.21 -13.32
C SER F 236 7.12 69.09 -12.58
N GLU F 237 8.43 69.25 -12.40
CA GLU F 237 9.23 68.17 -11.82
C GLU F 237 8.93 68.03 -10.33
N MET F 238 8.68 66.79 -9.92
CA MET F 238 8.56 66.44 -8.52
C MET F 238 9.88 66.65 -7.80
N GLU F 239 9.82 67.05 -6.54
CA GLU F 239 11.05 67.24 -5.79
C GLU F 239 11.37 65.96 -5.04
N ARG F 240 12.27 65.15 -5.62
CA ARG F 240 13.02 64.12 -4.93
C ARG F 240 12.14 63.08 -4.25
N SER F 241 10.89 63.40 -4.00
CA SER F 241 10.03 62.61 -3.12
C SER F 241 8.88 62.05 -3.95
N GLY F 242 8.96 60.77 -4.25
CA GLY F 242 7.89 60.07 -4.92
C GLY F 242 6.99 59.44 -3.90
N ASN F 243 6.20 58.48 -4.36
CA ASN F 243 5.52 57.68 -3.36
C ASN F 243 6.45 56.69 -2.70
N SER F 244 7.69 56.57 -3.19
CA SER F 244 8.65 55.62 -2.65
C SER F 244 9.81 56.38 -2.01
N GLN F 245 10.12 56.02 -0.76
CA GLN F 245 11.31 56.51 -0.09
C GLN F 245 12.09 55.32 0.42
N VAL F 246 13.35 55.58 0.73
CA VAL F 246 14.29 54.58 1.18
C VAL F 246 14.78 54.99 2.55
N PHE F 247 14.47 54.17 3.56
CA PHE F 247 14.88 54.44 4.93
C PHE F 247 16.04 53.55 5.29
N TYR F 248 17.19 54.14 5.55
CA TYR F 248 18.30 53.41 6.09
C TYR F 248 18.11 53.26 7.58
N LEU F 249 18.02 52.04 8.05
CA LEU F 249 17.75 51.80 9.45
C LEU F 249 19.04 51.91 10.24
N LYS F 250 18.99 52.69 11.32
CA LYS F 250 20.19 52.92 12.10
C LYS F 250 20.49 51.77 13.03
N TYR F 251 19.47 51.10 13.55
CA TYR F 251 19.69 50.03 14.50
C TYR F 251 18.94 48.77 14.10
N SER F 252 17.64 48.88 13.96
CA SER F 252 16.84 47.70 13.65
C SER F 252 17.36 46.97 12.43
N LYS F 253 17.18 45.66 12.42
CA LYS F 253 17.47 44.88 11.24
C LYS F 253 16.32 45.01 10.27
N ALA F 254 16.62 45.46 9.05
CA ALA F 254 15.58 45.94 8.14
C ALA F 254 14.46 44.95 7.94
N GLU F 255 14.76 43.66 7.97
CA GLU F 255 13.75 42.67 7.67
C GLU F 255 13.06 42.14 8.91
N ASP F 256 13.34 42.69 10.08
CA ASP F 256 12.48 42.46 11.22
C ASP F 256 11.28 43.41 11.20
N LEU F 257 11.52 44.69 10.92
CA LEU F 257 10.44 45.64 10.80
C LEU F 257 9.55 45.39 9.60
N VAL F 258 9.94 44.52 8.68
CA VAL F 258 9.19 44.49 7.44
C VAL F 258 7.84 43.84 7.66
N ASP F 259 7.76 42.89 8.58
CA ASP F 259 6.45 42.29 8.87
C ASP F 259 5.65 43.16 9.83
N VAL F 260 6.32 43.71 10.85
CA VAL F 260 5.68 44.65 11.75
C VAL F 260 5.00 45.75 10.96
N LEU F 261 5.60 46.19 9.87
CA LEU F 261 5.03 47.24 9.06
C LEU F 261 4.03 46.74 8.05
N LYS F 262 3.96 45.45 7.78
CA LYS F 262 2.96 45.02 6.82
C LYS F 262 1.57 44.97 7.42
N GLN F 263 1.46 44.70 8.72
CA GLN F 263 0.17 44.78 9.38
C GLN F 263 -0.24 46.22 9.60
N VAL F 264 0.65 47.02 10.18
CA VAL F 264 0.40 48.44 10.36
C VAL F 264 -0.03 49.09 9.06
N SER F 265 0.60 48.72 7.96
CA SER F 265 0.22 49.27 6.67
C SER F 265 -1.01 48.60 6.10
N GLY F 266 -1.27 47.35 6.50
CA GLY F 266 -2.42 46.65 5.96
C GLY F 266 -3.73 47.31 6.29
N THR F 267 -3.97 47.56 7.58
CA THR F 267 -5.23 48.11 8.04
C THR F 267 -5.23 49.62 8.07
N LEU F 268 -4.17 50.25 7.59
CA LEU F 268 -4.12 51.70 7.46
C LEU F 268 -4.60 52.15 6.09
N THR F 269 -4.82 51.21 5.18
CA THR F 269 -5.43 51.48 3.89
C THR F 269 -6.91 51.82 4.06
N ILE F 285 -3.00 51.72 -2.17
CA ILE F 285 -2.27 50.48 -1.93
C ILE F 285 -0.89 50.85 -1.35
N VAL F 286 -0.30 49.91 -0.62
CA VAL F 286 0.92 50.15 0.14
C VAL F 286 1.80 48.92 0.04
N SER F 287 3.08 49.14 -0.21
CA SER F 287 4.04 48.06 -0.30
C SER F 287 5.25 48.38 0.55
N ILE F 288 5.73 47.38 1.28
CA ILE F 288 6.94 47.49 2.09
C ILE F 288 7.90 46.40 1.62
N ALA F 289 9.12 46.79 1.30
CA ALA F 289 10.13 45.84 0.90
C ALA F 289 11.44 46.18 1.57
N ALA F 290 12.23 45.17 1.87
CA ALA F 290 13.48 45.33 2.60
C ALA F 290 14.63 44.77 1.82
N SER F 291 15.67 45.58 1.63
CA SER F 291 16.88 45.15 0.95
C SER F 291 17.82 44.57 1.99
N LYS F 292 18.07 43.26 1.92
CA LYS F 292 18.92 42.64 2.92
C LYS F 292 20.34 43.19 2.86
N HIS F 293 20.92 43.23 1.67
CA HIS F 293 22.31 43.62 1.56
C HIS F 293 22.51 45.04 2.07
N SER F 294 21.57 45.93 1.81
CA SER F 294 21.75 47.32 2.20
C SER F 294 21.14 47.66 3.54
N ASN F 295 20.42 46.75 4.18
CA ASN F 295 19.76 47.01 5.45
C ASN F 295 18.90 48.26 5.39
N ALA F 296 18.00 48.31 4.41
CA ALA F 296 17.14 49.45 4.25
C ALA F 296 15.82 48.95 3.72
N LEU F 297 14.74 49.54 4.18
CA LEU F 297 13.42 49.18 3.71
C LEU F 297 12.85 50.32 2.89
N ILE F 298 12.00 49.96 1.94
CA ILE F 298 11.56 50.86 0.90
C ILE F 298 10.06 50.95 0.98
N VAL F 299 9.56 52.11 1.41
CA VAL F 299 8.16 52.30 1.66
C VAL F 299 7.58 53.03 0.48
N THR F 300 6.57 52.43 -0.15
CA THR F 300 5.83 53.09 -1.21
C THR F 300 4.37 53.21 -0.79
N ALA F 301 3.91 54.43 -0.58
CA ALA F 301 2.53 54.65 -0.16
C ALA F 301 2.15 56.07 -0.51
N PRO F 302 0.87 56.42 -0.37
CA PRO F 302 0.46 57.79 -0.58
C PRO F 302 1.06 58.73 0.46
N GLN F 303 0.99 60.02 0.18
CA GLN F 303 1.66 60.98 1.03
C GLN F 303 1.15 60.95 2.46
N ASP F 304 -0.08 60.51 2.69
CA ASP F 304 -0.59 60.49 4.05
C ASP F 304 -0.11 59.27 4.83
N ILE F 305 -0.18 58.09 4.22
CA ILE F 305 0.27 56.89 4.91
C ILE F 305 1.76 56.97 5.17
N MET F 306 2.51 57.57 4.25
CA MET F 306 3.94 57.69 4.45
C MET F 306 4.25 58.42 5.74
N GLN F 307 3.68 59.60 5.93
CA GLN F 307 4.00 60.38 7.11
C GLN F 307 3.65 59.66 8.40
N SER F 308 2.70 58.71 8.34
CA SER F 308 2.48 57.83 9.48
C SER F 308 3.64 56.87 9.65
N LEU F 309 3.96 56.12 8.59
CA LEU F 309 5.02 55.14 8.67
C LEU F 309 6.38 55.74 8.89
N GLN F 310 6.54 57.05 8.79
CA GLN F 310 7.82 57.61 9.18
C GLN F 310 7.92 57.82 10.67
N SER F 311 6.82 58.05 11.35
CA SER F 311 6.89 58.24 12.79
C SER F 311 6.92 56.93 13.52
N VAL F 312 6.47 55.85 12.90
CA VAL F 312 6.64 54.53 13.48
C VAL F 312 8.10 54.11 13.38
N ILE F 313 8.65 54.10 12.17
CA ILE F 313 10.03 53.70 11.97
C ILE F 313 10.97 54.54 12.81
N GLU F 314 10.66 55.81 12.99
CA GLU F 314 11.50 56.63 13.84
C GLU F 314 11.50 56.13 15.27
N GLN F 315 10.40 55.56 15.73
CA GLN F 315 10.27 55.11 17.10
C GLN F 315 10.60 53.64 17.31
N LEU F 316 10.73 52.86 16.25
CA LEU F 316 11.16 51.47 16.37
C LEU F 316 12.63 51.29 16.12
N ASP F 317 13.34 52.35 15.78
CA ASP F 317 14.72 52.29 15.39
C ASP F 317 15.66 52.52 16.56
N ILE F 318 15.15 52.54 17.79
CA ILE F 318 15.93 52.94 18.96
C ILE F 318 17.07 51.96 19.23
N ARG F 319 18.02 52.43 20.04
CA ARG F 319 19.20 51.68 20.41
C ARG F 319 18.93 50.72 21.56
N ARG F 320 19.45 49.50 21.45
CA ARG F 320 19.17 48.43 22.39
C ARG F 320 20.25 48.36 23.45
N ALA F 321 19.86 48.01 24.66
CA ALA F 321 20.79 47.85 25.77
C ALA F 321 21.16 46.38 25.86
N GLN F 322 22.39 46.10 26.25
CA GLN F 322 22.83 44.73 26.40
C GLN F 322 23.15 44.41 27.84
N VAL F 323 23.01 43.15 28.19
CA VAL F 323 22.97 42.67 29.56
C VAL F 323 24.10 41.68 29.74
N HIS F 324 24.75 41.70 30.89
CA HIS F 324 25.75 40.70 31.21
C HIS F 324 25.27 39.87 32.38
N VAL F 325 25.00 38.61 32.14
CA VAL F 325 24.36 37.74 33.11
C VAL F 325 25.37 36.75 33.64
N GLU F 326 25.73 36.89 34.91
CA GLU F 326 26.59 35.93 35.58
C GLU F 326 25.76 34.99 36.42
N ALA F 327 26.12 33.73 36.43
CA ALA F 327 25.54 32.77 37.36
C ALA F 327 26.62 32.40 38.34
N LEU F 328 26.26 32.00 39.54
CA LEU F 328 27.23 31.49 40.49
C LEU F 328 26.74 30.18 41.05
N ILE F 329 27.42 29.10 40.75
CA ILE F 329 26.94 27.83 41.23
C ILE F 329 27.85 27.37 42.35
N VAL F 330 27.38 27.39 43.58
CA VAL F 330 28.18 27.03 44.73
C VAL F 330 27.78 25.65 45.17
N GLU F 331 28.73 24.85 45.62
CA GLU F 331 28.40 23.59 46.25
C GLU F 331 29.42 23.28 47.34
N VAL F 332 28.94 22.93 48.52
CA VAL F 332 29.80 22.58 49.63
C VAL F 332 29.32 21.25 50.17
N ALA F 333 30.07 20.19 49.98
CA ALA F 333 29.69 18.89 50.47
C ALA F 333 30.63 18.46 51.58
N GLU F 334 30.10 17.76 52.57
CA GLU F 334 30.98 17.21 53.59
C GLU F 334 30.55 15.86 54.11
N GLY F 335 31.32 14.82 53.85
CA GLY F 335 30.93 13.47 54.24
C GLY F 335 31.62 13.06 55.52
N SER F 336 31.20 11.91 56.05
CA SER F 336 31.92 11.27 57.14
C SER F 336 31.37 9.84 57.21
N ASN F 337 32.11 8.94 57.81
CA ASN F 337 31.54 7.74 58.40
C ASN F 337 32.57 7.10 59.31
N ILE F 338 32.15 6.25 60.18
CA ILE F 338 33.07 5.56 61.07
C ILE F 338 32.55 4.15 61.27
N ASN F 339 33.45 3.20 61.35
CA ASN F 339 33.10 1.80 61.37
C ASN F 339 34.00 1.08 62.36
N PHE F 340 33.43 0.52 63.42
CA PHE F 340 34.24 -0.17 64.41
C PHE F 340 33.61 -1.44 64.94
N GLY F 341 34.22 -2.60 64.80
CA GLY F 341 33.64 -3.77 65.42
C GLY F 341 34.57 -4.96 65.50
N VAL F 342 34.32 -5.80 66.47
CA VAL F 342 35.16 -6.92 66.83
C VAL F 342 34.56 -8.19 66.29
N GLN F 343 35.40 -9.14 65.91
CA GLN F 343 34.94 -10.42 65.41
C GLN F 343 35.81 -11.51 65.98
N TRP F 344 35.22 -12.66 66.22
CA TRP F 344 35.94 -13.81 66.73
C TRP F 344 35.79 -14.95 65.76
N ALA F 345 36.62 -15.95 65.96
CA ALA F 345 36.46 -17.21 65.27
C ALA F 345 37.19 -18.23 66.11
N SER F 346 36.98 -19.49 65.82
CA SER F 346 37.63 -20.52 66.61
C SER F 346 37.60 -21.82 65.85
N LYS F 347 37.91 -22.88 66.57
CA LYS F 347 37.83 -24.26 66.12
C LYS F 347 36.37 -24.61 65.99
N ASP F 348 36.07 -25.90 66.06
CA ASP F 348 34.70 -26.39 66.07
C ASP F 348 33.81 -25.70 67.11
N ALA F 349 34.40 -24.93 68.02
CA ALA F 349 33.70 -24.31 69.14
C ALA F 349 33.11 -22.93 68.84
N GLY F 350 33.10 -22.44 67.60
CA GLY F 350 32.16 -21.38 67.30
C GLY F 350 32.70 -20.36 66.31
N LEU F 351 31.92 -19.29 66.13
CA LEU F 351 32.39 -18.05 65.52
C LEU F 351 31.46 -16.92 65.91
N MET F 352 31.90 -15.70 65.65
CA MET F 352 31.10 -14.49 65.76
C MET F 352 31.41 -13.63 64.56
N GLN F 353 30.42 -13.24 63.81
CA GLN F 353 30.65 -12.63 62.52
C GLN F 353 29.64 -11.53 62.29
N PHE F 354 30.07 -10.39 61.79
CA PHE F 354 29.15 -9.29 61.55
C PHE F 354 29.32 -8.76 60.14
N ALA F 355 28.20 -8.52 59.47
CA ALA F 355 28.15 -8.17 58.07
C ALA F 355 28.08 -6.68 57.81
N ASN F 356 28.20 -5.85 58.84
CA ASN F 356 28.22 -4.42 58.62
C ASN F 356 29.42 -4.03 57.77
N GLY F 357 29.34 -2.87 57.14
CA GLY F 357 30.42 -2.43 56.28
C GLY F 357 30.52 -3.29 55.03
N THR F 358 31.62 -3.33 54.27
CA THR F 358 32.92 -2.63 54.40
C THR F 358 33.78 -3.23 55.50
N GLN F 359 33.17 -3.99 56.38
CA GLN F 359 33.89 -4.67 57.45
C GLN F 359 33.94 -6.14 57.05
N ILE F 360 35.11 -6.60 56.63
CA ILE F 360 35.18 -7.89 55.94
C ILE F 360 34.97 -9.01 56.95
N PRO F 361 34.09 -9.97 56.68
CA PRO F 361 33.69 -10.92 57.69
C PRO F 361 34.74 -11.98 57.94
N ILE F 362 34.80 -12.42 59.19
CA ILE F 362 35.88 -13.30 59.62
C ILE F 362 35.66 -14.71 59.15
N GLY F 363 34.45 -15.10 58.80
CA GLY F 363 34.26 -16.42 58.26
C GLY F 363 34.90 -16.51 56.90
N THR F 364 34.50 -15.64 55.98
CA THR F 364 35.03 -15.74 54.63
C THR F 364 36.49 -15.35 54.58
N LEU F 365 37.03 -14.76 55.63
CA LEU F 365 38.47 -14.59 55.73
C LEU F 365 39.15 -15.91 56.08
N GLY F 366 38.72 -16.53 57.17
CA GLY F 366 39.35 -17.75 57.63
C GLY F 366 39.34 -18.86 56.60
N ALA F 367 38.46 -18.79 55.62
CA ALA F 367 38.56 -19.72 54.50
C ALA F 367 39.67 -19.30 53.55
N ALA F 368 39.66 -18.03 53.12
CA ALA F 368 40.64 -17.58 52.16
C ALA F 368 42.05 -17.72 52.68
N ILE F 369 42.25 -17.73 53.99
CA ILE F 369 43.56 -18.04 54.51
C ILE F 369 43.89 -19.50 54.30
N SER F 370 42.92 -20.39 54.51
CA SER F 370 43.23 -21.80 54.43
C SER F 370 43.33 -22.28 52.99
N GLN F 371 42.53 -21.73 52.09
CA GLN F 371 42.76 -22.02 50.68
C GLN F 371 44.08 -21.47 50.17
N ALA F 372 44.77 -20.67 50.96
CA ALA F 372 46.05 -20.12 50.59
C ALA F 372 47.22 -20.91 51.14
N LYS F 373 46.96 -21.99 51.82
CA LYS F 373 48.11 -22.73 52.32
C LYS F 373 48.78 -23.49 51.20
N PRO F 374 50.08 -23.71 51.28
CA PRO F 374 50.76 -24.50 50.26
C PRO F 374 50.33 -25.96 50.34
N GLN F 375 49.95 -26.53 49.21
CA GLN F 375 49.54 -27.92 49.15
C GLN F 375 50.72 -28.77 48.72
N LYS F 376 51.20 -29.61 49.64
CA LYS F 376 52.38 -30.38 49.35
C LYS F 376 52.03 -31.47 48.36
N GLY F 377 52.66 -31.43 47.21
CA GLY F 377 52.39 -32.38 46.15
C GLY F 377 53.40 -33.49 46.11
N SER F 378 53.01 -34.58 45.47
CA SER F 378 53.92 -35.62 45.04
C SER F 378 53.23 -36.33 43.89
N THR F 379 54.00 -36.93 43.01
CA THR F 379 53.41 -37.67 41.90
C THR F 379 54.20 -38.94 41.65
N VAL F 380 53.50 -40.08 41.72
CA VAL F 380 54.08 -41.39 41.52
C VAL F 380 52.98 -42.28 40.95
N ILE F 381 53.37 -43.18 40.04
CA ILE F 381 52.55 -44.22 39.42
C ILE F 381 51.08 -43.84 39.29
N ILE F 389 58.85 -36.78 43.02
CA ILE F 389 59.12 -35.36 43.20
C ILE F 389 58.80 -34.84 44.57
N ASN F 390 59.30 -33.63 44.85
CA ASN F 390 58.94 -32.91 46.06
C ASN F 390 58.79 -31.42 45.74
N PRO F 391 57.90 -31.08 44.81
CA PRO F 391 57.52 -29.68 44.65
C PRO F 391 56.51 -29.30 45.71
N ASP F 392 56.32 -28.00 45.85
CA ASP F 392 55.20 -27.48 46.62
C ASP F 392 54.50 -26.44 45.76
N THR F 393 53.26 -26.71 45.38
CA THR F 393 52.49 -25.80 44.55
C THR F 393 52.31 -24.44 45.21
N ASN F 394 52.63 -24.33 46.48
CA ASN F 394 52.44 -23.11 47.27
C ASN F 394 50.95 -22.77 47.20
N GLY F 395 50.58 -21.50 47.14
CA GLY F 395 49.20 -21.10 47.23
C GLY F 395 48.62 -20.60 45.92
N ASP F 396 47.36 -20.25 45.99
CA ASP F 396 46.72 -19.35 45.04
C ASP F 396 46.02 -18.27 45.85
N LEU F 397 46.55 -17.06 45.78
CA LEU F 397 46.05 -15.97 46.59
C LEU F 397 44.93 -15.21 45.90
N SER F 398 44.46 -15.69 44.76
CA SER F 398 43.33 -15.04 44.10
C SER F 398 42.17 -14.81 45.07
N THR F 399 41.91 -15.78 45.94
CA THR F 399 40.77 -15.63 46.84
C THR F 399 41.06 -14.62 47.93
N LEU F 400 42.24 -14.71 48.55
CA LEU F 400 42.53 -13.81 49.65
C LEU F 400 42.71 -12.38 49.17
N ALA F 401 43.37 -12.20 48.04
CA ALA F 401 43.55 -10.85 47.53
C ALA F 401 42.27 -10.25 46.97
N GLN F 402 41.21 -11.03 46.84
CA GLN F 402 39.95 -10.43 46.41
C GLN F 402 39.22 -9.78 47.58
N LEU F 403 39.30 -10.36 48.77
CA LEU F 403 38.80 -9.66 49.95
C LEU F 403 39.47 -8.31 50.09
N LEU F 404 40.79 -8.31 50.12
CA LEU F 404 41.56 -7.12 50.39
C LEU F 404 41.51 -6.12 49.25
N SER F 405 40.84 -6.44 48.14
CA SER F 405 40.87 -5.55 46.99
C SER F 405 40.36 -4.16 47.35
N GLY F 406 39.14 -4.07 47.84
CA GLY F 406 38.56 -2.79 48.21
C GLY F 406 38.62 -2.45 49.68
N PHE F 407 39.17 -3.33 50.50
CA PHE F 407 39.22 -3.10 51.93
C PHE F 407 40.03 -1.86 52.25
N SER F 408 39.61 -1.16 53.31
CA SER F 408 40.26 0.06 53.74
C SER F 408 40.19 0.15 55.24
N GLY F 409 41.27 0.58 55.87
CA GLY F 409 41.30 0.77 57.30
C GLY F 409 41.84 -0.43 58.04
N THR F 410 42.06 -0.23 59.33
CA THR F 410 42.69 -1.22 60.18
C THR F 410 41.99 -2.58 60.09
N ALA F 411 42.79 -3.64 60.14
CA ALA F 411 42.35 -4.93 60.64
C ALA F 411 43.48 -5.45 61.51
N VAL F 412 43.26 -5.54 62.80
CA VAL F 412 44.25 -6.09 63.72
C VAL F 412 43.75 -7.45 64.13
N GLY F 413 44.67 -8.38 64.35
CA GLY F 413 44.21 -9.72 64.61
C GLY F 413 45.11 -10.46 65.55
N VAL F 414 44.63 -11.62 65.96
CA VAL F 414 45.43 -12.65 66.57
C VAL F 414 45.08 -13.91 65.80
N VAL F 415 45.96 -14.41 64.98
CA VAL F 415 45.70 -15.70 64.34
C VAL F 415 46.74 -16.67 64.89
N LYS F 416 46.32 -17.51 65.83
CA LYS F 416 47.18 -18.54 66.39
C LYS F 416 46.29 -19.72 66.74
N GLY F 417 46.67 -20.91 66.30
CA GLY F 417 45.83 -22.09 66.53
C GLY F 417 44.46 -21.97 65.92
N ASP F 418 44.34 -21.31 64.77
CA ASP F 418 43.14 -21.23 63.96
C ASP F 418 42.01 -20.43 64.61
N TRP F 419 42.10 -20.17 65.91
CA TRP F 419 41.19 -19.24 66.53
C TRP F 419 41.75 -17.85 66.38
N MET F 420 40.86 -16.89 66.18
CA MET F 420 41.33 -15.54 65.89
C MET F 420 40.35 -14.52 66.42
N ALA F 421 40.85 -13.32 66.65
CA ALA F 421 40.03 -12.18 67.05
C ALA F 421 40.48 -10.99 66.21
N LEU F 422 39.59 -10.47 65.39
CA LEU F 422 39.96 -9.54 64.34
C LEU F 422 39.23 -8.23 64.55
N VAL F 423 39.94 -7.18 64.95
CA VAL F 423 39.34 -5.92 65.36
C VAL F 423 39.49 -4.92 64.23
N GLN F 424 38.41 -4.58 63.55
CA GLN F 424 38.50 -3.70 62.40
C GLN F 424 37.94 -2.34 62.74
N ALA F 425 38.59 -1.29 62.28
CA ALA F 425 38.11 0.06 62.51
C ALA F 425 38.61 0.99 61.42
N VAL F 426 37.85 2.03 61.10
CA VAL F 426 38.24 3.00 60.10
C VAL F 426 37.44 4.27 60.37
N LYS F 427 37.91 5.40 59.89
CA LYS F 427 37.10 6.60 59.84
C LYS F 427 37.34 7.32 58.54
N ASN F 428 36.37 7.29 57.65
CA ASN F 428 36.50 7.99 56.39
C ASN F 428 35.91 9.36 56.54
N ASP F 429 36.61 10.34 56.03
CA ASP F 429 36.14 11.70 56.14
C ASP F 429 36.47 12.44 54.86
N SER F 430 35.50 12.99 54.17
CA SER F 430 35.78 13.72 52.96
C SER F 430 35.32 15.14 53.10
N SER F 431 35.48 15.90 52.04
CA SER F 431 35.03 17.27 51.94
C SER F 431 35.01 17.64 50.48
N SER F 432 34.35 18.72 50.16
CA SER F 432 34.43 19.27 48.83
C SER F 432 34.05 20.73 48.86
N ASN F 433 34.50 21.45 47.87
CA ASN F 433 34.11 22.83 47.73
C ASN F 433 34.18 23.15 46.26
N VAL F 434 33.18 23.78 45.69
CA VAL F 434 33.16 24.03 44.26
C VAL F 434 32.54 25.38 44.03
N LEU F 435 33.12 26.17 43.16
CA LEU F 435 32.48 27.41 42.78
C LEU F 435 32.66 27.61 41.30
N SER F 436 31.60 27.57 40.52
CA SER F 436 31.74 27.80 39.10
C SER F 436 30.78 28.88 38.68
N THR F 437 31.21 29.71 37.77
CA THR F 437 30.48 30.92 37.46
C THR F 437 30.46 31.28 35.98
N PRO F 438 29.66 30.59 35.18
CA PRO F 438 29.56 30.93 33.77
C PRO F 438 28.85 32.24 33.57
N SER F 439 29.16 32.93 32.48
CA SER F 439 28.54 34.21 32.23
C SER F 439 28.47 34.45 30.73
N ILE F 440 27.43 35.13 30.29
CA ILE F 440 27.17 35.36 28.88
C ILE F 440 26.74 36.81 28.71
N THR F 441 26.88 37.33 27.51
CA THR F 441 26.50 38.71 27.21
C THR F 441 25.60 38.72 26.00
N THR F 442 24.42 39.30 26.12
CA THR F 442 23.44 39.30 25.04
C THR F 442 22.94 40.70 24.84
N LEU F 443 22.28 40.92 23.73
CA LEU F 443 21.40 42.06 23.67
C LEU F 443 20.13 41.77 24.44
N ASP F 444 19.45 42.85 24.81
CA ASP F 444 18.11 42.73 25.34
C ASP F 444 17.23 41.92 24.40
N ASN F 445 16.32 41.14 24.98
CA ASN F 445 15.27 40.41 24.29
C ASN F 445 15.78 39.32 23.38
N GLN F 446 17.08 39.14 23.24
CA GLN F 446 17.66 38.09 22.43
C GLN F 446 18.14 36.97 23.34
N GLU F 447 18.00 35.72 22.92
CA GLU F 447 18.43 34.64 23.81
C GLU F 447 19.84 34.19 23.51
N ALA F 448 20.58 33.94 24.57
CA ALA F 448 21.96 33.51 24.50
C ALA F 448 22.06 32.10 25.02
N PHE F 449 23.06 31.39 24.54
CA PHE F 449 23.28 30.01 24.91
C PHE F 449 24.75 29.86 25.17
N PHE F 450 25.12 29.23 26.26
CA PHE F 450 26.52 29.07 26.58
C PHE F 450 26.75 27.69 27.13
N MET F 451 27.55 26.87 26.46
CA MET F 451 27.81 25.52 26.93
C MET F 451 29.30 25.32 27.04
N VAL F 452 29.75 24.80 28.17
CA VAL F 452 31.11 24.30 28.31
C VAL F 452 30.97 22.90 28.84
N GLY F 453 31.32 21.92 28.03
CA GLY F 453 30.93 20.58 28.35
C GLY F 453 31.52 19.62 27.35
N GLN F 454 30.88 18.49 27.20
CA GLN F 454 31.27 17.56 26.17
C GLN F 454 30.04 16.91 25.60
N ASP F 455 30.18 16.36 24.41
CA ASP F 455 29.06 15.90 23.62
C ASP F 455 29.16 14.39 23.47
N VAL F 456 28.26 13.66 24.12
CA VAL F 456 28.45 12.23 24.37
C VAL F 456 27.27 11.45 23.79
N PRO F 457 27.50 10.27 23.19
CA PRO F 457 26.41 9.52 22.56
C PRO F 457 25.54 8.76 23.54
N VAL F 458 24.24 8.73 23.26
CA VAL F 458 23.28 7.99 24.06
C VAL F 458 22.62 6.97 23.15
N LEU F 459 22.25 5.82 23.73
CA LEU F 459 22.27 4.57 22.99
C LEU F 459 21.61 4.61 21.62
N THR F 460 20.43 5.19 21.43
CA THR F 460 19.29 5.13 22.30
C THR F 460 18.19 4.72 21.31
N GLY F 461 17.73 3.48 21.44
CA GLY F 461 16.91 2.86 20.43
C GLY F 461 17.51 1.58 19.94
N THR F 474 20.73 3.12 17.98
CA THR F 474 20.40 4.20 17.06
C THR F 474 21.19 5.48 17.42
N VAL F 475 21.84 5.45 18.57
CA VAL F 475 22.89 6.38 18.94
C VAL F 475 22.60 7.83 18.60
N GLU F 476 21.71 8.46 19.35
CA GLU F 476 21.61 9.90 19.33
C GLU F 476 22.74 10.53 20.13
N ARG F 477 22.96 11.82 19.91
CA ARG F 477 24.14 12.56 20.34
C ARG F 477 23.73 13.63 21.33
N LYS F 478 24.15 13.49 22.60
CA LYS F 478 23.65 14.31 23.69
C LYS F 478 24.77 15.14 24.30
N LYS F 479 24.43 16.36 24.74
CA LYS F 479 25.38 17.32 25.25
C LYS F 479 25.27 17.43 26.76
N VAL F 480 26.38 17.25 27.46
CA VAL F 480 26.42 17.36 28.91
C VAL F 480 27.48 18.37 29.29
N GLY F 481 27.22 19.13 30.32
CA GLY F 481 28.19 20.02 30.91
C GLY F 481 27.49 21.25 31.40
N ILE F 482 28.26 22.23 31.84
CA ILE F 482 27.64 23.49 32.25
C ILE F 482 26.92 24.10 31.07
N MET F 483 25.65 24.43 31.27
CA MET F 483 24.87 25.03 30.20
C MET F 483 24.06 26.13 30.82
N LEU F 484 24.01 27.27 30.15
CA LEU F 484 23.26 28.40 30.64
C LEU F 484 22.57 28.99 29.44
N LYS F 485 21.26 29.12 29.49
CA LYS F 485 20.51 29.68 28.37
C LYS F 485 19.55 30.70 28.93
N VAL F 486 19.74 31.95 28.60
CA VAL F 486 19.04 33.04 29.26
C VAL F 486 18.57 34.02 28.21
N THR F 487 17.47 34.69 28.46
CA THR F 487 16.89 35.66 27.52
C THR F 487 16.29 36.89 28.19
N PRO F 488 17.11 37.88 28.50
CA PRO F 488 16.69 38.96 29.38
C PRO F 488 15.80 39.97 28.68
N GLN F 489 15.05 40.73 29.48
CA GLN F 489 14.42 41.94 28.98
C GLN F 489 14.41 43.00 30.06
N ILE F 490 14.86 44.21 29.73
CA ILE F 490 14.98 45.24 30.75
C ILE F 490 13.63 45.89 30.99
N ASN F 491 13.20 45.90 32.25
CA ASN F 491 11.85 46.32 32.62
C ASN F 491 11.76 47.77 33.00
N GLU F 492 12.79 48.56 32.78
CA GLU F 492 12.62 50.01 32.77
C GLU F 492 12.43 50.55 34.19
N GLY F 493 12.10 49.67 35.12
CA GLY F 493 12.46 50.04 36.47
C GLY F 493 13.92 49.82 36.75
N ASN F 494 14.70 49.54 35.70
CA ASN F 494 16.09 49.10 35.77
C ASN F 494 16.19 47.73 36.45
N ALA F 495 15.41 46.78 35.96
CA ALA F 495 15.31 45.44 36.53
C ALA F 495 15.17 44.43 35.41
N VAL F 496 15.95 43.35 35.46
CA VAL F 496 16.25 42.62 34.24
C VAL F 496 15.29 41.50 33.83
N GLN F 497 14.60 40.80 34.73
CA GLN F 497 13.64 39.82 34.23
C GLN F 497 14.21 38.73 33.33
N MET F 498 14.90 37.75 33.90
CA MET F 498 15.48 36.66 33.14
C MET F 498 14.45 35.62 32.76
N VAL F 499 14.76 34.84 31.74
CA VAL F 499 14.13 33.55 31.52
C VAL F 499 15.26 32.56 31.32
N ILE F 500 15.46 31.68 32.28
CA ILE F 500 16.76 31.06 32.45
C ILE F 500 16.62 29.56 32.55
N GLU F 501 17.58 28.84 31.97
CA GLU F 501 17.73 27.42 32.18
C GLU F 501 19.18 27.16 32.53
N GLN F 502 19.45 26.84 33.76
CA GLN F 502 20.76 26.44 34.19
C GLN F 502 20.82 24.93 34.14
N GLU F 503 21.98 24.39 33.83
CA GLU F 503 22.12 22.95 33.91
C GLU F 503 23.57 22.60 34.15
N VAL F 504 23.82 21.59 34.96
CA VAL F 504 25.18 21.12 35.21
C VAL F 504 25.15 19.62 35.16
N SER F 505 25.77 19.03 34.17
CA SER F 505 25.73 17.59 33.97
C SER F 505 27.14 17.05 33.96
N LYS F 506 27.24 15.73 34.11
CA LYS F 506 28.50 15.06 33.84
C LYS F 506 28.21 13.59 33.65
N VAL F 507 29.12 12.90 32.99
CA VAL F 507 28.98 11.47 32.83
C VAL F 507 29.45 10.79 34.11
N GLU F 508 28.56 10.08 34.77
CA GLU F 508 28.92 9.27 35.90
C GLU F 508 28.60 7.82 35.55
N GLY F 509 29.22 6.90 36.27
CA GLY F 509 29.45 5.62 35.66
C GLY F 509 28.25 4.79 35.25
N GLN F 510 28.16 4.54 33.94
CA GLN F 510 27.49 3.43 33.30
C GLN F 510 26.11 3.04 33.81
N THR F 511 25.80 1.77 33.58
CA THR F 511 24.59 1.02 33.94
C THR F 511 24.77 -0.23 33.13
N SER F 512 23.84 -1.18 33.20
CA SER F 512 23.93 -2.31 32.29
C SER F 512 24.14 -1.86 30.86
N LEU F 513 23.16 -1.17 30.28
CA LEU F 513 23.10 -0.94 28.84
C LEU F 513 23.56 0.43 28.36
N ASP F 514 23.97 1.35 29.24
CA ASP F 514 24.35 2.70 28.80
C ASP F 514 25.09 3.45 29.88
N VAL F 515 25.28 4.76 29.62
CA VAL F 515 25.82 5.71 30.57
C VAL F 515 24.69 6.42 31.30
N VAL F 516 24.87 6.61 32.58
CA VAL F 516 24.01 7.45 33.37
C VAL F 516 24.70 8.79 33.51
N PHE F 517 23.95 9.88 33.48
CA PHE F 517 24.52 11.20 33.63
C PHE F 517 24.09 11.79 34.95
N GLY F 518 25.04 12.24 35.74
CA GLY F 518 24.66 13.09 36.84
C GLY F 518 24.09 14.35 36.24
N GLU F 519 22.97 14.83 36.73
CA GLU F 519 22.37 16.01 36.13
C GLU F 519 21.65 16.81 37.18
N ARG F 520 21.87 18.12 37.21
CA ARG F 520 21.08 18.98 38.06
C ARG F 520 20.75 20.24 37.30
N LYS F 521 19.46 20.49 37.08
CA LYS F 521 19.10 21.64 36.29
C LYS F 521 17.90 22.31 36.89
N LEU F 522 17.77 23.59 36.63
CA LEU F 522 16.59 24.31 37.06
C LEU F 522 16.23 25.33 36.00
N LYS F 523 14.97 25.36 35.61
CA LYS F 523 14.53 26.35 34.65
C LYS F 523 13.34 27.09 35.20
N THR F 524 13.52 28.39 35.40
CA THR F 524 12.61 29.22 36.15
C THR F 524 12.49 30.53 35.40
N THR F 525 11.84 31.50 36.02
CA THR F 525 11.85 32.87 35.52
C THR F 525 11.96 33.79 36.71
N VAL F 526 12.97 34.64 36.73
CA VAL F 526 13.24 35.44 37.90
C VAL F 526 13.24 36.89 37.46
N LEU F 527 13.17 37.76 38.45
CA LEU F 527 13.15 39.19 38.20
C LEU F 527 14.19 39.81 39.12
N ALA F 528 15.26 40.32 38.54
CA ALA F 528 16.41 40.76 39.33
C ALA F 528 16.70 42.22 39.07
N ASN F 529 17.11 42.94 40.09
CA ASN F 529 17.51 44.32 39.90
C ASN F 529 18.79 44.40 39.11
N ASP F 530 19.09 45.60 38.64
CA ASP F 530 20.19 45.82 37.70
C ASP F 530 21.49 45.21 38.20
N GLY F 531 21.93 45.59 39.39
CA GLY F 531 23.24 45.15 39.78
C GLY F 531 23.28 44.13 40.88
N GLU F 532 22.15 43.50 41.17
CA GLU F 532 21.98 42.78 42.40
C GLU F 532 21.64 41.32 42.16
N LEU F 533 21.75 40.55 43.22
CA LEU F 533 21.98 39.12 43.19
C LEU F 533 20.74 38.42 43.71
N ILE F 534 20.09 37.63 42.87
CA ILE F 534 18.91 36.90 43.29
C ILE F 534 19.23 35.42 43.25
N VAL F 535 18.64 34.66 44.18
CA VAL F 535 18.88 33.23 44.29
C VAL F 535 17.87 32.48 43.45
N LEU F 536 18.36 31.65 42.55
CA LEU F 536 17.45 30.87 41.73
C LEU F 536 16.95 29.62 42.42
N GLY F 537 17.81 28.92 43.12
CA GLY F 537 17.49 27.56 43.47
C GLY F 537 18.38 27.12 44.59
N GLY F 538 18.38 25.83 44.85
CA GLY F 538 19.20 25.36 45.94
C GLY F 538 18.75 24.01 46.41
N LEU F 539 19.56 23.45 47.28
CA LEU F 539 19.25 22.19 47.91
C LEU F 539 20.03 22.18 49.20
N MET F 540 19.51 21.51 50.20
CA MET F 540 20.26 21.31 51.42
C MET F 540 19.94 19.89 51.83
N ASP F 541 20.92 19.03 51.98
CA ASP F 541 20.61 17.62 52.12
C ASP F 541 21.46 17.04 53.22
N ASP F 542 20.84 16.52 54.27
CA ASP F 542 21.55 15.92 55.38
C ASP F 542 21.16 14.47 55.51
N GLN F 543 22.02 13.69 56.15
CA GLN F 543 21.68 12.33 56.49
C GLN F 543 22.45 11.99 57.74
N ALA F 544 21.89 11.17 58.59
CA ALA F 544 22.68 10.53 59.61
C ALA F 544 22.24 9.08 59.69
N GLY F 545 23.04 8.19 59.24
CA GLY F 545 22.70 6.80 59.36
C GLY F 545 23.20 6.25 60.66
N GLU F 546 22.84 5.01 60.91
CA GLU F 546 23.50 4.24 61.95
C GLU F 546 23.15 2.78 61.71
N SER F 547 23.89 1.91 62.35
CA SER F 547 23.61 0.50 62.32
C SER F 547 24.26 -0.09 63.56
N VAL F 548 23.88 -1.29 63.90
CA VAL F 548 24.59 -1.97 64.96
C VAL F 548 24.29 -3.43 64.76
N ALA F 549 25.06 -4.29 65.41
CA ALA F 549 24.73 -5.69 65.50
C ALA F 549 25.33 -6.14 66.80
N LYS F 550 24.73 -7.12 67.43
CA LYS F 550 25.32 -7.59 68.67
C LYS F 550 24.77 -8.97 68.98
N VAL F 551 25.09 -9.48 70.15
CA VAL F 551 24.85 -10.88 70.46
C VAL F 551 23.44 -11.41 70.67
N PRO F 552 22.49 -10.68 71.28
CA PRO F 552 22.11 -9.48 72.02
C PRO F 552 22.46 -9.27 73.45
N LEU F 553 22.44 -10.29 74.28
CA LEU F 553 22.34 -9.99 75.70
C LEU F 553 23.65 -9.43 76.24
N LEU F 554 24.77 -9.85 75.65
CA LEU F 554 26.09 -9.42 76.10
C LEU F 554 26.49 -8.07 75.55
N GLY F 555 25.88 -7.62 74.47
CA GLY F 555 26.24 -6.33 73.94
C GLY F 555 25.83 -5.16 74.80
N ASP F 556 25.10 -5.39 75.88
CA ASP F 556 24.62 -4.28 76.70
C ASP F 556 25.45 -4.00 77.94
N ILE F 557 26.46 -4.81 78.23
CA ILE F 557 27.27 -4.48 79.41
C ILE F 557 27.97 -3.14 79.14
N PRO F 558 27.99 -2.21 80.09
CA PRO F 558 28.47 -0.86 79.78
C PRO F 558 29.97 -0.77 79.51
N LEU F 559 30.76 -1.75 79.93
CA LEU F 559 32.18 -1.75 79.67
C LEU F 559 32.57 -2.69 78.54
N ILE F 560 32.36 -3.99 78.74
CA ILE F 560 32.89 -5.01 77.86
C ILE F 560 31.88 -5.27 76.75
N GLY F 561 30.82 -4.48 76.70
CA GLY F 561 29.88 -4.62 75.62
C GLY F 561 30.55 -4.52 74.26
N ASN F 562 31.46 -3.56 74.12
CA ASN F 562 32.03 -3.26 72.82
C ASN F 562 32.76 -4.43 72.19
N LEU F 563 33.07 -5.47 72.95
CA LEU F 563 33.72 -6.61 72.33
C LEU F 563 32.76 -7.38 71.45
N PHE F 564 31.46 -7.29 71.74
CA PHE F 564 30.47 -8.09 71.05
C PHE F 564 29.68 -7.34 69.98
N LYS F 565 29.99 -6.09 69.70
CA LYS F 565 29.18 -5.26 68.82
C LYS F 565 29.92 -4.97 67.53
N SER F 566 29.17 -4.61 66.51
CA SER F 566 29.75 -4.04 65.30
C SER F 566 28.90 -2.87 64.88
N THR F 567 29.49 -1.69 64.85
CA THR F 567 28.74 -0.47 64.61
C THR F 567 29.18 0.18 63.32
N ALA F 568 28.27 0.87 62.64
CA ALA F 568 28.62 1.68 61.50
C ALA F 568 27.83 2.96 61.54
N ASP F 569 28.49 4.10 61.51
CA ASP F 569 27.80 5.37 61.54
C ASP F 569 28.04 6.11 60.25
N LYS F 570 27.20 7.08 59.99
CA LYS F 570 27.38 7.82 58.76
C LYS F 570 26.80 9.20 58.98
N LYS F 571 27.37 10.17 58.32
CA LYS F 571 26.88 11.53 58.38
C LYS F 571 27.22 12.15 57.06
N GLU F 572 26.36 13.00 56.55
CA GLU F 572 26.58 13.48 55.20
C GLU F 572 25.89 14.80 55.07
N LYS F 573 26.38 15.64 54.20
CA LYS F 573 25.76 16.93 54.07
C LYS F 573 26.08 17.49 52.70
N ARG F 574 25.20 18.32 52.18
CA ARG F 574 25.43 18.90 50.88
C ARG F 574 24.66 20.21 50.81
N ASN F 575 25.18 21.16 50.07
CA ASN F 575 24.48 22.40 49.89
C ASN F 575 24.71 22.85 48.46
N LEU F 576 23.66 23.09 47.71
CA LEU F 576 23.80 23.82 46.48
C LEU F 576 23.17 25.19 46.62
N MET F 577 23.65 26.09 45.81
CA MET F 577 22.94 27.33 45.60
C MET F 577 23.24 27.71 44.18
N VAL F 578 22.34 28.42 43.55
CA VAL F 578 22.59 29.02 42.26
C VAL F 578 22.12 30.45 42.40
N PHE F 579 22.98 31.38 42.05
CA PHE F 579 22.65 32.78 42.15
C PHE F 579 22.72 33.36 40.76
N ILE F 580 22.20 34.55 40.57
CA ILE F 580 22.39 35.17 39.27
C ILE F 580 22.48 36.66 39.49
N ARG F 581 23.44 37.28 38.84
CA ARG F 581 23.59 38.72 38.90
C ARG F 581 23.51 39.33 37.51
N PRO F 582 22.46 40.04 37.16
CA PRO F 582 22.45 40.78 35.90
C PRO F 582 23.27 42.05 36.00
N THR F 583 23.58 42.60 34.84
CA THR F 583 24.20 43.91 34.75
C THR F 583 23.77 44.50 33.44
N ILE F 584 23.48 45.79 33.42
CA ILE F 584 22.95 46.43 32.23
C ILE F 584 24.02 47.33 31.66
N LEU F 585 24.34 47.12 30.39
CA LEU F 585 25.32 47.92 29.69
C LEU F 585 24.56 48.78 28.70
N ARG F 586 24.41 50.07 28.99
CA ARG F 586 23.60 50.96 28.17
C ARG F 586 24.46 51.79 27.24
N ASP F 587 25.35 52.59 27.81
CA ASP F 587 26.24 53.42 27.01
C ASP F 587 27.16 52.54 26.18
N GLY F 588 27.67 53.13 25.10
CA GLY F 588 28.82 52.52 24.47
C GLY F 588 30.00 52.42 25.42
N MET F 589 30.06 53.31 26.40
CA MET F 589 31.11 53.27 27.40
C MET F 589 30.84 52.25 28.51
N ALA F 590 29.58 51.84 28.68
CA ALA F 590 29.27 50.85 29.70
C ALA F 590 29.75 49.46 29.29
N ALA F 591 29.72 49.16 27.99
CA ALA F 591 30.19 47.86 27.52
C ALA F 591 31.69 47.71 27.70
N ASP F 592 32.41 48.81 27.70
CA ASP F 592 33.86 48.79 27.83
C ASP F 592 34.30 48.91 29.27
N GLY F 593 33.39 49.14 30.20
CA GLY F 593 33.74 49.13 31.60
C GLY F 593 33.79 47.73 32.17
N VAL F 594 32.82 46.91 31.81
CA VAL F 594 32.82 45.52 32.26
C VAL F 594 33.82 44.70 31.47
N SER F 595 33.80 44.84 30.15
CA SER F 595 34.67 44.00 29.36
C SER F 595 36.11 44.42 29.42
N GLN F 596 36.41 45.61 29.92
CA GLN F 596 37.81 45.96 30.11
C GLN F 596 38.35 45.44 31.42
N ARG F 597 37.53 45.31 32.45
CA ARG F 597 38.09 44.81 33.69
C ARG F 597 38.22 43.30 33.69
N LYS F 598 37.40 42.59 32.94
CA LYS F 598 37.65 41.16 32.80
C LYS F 598 38.83 40.88 31.90
N TYR F 599 39.13 41.78 30.98
CA TYR F 599 40.33 41.62 30.18
C TYR F 599 41.56 41.78 31.05
N ASN F 600 41.68 42.91 31.74
CA ASN F 600 42.81 43.11 32.60
C ASN F 600 42.86 42.12 33.75
N TYR F 601 41.81 41.35 33.97
CA TYR F 601 41.90 40.28 34.95
C TYR F 601 42.54 39.04 34.35
N MET F 602 42.18 38.69 33.12
CA MET F 602 42.84 37.56 32.47
C MET F 602 44.27 37.89 32.12
N ARG F 603 44.56 39.13 31.79
CA ARG F 603 45.91 39.46 31.41
C ARG F 603 46.81 39.50 32.62
N ALA F 604 46.25 39.59 33.82
CA ALA F 604 47.07 39.49 35.01
C ALA F 604 47.21 38.07 35.50
N GLU F 605 46.40 37.15 34.99
CA GLU F 605 46.67 35.73 35.20
C GLU F 605 47.82 35.27 34.33
N GLN F 606 47.84 35.73 33.09
CA GLN F 606 48.85 35.29 32.14
C GLN F 606 50.19 35.96 32.37
N ILE F 607 50.22 37.05 33.10
CA ILE F 607 51.51 37.61 33.48
C ILE F 607 52.07 36.89 34.68
N TYR F 608 51.23 36.60 35.67
CA TYR F 608 51.72 35.85 36.81
C TYR F 608 52.07 34.42 36.45
N ARG F 609 51.36 33.86 35.49
CA ARG F 609 51.78 32.58 34.93
C ARG F 609 53.10 32.70 34.20
N ASP F 610 53.37 33.88 33.64
CA ASP F 610 54.60 34.11 32.91
C ASP F 610 55.76 34.45 33.83
N GLU F 611 55.51 35.24 34.87
CA GLU F 611 56.59 35.63 35.78
C GLU F 611 57.28 34.40 36.37
N GLN F 612 56.54 33.35 36.66
CA GLN F 612 57.13 32.08 37.04
C GLN F 612 57.08 31.21 35.80
N GLY F 613 58.22 31.06 35.16
CA GLY F 613 58.22 30.62 33.79
C GLY F 613 58.02 29.15 33.65
N LEU F 614 58.12 28.69 32.42
CA LEU F 614 58.37 27.29 32.18
C LEU F 614 59.72 26.95 32.77
N SER F 615 59.76 25.98 33.67
CA SER F 615 60.92 25.84 34.53
C SER F 615 62.10 25.21 33.80
N LEU F 616 61.85 24.24 32.94
CA LEU F 616 62.95 23.61 32.22
C LEU F 616 63.48 24.52 31.12
N MET F 617 62.60 25.07 30.31
CA MET F 617 63.06 26.00 29.30
C MET F 617 62.89 27.43 29.79
N PRO F 618 63.96 28.12 30.17
CA PRO F 618 63.85 29.57 30.20
C PRO F 618 64.35 30.13 28.88
N HIS F 619 64.21 31.42 28.64
CA HIS F 619 63.23 32.22 29.34
C HIS F 619 61.91 31.94 28.64
N THR F 620 61.95 32.02 27.31
CA THR F 620 60.95 31.42 26.42
C THR F 620 59.54 31.95 26.73
N ALA F 621 59.34 33.22 26.37
CA ALA F 621 58.04 33.71 25.92
C ALA F 621 56.89 33.36 26.85
N GLN F 622 56.00 32.50 26.35
CA GLN F 622 54.71 32.06 26.84
C GLN F 622 53.66 33.09 26.48
N PRO F 623 52.44 32.68 26.12
CA PRO F 623 51.49 33.66 25.59
C PRO F 623 50.99 34.58 26.67
N VAL F 624 50.97 35.87 26.36
CA VAL F 624 50.33 36.85 27.21
C VAL F 624 49.47 37.70 26.29
N LEU F 625 48.52 38.25 26.83
CA LEU F 625 47.46 38.88 26.06
C LEU F 625 47.81 40.35 25.87
N PRO F 626 47.65 40.90 24.67
CA PRO F 626 48.21 42.23 24.39
C PRO F 626 47.69 43.27 25.36
N ALA F 627 48.52 44.28 25.62
CA ALA F 627 48.10 45.33 26.53
C ALA F 627 47.07 46.22 25.87
N GLN F 628 46.36 46.99 26.69
CA GLN F 628 45.47 48.03 26.21
C GLN F 628 46.10 49.39 26.45
N ASN F 629 45.96 50.28 25.47
CA ASN F 629 46.63 51.58 25.49
C ASN F 629 48.14 51.42 25.59
N GLN F 630 48.69 50.63 24.66
CA GLN F 630 50.14 50.49 24.57
C GLN F 630 50.84 51.82 24.34
N ALA F 631 50.13 52.80 23.82
CA ALA F 631 50.68 54.09 23.37
C ALA F 631 51.75 53.78 22.31
N LEU F 632 52.85 54.49 22.31
CA LEU F 632 53.81 54.43 21.23
C LEU F 632 55.03 53.61 21.62
N PRO F 633 55.48 52.70 20.76
CA PRO F 633 56.73 52.00 21.04
C PRO F 633 57.86 53.00 21.17
N PRO F 634 58.95 52.62 21.86
CA PRO F 634 60.01 53.59 22.14
C PRO F 634 60.64 54.17 20.90
N GLU F 635 60.84 53.37 19.86
CA GLU F 635 61.48 53.91 18.66
C GLU F 635 60.52 54.73 17.83
N VAL F 636 59.24 54.38 17.84
CA VAL F 636 58.24 55.22 17.18
C VAL F 636 58.15 56.56 17.88
N ARG F 637 58.43 56.57 19.18
CA ARG F 637 58.41 57.81 19.95
C ARG F 637 59.36 58.85 19.36
N ALA F 638 60.58 58.42 19.04
CA ALA F 638 61.59 59.36 18.54
C ALA F 638 61.22 59.93 17.18
N PHE F 639 60.63 59.14 16.29
CA PHE F 639 60.29 59.60 14.96
C PHE F 639 59.42 60.85 14.99
N LEU F 640 58.59 60.99 16.03
CA LEU F 640 57.82 62.22 16.20
C LEU F 640 58.73 63.40 16.51
N ASN F 641 59.73 63.17 17.35
CA ASN F 641 60.58 64.26 17.83
C ASN F 641 61.52 64.79 16.76
N ALA F 642 61.59 64.15 15.60
CA ALA F 642 62.37 64.69 14.50
C ALA F 642 61.47 65.45 13.55
N GLY F 643 60.64 64.74 12.79
CA GLY F 643 59.78 65.36 11.81
C GLY F 643 58.69 66.23 12.41
N GLY G 100 -29.84 78.97 -74.17
CA GLY G 100 -30.85 80.01 -74.01
C GLY G 100 -32.23 79.44 -73.77
N ASP G 101 -33.14 79.71 -74.70
CA ASP G 101 -34.49 79.17 -74.67
C ASP G 101 -34.62 77.90 -75.50
N GLU G 102 -33.54 77.41 -76.08
CA GLU G 102 -33.60 76.24 -76.95
C GLU G 102 -33.99 75.00 -76.16
N MET G 103 -35.04 74.31 -76.60
CA MET G 103 -35.50 73.08 -75.97
C MET G 103 -34.66 71.91 -76.46
N VAL G 104 -33.93 71.27 -75.54
CA VAL G 104 -33.09 70.11 -75.84
C VAL G 104 -33.09 69.17 -74.65
N THR G 105 -32.55 67.96 -74.86
CA THR G 105 -32.22 67.03 -73.80
C THR G 105 -30.71 66.95 -73.64
N LYS G 106 -30.25 66.70 -72.41
CA LYS G 106 -28.82 66.61 -72.14
C LYS G 106 -28.55 65.49 -71.15
N VAL G 107 -27.33 64.95 -71.21
CA VAL G 107 -26.89 63.84 -70.36
C VAL G 107 -25.89 64.39 -69.35
N VAL G 108 -26.20 64.23 -68.07
CA VAL G 108 -25.27 64.57 -66.99
C VAL G 108 -24.98 63.33 -66.15
N PRO G 109 -23.78 62.77 -66.24
CA PRO G 109 -23.37 61.75 -65.28
C PRO G 109 -23.05 62.37 -63.93
N VAL G 110 -23.58 61.79 -62.87
CA VAL G 110 -23.30 62.22 -61.51
C VAL G 110 -22.47 61.13 -60.86
N ARG G 111 -21.19 61.40 -60.65
CA ARG G 111 -20.24 60.36 -60.25
C ARG G 111 -20.16 60.25 -58.72
N ASN G 112 -19.53 61.24 -58.08
CA ASN G 112 -19.30 61.16 -56.64
C ASN G 112 -20.54 61.44 -55.82
N VAL G 113 -21.46 62.25 -56.34
CA VAL G 113 -22.59 62.76 -55.58
C VAL G 113 -23.74 61.77 -55.65
N SER G 114 -24.46 61.62 -54.54
CA SER G 114 -25.72 60.89 -54.58
C SER G 114 -26.72 61.71 -55.38
N VAL G 115 -27.28 61.11 -56.43
CA VAL G 115 -28.13 61.84 -57.37
C VAL G 115 -29.34 62.44 -56.67
N ARG G 116 -29.82 61.83 -55.60
CA ARG G 116 -30.95 62.41 -54.90
C ARG G 116 -30.53 63.45 -53.88
N GLU G 117 -29.23 63.55 -53.55
CA GLU G 117 -28.77 64.71 -52.79
C GLU G 117 -29.06 66.00 -53.53
N LEU G 118 -29.12 65.92 -54.85
CA LEU G 118 -29.34 67.08 -55.71
C LEU G 118 -30.80 67.31 -56.01
N ALA G 119 -31.69 66.57 -55.38
CA ALA G 119 -33.12 66.82 -55.53
C ALA G 119 -33.50 68.27 -55.28
N PRO G 120 -33.08 68.92 -54.18
CA PRO G 120 -33.54 70.30 -53.96
C PRO G 120 -33.09 71.30 -55.01
N ILE G 121 -31.79 71.33 -55.32
CA ILE G 121 -31.26 72.48 -56.04
C ILE G 121 -31.55 72.40 -57.53
N LEU G 122 -31.67 71.20 -58.07
CA LEU G 122 -31.95 71.06 -59.48
C LEU G 122 -33.43 71.31 -59.76
N ARG G 123 -34.30 70.83 -58.89
CA ARG G 123 -35.73 71.04 -59.05
C ARG G 123 -36.14 72.44 -58.60
N GLN G 124 -35.45 73.01 -57.60
CA GLN G 124 -35.74 74.39 -57.22
C GLN G 124 -35.38 75.36 -58.33
N MET G 125 -34.53 74.95 -59.27
CA MET G 125 -34.27 75.78 -60.44
C MET G 125 -35.50 75.85 -61.33
N ILE G 126 -36.26 74.75 -61.40
CA ILE G 126 -37.49 74.69 -62.18
C ILE G 126 -38.49 75.74 -61.70
N ASP G 127 -38.44 76.05 -60.40
CA ASP G 127 -39.20 77.18 -59.87
C ASP G 127 -38.86 78.46 -60.61
N SER G 128 -37.57 78.77 -60.70
CA SER G 128 -37.09 79.95 -61.41
C SER G 128 -37.07 79.73 -62.92
N ALA G 129 -36.65 78.54 -63.37
CA ALA G 129 -36.56 78.28 -64.80
C ALA G 129 -37.94 78.21 -65.45
N GLY G 130 -38.95 77.78 -64.71
CA GLY G 130 -40.27 77.60 -65.29
C GLY G 130 -40.45 76.28 -65.99
N SER G 131 -41.18 76.29 -67.10
CA SER G 131 -41.52 75.07 -67.81
C SER G 131 -40.40 74.64 -68.76
N GLY G 132 -40.62 73.50 -69.42
CA GLY G 132 -39.73 73.00 -70.43
C GLY G 132 -38.55 72.22 -69.92
N ASN G 133 -38.17 72.38 -68.65
CA ASN G 133 -36.99 71.73 -68.10
C ASN G 133 -37.39 70.61 -67.15
N VAL G 134 -36.71 69.48 -67.28
CA VAL G 134 -36.99 68.30 -66.47
C VAL G 134 -35.66 67.77 -65.94
N VAL G 135 -35.66 67.39 -64.66
CA VAL G 135 -34.49 66.83 -64.00
C VAL G 135 -34.84 65.43 -63.53
N ASN G 136 -34.00 64.46 -63.89
CA ASN G 136 -34.26 63.05 -63.66
C ASN G 136 -33.20 62.47 -62.74
N TYR G 137 -33.64 61.76 -61.71
CA TYR G 137 -32.76 61.22 -60.68
C TYR G 137 -32.77 59.70 -60.76
N ASP G 138 -31.69 59.10 -61.26
CA ASP G 138 -31.67 57.66 -61.40
C ASP G 138 -30.69 57.05 -60.41
N PRO G 139 -31.13 56.11 -59.56
CA PRO G 139 -30.20 55.48 -58.61
C PRO G 139 -29.02 54.77 -59.26
N SER G 140 -29.07 54.52 -60.56
CA SER G 140 -27.88 54.11 -61.31
C SER G 140 -26.86 55.24 -61.39
N ASN G 141 -27.17 56.37 -60.76
CA ASN G 141 -26.23 57.46 -60.49
C ASN G 141 -25.85 58.26 -61.74
N VAL G 142 -26.85 58.65 -62.51
CA VAL G 142 -26.77 59.81 -63.38
C VAL G 142 -28.01 60.65 -63.15
N ILE G 143 -27.97 61.88 -63.67
CA ILE G 143 -29.10 62.79 -63.61
C ILE G 143 -29.37 63.32 -65.00
N MET G 144 -30.54 62.99 -65.54
CA MET G 144 -30.90 63.34 -66.92
C MET G 144 -31.61 64.69 -66.95
N LEU G 145 -31.00 65.65 -67.63
CA LEU G 145 -31.54 67.00 -67.74
C LEU G 145 -32.12 67.18 -69.13
N THR G 146 -33.41 67.43 -69.21
CA THR G 146 -34.09 67.68 -70.48
C THR G 146 -34.79 69.01 -70.38
N GLY G 147 -34.37 69.98 -71.19
CA GLY G 147 -35.01 71.28 -71.15
C GLY G 147 -34.20 72.32 -71.89
N ARG G 148 -34.43 73.58 -71.50
CA ARG G 148 -33.83 74.70 -72.20
C ARG G 148 -32.32 74.76 -71.94
N ALA G 149 -31.54 74.78 -73.03
CA ALA G 149 -30.11 74.51 -72.97
C ALA G 149 -29.34 75.48 -72.07
N SER G 150 -29.93 76.61 -71.69
CA SER G 150 -29.23 77.49 -70.76
C SER G 150 -29.37 77.03 -69.32
N VAL G 151 -30.56 76.60 -68.92
CA VAL G 151 -30.77 76.21 -67.53
C VAL G 151 -30.13 74.86 -67.25
N VAL G 152 -30.19 73.93 -68.20
CA VAL G 152 -29.45 72.69 -68.05
C VAL G 152 -27.95 72.98 -67.98
N GLU G 153 -27.49 73.99 -68.73
CA GLU G 153 -26.08 74.36 -68.73
C GLU G 153 -25.56 74.55 -67.32
N ARG G 154 -26.27 75.36 -66.52
CA ARG G 154 -25.85 75.58 -65.14
C ARG G 154 -25.84 74.28 -64.34
N LEU G 155 -26.80 73.41 -64.58
CA LEU G 155 -26.85 72.20 -63.79
C LEU G 155 -25.91 71.11 -64.30
N THR G 156 -25.34 71.30 -65.49
CA THR G 156 -24.06 70.67 -65.82
C THR G 156 -22.92 71.42 -65.16
N GLU G 157 -23.05 72.74 -65.04
CA GLU G 157 -22.06 73.53 -64.31
C GLU G 157 -22.11 73.24 -62.81
N VAL G 158 -23.28 73.41 -62.20
CA VAL G 158 -23.38 73.28 -60.74
C VAL G 158 -22.88 71.92 -60.29
N ILE G 159 -23.51 70.86 -60.80
CA ILE G 159 -23.24 69.52 -60.27
C ILE G 159 -21.78 69.17 -60.45
N GLN G 160 -21.28 69.24 -61.67
CA GLN G 160 -19.90 68.85 -61.94
C GLN G 160 -18.88 69.80 -61.34
N ARG G 161 -19.32 70.96 -60.87
CA ARG G 161 -18.56 71.75 -59.91
C ARG G 161 -18.78 71.27 -58.48
N VAL G 162 -20.04 70.97 -58.12
CA VAL G 162 -20.31 70.42 -56.80
C VAL G 162 -19.74 69.02 -56.67
N ASP G 163 -19.80 68.24 -57.75
CA ASP G 163 -19.21 66.91 -57.75
C ASP G 163 -17.71 66.96 -57.48
N HIS G 164 -17.09 68.12 -57.70
CA HIS G 164 -15.71 68.34 -57.29
C HIS G 164 -15.61 68.49 -55.78
N ALA G 165 -16.60 69.14 -55.16
CA ALA G 165 -16.50 69.52 -53.75
C ALA G 165 -16.34 68.30 -52.86
N GLY G 166 -17.09 67.24 -53.13
CA GLY G 166 -17.04 66.08 -52.27
C GLY G 166 -15.98 65.07 -52.68
N ASN G 167 -14.98 65.51 -53.43
CA ASN G 167 -14.00 64.59 -54.00
C ASN G 167 -13.19 63.91 -52.90
N ARG G 168 -13.15 62.59 -52.93
CA ARG G 168 -12.54 61.79 -51.88
C ARG G 168 -11.52 60.85 -52.50
N THR G 169 -10.25 61.07 -52.20
CA THR G 169 -9.15 60.28 -52.75
C THR G 169 -8.33 59.75 -51.58
N GLU G 170 -7.64 58.63 -51.80
CA GLU G 170 -6.91 57.95 -50.75
C GLU G 170 -5.43 57.93 -51.05
N GLU G 171 -4.62 57.86 -49.99
CA GLU G 171 -3.18 57.91 -50.15
C GLU G 171 -2.53 57.13 -49.02
N VAL G 172 -1.38 56.53 -49.32
CA VAL G 172 -0.67 55.68 -48.40
C VAL G 172 0.54 56.46 -47.90
N ILE G 173 0.55 56.76 -46.61
CA ILE G 173 1.63 57.50 -45.97
C ILE G 173 2.49 56.51 -45.19
N PRO G 174 3.75 56.30 -45.56
CA PRO G 174 4.59 55.36 -44.83
C PRO G 174 4.95 55.89 -43.45
N LEU G 175 5.39 54.98 -42.60
CA LEU G 175 5.79 55.30 -41.23
C LEU G 175 7.14 54.66 -40.93
N ASP G 176 8.14 55.50 -40.70
CA ASP G 176 9.50 55.00 -40.49
C ASP G 176 9.75 54.53 -39.07
N ASN G 177 9.11 55.15 -38.08
CA ASN G 177 9.41 54.85 -36.69
C ASN G 177 8.22 54.22 -35.98
N ALA G 178 7.12 54.94 -35.84
CA ALA G 178 6.00 54.42 -35.07
C ALA G 178 5.32 53.28 -35.81
N SER G 179 4.60 52.46 -35.05
CA SER G 179 3.82 51.39 -35.64
C SER G 179 2.55 51.96 -36.25
N ALA G 180 2.20 51.48 -37.44
CA ALA G 180 1.00 51.96 -38.07
C ALA G 180 -0.25 51.56 -37.32
N SER G 181 -0.19 50.50 -36.53
CA SER G 181 -1.39 50.05 -35.82
C SER G 181 -1.70 50.94 -34.62
N GLU G 182 -0.69 51.48 -33.94
CA GLU G 182 -0.96 52.48 -32.91
C GLU G 182 -1.61 53.72 -33.52
N ILE G 183 -0.90 54.35 -34.46
CA ILE G 183 -1.37 55.58 -35.09
C ILE G 183 -2.77 55.43 -35.65
N ALA G 184 -3.15 54.21 -36.04
CA ALA G 184 -4.51 53.98 -36.49
C ALA G 184 -5.52 53.97 -35.35
N ARG G 185 -5.10 53.61 -34.13
CA ARG G 185 -6.02 53.73 -33.00
C ARG G 185 -6.05 55.15 -32.48
N VAL G 186 -4.90 55.79 -32.37
CA VAL G 186 -4.86 57.15 -31.85
C VAL G 186 -5.66 58.09 -32.75
N LEU G 187 -5.29 58.16 -34.03
CA LEU G 187 -5.95 59.10 -34.92
C LEU G 187 -7.43 58.82 -35.09
N GLU G 188 -7.87 57.60 -34.78
CA GLU G 188 -9.29 57.29 -34.81
C GLU G 188 -9.96 57.48 -33.46
N SER G 189 -9.19 57.72 -32.40
CA SER G 189 -9.80 58.07 -31.14
C SER G 189 -10.19 59.54 -31.08
N LEU G 190 -9.63 60.35 -31.98
CA LEU G 190 -10.00 61.77 -32.02
C LEU G 190 -11.36 61.96 -32.69
N THR G 191 -11.74 61.05 -33.57
CA THR G 191 -12.94 61.25 -34.36
C THR G 191 -13.65 59.95 -34.70
N GLN G 205 -11.64 58.59 -42.06
CA GLN G 205 -11.36 57.16 -42.21
C GLN G 205 -9.88 56.88 -42.29
N ILE G 206 -9.40 56.01 -41.41
CA ILE G 206 -8.00 55.61 -41.35
C ILE G 206 -7.91 54.11 -41.19
N VAL G 207 -7.17 53.46 -42.08
CA VAL G 207 -6.90 52.04 -42.00
C VAL G 207 -5.39 51.86 -42.14
N ALA G 208 -4.82 51.00 -41.30
CA ALA G 208 -3.40 50.77 -41.26
C ALA G 208 -3.03 49.48 -41.99
N ASP G 209 -1.96 49.53 -42.77
CA ASP G 209 -1.45 48.37 -43.46
C ASP G 209 -0.23 47.86 -42.71
N GLU G 210 -0.27 46.59 -42.31
CA GLU G 210 0.78 46.06 -41.44
C GLU G 210 2.09 45.87 -42.20
N ARG G 211 2.03 45.22 -43.37
CA ARG G 211 3.23 44.75 -44.04
C ARG G 211 4.21 45.88 -44.31
N THR G 212 3.77 46.89 -45.05
CA THR G 212 4.64 48.00 -45.40
C THR G 212 4.74 49.02 -44.29
N ASN G 213 4.04 48.82 -43.18
CA ASN G 213 4.03 49.76 -42.07
C ASN G 213 3.63 51.15 -42.55
N SER G 214 2.38 51.24 -43.01
CA SER G 214 1.92 52.45 -43.67
C SER G 214 0.44 52.60 -43.39
N VAL G 215 0.00 53.85 -43.32
CA VAL G 215 -1.36 54.20 -42.94
C VAL G 215 -2.09 54.67 -44.20
N ILE G 216 -3.21 54.03 -44.51
CA ILE G 216 -4.10 54.47 -45.57
C ILE G 216 -5.06 55.50 -45.01
N VAL G 217 -5.18 56.63 -45.70
CA VAL G 217 -6.01 57.75 -45.26
C VAL G 217 -6.95 58.13 -46.40
N SER G 218 -8.10 58.70 -46.03
CA SER G 218 -9.10 59.09 -47.03
C SER G 218 -9.80 60.38 -46.62
N GLY G 219 -10.04 61.25 -47.59
CA GLY G 219 -10.71 62.50 -47.36
C GLY G 219 -10.35 63.52 -48.42
N ASP G 220 -11.00 64.68 -48.33
CA ASP G 220 -10.72 65.75 -49.27
C ASP G 220 -9.33 66.32 -49.06
N PRO G 221 -8.75 66.97 -50.07
CA PRO G 221 -7.34 67.38 -49.97
C PRO G 221 -7.03 68.33 -48.84
N ALA G 222 -8.02 68.97 -48.20
CA ALA G 222 -7.72 69.77 -47.03
C ALA G 222 -7.59 68.90 -45.78
N THR G 223 -8.48 67.91 -45.62
CA THR G 223 -8.37 67.00 -44.48
C THR G 223 -7.14 66.12 -44.61
N ARG G 224 -6.82 65.67 -45.82
CA ARG G 224 -5.60 64.90 -45.99
C ARG G 224 -4.36 65.76 -45.85
N ASP G 225 -4.50 67.07 -45.66
CA ASP G 225 -3.36 67.88 -45.25
C ASP G 225 -3.08 67.74 -43.76
N LYS G 226 -4.13 67.83 -42.93
CA LYS G 226 -3.91 67.87 -41.49
C LYS G 226 -3.33 66.55 -41.00
N MET G 227 -4.00 65.45 -41.30
CA MET G 227 -3.47 64.16 -40.90
C MET G 227 -2.09 63.88 -41.48
N ARG G 228 -1.73 64.54 -42.57
CA ARG G 228 -0.37 64.38 -43.08
C ARG G 228 0.63 65.19 -42.27
N ARG G 229 0.20 66.31 -41.68
CA ARG G 229 1.07 67.05 -40.76
C ARG G 229 1.09 66.44 -39.37
N LEU G 230 -0.01 65.83 -38.94
CA LEU G 230 -0.03 65.25 -37.61
C LEU G 230 0.69 63.92 -37.58
N ILE G 231 0.71 63.18 -38.69
CA ILE G 231 1.46 61.94 -38.75
C ILE G 231 2.97 62.18 -38.84
N ARG G 232 3.41 63.33 -39.31
CA ARG G 232 4.83 63.61 -39.31
C ARG G 232 5.37 63.83 -37.91
N ARG G 233 4.56 64.35 -36.98
CA ARG G 233 5.03 64.45 -35.61
C ARG G 233 4.95 63.13 -34.87
N LEU G 234 3.91 62.34 -35.08
CA LEU G 234 3.86 61.06 -34.40
C LEU G 234 4.88 60.07 -34.93
N ASP G 235 5.47 60.33 -36.10
CA ASP G 235 6.56 59.54 -36.63
C ASP G 235 7.92 60.10 -36.24
N SER G 236 7.97 61.25 -35.57
CA SER G 236 9.25 61.84 -35.19
C SER G 236 10.02 60.85 -34.34
N GLU G 237 11.35 60.82 -34.53
CA GLU G 237 12.16 59.82 -33.85
C GLU G 237 12.26 60.14 -32.36
N MET G 238 12.02 59.11 -31.56
CA MET G 238 12.26 59.18 -30.13
C MET G 238 13.74 59.34 -29.85
N GLU G 239 14.07 60.08 -28.78
CA GLU G 239 15.48 60.25 -28.43
C GLU G 239 15.85 59.17 -27.43
N ARG G 240 16.48 58.11 -27.92
CA ARG G 240 17.30 57.17 -27.16
C ARG G 240 16.55 56.52 -26.00
N SER G 241 15.44 57.12 -25.57
CA SER G 241 14.78 56.75 -24.33
C SER G 241 13.40 56.19 -24.64
N GLY G 242 13.28 54.88 -24.55
CA GLY G 242 12.00 54.22 -24.71
C GLY G 242 11.36 54.05 -23.36
N ASN G 243 10.37 53.17 -23.30
CA ASN G 243 9.92 52.79 -21.99
C ASN G 243 10.90 51.87 -21.29
N SER G 244 11.94 51.41 -21.99
CA SER G 244 12.92 50.49 -21.43
C SER G 244 14.28 51.18 -21.34
N GLN G 245 14.88 51.12 -20.16
CA GLN G 245 16.25 51.55 -19.96
C GLN G 245 17.02 50.44 -19.31
N VAL G 246 18.34 50.55 -19.40
CA VAL G 246 19.26 49.55 -18.90
C VAL G 246 20.15 50.23 -17.88
N PHE G 247 20.05 49.78 -16.63
CA PHE G 247 20.85 50.34 -15.54
C PHE G 247 21.97 49.39 -15.20
N TYR G 248 23.19 49.82 -15.42
CA TYR G 248 24.34 49.07 -14.96
C TYR G 248 24.56 49.37 -13.49
N LEU G 249 24.47 48.35 -12.66
CA LEU G 249 24.58 48.55 -11.23
C LEU G 249 26.05 48.64 -10.83
N LYS G 250 26.37 49.68 -10.08
CA LYS G 250 27.75 49.90 -9.70
C LYS G 250 28.18 49.01 -8.56
N TYR G 251 27.28 48.69 -7.64
CA TYR G 251 27.65 47.89 -6.49
C TYR G 251 26.71 46.72 -6.30
N SER G 252 25.43 47.01 -6.16
CA SER G 252 24.47 45.96 -5.89
C SER G 252 24.57 44.85 -6.92
N LYS G 253 24.26 43.63 -6.49
CA LYS G 253 24.14 42.52 -7.42
C LYS G 253 22.78 42.58 -8.08
N ALA G 254 22.77 42.64 -9.40
CA ALA G 254 21.58 43.02 -10.14
C ALA G 254 20.36 42.22 -9.76
N GLU G 255 20.53 40.96 -9.42
CA GLU G 255 19.37 40.11 -9.15
C GLU G 255 19.01 40.05 -7.69
N ASP G 256 19.66 40.86 -6.85
CA ASP G 256 19.12 41.09 -5.52
C ASP G 256 18.07 42.19 -5.55
N LEU G 257 18.34 43.28 -6.25
CA LEU G 257 17.36 44.35 -6.39
C LEU G 257 16.16 43.93 -7.20
N VAL G 258 16.19 42.80 -7.89
CA VAL G 258 15.14 42.55 -8.86
C VAL G 258 13.85 42.24 -8.14
N ASP G 259 13.91 41.59 -6.98
CA ASP G 259 12.69 41.34 -6.21
C ASP G 259 12.29 42.56 -5.40
N VAL G 260 13.25 43.23 -4.80
CA VAL G 260 12.98 44.48 -4.10
C VAL G 260 12.22 45.44 -5.00
N LEU G 261 12.53 45.45 -6.28
CA LEU G 261 11.87 46.33 -7.22
C LEU G 261 10.58 45.76 -7.76
N LYS G 262 10.31 44.47 -7.60
CA LYS G 262 9.05 43.97 -8.13
C LYS G 262 7.89 44.33 -7.22
N GLN G 263 8.11 44.44 -5.92
CA GLN G 263 7.06 44.92 -5.03
C GLN G 263 6.87 46.42 -5.16
N VAL G 264 7.97 47.18 -5.09
CA VAL G 264 7.91 48.62 -5.30
C VAL G 264 7.19 48.95 -6.59
N SER G 265 7.47 48.20 -7.65
CA SER G 265 6.81 48.45 -8.91
C SER G 265 5.40 47.86 -8.94
N GLY G 266 5.15 46.84 -8.13
CA GLY G 266 3.84 46.21 -8.16
C GLY G 266 2.73 47.17 -7.74
N THR G 267 2.88 47.79 -6.57
CA THR G 267 1.86 48.65 -6.02
C THR G 267 2.01 50.09 -6.45
N LEU G 268 2.95 50.38 -7.32
CA LEU G 268 3.09 51.70 -7.90
C LEU G 268 2.32 51.84 -9.20
N THR G 269 1.76 50.75 -9.70
CA THR G 269 0.85 50.77 -10.83
C THR G 269 -0.49 51.39 -10.42
N ILE G 285 1.53 48.94 -17.07
CA ILE G 285 2.18 47.71 -16.64
C ILE G 285 3.68 47.96 -16.54
N VAL G 286 4.36 47.17 -15.71
CA VAL G 286 5.76 47.40 -15.38
C VAL G 286 6.46 46.05 -15.30
N SER G 287 7.64 45.97 -15.91
CA SER G 287 8.42 44.75 -15.88
C SER G 287 9.85 45.08 -15.47
N ILE G 288 10.41 44.25 -14.61
CA ILE G 288 11.80 44.36 -14.17
C ILE G 288 12.48 43.04 -14.50
N ALA G 289 13.60 43.11 -15.21
CA ALA G 289 14.37 41.92 -15.52
C ALA G 289 15.83 42.20 -15.31
N ALA G 290 16.58 41.18 -14.91
CA ALA G 290 17.98 41.32 -14.58
C ALA G 290 18.83 40.37 -15.41
N SER G 291 19.84 40.92 -16.07
CA SER G 291 20.77 40.11 -16.85
C SER G 291 21.89 39.68 -15.93
N LYS G 292 21.99 38.38 -15.66
CA LYS G 292 23.02 37.91 -14.74
C LYS G 292 24.41 38.17 -15.30
N HIS G 293 24.64 37.77 -16.54
CA HIS G 293 25.98 37.89 -17.09
C HIS G 293 26.45 39.34 -17.10
N SER G 294 25.57 40.28 -17.39
CA SER G 294 25.99 41.66 -17.51
C SER G 294 25.80 42.46 -16.22
N ASN G 295 25.19 41.88 -15.19
CA ASN G 295 24.93 42.59 -13.93
C ASN G 295 24.22 43.91 -14.17
N ALA G 296 23.11 43.84 -14.88
CA ALA G 296 22.34 45.03 -15.17
C ALA G 296 20.88 44.64 -15.21
N LEU G 297 20.04 45.52 -14.70
CA LEU G 297 18.61 45.27 -14.72
C LEU G 297 17.95 46.23 -15.69
N ILE G 298 16.84 45.78 -16.25
CA ILE G 298 16.21 46.43 -17.39
C ILE G 298 14.81 46.80 -16.99
N VAL G 299 14.57 48.09 -16.84
CA VAL G 299 13.31 48.59 -16.32
C VAL G 299 12.50 49.07 -17.50
N THR G 300 11.31 48.51 -17.67
CA THR G 300 10.37 48.97 -18.67
C THR G 300 9.09 49.44 -17.97
N ALA G 301 8.83 50.74 -18.04
CA ALA G 301 7.66 51.29 -17.40
C ALA G 301 7.32 52.61 -18.07
N PRO G 302 6.18 53.20 -17.74
CA PRO G 302 5.87 54.53 -18.26
C PRO G 302 6.80 55.58 -17.72
N GLN G 303 6.79 56.74 -18.36
CA GLN G 303 7.76 57.77 -18.03
C GLN G 303 7.67 58.21 -16.58
N ASP G 304 6.50 58.06 -15.94
CA ASP G 304 6.39 58.50 -14.56
C ASP G 304 6.94 57.47 -13.59
N ILE G 305 6.60 56.21 -13.76
CA ILE G 305 7.10 55.17 -12.87
C ILE G 305 8.61 55.06 -13.00
N MET G 306 9.12 55.26 -14.21
CA MET G 306 10.57 55.18 -14.41
C MET G 306 11.29 56.15 -13.50
N GLN G 307 10.90 57.42 -13.55
CA GLN G 307 11.61 58.43 -12.78
C GLN G 307 11.55 58.15 -11.28
N SER G 308 10.55 57.40 -10.84
CA SER G 308 10.56 56.91 -9.46
C SER G 308 11.63 55.84 -9.29
N LEU G 309 11.56 54.80 -10.10
CA LEU G 309 12.51 53.70 -9.98
C LEU G 309 13.93 54.10 -10.28
N GLN G 310 14.18 55.28 -10.81
CA GLN G 310 15.58 55.70 -10.92
C GLN G 310 16.10 56.28 -9.64
N SER G 311 15.25 56.88 -8.82
CA SER G 311 15.73 57.43 -7.57
C SER G 311 15.84 56.38 -6.49
N VAL G 312 15.13 55.26 -6.63
CA VAL G 312 15.33 54.15 -5.74
C VAL G 312 16.66 53.47 -6.04
N ILE G 313 16.85 53.04 -7.29
CA ILE G 313 18.07 52.36 -7.68
C ILE G 313 19.29 53.22 -7.38
N GLU G 314 19.16 54.53 -7.52
CA GLU G 314 20.28 55.39 -7.18
C GLU G 314 20.62 55.30 -5.71
N GLN G 315 19.64 55.07 -4.86
CA GLN G 315 19.85 55.04 -3.42
C GLN G 315 20.08 53.64 -2.86
N LEU G 316 19.84 52.59 -3.63
CA LEU G 316 20.15 51.24 -3.21
C LEU G 316 21.47 50.75 -3.73
N ASP G 317 22.15 51.54 -4.52
CA ASP G 317 23.37 51.13 -5.18
C ASP G 317 24.61 51.51 -4.40
N ILE G 318 24.45 51.95 -3.15
CA ILE G 318 25.56 52.50 -2.37
C ILE G 318 26.64 51.46 -2.09
N ARG G 319 27.81 51.95 -1.72
CA ARG G 319 28.97 51.13 -1.42
C ARG G 319 28.94 50.58 0.00
N ARG G 320 29.27 49.30 0.15
CA ARG G 320 29.17 48.60 1.41
C ARG G 320 30.49 48.62 2.15
N ALA G 321 30.43 48.70 3.46
CA ALA G 321 31.60 48.67 4.32
C ALA G 321 31.84 47.24 4.76
N GLN G 322 33.09 46.86 4.92
CA GLN G 322 33.42 45.53 5.37
C GLN G 322 34.09 45.55 6.73
N VAL G 323 33.93 44.48 7.47
CA VAL G 323 34.23 44.40 8.88
C VAL G 323 35.25 43.32 9.08
N HIS G 324 36.19 43.53 10.00
CA HIS G 324 37.15 42.50 10.35
C HIS G 324 36.93 42.11 11.80
N VAL G 325 36.49 40.90 12.03
CA VAL G 325 36.05 40.44 13.34
C VAL G 325 37.08 39.49 13.90
N GLU G 326 37.78 39.89 14.94
CA GLU G 326 38.70 39.02 15.65
C GLU G 326 38.03 38.49 16.90
N ALA G 327 38.26 37.23 17.22
CA ALA G 327 37.87 36.68 18.50
C ALA G 327 39.14 36.40 19.26
N LEU G 328 39.09 36.41 20.59
CA LEU G 328 40.22 36.01 21.38
C LEU G 328 39.79 35.01 22.41
N ILE G 329 40.25 33.78 22.30
CA ILE G 329 39.81 32.79 23.25
C ILE G 329 40.94 32.50 24.22
N VAL G 330 40.83 32.94 25.45
CA VAL G 330 41.88 32.76 26.42
C VAL G 330 41.48 31.64 27.35
N GLU G 331 42.43 30.84 27.79
CA GLU G 331 42.17 29.87 28.84
C GLU G 331 43.41 29.70 29.69
N VAL G 332 43.24 29.77 31.01
CA VAL G 332 44.34 29.58 31.92
C VAL G 332 43.90 28.55 32.96
N ALA G 333 44.46 27.36 32.93
CA ALA G 333 44.10 26.33 33.87
C ALA G 333 45.28 26.07 34.80
N GLU G 334 44.97 25.76 36.05
CA GLU G 334 46.04 25.37 36.95
C GLU G 334 45.64 24.30 37.94
N GLY G 335 46.20 23.10 37.84
CA GLY G 335 45.81 22.00 38.69
C GLY G 335 46.78 21.83 39.84
N SER G 336 46.42 20.97 40.79
CA SER G 336 47.35 20.52 41.82
C SER G 336 46.69 19.28 42.44
N ASN G 337 47.48 18.46 43.10
CA ASN G 337 46.98 17.58 44.14
C ASN G 337 48.16 17.04 44.93
N ILE G 338 47.92 16.54 46.10
CA ILE G 338 48.96 15.96 46.91
C ILE G 338 48.39 14.78 47.64
N ASN G 339 49.19 13.75 47.80
CA ASN G 339 48.72 12.48 48.33
C ASN G 339 49.78 11.91 49.26
N PHE G 340 49.46 11.77 50.53
CA PHE G 340 50.45 11.23 51.47
C PHE G 340 49.88 10.29 52.50
N GLY G 341 50.31 9.05 52.57
CA GLY G 341 49.81 8.20 53.64
C GLY G 341 50.61 6.94 53.85
N VAL G 342 50.56 6.45 55.06
CA VAL G 342 51.36 5.33 55.54
C VAL G 342 50.50 4.08 55.57
N GLN G 343 51.11 2.94 55.31
CA GLN G 343 50.41 1.67 55.35
C GLN G 343 51.29 0.64 56.00
N TRP G 344 50.68 -0.28 56.72
CA TRP G 344 51.41 -1.35 57.37
C TRP G 344 50.89 -2.68 56.85
N ALA G 345 51.63 -3.72 57.16
CA ALA G 345 51.17 -5.07 56.94
C ALA G 345 52.01 -5.93 57.85
N SER G 346 51.60 -7.17 58.01
CA SER G 346 52.34 -8.04 58.91
C SER G 346 51.97 -9.48 58.61
N LYS G 347 52.37 -10.34 59.52
CA LYS G 347 52.04 -11.74 59.55
C LYS G 347 50.57 -11.87 59.87
N ASP G 348 50.18 -13.02 60.40
CA ASP G 348 48.83 -13.24 60.89
C ASP G 348 48.33 -12.16 61.84
N ALA G 349 49.22 -11.27 62.31
CA ALA G 349 48.91 -10.27 63.31
C ALA G 349 48.39 -8.94 62.76
N GLY G 350 48.09 -8.81 61.48
CA GLY G 350 47.21 -7.73 61.09
C GLY G 350 47.55 -7.12 59.74
N LEU G 351 46.86 -6.02 59.42
CA LEU G 351 47.27 -5.08 58.37
C LEU G 351 46.59 -3.75 58.61
N MET G 352 47.06 -2.74 57.90
CA MET G 352 46.44 -1.42 57.82
C MET G 352 46.50 -0.99 56.37
N GLN G 353 45.37 -0.65 55.79
CA GLN G 353 45.31 -0.46 54.36
C GLN G 353 44.38 0.69 54.06
N PHE G 354 44.77 1.57 53.14
CA PHE G 354 43.92 2.71 52.80
C PHE G 354 43.75 2.81 51.30
N ALA G 355 42.51 3.04 50.88
CA ALA G 355 42.11 3.00 49.48
C ALA G 355 42.11 4.37 48.80
N ASN G 356 42.61 5.40 49.47
CA ASN G 356 42.70 6.70 48.83
C ASN G 356 43.65 6.63 47.64
N GLY G 357 43.51 7.57 46.72
CA GLY G 357 44.36 7.57 45.55
C GLY G 357 44.02 6.40 44.63
N THR G 358 44.86 5.97 43.68
CA THR G 358 46.21 6.44 43.29
C THR G 358 47.28 6.02 44.28
N GLN G 359 46.85 5.64 45.47
CA GLN G 359 47.77 5.16 46.49
C GLN G 359 47.57 3.66 46.56
N ILE G 360 48.53 2.90 46.04
CA ILE G 360 48.27 1.48 45.79
C ILE G 360 48.25 0.73 47.11
N PRO G 361 47.25 -0.10 47.34
CA PRO G 361 47.04 -0.67 48.68
C PRO G 361 48.02 -1.78 48.98
N ILE G 362 48.38 -1.86 50.26
CA ILE G 362 49.43 -2.78 50.66
C ILE G 362 48.96 -4.21 50.71
N GLY G 363 47.67 -4.45 50.80
CA GLY G 363 47.21 -5.82 50.74
C GLY G 363 47.44 -6.38 49.36
N THR G 364 46.89 -5.73 48.34
CA THR G 364 47.02 -6.28 47.01
C THR G 364 48.44 -6.18 46.49
N LEU G 365 49.30 -5.43 47.16
CA LEU G 365 50.72 -5.50 46.86
C LEU G 365 51.34 -6.77 47.42
N GLY G 366 51.17 -6.99 48.72
CA GLY G 366 51.78 -8.13 49.37
C GLY G 366 51.39 -9.45 48.77
N ALA G 367 50.28 -9.50 48.03
CA ALA G 367 49.98 -10.70 47.26
C ALA G 367 50.82 -10.74 46.01
N ALA G 368 50.81 -9.66 45.22
CA ALA G 368 51.53 -9.66 43.96
C ALA G 368 53.01 -9.90 44.16
N ILE G 369 53.56 -9.59 45.32
CA ILE G 369 54.93 -9.97 45.59
C ILE G 369 55.04 -11.47 45.77
N SER G 370 54.09 -12.08 46.46
CA SER G 370 54.22 -13.51 46.74
C SER G 370 53.87 -14.36 45.53
N GLN G 371 52.91 -13.94 44.72
CA GLN G 371 52.72 -14.64 43.45
C GLN G 371 53.89 -14.48 42.51
N ALA G 372 54.85 -13.62 42.84
CA ALA G 372 56.03 -13.43 42.02
C ALA G 372 57.21 -14.23 42.50
N LYS G 373 57.05 -15.03 43.51
CA LYS G 373 58.22 -15.79 43.93
C LYS G 373 58.48 -16.94 42.97
N PRO G 374 59.73 -17.34 42.80
CA PRO G 374 60.02 -18.49 41.94
C PRO G 374 59.48 -19.77 42.56
N GLN G 375 58.76 -20.54 41.78
CA GLN G 375 58.22 -21.80 42.25
C GLN G 375 59.14 -22.93 41.84
N LYS G 376 59.77 -23.56 42.82
CA LYS G 376 60.75 -24.58 42.53
C LYS G 376 60.03 -25.81 42.02
N GLY G 377 60.33 -26.20 40.79
CA GLY G 377 59.68 -27.33 40.18
C GLY G 377 60.54 -28.56 40.24
N SER G 378 59.88 -29.70 40.07
CA SER G 378 60.53 -30.98 39.78
C SER G 378 59.48 -31.82 39.09
N THR G 379 59.92 -32.77 38.27
CA THR G 379 58.98 -33.66 37.62
C THR G 379 59.54 -35.07 37.60
N VAL G 380 58.78 -36.01 38.16
CA VAL G 380 59.16 -37.41 38.25
C VAL G 380 57.86 -38.22 38.25
N ILE G 381 57.90 -39.38 37.59
CA ILE G 381 56.85 -40.38 37.53
C ILE G 381 55.44 -39.81 37.63
N ILE G 389 64.58 -33.46 37.12
CA ILE G 389 65.03 -32.11 36.78
C ILE G 389 65.14 -31.20 37.95
N ASN G 390 65.81 -30.07 37.73
CA ASN G 390 65.88 -28.99 38.71
C ASN G 390 65.78 -27.64 38.01
N PRO G 391 64.71 -27.41 37.25
CA PRO G 391 64.44 -26.06 36.75
C PRO G 391 63.80 -25.25 37.85
N ASP G 392 63.78 -23.94 37.63
CA ASP G 392 62.98 -23.05 38.45
C ASP G 392 62.18 -22.17 37.50
N THR G 393 60.85 -22.32 37.54
CA THR G 393 59.98 -21.54 36.66
C THR G 393 60.12 -20.05 36.89
N ASN G 394 60.79 -19.65 37.97
CA ASN G 394 60.94 -18.26 38.36
C ASN G 394 59.52 -17.69 38.55
N GLY G 395 59.28 -16.44 38.19
CA GLY G 395 58.02 -15.80 38.48
C GLY G 395 57.16 -15.59 37.25
N ASP G 396 56.00 -15.01 37.51
CA ASP G 396 55.21 -14.30 36.51
C ASP G 396 54.87 -12.95 37.09
N LEU G 397 55.47 -11.91 36.54
CA LEU G 397 55.32 -10.57 37.07
C LEU G 397 54.14 -9.84 36.46
N SER G 398 53.32 -10.52 35.67
CA SER G 398 52.13 -9.89 35.13
C SER G 398 51.32 -9.22 36.22
N THR G 399 51.20 -9.85 37.38
CA THR G 399 50.37 -9.28 38.43
C THR G 399 51.05 -8.07 39.05
N LEU G 400 52.34 -8.19 39.38
CA LEU G 400 53.01 -7.09 40.06
C LEU G 400 53.19 -5.90 39.14
N ALA G 401 53.52 -6.14 37.89
CA ALA G 401 53.69 -5.02 36.97
C ALA G 401 52.37 -4.40 36.55
N GLN G 402 51.24 -4.99 36.93
CA GLN G 402 49.98 -4.32 36.65
C GLN G 402 49.65 -3.26 37.69
N LEU G 403 50.01 -3.50 38.95
CA LEU G 403 49.93 -2.43 39.95
C LEU G 403 50.73 -1.24 39.50
N LEU G 404 52.00 -1.46 39.23
CA LEU G 404 52.93 -0.39 38.92
C LEU G 404 52.67 0.26 37.58
N SER G 405 51.70 -0.21 36.81
CA SER G 405 51.48 0.30 35.47
C SER G 405 51.23 1.81 35.50
N GLY G 406 50.20 2.24 36.22
CA GLY G 406 49.88 3.64 36.30
C GLY G 406 50.37 4.35 37.53
N PHE G 407 51.04 3.65 38.43
CA PHE G 407 51.50 4.24 39.68
C PHE G 407 52.49 5.36 39.40
N SER G 408 52.45 6.38 40.26
CA SER G 408 53.31 7.54 40.13
C SER G 408 53.66 8.05 41.51
N GLY G 409 54.90 8.43 41.70
CA GLY G 409 55.35 8.99 42.96
C GLY G 409 55.96 7.96 43.87
N THR G 410 56.53 8.46 44.96
CA THR G 410 57.27 7.63 45.90
C THR G 410 56.45 6.45 46.40
N ALA G 411 57.12 5.32 46.57
CA ALA G 411 56.72 4.31 47.54
C ALA G 411 57.99 3.86 48.23
N VAL G 412 58.13 4.16 49.50
CA VAL G 412 59.26 3.71 50.28
C VAL G 412 58.77 2.62 51.19
N GLY G 413 59.62 1.64 51.46
CA GLY G 413 59.13 0.51 52.22
C GLY G 413 60.17 -0.09 53.11
N VAL G 414 59.72 -0.99 53.95
CA VAL G 414 60.56 -1.95 54.64
C VAL G 414 59.88 -3.28 54.40
N VAL G 415 60.45 -4.14 53.59
CA VAL G 415 59.90 -5.48 53.45
C VAL G 415 60.96 -6.42 54.01
N LYS G 416 60.73 -6.90 55.22
CA LYS G 416 61.60 -7.88 55.86
C LYS G 416 60.74 -8.75 56.75
N GLY G 417 60.87 -10.06 56.61
CA GLY G 417 60.02 -10.96 57.39
C GLY G 417 58.54 -10.79 57.11
N ASP G 418 58.18 -10.44 55.87
CA ASP G 418 56.81 -10.38 55.38
C ASP G 418 55.99 -9.25 56.00
N TRP G 419 56.46 -8.67 57.10
CA TRP G 419 55.84 -7.47 57.61
C TRP G 419 56.47 -6.29 56.91
N MET G 420 55.67 -5.27 56.64
CA MET G 420 56.16 -4.16 55.86
C MET G 420 55.46 -2.88 56.26
N ALA G 421 56.13 -1.76 56.00
CA ALA G 421 55.57 -0.43 56.20
C ALA G 421 55.88 0.38 54.96
N LEU G 422 54.85 0.81 54.26
CA LEU G 422 55.01 1.35 52.91
C LEU G 422 54.49 2.78 52.89
N VAL G 423 55.39 3.75 52.76
CA VAL G 423 55.04 5.16 52.89
C VAL G 423 54.98 5.77 51.51
N GLN G 424 53.79 6.10 51.04
CA GLN G 424 53.64 6.61 49.68
C GLN G 424 53.32 8.09 49.72
N ALA G 425 53.93 8.85 48.82
CA ALA G 425 53.66 10.28 48.73
C ALA G 425 53.92 10.78 47.32
N VAL G 426 53.21 11.80 46.89
CA VAL G 426 53.40 12.40 45.57
C VAL G 426 52.83 13.79 45.63
N LYS G 427 53.26 14.66 44.73
CA LYS G 427 52.59 15.92 44.52
C LYS G 427 52.53 16.22 43.04
N ASN G 428 51.36 16.12 42.46
CA ASN G 428 51.20 16.42 41.05
C ASN G 428 50.81 17.87 40.91
N ASP G 429 51.43 18.53 39.98
CA ASP G 429 51.15 19.93 39.77
C ASP G 429 51.19 20.24 38.29
N SER G 430 50.11 20.73 37.71
CA SER G 430 50.12 21.04 36.30
C SER G 430 49.86 22.52 36.11
N SER G 431 49.79 22.92 34.86
CA SER G 431 49.46 24.27 34.46
C SER G 431 49.08 24.23 33.00
N SER G 432 48.47 25.29 32.53
CA SER G 432 48.23 25.43 31.11
C SER G 432 48.02 26.90 30.79
N ASN G 433 48.25 27.22 29.55
CA ASN G 433 47.97 28.57 29.09
C ASN G 433 47.65 28.46 27.63
N VAL G 434 46.60 29.08 27.13
CA VAL G 434 46.23 28.94 25.74
C VAL G 434 45.69 30.26 25.27
N LEU G 435 46.08 30.68 24.08
CA LEU G 435 45.49 31.86 23.51
C LEU G 435 45.27 31.61 22.03
N SER G 436 44.04 31.55 21.58
CA SER G 436 43.81 31.36 20.17
C SER G 436 42.87 32.44 19.67
N THR G 437 43.11 32.91 18.48
CA THR G 437 42.45 34.09 17.99
C THR G 437 42.06 34.04 16.53
N PRO G 438 41.01 33.31 16.18
CA PRO G 438 40.55 33.27 14.81
C PRO G 438 39.94 34.58 14.39
N SER G 439 40.01 34.89 13.10
CA SER G 439 39.46 36.14 12.62
C SER G 439 39.02 35.98 11.18
N ILE G 440 37.97 36.69 10.81
CA ILE G 440 37.35 36.56 9.50
C ILE G 440 37.03 37.97 9.00
N THR G 441 36.88 38.12 7.71
CA THR G 441 36.57 39.41 7.10
C THR G 441 35.38 39.24 6.18
N THR G 442 34.34 40.03 6.40
CA THR G 442 33.11 39.91 5.63
C THR G 442 32.71 41.28 5.14
N LEU G 443 31.79 41.29 4.20
CA LEU G 443 31.05 42.52 4.00
C LEU G 443 30.01 42.67 5.09
N ASP G 444 29.56 43.90 5.27
CA ASP G 444 28.42 44.17 6.11
C ASP G 444 27.24 43.30 5.70
N ASN G 445 26.46 42.87 6.68
CA ASN G 445 25.19 42.18 6.53
C ASN G 445 25.32 40.81 5.89
N GLN G 446 26.50 40.38 5.51
CA GLN G 446 26.74 39.06 4.94
C GLN G 446 27.35 38.17 6.01
N GLU G 447 26.98 36.90 6.04
CA GLU G 447 27.52 36.04 7.09
C GLU G 447 28.74 35.28 6.62
N ALA G 448 29.72 35.20 7.50
CA ALA G 448 30.97 34.53 7.25
C ALA G 448 31.08 33.32 8.13
N PHE G 449 31.84 32.35 7.68
CA PHE G 449 32.02 31.10 8.38
C PHE G 449 33.48 30.77 8.32
N PHE G 450 34.08 30.40 9.43
CA PHE G 450 35.49 30.11 9.46
C PHE G 450 35.72 28.90 10.33
N MET G 451 36.22 27.81 9.77
CA MET G 451 36.48 26.61 10.55
C MET G 451 37.92 26.20 10.36
N VAL G 452 38.61 25.93 11.46
CA VAL G 452 39.89 25.25 11.43
C VAL G 452 39.76 24.09 12.37
N GLY G 453 39.80 22.89 11.84
CA GLY G 453 39.37 21.76 12.63
C GLY G 453 39.57 20.50 11.87
N GLN G 454 38.81 19.49 12.22
CA GLN G 454 38.82 18.26 11.45
C GLN G 454 37.41 17.70 11.42
N ASP G 455 37.17 16.85 10.46
CA ASP G 455 35.83 16.39 10.14
C ASP G 455 35.74 14.90 10.44
N VAL G 456 34.99 14.53 11.46
CA VAL G 456 35.09 13.22 12.10
C VAL G 456 33.74 12.52 12.06
N PRO G 457 33.68 11.22 11.82
CA PRO G 457 32.39 10.52 11.72
C PRO G 457 31.75 10.21 13.06
N VAL G 458 30.43 10.33 13.12
CA VAL G 458 29.66 10.01 14.30
C VAL G 458 28.68 8.91 13.94
N LEU G 459 28.37 8.05 14.90
CA LEU G 459 28.06 6.65 14.61
C LEU G 459 27.07 6.44 13.47
N THR G 460 25.94 7.14 13.40
CA THR G 460 25.09 7.52 14.49
C THR G 460 23.73 7.06 13.97
N GLY G 461 23.20 6.00 14.57
CA GLY G 461 22.07 5.28 14.02
C GLY G 461 22.39 3.82 13.81
N THR G 474 25.08 4.21 10.77
CA THR G 474 24.62 5.03 9.67
C THR G 474 25.59 6.21 9.43
N VAL G 475 26.53 6.38 10.35
CA VAL G 475 27.73 7.18 10.16
C VAL G 475 27.49 8.52 9.48
N GLU G 476 26.91 9.46 10.18
CA GLU G 476 26.94 10.84 9.75
C GLU G 476 28.31 11.46 10.04
N ARG G 477 28.58 12.58 9.38
CA ARG G 477 29.90 13.19 9.28
C ARG G 477 29.89 14.55 9.96
N LYS G 478 30.62 14.68 11.07
CA LYS G 478 30.52 15.84 11.95
C LYS G 478 31.84 16.59 12.00
N LYS G 479 31.75 17.92 12.10
CA LYS G 479 32.91 18.81 12.08
C LYS G 479 33.22 19.34 13.45
N VAL G 480 34.46 19.17 13.89
CA VAL G 480 34.90 19.65 15.19
C VAL G 480 36.12 20.53 14.98
N GLY G 481 36.23 21.57 15.77
CA GLY G 481 37.40 22.40 15.80
C GLY G 481 36.98 23.82 16.05
N ILE G 482 37.93 24.74 15.98
CA ILE G 482 37.58 26.14 16.12
C ILE G 482 36.63 26.54 15.02
N MET G 483 35.50 27.11 15.38
CA MET G 483 34.52 27.53 14.41
C MET G 483 34.02 28.88 14.83
N LEU G 484 33.90 29.80 13.89
CA LEU G 484 33.41 31.12 14.17
C LEU G 484 32.48 31.47 13.04
N LYS G 485 31.26 31.84 13.36
CA LYS G 485 30.29 32.21 12.33
C LYS G 485 29.62 33.48 12.76
N VAL G 486 29.84 34.56 12.03
CA VAL G 486 29.45 35.89 12.47
C VAL G 486 28.81 36.61 11.31
N THR G 487 27.89 37.51 11.60
CA THR G 487 27.17 38.26 10.56
C THR G 487 26.90 39.71 10.96
N PRO G 488 27.87 40.59 10.74
CA PRO G 488 27.81 41.93 11.32
C PRO G 488 26.87 42.86 10.58
N GLN G 489 26.44 43.92 11.27
CA GLN G 489 25.82 45.04 10.57
C GLN G 489 26.21 46.34 11.25
N ILE G 490 26.66 47.31 10.48
CA ILE G 490 27.16 48.54 11.07
C ILE G 490 26.00 49.45 11.42
N ASN G 491 25.92 49.87 12.67
CA ASN G 491 24.79 50.61 13.21
C ASN G 491 24.94 52.11 13.14
N GLU G 492 25.94 52.62 12.45
CA GLU G 492 25.91 54.01 12.04
C GLU G 492 26.17 54.93 13.23
N GLY G 493 26.04 54.42 14.44
CA GLY G 493 26.79 55.06 15.48
C GLY G 493 28.24 54.68 15.47
N ASN G 494 28.66 54.00 14.40
CA ASN G 494 29.97 53.36 14.28
C ASN G 494 30.13 52.22 15.29
N ALA G 495 29.15 51.32 15.31
CA ALA G 495 29.08 50.22 16.28
C ALA G 495 28.54 48.99 15.58
N VAL G 496 29.20 47.85 15.77
CA VAL G 496 29.09 46.79 14.80
C VAL G 496 27.94 45.77 14.98
N GLN G 497 27.47 45.48 16.19
CA GLN G 497 26.31 44.57 16.25
C GLN G 497 26.50 43.19 15.62
N MET G 498 27.22 42.30 16.28
CA MET G 498 27.46 40.96 15.78
C MET G 498 26.27 40.05 15.99
N VAL G 499 26.22 38.99 15.22
CA VAL G 499 25.43 37.82 15.56
C VAL G 499 26.36 36.64 15.41
N ILE G 500 26.72 36.02 16.51
CA ILE G 500 27.96 35.26 16.56
C ILE G 500 27.71 33.88 17.13
N GLU G 501 28.40 32.88 16.59
CA GLU G 501 28.46 31.56 17.19
C GLU G 501 29.92 31.16 17.24
N GLN G 502 30.48 31.14 18.42
CA GLN G 502 31.82 30.65 18.62
C GLN G 502 31.72 29.19 19.02
N GLU G 503 32.68 28.40 18.62
CA GLU G 503 32.71 27.03 19.10
C GLU G 503 34.13 26.52 19.09
N VAL G 504 34.49 25.74 20.09
CA VAL G 504 35.81 25.13 20.15
C VAL G 504 35.62 23.69 20.59
N SER G 505 35.89 22.76 19.70
CA SER G 505 35.66 21.36 19.94
C SER G 505 36.95 20.58 19.78
N LYS G 506 36.96 19.37 20.29
CA LYS G 506 38.02 18.44 19.96
C LYS G 506 37.55 17.05 20.29
N VAL G 507 38.17 16.06 19.68
CA VAL G 507 37.86 14.68 20.01
C VAL G 507 38.60 14.30 21.28
N GLU G 508 37.86 13.96 22.31
CA GLU G 508 38.43 13.43 23.54
C GLU G 508 37.90 12.02 23.72
N GLY G 509 38.60 11.24 24.52
CA GLY G 509 38.52 9.82 24.29
C GLY G 509 37.18 9.13 24.45
N GLN G 510 36.72 8.57 23.34
CA GLN G 510 35.78 7.44 23.24
C GLN G 510 34.57 7.45 24.15
N THR G 511 34.09 6.24 24.40
CA THR G 511 32.97 5.85 25.24
C THR G 511 32.78 4.40 24.84
N SER G 512 31.82 3.69 25.41
CA SER G 512 31.55 2.36 24.89
C SER G 512 31.40 2.36 23.38
N LEU G 513 30.37 3.02 22.87
CA LEU G 513 29.94 2.86 21.49
C LEU G 513 30.38 3.96 20.52
N ASP G 514 31.11 4.99 20.95
CA ASP G 514 31.48 6.08 20.04
C ASP G 514 32.55 6.96 20.63
N VAL G 515 32.79 8.10 19.95
CA VAL G 515 33.66 9.17 20.41
C VAL G 515 32.85 10.23 21.13
N VAL G 516 33.39 10.72 22.22
CA VAL G 516 32.87 11.88 22.90
C VAL G 516 33.70 13.07 22.45
N PHE G 517 33.07 14.22 22.28
CA PHE G 517 33.80 15.41 21.86
C PHE G 517 33.80 16.40 23.01
N GLY G 518 34.97 16.88 23.38
CA GLY G 518 34.98 18.04 24.23
C GLY G 518 34.40 19.17 23.42
N GLU G 519 33.51 19.96 23.99
CA GLU G 519 32.89 21.02 23.22
C GLU G 519 32.57 22.19 24.11
N ARG G 520 32.91 23.38 23.69
CA ARG G 520 32.47 24.57 24.40
C ARG G 520 32.06 25.61 23.39
N LYS G 521 30.80 26.02 23.41
CA LYS G 521 30.34 26.96 22.43
C LYS G 521 29.42 27.96 23.05
N LEU G 522 29.35 29.12 22.44
CA LEU G 522 28.41 30.13 22.89
C LEU G 522 27.87 30.87 21.71
N LYS G 523 26.57 31.02 21.62
CA LYS G 523 25.98 31.77 20.54
C LYS G 523 25.06 32.82 21.10
N THR G 524 25.41 34.07 20.85
CA THR G 524 24.83 35.22 21.50
C THR G 524 24.63 36.28 20.44
N THR G 525 24.28 37.49 20.86
CA THR G 525 24.28 38.64 19.98
C THR G 525 24.80 39.81 20.77
N VAL G 526 25.86 40.45 20.30
CA VAL G 526 26.51 41.48 21.06
C VAL G 526 26.53 42.73 20.23
N LEU G 527 26.83 43.83 20.88
CA LEU G 527 26.88 45.13 20.23
C LEU G 527 28.18 45.78 20.64
N ALA G 528 29.10 45.93 19.70
CA ALA G 528 30.45 46.36 20.03
C ALA G 528 30.80 47.61 19.27
N ASN G 529 31.55 48.50 19.90
CA ASN G 529 32.01 49.70 19.22
C ASN G 529 33.02 49.34 18.15
N ASP G 530 33.30 50.30 17.28
CA ASP G 530 34.11 50.06 16.10
C ASP G 530 35.43 49.39 16.44
N GLY G 531 36.21 49.99 17.31
CA GLY G 531 37.54 49.46 17.50
C GLY G 531 37.77 48.78 18.83
N GLU G 532 36.71 48.46 19.54
CA GLU G 532 36.83 48.13 20.94
C GLU G 532 36.30 46.75 21.23
N LEU G 533 36.61 46.29 22.43
CA LEU G 533 36.69 44.88 22.78
C LEU G 533 35.58 44.56 23.76
N ILE G 534 34.65 43.70 23.38
CA ILE G 534 33.56 43.33 24.27
C ILE G 534 33.71 41.86 24.62
N VAL G 535 33.34 41.50 25.84
CA VAL G 535 33.46 40.13 26.32
C VAL G 535 32.18 39.37 26.01
N LEU G 536 32.32 38.24 25.32
CA LEU G 536 31.15 37.44 25.01
C LEU G 536 30.74 36.54 26.15
N GLY G 537 31.69 35.92 26.81
CA GLY G 537 31.35 34.78 27.62
C GLY G 537 32.47 34.51 28.58
N GLY G 538 32.42 33.36 29.21
CA GLY G 538 33.45 33.06 30.16
C GLY G 538 33.03 31.99 31.12
N LEU G 539 33.98 31.54 31.90
CA LEU G 539 33.74 30.58 32.94
C LEU G 539 34.84 30.78 33.95
N MET G 540 34.55 30.51 35.21
CA MET G 540 35.58 30.50 36.21
C MET G 540 35.25 29.33 37.10
N ASP G 541 36.15 28.39 37.27
CA ASP G 541 35.76 27.15 37.90
C ASP G 541 36.82 26.74 38.90
N ASP G 542 36.46 26.65 40.17
CA ASP G 542 37.39 26.25 41.21
C ASP G 542 36.92 24.98 41.86
N GLN G 543 37.83 24.26 42.49
CA GLN G 543 37.47 23.12 43.30
C GLN G 543 38.53 23.00 44.36
N ALA G 544 38.14 22.55 45.54
CA ALA G 544 39.12 22.08 46.49
C ALA G 544 38.58 20.81 47.11
N GLY G 545 39.13 19.70 46.77
CA GLY G 545 38.70 18.48 47.39
C GLY G 545 39.48 18.22 48.63
N GLU G 546 39.09 17.17 49.34
CA GLU G 546 39.93 16.60 50.37
C GLU G 546 39.39 15.22 50.68
N SER G 547 40.20 14.45 51.36
CA SER G 547 39.79 13.15 51.83
C SER G 547 40.69 12.82 53.00
N VAL G 548 40.29 11.82 53.77
CA VAL G 548 41.19 11.35 54.79
C VAL G 548 40.72 9.95 55.12
N ALA G 549 41.55 9.19 55.80
CA ALA G 549 41.13 7.94 56.39
C ALA G 549 42.02 7.76 57.58
N LYS G 550 41.53 7.11 58.61
CA LYS G 550 42.38 6.88 59.75
C LYS G 550 41.80 5.76 60.59
N VAL G 551 42.39 5.54 61.76
CA VAL G 551 42.11 4.34 62.51
C VAL G 551 40.75 4.14 63.21
N PRO G 552 40.10 5.15 63.77
CA PRO G 552 40.05 6.55 64.17
C PRO G 552 40.81 7.08 65.35
N LEU G 553 40.90 6.35 66.43
CA LEU G 553 41.23 7.02 67.68
C LEU G 553 42.69 7.48 67.69
N LEU G 554 43.56 6.72 67.02
CA LEU G 554 44.99 7.02 67.00
C LEU G 554 45.34 8.08 65.98
N GLY G 555 44.50 8.32 64.99
CA GLY G 555 44.83 9.34 64.03
C GLY G 555 44.79 10.76 64.55
N ASP G 556 44.37 10.96 65.79
CA ASP G 556 44.23 12.31 66.32
C ASP G 556 45.40 12.76 67.19
N ILE G 557 46.37 11.91 67.47
CA ILE G 557 47.50 12.39 68.25
C ILE G 557 48.23 13.46 67.44
N PRO G 558 48.59 14.60 68.03
CA PRO G 558 49.10 15.72 67.22
C PRO G 558 50.46 15.47 66.59
N LEU G 559 51.24 14.51 67.09
CA LEU G 559 52.54 14.20 66.52
C LEU G 559 52.51 12.93 65.67
N ILE G 560 52.23 11.80 66.30
CA ILE G 560 52.39 10.49 65.68
C ILE G 560 51.11 10.13 64.97
N GLY G 561 50.15 11.04 64.94
CA GLY G 561 48.94 10.79 64.19
C GLY G 561 49.22 10.41 62.76
N ASN G 562 50.15 11.11 62.11
CA ASN G 562 50.36 10.95 60.68
C ASN G 562 50.77 9.55 60.30
N LEU G 563 51.18 8.72 61.24
CA LEU G 563 51.52 7.35 60.87
C LEU G 563 50.28 6.56 60.52
N PHE G 564 49.14 6.94 61.05
CA PHE G 564 47.92 6.17 60.90
C PHE G 564 46.94 6.73 59.87
N LYS G 565 47.27 7.78 59.15
CA LYS G 565 46.35 8.48 58.28
C LYS G 565 46.72 8.28 56.83
N SER G 566 45.76 8.47 55.95
CA SER G 566 46.03 8.58 54.53
C SER G 566 45.22 9.72 53.97
N THR G 567 45.88 10.73 53.45
CA THR G 567 45.22 11.96 53.04
C THR G 567 45.35 12.14 51.54
N ALA G 568 44.36 12.78 50.93
CA ALA G 568 44.46 13.18 49.54
C ALA G 568 43.83 14.54 49.37
N ASP G 569 44.57 15.50 48.84
CA ASP G 569 44.04 16.82 48.65
C ASP G 569 43.99 17.14 47.17
N LYS G 570 43.21 18.13 46.82
CA LYS G 570 43.11 18.49 45.43
C LYS G 570 42.75 19.93 45.35
N LYS G 571 43.21 20.59 44.31
CA LYS G 571 42.88 21.97 44.06
C LYS G 571 42.92 22.15 42.57
N GLU G 572 42.03 22.96 42.05
CA GLU G 572 41.92 23.01 40.61
C GLU G 572 41.34 24.36 40.25
N LYS G 573 41.66 24.83 39.06
CA LYS G 573 41.16 26.13 38.70
C LYS G 573 41.13 26.23 37.19
N ARG G 574 40.23 27.03 36.67
CA ARG G 574 40.14 27.19 35.23
C ARG G 574 39.52 28.55 34.96
N ASN G 575 39.91 29.15 33.86
CA ASN G 575 39.31 30.41 33.47
C ASN G 575 39.17 30.41 31.97
N LEU G 576 37.99 30.62 31.46
CA LEU G 576 37.85 30.95 30.06
C LEU G 576 37.42 32.39 29.92
N MET G 577 37.74 32.95 28.79
CA MET G 577 37.12 34.19 28.37
C MET G 577 37.07 34.12 26.87
N VAL G 578 36.09 34.77 26.30
CA VAL G 578 36.04 34.96 24.87
C VAL G 578 35.77 36.43 24.65
N PHE G 579 36.58 37.06 23.85
CA PHE G 579 36.43 38.48 23.60
C PHE G 579 36.17 38.64 22.12
N ILE G 580 35.72 39.80 21.71
CA ILE G 580 35.62 40.01 20.28
C ILE G 580 35.91 41.46 20.00
N ARG G 581 36.70 41.71 18.99
CA ARG G 581 37.01 43.07 18.57
C ARG G 581 36.61 43.28 17.12
N PRO G 582 35.57 44.05 16.82
CA PRO G 582 35.29 44.41 15.44
C PRO G 582 36.22 45.50 14.96
N THR G 583 36.25 45.65 13.63
CA THR G 583 36.95 46.76 13.02
C THR G 583 36.23 47.04 11.72
N ILE G 584 36.07 48.31 11.38
CA ILE G 584 35.30 48.69 10.21
C ILE G 584 36.26 49.20 9.16
N LEU G 585 36.20 48.61 7.98
CA LEU G 585 37.02 49.01 6.85
C LEU G 585 36.09 49.69 5.86
N ARG G 586 36.17 51.01 5.77
CA ARG G 586 35.25 51.77 4.93
C ARG G 586 35.89 52.17 3.61
N ASP G 587 36.98 52.92 3.68
CA ASP G 587 37.69 53.34 2.50
C ASP G 587 38.25 52.12 1.77
N GLY G 588 38.50 52.30 0.48
CA GLY G 588 39.37 51.36 -0.19
C GLY G 588 40.75 51.31 0.44
N MET G 589 41.16 52.41 1.06
CA MET G 589 42.44 52.46 1.76
C MET G 589 42.39 51.84 3.15
N ALA G 590 41.19 51.71 3.72
CA ALA G 590 41.08 51.10 5.04
C ALA G 590 41.29 49.60 4.98
N ALA G 591 40.88 48.97 3.88
CA ALA G 591 41.07 47.53 3.73
C ALA G 591 42.54 47.17 3.58
N ASP G 592 43.34 48.09 3.08
CA ASP G 592 44.76 47.85 2.86
C ASP G 592 45.59 48.28 4.06
N GLY G 593 44.99 48.91 5.06
CA GLY G 593 45.71 49.21 6.27
C GLY G 593 45.78 48.03 7.22
N VAL G 594 44.67 47.32 7.36
CA VAL G 594 44.66 46.13 8.20
C VAL G 594 45.33 44.97 7.48
N SER G 595 44.95 44.74 6.24
CA SER G 595 45.49 43.58 5.55
C SER G 595 46.93 43.75 5.14
N GLN G 596 47.46 44.96 5.16
CA GLN G 596 48.89 45.11 4.92
C GLN G 596 49.71 44.87 6.15
N ARG G 597 49.21 45.16 7.33
CA ARG G 597 50.03 44.92 8.49
C ARG G 597 50.01 43.47 8.93
N LYS G 598 48.95 42.74 8.65
CA LYS G 598 49.01 41.31 8.89
C LYS G 598 49.87 40.59 7.87
N TYR G 599 49.99 41.15 6.67
CA TYR G 599 50.90 40.58 5.70
C TYR G 599 52.33 40.75 6.17
N ASN G 600 52.74 41.98 6.43
CA ASN G 600 54.09 42.22 6.91
C ASN G 600 54.35 41.56 8.25
N TYR G 601 53.33 41.08 8.93
CA TYR G 601 53.58 40.31 10.14
C TYR G 601 53.91 38.86 9.82
N MET G 602 53.20 38.26 8.88
CA MET G 602 53.54 36.91 8.46
C MET G 602 54.84 36.88 7.70
N ARG G 603 55.15 37.92 6.96
CA ARG G 603 56.37 37.89 6.19
C ARG G 603 57.57 38.11 7.09
N ALA G 604 57.37 38.61 8.29
CA ALA G 604 58.47 38.69 9.23
C ALA G 604 58.59 37.45 10.09
N GLU G 605 57.60 36.58 10.08
CA GLU G 605 57.78 35.25 10.65
C GLU G 605 58.59 34.38 9.71
N GLN G 606 58.32 34.47 8.42
CA GLN G 606 58.98 33.63 7.45
C GLN G 606 60.38 34.09 7.14
N ILE G 607 60.73 35.32 7.47
CA ILE G 607 62.11 35.73 7.35
C ILE G 607 62.91 35.27 8.55
N TYR G 608 62.35 35.40 9.74
CA TYR G 608 63.06 34.93 10.92
C TYR G 608 63.16 33.41 10.93
N ARG G 609 62.16 32.73 10.38
CA ARG G 609 62.28 31.30 10.16
C ARG G 609 63.36 30.99 9.14
N ASP G 610 63.58 31.90 8.20
CA ASP G 610 64.58 31.72 7.16
C ASP G 610 65.97 32.09 7.64
N GLU G 611 66.10 33.17 8.42
CA GLU G 611 67.41 33.58 8.88
C GLU G 611 68.12 32.47 9.64
N GLN G 612 67.38 31.68 10.41
CA GLN G 612 67.94 30.48 11.01
C GLN G 612 67.47 29.33 10.13
N GLY G 613 68.36 28.81 9.32
CA GLY G 613 67.95 28.03 8.18
C GLY G 613 67.58 26.63 8.56
N LEU G 614 67.29 25.85 7.54
CA LEU G 614 67.32 24.41 7.68
C LEU G 614 68.74 24.02 8.02
N SER G 615 68.93 23.33 9.13
CA SER G 615 70.27 23.23 9.69
C SER G 615 71.14 22.24 8.94
N LEU G 616 70.56 21.12 8.50
CA LEU G 616 71.35 20.14 7.77
C LEU G 616 71.65 20.61 6.36
N MET G 617 70.64 21.07 5.64
CA MET G 617 70.89 21.60 4.31
C MET G 617 71.00 23.12 4.37
N PRO G 618 72.20 23.69 4.27
CA PRO G 618 72.24 25.10 3.88
C PRO G 618 72.41 25.19 2.37
N HIS G 619 72.35 26.37 1.79
CA HIS G 619 71.66 27.49 2.42
C HIS G 619 70.18 27.25 2.17
N THR G 620 69.87 26.96 0.91
CA THR G 620 68.60 26.34 0.51
C THR G 620 67.39 27.16 0.96
N ALA G 621 67.23 28.29 0.29
CA ALA G 621 65.91 28.86 0.04
C ALA G 621 65.03 28.99 1.27
N GLN G 622 63.96 28.20 1.27
CA GLN G 622 62.81 28.12 2.17
C GLN G 622 61.81 29.19 1.75
N PRO G 623 60.50 28.92 1.84
CA PRO G 623 59.54 29.86 1.27
C PRO G 623 59.45 31.12 2.11
N VAL G 624 59.47 32.26 1.44
CA VAL G 624 59.19 33.53 2.07
C VAL G 624 58.20 34.24 1.16
N LEU G 625 57.48 35.06 1.72
CA LEU G 625 56.33 35.64 1.07
C LEU G 625 56.75 36.92 0.36
N PRO G 626 56.32 37.15 -0.89
CA PRO G 626 56.90 38.23 -1.67
C PRO G 626 56.78 39.57 -0.98
N ALA G 627 57.73 40.45 -1.24
CA ALA G 627 57.69 41.76 -0.62
C ALA G 627 56.60 42.61 -1.26
N GLN G 628 56.23 43.67 -0.57
CA GLN G 628 55.34 44.70 -1.12
C GLN G 628 56.15 45.93 -1.46
N ASN G 629 55.83 46.54 -2.60
CA ASN G 629 56.60 47.66 -3.13
C ASN G 629 58.05 47.27 -3.35
N GLN G 630 58.25 46.18 -4.10
CA GLN G 630 59.59 45.77 -4.48
C GLN G 630 60.33 46.85 -5.26
N ALA G 631 59.61 47.77 -5.87
CA ALA G 631 60.14 48.76 -6.81
C ALA G 631 60.84 48.01 -7.95
N LEU G 632 61.95 48.48 -8.43
CA LEU G 632 62.57 47.97 -9.63
C LEU G 632 63.77 47.09 -9.31
N PRO G 633 63.87 45.92 -9.92
CA PRO G 633 65.08 45.12 -9.75
C PRO G 633 66.29 45.90 -10.19
N PRO G 634 67.48 45.53 -9.69
CA PRO G 634 68.67 46.36 -9.98
C PRO G 634 68.99 46.45 -11.45
N GLU G 635 68.81 45.38 -12.22
CA GLU G 635 69.15 45.46 -13.64
C GLU G 635 68.08 46.19 -14.43
N VAL G 636 66.82 46.07 -14.02
CA VAL G 636 65.76 46.86 -14.65
C VAL G 636 66.01 48.33 -14.38
N ARG G 637 66.64 48.65 -13.25
CA ARG G 637 66.95 50.03 -12.92
C ARG G 637 67.78 50.69 -14.00
N ALA G 638 68.83 50.00 -14.45
CA ALA G 638 69.75 50.57 -15.44
C ALA G 638 69.08 50.82 -16.78
N PHE G 639 68.18 49.92 -17.22
CA PHE G 639 67.54 50.07 -18.51
C PHE G 639 66.83 51.40 -18.65
N LEU G 640 66.34 51.96 -17.55
CA LEU G 640 65.77 53.30 -17.58
C LEU G 640 66.84 54.35 -17.88
N ASN G 641 68.02 54.19 -17.25
CA ASN G 641 69.06 55.20 -17.36
C ASN G 641 69.72 55.25 -18.72
N ALA G 642 69.40 54.31 -19.61
CA ALA G 642 69.90 54.40 -20.98
C ALA G 642 68.85 55.03 -21.88
N GLY G 643 67.77 54.29 -22.16
CA GLY G 643 66.74 54.76 -23.05
C GLY G 643 65.95 55.93 -22.51
N GLY H 100 -41.33 60.05 -85.53
CA GLY H 100 -42.14 61.25 -85.46
C GLY H 100 -43.45 61.01 -84.74
N ASP H 101 -44.55 61.17 -85.47
CA ASP H 101 -45.89 60.90 -84.96
C ASP H 101 -46.37 59.50 -85.31
N GLU H 102 -45.54 58.69 -85.95
CA GLU H 102 -45.94 57.37 -86.38
C GLU H 102 -46.22 56.47 -85.19
N MET H 103 -47.41 55.88 -85.14
CA MET H 103 -47.79 54.96 -84.06
C MET H 103 -47.24 53.58 -84.36
N VAL H 104 -46.36 53.09 -83.49
CA VAL H 104 -45.74 51.77 -83.62
C VAL H 104 -45.50 51.19 -82.22
N THR H 105 -45.17 49.90 -82.18
CA THR H 105 -44.65 49.25 -80.98
C THR H 105 -43.17 48.95 -81.17
N LYS H 106 -42.42 48.96 -80.07
CA LYS H 106 -40.99 48.70 -80.13
C LYS H 106 -40.55 47.86 -78.92
N VAL H 107 -39.46 47.13 -79.10
CA VAL H 107 -38.91 46.23 -78.09
C VAL H 107 -37.62 46.84 -77.57
N VAL H 108 -37.59 47.09 -76.26
CA VAL H 108 -36.37 47.54 -75.59
C VAL H 108 -35.97 46.55 -74.51
N PRO H 109 -34.91 45.78 -74.70
CA PRO H 109 -34.35 44.99 -73.59
C PRO H 109 -33.61 45.90 -72.61
N VAL H 110 -33.89 45.72 -71.33
CA VAL H 110 -33.20 46.45 -70.27
C VAL H 110 -32.34 45.45 -69.53
N ARG H 111 -31.02 45.54 -69.72
CA ARG H 111 -30.10 44.49 -69.25
C ARG H 111 -29.62 44.79 -67.84
N ASN H 112 -28.75 45.79 -67.69
CA ASN H 112 -28.13 46.06 -66.39
C ASN H 112 -29.07 46.77 -65.43
N VAL H 113 -30.01 47.55 -65.94
CA VAL H 113 -30.84 48.44 -65.13
C VAL H 113 -32.05 47.68 -64.62
N SER H 114 -32.44 47.96 -63.39
CA SER H 114 -33.74 47.47 -62.91
C SER H 114 -34.83 48.20 -63.66
N VAL H 115 -35.72 47.45 -64.31
CA VAL H 115 -36.72 48.05 -65.20
C VAL H 115 -37.63 49.00 -64.47
N ARG H 116 -37.85 48.79 -63.18
CA ARG H 116 -38.68 49.73 -62.43
C ARG H 116 -37.89 50.92 -61.91
N GLU H 117 -36.55 50.88 -61.94
CA GLU H 117 -35.79 52.10 -61.70
C GLU H 117 -36.16 53.17 -62.70
N LEU H 118 -36.58 52.75 -63.89
CA LEU H 118 -36.91 53.66 -64.98
C LEU H 118 -38.37 54.05 -64.99
N ALA H 119 -39.12 53.67 -63.97
CA ALA H 119 -40.51 54.11 -63.85
C ALA H 119 -40.66 55.62 -63.97
N PRO H 120 -39.89 56.46 -63.25
CA PRO H 120 -40.14 57.91 -63.35
C PRO H 120 -39.90 58.49 -64.74
N ILE H 121 -38.74 58.21 -65.34
CA ILE H 121 -38.31 59.02 -66.48
C ILE H 121 -39.01 58.59 -67.76
N LEU H 122 -39.38 57.32 -67.87
CA LEU H 122 -40.07 56.86 -69.07
C LEU H 122 -41.52 57.28 -69.06
N ARG H 123 -42.17 57.22 -67.89
CA ARG H 123 -43.56 57.62 -67.77
C ARG H 123 -43.69 59.13 -67.70
N GLN H 124 -42.71 59.82 -67.11
CA GLN H 124 -42.75 61.28 -67.10
C GLN H 124 -42.60 61.85 -68.50
N MET H 125 -42.09 61.06 -69.45
CA MET H 125 -42.09 61.49 -70.84
C MET H 125 -43.51 61.52 -71.40
N ILE H 126 -44.36 60.60 -70.95
CA ILE H 126 -45.75 60.54 -71.36
C ILE H 126 -46.47 61.83 -71.00
N ASP H 127 -46.04 62.47 -69.91
CA ASP H 127 -46.52 63.82 -69.59
C ASP H 127 -46.27 64.77 -70.74
N SER H 128 -45.02 64.81 -71.22
CA SER H 128 -44.66 65.66 -72.35
C SER H 128 -45.06 65.04 -73.68
N ALA H 129 -44.90 63.73 -73.83
CA ALA H 129 -45.24 63.07 -75.09
C ALA H 129 -46.74 63.07 -75.35
N GLY H 130 -47.55 63.04 -74.29
CA GLY H 130 -48.98 62.94 -74.47
C GLY H 130 -49.48 61.53 -74.67
N SER H 131 -50.48 61.36 -75.53
CA SER H 131 -51.12 60.08 -75.73
C SER H 131 -50.36 59.23 -76.73
N GLY H 132 -50.85 58.02 -76.94
CA GLY H 132 -50.33 57.11 -77.94
C GLY H 132 -49.14 56.30 -77.50
N ASN H 133 -48.41 56.72 -76.48
CA ASN H 133 -47.18 56.06 -76.05
C ASN H 133 -47.42 55.33 -74.74
N VAL H 134 -46.91 54.10 -74.66
CA VAL H 134 -47.07 53.25 -73.49
C VAL H 134 -45.71 52.66 -73.15
N VAL H 135 -45.38 52.64 -71.86
CA VAL H 135 -44.14 52.08 -71.36
C VAL H 135 -44.48 50.94 -70.41
N ASN H 136 -43.87 49.79 -70.64
CA ASN H 136 -44.19 48.55 -69.94
C ASN H 136 -42.98 48.08 -69.16
N TYR H 137 -43.19 47.75 -67.88
CA TYR H 137 -42.11 47.36 -66.99
C TYR H 137 -42.29 45.90 -66.59
N ASP H 138 -41.45 45.02 -67.13
CA ASP H 138 -41.62 43.61 -66.81
C ASP H 138 -40.46 43.13 -65.95
N PRO H 139 -40.75 42.54 -64.78
CA PRO H 139 -39.65 42.04 -63.92
C PRO H 139 -38.77 40.99 -64.58
N SER H 140 -39.20 40.41 -65.71
CA SER H 140 -38.31 39.61 -66.54
C SER H 140 -37.25 40.48 -67.20
N ASN H 141 -37.27 41.77 -66.90
CA ASN H 141 -36.19 42.72 -67.19
C ASN H 141 -36.09 43.07 -68.67
N VAL H 142 -37.22 43.41 -69.28
CA VAL H 142 -37.27 44.26 -70.45
C VAL H 142 -38.32 45.33 -70.21
N ILE H 143 -38.30 46.36 -71.07
CA ILE H 143 -39.27 47.44 -71.02
C ILE H 143 -39.85 47.61 -72.42
N MET H 144 -41.16 47.35 -72.54
CA MET H 144 -41.85 47.38 -73.83
C MET H 144 -42.41 48.77 -74.08
N LEU H 145 -41.92 49.39 -75.16
CA LEU H 145 -42.33 50.73 -75.54
C LEU H 145 -43.25 50.62 -76.75
N THR H 146 -44.48 51.07 -76.60
CA THR H 146 -45.46 51.07 -77.69
C THR H 146 -45.98 52.49 -77.83
N GLY H 147 -45.70 53.12 -78.97
CA GLY H 147 -46.18 54.46 -79.18
C GLY H 147 -45.51 55.12 -80.37
N ARG H 148 -45.50 56.45 -80.35
CA ARG H 148 -45.00 57.22 -81.48
C ARG H 148 -43.49 57.09 -81.60
N ALA H 149 -43.04 56.68 -82.79
CA ALA H 149 -41.67 56.20 -82.99
C ALA H 149 -40.60 57.22 -82.64
N SER H 150 -40.95 58.50 -82.50
CA SER H 150 -39.94 59.46 -82.08
C SER H 150 -39.72 59.43 -80.57
N VAL H 151 -40.80 59.33 -79.79
CA VAL H 151 -40.65 59.38 -78.34
C VAL H 151 -40.09 58.07 -77.82
N VAL H 152 -40.50 56.94 -78.41
CA VAL H 152 -39.87 55.68 -78.07
C VAL H 152 -38.39 55.71 -78.43
N GLU H 153 -38.06 56.39 -79.54
CA GLU H 153 -36.69 56.49 -79.99
C GLU H 153 -35.77 56.96 -78.87
N ARG H 154 -36.15 58.06 -78.20
CA ARG H 154 -35.35 58.57 -77.10
C ARG H 154 -35.24 57.56 -75.97
N LEU H 155 -36.31 56.82 -75.69
CA LEU H 155 -36.25 55.90 -74.57
C LEU H 155 -35.61 54.57 -74.95
N THR H 156 -35.37 54.33 -76.24
CA THR H 156 -34.30 53.42 -76.64
C THR H 156 -32.95 54.13 -76.53
N GLU H 157 -32.91 55.43 -76.80
CA GLU H 157 -31.70 56.20 -76.60
C GLU H 157 -31.35 56.33 -75.12
N VAL H 158 -32.28 56.86 -74.32
CA VAL H 158 -32.00 57.15 -72.92
C VAL H 158 -31.53 55.89 -72.21
N ILE H 159 -32.37 54.86 -72.19
CA ILE H 159 -32.09 53.69 -71.37
C ILE H 159 -30.78 53.06 -71.76
N GLN H 160 -30.63 52.71 -73.04
CA GLN H 160 -29.43 52.02 -73.49
C GLN H 160 -28.19 52.91 -73.47
N ARG H 161 -28.37 54.22 -73.28
CA ARG H 161 -27.30 55.08 -72.81
C ARG H 161 -27.17 55.05 -71.29
N VAL H 162 -28.29 55.09 -70.58
CA VAL H 162 -28.25 54.97 -69.13
C VAL H 162 -27.81 53.57 -68.72
N ASP H 163 -28.23 52.56 -69.46
CA ASP H 163 -27.80 51.18 -69.18
C ASP H 163 -26.29 51.06 -69.32
N HIS H 164 -25.65 51.99 -70.02
CA HIS H 164 -24.20 52.07 -70.03
C HIS H 164 -23.66 52.61 -68.70
N ALA H 165 -24.38 53.55 -68.10
CA ALA H 165 -23.85 54.27 -66.94
C ALA H 165 -23.58 53.33 -65.78
N GLY H 166 -24.47 52.38 -65.53
CA GLY H 166 -24.29 51.51 -64.39
C GLY H 166 -23.50 50.26 -64.71
N ASN H 167 -22.70 50.30 -65.78
CA ASN H 167 -22.01 49.10 -66.25
C ASN H 167 -21.00 48.62 -65.21
N ARG H 168 -21.09 47.35 -64.85
CA ARG H 168 -20.30 46.77 -63.77
C ARG H 168 -19.59 45.52 -64.29
N THR H 169 -18.26 45.60 -64.40
CA THR H 169 -17.44 44.51 -64.91
C THR H 169 -16.38 44.19 -63.87
N GLU H 170 -15.89 42.95 -63.90
CA GLU H 170 -14.98 42.46 -62.88
C GLU H 170 -13.64 42.10 -63.51
N GLU H 171 -12.59 42.18 -62.70
CA GLU H 171 -11.25 41.94 -63.20
C GLU H 171 -10.39 41.39 -62.07
N VAL H 172 -9.43 40.54 -62.43
CA VAL H 172 -8.57 39.86 -61.48
C VAL H 172 -7.21 40.52 -61.55
N ILE H 173 -6.81 41.16 -60.45
CA ILE H 173 -5.53 41.84 -60.34
C ILE H 173 -4.60 40.96 -59.52
N PRO H 174 -3.52 40.44 -60.09
CA PRO H 174 -2.60 39.61 -59.33
C PRO H 174 -1.83 40.42 -58.30
N LEU H 175 -1.25 39.70 -57.33
CA LEU H 175 -0.46 40.31 -56.27
C LEU H 175 0.85 39.55 -56.12
N ASP H 176 1.96 40.23 -56.39
CA ASP H 176 3.26 39.58 -56.38
C ASP H 176 3.84 39.48 -54.97
N ASN H 177 3.56 40.44 -54.10
CA ASN H 177 4.20 40.48 -52.79
C ASN H 177 3.20 40.29 -51.66
N ALA H 178 2.25 41.19 -51.49
CA ALA H 178 1.34 41.10 -50.36
C ALA H 178 0.38 39.94 -50.54
N SER H 179 -0.17 39.49 -49.42
CA SER H 179 -1.19 38.45 -49.46
C SER H 179 -2.52 39.05 -49.90
N ALA H 180 -3.21 38.33 -50.77
CA ALA H 180 -4.50 38.83 -51.22
C ALA H 180 -5.53 38.87 -50.10
N SER H 181 -5.36 38.06 -49.06
CA SER H 181 -6.35 38.03 -48.00
C SER H 181 -6.23 39.25 -47.08
N GLU H 182 -5.02 39.77 -46.86
CA GLU H 182 -4.91 41.05 -46.15
C GLU H 182 -5.56 42.16 -46.94
N ILE H 183 -5.09 42.39 -48.16
CA ILE H 183 -5.59 43.47 -49.01
C ILE H 183 -7.11 43.41 -49.15
N ALA H 184 -7.69 42.23 -49.04
CA ALA H 184 -9.14 42.12 -49.07
C ALA H 184 -9.79 42.59 -47.78
N ARG H 185 -9.10 42.50 -46.64
CA ARG H 185 -9.65 43.08 -45.43
C ARG H 185 -9.40 44.57 -45.36
N VAL H 186 -8.20 45.01 -45.73
CA VAL H 186 -7.88 46.43 -45.68
C VAL H 186 -8.81 47.22 -46.60
N LEU H 187 -8.80 46.88 -47.90
CA LEU H 187 -9.59 47.64 -48.85
C LEU H 187 -11.08 47.58 -48.57
N GLU H 188 -11.54 46.59 -47.81
CA GLU H 188 -12.93 46.54 -47.41
C GLU H 188 -13.18 47.19 -46.07
N SER H 189 -12.14 47.57 -45.34
CA SER H 189 -12.33 48.35 -44.14
C SER H 189 -12.54 49.82 -44.45
N LEU H 190 -12.19 50.26 -45.65
CA LEU H 190 -12.41 51.65 -46.03
C LEU H 190 -13.87 51.89 -46.39
N THR H 191 -14.57 50.86 -46.84
CA THR H 191 -15.92 51.03 -47.35
C THR H 191 -16.81 49.84 -47.10
N GLN H 205 -17.05 46.22 -53.95
CA GLN H 205 -16.96 44.78 -53.73
C GLN H 205 -15.59 44.23 -54.06
N ILE H 206 -14.97 43.57 -53.08
CA ILE H 206 -13.65 42.97 -53.24
C ILE H 206 -13.67 41.56 -52.66
N VAL H 207 -13.27 40.59 -53.45
CA VAL H 207 -13.12 39.21 -53.00
C VAL H 207 -11.75 38.73 -53.44
N ALA H 208 -11.05 38.05 -52.53
CA ALA H 208 -9.70 37.60 -52.77
C ALA H 208 -9.68 36.12 -53.13
N ASP H 209 -8.86 35.77 -54.11
CA ASP H 209 -8.67 34.40 -54.52
C ASP H 209 -7.35 33.90 -53.96
N GLU H 210 -7.40 32.81 -53.19
CA GLU H 210 -6.21 32.36 -52.48
C GLU H 210 -5.18 31.76 -53.42
N ARG H 211 -5.62 30.84 -54.28
CA ARG H 211 -4.70 30.00 -55.05
C ARG H 211 -3.73 30.84 -55.87
N THR H 212 -4.26 31.66 -56.77
CA THR H 212 -3.42 32.48 -57.62
C THR H 212 -2.91 33.73 -56.94
N ASN H 213 -3.30 33.95 -55.68
CA ASN H 213 -2.91 35.14 -54.94
C ASN H 213 -3.30 36.39 -55.72
N SER H 214 -4.60 36.57 -55.88
CA SER H 214 -5.11 37.63 -56.74
C SER H 214 -6.43 38.10 -56.19
N VAL H 215 -6.71 39.38 -56.40
CA VAL H 215 -7.88 40.04 -55.84
C VAL H 215 -8.88 40.29 -56.97
N ILE H 216 -10.10 39.79 -56.79
CA ILE H 216 -11.20 40.07 -57.70
C ILE H 216 -11.86 41.36 -57.28
N VAL H 217 -12.06 42.27 -58.23
CA VAL H 217 -12.61 43.58 -57.97
C VAL H 217 -13.79 43.80 -58.91
N SER H 218 -14.75 44.64 -58.48
CA SER H 218 -15.93 44.92 -59.28
C SER H 218 -16.37 46.37 -59.13
N GLY H 219 -16.78 46.98 -60.24
CA GLY H 219 -17.24 48.35 -60.24
C GLY H 219 -17.09 48.96 -61.63
N ASP H 220 -17.57 50.20 -61.75
CA ASP H 220 -17.46 50.90 -63.01
C ASP H 220 -16.01 51.26 -63.31
N PRO H 221 -15.67 51.51 -64.58
CA PRO H 221 -14.26 51.68 -64.94
C PRO H 221 -13.56 52.84 -64.26
N ALA H 222 -14.27 53.78 -63.64
CA ALA H 222 -13.58 54.80 -62.86
C ALA H 222 -13.20 54.29 -61.48
N THR H 223 -14.10 53.55 -60.82
CA THR H 223 -13.77 52.97 -59.53
C THR H 223 -12.72 51.89 -59.65
N ARG H 224 -12.79 51.09 -60.71
CA ARG H 224 -11.74 50.10 -60.93
C ARG H 224 -10.43 50.73 -61.34
N ASP H 225 -10.38 52.04 -61.53
CA ASP H 225 -9.11 52.73 -61.66
C ASP H 225 -8.45 52.95 -60.31
N LYS H 226 -9.21 53.44 -59.34
CA LYS H 226 -8.60 53.83 -58.07
C LYS H 226 -8.03 52.62 -57.35
N MET H 227 -8.86 51.60 -57.13
CA MET H 227 -8.37 50.39 -56.48
C MET H 227 -7.24 49.75 -57.27
N ARG H 228 -7.12 50.00 -58.57
CA ARG H 228 -5.98 49.49 -59.30
C ARG H 228 -4.72 50.30 -59.04
N ARG H 229 -4.87 51.59 -58.72
CA ARG H 229 -3.72 52.39 -58.32
C ARG H 229 -3.37 52.18 -56.85
N LEU H 230 -4.36 51.91 -56.01
CA LEU H 230 -4.07 51.72 -54.60
C LEU H 230 -3.52 50.34 -54.33
N ILE H 231 -3.86 49.34 -55.13
CA ILE H 231 -3.28 48.02 -54.99
C ILE H 231 -1.84 47.96 -55.49
N ARG H 232 -1.44 48.85 -56.40
CA ARG H 232 -0.04 48.87 -56.81
C ARG H 232 0.89 49.36 -55.71
N ARG H 233 0.41 50.24 -54.82
CA ARG H 233 1.24 50.63 -53.69
C ARG H 233 1.25 49.58 -52.59
N LEU H 234 0.11 48.96 -52.30
CA LEU H 234 0.12 47.94 -51.27
C LEU H 234 0.86 46.67 -51.70
N ASP H 235 1.12 46.51 -52.99
CA ASP H 235 1.96 45.43 -53.49
C ASP H 235 3.41 45.83 -53.63
N SER H 236 3.76 47.10 -53.38
CA SER H 236 5.14 47.52 -53.51
C SER H 236 6.02 46.68 -52.60
N GLU H 237 7.23 46.38 -53.07
CA GLU H 237 8.09 45.47 -52.33
C GLU H 237 8.64 46.15 -51.08
N MET H 238 8.53 45.45 -49.97
CA MET H 238 9.15 45.85 -48.72
C MET H 238 10.67 45.83 -48.86
N GLU H 239 11.34 46.76 -48.17
CA GLU H 239 12.80 46.76 -48.25
C GLU H 239 13.33 45.95 -47.07
N ARG H 240 13.69 44.70 -47.35
CA ARG H 240 14.59 43.87 -46.55
C ARG H 240 14.14 43.71 -45.11
N SER H 241 13.25 44.58 -44.64
CA SER H 241 12.93 44.68 -43.22
C SER H 241 11.47 44.30 -43.02
N GLY H 242 11.24 43.10 -42.50
CA GLY H 242 9.92 42.66 -42.15
C GLY H 242 9.66 42.98 -40.70
N ASN H 243 8.65 42.32 -40.15
CA ASN H 243 8.54 42.39 -38.71
C ASN H 243 9.58 41.54 -38.03
N SER H 244 10.34 40.74 -38.77
CA SER H 244 11.34 39.85 -38.21
C SER H 244 12.73 40.29 -38.65
N GLN H 245 13.63 40.45 -37.68
CA GLN H 245 15.03 40.67 -37.95
C GLN H 245 15.84 39.66 -37.19
N VAL H 246 17.09 39.51 -37.62
CA VAL H 246 18.02 38.53 -37.07
C VAL H 246 19.20 39.30 -36.54
N PHE H 247 19.42 39.23 -35.23
CA PHE H 247 20.52 39.91 -34.58
C PHE H 247 21.60 38.91 -34.25
N TYR H 248 22.76 39.05 -34.87
CA TYR H 248 23.92 38.26 -34.48
C TYR H 248 24.54 38.91 -33.27
N LEU H 249 24.61 38.17 -32.17
CA LEU H 249 25.12 38.73 -30.94
C LEU H 249 26.63 38.67 -30.94
N LYS H 250 27.25 39.79 -30.64
CA LYS H 250 28.70 39.87 -30.68
C LYS H 250 29.34 39.27 -29.45
N TYR H 251 28.69 39.36 -28.30
CA TYR H 251 29.29 38.85 -27.08
C TYR H 251 28.33 37.95 -26.33
N SER H 252 27.17 38.49 -25.98
CA SER H 252 26.23 37.73 -25.19
C SER H 252 25.93 36.38 -25.83
N LYS H 253 25.63 35.40 -24.99
CA LYS H 253 25.16 34.12 -25.47
C LYS H 253 23.68 34.23 -25.78
N ALA H 254 23.32 33.93 -27.03
CA ALA H 254 22.01 34.30 -27.55
C ALA H 254 20.87 33.86 -26.66
N GLU H 255 21.00 32.73 -26.00
CA GLU H 255 19.89 32.19 -25.22
C GLU H 255 19.94 32.61 -23.77
N ASP H 256 20.88 33.46 -23.38
CA ASP H 256 20.74 34.15 -22.11
C ASP H 256 19.83 35.36 -22.21
N LEU H 257 20.00 36.16 -23.27
CA LEU H 257 19.13 37.30 -23.49
C LEU H 257 17.72 36.90 -23.84
N VAL H 258 17.46 35.63 -24.14
CA VAL H 258 16.16 35.32 -24.70
C VAL H 258 15.08 35.44 -23.64
N ASP H 259 15.41 35.13 -22.39
CA ASP H 259 14.43 35.30 -21.32
C ASP H 259 14.37 36.74 -20.84
N VAL H 260 15.53 37.38 -20.71
CA VAL H 260 15.58 38.80 -20.39
C VAL H 260 14.70 39.60 -21.34
N LEU H 261 14.66 39.20 -22.59
CA LEU H 261 13.84 39.90 -23.57
C LEU H 261 12.40 39.44 -23.60
N LYS H 262 12.07 38.31 -23.00
CA LYS H 262 10.67 37.91 -23.02
C LYS H 262 9.84 38.70 -22.03
N GLN H 263 10.43 39.12 -20.92
CA GLN H 263 9.71 39.98 -19.99
C GLN H 263 9.64 41.40 -20.54
N VAL H 264 10.78 41.96 -20.95
CA VAL H 264 10.81 43.28 -21.57
C VAL H 264 9.80 43.37 -22.69
N SER H 265 9.69 42.33 -23.50
CA SER H 265 8.74 42.33 -24.59
C SER H 265 7.33 42.01 -24.11
N GLY H 266 7.22 41.30 -22.99
CA GLY H 266 5.90 40.94 -22.51
C GLY H 266 5.04 42.14 -22.16
N THR H 267 5.56 43.01 -21.31
CA THR H 267 4.83 44.16 -20.81
C THR H 267 4.98 45.38 -21.70
N LEU H 268 5.67 45.25 -22.81
CA LEU H 268 5.78 46.33 -23.78
C LEU H 268 4.69 46.25 -24.84
N THR H 269 3.92 45.17 -24.84
CA THR H 269 2.74 45.05 -25.67
C THR H 269 1.63 45.97 -25.18
N ILE H 285 1.49 41.51 -31.04
CA ILE H 285 2.12 40.36 -30.41
C ILE H 285 3.61 40.37 -30.75
N VAL H 286 4.40 39.72 -29.91
CA VAL H 286 5.86 39.78 -29.99
C VAL H 286 6.41 38.40 -29.68
N SER H 287 7.36 37.96 -30.49
CA SER H 287 8.02 36.68 -30.27
C SER H 287 9.52 36.84 -30.34
N ILE H 288 10.22 36.20 -29.41
CA ILE H 288 11.67 36.18 -29.38
C ILE H 288 12.11 34.72 -29.43
N ALA H 289 12.99 34.40 -30.37
CA ALA H 289 13.52 33.06 -30.48
C ALA H 289 15.01 33.14 -30.72
N ALA H 290 15.73 32.14 -30.21
CA ALA H 290 17.18 32.12 -30.27
C ALA H 290 17.67 30.85 -30.94
N SER H 291 18.50 31.01 -31.96
CA SER H 291 19.11 29.89 -32.66
C SER H 291 20.39 29.53 -31.93
N LYS H 292 20.43 28.34 -31.31
CA LYS H 292 21.63 27.98 -30.57
C LYS H 292 22.83 27.83 -31.48
N HIS H 293 22.67 27.09 -32.57
CA HIS H 293 23.81 26.82 -33.42
C HIS H 293 24.40 28.11 -33.98
N SER H 294 23.56 29.06 -34.34
CA SER H 294 24.07 30.27 -34.95
C SER H 294 24.32 31.40 -33.98
N ASN H 295 23.96 31.25 -32.70
CA ASN H 295 24.13 32.30 -31.70
C ASN H 295 23.51 33.60 -32.16
N ALA H 296 22.24 33.54 -32.52
CA ALA H 296 21.55 34.72 -32.97
C ALA H 296 20.11 34.60 -32.55
N LEU H 297 19.51 35.70 -32.15
CA LEU H 297 18.12 35.72 -31.75
C LEU H 297 17.31 36.48 -32.78
N ILE H 298 16.07 36.10 -32.91
CA ILE H 298 15.21 36.52 -34.01
C ILE H 298 14.01 37.22 -33.42
N VAL H 299 13.95 38.52 -33.62
CA VAL H 299 12.93 39.35 -33.00
C VAL H 299 11.88 39.62 -34.04
N THR H 300 10.64 39.26 -33.74
CA THR H 300 9.51 39.59 -34.59
C THR H 300 8.53 40.44 -33.80
N ALA H 301 8.38 41.69 -34.19
CA ALA H 301 7.50 42.60 -33.49
C ALA H 301 7.12 43.73 -34.44
N PRO H 302 6.17 44.56 -34.05
CA PRO H 302 5.85 45.74 -34.85
C PRO H 302 7.00 46.72 -34.89
N GLN H 303 6.92 47.65 -35.84
CA GLN H 303 8.04 48.54 -36.07
C GLN H 303 8.40 49.37 -34.85
N ASP H 304 7.45 49.60 -33.94
CA ASP H 304 7.75 50.41 -32.77
C ASP H 304 8.46 49.61 -31.69
N ILE H 305 7.95 48.42 -31.39
CA ILE H 305 8.59 47.60 -30.36
C ILE H 305 9.97 47.19 -30.81
N MET H 306 10.16 46.96 -32.10
CA MET H 306 11.47 46.58 -32.59
C MET H 306 12.51 47.62 -32.24
N GLN H 307 12.24 48.88 -32.57
CA GLN H 307 13.23 49.92 -32.32
C GLN H 307 13.56 50.06 -30.85
N SER H 308 12.65 49.65 -29.98
CA SER H 308 13.00 49.55 -28.57
C SER H 308 13.96 48.40 -28.32
N LEU H 309 13.58 47.20 -28.74
CA LEU H 309 14.41 46.03 -28.51
C LEU H 309 15.72 46.08 -29.25
N GLN H 310 15.93 47.02 -30.16
CA GLN H 310 17.27 47.15 -30.72
C GLN H 310 18.18 47.96 -29.83
N SER H 311 17.65 48.89 -29.05
CA SER H 311 18.52 49.67 -28.19
C SER H 311 18.81 48.94 -26.89
N VAL H 312 17.99 47.97 -26.53
CA VAL H 312 18.32 47.10 -25.40
C VAL H 312 19.43 46.15 -25.79
N ILE H 313 19.23 45.38 -26.85
CA ILE H 313 20.24 44.43 -27.29
C ILE H 313 21.56 45.11 -27.56
N GLU H 314 21.53 46.33 -28.07
CA GLU H 314 22.78 47.04 -28.28
C GLU H 314 23.50 47.29 -26.96
N GLN H 315 22.76 47.48 -25.88
CA GLN H 315 23.37 47.79 -24.59
C GLN H 315 23.60 46.58 -23.71
N LEU H 316 23.06 45.43 -24.04
CA LEU H 316 23.34 44.20 -23.31
C LEU H 316 24.42 43.37 -23.95
N ASP H 317 24.93 43.79 -25.08
CA ASP H 317 25.87 43.01 -25.87
C ASP H 317 27.30 43.37 -25.54
N ILE H 318 27.55 44.14 -24.48
CA ILE H 318 28.87 44.68 -24.19
C ILE H 318 29.87 43.58 -23.87
N ARG H 319 31.14 43.95 -23.94
CA ARG H 319 32.26 43.05 -23.69
C ARG H 319 32.56 42.92 -22.21
N ARG H 320 32.80 41.69 -21.77
CA ARG H 320 32.99 41.38 -20.36
C ARG H 320 34.45 41.37 -20.00
N ALA H 321 34.76 41.80 -18.79
CA ALA H 321 36.12 41.81 -18.27
C ALA H 321 36.33 40.53 -17.49
N GLN H 322 37.53 40.00 -17.51
CA GLN H 322 37.84 38.80 -16.77
C GLN H 322 38.87 39.08 -15.68
N VAL H 323 38.81 38.29 -14.63
CA VAL H 323 39.48 38.54 -13.37
C VAL H 323 40.41 37.39 -13.09
N HIS H 324 41.57 37.67 -12.54
CA HIS H 324 42.49 36.63 -12.12
C HIS H 324 42.64 36.69 -10.61
N VAL H 325 42.16 35.67 -9.92
CA VAL H 325 42.06 35.68 -8.48
C VAL H 325 43.10 34.73 -7.91
N GLU H 326 44.10 35.27 -7.24
CA GLU H 326 45.09 34.48 -6.52
C GLU H 326 44.75 34.43 -5.06
N ALA H 327 44.93 33.29 -4.44
CA ALA H 327 44.86 33.17 -3.00
C ALA H 327 46.26 32.89 -2.49
N LEU H 328 46.57 33.28 -1.27
CA LEU H 328 47.83 32.91 -0.69
C LEU H 328 47.60 32.31 0.68
N ILE H 329 47.90 31.05 0.84
CA ILE H 329 47.64 30.44 2.13
C ILE H 329 48.96 30.22 2.83
N VAL H 330 49.23 30.99 3.87
CA VAL H 330 50.49 30.90 4.58
C VAL H 330 50.26 30.17 5.87
N GLU H 331 51.22 29.36 6.29
CA GLU H 331 51.16 28.76 7.61
C GLU H 331 52.56 28.61 8.17
N VAL H 332 52.77 29.06 9.39
CA VAL H 332 54.06 28.94 10.05
C VAL H 332 53.81 28.32 11.42
N ALA H 333 54.23 27.09 11.61
CA ALA H 333 54.05 26.42 12.89
C ALA H 333 55.40 26.23 13.55
N GLU H 334 55.42 26.32 14.86
CA GLU H 334 56.66 26.01 15.56
C GLU H 334 56.44 25.32 16.90
N GLY H 335 56.84 24.07 17.04
CA GLY H 335 56.59 23.32 18.26
C GLY H 335 57.82 23.30 19.14
N SER H 336 57.65 22.80 20.36
CA SER H 336 58.78 22.50 21.23
C SER H 336 58.21 21.60 22.33
N ASN H 337 59.06 20.86 23.01
CA ASN H 337 58.79 20.40 24.36
C ASN H 337 60.08 19.90 24.97
N ILE H 338 60.11 19.77 26.26
CA ILE H 338 61.28 19.27 26.95
C ILE H 338 60.82 18.44 28.12
N ASN H 339 61.53 17.37 28.39
CA ASN H 339 61.11 16.39 29.37
C ASN H 339 62.32 15.92 30.14
N PHE H 340 62.36 16.17 31.45
CA PHE H 340 63.51 15.76 32.24
C PHE H 340 63.15 15.24 33.61
N GLY H 341 63.46 14.00 33.96
CA GLY H 341 63.19 13.57 35.32
C GLY H 341 63.89 12.30 35.71
N VAL H 342 64.14 12.17 37.00
CA VAL H 342 64.92 11.10 37.59
C VAL H 342 63.99 10.07 38.20
N GLN H 343 64.39 8.81 38.16
CA GLN H 343 63.61 7.74 38.75
C GLN H 343 64.53 6.79 39.46
N TRP H 344 64.05 6.21 40.54
CA TRP H 344 64.82 5.25 41.31
C TRP H 344 64.06 3.95 41.35
N ALA H 345 64.75 2.91 41.77
CA ALA H 345 64.13 1.65 42.08
C ALA H 345 65.09 0.94 43.00
N SER H 346 64.63 -0.12 43.62
CA SER H 346 65.50 -0.84 44.53
C SER H 346 64.93 -2.21 44.78
N LYS H 347 65.47 -2.85 45.79
CA LYS H 347 65.02 -4.12 46.33
C LYS H 347 63.70 -3.89 47.02
N ASP H 348 63.36 -4.77 47.93
CA ASP H 348 62.18 -4.63 48.77
C ASP H 348 62.07 -3.25 49.44
N ALA H 349 63.13 -2.45 49.40
CA ALA H 349 63.22 -1.17 50.09
C ALA H 349 62.70 0.04 49.30
N GLY H 350 62.07 -0.14 48.14
CA GLY H 350 61.23 0.94 47.65
C GLY H 350 61.23 1.09 46.16
N LEU H 351 60.59 2.17 45.69
CA LEU H 351 60.78 2.70 44.34
C LEU H 351 60.33 4.15 44.31
N MET H 352 60.68 4.83 43.23
CA MET H 352 60.19 6.17 42.90
C MET H 352 59.89 6.18 41.42
N GLN H 353 58.69 6.54 41.05
CA GLN H 353 58.25 6.35 39.68
C GLN H 353 57.38 7.51 39.27
N PHE H 354 57.59 8.03 38.07
CA PHE H 354 56.80 9.17 37.60
C PHE H 354 56.23 8.89 36.23
N ALA H 355 54.95 9.21 36.06
CA ALA H 355 54.18 8.86 34.87
C ALA H 355 54.13 9.98 33.83
N ASN H 356 54.89 11.05 34.02
CA ASN H 356 54.92 12.09 33.01
C ASN H 356 55.50 11.54 31.71
N GLY H 357 55.20 12.21 30.61
CA GLY H 357 55.69 11.74 29.33
C GLY H 357 55.00 10.45 28.92
N THR H 358 55.51 9.64 27.97
CA THR H 358 56.73 9.74 27.14
C THR H 358 57.98 9.43 27.94
N GLN H 359 57.88 9.48 29.26
CA GLN H 359 58.98 9.13 30.13
C GLN H 359 58.67 7.76 30.70
N ILE H 360 59.37 6.73 30.22
CA ILE H 360 58.92 5.36 30.48
C ILE H 360 59.18 5.01 31.93
N PRO H 361 58.21 4.46 32.65
CA PRO H 361 58.33 4.32 34.09
C PRO H 361 59.23 3.17 34.49
N ILE H 362 59.92 3.37 35.60
CA ILE H 362 60.96 2.44 36.01
C ILE H 362 60.38 1.18 36.60
N GLY H 363 59.14 1.19 37.06
CA GLY H 363 58.56 -0.03 37.53
C GLY H 363 58.34 -0.98 36.37
N THR H 364 57.60 -0.55 35.36
CA THR H 364 57.31 -1.44 34.26
C THR H 364 58.53 -1.74 33.42
N LEU H 365 59.61 -0.99 33.61
CA LEU H 365 60.88 -1.38 33.01
C LEU H 365 61.50 -2.54 33.78
N GLY H 366 61.68 -2.38 35.09
CA GLY H 366 62.32 -3.39 35.89
C GLY H 366 61.65 -4.73 35.83
N ALA H 367 60.39 -4.79 35.43
CA ALA H 367 59.78 -6.07 35.16
C ALA H 367 60.23 -6.61 33.81
N ALA H 368 60.11 -5.79 32.76
CA ALA H 368 60.46 -6.24 31.43
C ALA H 368 61.90 -6.68 31.33
N ILE H 369 62.77 -6.17 32.19
CA ILE H 369 64.12 -6.69 32.23
C ILE H 369 64.13 -8.09 32.82
N SER H 370 63.35 -8.32 33.86
CA SER H 370 63.42 -9.61 34.53
C SER H 370 62.67 -10.68 33.77
N GLN H 371 61.57 -10.34 33.10
CA GLN H 371 60.97 -11.31 32.19
C GLN H 371 61.85 -11.61 31.00
N ALA H 372 62.94 -10.87 30.82
CA ALA H 372 63.86 -11.12 29.73
C ALA H 372 65.05 -11.96 30.13
N LYS H 373 65.09 -12.41 31.35
CA LYS H 373 66.26 -13.21 31.70
C LYS H 373 66.12 -14.61 31.09
N PRO H 374 67.23 -15.25 30.77
CA PRO H 374 67.16 -16.62 30.26
C PRO H 374 66.70 -17.57 31.35
N GLN H 375 65.72 -18.40 31.03
CA GLN H 375 65.20 -19.37 31.98
C GLN H 375 65.86 -20.71 31.72
N LYS H 376 66.68 -21.15 32.68
CA LYS H 376 67.44 -22.37 32.48
C LYS H 376 66.49 -23.54 32.56
N GLY H 377 66.40 -24.29 31.48
CA GLY H 377 65.50 -25.42 31.41
C GLY H 377 66.22 -26.72 31.64
N SER H 378 65.43 -27.73 31.98
CA SER H 378 65.85 -29.12 31.95
C SER H 378 64.58 -29.94 31.82
N THR H 379 64.69 -31.12 31.25
CA THR H 379 63.52 -31.99 31.14
C THR H 379 63.91 -33.42 31.42
N VAL H 380 63.25 -34.02 32.41
CA VAL H 380 63.49 -35.40 32.82
C VAL H 380 62.18 -35.94 33.37
N ILE H 381 61.92 -37.22 33.11
CA ILE H 381 60.80 -38.01 33.62
C ILE H 381 59.54 -37.20 33.85
N ILE H 389 68.76 -32.89 29.30
CA ILE H 389 69.21 -31.79 28.47
C ILE H 389 69.74 -30.62 29.25
N ASN H 390 70.43 -29.73 28.54
CA ASN H 390 70.87 -28.46 29.10
C ASN H 390 70.71 -27.36 28.07
N PRO H 391 69.50 -27.15 27.55
CA PRO H 391 69.23 -25.97 26.75
C PRO H 391 69.00 -24.78 27.66
N ASP H 392 69.05 -23.60 27.07
CA ASP H 392 68.59 -22.40 27.73
C ASP H 392 67.65 -21.68 26.77
N THR H 393 66.38 -21.58 27.16
CA THR H 393 65.38 -20.93 26.33
C THR H 393 65.72 -19.48 26.06
N ASN H 394 66.70 -18.93 26.76
CA ASN H 394 67.08 -17.53 26.68
C ASN H 394 65.83 -16.70 27.01
N GLY H 395 65.62 -15.56 26.35
CA GLY H 395 64.56 -14.66 26.71
C GLY H 395 63.42 -14.64 25.71
N ASP H 396 62.43 -13.83 26.06
CA ASP H 396 61.48 -13.29 25.10
C ASP H 396 61.44 -11.79 25.30
N LEU H 397 61.96 -11.06 24.34
CA LEU H 397 62.09 -9.62 24.45
C LEU H 397 60.87 -8.88 23.95
N SER H 398 59.80 -9.61 23.61
CA SER H 398 58.57 -8.95 23.20
C SER H 398 58.16 -7.87 24.19
N THR H 399 58.31 -8.14 25.48
CA THR H 399 57.86 -7.17 26.47
C THR H 399 58.80 -5.98 26.52
N LEU H 400 60.11 -6.22 26.56
CA LEU H 400 61.04 -5.12 26.69
C LEU H 400 61.07 -4.26 25.44
N ALA H 401 61.02 -4.89 24.28
CA ALA H 401 61.04 -4.11 23.05
C ALA H 401 59.72 -3.40 22.79
N GLN H 402 58.70 -3.66 23.58
CA GLN H 402 57.47 -2.88 23.41
C GLN H 402 57.55 -1.55 24.13
N LEU H 403 58.22 -1.50 25.28
CA LEU H 403 58.51 -0.20 25.90
C LEU H 403 59.28 0.68 24.93
N LEU H 404 60.39 0.17 24.44
CA LEU H 404 61.30 0.94 23.62
C LEU H 404 60.74 1.24 22.25
N SER H 405 59.56 0.75 21.91
CA SER H 405 59.03 0.92 20.57
C SER H 405 58.95 2.39 20.19
N GLY H 406 58.20 3.18 20.96
CA GLY H 406 58.05 4.58 20.68
C GLY H 406 58.93 5.50 21.49
N PHE H 407 59.75 4.96 22.38
CA PHE H 407 60.59 5.77 23.24
C PHE H 407 61.56 6.59 22.42
N SER H 408 61.86 7.80 22.91
CA SER H 408 62.76 8.72 22.23
C SER H 408 63.52 9.50 23.28
N GLY H 409 64.80 9.70 23.04
CA GLY H 409 65.63 10.50 23.92
C GLY H 409 66.36 9.66 24.95
N THR H 410 67.26 10.33 25.65
CA THR H 410 68.15 9.67 26.60
C THR H 410 67.39 8.82 27.61
N ALA H 411 67.96 7.68 27.96
CA ALA H 411 67.75 7.05 29.26
C ALA H 411 69.11 6.59 29.73
N VAL H 412 69.63 7.19 30.77
CA VAL H 412 70.89 6.78 31.36
C VAL H 412 70.56 6.08 32.66
N GLY H 413 71.35 5.08 33.01
CA GLY H 413 70.97 4.29 34.17
C GLY H 413 72.16 3.79 34.93
N VAL H 414 71.87 3.23 36.08
CA VAL H 414 72.77 2.37 36.81
C VAL H 414 71.93 1.16 37.16
N VAL H 415 72.17 0.03 36.53
CA VAL H 415 71.48 -1.18 36.95
C VAL H 415 72.54 -2.12 37.50
N LYS H 416 72.61 -2.20 38.82
CA LYS H 416 73.54 -3.10 39.51
C LYS H 416 72.87 -3.54 40.79
N GLY H 417 72.82 -4.84 41.04
CA GLY H 417 72.14 -5.33 42.23
C GLY H 417 70.67 -4.99 42.27
N ASP H 418 70.02 -4.94 41.10
CA ASP H 418 68.57 -4.77 40.95
C ASP H 418 68.08 -3.39 41.36
N TRP H 419 68.89 -2.63 42.09
CA TRP H 419 68.54 -1.25 42.35
C TRP H 419 69.06 -0.43 41.19
N MET H 420 68.33 0.61 40.82
CA MET H 420 68.68 1.36 39.64
C MET H 420 68.26 2.81 39.79
N ALA H 421 68.92 3.67 39.05
CA ALA H 421 68.57 5.09 38.97
C ALA H 421 68.61 5.48 37.51
N LEU H 422 67.48 5.87 36.96
CA LEU H 422 67.31 5.99 35.51
C LEU H 422 66.94 7.42 35.18
N VAL H 423 67.85 8.15 34.56
CA VAL H 423 67.71 9.59 34.32
C VAL H 423 67.32 9.81 32.89
N GLN H 424 66.09 10.20 32.63
CA GLN H 424 65.62 10.35 31.26
C GLN H 424 65.47 11.81 30.92
N ALA H 425 65.87 12.18 29.71
CA ALA H 425 65.73 13.55 29.25
C ALA H 425 65.65 13.61 27.74
N VAL H 426 64.94 14.59 27.19
CA VAL H 426 64.82 14.75 25.76
C VAL H 426 64.42 16.20 25.51
N LYS H 427 64.67 16.70 24.32
CA LYS H 427 64.09 17.96 23.90
C LYS H 427 63.66 17.85 22.46
N ASN H 428 62.37 17.81 22.21
CA ASN H 428 61.86 17.73 20.87
C ASN H 428 61.59 19.14 20.39
N ASP H 429 61.99 19.41 19.17
CA ASP H 429 61.79 20.73 18.63
C ASP H 429 61.45 20.61 17.16
N SER H 430 60.31 21.11 16.73
CA SER H 430 59.95 21.02 15.32
C SER H 430 59.80 22.41 14.76
N SER H 431 59.44 22.48 13.50
CA SER H 431 59.14 23.70 12.80
C SER H 431 58.37 23.34 11.56
N SER H 432 57.76 24.33 10.94
CA SER H 432 57.15 24.12 9.64
C SER H 432 57.00 25.45 8.95
N ASN H 433 56.91 25.40 7.65
CA ASN H 433 56.64 26.59 6.89
C ASN H 433 55.94 26.15 5.63
N VAL H 434 54.86 26.79 5.25
CA VAL H 434 54.10 26.33 4.09
C VAL H 434 53.58 27.56 3.38
N LEU H 435 53.66 27.57 2.06
CA LEU H 435 53.06 28.64 1.31
C LEU H 435 52.42 28.05 0.07
N SER H 436 51.11 28.08 -0.04
CA SER H 436 50.48 27.56 -1.23
C SER H 436 49.56 28.62 -1.79
N THR H 437 49.50 28.70 -3.09
CA THR H 437 48.85 29.79 -3.75
C THR H 437 48.07 29.43 -4.99
N PRO H 438 46.90 28.83 -4.84
CA PRO H 438 46.08 28.49 -6.00
C PRO H 438 45.51 29.73 -6.64
N SER H 439 45.24 29.66 -7.93
CA SER H 439 44.71 30.81 -8.63
C SER H 439 43.87 30.35 -9.80
N ILE H 440 42.84 31.11 -10.12
CA ILE H 440 41.88 30.74 -11.15
C ILE H 440 41.57 31.98 -11.95
N THR H 441 41.08 31.81 -13.17
CA THR H 441 40.73 32.92 -14.04
C THR H 441 39.34 32.73 -14.57
N THR H 442 38.47 33.72 -14.36
CA THR H 442 37.08 33.60 -14.73
C THR H 442 36.69 34.83 -15.52
N LEU H 443 35.56 34.76 -16.17
CA LEU H 443 34.90 35.99 -16.56
C LEU H 443 34.24 36.61 -15.35
N ASP H 444 33.97 37.90 -15.45
CA ASP H 444 33.13 38.58 -14.49
C ASP H 444 31.81 37.85 -14.33
N ASN H 445 31.29 37.85 -13.10
CA ASN H 445 29.96 37.36 -12.74
C ASN H 445 29.78 35.88 -12.94
N GLN H 446 30.77 35.16 -13.44
CA GLN H 446 30.71 33.71 -13.62
C GLN H 446 31.50 33.05 -12.51
N GLU H 447 31.04 31.91 -12.00
CA GLU H 447 31.76 31.29 -10.91
C GLU H 447 32.73 30.24 -11.40
N ALA H 448 33.90 30.24 -10.78
CA ALA H 448 34.96 29.31 -11.10
C ALA H 448 35.19 28.38 -9.95
N PHE H 449 35.69 27.21 -10.25
CA PHE H 449 35.94 26.19 -9.26
C PHE H 449 37.29 25.60 -9.56
N PHE H 450 38.13 25.45 -8.56
CA PHE H 450 39.46 24.93 -8.79
C PHE H 450 39.80 23.98 -7.66
N MET H 451 40.02 22.71 -7.96
CA MET H 451 40.37 21.74 -6.94
C MET H 451 41.64 21.05 -7.32
N VAL H 452 42.59 20.97 -6.39
CA VAL H 452 43.74 20.10 -6.52
C VAL H 452 43.77 19.27 -5.26
N GLY H 453 43.54 17.99 -5.39
CA GLY H 453 43.24 17.21 -4.22
C GLY H 453 43.10 15.77 -4.58
N GLN H 454 42.36 15.04 -3.77
CA GLN H 454 42.04 13.67 -4.10
C GLN H 454 40.64 13.38 -3.63
N ASP H 455 40.06 12.34 -4.20
CA ASP H 455 38.64 12.05 -4.04
C ASP H 455 38.49 10.74 -3.30
N VAL H 456 38.02 10.80 -2.07
CA VAL H 456 38.18 9.71 -1.10
C VAL H 456 36.80 9.27 -0.61
N PRO H 457 36.55 7.98 -0.42
CA PRO H 457 35.22 7.52 0.01
C PRO H 457 34.95 7.69 1.49
N VAL H 458 33.72 8.05 1.81
CA VAL H 458 33.27 8.20 3.19
C VAL H 458 32.13 7.23 3.42
N LEU H 459 32.01 6.72 4.64
CA LEU H 459 31.51 5.38 4.86
C LEU H 459 30.22 5.04 4.13
N THR H 460 29.19 5.88 4.10
CA THR H 460 28.71 6.68 5.19
C THR H 460 27.21 6.34 5.17
N GLY H 461 26.78 5.59 6.17
CA GLY H 461 25.48 4.95 6.15
C GLY H 461 25.59 3.46 6.32
N THR H 474 27.36 2.54 2.78
CA THR H 474 26.70 3.12 1.62
C THR H 474 27.67 3.99 0.81
N VAL H 475 28.84 4.23 1.38
CA VAL H 475 30.01 4.74 0.68
C VAL H 475 29.73 5.86 -0.30
N GLU H 476 29.45 7.05 0.21
CA GLU H 476 29.50 8.23 -0.63
C GLU H 476 30.95 8.65 -0.88
N ARG H 477 31.13 9.50 -1.88
CA ARG H 477 32.43 9.82 -2.48
C ARG H 477 32.74 11.30 -2.25
N LYS H 478 33.75 11.59 -1.44
CA LYS H 478 34.01 12.94 -0.96
C LYS H 478 35.36 13.45 -1.45
N LYS H 479 35.43 14.75 -1.74
CA LYS H 479 36.61 15.37 -2.31
C LYS H 479 37.35 16.20 -1.28
N VAL H 480 38.63 15.93 -1.11
CA VAL H 480 39.46 16.67 -0.16
C VAL H 480 40.66 17.23 -0.91
N GLY H 481 41.07 18.41 -0.52
CA GLY H 481 42.29 19.01 -1.02
C GLY H 481 42.09 20.49 -1.13
N ILE H 482 43.07 21.18 -1.69
CA ILE H 482 42.91 22.60 -1.92
C ILE H 482 41.73 22.85 -2.83
N MET H 483 40.81 23.68 -2.40
CA MET H 483 39.64 23.99 -3.19
C MET H 483 39.41 25.47 -3.10
N LEU H 484 39.12 26.10 -4.22
CA LEU H 484 38.87 27.52 -4.26
C LEU H 484 37.70 27.71 -5.18
N LYS H 485 36.65 28.35 -4.72
CA LYS H 485 35.48 28.59 -5.55
C LYS H 485 35.08 30.03 -5.38
N VAL H 486 35.19 30.82 -6.44
CA VAL H 486 35.07 32.26 -6.34
C VAL H 486 34.21 32.74 -7.49
N THR H 487 33.49 33.83 -7.27
CA THR H 487 32.60 34.40 -8.29
C THR H 487 32.58 35.91 -8.31
N PRO H 488 33.53 36.53 -9.00
CA PRO H 488 33.77 37.96 -8.86
C PRO H 488 32.75 38.80 -9.60
N GLN H 489 32.63 40.07 -9.19
CA GLN H 489 31.95 41.05 -10.03
C GLN H 489 32.64 42.39 -9.89
N ILE H 490 32.95 43.03 -11.00
CA ILE H 490 33.72 44.27 -10.95
C ILE H 490 32.79 45.43 -10.64
N ASN H 491 33.10 46.18 -9.60
CA ASN H 491 32.24 47.21 -9.06
C ASN H 491 32.50 48.59 -9.61
N GLU H 492 33.32 48.71 -10.64
CA GLU H 492 33.32 49.93 -11.43
C GLU H 492 33.98 51.08 -10.67
N GLY H 493 34.13 50.94 -9.37
CA GLY H 493 35.20 51.70 -8.78
C GLY H 493 36.55 51.08 -9.02
N ASN H 494 36.60 50.07 -9.90
CA ASN H 494 37.76 49.21 -10.12
C ASN H 494 38.07 48.39 -8.87
N ALA H 495 37.05 47.70 -8.35
CA ALA H 495 37.15 46.94 -7.11
C ALA H 495 36.32 45.68 -7.26
N VAL H 496 36.89 44.54 -6.88
CA VAL H 496 36.41 43.28 -7.43
C VAL H 496 35.28 42.57 -6.68
N GLN H 497 35.12 42.68 -5.36
CA GLN H 497 33.94 42.05 -4.76
C GLN H 497 33.83 40.54 -4.96
N MET H 498 34.60 39.75 -4.25
CA MET H 498 34.58 38.30 -4.37
C MET H 498 33.40 37.70 -3.62
N VAL H 499 33.02 36.50 -3.99
CA VAL H 499 32.25 35.61 -3.14
C VAL H 499 32.99 34.30 -3.13
N ILE H 500 33.59 33.94 -2.02
CA ILE H 500 34.70 33.02 -2.03
C ILE H 500 34.50 31.92 -1.03
N GLU H 501 34.90 30.71 -1.38
CA GLU H 501 35.00 29.60 -0.44
C GLU H 501 36.37 28.99 -0.61
N GLN H 502 37.23 29.18 0.36
CA GLN H 502 38.52 28.55 0.39
C GLN H 502 38.39 27.29 1.22
N GLU H 503 39.14 26.26 0.86
CA GLU H 503 39.16 25.09 1.72
C GLU H 503 40.46 24.35 1.53
N VAL H 504 41.01 23.82 2.61
CA VAL H 504 42.22 23.03 2.54
C VAL H 504 42.03 21.82 3.41
N SER H 505 41.95 20.65 2.81
CA SER H 505 41.66 19.43 3.54
C SER H 505 42.77 18.43 3.31
N LYS H 506 42.81 17.41 4.16
CA LYS H 506 43.64 16.26 3.87
C LYS H 506 43.15 15.11 4.72
N VAL H 507 43.48 13.90 4.31
CA VAL H 507 43.15 12.73 5.11
C VAL H 507 44.16 12.60 6.22
N GLU H 508 43.70 12.68 7.46
CA GLU H 508 44.54 12.41 8.60
C GLU H 508 43.94 11.22 9.34
N GLY H 509 44.75 10.57 10.15
CA GLY H 509 44.48 9.17 10.39
C GLY H 509 43.18 8.79 11.06
N GLN H 510 42.37 8.04 10.31
CA GLN H 510 41.34 7.11 10.78
C GLN H 510 40.43 7.57 11.90
N THR H 511 39.92 6.58 12.62
CA THR H 511 39.04 6.62 13.78
C THR H 511 38.61 5.17 13.89
N SER H 512 37.79 4.83 14.86
CA SER H 512 37.25 3.47 14.85
C SER H 512 36.70 3.10 13.49
N LEU H 513 35.64 3.77 13.06
CA LEU H 513 34.83 3.32 11.93
C LEU H 513 35.09 4.01 10.60
N ASP H 514 36.00 4.98 10.51
CA ASP H 514 36.21 5.71 9.26
C ASP H 514 37.49 6.52 9.29
N VAL H 515 37.64 7.36 8.25
CA VAL H 515 38.71 8.35 8.14
C VAL H 515 38.23 9.69 8.68
N VAL H 516 39.09 10.36 9.40
CA VAL H 516 38.89 11.73 9.81
C VAL H 516 39.67 12.59 8.83
N PHE H 517 39.14 13.74 8.46
CA PHE H 517 39.83 14.64 7.56
C PHE H 517 40.24 15.88 8.30
N GLY H 518 41.51 16.23 8.23
CA GLY H 518 41.88 17.56 8.65
C GLY H 518 41.20 18.51 7.70
N GLU H 519 40.58 19.56 8.19
CA GLU H 519 39.87 20.47 7.31
C GLU H 519 39.92 21.87 7.85
N ARG H 520 40.26 22.83 7.01
CA ARG H 520 40.14 24.23 7.41
C ARG H 520 39.58 25.01 6.26
N LYS H 521 38.42 25.62 6.45
CA LYS H 521 37.80 26.33 5.35
C LYS H 521 37.18 27.60 5.85
N LEU H 522 37.06 28.55 4.95
CA LEU H 522 36.39 29.79 5.28
C LEU H 522 35.62 30.27 4.08
N LYS H 523 34.36 30.61 4.27
CA LYS H 523 33.57 31.14 3.18
C LYS H 523 32.95 32.44 3.59
N THR H 524 33.34 33.50 2.90
CA THR H 524 33.07 34.86 3.28
C THR H 524 32.69 35.61 2.03
N THR H 525 32.59 36.93 2.12
CA THR H 525 32.45 37.79 0.97
C THR H 525 33.29 39.02 1.22
N VAL H 526 34.23 39.30 0.34
CA VAL H 526 35.16 40.38 0.58
C VAL H 526 35.08 41.33 -0.58
N LEU H 527 35.64 42.51 -0.39
CA LEU H 527 35.63 43.55 -1.39
C LEU H 527 37.05 44.05 -1.51
N ALA H 528 37.69 43.79 -2.64
CA ALA H 528 39.11 44.04 -2.79
C ALA H 528 39.36 44.97 -3.96
N ASN H 529 40.34 45.85 -3.82
CA ASN H 529 40.71 46.71 -4.92
C ASN H 529 41.35 45.91 -6.03
N ASP H 530 41.46 46.54 -7.20
CA ASP H 530 41.89 45.86 -8.40
C ASP H 530 43.18 45.10 -8.20
N GLY H 531 44.23 45.76 -7.76
CA GLY H 531 45.50 45.07 -7.74
C GLY H 531 46.02 44.75 -6.36
N GLU H 532 45.17 44.81 -5.35
CA GLU H 532 45.63 44.87 -3.98
C GLU H 532 45.07 43.73 -3.16
N LEU H 533 45.66 43.55 -2.00
CA LEU H 533 45.69 42.30 -1.27
C LEU H 533 44.87 42.46 0.00
N ILE H 534 43.80 41.70 0.13
CA ILE H 534 42.96 41.77 1.32
C ILE H 534 43.07 40.46 2.04
N VAL H 535 43.01 40.50 3.38
CA VAL H 535 43.12 39.32 4.21
C VAL H 535 41.75 38.73 4.45
N LEU H 536 41.58 37.46 4.12
CA LEU H 536 40.29 36.82 4.36
C LEU H 536 40.13 36.33 5.77
N GLY H 537 41.15 35.75 6.36
CA GLY H 537 40.95 34.96 7.54
C GLY H 537 42.26 34.76 8.23
N GLY H 538 42.26 33.85 9.18
CA GLY H 538 43.49 33.65 9.91
C GLY H 538 43.24 32.96 11.22
N LEU H 539 44.33 32.59 11.86
CA LEU H 539 44.29 31.99 13.16
C LEU H 539 45.63 32.26 13.79
N MET H 540 45.68 32.40 15.09
CA MET H 540 46.95 32.49 15.77
C MET H 540 46.77 31.67 17.03
N ASP H 541 47.58 30.67 17.26
CA ASP H 541 47.26 29.73 18.31
C ASP H 541 48.50 29.43 19.11
N ASP H 542 48.51 29.74 20.39
CA ASP H 542 49.64 29.48 21.26
C ASP H 542 49.24 28.53 22.36
N GLN H 543 50.22 27.87 22.95
CA GLN H 543 49.99 27.07 24.12
C GLN H 543 51.28 27.06 24.89
N ALA H 544 51.19 27.02 26.21
CA ALA H 544 52.34 26.65 27.00
C ALA H 544 51.87 25.71 28.08
N GLY H 545 52.19 24.47 27.98
CA GLY H 545 51.84 23.56 29.02
C GLY H 545 52.90 23.51 30.07
N GLU H 546 52.62 22.77 31.13
CA GLU H 546 53.66 22.37 32.06
C GLU H 546 53.10 21.23 32.88
N SER H 547 53.97 20.54 33.57
CA SER H 547 53.58 19.51 34.50
C SER H 547 54.74 19.36 35.46
N VAL H 548 54.48 18.69 36.57
CA VAL H 548 55.58 18.36 37.44
C VAL H 548 55.08 17.21 38.29
N ALA H 549 55.98 16.52 38.95
CA ALA H 549 55.63 15.57 39.97
C ALA H 549 56.78 15.57 40.93
N LYS H 550 56.53 15.31 42.19
CA LYS H 550 57.64 15.26 43.11
C LYS H 550 57.22 14.52 44.36
N VAL H 551 58.07 14.52 45.36
CA VAL H 551 57.89 13.64 46.51
C VAL H 551 56.77 13.86 47.52
N PRO H 552 56.40 15.10 47.88
CA PRO H 552 56.60 16.53 47.83
C PRO H 552 57.70 17.22 48.58
N LEU H 553 58.01 16.79 49.79
CA LEU H 553 58.74 17.72 50.65
C LEU H 553 60.18 17.89 50.18
N LEU H 554 60.76 16.86 49.59
CA LEU H 554 62.14 16.88 49.14
C LEU H 554 62.31 17.56 47.79
N GLY H 555 61.26 17.67 47.00
CA GLY H 555 61.40 18.32 45.73
C GLY H 555 61.64 19.80 45.79
N ASP H 556 61.61 20.40 46.97
CA ASP H 556 61.74 21.84 47.08
C ASP H 556 63.14 22.30 47.48
N ILE H 557 64.06 21.39 47.76
CA ILE H 557 65.41 21.88 48.07
C ILE H 557 65.99 22.55 46.83
N PRO H 558 66.61 23.72 46.94
CA PRO H 558 66.98 24.47 45.73
C PRO H 558 68.09 23.83 44.91
N LEU H 559 68.88 22.93 45.48
CA LEU H 559 69.93 22.25 44.73
C LEU H 559 69.54 20.83 44.35
N ILE H 560 69.35 19.97 45.34
CA ILE H 560 69.20 18.53 45.12
C ILE H 560 67.73 18.22 44.88
N GLY H 561 66.91 19.25 44.79
CA GLY H 561 65.51 19.01 44.47
C GLY H 561 65.35 18.22 43.21
N ASN H 562 66.13 18.55 42.18
CA ASN H 562 65.93 17.98 40.85
C ASN H 562 66.08 16.47 40.83
N LEU H 563 66.65 15.87 41.85
CA LEU H 563 66.74 14.42 41.85
C LEU H 563 65.38 13.78 42.05
N PHE H 564 64.47 14.49 42.71
CA PHE H 564 63.19 13.94 43.08
C PHE H 564 62.01 14.35 42.20
N LYS H 565 62.24 15.10 41.13
CA LYS H 565 61.18 15.68 40.33
C LYS H 565 61.12 15.04 38.97
N SER H 566 59.98 15.15 38.32
CA SER H 566 59.86 14.83 36.91
C SER H 566 59.04 15.90 36.24
N THR H 567 59.63 16.60 35.29
CA THR H 567 59.01 17.77 34.69
C THR H 567 58.74 17.52 33.23
N ALA H 568 57.68 18.13 32.70
CA ALA H 568 57.43 18.11 31.27
C ALA H 568 56.92 19.46 30.84
N ASP H 569 57.57 20.11 29.90
CA ASP H 569 57.14 21.41 29.44
C ASP H 569 56.71 21.32 28.00
N LYS H 570 55.96 22.29 27.55
CA LYS H 570 55.52 22.26 26.18
C LYS H 570 55.29 23.69 25.75
N LYS H 571 55.51 23.95 24.49
CA LYS H 571 55.27 25.25 23.91
C LYS H 571 54.90 25.01 22.47
N GLU H 572 53.99 25.79 21.95
CA GLU H 572 53.49 25.47 20.63
C GLU H 572 52.97 26.74 20.02
N LYS H 573 53.00 26.82 18.71
CA LYS H 573 52.54 28.04 18.09
C LYS H 573 52.12 27.74 16.68
N ARG H 574 51.18 28.51 16.16
CA ARG H 574 50.72 28.29 14.81
C ARG H 574 50.18 29.61 14.28
N ASN H 575 50.30 29.82 13.00
CA ASN H 575 49.74 31.01 12.40
C ASN H 575 49.20 30.63 11.05
N LEU H 576 47.95 30.90 10.77
CA LEU H 576 47.47 30.86 9.42
C LEU H 576 47.15 32.26 8.96
N MET H 577 47.20 32.43 7.66
CA MET H 577 46.62 33.59 7.06
C MET H 577 46.15 33.14 5.71
N VAL H 578 45.12 33.77 5.20
CA VAL H 578 44.69 33.58 3.84
C VAL H 578 44.51 34.96 3.26
N PHE H 579 45.14 35.21 2.13
CA PHE H 579 45.06 36.50 1.50
C PHE H 579 44.41 36.30 0.16
N ILE H 580 43.99 37.37 -0.48
CA ILE H 580 43.52 37.20 -1.83
C ILE H 580 43.85 38.45 -2.60
N ARG H 581 44.36 38.28 -3.80
CA ARG H 581 44.67 39.40 -4.68
C ARG H 581 43.91 39.28 -5.98
N PRO H 582 42.91 40.11 -6.25
CA PRO H 582 42.30 40.13 -7.57
C PRO H 582 43.16 40.86 -8.57
N THR H 583 42.84 40.66 -9.84
CA THR H 583 43.44 41.42 -10.91
C THR H 583 42.42 41.45 -12.02
N ILE H 584 42.30 42.59 -12.69
CA ILE H 584 41.28 42.77 -13.71
C ILE H 584 41.96 42.81 -15.06
N LEU H 585 41.52 41.95 -15.95
CA LEU H 585 42.03 41.87 -17.30
C LEU H 585 40.93 42.41 -18.20
N ARG H 586 41.11 43.63 -18.70
CA ARG H 586 40.08 44.29 -19.50
C ARG H 586 40.37 44.19 -21.00
N ASP H 587 41.50 44.74 -21.41
CA ASP H 587 41.89 44.69 -22.81
C ASP H 587 42.11 43.25 -23.23
N GLY H 588 42.01 43.03 -24.53
CA GLY H 588 42.57 41.80 -25.08
C GLY H 588 44.06 41.69 -24.80
N MET H 589 44.74 42.82 -24.65
CA MET H 589 46.14 42.83 -24.33
C MET H 589 46.42 42.63 -22.85
N ALA H 590 45.43 42.87 -21.99
CA ALA H 590 45.63 42.67 -20.56
C ALA H 590 45.66 41.19 -20.22
N ALA H 591 44.90 40.36 -20.94
CA ALA H 591 44.90 38.93 -20.68
C ALA H 591 46.23 38.30 -21.06
N ASP H 592 46.95 38.89 -21.99
CA ASP H 592 48.23 38.37 -22.45
C ASP H 592 49.40 38.95 -21.67
N GLY H 593 49.15 39.92 -20.80
CA GLY H 593 50.20 40.41 -19.93
C GLY H 593 50.42 39.52 -18.73
N VAL H 594 49.33 39.08 -18.11
CA VAL H 594 49.43 38.18 -16.98
C VAL H 594 49.76 36.78 -17.44
N SER H 595 49.04 36.28 -18.44
CA SER H 595 49.25 34.92 -18.84
C SER H 595 50.53 34.72 -19.61
N GLN H 596 51.16 35.78 -20.08
CA GLN H 596 52.47 35.61 -20.69
C GLN H 596 53.58 35.57 -19.68
N ARG H 597 53.45 36.25 -18.55
CA ARG H 597 54.54 36.19 -17.60
C ARG H 597 54.50 34.94 -16.75
N LYS H 598 53.33 34.35 -16.53
CA LYS H 598 53.32 33.05 -15.89
C LYS H 598 53.79 31.95 -16.82
N TYR H 599 53.62 32.13 -18.12
CA TYR H 599 54.19 31.17 -19.05
C TYR H 599 55.70 31.22 -19.01
N ASN H 600 56.27 32.38 -19.24
CA ASN H 600 57.72 32.49 -19.19
C ASN H 600 58.27 32.20 -17.81
N TYR H 601 57.44 32.10 -16.79
CA TYR H 601 57.94 31.66 -15.50
C TYR H 601 58.03 30.15 -15.44
N MET H 602 57.03 29.43 -15.96
CA MET H 602 57.11 27.98 -16.01
C MET H 602 58.13 27.52 -17.00
N ARG H 603 58.33 28.26 -18.08
CA ARG H 603 59.29 27.81 -19.06
C ARG H 603 60.70 28.05 -18.59
N ALA H 604 60.88 28.89 -17.58
CA ALA H 604 62.20 29.02 -17.01
C ALA H 604 62.44 28.06 -15.86
N GLU H 605 61.40 27.41 -15.37
CA GLU H 605 61.60 26.26 -14.48
C GLU H 605 62.04 25.05 -15.26
N GLN H 606 61.43 24.84 -16.42
CA GLN H 606 61.72 23.66 -17.22
C GLN H 606 63.02 23.78 -17.98
N ILE H 607 63.55 24.97 -18.12
CA ILE H 607 64.89 25.08 -18.69
C ILE H 607 65.93 24.83 -17.63
N TYR H 608 65.75 25.37 -16.43
CA TYR H 608 66.70 25.12 -15.38
C TYR H 608 66.65 23.67 -14.92
N ARG H 609 65.48 23.05 -14.99
CA ARG H 609 65.40 21.62 -14.78
C ARG H 609 66.11 20.87 -15.88
N ASP H 610 66.15 21.43 -17.08
CA ASP H 610 66.81 20.80 -18.22
C ASP H 610 68.31 21.05 -18.22
N GLU H 611 68.74 22.25 -17.85
CA GLU H 611 70.17 22.54 -17.86
C GLU H 611 70.94 21.57 -16.99
N GLN H 612 70.38 21.16 -15.87
CA GLN H 612 70.96 20.09 -15.09
C GLN H 612 70.15 18.84 -15.43
N GLY H 613 70.74 17.98 -16.23
CA GLY H 613 69.96 17.00 -16.95
C GLY H 613 69.57 15.84 -16.08
N LEU H 614 68.94 14.88 -16.72
CA LEU H 614 68.87 13.55 -16.15
C LEU H 614 70.28 13.02 -16.06
N SER H 615 70.70 12.63 -14.86
CA SER H 615 72.13 12.46 -14.62
C SER H 615 72.65 11.16 -15.23
N LEU H 616 71.88 10.09 -15.16
CA LEU H 616 72.34 8.83 -15.71
C LEU H 616 72.28 8.85 -17.23
N MET H 617 71.16 9.26 -17.79
CA MET H 617 71.08 9.37 -19.24
C MET H 617 71.36 10.79 -19.67
N PRO H 618 72.52 11.10 -20.24
CA PRO H 618 72.60 12.32 -21.03
C PRO H 618 72.35 11.97 -22.49
N HIS H 619 72.24 12.96 -23.37
CA HIS H 619 71.88 14.29 -22.97
C HIS H 619 70.37 14.26 -22.78
N THR H 620 69.68 13.70 -23.78
CA THR H 620 68.30 13.23 -23.66
C THR H 620 67.35 14.34 -23.21
N ALA H 621 67.12 15.26 -24.14
CA ALA H 621 65.84 15.96 -24.23
C ALA H 621 65.35 16.56 -22.93
N GLN H 622 64.26 15.99 -22.43
CA GLN H 622 63.40 16.36 -21.31
C GLN H 622 62.43 17.44 -21.78
N PRO H 623 61.17 17.43 -21.31
CA PRO H 623 60.19 18.33 -21.90
C PRO H 623 60.45 19.77 -21.49
N VAL H 624 60.39 20.66 -22.47
CA VAL H 624 60.42 22.09 -22.20
C VAL H 624 59.29 22.68 -23.02
N LEU H 625 58.84 23.74 -22.60
CA LEU H 625 57.62 24.31 -23.11
C LEU H 625 57.94 25.25 -24.24
N PRO H 626 57.22 25.22 -25.36
CA PRO H 626 57.66 25.93 -26.57
C PRO H 626 57.86 27.41 -26.30
N ALA H 627 58.79 28.01 -27.02
CA ALA H 627 59.04 29.43 -26.84
C ALA H 627 57.91 30.25 -27.44
N GLN H 628 57.84 31.50 -27.03
CA GLN H 628 56.95 32.47 -27.65
C GLN H 628 57.74 33.42 -28.53
N ASN H 629 57.18 33.74 -29.69
CA ASN H 629 57.88 34.53 -30.71
C ASN H 629 59.17 33.84 -31.13
N GLN H 630 59.06 32.58 -31.53
CA GLN H 630 60.20 31.85 -32.07
C GLN H 630 60.79 32.53 -33.29
N ALA H 631 60.02 33.37 -33.98
CA ALA H 631 60.36 33.96 -35.27
C ALA H 631 60.64 32.82 -36.25
N LEU H 632 61.62 32.96 -37.09
CA LEU H 632 61.84 32.04 -38.20
C LEU H 632 62.98 31.09 -37.90
N PRO H 633 62.80 29.79 -38.14
CA PRO H 633 63.92 28.87 -38.03
C PRO H 633 65.04 29.28 -38.95
N PRO H 634 66.28 28.86 -38.67
CA PRO H 634 67.41 29.36 -39.46
C PRO H 634 67.32 29.00 -40.93
N GLU H 635 66.84 27.81 -41.26
CA GLU H 635 66.79 27.44 -42.68
C GLU H 635 65.62 28.11 -43.38
N VAL H 636 64.50 28.32 -42.67
CA VAL H 636 63.41 29.08 -43.24
C VAL H 636 63.85 30.51 -43.50
N ARG H 637 64.80 31.00 -42.71
CA ARG H 637 65.31 32.35 -42.89
C ARG H 637 65.89 32.54 -44.28
N ALA H 638 66.69 31.58 -44.74
CA ALA H 638 67.35 31.70 -46.03
C ALA H 638 66.36 31.69 -47.20
N PHE H 639 65.32 30.87 -47.12
CA PHE H 639 64.35 30.77 -48.21
C PHE H 639 63.76 32.13 -48.58
N LEU H 640 63.65 33.04 -47.61
CA LEU H 640 63.23 34.40 -47.92
C LEU H 640 64.27 35.12 -48.75
N ASN H 641 65.55 34.93 -48.41
CA ASN H 641 66.62 35.69 -49.05
C ASN H 641 66.87 35.25 -50.49
N ALA H 642 66.23 34.18 -50.95
CA ALA H 642 66.34 33.81 -52.35
C ALA H 642 65.15 34.35 -53.13
N GLY H 643 63.98 33.76 -52.91
CA GLY H 643 62.78 34.15 -53.63
C GLY H 643 62.30 35.53 -53.30
N GLY I 100 -57.26 41.05 -87.55
CA GLY I 100 -57.91 42.35 -87.66
C GLY I 100 -58.99 42.55 -86.61
N ASP I 101 -60.23 42.69 -87.08
CA ASP I 101 -61.39 42.80 -86.22
C ASP I 101 -62.08 41.46 -85.98
N GLU I 102 -61.54 40.38 -86.54
CA GLU I 102 -62.18 39.08 -86.42
C GLU I 102 -62.20 38.60 -84.98
N MET I 103 -63.38 38.26 -84.48
CA MET I 103 -63.54 37.75 -83.12
C MET I 103 -63.22 36.26 -83.11
N VAL I 104 -62.18 35.88 -82.36
CA VAL I 104 -61.76 34.49 -82.21
C VAL I 104 -61.21 34.27 -80.81
N THR I 105 -60.99 33.01 -80.45
CA THR I 105 -60.24 32.62 -79.28
C THR I 105 -58.90 32.03 -79.71
N LYS I 106 -57.87 32.20 -78.87
CA LYS I 106 -56.55 31.70 -79.18
C LYS I 106 -55.89 31.15 -77.93
N VAL I 107 -54.96 30.22 -78.11
CA VAL I 107 -54.24 29.54 -77.04
C VAL I 107 -52.81 30.04 -77.03
N VAL I 108 -52.38 30.62 -75.92
CA VAL I 108 -50.99 31.02 -75.72
C VAL I 108 -50.41 30.29 -74.52
N PRO I 109 -49.53 29.32 -74.71
CA PRO I 109 -48.76 28.79 -73.57
C PRO I 109 -47.70 29.78 -73.12
N VAL I 110 -47.63 30.01 -71.81
CA VAL I 110 -46.60 30.86 -71.23
C VAL I 110 -45.68 29.96 -70.45
N ARG I 111 -44.46 29.77 -70.95
CA ARG I 111 -43.56 28.75 -70.42
C ARG I 111 -42.68 29.32 -69.32
N ASN I 112 -41.70 30.16 -69.68
CA ASN I 112 -40.73 30.65 -68.72
C ASN I 112 -41.29 31.75 -67.82
N VAL I 113 -42.27 32.52 -68.31
CA VAL I 113 -42.74 33.72 -67.65
C VAL I 113 -43.84 33.34 -66.65
N SER I 114 -43.84 34.01 -65.50
CA SER I 114 -44.99 33.90 -64.62
C SER I 114 -46.18 34.59 -65.27
N VAL I 115 -47.28 33.85 -65.43
CA VAL I 115 -48.42 34.34 -66.21
C VAL I 115 -49.00 35.61 -65.60
N ARG I 116 -48.88 35.80 -64.30
CA ARG I 116 -49.37 37.03 -63.70
C ARG I 116 -48.36 38.16 -63.76
N GLU I 117 -47.10 37.87 -64.10
CA GLU I 117 -46.18 38.97 -64.42
C GLU I 117 -46.71 39.77 -65.59
N LEU I 118 -47.47 39.14 -66.46
CA LEU I 118 -48.00 39.76 -67.67
C LEU I 118 -49.36 40.38 -67.46
N ALA I 119 -49.84 40.42 -66.22
CA ALA I 119 -51.09 41.12 -65.92
C ALA I 119 -51.12 42.54 -66.44
N PRO I 120 -50.11 43.39 -66.23
CA PRO I 120 -50.23 44.78 -66.71
C PRO I 120 -50.33 44.92 -68.22
N ILE I 121 -49.42 44.29 -68.96
CA ILE I 121 -49.24 44.67 -70.36
C ILE I 121 -50.31 44.04 -71.25
N LEU I 122 -50.82 42.88 -70.87
CA LEU I 122 -51.84 42.24 -71.67
C LEU I 122 -53.19 42.90 -71.45
N ARG I 123 -53.49 43.26 -70.20
CA ARG I 123 -54.75 43.91 -69.89
C ARG I 123 -54.71 45.39 -70.25
N GLN I 124 -53.54 46.03 -70.14
CA GLN I 124 -53.43 47.43 -70.57
C GLN I 124 -53.63 47.55 -72.08
N MET I 125 -53.48 46.46 -72.83
CA MET I 125 -53.82 46.49 -74.24
C MET I 125 -55.32 46.62 -74.44
N ILE I 126 -56.10 46.01 -73.54
CA ILE I 126 -57.56 46.09 -73.59
C ILE I 126 -58.03 47.54 -73.46
N ASP I 127 -57.25 48.36 -72.76
CA ASP I 127 -57.48 49.80 -72.76
C ASP I 127 -57.47 50.36 -74.17
N SER I 128 -56.41 50.05 -74.93
CA SER I 128 -56.29 50.48 -76.31
C SER I 128 -57.10 49.61 -77.25
N ALA I 129 -57.11 48.30 -77.02
CA ALA I 129 -57.85 47.40 -77.91
C ALA I 129 -59.35 47.59 -77.80
N GLY I 130 -59.84 47.98 -76.62
CA GLY I 130 -61.27 48.09 -76.42
C GLY I 130 -61.93 46.78 -76.05
N SER I 131 -63.14 46.58 -76.57
CA SER I 131 -63.94 45.41 -76.20
C SER I 131 -63.56 44.20 -77.05
N GLY I 132 -64.21 43.08 -76.77
CA GLY I 132 -64.07 41.86 -77.53
C GLY I 132 -62.89 41.00 -77.16
N ASN I 133 -61.86 41.56 -76.51
CA ASN I 133 -60.65 40.83 -76.20
C ASN I 133 -60.58 40.53 -74.71
N VAL I 134 -60.19 39.30 -74.39
CA VAL I 134 -60.11 38.83 -73.02
C VAL I 134 -58.76 38.14 -72.84
N VAL I 135 -58.11 38.41 -71.71
CA VAL I 135 -56.83 37.80 -71.38
C VAL I 135 -57.00 37.03 -70.08
N ASN I 136 -56.59 35.77 -70.07
CA ASN I 136 -56.83 34.84 -68.97
C ASN I 136 -55.50 34.40 -68.40
N TYR I 137 -55.38 34.46 -67.07
CA TYR I 137 -54.14 34.15 -66.38
C TYR I 137 -54.34 32.91 -65.52
N ASP I 138 -53.78 31.77 -65.95
CA ASP I 138 -53.99 30.55 -65.19
C ASP I 138 -52.69 30.13 -64.51
N PRO I 139 -52.69 29.94 -63.19
CA PRO I 139 -51.46 29.50 -62.50
C PRO I 139 -50.90 28.18 -63.00
N SER I 140 -51.67 27.40 -63.76
CA SER I 140 -51.13 26.26 -64.50
C SER I 140 -50.22 26.73 -65.62
N ASN I 141 -50.02 28.05 -65.73
CA ASN I 141 -48.97 28.68 -66.54
C ASN I 141 -49.25 28.59 -68.04
N VAL I 142 -50.47 28.95 -68.43
CA VAL I 142 -50.76 29.45 -69.76
C VAL I 142 -51.59 30.71 -69.62
N ILE I 143 -51.71 31.44 -70.73
CA ILE I 143 -52.52 32.65 -70.79
C ILE I 143 -53.45 32.53 -72.00
N MET I 144 -54.76 32.48 -71.72
CA MET I 144 -55.77 32.28 -72.76
C MET I 144 -56.24 33.62 -73.29
N LEU I 145 -56.01 33.84 -74.58
CA LEU I 145 -56.38 35.08 -75.25
C LEU I 145 -57.60 34.81 -76.12
N THR I 146 -58.70 35.50 -75.82
CA THR I 146 -59.92 35.37 -76.60
C THR I 146 -60.33 36.77 -77.04
N GLY I 147 -60.32 37.01 -78.35
CA GLY I 147 -60.70 38.30 -78.85
C GLY I 147 -60.33 38.48 -80.30
N ARG I 148 -60.18 39.75 -80.69
CA ARG I 148 -59.94 40.10 -82.08
C ARG I 148 -58.54 39.67 -82.51
N ALA I 149 -58.48 38.89 -83.59
CA ALA I 149 -57.28 38.14 -83.94
C ALA I 149 -56.06 39.02 -84.19
N SER I 150 -56.22 40.33 -84.36
CA SER I 150 -55.04 41.19 -84.50
C SER I 150 -54.43 41.52 -83.15
N VAL I 151 -55.25 41.83 -82.15
CA VAL I 151 -54.71 42.23 -80.86
C VAL I 151 -54.15 41.03 -80.12
N VAL I 152 -54.81 39.88 -80.22
CA VAL I 152 -54.24 38.67 -79.67
C VAL I 152 -52.92 38.35 -80.36
N GLU I 153 -52.85 38.63 -81.67
CA GLU I 153 -51.64 38.37 -82.44
C GLU I 153 -50.41 38.96 -81.76
N ARG I 154 -50.49 40.24 -81.39
CA ARG I 154 -49.37 40.89 -80.72
C ARG I 154 -49.05 40.21 -79.39
N LEU I 155 -50.08 39.78 -78.67
CA LEU I 155 -49.80 39.19 -77.37
C LEU I 155 -49.41 37.72 -77.46
N THR I 156 -49.56 37.10 -78.63
CA THR I 156 -48.74 35.95 -78.97
C THR I 156 -47.35 36.40 -79.41
N GLU I 157 -47.26 37.57 -80.05
CA GLU I 157 -45.96 38.15 -80.39
C GLU I 157 -45.22 38.61 -79.14
N VAL I 158 -45.85 39.48 -78.36
CA VAL I 158 -45.16 40.08 -77.21
C VAL I 158 -44.63 39.00 -76.28
N ILE I 159 -45.53 38.18 -75.76
CA ILE I 159 -45.16 37.24 -74.70
C ILE I 159 -44.07 36.30 -75.19
N GLN I 160 -44.31 35.61 -76.29
CA GLN I 160 -43.35 34.63 -76.78
C GLN I 160 -42.08 35.26 -77.32
N ARG I 161 -42.07 36.58 -77.51
CA ARG I 161 -40.83 37.34 -77.60
C ARG I 161 -40.29 37.70 -76.21
N VAL I 162 -41.17 38.12 -75.29
CA VAL I 162 -40.73 38.39 -73.92
C VAL I 162 -40.33 37.10 -73.23
N ASP I 163 -41.04 36.01 -73.50
CA ASP I 163 -40.68 34.72 -72.93
C ASP I 163 -39.29 34.29 -73.37
N HIS I 164 -38.78 34.87 -74.45
CA HIS I 164 -37.38 34.70 -74.82
C HIS I 164 -36.46 35.47 -73.90
N ALA I 165 -36.89 36.66 -73.46
CA ALA I 165 -35.99 37.55 -72.74
C ALA I 165 -35.50 36.93 -71.44
N GLY I 166 -36.37 36.25 -70.70
CA GLY I 166 -35.98 35.69 -69.43
C GLY I 166 -35.43 34.28 -69.52
N ASN I 167 -34.96 33.91 -70.71
CA ASN I 167 -34.54 32.53 -70.95
C ASN I 167 -33.33 32.16 -70.09
N ARG I 168 -33.45 31.07 -69.34
CA ARG I 168 -32.45 30.68 -68.36
C ARG I 168 -32.03 29.25 -68.63
N THR I 169 -30.79 29.05 -69.05
CA THR I 169 -30.24 27.75 -69.38
C THR I 169 -28.97 27.53 -68.57
N GLU I 170 -28.64 26.27 -68.33
CA GLU I 170 -27.53 25.92 -67.47
C GLU I 170 -26.46 25.18 -68.25
N GLU I 171 -25.22 25.29 -67.77
CA GLU I 171 -24.10 24.69 -68.48
C GLU I 171 -23.02 24.33 -67.47
N VAL I 172 -22.29 23.26 -67.78
CA VAL I 172 -21.28 22.72 -66.89
C VAL I 172 -19.92 23.09 -67.47
N ILE I 173 -19.18 23.92 -66.74
CA ILE I 173 -17.86 24.37 -67.15
C ILE I 173 -16.82 23.60 -66.35
N PRO I 174 -15.99 22.77 -66.97
CA PRO I 174 -14.99 22.03 -66.23
C PRO I 174 -13.89 22.94 -65.71
N LEU I 175 -13.14 22.42 -64.74
CA LEU I 175 -12.04 23.14 -64.12
C LEU I 175 -10.82 22.24 -64.05
N ASP I 176 -9.77 22.62 -64.78
CA ASP I 176 -8.57 21.79 -64.86
C ASP I 176 -7.64 21.96 -63.68
N ASN I 177 -7.57 23.16 -63.11
CA ASN I 177 -6.60 23.43 -62.05
C ASN I 177 -7.26 23.73 -60.72
N ALA I 178 -8.04 24.80 -60.61
CA ALA I 178 -8.60 25.17 -59.34
C ALA I 178 -9.68 24.19 -58.92
N SER I 179 -9.95 24.16 -57.62
CA SER I 179 -11.04 23.34 -57.09
C SER I 179 -12.37 24.02 -57.36
N ALA I 180 -13.35 23.23 -57.79
CA ALA I 180 -14.64 23.80 -58.06
C ALA I 180 -15.32 24.31 -56.79
N SER I 181 -14.95 23.79 -55.63
CA SER I 181 -15.61 24.23 -54.40
C SER I 181 -15.13 25.61 -53.96
N GLU I 182 -13.86 25.95 -54.20
CA GLU I 182 -13.43 27.33 -53.96
C GLU I 182 -14.17 28.30 -54.87
N ILE I 183 -14.03 28.10 -56.17
CA ILE I 183 -14.65 28.97 -57.17
C ILE I 183 -16.13 29.15 -56.93
N ALA I 184 -16.77 28.16 -56.33
CA ALA I 184 -18.18 28.30 -55.99
C ALA I 184 -18.40 29.20 -54.79
N ARG I 185 -17.43 29.30 -53.88
CA ARG I 185 -17.57 30.27 -52.80
C ARG I 185 -17.17 31.66 -53.26
N VAL I 186 -16.08 31.77 -54.01
CA VAL I 186 -15.63 33.08 -54.46
C VAL I 186 -16.69 33.74 -55.34
N LEU I 187 -17.07 33.07 -56.43
CA LEU I 187 -18.02 33.66 -57.36
C LEU I 187 -19.37 33.94 -56.74
N GLU I 188 -19.69 33.29 -55.62
CA GLU I 188 -20.93 33.58 -54.91
C GLU I 188 -20.73 34.61 -53.81
N SER I 189 -19.49 34.98 -53.51
CA SER I 189 -19.28 36.08 -52.58
C SER I 189 -19.41 37.43 -53.26
N LEU I 190 -19.36 37.45 -54.60
CA LEU I 190 -19.55 38.71 -55.32
C LEU I 190 -21.02 39.10 -55.37
N THR I 191 -21.91 38.12 -55.31
CA THR I 191 -23.33 38.38 -55.52
C THR I 191 -24.23 37.46 -54.72
N GLN I 205 -26.69 32.24 -59.88
CA GLN I 205 -26.68 30.92 -59.26
C GLN I 205 -25.52 30.07 -59.72
N ILE I 206 -24.72 29.59 -58.76
CA ILE I 206 -23.57 28.75 -59.03
C ILE I 206 -23.56 27.59 -58.06
N VAL I 207 -23.48 26.38 -58.59
CA VAL I 207 -23.35 25.18 -57.80
C VAL I 207 -22.20 24.37 -58.37
N ALA I 208 -21.35 23.85 -57.49
CA ALA I 208 -20.16 23.12 -57.89
C ALA I 208 -20.38 21.62 -57.78
N ASP I 209 -19.92 20.89 -58.77
CA ASP I 209 -19.98 19.43 -58.77
C ASP I 209 -18.60 18.89 -58.41
N GLU I 210 -18.54 18.07 -57.37
CA GLU I 210 -17.26 17.63 -56.84
C GLU I 210 -16.59 16.62 -57.77
N ARG I 211 -17.34 15.59 -58.19
CA ARG I 211 -16.75 14.44 -58.85
C ARG I 211 -15.96 14.84 -60.09
N THR I 212 -16.64 15.48 -61.04
CA THR I 212 -15.99 15.87 -62.29
C THR I 212 -15.20 17.15 -62.15
N ASN I 213 -15.20 17.77 -60.98
CA ASN I 213 -14.51 19.03 -60.74
C ASN I 213 -14.97 20.07 -61.75
N SER I 214 -16.25 20.43 -61.65
CA SER I 214 -16.87 21.28 -62.64
C SER I 214 -17.94 22.11 -61.97
N VAL I 215 -18.14 23.32 -62.48
CA VAL I 215 -19.04 24.29 -61.90
C VAL I 215 -20.28 24.39 -62.78
N ILE I 216 -21.45 24.18 -62.18
CA ILE I 216 -22.72 24.39 -62.85
C ILE I 216 -23.11 25.85 -62.70
N VAL I 217 -23.47 26.48 -63.81
CA VAL I 217 -23.82 27.90 -63.83
C VAL I 217 -25.18 28.05 -64.49
N SER I 218 -25.89 29.12 -64.13
CA SER I 218 -27.22 29.38 -64.67
C SER I 218 -27.45 30.87 -64.87
N GLY I 219 -28.09 31.22 -65.98
CA GLY I 219 -28.39 32.60 -66.30
C GLY I 219 -28.57 32.78 -67.80
N ASP I 220 -28.95 34.00 -68.17
CA ASP I 220 -29.12 34.32 -69.57
C ASP I 220 -27.79 34.32 -70.30
N PRO I 221 -27.79 34.16 -71.62
CA PRO I 221 -26.52 33.98 -72.34
C PRO I 221 -25.55 35.13 -72.23
N ALA I 222 -25.97 36.32 -71.78
CA ALA I 222 -25.00 37.38 -71.54
C ALA I 222 -24.30 37.20 -70.19
N THR I 223 -25.05 36.82 -69.15
CA THR I 223 -24.44 36.57 -67.85
C THR I 223 -23.58 35.32 -67.89
N ARG I 224 -24.01 34.30 -68.61
CA ARG I 224 -23.16 33.12 -68.75
C ARG I 224 -21.96 33.38 -69.63
N ASP I 225 -21.84 34.57 -70.22
CA ASP I 225 -20.59 34.96 -70.86
C ASP I 225 -19.56 35.42 -69.82
N LYS I 226 -19.98 36.28 -68.89
CA LYS I 226 -19.01 36.88 -67.98
C LYS I 226 -18.38 35.83 -67.09
N MET I 227 -19.22 35.07 -66.38
CA MET I 227 -18.69 34.01 -65.54
C MET I 227 -17.88 32.99 -66.32
N ARG I 228 -18.11 32.87 -67.62
CA ARG I 228 -17.26 31.98 -68.42
C ARG I 228 -15.91 32.61 -68.71
N ARG I 229 -15.84 33.94 -68.78
CA ARG I 229 -14.54 34.61 -68.92
C ARG I 229 -13.83 34.74 -67.59
N LEU I 230 -14.57 34.88 -66.50
CA LEU I 230 -13.93 35.03 -65.20
C LEU I 230 -13.45 33.70 -64.66
N ILE I 231 -14.10 32.59 -65.03
CA ILE I 231 -13.63 31.29 -64.62
C ILE I 231 -12.40 30.84 -65.41
N ARG I 232 -12.18 31.38 -66.60
CA ARG I 232 -10.96 31.04 -67.32
C ARG I 232 -9.72 31.64 -66.67
N ARG I 233 -9.85 32.79 -66.01
CA ARG I 233 -8.70 33.33 -65.27
C ARG I 233 -8.49 32.63 -63.95
N LEU I 234 -9.56 32.31 -63.23
CA LEU I 234 -9.36 31.62 -61.96
C LEU I 234 -8.90 30.17 -62.15
N ASP I 235 -9.01 29.63 -63.35
CA ASP I 235 -8.47 28.33 -63.68
C ASP I 235 -7.06 28.42 -64.27
N SER I 236 -6.55 29.62 -64.50
CA SER I 236 -5.23 29.76 -65.08
C SER I 236 -4.21 29.06 -64.20
N GLU I 237 -3.21 28.42 -64.82
CA GLU I 237 -2.27 27.62 -64.06
C GLU I 237 -1.34 28.51 -63.25
N MET I 238 -1.20 28.16 -61.98
CA MET I 238 -0.22 28.77 -61.10
C MET I 238 1.18 28.45 -61.57
N GLU I 239 2.10 29.39 -61.37
CA GLU I 239 3.49 29.13 -61.78
C GLU I 239 4.23 28.58 -60.59
N ARG I 240 4.38 27.25 -60.54
CA ARG I 240 5.39 26.53 -59.77
C ARG I 240 5.33 26.84 -58.27
N SER I 241 4.69 27.94 -57.89
CA SER I 241 4.79 28.48 -56.54
C SER I 241 3.41 28.41 -55.91
N GLY I 242 3.22 27.47 -55.01
CA GLY I 242 2.01 27.38 -54.24
C GLY I 242 2.19 28.11 -52.94
N ASN I 243 1.31 27.80 -51.99
CA ASN I 243 1.61 28.28 -50.66
C ASN I 243 2.71 27.48 -50.01
N SER I 244 3.15 26.38 -50.62
CA SER I 244 4.18 25.52 -50.08
C SER I 244 5.43 25.58 -50.94
N GLN I 245 6.57 25.84 -50.31
CA GLN I 245 7.86 25.74 -50.95
C GLN I 245 8.75 24.84 -50.14
N VAL I 246 9.81 24.37 -50.78
CA VAL I 246 10.75 23.44 -50.20
C VAL I 246 12.11 24.09 -50.21
N PHE I 247 12.67 24.34 -49.03
CA PHE I 247 13.97 24.97 -48.90
C PHE I 247 15.00 23.92 -48.54
N TYR I 248 15.94 23.69 -49.43
CA TYR I 248 17.08 22.85 -49.10
C TYR I 248 18.08 23.68 -48.32
N LEU I 249 18.36 23.27 -47.10
CA LEU I 249 19.25 24.04 -46.26
C LEU I 249 20.69 23.71 -46.60
N LYS I 250 21.48 24.76 -46.80
CA LYS I 250 22.86 24.56 -47.21
C LYS I 250 23.75 24.21 -46.04
N TYR I 251 23.46 24.72 -44.85
CA TYR I 251 24.32 24.46 -43.71
C TYR I 251 23.51 23.98 -42.53
N SER I 252 22.56 24.78 -42.08
CA SER I 252 21.79 24.44 -40.90
C SER I 252 21.21 23.05 -41.01
N LYS I 253 21.07 22.39 -39.88
CA LYS I 253 20.35 21.14 -39.82
C LYS I 253 18.86 21.41 -39.79
N ALA I 254 18.14 20.85 -40.76
CA ALA I 254 16.78 21.29 -41.05
C ALA I 254 15.89 21.30 -39.83
N GLU I 255 16.09 20.39 -38.90
CA GLU I 255 15.20 20.28 -37.77
C GLU I 255 15.68 21.06 -36.56
N ASP I 256 16.76 21.81 -36.69
CA ASP I 256 17.05 22.82 -35.68
C ASP I 256 16.27 24.10 -35.94
N LEU I 257 16.22 24.55 -37.19
CA LEU I 257 15.44 25.71 -37.54
C LEU I 257 13.95 25.48 -37.41
N VAL I 258 13.49 24.25 -37.23
CA VAL I 258 12.07 24.03 -37.36
C VAL I 258 11.34 24.61 -36.16
N ASP I 259 11.97 24.60 -34.98
CA ASP I 259 11.34 25.23 -33.83
C ASP I 259 11.56 26.73 -33.81
N VAL I 260 12.77 27.17 -34.15
CA VAL I 260 13.04 28.59 -34.30
C VAL I 260 12.01 29.24 -35.21
N LEU I 261 11.58 28.54 -36.25
CA LEU I 261 10.61 29.08 -37.16
C LEU I 261 9.18 28.88 -36.71
N LYS I 262 8.92 28.03 -35.73
CA LYS I 262 7.53 27.89 -35.31
C LYS I 262 7.08 29.04 -34.44
N GLN I 263 7.99 29.64 -33.67
CA GLN I 263 7.65 30.83 -32.92
C GLN I 263 7.56 32.04 -33.83
N VAL I 264 8.59 32.25 -34.65
CA VAL I 264 8.58 33.33 -35.64
C VAL I 264 7.32 33.29 -36.46
N SER I 265 6.89 32.10 -36.86
CA SER I 265 5.68 31.99 -37.65
C SER I 265 4.44 32.06 -36.78
N GLY I 266 4.56 31.70 -35.50
CA GLY I 266 3.39 31.71 -34.63
C GLY I 266 2.79 33.10 -34.48
N THR I 267 3.61 34.07 -34.08
CA THR I 267 3.15 35.41 -33.81
C THR I 267 3.18 36.30 -35.03
N LEU I 268 3.52 35.76 -36.18
CA LEU I 268 3.46 36.50 -37.43
C LEU I 268 2.12 36.34 -38.12
N THR I 269 1.27 35.44 -37.61
CA THR I 269 -0.09 35.31 -38.07
C THR I 269 -0.93 36.51 -37.63
N ILE I 285 -3.10 30.73 -41.65
CA ILE I 285 -2.45 29.70 -40.86
C ILE I 285 -1.12 29.35 -41.53
N VAL I 286 -0.19 28.83 -40.75
CA VAL I 286 1.19 28.61 -41.18
C VAL I 286 1.68 27.30 -40.60
N SER I 287 2.32 26.50 -41.44
CA SER I 287 2.88 25.23 -41.01
C SER I 287 4.32 25.12 -41.47
N ILE I 288 5.17 24.62 -40.58
CA ILE I 288 6.57 24.36 -40.88
C ILE I 288 6.83 22.89 -40.59
N ALA I 289 7.39 22.19 -41.56
CA ALA I 289 7.73 20.79 -41.39
C ALA I 289 9.10 20.54 -41.97
N ALA I 290 9.84 19.60 -41.38
CA ALA I 290 11.20 19.33 -41.76
C ALA I 290 11.37 17.85 -42.11
N SER I 291 11.90 17.59 -43.30
CA SER I 291 12.18 16.24 -43.74
C SER I 291 13.57 15.87 -43.26
N LYS I 292 13.66 14.91 -42.34
CA LYS I 292 14.98 14.54 -41.82
C LYS I 292 15.86 13.96 -42.90
N HIS I 293 15.34 12.99 -43.64
CA HIS I 293 16.17 12.30 -44.62
C HIS I 293 16.70 13.27 -45.66
N SER I 294 15.89 14.23 -46.08
CA SER I 294 16.32 15.13 -47.14
C SER I 294 16.95 16.41 -46.64
N ASN I 295 16.94 16.67 -45.33
CA ASN I 295 17.48 17.91 -44.77
C ASN I 295 16.88 19.12 -45.44
N ALA I 296 15.56 19.18 -45.46
CA ALA I 296 14.88 20.31 -46.07
C ALA I 296 13.62 20.55 -45.31
N LEU I 297 13.27 21.81 -45.14
CA LEU I 297 12.05 22.18 -44.45
C LEU I 297 11.07 22.76 -45.45
N ILE I 298 9.79 22.58 -45.15
CA ILE I 298 8.71 22.82 -46.09
C ILE I 298 7.80 23.85 -45.48
N VAL I 299 7.81 25.05 -46.04
CA VAL I 299 7.09 26.18 -45.49
C VAL I 299 5.82 26.34 -46.29
N THR I 300 4.68 26.28 -45.61
CA THR I 300 3.40 26.57 -46.23
C THR I 300 2.77 27.75 -45.52
N ALA I 301 2.64 28.86 -46.24
CA ALA I 301 2.07 30.06 -45.65
C ALA I 301 1.55 30.94 -46.79
N PRO I 302 0.83 32.01 -46.45
CA PRO I 302 0.43 32.96 -47.48
C PRO I 302 1.61 33.68 -48.09
N GLN I 303 1.36 34.32 -49.23
CA GLN I 303 2.46 34.91 -49.98
C GLN I 303 3.21 35.96 -49.18
N ASP I 304 2.57 36.58 -48.20
CA ASP I 304 3.27 37.62 -47.43
C ASP I 304 4.16 37.02 -46.35
N ILE I 305 3.65 36.06 -45.59
CA ILE I 305 4.45 35.45 -44.55
C ILE I 305 5.62 34.70 -45.16
N MET I 306 5.42 34.11 -46.33
CA MET I 306 6.50 33.39 -46.98
C MET I 306 7.69 34.29 -47.20
N GLN I 307 7.47 35.44 -47.84
CA GLN I 307 8.58 36.32 -48.16
C GLN I 307 9.31 36.79 -46.92
N SER I 308 8.65 36.80 -45.77
CA SER I 308 9.36 37.03 -44.52
C SER I 308 10.23 35.84 -44.17
N LEU I 309 9.63 34.65 -44.10
CA LEU I 309 10.37 33.47 -43.73
C LEU I 309 11.44 33.08 -44.74
N GLN I 310 11.49 33.69 -45.91
CA GLN I 310 12.62 33.42 -46.78
C GLN I 310 13.82 34.28 -46.42
N SER I 311 13.61 35.45 -45.87
CA SER I 311 14.75 36.27 -45.50
C SER I 311 15.32 35.88 -44.16
N VAL I 312 14.54 35.21 -43.32
CA VAL I 312 15.07 34.64 -42.10
C VAL I 312 15.95 33.44 -42.44
N ILE I 313 15.39 32.46 -43.13
CA ILE I 313 16.14 31.26 -43.48
C ILE I 313 17.39 31.60 -44.25
N GLU I 314 17.34 32.63 -45.08
CA GLU I 314 18.54 33.04 -45.78
C GLU I 314 19.62 33.49 -44.82
N GLN I 315 19.24 34.09 -43.70
CA GLN I 315 20.20 34.63 -42.76
C GLN I 315 20.55 33.68 -41.61
N LEU I 316 19.82 32.59 -41.44
CA LEU I 316 20.18 31.58 -40.46
C LEU I 316 20.95 30.42 -41.05
N ASP I 317 21.17 30.44 -42.35
CA ASP I 317 21.78 29.33 -43.05
C ASP I 317 23.28 29.50 -43.20
N ILE I 318 23.87 30.48 -42.52
CA ILE I 318 25.27 30.85 -42.72
C ILE I 318 26.21 29.71 -42.32
N ARG I 319 27.45 29.82 -42.81
CA ARG I 319 28.50 28.85 -42.57
C ARG I 319 29.17 29.06 -41.22
N ARG I 320 29.41 27.98 -40.49
CA ARG I 320 29.95 28.03 -39.14
C ARG I 320 31.44 27.86 -39.15
N ALA I 321 32.12 28.55 -38.24
CA ALA I 321 33.56 28.45 -38.09
C ALA I 321 33.85 27.41 -37.02
N GLN I 322 34.95 26.71 -37.17
CA GLN I 322 35.33 25.72 -36.18
C GLN I 322 36.63 26.09 -35.50
N VAL I 323 36.78 25.63 -34.28
CA VAL I 323 37.80 26.09 -33.36
C VAL I 323 38.66 24.92 -32.97
N HIS I 324 39.95 25.13 -32.81
CA HIS I 324 40.84 24.10 -32.32
C HIS I 324 41.41 24.53 -30.99
N VAL I 325 41.03 23.84 -29.93
CA VAL I 325 41.34 24.24 -28.57
C VAL I 325 42.40 23.33 -28.01
N GLU I 326 43.60 23.85 -27.78
CA GLU I 326 44.66 23.12 -27.12
C GLU I 326 44.74 23.52 -25.67
N ALA I 327 44.96 22.57 -24.78
CA ALA I 327 45.29 22.87 -23.40
C ALA I 327 46.73 22.50 -23.19
N LEU I 328 47.40 23.13 -22.24
CA LEU I 328 48.75 22.73 -21.89
C LEU I 328 48.84 22.57 -20.40
N ILE I 329 49.05 21.36 -19.93
CA ILE I 329 49.09 21.17 -18.50
C ILE I 329 50.53 20.93 -18.09
N VAL I 330 51.15 21.88 -17.43
CA VAL I 330 52.54 21.78 -17.05
C VAL I 330 52.60 21.46 -15.57
N GLU I 331 53.55 20.64 -15.17
CA GLU I 331 53.80 20.45 -13.75
C GLU I 331 55.29 20.22 -13.52
N VAL I 332 55.87 20.94 -12.57
CA VAL I 332 57.27 20.77 -12.24
C VAL I 332 57.35 20.60 -10.73
N ALA I 333 57.68 19.41 -10.27
CA ALA I 333 57.80 19.15 -8.85
C ALA I 333 59.25 18.90 -8.49
N GLU I 334 59.64 19.34 -7.31
CA GLU I 334 60.98 19.02 -6.86
C GLU I 334 61.09 18.78 -5.37
N GLY I 335 61.38 17.56 -4.95
CA GLY I 335 61.41 17.22 -3.54
C GLY I 335 62.82 17.23 -3.00
N SER I 336 62.95 17.11 -1.69
CA SER I 336 64.23 16.86 -1.05
C SER I 336 63.91 16.40 0.37
N ASN I 337 64.84 15.74 1.02
CA ASN I 337 64.90 15.71 2.46
C ASN I 337 66.26 15.17 2.88
N ILE I 338 66.64 15.40 4.10
CA ILE I 338 67.89 14.90 4.61
C ILE I 338 67.70 14.51 6.06
N ASN I 339 68.34 13.44 6.47
CA ASN I 339 68.12 12.86 7.77
C ASN I 339 69.44 12.41 8.35
N PHE I 340 69.87 13.00 9.46
CA PHE I 340 71.13 12.61 10.05
C PHE I 340 71.12 12.55 11.56
N GLY I 341 71.40 11.42 12.18
CA GLY I 341 71.47 11.42 13.63
C GLY I 341 72.13 10.20 14.22
N VAL I 342 72.70 10.38 15.38
CA VAL I 342 73.51 9.39 16.07
C VAL I 342 72.69 8.75 17.17
N GLN I 343 72.94 7.47 17.42
CA GLN I 343 72.26 6.76 18.47
C GLN I 343 73.24 5.87 19.20
N TRP I 344 73.03 5.71 20.50
CA TRP I 344 73.87 4.86 21.31
C TRP I 344 73.03 3.78 21.92
N ALA I 345 73.71 2.78 22.46
CA ALA I 345 73.08 1.79 23.29
C ALA I 345 74.18 1.19 24.12
N SER I 346 73.82 0.43 25.13
CA SER I 346 74.83 -0.15 25.98
C SER I 346 74.21 -1.29 26.78
N LYS I 347 74.95 -1.72 27.76
CA LYS I 347 74.54 -2.70 28.75
C LYS I 347 73.49 -2.07 29.63
N ASP I 348 73.34 -2.60 30.83
CA ASP I 348 72.45 -2.02 31.84
C ASP I 348 72.65 -0.53 32.06
N ALA I 349 73.75 0.04 31.53
CA ALA I 349 74.14 1.42 31.75
C ALA I 349 73.54 2.44 30.78
N GLY I 350 72.60 2.07 29.91
CA GLY I 350 71.76 3.10 29.33
C GLY I 350 71.38 2.85 27.89
N LEU I 351 70.74 3.85 27.28
CA LEU I 351 70.61 3.96 25.84
C LEU I 351 70.30 5.40 25.47
N MET I 352 70.41 5.70 24.18
CA MET I 352 69.97 6.96 23.59
C MET I 352 69.28 6.63 22.30
N GLN I 353 68.06 7.08 22.12
CA GLN I 353 67.25 6.60 21.02
C GLN I 353 66.42 7.75 20.49
N PHE I 354 66.33 7.88 19.17
CA PHE I 354 65.57 8.97 18.58
C PHE I 354 64.61 8.43 17.54
N ALA I 355 63.37 8.91 17.57
CA ALA I 355 62.27 8.39 16.76
C ALA I 355 62.05 9.17 15.48
N ASN I 356 62.93 10.13 15.15
CA ASN I 356 62.78 10.83 13.89
C ASN I 356 62.92 9.86 12.73
N GLY I 357 62.40 10.25 11.58
CA GLY I 357 62.47 9.38 10.42
C GLY I 357 61.58 8.16 10.59
N THR I 358 61.72 7.05 9.85
CA THR I 358 62.67 6.71 8.77
C THR I 358 64.06 6.42 9.31
N GLN I 359 64.33 6.83 10.53
CA GLN I 359 65.59 6.55 11.19
C GLN I 359 65.32 5.45 12.20
N ILE I 360 65.75 4.23 11.91
CA ILE I 360 65.26 3.08 12.67
C ILE I 360 65.88 3.09 14.06
N PRO I 361 65.09 2.93 15.11
CA PRO I 361 65.59 3.17 16.46
C PRO I 361 66.45 2.03 16.96
N ILE I 362 67.44 2.40 17.76
CA ILE I 362 68.45 1.44 18.18
C ILE I 362 67.94 0.51 19.24
N GLY I 363 66.88 0.86 19.95
CA GLY I 363 66.33 -0.07 20.90
C GLY I 363 65.72 -1.24 20.17
N THR I 364 64.77 -0.97 19.29
CA THR I 364 64.10 -2.07 18.62
C THR I 364 65.01 -2.79 17.65
N LEU I 365 66.17 -2.22 17.33
CA LEU I 365 67.18 -2.97 16.60
C LEU I 365 67.88 -3.97 17.51
N GLY I 366 68.42 -3.48 18.63
CA GLY I 366 69.17 -4.34 19.53
C GLY I 366 68.38 -5.52 20.04
N ALA I 367 67.05 -5.46 19.98
CA ALA I 367 66.26 -6.64 20.27
C ALA I 367 66.28 -7.59 19.08
N ALA I 368 65.95 -7.08 17.89
CA ALA I 368 65.87 -7.93 16.72
C ALA I 368 67.19 -8.61 16.42
N ILE I 369 68.31 -8.05 16.86
CA ILE I 369 69.56 -8.76 16.73
C ILE I 369 69.59 -9.93 17.70
N SER I 370 69.11 -9.74 18.92
CA SER I 370 69.24 -10.79 19.91
C SER I 370 68.20 -11.89 19.71
N GLN I 371 67.00 -11.55 19.25
CA GLN I 371 66.08 -12.61 18.85
C GLN I 371 66.57 -13.37 17.63
N ALA I 372 67.63 -12.91 16.99
CA ALA I 372 68.18 -13.59 15.83
C ALA I 372 69.36 -14.47 16.19
N LYS I 373 69.69 -14.60 17.44
CA LYS I 373 70.82 -15.47 17.73
C LYS I 373 70.39 -16.92 17.63
N PRO I 374 71.30 -17.81 17.27
CA PRO I 374 70.97 -19.23 17.23
C PRO I 374 70.73 -19.76 18.63
N GLN I 375 69.62 -20.46 18.82
CA GLN I 375 69.30 -21.03 20.12
C GLN I 375 69.73 -22.49 20.13
N LYS I 376 70.73 -22.79 20.96
CA LYS I 376 71.28 -24.13 20.97
C LYS I 376 70.29 -25.06 21.62
N GLY I 377 69.83 -26.04 20.87
CA GLY I 377 68.84 -26.97 21.36
C GLY I 377 69.46 -28.26 21.81
N SER I 378 68.71 -29.00 22.61
CA SER I 378 68.97 -30.40 22.91
C SER I 378 67.63 -30.98 23.34
N THR I 379 67.47 -32.28 23.14
CA THR I 379 66.24 -32.92 23.58
C THR I 379 66.54 -34.28 24.19
N VAL I 380 66.13 -34.47 25.43
CA VAL I 380 66.34 -35.71 26.18
C VAL I 380 65.19 -35.84 27.16
N ILE I 381 64.75 -37.08 27.36
CA ILE I 381 63.74 -37.50 28.33
C ILE I 381 62.68 -36.44 28.60
N ILE I 389 70.65 -35.18 20.93
CA ILE I 389 70.97 -34.44 19.71
C ILE I 389 71.80 -33.21 19.96
N ASN I 390 72.35 -32.68 18.87
CA ASN I 390 73.05 -31.40 18.90
C ASN I 390 72.71 -30.61 17.64
N PRO I 391 71.44 -30.34 17.39
CA PRO I 391 71.07 -29.39 16.35
C PRO I 391 71.22 -27.98 16.88
N ASP I 392 71.22 -27.03 15.96
CA ASP I 392 71.08 -25.63 16.32
C ASP I 392 69.98 -25.05 15.45
N THR I 393 68.88 -24.63 16.07
CA THR I 393 67.76 -24.06 15.33
C THR I 393 68.15 -22.82 14.55
N ASN I 394 69.33 -22.28 14.81
CA ASN I 394 69.81 -21.04 14.22
C ASN I 394 68.79 -19.95 14.56
N GLY I 395 68.51 -19.01 13.66
CA GLY I 395 67.69 -17.88 13.97
C GLY I 395 66.32 -17.93 13.31
N ASP I 396 65.55 -16.90 13.61
CA ASP I 396 64.43 -16.49 12.78
C ASP I 396 64.59 -15.00 12.52
N LEU I 397 64.90 -14.66 11.28
CA LEU I 397 65.19 -13.28 10.92
C LEU I 397 63.96 -12.51 10.52
N SER I 398 62.77 -13.10 10.68
CA SER I 398 61.54 -12.37 10.39
C SER I 398 61.53 -11.02 11.08
N THR I 399 62.00 -10.95 12.32
CA THR I 399 61.94 -9.69 13.04
C THR I 399 62.96 -8.70 12.50
N LEU I 400 64.20 -9.15 12.30
CA LEU I 400 65.24 -8.24 11.87
C LEU I 400 65.01 -7.77 10.45
N ALA I 401 64.59 -8.66 9.57
CA ALA I 401 64.33 -8.26 8.20
C ALA I 401 63.06 -7.43 8.05
N GLN I 402 62.28 -7.28 9.10
CA GLN I 402 61.14 -6.39 9.00
C GLN I 402 61.54 -4.93 9.24
N LEU I 403 62.50 -4.69 10.13
CA LEU I 403 63.07 -3.35 10.23
C LEU I 403 63.63 -2.91 8.89
N LEU I 404 64.51 -3.71 8.33
CA LEU I 404 65.23 -3.36 7.13
C LEU I 404 64.35 -3.34 5.90
N SER I 405 63.07 -3.70 6.01
CA SER I 405 62.21 -3.82 4.84
C SER I 405 62.17 -2.51 4.07
N GLY I 406 61.76 -1.43 4.72
CA GLY I 406 61.66 -0.15 4.06
C GLY I 406 62.81 0.79 4.32
N PHE I 407 63.79 0.38 5.12
CA PHE I 407 64.90 1.23 5.47
C PHE I 407 65.69 1.63 4.23
N SER I 408 66.23 2.85 4.25
CA SER I 408 66.98 3.38 3.13
C SER I 408 68.08 4.27 3.67
N GLY I 409 69.26 4.18 3.09
CA GLY I 409 70.37 5.02 3.48
C GLY I 409 71.28 4.38 4.49
N THR I 410 72.39 5.04 4.74
CA THR I 410 73.43 4.52 5.61
C THR I 410 72.91 4.13 6.98
N ALA I 411 73.45 3.04 7.51
CA ALA I 411 73.54 2.83 8.95
C ALA I 411 74.92 2.28 9.21
N VAL I 412 75.77 3.05 9.87
CA VAL I 412 77.09 2.60 10.24
C VAL I 412 77.07 2.34 11.73
N GLY I 413 77.82 1.34 12.17
CA GLY I 413 77.71 0.98 13.57
C GLY I 413 79.00 0.49 14.14
N VAL I 414 78.98 0.34 15.46
CA VAL I 414 79.97 -0.44 16.17
C VAL I 414 79.14 -1.35 17.06
N VAL I 415 79.09 -2.63 16.77
CA VAL I 415 78.42 -3.55 17.68
C VAL I 415 79.51 -4.47 18.22
N LYS I 416 79.93 -4.20 19.46
CA LYS I 416 80.90 -5.04 20.14
C LYS I 416 80.58 -4.99 21.62
N GLY I 417 80.48 -6.16 22.26
CA GLY I 417 80.11 -6.19 23.66
C GLY I 417 78.74 -5.60 23.94
N ASP I 418 77.80 -5.74 23.01
CA ASP I 418 76.40 -5.37 23.15
C ASP I 418 76.17 -3.87 23.23
N TRP I 419 77.22 -3.09 23.48
CA TRP I 419 77.09 -1.65 23.38
C TRP I 419 77.36 -1.28 21.93
N MET I 420 76.65 -0.27 21.45
CA MET I 420 76.74 0.07 20.05
C MET I 420 76.50 1.54 19.85
N ALA I 421 77.03 2.06 18.74
CA ALA I 421 76.80 3.44 18.32
C ALA I 421 76.47 3.40 16.84
N LEU I 422 75.28 3.83 16.49
CA LEU I 422 74.73 3.58 15.15
C LEU I 422 74.42 4.91 14.49
N VAL I 423 75.20 5.28 13.48
CA VAL I 423 75.13 6.60 12.87
C VAL I 423 74.39 6.49 11.56
N GLN I 424 73.17 7.00 11.49
CA GLN I 424 72.36 6.85 10.29
C GLN I 424 72.27 8.17 9.56
N ALA I 425 72.35 8.13 8.24
CA ALA I 425 72.23 9.34 7.45
C ALA I 425 71.75 9.00 6.05
N VAL I 426 71.00 9.90 5.41
CA VAL I 426 70.52 9.69 4.06
C VAL I 426 70.20 11.06 3.49
N LYS I 427 70.17 11.18 2.18
CA LYS I 427 69.62 12.36 1.54
C LYS I 427 68.80 11.95 0.34
N ASN I 428 67.49 12.06 0.44
CA ASN I 428 66.63 11.72 -0.66
C ASN I 428 66.36 12.96 -1.47
N ASP I 429 66.44 12.83 -2.76
CA ASP I 429 66.23 13.96 -3.63
C ASP I 429 65.48 13.51 -4.86
N SER I 430 64.33 14.07 -5.15
CA SER I 430 63.60 13.67 -6.34
C SER I 430 63.42 14.86 -7.25
N SER I 431 62.73 14.64 -8.34
CA SER I 431 62.38 15.67 -9.29
C SER I 431 61.26 15.12 -10.15
N SER I 432 60.61 16.00 -10.87
CA SER I 432 59.65 15.56 -11.87
C SER I 432 59.44 16.67 -12.87
N ASN I 433 58.99 16.27 -14.04
CA ASN I 433 58.64 17.25 -15.04
C ASN I 433 57.58 16.62 -15.90
N VAL I 434 56.50 17.30 -16.20
CA VAL I 434 55.41 16.70 -16.95
C VAL I 434 54.85 17.76 -17.87
N LEU I 435 54.56 17.39 -19.10
CA LEU I 435 53.88 18.31 -19.97
C LEU I 435 52.86 17.52 -20.78
N SER I 436 51.59 17.75 -20.59
CA SER I 436 50.61 17.05 -21.38
C SER I 436 49.67 18.05 -22.01
N THR I 437 49.27 17.80 -23.22
CA THR I 437 48.57 18.78 -24.00
C THR I 437 47.45 18.23 -24.85
N PRO I 438 46.31 17.90 -24.26
CA PRO I 438 45.17 17.41 -25.04
C PRO I 438 44.57 18.51 -25.87
N SER I 439 43.96 18.14 -26.98
CA SER I 439 43.36 19.13 -27.85
C SER I 439 42.20 18.53 -28.60
N ILE I 440 41.19 19.34 -28.87
CA ILE I 440 39.95 18.88 -29.49
C ILE I 440 39.56 19.90 -30.54
N THR I 441 38.74 19.50 -31.49
CA THR I 441 38.28 20.37 -32.55
C THR I 441 36.78 20.29 -32.65
N THR I 442 36.10 21.43 -32.56
CA THR I 442 34.66 21.46 -32.54
C THR I 442 34.19 22.49 -33.55
N LEU I 443 32.92 22.43 -33.87
CA LEU I 443 32.31 23.62 -34.44
C LEU I 443 32.06 24.64 -33.36
N ASP I 444 31.90 25.88 -33.79
CA ASP I 444 31.42 26.92 -32.91
C ASP I 444 30.13 26.50 -32.23
N ASN I 445 29.98 26.92 -30.98
CA ASN I 445 28.76 26.79 -30.19
C ASN I 445 28.39 25.36 -29.87
N GLN I 446 29.13 24.37 -30.34
CA GLN I 446 28.88 22.97 -30.05
C GLN I 446 29.88 22.51 -29.02
N GLU I 447 29.46 21.64 -28.10
CA GLU I 447 30.40 21.22 -27.05
C GLU I 447 31.09 19.93 -27.41
N ALA I 448 32.37 19.89 -27.12
CA ALA I 448 33.21 18.74 -27.39
C ALA I 448 33.66 18.13 -26.09
N PHE I 449 33.95 16.85 -26.13
CA PHE I 449 34.36 16.11 -24.97
C PHE I 449 35.51 15.24 -25.39
N PHE I 450 36.57 15.22 -24.61
CA PHE I 450 37.73 14.44 -24.96
C PHE I 450 38.28 13.77 -23.72
N MET I 451 38.28 12.45 -23.67
CA MET I 451 38.80 11.75 -22.51
C MET I 451 39.85 10.77 -22.95
N VAL I 452 41.00 10.79 -22.28
CA VAL I 452 41.99 9.73 -22.41
C VAL I 452 42.28 9.28 -21.01
N GLY I 453 41.89 8.06 -20.67
CA GLY I 453 41.87 7.70 -19.29
C GLY I 453 41.49 6.26 -19.15
N GLN I 454 40.94 5.91 -18.01
CA GLN I 454 40.41 4.58 -17.82
C GLN I 454 39.16 4.67 -16.97
N ASP I 455 38.35 3.64 -17.04
CA ASP I 455 37.02 3.64 -16.48
C ASP I 455 36.95 2.63 -15.36
N VAL I 456 36.85 3.11 -14.12
CA VAL I 456 37.15 2.29 -12.94
C VAL I 456 35.93 2.25 -12.02
N PRO I 457 35.62 1.12 -11.39
CA PRO I 457 34.42 1.03 -10.55
C PRO I 457 34.58 1.64 -9.16
N VAL I 458 33.52 2.28 -8.69
CA VAL I 458 33.50 2.87 -7.37
C VAL I 458 32.37 2.21 -6.60
N LEU I 459 32.55 2.08 -5.28
CA LEU I 459 31.99 0.95 -4.55
C LEU I 459 30.53 0.66 -4.83
N THR I 460 29.62 1.63 -4.86
CA THR I 460 29.54 2.76 -3.99
C THR I 460 28.07 2.68 -3.55
N GLY I 461 27.86 2.32 -2.29
CA GLY I 461 26.54 1.94 -1.82
C GLY I 461 26.55 0.55 -1.23
N THR I 474 27.18 -1.58 -4.65
CA THR I 474 26.28 -1.23 -5.72
C THR I 474 27.07 -0.79 -6.97
N VAL I 475 28.37 -0.61 -6.79
CA VAL I 475 29.35 -0.52 -7.87
C VAL I 475 28.92 0.33 -9.04
N GLU I 476 28.90 1.63 -8.88
CA GLU I 476 28.84 2.52 -10.01
C GLU I 476 30.20 2.61 -10.71
N ARG I 477 30.18 3.11 -11.95
CA ARG I 477 31.28 3.02 -12.90
C ARG I 477 31.78 4.43 -13.21
N LYS I 478 33.01 4.76 -12.78
CA LYS I 478 33.52 6.12 -12.82
C LYS I 478 34.73 6.24 -13.74
N LYS I 479 34.84 7.37 -14.42
CA LYS I 479 35.87 7.61 -15.41
C LYS I 479 36.93 8.55 -14.88
N VAL I 480 38.19 8.12 -14.94
CA VAL I 480 39.31 8.92 -14.49
C VAL I 480 40.30 9.05 -15.63
N GLY I 481 40.92 10.20 -15.74
CA GLY I 481 42.00 10.42 -16.66
C GLY I 481 41.93 11.83 -17.16
N ILE I 482 42.78 12.16 -18.13
CA ILE I 482 42.70 13.48 -18.73
C ILE I 482 41.34 13.67 -19.37
N MET I 483 40.66 14.74 -19.01
CA MET I 483 39.36 15.02 -19.56
C MET I 483 39.31 16.49 -19.87
N LEU I 484 38.78 16.83 -21.03
CA LEU I 484 38.66 18.21 -21.44
C LEU I 484 37.31 18.34 -22.08
N LYS I 485 36.49 19.26 -21.59
CA LYS I 485 35.17 19.46 -22.16
C LYS I 485 34.97 20.94 -22.36
N VAL I 486 34.87 21.38 -23.59
CA VAL I 486 34.91 22.79 -23.92
C VAL I 486 33.82 23.09 -24.92
N THR I 487 33.30 24.31 -24.88
CA THR I 487 32.22 24.72 -25.78
C THR I 487 32.35 26.17 -26.26
N PRO I 488 33.13 26.39 -27.31
CA PRO I 488 33.52 27.74 -27.67
C PRO I 488 32.43 28.52 -28.37
N GLN I 489 32.55 29.85 -28.36
CA GLN I 489 31.77 30.67 -29.26
C GLN I 489 32.60 31.86 -29.71
N ILE I 490 32.65 32.12 -31.01
CA ILE I 490 33.51 33.16 -31.52
C ILE I 490 32.82 34.52 -31.36
N ASN I 491 33.48 35.45 -30.70
CA ASN I 491 32.90 36.72 -30.31
C ASN I 491 33.13 37.83 -31.31
N GLU I 492 33.65 37.54 -32.48
CA GLU I 492 33.55 38.48 -33.59
C GLU I 492 34.50 39.65 -33.40
N GLY I 493 34.99 39.84 -32.18
CA GLY I 493 36.25 40.54 -32.12
C GLY I 493 37.41 39.65 -32.48
N ASN I 494 37.11 38.45 -32.99
CA ASN I 494 38.08 37.38 -33.21
C ASN I 494 38.64 36.87 -31.87
N ALA I 495 37.75 36.55 -30.94
CA ALA I 495 38.10 36.13 -29.59
C ALA I 495 37.15 35.05 -29.14
N VAL I 496 37.69 33.97 -28.58
CA VAL I 496 36.96 32.71 -28.59
C VAL I 496 36.01 32.44 -27.42
N GLN I 497 36.24 32.94 -26.21
CA GLN I 497 35.22 32.69 -25.18
C GLN I 497 34.90 31.23 -24.87
N MET I 498 35.77 30.53 -24.17
CA MET I 498 35.57 29.13 -23.82
C MET I 498 34.59 28.98 -22.67
N VAL I 499 34.02 27.80 -22.56
CA VAL I 499 33.42 27.33 -21.32
C VAL I 499 34.01 25.95 -21.09
N ILE I 500 34.85 25.81 -20.08
CA ILE I 500 35.82 24.74 -20.09
C ILE I 500 35.80 24.00 -18.77
N GLU I 501 35.97 22.69 -18.82
CA GLU I 501 36.21 21.88 -17.64
C GLU I 501 37.42 21.01 -17.93
N GLN I 502 38.52 21.30 -17.31
CA GLN I 502 39.70 20.48 -17.38
C GLN I 502 39.69 19.54 -16.21
N GLU I 503 40.20 18.35 -16.39
CA GLU I 503 40.34 17.46 -15.26
C GLU I 503 41.48 16.49 -15.51
N VAL I 504 42.24 16.18 -14.48
CA VAL I 504 43.31 15.20 -14.59
C VAL I 504 43.24 14.33 -13.36
N SER I 505 42.90 13.07 -13.55
CA SER I 505 42.70 12.16 -12.44
C SER I 505 43.60 10.95 -12.60
N LYS I 506 43.77 10.21 -11.53
CA LYS I 506 44.38 8.89 -11.63
C LYS I 506 44.03 8.12 -10.38
N VAL I 507 44.12 6.81 -10.46
CA VAL I 507 43.90 5.98 -9.29
C VAL I 507 45.17 5.96 -8.46
N GLU I 508 45.07 6.45 -7.24
CA GLU I 508 46.16 6.36 -6.29
C GLU I 508 45.68 5.53 -5.11
N GLY I 509 46.62 4.99 -4.36
CA GLY I 509 46.28 3.78 -3.64
C GLY I 509 45.19 3.83 -2.61
N GLN I 510 44.14 3.06 -2.88
CA GLN I 510 43.20 2.48 -1.92
C GLN I 510 42.68 3.38 -0.81
N THR I 511 42.29 2.72 0.27
CA THR I 511 41.78 3.22 1.53
C THR I 511 41.26 1.96 2.18
N SER I 512 40.70 2.03 3.38
CA SER I 512 40.06 0.83 3.91
C SER I 512 39.11 0.21 2.89
N LEU I 513 38.04 0.91 2.54
CA LEU I 513 36.92 0.32 1.83
C LEU I 513 36.87 0.58 0.32
N ASP I 514 37.80 1.31 -0.26
CA ASP I 514 37.74 1.63 -1.69
C ASP I 514 39.04 2.18 -2.22
N VAL I 515 38.99 2.69 -3.47
CA VAL I 515 40.07 3.41 -4.12
C VAL I 515 39.89 4.90 -3.91
N VAL I 516 40.98 5.58 -3.66
CA VAL I 516 41.03 7.03 -3.65
C VAL I 516 41.59 7.44 -5.00
N PHE I 517 41.09 8.53 -5.56
CA PHE I 517 41.59 9.01 -6.84
C PHE I 517 42.32 10.32 -6.62
N GLY I 518 43.54 10.41 -7.09
CA GLY I 518 44.13 11.72 -7.20
C GLY I 518 43.31 12.48 -8.21
N GLU I 519 42.96 13.72 -7.93
CA GLU I 519 42.12 14.46 -8.85
C GLU I 519 42.46 15.92 -8.79
N ARG I 520 42.64 16.56 -9.93
CA ARG I 520 42.77 18.00 -9.97
C ARG I 520 42.00 18.54 -11.14
N LYS I 521 41.00 19.36 -10.88
CA LYS I 521 40.17 19.85 -11.95
C LYS I 521 39.84 21.30 -11.74
N LEU I 522 39.57 21.97 -12.83
CA LEU I 522 39.13 23.35 -12.74
C LEU I 522 38.11 23.61 -13.81
N LYS I 523 37.00 24.21 -13.45
CA LYS I 523 35.99 24.55 -14.43
C LYS I 523 35.64 26.00 -14.31
N THR I 524 35.91 26.75 -15.35
CA THR I 524 35.90 28.19 -15.35
C THR I 524 35.26 28.63 -16.66
N THR I 525 35.32 29.93 -16.94
CA THR I 525 34.96 30.45 -18.24
C THR I 525 35.94 31.54 -18.58
N VAL I 526 36.63 31.41 -19.69
CA VAL I 526 37.69 32.33 -20.02
C VAL I 526 37.39 32.94 -21.36
N LEU I 527 38.09 34.01 -21.68
CA LEU I 527 37.91 34.73 -22.92
C LEU I 527 39.28 34.92 -23.52
N ALA I 528 39.55 34.26 -24.63
CA ALA I 528 40.89 34.22 -25.18
C ALA I 528 40.90 34.74 -26.59
N ASN I 529 41.96 35.44 -26.97
CA ASN I 529 42.08 35.90 -28.33
C ASN I 529 42.32 34.73 -29.27
N ASP I 530 42.17 34.99 -30.56
CA ASP I 530 42.19 33.95 -31.57
C ASP I 530 43.40 33.06 -31.44
N GLY I 531 44.59 33.61 -31.49
CA GLY I 531 45.74 32.76 -31.55
C GLY I 531 46.59 32.72 -30.31
N GLU I 532 46.06 33.21 -29.20
CA GLU I 532 46.89 33.55 -28.06
C GLU I 532 46.47 32.79 -26.82
N LEU I 533 47.33 32.83 -25.83
CA LEU I 533 47.44 31.83 -24.78
C LEU I 533 47.02 32.47 -23.47
N ILE I 534 45.96 31.97 -22.88
CA ILE I 534 45.49 32.50 -21.61
C ILE I 534 45.66 31.43 -20.55
N VAL I 535 45.98 31.84 -19.32
CA VAL I 535 46.20 30.93 -18.22
C VAL I 535 44.90 30.67 -17.49
N LEU I 536 44.52 29.40 -17.37
CA LEU I 536 43.29 29.09 -16.65
C LEU I 536 43.48 29.04 -15.16
N GLY I 537 44.57 28.46 -14.69
CA GLY I 537 44.62 28.07 -13.31
C GLY I 537 46.05 27.85 -12.91
N GLY I 538 46.22 27.23 -11.76
CA GLY I 538 47.57 27.02 -11.32
C GLY I 538 47.63 26.77 -9.84
N LEU I 539 48.81 26.40 -9.40
CA LEU I 539 49.07 26.19 -7.99
C LEU I 539 50.56 26.38 -7.82
N MET I 540 50.97 26.85 -6.67
CA MET I 540 52.38 26.90 -6.36
C MET I 540 52.47 26.50 -4.91
N ASP I 541 53.22 25.46 -4.59
CA ASP I 541 53.11 24.92 -3.25
C ASP I 541 54.49 24.63 -2.71
N ASP I 542 54.88 25.28 -1.63
CA ASP I 542 56.18 25.07 -1.02
C ASP I 542 56.00 24.52 0.39
N GLN I 543 57.04 23.89 0.90
CA GLN I 543 57.07 23.49 2.28
C GLN I 543 58.51 23.47 2.70
N ALA I 544 58.78 23.79 3.95
CA ALA I 544 60.06 23.46 4.51
C ALA I 544 59.82 22.94 5.91
N GLY I 545 59.99 21.68 6.11
CA GLY I 545 59.85 21.16 7.44
C GLY I 545 61.14 21.21 8.17
N GLU I 546 61.10 20.84 9.44
CA GLU I 546 62.30 20.53 10.19
C GLU I 546 61.89 19.78 11.42
N SER I 547 62.85 19.15 12.05
CA SER I 547 62.63 18.49 13.32
C SER I 547 63.98 18.40 13.99
N VAL I 548 63.98 18.12 15.27
CA VAL I 548 65.24 17.84 15.92
C VAL I 548 64.88 17.07 17.17
N ALA I 549 65.86 16.44 17.78
CA ALA I 549 65.70 15.87 19.09
C ALA I 549 67.08 15.92 19.70
N LYS I 550 67.16 16.07 21.00
CA LYS I 550 68.47 16.08 21.61
C LYS I 550 68.34 15.78 23.09
N VAL I 551 69.43 15.91 23.82
CA VAL I 551 69.49 15.41 25.17
C VAL I 551 68.72 16.09 26.31
N PRO I 552 68.58 17.42 26.36
CA PRO I 552 68.89 18.73 25.84
C PRO I 552 70.22 19.40 26.05
N LEU I 553 70.82 19.26 27.22
CA LEU I 553 71.83 20.24 27.56
C LEU I 553 73.10 20.04 26.74
N LEU I 554 73.39 18.80 26.37
CA LEU I 554 74.59 18.46 25.62
C LEU I 554 74.44 18.71 24.14
N GLY I 555 73.23 18.78 23.63
CA GLY I 555 73.08 19.03 22.21
C GLY I 555 73.47 20.41 21.76
N ASP I 556 73.82 21.30 22.68
CA ASP I 556 74.13 22.67 22.31
C ASP I 556 75.61 22.98 22.21
N ILE I 557 76.48 22.03 22.53
CA ILE I 557 77.91 22.33 22.35
C ILE I 557 78.18 22.53 20.86
N PRO I 558 78.92 23.57 20.46
CA PRO I 558 79.01 23.89 19.03
C PRO I 558 79.78 22.87 18.21
N LEU I 559 80.61 22.03 18.82
CA LEU I 559 81.34 21.01 18.10
C LEU I 559 80.73 19.63 18.26
N ILE I 560 80.74 19.12 19.49
CA ILE I 560 80.40 17.73 19.75
C ILE I 560 78.90 17.61 19.98
N GLY I 561 78.18 18.71 19.78
CA GLY I 561 76.74 18.64 19.88
C GLY I 561 76.16 17.57 18.98
N ASN I 562 76.65 17.48 17.75
CA ASN I 562 76.04 16.62 16.76
C ASN I 562 76.03 15.15 17.15
N LEU I 563 76.80 14.77 18.15
CA LEU I 563 76.74 13.37 18.57
C LEU I 563 75.44 13.05 19.27
N PHE I 564 74.81 14.06 19.87
CA PHE I 564 73.64 13.86 20.69
C PHE I 564 72.31 14.21 20.02
N LYS I 565 72.31 14.60 18.75
CA LYS I 565 71.13 15.12 18.09
C LYS I 565 70.64 14.15 17.03
N SER I 566 69.38 14.28 16.68
CA SER I 566 68.84 13.62 15.50
C SER I 566 67.98 14.59 14.74
N THR I 567 68.35 14.90 13.52
CA THR I 567 67.70 15.95 12.76
C THR I 567 67.02 15.37 11.54
N ALA I 568 65.92 15.99 11.12
CA ALA I 568 65.28 15.63 9.86
C ALA I 568 64.81 16.89 9.18
N ASP I 569 65.23 17.13 7.96
CA ASP I 569 64.81 18.31 7.24
C ASP I 569 64.01 17.91 6.03
N LYS I 570 63.26 18.85 5.50
CA LYS I 570 62.46 18.52 4.35
C LYS I 570 62.26 19.80 3.57
N LYS I 571 62.15 19.67 2.27
CA LYS I 571 61.88 20.80 1.40
C LYS I 571 61.12 20.24 0.23
N GLU I 572 60.17 21.00 -0.27
CA GLU I 572 59.30 20.43 -1.28
C GLU I 572 58.76 21.55 -2.10
N LYS I 573 58.43 21.28 -3.34
CA LYS I 573 57.94 22.34 -4.18
C LYS I 573 57.11 21.75 -5.29
N ARG I 574 56.16 22.51 -5.79
CA ARG I 574 55.32 22.02 -6.86
C ARG I 574 54.79 23.22 -7.61
N ASN I 575 54.58 23.05 -8.90
CA ASN I 575 53.98 24.11 -9.68
C ASN I 575 53.06 23.48 -10.69
N LEU I 576 51.82 23.88 -10.72
CA LEU I 576 50.97 23.56 -11.85
C LEU I 576 50.69 24.82 -12.63
N MET I 577 50.39 24.62 -13.89
CA MET I 577 49.78 25.66 -14.67
C MET I 577 48.91 24.96 -15.67
N VAL I 578 47.85 25.60 -16.09
CA VAL I 578 47.05 25.12 -17.18
C VAL I 578 46.85 26.30 -18.10
N PHE I 579 47.15 26.12 -19.35
CA PHE I 579 47.03 27.20 -20.32
C PHE I 579 46.03 26.76 -21.34
N ILE I 580 45.55 27.67 -22.15
CA ILE I 580 44.71 27.23 -23.24
C ILE I 580 44.94 28.15 -24.42
N ARG I 581 45.09 27.58 -25.59
CA ARG I 581 45.24 28.35 -26.81
C ARG I 581 44.14 28.01 -27.80
N PRO I 582 43.20 28.90 -28.06
CA PRO I 582 42.25 28.67 -29.14
C PRO I 582 42.87 28.95 -30.49
N THR I 583 42.20 28.47 -31.53
CA THR I 583 42.55 28.80 -32.89
C THR I 583 41.27 28.71 -33.69
N ILE I 584 41.08 29.63 -34.62
CA ILE I 584 39.84 29.70 -35.37
C ILE I 584 40.13 29.25 -36.80
N LEU I 585 39.37 28.28 -37.25
CA LEU I 585 39.48 27.76 -38.59
C LEU I 585 38.24 28.21 -39.34
N ARG I 586 38.39 29.20 -40.22
CA ARG I 586 37.24 29.78 -40.91
C ARG I 586 37.10 29.25 -42.32
N ASP I 587 38.12 29.45 -43.14
CA ASP I 587 38.11 28.97 -44.50
C ASP I 587 38.07 27.45 -44.51
N GLY I 588 37.59 26.90 -45.63
CA GLY I 588 37.85 25.50 -45.87
C GLY I 588 39.34 25.21 -45.94
N MET I 589 40.13 26.21 -46.31
CA MET I 589 41.58 26.07 -46.34
C MET I 589 42.23 26.22 -44.98
N ALA I 590 41.53 26.85 -44.03
CA ALA I 590 42.10 27.00 -42.69
C ALA I 590 42.09 25.70 -41.93
N ALA I 591 41.08 24.84 -42.16
CA ALA I 591 41.02 23.56 -41.50
C ALA I 591 42.12 22.63 -41.96
N ASP I 592 42.61 22.82 -43.17
CA ASP I 592 43.65 21.98 -43.73
C ASP I 592 45.05 22.53 -43.47
N GLY I 593 45.15 23.73 -42.90
CA GLY I 593 46.44 24.24 -42.51
C GLY I 593 46.89 23.69 -41.17
N VAL I 594 45.98 23.63 -40.21
CA VAL I 594 46.30 23.07 -38.91
C VAL I 594 46.35 21.55 -38.99
N SER I 595 45.34 20.95 -39.60
CA SER I 595 45.29 19.50 -39.59
C SER I 595 46.29 18.89 -40.55
N GLN I 596 46.87 19.65 -41.45
CA GLN I 596 47.93 19.10 -42.26
C GLN I 596 49.27 19.14 -41.58
N ARG I 597 49.53 20.11 -40.72
CA ARG I 597 50.83 20.13 -40.07
C ARG I 597 50.89 19.17 -38.91
N LYS I 598 49.78 18.87 -38.25
CA LYS I 598 49.82 17.82 -37.25
C LYS I 598 49.91 16.45 -37.88
N TYR I 599 49.41 16.30 -39.10
CA TYR I 599 49.58 15.04 -39.81
C TYR I 599 51.05 14.83 -40.14
N ASN I 600 51.66 15.77 -40.84
CA ASN I 600 53.06 15.65 -41.16
C ASN I 600 53.95 15.64 -39.93
N TYR I 601 53.42 15.97 -38.77
CA TYR I 601 54.21 15.80 -37.56
C TYR I 601 54.16 14.38 -37.05
N MET I 602 53.00 13.73 -37.09
CA MET I 602 52.93 12.34 -36.71
C MET I 602 53.59 11.46 -37.73
N ARG I 603 53.55 11.82 -38.99
CA ARG I 603 54.15 10.97 -40.00
C ARG I 603 55.66 11.08 -39.95
N ALA I 604 56.19 12.12 -39.33
CA ALA I 604 57.63 12.17 -39.15
C ALA I 604 58.07 11.52 -37.85
N GLU I 605 57.15 11.21 -36.95
CA GLU I 605 57.47 10.34 -35.83
C GLU I 605 57.56 8.90 -36.29
N GLN I 606 56.64 8.49 -37.15
CA GLN I 606 56.59 7.12 -37.60
C GLN I 606 57.62 6.79 -38.63
N ILE I 607 58.22 7.79 -39.26
CA ILE I 607 59.34 7.52 -40.13
C ILE I 607 60.62 7.39 -39.32
N TYR I 608 60.81 8.25 -38.34
CA TYR I 608 62.00 8.13 -37.51
C TYR I 608 61.93 6.89 -36.63
N ARG I 609 60.74 6.49 -36.24
CA ARG I 609 60.57 5.19 -35.58
C ARG I 609 60.88 4.06 -36.54
N ASP I 610 60.65 4.28 -37.83
CA ASP I 610 60.89 3.26 -38.84
C ASP I 610 62.36 3.23 -39.26
N GLU I 611 62.99 4.40 -39.39
CA GLU I 611 64.38 4.43 -39.83
C GLU I 611 65.27 3.60 -38.92
N GLN I 612 65.00 3.61 -37.61
CA GLN I 612 65.66 2.70 -36.70
C GLN I 612 64.68 1.57 -36.45
N GLY I 613 64.93 0.43 -37.06
CA GLY I 613 63.89 -0.54 -37.24
C GLY I 613 63.64 -1.35 -36.00
N LEU I 614 62.78 -2.32 -36.15
CA LEU I 614 62.74 -3.41 -35.19
C LEU I 614 64.07 -4.13 -35.29
N SER I 615 64.77 -4.25 -34.16
CA SER I 615 66.17 -4.61 -34.23
C SER I 615 66.38 -6.08 -34.51
N LEU I 616 65.56 -6.95 -33.94
CA LEU I 616 65.72 -8.37 -34.18
C LEU I 616 65.25 -8.76 -35.57
N MET I 617 64.06 -8.32 -35.95
CA MET I 617 63.61 -8.59 -37.31
C MET I 617 63.89 -7.40 -38.20
N PRO I 618 64.88 -7.46 -39.09
CA PRO I 618 64.84 -6.54 -40.21
C PRO I 618 64.17 -7.21 -41.40
N HIS I 619 63.92 -6.50 -42.48
CA HIS I 619 63.81 -5.06 -42.43
C HIS I 619 62.41 -4.78 -41.89
N THR I 620 61.43 -5.46 -42.48
CA THR I 620 60.10 -5.64 -41.90
C THR I 620 59.42 -4.30 -41.60
N ALA I 621 59.04 -3.64 -42.69
CA ALA I 621 57.85 -2.79 -42.69
C ALA I 621 57.80 -1.79 -41.55
N GLN I 622 56.83 -1.99 -40.66
CA GLN I 622 56.36 -1.19 -39.55
C GLN I 622 55.40 -0.13 -40.07
N PRO I 623 54.33 0.20 -39.35
CA PRO I 623 53.32 1.07 -39.93
C PRO I 623 53.82 2.49 -40.05
N VAL I 624 53.59 3.09 -41.21
CA VAL I 624 53.82 4.51 -41.40
C VAL I 624 52.57 5.05 -42.08
N LEU I 625 52.36 6.24 -41.91
CA LEU I 625 51.11 6.86 -42.26
C LEU I 625 51.20 7.39 -43.68
N PRO I 626 50.19 7.18 -44.52
CA PRO I 626 50.35 7.45 -45.95
C PRO I 626 50.75 8.89 -46.20
N ALA I 627 51.51 9.11 -47.28
CA ALA I 627 51.93 10.45 -47.61
C ALA I 627 50.77 11.27 -48.14
N GLN I 628 50.94 12.58 -48.13
CA GLN I 628 50.00 13.49 -48.78
C GLN I 628 50.61 14.00 -50.07
N ASN I 629 49.79 14.10 -51.11
CA ASN I 629 50.25 14.45 -52.45
C ASN I 629 51.31 13.47 -52.94
N GLN I 630 50.95 12.18 -52.89
CA GLN I 630 51.82 11.15 -53.45
C GLN I 630 52.14 11.36 -54.91
N ALA I 631 51.28 12.10 -55.62
CA ALA I 631 51.31 12.26 -57.07
C ALA I 631 51.20 10.87 -57.70
N LEU I 632 51.92 10.59 -58.75
CA LEU I 632 51.73 9.39 -59.54
C LEU I 632 52.81 8.37 -59.25
N PRO I 633 52.45 7.11 -59.03
CA PRO I 633 53.47 6.08 -58.91
C PRO I 633 54.32 6.02 -60.14
N PRO I 634 55.55 5.49 -60.04
CA PRO I 634 56.46 5.55 -61.20
C PRO I 634 55.94 4.83 -62.41
N GLU I 635 55.26 3.70 -62.25
CA GLU I 635 54.79 2.98 -63.44
C GLU I 635 53.54 3.62 -64.01
N VAL I 636 52.70 4.21 -63.16
CA VAL I 636 51.56 4.96 -63.66
C VAL I 636 52.05 6.17 -64.44
N ARG I 637 53.22 6.69 -64.07
CA ARG I 637 53.80 7.83 -64.78
C ARG I 637 53.98 7.54 -66.26
N ALA I 638 54.53 6.36 -66.57
CA ALA I 638 54.82 6.02 -67.96
C ALA I 638 53.56 5.86 -68.81
N PHE I 639 52.49 5.29 -68.23
CA PHE I 639 51.27 5.07 -68.98
C PHE I 639 50.72 6.35 -69.59
N LEU I 640 50.97 7.50 -68.95
CA LEU I 640 50.61 8.77 -69.55
C LEU I 640 51.45 9.06 -70.79
N ASN I 641 52.76 8.75 -70.72
CA ASN I 641 53.68 9.10 -71.80
C ASN I 641 53.47 8.26 -73.05
N ALA I 642 52.64 7.23 -73.00
CA ALA I 642 52.32 6.49 -74.21
C ALA I 642 51.02 7.00 -74.80
N GLY I 643 49.89 6.70 -74.15
CA GLY I 643 48.59 7.08 -74.65
C GLY I 643 48.35 8.57 -74.66
N GLY J 100 -74.90 25.26 -79.87
CA GLY J 100 -75.43 26.58 -80.21
C GLY J 100 -76.15 27.24 -79.05
N ASP J 101 -77.45 27.46 -79.24
CA ASP J 101 -78.32 28.00 -78.20
C ASP J 101 -79.04 26.91 -77.42
N GLU J 102 -78.78 25.64 -77.72
CA GLU J 102 -79.49 24.55 -77.08
C GLU J 102 -79.15 24.49 -75.59
N MET J 103 -80.18 24.50 -74.75
CA MET J 103 -80.01 24.41 -73.31
C MET J 103 -79.85 22.95 -72.91
N VAL J 104 -78.69 22.61 -72.34
CA VAL J 104 -78.38 21.25 -71.88
C VAL J 104 -77.48 21.34 -70.65
N THR J 105 -77.30 20.19 -69.99
CA THR J 105 -76.29 20.01 -68.96
C THR J 105 -75.18 19.10 -69.50
N LYS J 106 -73.96 19.32 -69.02
CA LYS J 106 -72.82 18.53 -69.46
C LYS J 106 -71.90 18.24 -68.28
N VAL J 107 -71.15 17.14 -68.39
CA VAL J 107 -70.23 16.66 -67.36
C VAL J 107 -68.81 16.89 -67.85
N VAL J 108 -68.05 17.66 -67.10
CA VAL J 108 -66.63 17.86 -67.36
C VAL J 108 -65.81 17.39 -66.17
N PRO J 109 -65.10 16.27 -66.27
CA PRO J 109 -64.11 15.94 -65.22
C PRO J 109 -62.87 16.81 -65.36
N VAL J 110 -62.42 17.37 -64.24
CA VAL J 110 -61.20 18.16 -64.20
C VAL J 110 -60.19 17.35 -63.42
N ARG J 111 -59.18 16.82 -64.11
CA ARG J 111 -58.27 15.84 -63.53
C ARG J 111 -57.06 16.54 -62.88
N ASN J 112 -56.16 17.05 -63.72
CA ASN J 112 -54.91 17.62 -63.20
C ASN J 112 -55.10 18.99 -62.57
N VAL J 113 -56.09 19.76 -63.03
CA VAL J 113 -56.25 21.16 -62.66
C VAL J 113 -57.05 21.27 -61.38
N SER J 114 -56.68 22.20 -60.52
CA SER J 114 -57.55 22.54 -59.40
C SER J 114 -58.79 23.21 -59.94
N VAL J 115 -59.96 22.66 -59.61
CA VAL J 115 -61.23 23.12 -60.19
C VAL J 115 -61.49 24.58 -59.89
N ARG J 116 -60.99 25.09 -58.78
CA ARG J 116 -61.18 26.49 -58.48
C ARG J 116 -60.12 27.38 -59.13
N GLU J 117 -59.03 26.81 -59.64
CA GLU J 117 -58.15 27.59 -60.49
C GLU J 117 -58.89 28.13 -61.69
N LEU J 118 -59.92 27.42 -62.12
CA LEU J 118 -60.70 27.78 -63.30
C LEU J 118 -61.88 28.66 -62.97
N ALA J 119 -61.99 29.12 -61.73
CA ALA J 119 -63.04 30.08 -61.37
C ALA J 119 -63.07 31.29 -62.29
N PRO J 120 -61.97 31.98 -62.59
CA PRO J 120 -62.09 33.19 -63.42
C PRO J 120 -62.58 32.93 -64.83
N ILE J 121 -61.97 31.98 -65.54
CA ILE J 121 -62.15 31.93 -66.99
C ILE J 121 -63.47 31.29 -67.37
N LEU J 122 -63.97 30.37 -66.55
CA LEU J 122 -65.23 29.72 -66.85
C LEU J 122 -66.40 30.64 -66.52
N ARG J 123 -66.31 31.37 -65.41
CA ARG J 123 -67.36 32.29 -65.04
C ARG J 123 -67.29 33.59 -65.82
N GLN J 124 -66.07 34.02 -66.20
CA GLN J 124 -65.95 35.20 -67.05
C GLN J 124 -66.54 34.96 -68.42
N MET J 125 -66.71 33.70 -68.82
CA MET J 125 -67.42 33.40 -70.05
C MET J 125 -68.90 33.73 -69.92
N ILE J 126 -69.46 33.53 -68.72
CA ILE J 126 -70.85 33.84 -68.45
C ILE J 126 -71.13 35.33 -68.67
N ASP J 127 -70.11 36.16 -68.45
CA ASP J 127 -70.20 37.57 -68.83
C ASP J 127 -70.52 37.72 -70.31
N SER J 128 -69.74 37.05 -71.16
CA SER J 128 -69.96 37.06 -72.60
C SER J 128 -71.08 36.12 -73.01
N ALA J 129 -71.16 34.94 -72.40
CA ALA J 129 -72.20 33.98 -72.77
C ALA J 129 -73.58 34.45 -72.37
N GLY J 130 -73.69 35.22 -71.29
CA GLY J 130 -74.99 35.62 -70.81
C GLY J 130 -75.65 34.59 -69.91
N SER J 131 -76.97 34.47 -70.04
CA SER J 131 -77.74 33.60 -69.16
C SER J 131 -77.74 32.16 -69.66
N GLY J 132 -78.39 31.29 -68.90
CA GLY J 132 -78.58 29.90 -69.27
C GLY J 132 -77.43 28.99 -68.95
N ASN J 133 -76.22 29.51 -68.76
CA ASN J 133 -75.04 28.70 -68.54
C ASN J 133 -74.59 28.80 -67.08
N VAL J 134 -74.26 27.65 -66.49
CA VAL J 134 -73.84 27.57 -65.11
C VAL J 134 -72.57 26.72 -65.05
N VAL J 135 -71.60 27.17 -64.25
CA VAL J 135 -70.35 26.46 -64.05
C VAL J 135 -70.23 26.12 -62.57
N ASN J 136 -69.97 24.84 -62.29
CA ASN J 136 -69.98 24.30 -60.94
C ASN J 136 -68.59 23.80 -60.57
N TYR J 137 -68.11 24.20 -59.41
CA TYR J 137 -66.76 23.88 -58.96
C TYR J 137 -66.84 22.96 -57.74
N ASP J 138 -66.51 21.69 -57.92
CA ASP J 138 -66.63 20.76 -56.80
C ASP J 138 -65.25 20.32 -56.35
N PRO J 139 -64.90 20.49 -55.07
CA PRO J 139 -63.57 20.06 -54.59
C PRO J 139 -63.30 18.57 -54.78
N SER J 140 -64.33 17.76 -55.06
CA SER J 140 -64.12 16.40 -55.53
C SER J 140 -63.51 16.38 -56.92
N ASN J 141 -63.23 17.55 -57.47
CA ASN J 141 -62.39 17.76 -58.65
C ASN J 141 -63.08 17.32 -59.95
N VAL J 142 -64.31 17.76 -60.12
CA VAL J 142 -64.91 17.93 -61.45
C VAL J 142 -65.54 19.31 -61.50
N ILE J 143 -65.89 19.72 -62.72
CA ILE J 143 -66.57 20.98 -62.96
C ILE J 143 -67.80 20.72 -63.81
N MET J 144 -68.98 20.97 -63.23
CA MET J 144 -70.25 20.68 -63.88
C MET J 144 -70.71 21.89 -64.69
N LEU J 145 -70.83 21.70 -66.00
CA LEU J 145 -71.25 22.76 -66.90
C LEU J 145 -72.68 22.48 -67.34
N THR J 146 -73.59 23.40 -67.01
CA THR J 146 -74.99 23.29 -67.40
C THR J 146 -75.36 24.56 -68.15
N GLY J 147 -75.69 24.43 -69.42
CA GLY J 147 -76.07 25.59 -70.19
C GLY J 147 -76.09 25.31 -71.67
N ARG J 148 -75.93 26.38 -72.45
CA ARG J 148 -76.05 26.30 -73.91
C ARG J 148 -74.87 25.54 -74.50
N ALA J 149 -75.19 24.49 -75.27
CA ALA J 149 -74.21 23.47 -75.65
C ALA J 149 -73.02 24.03 -76.43
N SER J 150 -73.10 25.26 -76.95
CA SER J 150 -71.94 25.83 -77.62
C SER J 150 -70.94 26.40 -76.62
N VAL J 151 -71.42 27.10 -75.60
CA VAL J 151 -70.50 27.74 -74.66
C VAL J 151 -69.89 26.70 -73.73
N VAL J 152 -70.66 25.70 -73.32
CA VAL J 152 -70.07 24.60 -72.58
C VAL J 152 -69.03 23.88 -73.43
N GLU J 153 -69.29 23.79 -74.74
CA GLU J 153 -68.38 23.12 -75.65
C GLU J 153 -66.96 23.65 -75.50
N ARG J 154 -66.81 24.98 -75.53
CA ARG J 154 -65.49 25.58 -75.37
C ARG J 154 -64.89 25.24 -74.01
N LEU J 155 -65.71 25.20 -72.97
CA LEU J 155 -65.15 24.95 -71.65
C LEU J 155 -64.94 23.46 -71.38
N THR J 156 -65.46 22.59 -72.24
CA THR J 156 -64.88 21.26 -72.39
C THR J 156 -63.63 21.34 -73.27
N GLU J 157 -63.61 22.25 -74.23
CA GLU J 157 -62.41 22.48 -75.03
C GLU J 157 -61.31 23.12 -74.19
N VAL J 158 -61.61 24.27 -73.57
CA VAL J 158 -60.57 25.03 -72.88
C VAL J 158 -59.91 24.16 -71.81
N ILE J 159 -60.72 23.68 -70.87
CA ILE J 159 -60.16 23.01 -69.69
C ILE J 159 -59.33 21.81 -70.11
N GLN J 160 -59.94 20.89 -70.86
CA GLN J 160 -59.25 19.66 -71.24
C GLN J 160 -58.12 19.90 -72.23
N ARG J 161 -58.04 21.10 -72.80
CA ARG J 161 -56.80 21.59 -73.41
C ARG J 161 -55.87 22.20 -72.36
N VAL J 162 -56.42 23.00 -71.44
CA VAL J 162 -55.60 23.54 -70.37
C VAL J 162 -55.15 22.45 -69.42
N ASP J 163 -56.01 21.46 -69.18
CA ASP J 163 -55.64 20.33 -68.34
C ASP J 163 -54.46 19.56 -68.94
N HIS J 164 -54.22 19.73 -70.23
CA HIS J 164 -53.00 19.22 -70.85
C HIS J 164 -51.79 20.05 -70.45
N ALA J 165 -51.97 21.36 -70.31
CA ALA J 165 -50.82 22.25 -70.12
C ALA J 165 -50.05 21.93 -68.85
N GLY J 166 -50.75 21.63 -67.77
CA GLY J 166 -50.08 21.38 -66.50
C GLY J 166 -49.71 19.93 -66.30
N ASN J 167 -49.62 19.16 -67.39
CA ASN J 167 -49.42 17.72 -67.29
C ASN J 167 -48.07 17.41 -66.67
N ARG J 168 -48.08 16.59 -65.60
CA ARG J 168 -46.89 16.31 -64.81
C ARG J 168 -46.71 14.80 -64.73
N THR J 169 -45.65 14.29 -65.35
CA THR J 169 -45.34 12.87 -65.39
C THR J 169 -43.93 12.66 -64.87
N GLU J 170 -43.66 11.47 -64.35
CA GLU J 170 -42.40 11.17 -63.70
C GLU J 170 -41.66 10.08 -64.45
N GLU J 171 -40.33 10.10 -64.34
CA GLU J 171 -39.51 9.15 -65.06
C GLU J 171 -38.24 8.89 -64.28
N VAL J 172 -37.73 7.68 -64.41
CA VAL J 172 -36.56 7.23 -63.67
C VAL J 172 -35.39 7.19 -64.63
N ILE J 173 -34.40 8.03 -64.39
CA ILE J 173 -33.20 8.14 -65.21
C ILE J 173 -32.07 7.43 -64.48
N PRO J 174 -31.53 6.34 -64.99
CA PRO J 174 -30.43 5.66 -64.32
C PRO J 174 -29.15 6.47 -64.38
N LEU J 175 -28.22 6.11 -63.49
CA LEU J 175 -26.92 6.78 -63.41
C LEU J 175 -25.82 5.73 -63.35
N ASP J 176 -24.98 5.71 -64.39
CA ASP J 176 -23.95 4.68 -64.49
C ASP J 176 -22.71 5.01 -63.67
N ASN J 177 -22.37 6.28 -63.52
CA ASN J 177 -21.13 6.66 -62.86
C ASN J 177 -21.37 7.41 -61.56
N ALA J 178 -21.97 8.59 -61.61
CA ALA J 178 -22.13 9.38 -60.41
C ALA J 178 -23.14 8.76 -59.46
N SER J 179 -23.05 9.13 -58.20
CA SER J 179 -24.01 8.68 -57.21
C SER J 179 -25.29 9.47 -57.36
N ALA J 180 -26.43 8.78 -57.28
CA ALA J 180 -27.69 9.48 -57.39
C ALA J 180 -27.94 10.42 -56.22
N SER J 181 -27.31 10.18 -55.08
CA SER J 181 -27.56 11.03 -53.94
C SER J 181 -26.85 12.38 -54.05
N GLU J 182 -25.67 12.43 -54.68
CA GLU J 182 -25.06 13.71 -54.98
C GLU J 182 -25.93 14.51 -55.93
N ILE J 183 -26.17 13.95 -57.12
CA ILE J 183 -26.94 14.62 -58.15
C ILE J 183 -28.28 15.11 -57.63
N ALA J 184 -28.83 14.43 -56.63
CA ALA J 184 -30.06 14.91 -56.03
C ALA J 184 -29.86 16.12 -55.14
N ARG J 185 -28.67 16.30 -54.56
CA ARG J 185 -28.42 17.53 -53.83
C ARG J 185 -28.02 18.65 -54.76
N VAL J 186 -27.18 18.37 -55.75
CA VAL J 186 -26.74 19.41 -56.68
C VAL J 186 -27.93 19.97 -57.44
N LEU J 187 -28.67 19.11 -58.15
CA LEU J 187 -29.77 19.59 -58.97
C LEU J 187 -30.86 20.26 -58.16
N GLU J 188 -30.93 19.99 -56.86
CA GLU J 188 -31.88 20.68 -56.01
C GLU J 188 -31.29 21.91 -55.34
N SER J 189 -29.99 22.14 -55.47
CA SER J 189 -29.42 23.39 -55.00
C SER J 189 -29.62 24.50 -56.01
N LEU J 190 -29.93 24.16 -57.26
CA LEU J 190 -30.19 25.18 -58.26
C LEU J 190 -31.57 25.79 -58.09
N THR J 191 -32.50 25.04 -57.52
CA THR J 191 -33.88 25.47 -57.47
C THR J 191 -34.61 24.98 -56.23
N GLN J 205 -38.89 19.07 -58.83
CA GLN J 205 -38.84 17.99 -57.84
C GLN J 205 -37.94 16.85 -58.29
N ILE J 206 -36.96 16.52 -57.44
CA ILE J 206 -36.01 15.45 -57.71
C ILE J 206 -35.84 14.61 -56.46
N VAL J 207 -36.04 13.31 -56.60
CA VAL J 207 -35.81 12.36 -55.53
C VAL J 207 -34.94 11.24 -56.09
N ALA J 208 -33.94 10.83 -55.31
CA ALA J 208 -32.98 9.83 -55.74
C ALA J 208 -33.31 8.48 -55.12
N ASP J 209 -33.21 7.43 -55.93
CA ASP J 209 -33.41 6.07 -55.47
C ASP J 209 -32.04 5.41 -55.30
N GLU J 210 -31.77 4.91 -54.10
CA GLU J 210 -30.44 4.41 -53.78
C GLU J 210 -30.16 3.09 -54.50
N ARG J 211 -31.09 2.14 -54.39
CA ARG J 211 -30.82 0.76 -54.78
C ARG J 211 -30.37 0.67 -56.23
N THR J 212 -31.22 1.13 -57.15
CA THR J 212 -30.90 1.06 -58.57
C THR J 212 -29.99 2.17 -59.02
N ASN J 213 -29.60 3.08 -58.12
CA ASN J 213 -28.76 4.21 -58.45
C ASN J 213 -29.38 5.01 -59.59
N SER J 214 -30.53 5.60 -59.30
CA SER J 214 -31.32 6.24 -60.33
C SER J 214 -32.08 7.39 -59.72
N VAL J 215 -32.30 8.43 -60.52
CA VAL J 215 -32.91 9.67 -60.06
C VAL J 215 -34.32 9.74 -60.61
N ILE J 216 -35.29 9.90 -59.72
CA ILE J 216 -36.67 10.14 -60.11
C ILE J 216 -36.86 11.63 -60.32
N VAL J 217 -37.46 11.99 -61.44
CA VAL J 217 -37.66 13.39 -61.82
C VAL J 217 -39.12 13.61 -62.15
N SER J 218 -39.60 14.83 -61.99
CA SER J 218 -41.00 15.16 -62.25
C SER J 218 -41.13 16.55 -62.84
N GLY J 219 -42.02 16.70 -63.81
CA GLY J 219 -42.26 17.97 -64.46
C GLY J 219 -42.82 17.78 -65.85
N ASP J 220 -43.16 18.90 -66.48
CA ASP J 220 -43.70 18.84 -67.83
C ASP J 220 -42.61 18.42 -68.82
N PRO J 221 -42.99 17.92 -69.99
CA PRO J 221 -42.00 17.33 -70.91
C PRO J 221 -40.92 18.29 -71.37
N ALA J 222 -41.09 19.60 -71.22
CA ALA J 222 -39.99 20.50 -71.55
C ALA J 222 -38.97 20.57 -70.41
N THR J 223 -39.44 20.63 -69.17
CA THR J 223 -38.51 20.64 -68.04
C THR J 223 -37.82 19.30 -67.89
N ARG J 224 -38.53 18.20 -68.14
CA ARG J 224 -37.87 16.91 -68.10
C ARG J 224 -36.94 16.71 -69.28
N ASP J 225 -36.88 17.66 -70.22
CA ASP J 225 -35.82 17.64 -71.21
C ASP J 225 -34.52 18.17 -70.65
N LYS J 226 -34.57 19.31 -69.96
CA LYS J 226 -33.33 19.96 -69.52
C LYS J 226 -32.59 19.09 -68.52
N MET J 227 -33.27 18.71 -67.44
CA MET J 227 -32.63 17.84 -66.47
C MET J 227 -32.17 16.52 -67.07
N ARG J 228 -32.76 16.10 -68.18
CA ARG J 228 -32.25 14.90 -68.83
C ARG J 228 -30.97 15.17 -69.62
N ARG J 229 -30.80 16.40 -70.11
CA ARG J 229 -29.53 16.78 -70.74
C ARG J 229 -28.47 17.14 -69.72
N LEU J 230 -28.87 17.69 -68.58
CA LEU J 230 -27.89 18.07 -67.57
C LEU J 230 -27.41 16.87 -66.79
N ILE J 231 -28.24 15.84 -66.64
CA ILE J 231 -27.80 14.63 -65.97
C ILE J 231 -26.88 13.79 -66.85
N ARG J 232 -26.96 13.93 -68.18
CA ARG J 232 -26.01 13.20 -69.02
C ARG J 232 -24.59 13.74 -68.89
N ARG J 233 -24.41 15.03 -68.60
CA ARG J 233 -23.07 15.53 -68.36
C ARG J 233 -22.57 15.19 -66.97
N LEU J 234 -23.42 15.27 -65.95
CA LEU J 234 -22.96 14.92 -64.62
C LEU J 234 -22.70 13.42 -64.46
N ASP J 235 -23.19 12.61 -65.38
CA ASP J 235 -22.89 11.19 -65.43
C ASP J 235 -21.70 10.87 -66.32
N SER J 236 -21.15 11.86 -67.03
CA SER J 236 -20.04 11.60 -67.91
C SER J 236 -18.89 11.00 -67.11
N GLU J 237 -18.17 10.06 -67.74
CA GLU J 237 -17.14 9.34 -67.02
C GLU J 237 -15.93 10.24 -66.75
N MET J 238 -15.49 10.22 -65.50
CA MET J 238 -14.25 10.87 -65.10
C MET J 238 -13.07 10.20 -65.77
N GLU J 239 -12.04 10.97 -66.10
CA GLU J 239 -10.86 10.39 -66.71
C GLU J 239 -9.86 10.06 -65.62
N ARG J 240 -9.84 8.78 -65.21
CA ARG J 240 -8.73 8.14 -64.52
C ARG J 240 -8.35 8.83 -63.21
N SER J 241 -8.75 10.10 -63.05
CA SER J 241 -8.23 10.95 -61.99
C SER J 241 -9.38 11.31 -61.07
N GLY J 242 -9.41 10.68 -59.90
CA GLY J 242 -10.36 11.01 -58.87
C GLY J 242 -9.76 12.02 -57.93
N ASN J 243 -10.37 12.14 -56.77
CA ASN J 243 -9.67 12.90 -55.75
C ASN J 243 -8.51 12.13 -55.16
N SER J 244 -8.37 10.84 -55.51
CA SER J 244 -7.31 10.00 -54.98
C SER J 244 -6.35 9.60 -56.08
N GLN J 245 -5.06 9.82 -55.85
CA GLN J 245 -4.02 9.32 -56.72
C GLN J 245 -3.03 8.54 -55.89
N VAL J 246 -2.24 7.74 -56.59
CA VAL J 246 -1.27 6.85 -56.00
C VAL J 246 0.09 7.23 -56.54
N PHE J 247 0.97 7.69 -55.65
CA PHE J 247 2.32 8.10 -56.03
C PHE J 247 3.30 7.02 -55.61
N TYR J 248 3.94 6.40 -56.58
CA TYR J 248 5.03 5.49 -56.29
C TYR J 248 6.28 6.32 -56.06
N LEU J 249 6.85 6.21 -54.88
CA LEU J 249 8.00 7.01 -54.53
C LEU J 249 9.26 6.36 -55.09
N LYS J 250 10.06 7.16 -55.79
CA LYS J 250 11.25 6.63 -56.42
C LYS J 250 12.39 6.45 -55.45
N TYR J 251 12.49 7.31 -54.44
CA TYR J 251 13.60 7.22 -53.51
C TYR J 251 13.11 7.22 -52.08
N SER J 252 12.39 8.26 -51.69
CA SER J 252 11.95 8.39 -50.32
C SER J 252 11.23 7.15 -49.85
N LYS J 253 11.34 6.85 -48.57
CA LYS J 253 10.55 5.80 -47.97
C LYS J 253 9.16 6.32 -47.67
N ALA J 254 8.15 5.66 -48.23
CA ALA J 254 6.82 6.24 -48.31
C ALA J 254 6.31 6.74 -46.98
N GLU J 255 6.66 6.08 -45.90
CA GLU J 255 6.10 6.43 -44.61
C GLU J 255 6.97 7.41 -43.84
N ASP J 256 8.04 7.91 -44.44
CA ASP J 256 8.70 9.08 -43.89
C ASP J 256 8.00 10.36 -44.33
N LEU J 257 7.65 10.45 -45.61
CA LEU J 257 6.92 11.60 -46.11
C LEU J 257 5.52 11.68 -45.57
N VAL J 258 5.01 10.64 -44.92
CA VAL J 258 3.58 10.64 -44.64
C VAL J 258 3.28 11.64 -43.54
N ASP J 259 4.20 11.83 -42.59
CA ASP J 259 3.98 12.85 -41.57
C ASP J 259 4.34 14.23 -42.07
N VAL J 260 5.44 14.35 -42.80
CA VAL J 260 5.79 15.61 -43.43
C VAL J 260 4.63 16.16 -44.22
N LEU J 261 3.86 15.30 -44.87
CA LEU J 261 2.73 15.73 -45.65
C LEU J 261 1.47 15.90 -44.84
N LYS J 262 1.40 15.40 -43.61
CA LYS J 262 0.18 15.63 -42.86
C LYS J 262 0.10 17.04 -42.30
N GLN J 263 1.24 17.65 -41.99
CA GLN J 263 1.23 19.04 -41.58
C GLN J 263 1.02 19.96 -42.76
N VAL J 264 1.79 19.75 -43.83
CA VAL J 264 1.62 20.52 -45.06
C VAL J 264 0.18 20.48 -45.52
N SER J 265 -0.46 19.31 -45.43
CA SER J 265 -1.84 19.21 -45.82
C SER J 265 -2.78 19.72 -44.76
N GLY J 266 -2.34 19.71 -43.50
CA GLY J 266 -3.22 20.15 -42.43
C GLY J 266 -3.62 21.60 -42.57
N THR J 267 -2.64 22.49 -42.68
CA THR J 267 -2.88 23.92 -42.73
C THR J 267 -3.09 24.43 -44.14
N LEU J 268 -3.13 23.55 -45.12
CA LEU J 268 -3.46 23.93 -46.48
C LEU J 268 -4.96 23.81 -46.75
N THR J 269 -5.70 23.26 -45.81
CA THR J 269 -7.16 23.24 -45.87
C THR J 269 -7.72 24.64 -45.63
N ILE J 285 -11.46 18.46 -47.07
CA ILE J 285 -10.72 17.58 -46.19
C ILE J 285 -9.67 16.84 -47.01
N VAL J 286 -8.60 16.39 -46.35
CA VAL J 286 -7.43 15.83 -47.01
C VAL J 286 -6.93 14.66 -46.19
N SER J 287 -6.62 13.56 -46.87
CA SER J 287 -6.09 12.39 -46.21
C SER J 287 -4.86 11.90 -46.94
N ILE J 288 -3.84 11.53 -46.17
CA ILE J 288 -2.61 10.95 -46.69
C ILE J 288 -2.42 9.60 -46.04
N ALA J 289 -2.23 8.57 -46.85
CA ALA J 289 -1.98 7.24 -46.35
C ALA J 289 -0.85 6.60 -47.14
N ALA J 290 -0.08 5.75 -46.48
CA ALA J 290 1.09 5.14 -47.07
C ALA J 290 1.01 3.63 -46.98
N SER J 291 1.17 2.97 -48.11
CA SER J 291 1.18 1.53 -48.17
C SER J 291 2.61 1.06 -47.94
N LYS J 292 2.85 0.38 -46.83
CA LYS J 292 4.23 -0.04 -46.54
C LYS J 292 4.72 -1.05 -47.57
N HIS J 293 3.91 -2.07 -47.84
CA HIS J 293 4.38 -3.14 -48.73
C HIS J 293 4.69 -2.59 -50.10
N SER J 294 3.89 -1.66 -50.60
CA SER J 294 4.10 -1.16 -51.95
C SER J 294 4.96 0.08 -52.03
N ASN J 295 5.34 0.67 -50.89
CA ASN J 295 6.13 1.91 -50.87
C ASN J 295 5.49 2.98 -51.73
N ALA J 296 4.23 3.26 -51.46
CA ALA J 296 3.52 4.29 -52.21
C ALA J 296 2.54 4.94 -51.27
N LEU J 297 2.38 6.24 -51.42
CA LEU J 297 1.44 6.98 -50.61
C LEU J 297 0.28 7.43 -51.48
N ILE J 298 -0.88 7.56 -50.85
CA ILE J 298 -2.14 7.73 -51.54
C ILE J 298 -2.75 9.03 -51.08
N VAL J 299 -2.78 10.00 -51.97
CA VAL J 299 -3.21 11.35 -51.62
C VAL J 299 -4.63 11.50 -52.11
N THR J 300 -5.53 11.83 -51.20
CA THR J 300 -6.90 12.16 -51.56
C THR J 300 -7.20 13.58 -51.12
N ALA J 301 -7.41 14.46 -52.09
CA ALA J 301 -7.68 15.85 -51.78
C ALA J 301 -8.40 16.47 -52.97
N PRO J 302 -8.90 17.70 -52.83
CA PRO J 302 -9.48 18.39 -53.97
C PRO J 302 -8.45 18.70 -55.02
N GLN J 303 -8.93 19.05 -56.21
CA GLN J 303 -8.04 19.21 -57.34
C GLN J 303 -6.99 20.30 -57.10
N ASP J 304 -7.27 21.26 -56.24
CA ASP J 304 -6.30 22.33 -56.00
C ASP J 304 -5.20 21.89 -55.05
N ILE J 305 -5.58 21.28 -53.92
CA ILE J 305 -4.58 20.84 -52.96
C ILE J 305 -3.70 19.77 -53.58
N MET J 306 -4.28 18.92 -54.43
CA MET J 306 -3.48 17.88 -55.06
C MET J 306 -2.32 18.47 -55.82
N GLN J 307 -2.60 19.43 -56.71
CA GLN J 307 -1.53 19.98 -57.54
C GLN J 307 -0.45 20.64 -56.71
N SER J 308 -0.77 21.07 -55.49
CA SER J 308 0.27 21.49 -54.57
C SER J 308 1.09 20.31 -54.09
N LEU J 309 0.42 19.31 -53.53
CA LEU J 309 1.11 18.15 -53.00
C LEU J 309 1.82 17.33 -54.06
N GLN J 310 1.60 17.59 -55.33
CA GLN J 310 2.43 16.92 -56.32
C GLN J 310 3.75 17.61 -56.53
N SER J 311 3.82 18.91 -56.34
CA SER J 311 5.09 19.58 -56.51
C SER J 311 5.96 19.48 -55.28
N VAL J 312 5.38 19.20 -54.13
CA VAL J 312 6.17 18.89 -52.95
C VAL J 312 6.81 17.52 -53.10
N ILE J 313 5.98 16.49 -53.31
CA ILE J 313 6.49 15.14 -53.44
C ILE J 313 7.52 15.04 -54.55
N GLU J 314 7.33 15.80 -55.63
CA GLU J 314 8.32 15.78 -56.68
C GLU J 314 9.67 16.29 -56.19
N GLN J 315 9.67 17.22 -55.24
CA GLN J 315 10.90 17.83 -54.76
C GLN J 315 11.46 17.17 -53.50
N LEU J 316 10.70 16.31 -52.84
CA LEU J 316 11.22 15.56 -51.70
C LEU J 316 11.68 14.17 -52.08
N ASP J 317 11.53 13.79 -53.33
CA ASP J 317 11.82 12.45 -53.79
C ASP J 317 13.23 12.31 -54.33
N ILE J 318 14.08 13.32 -54.14
CA ILE J 318 15.39 13.37 -54.76
C ILE J 318 16.30 12.24 -54.28
N ARG J 319 17.35 12.00 -55.05
CA ARG J 319 18.32 10.95 -54.77
C ARG J 319 19.37 11.41 -53.75
N ARG J 320 19.69 10.53 -52.81
CA ARG J 320 20.58 10.86 -51.70
C ARG J 320 22.00 10.43 -52.02
N ALA J 321 22.95 11.21 -51.53
CA ALA J 321 24.36 10.92 -51.69
C ALA J 321 24.84 10.18 -50.47
N GLN J 322 25.78 9.27 -50.65
CA GLN J 322 26.32 8.52 -49.52
C GLN J 322 27.79 8.84 -49.32
N VAL J 323 28.23 8.70 -48.09
CA VAL J 323 29.50 9.22 -47.62
C VAL J 323 30.31 8.06 -47.10
N HIS J 324 31.61 8.08 -47.32
CA HIS J 324 32.50 7.08 -46.77
C HIS J 324 33.46 7.75 -45.80
N VAL J 325 33.32 7.44 -44.53
CA VAL J 325 34.02 8.14 -43.47
C VAL J 325 35.10 7.24 -42.91
N GLU J 326 36.36 7.59 -43.15
CA GLU J 326 37.49 6.89 -42.56
C GLU J 326 38.00 7.65 -41.36
N ALA J 327 38.37 6.95 -40.32
CA ALA J 327 39.09 7.54 -39.20
C ALA J 327 40.50 7.00 -39.24
N LEU J 328 41.46 7.74 -38.72
CA LEU J 328 42.80 7.21 -38.58
C LEU J 328 43.28 7.45 -37.17
N ILE J 329 43.49 6.39 -36.42
CA ILE J 329 43.91 6.60 -35.05
C ILE J 329 45.38 6.23 -34.94
N VAL J 330 46.25 7.20 -34.77
CA VAL J 330 47.67 6.97 -34.71
C VAL J 330 48.10 7.05 -33.26
N GLU J 331 49.05 6.22 -32.86
CA GLU J 331 49.66 6.37 -31.56
C GLU J 331 51.12 5.96 -31.62
N VAL J 332 52.01 6.80 -31.10
CA VAL J 332 53.41 6.48 -31.07
C VAL J 332 53.90 6.71 -29.65
N ALA J 333 54.22 5.65 -28.94
CA ALA J 333 54.70 5.77 -27.58
C ALA J 333 56.17 5.38 -27.51
N GLU J 334 56.90 6.05 -26.64
CA GLU J 334 58.28 5.63 -26.45
C GLU J 334 58.77 5.78 -25.02
N GLY J 335 59.04 4.69 -24.32
CA GLY J 335 59.42 4.74 -22.93
C GLY J 335 60.93 4.65 -22.77
N SER J 336 61.40 4.86 -21.56
CA SER J 336 62.78 4.58 -21.19
C SER J 336 62.82 4.59 -19.66
N ASN J 337 63.82 3.97 -19.08
CA ASN J 337 64.28 4.32 -17.75
C ASN J 337 65.64 3.69 -17.52
N ILE J 338 66.36 4.17 -16.55
CA ILE J 338 67.65 3.61 -16.22
C ILE J 338 67.83 3.66 -14.72
N ASN J 339 68.45 2.66 -14.17
CA ASN J 339 68.54 2.49 -12.74
C ASN J 339 69.92 1.99 -12.38
N PHE J 340 70.69 2.77 -11.63
CA PHE J 340 72.03 2.35 -11.27
C PHE J 340 72.43 2.70 -9.85
N GLY J 341 72.75 1.75 -8.99
CA GLY J 341 73.22 2.12 -7.68
C GLY J 341 73.90 1.01 -6.92
N VAL J 342 74.78 1.40 -6.04
CA VAL J 342 75.65 0.50 -5.28
C VAL J 342 75.10 0.33 -3.88
N GLN J 343 75.29 -0.85 -3.33
CA GLN J 343 74.85 -1.13 -1.97
C GLN J 343 75.91 -1.94 -1.26
N TRP J 344 76.05 -1.72 0.03
CA TRP J 344 77.00 -2.44 0.84
C TRP J 344 76.26 -3.15 1.94
N ALA J 345 76.97 -4.07 2.58
CA ALA J 345 76.49 -4.68 3.80
C ALA J 345 77.72 -5.21 4.48
N SER J 346 77.56 -5.60 5.74
CA SER J 346 78.71 -6.10 6.46
C SER J 346 78.23 -6.85 7.68
N LYS J 347 79.17 -7.12 8.55
CA LYS J 347 78.96 -7.71 9.86
C LYS J 347 78.25 -6.70 10.72
N ASP J 348 78.38 -6.85 12.03
CA ASP J 348 77.87 -5.89 12.99
C ASP J 348 78.27 -4.45 12.69
N ALA J 349 79.22 -4.24 11.77
CA ALA J 349 79.79 -2.94 11.47
C ALA J 349 79.05 -2.13 10.40
N GLY J 350 77.88 -2.55 9.92
CA GLY J 350 77.02 -1.58 9.27
C GLY J 350 76.23 -2.14 8.12
N LEU J 351 75.55 -1.24 7.40
CA LEU J 351 75.03 -1.51 6.07
C LEU J 351 74.78 -0.19 5.35
N MET J 352 74.55 -0.27 4.05
CA MET J 352 74.10 0.84 3.23
C MET J 352 73.04 0.29 2.29
N GLN J 353 71.88 0.89 2.28
CA GLN J 353 70.75 0.28 1.60
C GLN J 353 69.92 1.36 0.95
N PHE J 354 69.49 1.15 -0.29
CA PHE J 354 68.70 2.16 -0.98
C PHE J 354 67.44 1.52 -1.56
N ALA J 355 66.32 2.20 -1.37
CA ALA J 355 65.00 1.70 -1.70
C ALA J 355 64.51 2.13 -3.08
N ASN J 356 65.34 2.78 -3.87
CA ASN J 356 64.93 3.14 -5.22
C ASN J 356 64.64 1.88 -6.03
N GLY J 357 63.87 2.02 -7.09
CA GLY J 357 63.53 0.88 -7.92
C GLY J 357 62.60 -0.07 -7.17
N THR J 358 62.43 -1.34 -7.55
CA THR J 358 63.01 -2.12 -8.67
C THR J 358 64.46 -2.50 -8.41
N GLN J 359 65.09 -1.82 -7.46
CA GLN J 359 66.45 -2.14 -7.07
C GLN J 359 66.37 -2.85 -5.73
N ILE J 360 66.58 -4.16 -5.74
CA ILE J 360 66.21 -4.96 -4.57
C ILE J 360 67.18 -4.69 -3.44
N PRO J 361 66.70 -4.42 -2.23
CA PRO J 361 67.57 -3.92 -1.17
C PRO J 361 68.43 -5.01 -0.57
N ILE J 362 69.63 -4.62 -0.17
CA ILE J 362 70.62 -5.58 0.27
C ILE J 362 70.34 -6.09 1.66
N GLY J 363 69.55 -5.39 2.46
CA GLY J 363 69.19 -5.93 3.74
C GLY J 363 68.30 -7.12 3.57
N THR J 364 67.18 -6.93 2.90
CA THR J 364 66.24 -8.04 2.76
C THR J 364 66.77 -9.15 1.87
N LEU J 365 67.85 -8.89 1.14
CA LEU J 365 68.56 -9.97 0.46
C LEU J 365 69.37 -10.78 1.45
N GLY J 366 70.25 -10.12 2.19
CA GLY J 366 71.12 -10.82 3.12
C GLY J 366 70.39 -11.67 4.13
N ALA J 367 69.11 -11.40 4.36
CA ALA J 367 68.33 -12.30 5.17
C ALA J 367 67.92 -13.52 4.37
N ALA J 368 67.33 -13.29 3.19
CA ALA J 368 66.85 -14.41 2.38
C ALA J 368 67.96 -15.36 2.01
N ILE J 369 69.20 -14.91 1.98
CA ILE J 369 70.30 -15.83 1.78
C ILE J 369 70.49 -16.69 3.02
N SER J 370 70.38 -16.09 4.21
CA SER J 370 70.67 -16.85 5.41
C SER J 370 69.52 -17.76 5.80
N GLN J 371 68.28 -17.35 5.56
CA GLN J 371 67.18 -18.30 5.73
C GLN J 371 67.24 -19.44 4.72
N ALA J 372 68.12 -19.36 3.74
CA ALA J 372 68.27 -20.42 2.74
C ALA J 372 69.40 -21.36 3.07
N LYS J 373 70.06 -21.20 4.19
CA LYS J 373 71.13 -22.14 4.45
C LYS J 373 70.55 -23.47 4.90
N PRO J 374 71.24 -24.56 4.63
CA PRO J 374 70.77 -25.87 5.10
C PRO J 374 70.88 -25.95 6.61
N GLN J 375 69.81 -26.37 7.26
CA GLN J 375 69.79 -26.51 8.70
C GLN J 375 70.08 -27.96 9.07
N LYS J 376 71.22 -28.19 9.69
CA LYS J 376 71.63 -29.55 9.97
C LYS J 376 70.77 -30.09 11.09
N GLY J 377 70.02 -31.14 10.81
CA GLY J 377 69.13 -31.71 11.77
C GLY J 377 69.72 -32.93 12.43
N SER J 378 69.15 -33.28 13.58
CA SER J 378 69.34 -34.57 14.21
C SER J 378 68.13 -34.77 15.10
N THR J 379 67.79 -36.03 15.37
CA THR J 379 66.67 -36.31 16.25
C THR J 379 67.01 -37.48 17.15
N VAL J 380 66.93 -37.25 18.46
CA VAL J 380 67.22 -38.26 19.47
C VAL J 380 66.37 -37.93 20.69
N ILE J 381 65.89 -38.97 21.36
CA ILE J 381 65.15 -38.93 22.61
C ILE J 381 64.31 -37.67 22.80
N ILE J 389 69.94 -39.93 13.45
CA ILE J 389 69.99 -39.61 12.03
C ILE J 389 70.97 -38.52 11.69
N ASN J 390 71.25 -38.41 10.39
CA ASN J 390 72.05 -37.30 9.86
C ASN J 390 71.46 -36.83 8.53
N PRO J 391 70.19 -36.43 8.53
CA PRO J 391 69.65 -35.74 7.36
C PRO J 391 70.08 -34.29 7.39
N ASP J 392 69.91 -33.64 6.25
CA ASP J 392 70.01 -32.19 6.19
C ASP J 392 68.77 -31.69 5.46
N THR J 393 67.94 -30.93 6.16
CA THR J 393 66.71 -30.40 5.58
C THR J 393 67.00 -29.49 4.39
N ASN J 394 68.25 -29.12 4.19
CA ASN J 394 68.66 -28.19 3.15
C ASN J 394 67.88 -26.88 3.37
N GLY J 395 67.46 -26.19 2.32
CA GLY J 395 66.86 -24.89 2.45
C GLY J 395 65.38 -24.88 2.18
N ASP J 396 64.82 -23.69 2.32
CA ASP J 396 63.56 -23.32 1.69
C ASP J 396 63.79 -22.01 0.96
N LEU J 397 63.77 -22.08 -0.36
CA LEU J 397 64.08 -20.93 -1.18
C LEU J 397 62.87 -20.09 -1.50
N SER J 398 61.73 -20.39 -0.89
CA SER J 398 60.54 -19.57 -1.09
C SER J 398 60.84 -18.10 -0.86
N THR J 399 61.64 -17.79 0.15
CA THR J 399 61.90 -16.39 0.44
C THR J 399 62.83 -15.78 -0.60
N LEU J 400 63.91 -16.47 -0.92
CA LEU J 400 64.87 -15.90 -1.85
C LEU J 400 64.31 -15.80 -3.25
N ALA J 401 63.58 -16.81 -3.69
CA ALA J 401 63.00 -16.75 -5.02
C ALA J 401 61.84 -15.79 -5.11
N GLN J 402 61.37 -15.22 -4.00
CA GLN J 402 60.35 -14.20 -4.10
C GLN J 402 60.93 -12.84 -4.43
N LEU J 403 62.12 -12.53 -3.91
CA LEU J 403 62.82 -11.34 -4.35
C LEU J 403 63.03 -11.37 -5.85
N LEU J 404 63.64 -12.44 -6.33
CA LEU J 404 64.03 -12.55 -7.71
C LEU J 404 62.85 -12.72 -8.65
N SER J 405 61.63 -12.80 -8.12
CA SER J 405 60.48 -13.07 -8.97
C SER J 405 60.35 -12.03 -10.07
N GLY J 406 60.23 -10.77 -9.70
CA GLY J 406 60.09 -9.71 -10.68
C GLY J 406 61.35 -8.95 -10.99
N PHE J 407 62.46 -9.30 -10.36
CA PHE J 407 63.71 -8.59 -10.57
C PHE J 407 64.16 -8.68 -12.02
N SER J 408 64.80 -7.62 -12.49
CA SER J 408 65.27 -7.54 -13.87
C SER J 408 66.55 -6.74 -13.90
N GLY J 409 67.51 -7.19 -14.68
CA GLY J 409 68.75 -6.48 -14.84
C GLY J 409 69.84 -6.97 -13.92
N THR J 410 71.04 -6.46 -14.16
CA THR J 410 72.23 -6.91 -13.45
C THR J 410 72.06 -6.82 -11.94
N ALA J 411 72.62 -7.81 -11.24
CA ALA J 411 73.08 -7.63 -9.86
C ALA J 411 74.43 -8.32 -9.78
N VAL J 412 75.48 -7.57 -9.61
CA VAL J 412 76.81 -8.12 -9.43
C VAL J 412 77.17 -7.96 -7.98
N GLY J 413 77.91 -8.92 -7.44
CA GLY J 413 78.16 -8.86 -6.02
C GLY J 413 79.51 -9.39 -5.65
N VAL J 414 79.84 -9.19 -4.39
CA VAL J 414 80.90 -9.91 -3.72
C VAL J 414 80.27 -10.38 -2.42
N VAL J 415 80.01 -11.67 -2.29
CA VAL J 415 79.54 -12.18 -1.01
C VAL J 415 80.64 -13.09 -0.48
N LYS J 416 81.41 -12.58 0.47
CA LYS J 416 82.45 -13.35 1.13
C LYS J 416 82.55 -12.86 2.56
N GLY J 417 82.52 -13.77 3.53
CA GLY J 417 82.54 -13.36 4.92
C GLY J 417 81.38 -12.48 5.31
N ASP J 418 80.20 -12.71 4.71
CA ASP J 418 78.93 -12.09 5.07
C ASP J 418 78.88 -10.59 4.74
N TRP J 419 80.03 -9.98 4.49
CA TRP J 419 80.02 -8.61 3.97
C TRP J 419 79.91 -8.69 2.47
N MET J 420 79.19 -7.74 1.90
CA MET J 420 78.93 -7.82 0.47
C MET J 420 78.80 -6.43 -0.11
N ALA J 421 79.04 -6.33 -1.41
CA ALA J 421 78.84 -5.11 -2.17
C ALA J 421 78.11 -5.48 -3.45
N LEU J 422 76.91 -4.97 -3.63
CA LEU J 422 76.00 -5.46 -4.65
C LEU J 422 75.66 -4.32 -5.59
N VAL J 423 76.16 -4.38 -6.82
CA VAL J 423 76.05 -3.28 -7.77
C VAL J 423 74.97 -3.60 -8.77
N GLN J 424 73.84 -2.93 -8.71
CA GLN J 424 72.72 -3.26 -9.58
C GLN J 424 72.55 -2.18 -10.63
N ALA J 425 72.27 -2.59 -11.86
CA ALA J 425 72.05 -1.64 -12.94
C ALA J 425 71.16 -2.26 -14.00
N VAL J 426 70.36 -1.45 -14.69
CA VAL J 426 69.51 -1.92 -15.77
C VAL J 426 69.19 -0.72 -16.64
N LYS J 427 68.80 -0.96 -17.87
CA LYS J 427 68.20 0.07 -18.69
C LYS J 427 67.06 -0.49 -19.48
N ASN J 428 65.84 -0.13 -19.11
CA ASN J 428 64.68 -0.60 -19.83
C ASN J 428 64.33 0.40 -20.89
N ASP J 429 64.03 -0.08 -22.07
CA ASP J 429 63.70 0.80 -23.16
C ASP J 429 62.61 0.17 -23.98
N SER J 430 61.48 0.83 -24.15
CA SER J 430 60.41 0.25 -24.95
C SER J 430 60.11 1.16 -26.11
N SER J 431 59.13 0.78 -26.90
CA SER J 431 58.63 1.56 -28.00
C SER J 431 57.27 1.01 -28.36
N SER J 432 56.53 1.75 -29.14
CA SER J 432 55.30 1.24 -29.70
C SER J 432 54.93 2.04 -30.92
N ASN J 433 54.14 1.44 -31.77
CA ASN J 433 53.62 2.16 -32.91
C ASN J 433 52.31 1.51 -33.26
N VAL J 434 51.26 2.27 -33.49
CA VAL J 434 49.95 1.69 -33.75
C VAL J 434 49.26 2.53 -34.78
N LEU J 435 48.61 1.90 -35.73
CA LEU J 435 47.80 2.66 -36.66
C LEU J 435 46.54 1.87 -36.94
N SER J 436 45.39 2.36 -36.52
CA SER J 436 44.17 1.65 -36.81
C SER J 436 43.20 2.60 -37.47
N THR J 437 42.46 2.10 -38.42
CA THR J 437 41.67 2.94 -39.28
C THR J 437 40.31 2.38 -39.64
N PRO J 438 39.35 2.42 -38.72
CA PRO J 438 38.01 1.95 -39.02
C PRO J 438 37.31 2.88 -39.98
N SER J 439 36.38 2.33 -40.76
CA SER J 439 35.66 3.14 -41.72
C SER J 439 34.29 2.57 -41.95
N ILE J 440 33.33 3.44 -42.21
CA ILE J 440 31.93 3.05 -42.35
C ILE J 440 31.36 3.80 -43.54
N THR J 441 30.28 3.31 -44.10
CA THR J 441 29.63 3.93 -45.24
C THR J 441 28.15 4.09 -44.95
N THR J 442 27.65 5.31 -45.06
CA THR J 442 26.28 5.59 -44.72
C THR J 442 25.64 6.37 -45.85
N LEU J 443 24.33 6.46 -45.82
CA LEU J 443 23.70 7.52 -46.57
C LEU J 443 23.87 8.83 -45.83
N ASP J 444 23.72 9.92 -46.57
CA ASP J 444 23.61 11.23 -45.97
C ASP J 444 22.52 11.24 -44.90
N ASN J 445 22.75 11.99 -43.84
CA ASN J 445 21.79 12.29 -42.78
C ASN J 445 21.38 11.09 -41.95
N GLN J 446 21.87 9.90 -42.28
CA GLN J 446 21.57 8.69 -41.52
C GLN J 446 22.77 8.36 -40.66
N GLU J 447 22.54 7.86 -39.44
CA GLU J 447 23.68 7.58 -38.57
C GLU J 447 24.12 6.13 -38.67
N ALA J 448 25.43 5.95 -38.69
CA ALA J 448 26.04 4.64 -38.79
C ALA J 448 26.77 4.34 -37.51
N PHE J 449 26.91 3.07 -37.22
CA PHE J 449 27.55 2.61 -36.02
C PHE J 449 28.45 1.47 -36.41
N PHE J 450 29.68 1.48 -35.94
CA PHE J 450 30.62 0.44 -36.30
C PHE J 450 31.42 0.05 -35.09
N MET J 451 31.31 -1.18 -34.63
CA MET J 451 32.06 -1.62 -33.47
C MET J 451 32.84 -2.86 -33.82
N VAL J 452 34.12 -2.87 -33.48
CA VAL J 452 34.94 -4.07 -33.50
C VAL J 452 35.56 -4.17 -32.14
N GLY J 453 35.16 -5.17 -31.38
CA GLY J 453 35.48 -5.14 -29.97
C GLY J 453 35.01 -6.40 -29.32
N GLN J 454 34.77 -6.32 -28.03
CA GLN J 454 34.19 -7.44 -27.33
C GLN J 454 33.25 -6.91 -26.28
N ASP J 455 32.34 -7.77 -25.84
CA ASP J 455 31.22 -7.38 -25.00
C ASP J 455 31.38 -8.02 -23.65
N VAL J 456 31.66 -7.23 -22.63
CA VAL J 456 32.20 -7.73 -21.36
C VAL J 456 31.28 -7.31 -20.22
N PRO J 457 31.05 -8.16 -19.22
CA PRO J 457 30.12 -7.81 -18.14
C PRO J 457 30.72 -6.89 -17.08
N VAL J 458 29.89 -5.97 -16.59
CA VAL J 458 30.29 -5.05 -15.54
C VAL J 458 29.37 -5.27 -14.35
N LEU J 459 29.88 -5.08 -13.14
CA LEU J 459 29.44 -5.85 -11.99
C LEU J 459 27.94 -5.95 -11.82
N THR J 460 27.15 -4.89 -11.93
CA THR J 460 27.42 -3.56 -11.45
C THR J 460 26.14 -3.26 -10.68
N GLY J 461 26.24 -3.23 -9.36
CA GLY J 461 25.08 -3.23 -8.50
C GLY J 461 25.11 -4.39 -7.53
N THR J 474 24.57 -7.44 -10.18
CA THR J 474 23.45 -7.25 -11.08
C THR J 474 23.91 -7.30 -12.54
N VAL J 475 25.21 -7.31 -12.74
CA VAL J 475 25.87 -7.68 -13.99
C VAL J 475 25.21 -7.12 -15.24
N GLU J 476 25.37 -5.84 -15.47
CA GLU J 476 25.08 -5.29 -16.78
C GLU J 476 26.19 -5.63 -17.77
N ARG J 477 25.89 -5.48 -19.05
CA ARG J 477 26.67 -6.01 -20.17
C ARG J 477 27.20 -4.84 -21.00
N LYS J 478 28.52 -4.64 -20.99
CA LYS J 478 29.13 -3.45 -21.56
C LYS J 478 30.04 -3.79 -22.73
N LYS J 479 30.07 -2.91 -23.73
CA LYS J 479 30.80 -3.14 -24.96
C LYS J 479 32.06 -2.29 -25.01
N VAL J 480 33.20 -2.93 -25.24
CA VAL J 480 34.48 -2.24 -25.33
C VAL J 480 35.13 -2.60 -26.65
N GLY J 481 35.80 -1.65 -27.24
CA GLY J 481 36.60 -1.87 -28.42
C GLY J 481 36.53 -0.66 -29.30
N ILE J 482 37.11 -0.75 -30.48
CA ILE J 482 36.99 0.35 -31.41
C ILE J 482 35.53 0.59 -31.75
N MET J 483 35.09 1.82 -31.58
CA MET J 483 33.72 2.16 -31.87
C MET J 483 33.72 3.48 -32.59
N LEU J 484 32.93 3.58 -33.65
CA LEU J 484 32.84 4.80 -34.42
C LEU J 484 31.39 5.00 -34.72
N LYS J 485 30.83 6.13 -34.37
CA LYS J 485 29.42 6.40 -34.64
C LYS J 485 29.32 7.78 -35.22
N VAL J 486 28.93 7.89 -36.48
CA VAL J 486 29.02 9.13 -37.21
C VAL J 486 27.73 9.34 -37.98
N THR J 487 27.35 10.58 -38.20
CA THR J 487 26.11 10.92 -38.90
C THR J 487 26.24 12.13 -39.81
N PRO J 488 26.72 11.93 -41.03
CA PRO J 488 27.13 13.06 -41.87
C PRO J 488 25.97 13.79 -42.50
N GLN J 489 26.21 15.03 -42.91
CA GLN J 489 25.30 15.70 -43.82
C GLN J 489 26.08 16.56 -44.79
N ILE J 490 25.80 16.45 -46.07
CA ILE J 490 26.59 17.16 -47.07
C ILE J 490 26.09 18.59 -47.17
N ASN J 491 27.00 19.55 -47.00
CA ASN J 491 26.67 20.95 -46.89
C ASN J 491 26.74 21.70 -48.21
N GLU J 492 26.88 21.01 -49.33
CA GLU J 492 26.56 21.62 -50.60
C GLU J 492 27.64 22.62 -51.01
N GLY J 493 28.46 23.04 -50.06
CA GLY J 493 29.75 23.50 -50.51
C GLY J 493 30.68 22.37 -50.84
N ASN J 494 30.13 21.14 -50.88
CA ASN J 494 30.89 19.90 -50.98
C ASN J 494 31.76 19.68 -49.73
N ALA J 495 31.12 19.78 -48.56
CA ALA J 495 31.80 19.69 -47.27
C ALA J 495 30.90 18.94 -46.30
N VAL J 496 31.47 17.98 -45.58
CA VAL J 496 30.64 16.91 -45.04
C VAL J 496 30.04 17.14 -43.65
N GLN J 497 30.63 17.89 -42.74
CA GLN J 497 29.92 18.12 -41.47
C GLN J 497 29.56 16.86 -40.68
N MET J 498 30.51 16.24 -40.01
CA MET J 498 30.28 15.05 -39.21
C MET J 498 29.65 15.38 -37.88
N VAL J 499 29.02 14.39 -37.28
CA VAL J 499 28.75 14.38 -35.86
C VAL J 499 29.23 13.03 -35.36
N ILE J 500 30.30 13.03 -34.59
CA ILE J 500 31.13 11.84 -34.49
C ILE J 500 31.40 11.51 -33.05
N GLU J 501 31.41 10.21 -32.73
CA GLU J 501 31.90 9.72 -31.45
C GLU J 501 32.89 8.61 -31.73
N GLN J 502 34.15 8.87 -31.52
CA GLN J 502 35.17 7.86 -31.61
C GLN J 502 35.40 7.30 -30.24
N GLU J 503 35.72 6.03 -30.16
CA GLU J 503 36.09 5.47 -28.88
C GLU J 503 37.00 4.27 -29.07
N VAL J 504 37.99 4.14 -28.21
CA VAL J 504 38.89 2.99 -28.27
C VAL J 504 39.07 2.50 -26.85
N SER J 505 38.57 1.32 -26.56
CA SER J 505 38.60 0.79 -25.21
C SER J 505 39.30 -0.55 -25.21
N LYS J 506 39.68 -1.00 -24.02
CA LYS J 506 40.11 -2.37 -23.85
C LYS J 506 40.04 -2.71 -22.39
N VAL J 507 39.98 -3.99 -22.09
CA VAL J 507 40.02 -4.43 -20.71
C VAL J 507 41.45 -4.43 -20.23
N GLU J 508 41.75 -3.62 -19.23
CA GLU J 508 43.04 -3.65 -18.58
C GLU J 508 42.82 -4.03 -17.13
N GLY J 509 43.87 -4.50 -16.48
CA GLY J 509 43.64 -5.40 -15.38
C GLY J 509 42.88 -4.88 -14.19
N GLN J 510 41.73 -5.51 -13.95
CA GLN J 510 41.03 -5.63 -12.67
C GLN J 510 40.93 -4.39 -11.80
N THR J 511 40.80 -4.66 -10.51
CA THR J 511 40.70 -3.76 -9.38
C THR J 511 40.26 -4.70 -8.27
N SER J 512 40.06 -4.21 -7.06
CA SER J 512 39.47 -5.08 -6.05
C SER J 512 38.23 -5.79 -6.58
N LEU J 513 37.18 -5.03 -6.86
CA LEU J 513 35.85 -5.59 -7.08
C LEU J 513 35.41 -5.73 -8.53
N ASP J 514 36.22 -5.36 -9.52
CA ASP J 514 35.79 -5.44 -10.92
C ASP J 514 36.95 -5.28 -11.88
N VAL J 515 36.60 -5.13 -13.17
CA VAL J 515 37.53 -4.81 -14.24
C VAL J 515 37.55 -3.30 -14.47
N VAL J 516 38.74 -2.79 -14.69
CA VAL J 516 38.92 -1.42 -15.15
C VAL J 516 39.13 -1.49 -16.64
N PHE J 517 38.60 -0.52 -17.38
CA PHE J 517 38.78 -0.49 -18.82
C PHE J 517 39.66 0.68 -19.19
N GLY J 518 40.70 0.43 -19.94
CA GLY J 518 41.37 1.54 -20.57
C GLY J 518 40.38 2.13 -21.55
N GLU J 519 40.24 3.44 -21.58
CA GLU J 519 39.25 4.03 -22.47
C GLU J 519 39.74 5.38 -22.94
N ARG J 520 39.65 5.64 -24.23
CA ARG J 520 39.91 6.97 -24.73
C ARG J 520 38.90 7.30 -25.79
N LYS J 521 38.09 8.34 -25.57
CA LYS J 521 37.05 8.64 -26.51
C LYS J 521 36.94 10.12 -26.69
N LEU J 522 36.44 10.52 -27.83
CA LEU J 522 36.18 11.92 -28.07
C LEU J 522 34.94 12.06 -28.90
N LYS J 523 34.02 12.92 -28.48
CA LYS J 523 32.83 13.16 -29.25
C LYS J 523 32.66 14.63 -29.50
N THR J 524 32.72 15.01 -30.76
CA THR J 524 32.84 16.38 -31.19
C THR J 524 31.91 16.55 -32.38
N THR J 525 32.02 17.69 -33.05
CA THR J 525 31.36 17.90 -34.33
C THR J 525 32.32 18.67 -35.21
N VAL J 526 32.66 18.13 -36.35
CA VAL J 526 33.67 18.73 -37.18
C VAL J 526 33.06 18.99 -38.54
N LEU J 527 33.75 19.80 -39.31
CA LEU J 527 33.31 20.19 -40.64
C LEU J 527 34.48 19.97 -41.58
N ALA J 528 34.37 19.00 -42.46
CA ALA J 528 35.50 18.58 -43.28
C ALA J 528 35.16 18.69 -44.74
N ASN J 529 36.14 19.07 -45.54
CA ASN J 529 35.93 19.12 -46.98
C ASN J 529 35.78 17.72 -47.54
N ASP J 530 35.31 17.65 -48.77
CA ASP J 530 34.94 16.38 -49.38
C ASP J 530 36.05 15.35 -49.29
N GLY J 531 37.23 15.67 -49.78
CA GLY J 531 38.23 14.64 -49.85
C GLY J 531 39.38 14.80 -48.89
N GLU J 532 39.23 15.65 -47.89
CA GLU J 532 40.37 16.13 -47.13
C GLU J 532 40.23 15.81 -45.67
N LEU J 533 41.34 15.98 -44.96
CA LEU J 533 41.63 15.30 -43.71
C LEU J 533 41.65 16.32 -42.60
N ILE J 534 40.75 16.20 -41.65
CA ILE J 534 40.71 17.12 -40.53
C ILE J 534 41.06 16.36 -39.27
N VAL J 535 41.74 17.02 -38.33
CA VAL J 535 42.16 16.41 -37.09
C VAL J 535 41.09 16.60 -36.03
N LEU J 536 40.65 15.49 -35.45
CA LEU J 536 39.63 15.59 -34.40
C LEU J 536 40.23 15.92 -33.06
N GLY J 537 41.34 15.31 -32.70
CA GLY J 537 41.72 15.30 -31.31
C GLY J 537 43.18 14.95 -31.21
N GLY J 538 43.61 14.65 -30.01
CA GLY J 538 45.00 14.33 -29.85
C GLY J 538 45.44 14.48 -28.42
N LEU J 539 46.65 14.05 -28.18
CA LEU J 539 47.27 14.18 -26.88
C LEU J 539 48.76 14.15 -27.13
N MET J 540 49.52 14.83 -26.31
CA MET J 540 50.95 14.72 -26.37
C MET J 540 51.40 14.71 -24.93
N ASP J 541 52.11 13.70 -24.49
CA ASP J 541 52.32 13.55 -23.06
C ASP J 541 53.76 13.18 -22.81
N ASP J 542 54.48 14.02 -22.08
CA ASP J 542 55.88 13.76 -21.77
C ASP J 542 56.05 13.65 -20.27
N GLN J 543 57.12 13.01 -19.85
CA GLN J 543 57.48 12.99 -18.46
C GLN J 543 58.98 12.84 -18.40
N ALA J 544 59.61 13.43 -17.42
CA ALA J 544 60.96 13.05 -17.09
C ALA J 544 61.07 12.98 -15.59
N GLY J 545 61.16 11.81 -15.05
CA GLY J 545 61.34 11.69 -13.63
C GLY J 545 62.79 11.71 -13.28
N GLU J 546 63.06 11.72 -11.99
CA GLU J 546 64.39 11.42 -11.49
C GLU J 546 64.25 11.11 -10.01
N SER J 547 65.29 10.52 -9.46
CA SER J 547 65.36 10.27 -8.05
C SER J 547 66.83 10.13 -7.72
N VAL J 548 67.15 10.21 -6.46
CA VAL J 548 68.51 9.90 -6.06
C VAL J 548 68.44 9.57 -4.60
N ALA J 549 69.49 8.97 -4.07
CA ALA J 549 69.64 8.81 -2.64
C ALA J 549 71.12 8.78 -2.42
N LYS J 550 71.58 9.25 -1.28
CA LYS J 550 73.00 9.21 -1.03
C LYS J 550 73.25 9.34 0.46
N VAL J 551 74.50 9.47 0.83
CA VAL J 551 74.89 9.35 2.22
C VAL J 551 74.54 10.43 3.24
N PRO J 552 74.54 11.73 2.92
CA PRO J 552 74.82 12.79 1.96
C PRO J 552 76.21 13.24 1.65
N LEU J 553 77.10 13.32 2.63
CA LEU J 553 78.25 14.16 2.40
C LEU J 553 79.22 13.53 1.41
N LEU J 554 79.27 12.21 1.38
CA LEU J 554 80.18 11.48 0.51
C LEU J 554 79.66 11.34 -0.91
N GLY J 555 78.37 11.48 -1.12
CA GLY J 555 77.86 11.36 -2.46
C GLY J 555 78.24 12.48 -3.39
N ASP J 556 78.91 13.51 -2.89
CA ASP J 556 79.24 14.66 -3.72
C ASP J 556 80.65 14.66 -4.26
N ILE J 557 81.50 13.70 -3.88
CA ILE J 557 82.83 13.69 -4.47
C ILE J 557 82.70 13.44 -5.97
N PRO J 558 83.40 14.18 -6.83
CA PRO J 558 83.12 14.09 -8.27
C PRO J 558 83.54 12.77 -8.90
N LEU J 559 84.41 11.99 -8.27
CA LEU J 559 84.82 10.70 -8.81
C LEU J 559 84.14 9.54 -8.09
N ILE J 560 84.44 9.39 -6.80
CA ILE J 560 84.05 8.20 -6.04
C ILE J 560 82.67 8.41 -5.46
N GLY J 561 82.03 9.52 -5.80
CA GLY J 561 80.67 9.73 -5.36
C GLY J 561 79.77 8.58 -5.72
N ASN J 562 79.89 8.08 -6.94
CA ASN J 562 78.95 7.10 -7.45
C ASN J 562 78.91 5.82 -6.64
N LEU J 563 79.88 5.59 -5.78
CA LEU J 563 79.81 4.39 -4.96
C LEU J 563 78.73 4.50 -3.91
N PHE J 564 78.39 5.73 -3.51
CA PHE J 564 77.47 5.95 -2.42
C PHE J 564 76.06 6.34 -2.84
N LYS J 565 75.74 6.37 -4.12
CA LYS J 565 74.48 6.89 -4.61
C LYS J 565 73.63 5.77 -5.17
N SER J 566 72.34 6.02 -5.25
CA SER J 566 71.44 5.16 -6.01
C SER J 566 70.50 6.04 -6.80
N THR J 567 70.54 5.93 -8.12
CA THR J 567 69.81 6.84 -8.98
C THR J 567 68.76 6.07 -9.77
N ALA J 568 67.66 6.73 -10.09
CA ALA J 568 66.67 6.17 -10.99
C ALA J 568 66.15 7.26 -11.89
N ASP J 569 66.25 7.09 -13.20
CA ASP J 569 65.76 8.08 -14.12
C ASP J 569 64.62 7.52 -14.92
N LYS J 570 63.85 8.40 -15.53
CA LYS J 570 62.74 7.92 -16.30
C LYS J 570 62.45 8.95 -17.36
N LYS J 571 61.97 8.49 -18.49
CA LYS J 571 61.59 9.38 -19.58
C LYS J 571 60.48 8.67 -20.31
N GLU J 572 59.51 9.42 -20.78
CA GLU J 572 58.34 8.75 -21.33
C GLU J 572 57.71 9.69 -22.30
N LYS J 573 57.02 9.15 -23.29
CA LYS J 573 56.43 10.03 -24.27
C LYS J 573 55.28 9.31 -24.93
N ARG J 574 54.30 10.06 -25.38
CA ARG J 574 53.16 9.45 -26.03
C ARG J 574 52.56 10.48 -26.97
N ASN J 575 51.98 10.01 -28.06
CA ASN J 575 51.31 10.91 -28.96
C ASN J 575 50.08 10.20 -29.48
N LEU J 576 48.92 10.78 -29.34
CA LEU J 576 47.77 10.32 -30.09
C LEU J 576 47.40 11.35 -31.13
N MET J 577 46.76 10.88 -32.15
CA MET J 577 46.06 11.76 -33.05
C MET J 577 44.88 10.97 -33.55
N VAL J 578 43.82 11.66 -33.88
CA VAL J 578 42.70 11.04 -34.56
C VAL J 578 42.38 11.95 -35.72
N PHE J 579 42.31 11.39 -36.90
CA PHE J 579 42.02 12.17 -38.08
C PHE J 579 40.74 11.65 -38.66
N ILE J 580 40.15 12.38 -39.58
CA ILE J 580 39.00 11.81 -40.25
C ILE J 580 38.99 12.33 -41.66
N ARG J 581 38.75 11.45 -42.61
CA ARG J 581 38.63 11.83 -44.01
C ARG J 581 37.28 11.43 -44.57
N PRO J 582 36.39 12.37 -44.85
CA PRO J 582 35.16 12.02 -45.55
C PRO J 582 35.41 11.82 -47.04
N THR J 583 34.43 11.19 -47.68
CA THR J 583 34.43 11.08 -49.13
C THR J 583 32.98 11.00 -49.53
N ILE J 584 32.63 11.65 -50.63
CA ILE J 584 31.24 11.73 -51.06
C ILE J 584 31.08 10.88 -52.30
N LEU J 585 30.14 9.97 -52.24
CA LEU J 585 29.83 9.09 -53.35
C LEU J 585 28.48 9.54 -53.89
N ARG J 586 28.47 10.22 -55.03
CA ARG J 586 27.24 10.78 -55.57
C ARG J 586 26.67 9.91 -56.69
N ASP J 587 27.44 9.72 -57.75
CA ASP J 587 27.01 8.90 -58.85
C ASP J 587 26.81 7.46 -58.38
N GLY J 588 26.00 6.72 -59.13
CA GLY J 588 26.05 5.28 -59.00
C GLY J 588 27.42 4.73 -59.32
N MET J 589 28.18 5.44 -60.15
CA MET J 589 29.53 5.04 -60.48
C MET J 589 30.55 5.45 -59.42
N ALA J 590 30.21 6.42 -58.58
CA ALA J 590 31.13 6.83 -57.52
C ALA J 590 31.20 5.79 -56.41
N ALA J 591 30.09 5.11 -56.14
CA ALA J 591 30.09 4.07 -55.12
C ALA J 591 30.93 2.87 -55.51
N ASP J 592 31.08 2.65 -56.81
CA ASP J 592 31.84 1.51 -57.31
C ASP J 592 33.29 1.87 -57.57
N GLY J 593 33.67 3.14 -57.43
CA GLY J 593 35.06 3.51 -57.52
C GLY J 593 35.81 3.28 -56.23
N VAL J 594 35.19 3.63 -55.11
CA VAL J 594 35.81 3.38 -53.82
C VAL J 594 35.69 1.92 -53.44
N SER J 595 34.49 1.36 -53.57
CA SER J 595 34.31 0.00 -53.12
C SER J 595 34.94 -1.02 -54.05
N GLN J 596 35.32 -0.63 -55.25
CA GLN J 596 36.06 -1.56 -56.08
C GLN J 596 37.54 -1.56 -55.78
N ARG J 597 38.10 -0.45 -55.33
CA ARG J 597 39.53 -0.49 -55.06
C ARG J 597 39.82 -1.10 -53.70
N LYS J 598 38.91 -1.01 -52.75
CA LYS J 598 39.13 -1.74 -51.51
C LYS J 598 38.90 -3.23 -51.70
N TYR J 599 38.08 -3.61 -52.66
CA TYR J 599 37.93 -5.03 -52.97
C TYR J 599 39.22 -5.57 -53.55
N ASN J 600 39.70 -4.97 -54.63
CA ASN J 600 40.94 -5.42 -55.22
C ASN J 600 42.13 -5.24 -54.29
N TYR J 601 41.97 -4.54 -53.19
CA TYR J 601 43.04 -4.50 -52.21
C TYR J 601 43.00 -5.71 -51.30
N MET J 602 41.82 -6.13 -50.86
CA MET J 602 41.72 -7.33 -50.06
C MET J 602 41.98 -8.56 -50.89
N ARG J 603 41.63 -8.54 -52.17
CA ARG J 603 41.85 -9.72 -52.98
C ARG J 603 43.31 -9.86 -53.32
N ALA J 604 44.09 -8.82 -53.18
CA ALA J 604 45.52 -8.96 -53.36
C ALA J 604 46.24 -9.31 -52.08
N GLU J 605 45.58 -9.19 -50.94
CA GLU J 605 46.12 -9.78 -49.72
C GLU J 605 45.93 -11.28 -49.72
N GLN J 606 44.78 -11.74 -50.18
CA GLN J 606 44.46 -13.15 -50.15
C GLN J 606 45.15 -13.92 -51.26
N ILE J 607 45.63 -13.24 -52.28
CA ILE J 607 46.45 -13.93 -53.27
C ILE J 607 47.87 -14.06 -52.77
N TYR J 608 48.41 -13.01 -52.18
CA TYR J 608 49.77 -13.11 -51.65
C TYR J 608 49.83 -14.03 -50.45
N ARG J 609 48.75 -14.11 -49.68
CA ARG J 609 48.65 -15.13 -48.65
C ARG J 609 48.57 -16.51 -49.25
N ASP J 610 48.01 -16.62 -50.46
CA ASP J 610 47.88 -17.88 -51.14
C ASP J 610 49.15 -18.29 -51.87
N GLU J 611 49.84 -17.32 -52.49
CA GLU J 611 51.05 -17.65 -53.22
C GLU J 611 52.07 -18.35 -52.34
N GLN J 612 52.17 -17.93 -51.08
CA GLN J 612 52.97 -18.67 -50.11
C GLN J 612 51.99 -19.50 -49.30
N GLY J 613 51.96 -20.79 -49.59
CA GLY J 613 50.82 -21.58 -49.20
C GLY J 613 50.85 -21.96 -47.76
N LEU J 614 49.88 -22.78 -47.39
CA LEU J 614 49.99 -23.55 -46.17
C LEU J 614 51.17 -24.49 -46.35
N SER J 615 52.13 -24.42 -45.44
CA SER J 615 53.43 -25.01 -45.72
C SER J 615 53.41 -26.53 -45.59
N LEU J 616 52.70 -27.05 -44.60
CA LEU J 616 52.66 -28.49 -44.43
C LEU J 616 51.79 -29.15 -45.49
N MET J 617 50.58 -28.63 -45.69
CA MET J 617 49.74 -29.18 -46.75
C MET J 617 49.88 -28.33 -48.00
N PRO J 618 50.58 -28.81 -49.04
CA PRO J 618 50.33 -28.22 -50.35
C PRO J 618 49.29 -29.07 -51.07
N HIS J 619 48.82 -28.64 -52.23
CA HIS J 619 48.86 -27.25 -52.60
C HIS J 619 47.71 -26.59 -51.87
N THR J 620 46.55 -27.22 -51.97
CA THR J 620 45.41 -27.02 -51.07
C THR J 620 44.97 -25.55 -51.04
N ALA J 621 44.37 -25.14 -52.15
CA ALA J 621 43.32 -24.13 -52.14
C ALA J 621 43.68 -22.86 -51.38
N GLN J 622 42.98 -22.65 -50.27
CA GLN J 622 42.90 -21.51 -49.37
C GLN J 622 41.95 -20.48 -49.95
N PRO J 623 41.16 -19.79 -49.14
CA PRO J 623 40.11 -18.95 -49.71
C PRO J 623 40.70 -17.72 -50.36
N VAL J 624 40.22 -17.43 -51.56
CA VAL J 624 40.52 -16.17 -52.23
C VAL J 624 39.20 -15.63 -52.72
N LEU J 625 39.16 -14.41 -52.87
CA LEU J 625 37.91 -13.71 -53.09
C LEU J 625 37.66 -13.60 -54.58
N PRO J 626 36.44 -13.85 -55.07
CA PRO J 626 36.24 -14.00 -56.51
C PRO J 626 36.69 -12.78 -57.27
N ALA J 627 37.13 -13.00 -58.51
CA ALA J 627 37.58 -11.89 -59.32
C ALA J 627 36.40 -11.05 -59.78
N GLN J 628 36.69 -9.84 -60.21
CA GLN J 628 35.70 -8.99 -60.88
C GLN J 628 35.98 -8.95 -62.37
N ASN J 629 34.91 -9.00 -63.16
CA ASN J 629 35.02 -9.11 -64.61
C ASN J 629 35.81 -10.35 -65.01
N GLN J 630 35.36 -11.49 -64.50
CA GLN J 630 35.94 -12.77 -64.89
C GLN J 630 35.84 -13.02 -66.39
N ALA J 631 34.91 -12.36 -67.06
CA ALA J 631 34.55 -12.61 -68.46
C ALA J 631 34.15 -14.07 -68.58
N LEU J 632 34.52 -14.74 -69.64
CA LEU J 632 34.01 -16.06 -69.96
C LEU J 632 35.02 -17.14 -69.64
N PRO J 633 34.61 -18.20 -68.96
CA PRO J 633 35.52 -19.33 -68.77
C PRO J 633 35.98 -19.86 -70.10
N PRO J 634 37.13 -20.55 -70.13
CA PRO J 634 37.69 -20.97 -71.42
C PRO J 634 36.79 -21.89 -72.21
N GLU J 635 36.09 -22.80 -71.56
CA GLU J 635 35.24 -23.71 -72.32
C GLU J 635 33.94 -23.05 -72.75
N VAL J 636 33.44 -22.11 -71.95
CA VAL J 636 32.28 -21.33 -72.38
C VAL J 636 32.64 -20.48 -73.58
N ARG J 637 33.91 -20.10 -73.68
CA ARG J 637 34.39 -19.31 -74.81
C ARG J 637 34.12 -20.02 -76.13
N ALA J 638 34.45 -21.31 -76.18
CA ALA J 638 34.31 -22.06 -77.44
C ALA J 638 32.86 -22.22 -77.86
N PHE J 639 31.94 -22.41 -76.91
CA PHE J 639 30.53 -22.61 -77.25
C PHE J 639 29.98 -21.47 -78.08
N LEU J 640 30.50 -20.26 -77.90
CA LEU J 640 30.12 -19.15 -78.75
C LEU J 640 30.61 -19.35 -80.18
N ASN J 641 31.84 -19.85 -80.32
CA ASN J 641 32.46 -19.96 -81.64
C ASN J 641 31.84 -21.07 -82.49
N ALA J 642 30.95 -21.88 -81.94
CA ALA J 642 30.25 -22.85 -82.75
C ALA J 642 28.89 -22.31 -83.15
N GLY J 643 27.97 -22.22 -82.19
CA GLY J 643 26.62 -21.78 -82.46
C GLY J 643 26.53 -20.32 -82.87
N GLY K 100 -91.19 15.41 -63.84
CA GLY K 100 -91.65 16.65 -64.44
C GLY K 100 -91.96 17.71 -63.40
N ASP K 101 -93.24 18.10 -63.33
CA ASP K 101 -93.73 19.04 -62.33
C ASP K 101 -94.32 18.34 -61.11
N GLU K 102 -94.27 17.02 -61.07
CA GLU K 102 -94.88 16.28 -59.97
C GLU K 102 -94.16 16.55 -58.66
N MET K 103 -94.90 16.98 -57.65
CA MET K 103 -94.35 17.25 -56.33
C MET K 103 -94.22 15.95 -55.56
N VAL K 104 -92.99 15.58 -55.20
CA VAL K 104 -92.70 14.36 -54.43
C VAL K 104 -91.50 14.61 -53.53
N THR K 105 -91.25 13.68 -52.62
CA THR K 105 -90.02 13.61 -51.85
C THR K 105 -89.20 12.41 -52.33
N LYS K 106 -87.87 12.53 -52.24
CA LYS K 106 -86.99 11.46 -52.67
C LYS K 106 -85.80 11.34 -51.71
N VAL K 107 -85.23 10.14 -51.66
CA VAL K 107 -84.12 9.81 -50.77
C VAL K 107 -82.87 9.65 -51.63
N VAL K 108 -81.85 10.46 -51.35
CA VAL K 108 -80.55 10.31 -51.99
C VAL K 108 -79.48 10.06 -50.93
N PRO K 109 -78.94 8.85 -50.84
CA PRO K 109 -77.73 8.64 -50.03
C PRO K 109 -76.50 9.22 -50.70
N VAL K 110 -75.72 9.97 -49.94
CA VAL K 110 -74.46 10.52 -50.43
C VAL K 110 -73.35 9.79 -49.70
N ARG K 111 -72.63 8.93 -50.42
CA ARG K 111 -71.68 8.00 -49.79
C ARG K 111 -70.30 8.62 -49.70
N ASN K 112 -69.61 8.73 -50.83
CA ASN K 112 -68.22 9.19 -50.82
C ASN K 112 -68.09 10.69 -50.62
N VAL K 113 -69.08 11.46 -51.04
CA VAL K 113 -69.00 12.92 -51.09
C VAL K 113 -69.41 13.50 -49.75
N SER K 114 -68.73 14.56 -49.33
CA SER K 114 -69.22 15.32 -48.19
C SER K 114 -70.49 16.04 -48.60
N VAL K 115 -71.58 15.81 -47.85
CA VAL K 115 -72.89 16.29 -48.24
C VAL K 115 -72.92 17.81 -48.35
N ARG K 116 -72.10 18.51 -47.58
CA ARG K 116 -72.06 19.96 -47.70
C ARG K 116 -71.14 20.44 -48.81
N GLU K 117 -70.29 19.56 -49.37
CA GLU K 117 -69.60 19.92 -50.59
C GLU K 117 -70.59 20.24 -51.70
N LEU K 118 -71.77 19.64 -51.64
CA LEU K 118 -72.80 19.80 -52.65
C LEU K 118 -73.75 20.93 -52.34
N ALA K 119 -73.48 21.70 -51.31
CA ALA K 119 -74.28 22.89 -51.02
C ALA K 119 -74.46 23.80 -52.22
N PRO K 120 -73.41 24.19 -52.96
CA PRO K 120 -73.64 25.13 -54.09
C PRO K 120 -74.53 24.59 -55.19
N ILE K 121 -74.23 23.39 -55.70
CA ILE K 121 -74.80 22.99 -56.98
C ILE K 121 -76.23 22.50 -56.83
N LEU K 122 -76.57 21.94 -55.66
CA LEU K 122 -77.92 21.46 -55.45
C LEU K 122 -78.87 22.62 -55.16
N ARG K 123 -78.40 23.59 -54.38
CA ARG K 123 -79.22 24.75 -54.06
C ARG K 123 -79.23 25.76 -55.20
N GLN K 124 -78.13 25.86 -55.97
CA GLN K 124 -78.14 26.73 -57.14
C GLN K 124 -79.11 26.23 -58.19
N MET K 125 -79.49 24.96 -58.14
CA MET K 125 -80.55 24.46 -59.02
C MET K 125 -81.90 25.07 -58.65
N ILE K 126 -82.11 25.30 -57.36
CA ILE K 126 -83.35 25.91 -56.86
C ILE K 126 -83.52 27.31 -57.46
N ASP K 127 -82.41 27.98 -57.75
CA ASP K 127 -82.45 29.23 -58.51
C ASP K 127 -83.16 29.02 -59.84
N SER K 128 -82.72 28.01 -60.60
CA SER K 128 -83.32 27.69 -61.89
C SER K 128 -84.60 26.88 -61.71
N ALA K 129 -84.63 25.94 -60.77
CA ALA K 129 -85.80 25.10 -60.58
C ALA K 129 -86.98 25.90 -60.02
N GLY K 130 -86.71 26.94 -59.24
CA GLY K 130 -87.78 27.68 -58.61
C GLY K 130 -88.26 27.07 -57.32
N SER K 131 -89.57 27.13 -57.08
CA SER K 131 -90.16 26.68 -55.83
C SER K 131 -90.43 25.18 -55.86
N GLY K 132 -90.93 24.67 -54.73
CA GLY K 132 -91.34 23.30 -54.62
C GLY K 132 -90.24 22.31 -54.30
N ASN K 133 -88.98 22.65 -54.57
CA ASN K 133 -87.87 21.73 -54.39
C ASN K 133 -87.03 22.14 -53.20
N VAL K 134 -86.66 21.15 -52.38
CA VAL K 134 -85.89 21.37 -51.18
C VAL K 134 -84.74 20.37 -51.15
N VAL K 135 -83.55 20.84 -50.78
CA VAL K 135 -82.37 20.01 -50.67
C VAL K 135 -81.89 20.06 -49.23
N ASN K 136 -81.66 18.88 -48.65
CA ASN K 136 -81.36 18.74 -47.23
C ASN K 136 -79.98 18.13 -47.07
N TYR K 137 -79.15 18.73 -46.22
CA TYR K 137 -77.77 18.31 -46.03
C TYR K 137 -77.61 17.79 -44.61
N ASP K 138 -77.47 16.47 -44.46
CA ASP K 138 -77.35 15.91 -43.12
C ASP K 138 -75.96 15.37 -42.89
N PRO K 139 -75.26 15.83 -41.85
CA PRO K 139 -73.90 15.32 -41.59
C PRO K 139 -73.84 13.81 -41.37
N SER K 140 -74.97 13.15 -41.14
CA SER K 140 -75.03 11.68 -41.21
C SER K 140 -74.83 11.18 -42.62
N ASN K 141 -74.60 12.11 -43.56
CA ASN K 141 -74.11 11.83 -44.91
C ASN K 141 -75.16 11.20 -45.81
N VAL K 142 -76.36 11.78 -45.82
CA VAL K 142 -77.27 11.69 -46.95
C VAL K 142 -77.76 13.09 -47.27
N ILE K 143 -78.38 13.21 -48.44
CA ILE K 143 -78.98 14.47 -48.88
C ILE K 143 -80.41 14.19 -49.30
N MET K 144 -81.36 14.79 -48.57
CA MET K 144 -82.78 14.55 -48.79
C MET K 144 -83.34 15.57 -49.78
N LEU K 145 -83.83 15.06 -50.91
CA LEU K 145 -84.37 15.89 -51.97
C LEU K 145 -85.89 15.76 -51.95
N THR K 146 -86.57 16.87 -51.72
CA THR K 146 -88.03 16.90 -51.72
C THR K 146 -88.47 17.97 -52.69
N GLY K 147 -89.14 17.56 -53.77
CA GLY K 147 -89.61 18.53 -54.74
C GLY K 147 -90.06 17.86 -56.03
N ARG K 148 -90.02 18.64 -57.10
CA ARG K 148 -90.55 18.19 -58.38
C ARG K 148 -89.65 17.11 -58.98
N ALA K 149 -90.27 15.96 -59.29
CA ALA K 149 -89.53 14.73 -59.57
C ALA K 149 -88.56 14.84 -60.74
N SER K 150 -88.66 15.88 -61.58
CA SER K 150 -87.67 16.03 -62.64
C SER K 150 -86.39 16.68 -62.13
N VAL K 151 -86.50 17.70 -61.28
CA VAL K 151 -85.31 18.39 -60.83
C VAL K 151 -84.56 17.56 -59.80
N VAL K 152 -85.28 16.85 -58.93
CA VAL K 152 -84.63 15.91 -58.04
C VAL K 152 -83.94 14.82 -58.85
N GLU K 153 -84.55 14.43 -59.98
CA GLU K 153 -84.00 13.39 -60.83
C GLU K 153 -82.55 13.69 -61.18
N ARG K 154 -82.28 14.92 -61.65
CA ARG K 154 -80.92 15.30 -61.99
C ARG K 154 -80.00 15.24 -60.77
N LEU K 155 -80.50 15.61 -59.61
CA LEU K 155 -79.62 15.63 -58.45
C LEU K 155 -79.50 14.26 -57.79
N THR K 156 -80.32 13.30 -58.20
CA THR K 156 -79.94 11.89 -58.08
C THR K 156 -78.97 11.52 -59.19
N GLU K 157 -79.13 12.11 -60.38
CA GLU K 157 -78.18 11.91 -61.46
C GLU K 157 -76.83 12.55 -61.14
N VAL K 158 -76.83 13.86 -60.86
CA VAL K 158 -75.58 14.59 -60.68
C VAL K 158 -74.74 13.95 -59.58
N ILE K 159 -75.29 13.88 -58.37
CA ILE K 159 -74.49 13.46 -57.22
C ILE K 159 -73.95 12.06 -57.44
N GLN K 160 -74.82 11.10 -57.71
CA GLN K 160 -74.38 9.72 -57.84
C GLN K 160 -73.55 9.48 -59.10
N ARG K 161 -73.51 10.45 -60.01
CA ARG K 161 -72.44 10.53 -61.01
C ARG K 161 -71.22 11.23 -60.45
N VAL K 162 -71.40 12.33 -59.71
CA VAL K 162 -70.27 13.00 -59.08
C VAL K 162 -69.69 12.14 -57.97
N ASP K 163 -70.54 11.41 -57.25
CA ASP K 163 -70.06 10.49 -56.22
C ASP K 163 -69.18 9.42 -56.81
N HIS K 164 -69.28 9.18 -58.12
CA HIS K 164 -68.34 8.32 -58.82
C HIS K 164 -66.98 9.00 -58.99
N ALA K 165 -66.98 10.32 -59.21
CA ALA K 165 -65.76 11.02 -59.58
C ALA K 165 -64.71 10.91 -58.49
N GLY K 166 -65.10 11.05 -57.23
CA GLY K 166 -64.14 11.03 -56.15
C GLY K 166 -63.88 9.64 -55.60
N ASN K 167 -64.16 8.62 -56.39
CA ASN K 167 -64.08 7.24 -55.91
C ASN K 167 -62.64 6.87 -55.55
N ARG K 168 -62.44 6.39 -54.34
CA ARG K 168 -61.12 6.12 -53.80
C ARG K 168 -61.06 4.69 -53.29
N THR K 169 -60.27 3.86 -53.97
CA THR K 169 -60.13 2.45 -53.64
C THR K 169 -58.65 2.15 -53.44
N GLU K 170 -58.37 1.11 -52.65
CA GLU K 170 -57.00 0.79 -52.26
C GLU K 170 -56.61 -0.57 -52.78
N GLU K 171 -55.31 -0.76 -53.01
CA GLU K 171 -54.82 -1.99 -53.58
C GLU K 171 -53.41 -2.24 -53.07
N VAL K 172 -53.06 -3.53 -52.94
CA VAL K 172 -51.79 -3.96 -52.39
C VAL K 172 -50.95 -4.45 -53.54
N ILE K 173 -49.85 -3.75 -53.81
CA ILE K 173 -48.92 -4.09 -54.89
C ILE K 173 -47.70 -4.75 -54.27
N PRO K 174 -47.43 -6.02 -54.53
CA PRO K 174 -46.26 -6.67 -53.95
C PRO K 174 -44.97 -6.14 -54.56
N LEU K 175 -43.87 -6.41 -53.85
CA LEU K 175 -42.54 -5.99 -54.27
C LEU K 175 -41.59 -7.15 -54.17
N ASP K 176 -41.06 -7.59 -55.30
CA ASP K 176 -40.20 -8.76 -55.34
C ASP K 176 -38.76 -8.45 -54.97
N ASN K 177 -38.27 -7.26 -55.30
CA ASN K 177 -36.87 -6.95 -55.10
C ASN K 177 -36.66 -5.84 -54.07
N ALA K 178 -37.15 -4.64 -54.33
CA ALA K 178 -36.88 -3.53 -53.42
C ALA K 178 -37.66 -3.70 -52.13
N SER K 179 -37.18 -3.02 -51.09
CA SER K 179 -37.87 -3.01 -49.83
C SER K 179 -39.07 -2.08 -49.90
N ALA K 180 -40.19 -2.52 -49.35
CA ALA K 180 -41.36 -1.67 -49.36
C ALA K 180 -41.19 -0.42 -48.52
N SER K 181 -40.30 -0.45 -47.53
CA SER K 181 -40.13 0.72 -46.69
C SER K 181 -39.36 1.83 -47.37
N GLU K 182 -38.39 1.50 -48.23
CA GLU K 182 -37.77 2.55 -49.05
C GLU K 182 -38.78 3.18 -49.97
N ILE K 183 -39.41 2.37 -50.83
CA ILE K 183 -40.36 2.87 -51.82
C ILE K 183 -41.46 3.70 -51.17
N ALA K 184 -41.77 3.43 -49.91
CA ALA K 184 -42.74 4.25 -49.21
C ALA K 184 -42.18 5.61 -48.81
N ARG K 185 -40.87 5.72 -48.59
CA ARG K 185 -40.30 7.05 -48.36
C ARG K 185 -40.08 7.79 -49.66
N VAL K 186 -39.57 7.11 -50.68
CA VAL K 186 -39.31 7.77 -51.95
C VAL K 186 -40.60 8.31 -52.55
N LEU K 187 -41.58 7.43 -52.77
CA LEU K 187 -42.81 7.85 -53.42
C LEU K 187 -43.57 8.90 -52.61
N GLU K 188 -43.30 9.00 -51.32
CA GLU K 188 -43.91 10.04 -50.52
C GLU K 188 -43.05 11.29 -50.43
N SER K 189 -41.82 11.24 -50.90
CA SER K 189 -41.02 12.46 -50.99
C SER K 189 -41.38 13.27 -52.22
N LEU K 190 -42.06 12.66 -53.19
CA LEU K 190 -42.48 13.41 -54.37
C LEU K 190 -43.70 14.28 -54.07
N THR K 191 -44.50 13.87 -53.09
CA THR K 191 -45.77 14.54 -52.85
C THR K 191 -46.18 14.53 -51.40
N GLN K 205 -51.56 8.97 -50.98
CA GLN K 205 -51.34 8.20 -49.76
C GLN K 205 -50.71 6.85 -50.03
N ILE K 206 -49.56 6.59 -49.39
CA ILE K 206 -48.83 5.35 -49.53
C ILE K 206 -48.41 4.86 -48.16
N VAL K 207 -48.77 3.62 -47.85
CA VAL K 207 -48.34 2.96 -46.62
C VAL K 207 -47.77 1.60 -46.99
N ALA K 208 -46.64 1.26 -46.39
CA ALA K 208 -45.93 0.02 -46.70
C ALA K 208 -46.22 -1.03 -45.65
N ASP K 209 -46.43 -2.26 -46.10
CA ASP K 209 -46.63 -3.39 -45.22
C ASP K 209 -45.35 -4.21 -45.18
N GLU K 210 -44.81 -4.40 -43.97
CA GLU K 210 -43.49 -5.02 -43.85
C GLU K 210 -43.55 -6.52 -44.16
N ARG K 211 -44.50 -7.23 -43.56
CA ARG K 211 -44.49 -8.69 -43.56
C ARG K 211 -44.46 -9.23 -44.99
N THR K 212 -45.48 -8.90 -45.77
CA THR K 212 -45.58 -9.41 -47.13
C THR K 212 -44.71 -8.63 -48.10
N ASN K 213 -44.02 -7.60 -47.64
CA ASN K 213 -43.19 -6.76 -48.48
C ASN K 213 -44.01 -6.20 -49.64
N SER K 214 -44.99 -5.38 -49.28
CA SER K 214 -45.96 -4.90 -50.25
C SER K 214 -46.40 -3.51 -49.85
N VAL K 215 -46.73 -2.70 -50.85
CA VAL K 215 -47.07 -1.31 -50.66
C VAL K 215 -48.57 -1.13 -50.86
N ILE K 216 -49.23 -0.58 -49.86
CA ILE K 216 -50.64 -0.22 -49.97
C ILE K 216 -50.74 1.18 -50.56
N VAL K 217 -51.58 1.32 -51.58
CA VAL K 217 -51.73 2.57 -52.30
C VAL K 217 -53.21 2.93 -52.34
N SER K 218 -53.50 4.23 -52.45
CA SER K 218 -54.87 4.71 -52.46
C SER K 218 -55.04 5.90 -53.39
N GLY K 219 -56.14 5.93 -54.13
CA GLY K 219 -56.43 7.00 -55.05
C GLY K 219 -57.37 6.53 -56.15
N ASP K 220 -57.76 7.49 -57.00
CA ASP K 220 -58.64 7.17 -58.10
C ASP K 220 -57.92 6.32 -59.14
N PRO K 221 -58.66 5.59 -59.98
CA PRO K 221 -58.01 4.62 -60.87
C PRO K 221 -57.02 5.21 -61.85
N ALA K 222 -57.01 6.52 -62.08
CA ALA K 222 -55.96 7.10 -62.90
C ALA K 222 -54.67 7.30 -62.12
N THR K 223 -54.77 7.77 -60.88
CA THR K 223 -53.58 7.91 -60.05
C THR K 223 -53.00 6.57 -59.67
N ARG K 224 -53.86 5.58 -59.40
CA ARG K 224 -53.34 4.25 -59.13
C ARG K 224 -52.79 3.58 -60.37
N ASP K 225 -52.90 4.22 -61.54
CA ASP K 225 -52.16 3.75 -62.71
C ASP K 225 -50.69 4.19 -62.65
N LYS K 226 -50.45 5.47 -62.34
CA LYS K 226 -49.09 5.98 -62.43
C LYS K 226 -48.18 5.30 -61.42
N MET K 227 -48.56 5.34 -60.14
CA MET K 227 -47.77 4.66 -59.13
C MET K 227 -47.63 3.18 -59.39
N ARG K 228 -48.54 2.58 -60.15
CA ARG K 228 -48.36 1.18 -60.51
C ARG K 228 -47.33 1.01 -61.62
N ARG K 229 -47.17 2.01 -62.49
CA ARG K 229 -46.10 1.98 -63.48
C ARG K 229 -44.76 2.41 -62.90
N LEU K 230 -44.78 3.31 -61.92
CA LEU K 230 -43.53 3.76 -61.34
C LEU K 230 -42.96 2.77 -60.36
N ILE K 231 -43.82 1.97 -59.71
CA ILE K 231 -43.34 0.92 -58.83
C ILE K 231 -42.78 -0.27 -59.60
N ARG K 232 -43.19 -0.48 -60.85
CA ARG K 232 -42.59 -1.55 -61.63
C ARG K 232 -41.15 -1.26 -62.02
N ARG K 233 -40.78 0.01 -62.18
CA ARG K 233 -39.37 0.32 -62.42
C ARG K 233 -38.54 0.28 -61.15
N LEU K 234 -39.08 0.78 -60.03
CA LEU K 234 -38.30 0.73 -58.81
C LEU K 234 -38.16 -0.69 -58.27
N ASP K 235 -38.96 -1.63 -58.75
CA ASP K 235 -38.82 -3.03 -58.42
C ASP K 235 -37.96 -3.78 -59.44
N SER K 236 -37.53 -3.13 -60.52
CA SER K 236 -36.73 -3.80 -61.51
C SER K 236 -35.47 -4.37 -60.87
N GLU K 237 -35.04 -5.54 -61.33
CA GLU K 237 -33.92 -6.21 -60.69
C GLU K 237 -32.62 -5.50 -61.00
N MET K 238 -31.85 -5.25 -59.95
CA MET K 238 -30.50 -4.75 -60.06
C MET K 238 -29.62 -5.77 -60.75
N GLU K 239 -28.64 -5.29 -61.53
CA GLU K 239 -27.74 -6.23 -62.20
C GLU K 239 -26.52 -6.41 -61.32
N ARG K 240 -26.50 -7.51 -60.56
CA ARG K 240 -25.32 -8.13 -59.98
C ARG K 240 -24.52 -7.18 -59.08
N SER K 241 -24.75 -5.87 -59.22
CA SER K 241 -23.88 -4.87 -58.62
C SER K 241 -24.68 -4.08 -57.61
N GLY K 242 -24.45 -4.37 -56.34
CA GLY K 242 -25.05 -3.61 -55.27
C GLY K 242 -24.11 -2.50 -54.85
N ASN K 243 -24.36 -1.96 -53.67
CA ASN K 243 -23.35 -1.10 -53.13
C ASN K 243 -22.15 -1.87 -52.62
N SER K 244 -22.23 -3.20 -52.58
CA SER K 244 -21.16 -4.05 -52.08
C SER K 244 -20.58 -4.89 -53.21
N GLN K 245 -19.26 -4.83 -53.35
CA GLN K 245 -18.55 -5.72 -54.25
C GLN K 245 -17.46 -6.42 -53.49
N VAL K 246 -16.96 -7.50 -54.08
CA VAL K 246 -15.96 -8.35 -53.47
C VAL K 246 -14.77 -8.36 -54.41
N PHE K 247 -13.64 -7.85 -53.94
CA PHE K 247 -12.42 -7.80 -54.72
C PHE K 247 -11.47 -8.87 -54.24
N TYR K 248 -11.19 -9.84 -55.10
CA TYR K 248 -10.15 -10.80 -54.82
C TYR K 248 -8.81 -10.18 -55.15
N LEU K 249 -7.95 -10.06 -54.15
CA LEU K 249 -6.68 -9.41 -54.36
C LEU K 249 -5.69 -10.39 -54.97
N LYS K 250 -5.04 -9.95 -56.04
CA LYS K 250 -4.13 -10.84 -56.75
C LYS K 250 -2.79 -10.94 -56.05
N TYR K 251 -2.33 -9.88 -55.41
CA TYR K 251 -1.03 -9.90 -54.79
C TYR K 251 -1.09 -9.43 -53.36
N SER K 252 -1.58 -8.21 -53.14
CA SER K 252 -1.60 -7.65 -51.81
C SER K 252 -2.30 -8.58 -50.82
N LYS K 253 -1.86 -8.53 -49.59
CA LYS K 253 -2.55 -9.23 -48.52
C LYS K 253 -3.75 -8.41 -48.08
N ALA K 254 -4.93 -9.02 -48.15
CA ALA K 254 -6.17 -8.26 -48.09
C ALA K 254 -6.25 -7.35 -46.90
N GLU K 255 -5.68 -7.74 -45.78
CA GLU K 255 -5.82 -6.95 -44.57
C GLU K 255 -4.68 -5.98 -44.36
N ASP K 256 -3.78 -5.85 -45.32
CA ASP K 256 -2.88 -4.71 -45.32
C ASP K 256 -3.55 -3.49 -45.96
N LEU K 257 -4.23 -3.69 -47.08
CA LEU K 257 -4.95 -2.61 -47.73
C LEU K 257 -6.14 -2.15 -46.92
N VAL K 258 -6.55 -2.87 -45.89
CA VAL K 258 -7.83 -2.54 -45.29
C VAL K 258 -7.73 -1.25 -44.50
N ASP K 259 -6.57 -0.97 -43.92
CA ASP K 259 -6.39 0.31 -43.22
C ASP K 259 -6.05 1.42 -44.18
N VAL K 260 -5.19 1.15 -45.16
CA VAL K 260 -4.90 2.11 -46.21
C VAL K 260 -6.18 2.62 -46.84
N LEU K 261 -7.17 1.75 -46.98
CA LEU K 261 -8.44 2.15 -47.57
C LEU K 261 -9.40 2.76 -46.58
N LYS K 262 -9.18 2.62 -45.28
CA LYS K 262 -10.11 3.25 -44.37
C LYS K 262 -9.90 4.74 -44.27
N GLN K 263 -8.67 5.21 -44.43
CA GLN K 263 -8.42 6.65 -44.47
C GLN K 263 -8.87 7.23 -45.80
N VAL K 264 -8.44 6.62 -46.90
CA VAL K 264 -8.87 7.04 -48.23
C VAL K 264 -10.38 7.13 -48.30
N SER K 265 -11.07 6.17 -47.72
CA SER K 265 -12.52 6.19 -47.73
C SER K 265 -13.07 7.13 -46.67
N GLY K 266 -12.31 7.38 -45.61
CA GLY K 266 -12.81 8.24 -44.55
C GLY K 266 -13.09 9.65 -45.03
N THR K 267 -12.10 10.29 -45.63
CA THR K 267 -12.19 11.67 -46.06
C THR K 267 -12.74 11.82 -47.47
N LEU K 268 -13.14 10.72 -48.09
CA LEU K 268 -13.80 10.77 -49.38
C LEU K 268 -15.31 10.84 -49.25
N THR K 269 -15.82 10.70 -48.04
CA THR K 269 -17.22 10.92 -47.75
C THR K 269 -17.57 12.41 -47.82
N ILE K 285 -22.14 6.81 -46.39
CA ILE K 285 -21.27 6.08 -45.48
C ILE K 285 -20.56 4.98 -46.27
N VAL K 286 -19.40 4.56 -45.76
CA VAL K 286 -18.51 3.65 -46.48
C VAL K 286 -17.93 2.67 -45.48
N SER K 287 -17.93 1.39 -45.84
CA SER K 287 -17.35 0.36 -45.00
C SER K 287 -16.41 -0.50 -45.82
N ILE K 288 -15.27 -0.83 -45.23
CA ILE K 288 -14.29 -1.72 -45.83
C ILE K 288 -14.06 -2.87 -44.86
N ALA K 289 -14.19 -4.10 -45.34
CA ALA K 289 -13.95 -5.26 -44.52
C ALA K 289 -13.15 -6.27 -45.33
N ALA K 290 -12.31 -7.03 -44.64
CA ALA K 290 -11.41 -7.97 -45.27
C ALA K 290 -11.61 -9.37 -44.71
N SER K 291 -11.84 -10.33 -45.60
CA SER K 291 -11.98 -11.72 -45.21
C SER K 291 -10.60 -12.34 -45.20
N LYS K 292 -10.11 -12.73 -44.01
CA LYS K 292 -8.77 -13.29 -43.94
C LYS K 292 -8.68 -14.60 -44.70
N HIS K 293 -9.61 -15.51 -44.45
CA HIS K 293 -9.52 -16.83 -45.04
C HIS K 293 -9.55 -16.74 -46.57
N SER K 294 -10.35 -15.84 -47.11
CA SER K 294 -10.49 -15.78 -48.56
C SER K 294 -9.56 -14.78 -49.22
N ASN K 295 -8.84 -13.97 -48.44
CA ASN K 295 -7.96 -12.94 -48.99
C ASN K 295 -8.69 -12.03 -49.96
N ALA K 296 -9.80 -11.48 -49.48
CA ALA K 296 -10.59 -10.59 -50.32
C ALA K 296 -11.20 -9.55 -49.43
N LEU K 297 -11.28 -8.34 -49.93
CA LEU K 297 -11.88 -7.25 -49.18
C LEU K 297 -13.18 -6.85 -49.86
N ILE K 298 -14.11 -6.36 -49.03
CA ILE K 298 -15.49 -6.17 -49.43
C ILE K 298 -15.81 -4.70 -49.26
N VAL K 299 -15.99 -4.01 -50.37
CA VAL K 299 -16.18 -2.58 -50.36
C VAL K 299 -17.66 -2.32 -50.53
N THR K 300 -18.24 -1.61 -49.57
CA THR K 300 -19.62 -1.15 -49.68
C THR K 300 -19.64 0.37 -49.64
N ALA K 301 -20.03 0.97 -50.75
CA ALA K 301 -20.07 2.42 -50.83
C ALA K 301 -21.02 2.82 -51.94
N PRO K 302 -21.33 4.09 -52.07
CA PRO K 302 -22.14 4.55 -53.20
C PRO K 302 -21.42 4.38 -54.51
N GLN K 303 -22.18 4.47 -55.59
CA GLN K 303 -21.61 4.18 -56.90
C GLN K 303 -20.44 5.08 -57.26
N ASP K 304 -20.37 6.29 -56.68
CA ASP K 304 -19.28 7.18 -57.03
C ASP K 304 -18.01 6.84 -56.26
N ILE K 305 -18.12 6.63 -54.96
CA ILE K 305 -16.94 6.30 -54.17
C ILE K 305 -16.38 4.96 -54.61
N MET K 306 -17.24 4.03 -55.01
CA MET K 306 -16.76 2.74 -55.45
C MET K 306 -15.79 2.89 -56.62
N GLN K 307 -16.22 3.61 -57.65
CA GLN K 307 -15.37 3.72 -58.84
C GLN K 307 -14.04 4.38 -58.53
N SER K 308 -13.97 5.17 -57.46
CA SER K 308 -12.68 5.65 -56.99
C SER K 308 -11.88 4.51 -56.38
N LEU K 309 -12.46 3.83 -55.39
CA LEU K 309 -11.76 2.76 -54.71
C LEU K 309 -11.46 1.57 -55.62
N GLN K 310 -11.99 1.51 -56.82
CA GLN K 310 -11.54 0.46 -57.71
C GLN K 310 -10.26 0.83 -58.43
N SER K 311 -10.02 2.10 -58.66
CA SER K 311 -8.79 2.48 -59.33
C SER K 311 -7.62 2.56 -58.37
N VAL K 312 -7.89 2.70 -57.08
CA VAL K 312 -6.84 2.59 -56.09
C VAL K 312 -6.40 1.15 -55.95
N ILE K 313 -7.35 0.26 -55.65
CA ILE K 313 -7.04 -1.15 -55.48
C ILE K 313 -6.37 -1.73 -56.71
N GLU K 314 -6.77 -1.26 -57.88
CA GLU K 314 -6.11 -1.73 -59.08
C GLU K 314 -4.64 -1.35 -59.10
N GLN K 315 -4.29 -0.21 -58.52
CA GLN K 315 -2.92 0.28 -58.53
C GLN K 315 -2.11 -0.10 -57.31
N LEU K 316 -2.72 -0.61 -56.26
CA LEU K 316 -2.00 -1.11 -55.10
C LEU K 316 -1.79 -2.60 -55.14
N ASP K 317 -2.31 -3.27 -56.15
CA ASP K 317 -2.29 -4.71 -56.22
C ASP K 317 -1.11 -5.23 -57.01
N ILE K 318 -0.15 -4.38 -57.34
CA ILE K 318 0.94 -4.72 -58.24
C ILE K 318 1.84 -5.82 -57.66
N ARG K 319 2.61 -6.43 -58.53
CA ARG K 319 3.52 -7.51 -58.20
C ARG K 319 4.83 -7.00 -57.64
N ARG K 320 5.32 -7.63 -56.58
CA ARG K 320 6.51 -7.18 -55.86
C ARG K 320 7.73 -7.91 -56.35
N ALA K 321 8.85 -7.20 -56.38
CA ALA K 321 10.13 -7.78 -56.77
C ALA K 321 10.85 -8.23 -55.51
N GLN K 322 11.62 -9.29 -55.63
CA GLN K 322 12.37 -9.79 -54.49
C GLN K 322 13.86 -9.70 -54.74
N VAL K 323 14.61 -9.56 -53.67
CA VAL K 323 16.01 -9.17 -53.68
C VAL K 323 16.81 -10.27 -53.05
N HIS K 324 18.00 -10.54 -53.58
CA HIS K 324 18.91 -11.49 -52.96
C HIS K 324 20.15 -10.76 -52.50
N VAL K 325 20.34 -10.68 -51.19
CA VAL K 325 21.37 -9.86 -50.59
C VAL K 325 22.47 -10.76 -50.06
N GLU K 326 23.64 -10.70 -50.67
CA GLU K 326 24.81 -11.41 -50.18
C GLU K 326 25.71 -10.44 -49.43
N ALA K 327 26.29 -10.89 -48.34
CA ALA K 327 27.33 -10.16 -47.66
C ALA K 327 28.61 -10.92 -47.85
N LEU K 328 29.75 -10.25 -47.82
CA LEU K 328 31.02 -10.95 -47.86
C LEU K 328 31.90 -10.42 -46.74
N ILE K 329 32.20 -11.26 -45.78
CA ILE K 329 33.00 -10.77 -44.68
C ILE K 329 34.39 -11.34 -44.80
N VAL K 330 35.37 -10.52 -45.14
CA VAL K 330 36.72 -10.98 -45.35
C VAL K 330 37.54 -10.59 -44.15
N GLU K 331 38.48 -11.43 -43.75
CA GLU K 331 39.43 -11.04 -42.72
C GLU K 331 40.76 -11.70 -43.00
N VAL K 332 41.84 -10.92 -42.99
CA VAL K 332 43.17 -11.45 -43.19
C VAL K 332 44.05 -10.93 -42.06
N ALA K 333 44.45 -11.80 -41.16
CA ALA K 333 45.29 -11.41 -40.05
C ALA K 333 46.67 -12.01 -40.22
N GLU K 334 47.68 -11.28 -39.80
CA GLU K 334 49.02 -11.86 -39.81
C GLU K 334 49.88 -11.42 -38.65
N GLY K 335 50.24 -12.31 -37.75
CA GLY K 335 50.99 -11.95 -36.56
C GLY K 335 52.46 -12.26 -36.73
N SER K 336 53.27 -11.81 -35.78
CA SER K 336 54.66 -12.22 -35.69
C SER K 336 55.12 -11.81 -34.29
N ASN K 337 56.18 -12.41 -33.81
CA ASN K 337 57.02 -11.79 -32.79
C ASN K 337 58.32 -12.57 -32.70
N ILE K 338 59.32 -11.98 -32.13
CA ILE K 338 60.59 -12.65 -31.96
C ILE K 338 61.18 -12.22 -30.64
N ASN K 339 61.83 -13.14 -29.96
CA ASN K 339 62.29 -12.92 -28.61
C ASN K 339 63.67 -13.54 -28.45
N PHE K 340 64.68 -12.72 -28.18
CA PHE K 340 66.02 -13.26 -28.02
C PHE K 340 66.83 -12.62 -26.92
N GLY K 341 67.28 -13.35 -25.92
CA GLY K 341 68.13 -12.72 -24.93
C GLY K 341 68.87 -13.68 -24.04
N VAL K 342 70.01 -13.23 -23.55
CA VAL K 342 70.96 -14.02 -22.79
C VAL K 342 70.79 -13.72 -21.32
N GLN K 343 71.02 -14.71 -20.48
CA GLN K 343 70.95 -14.55 -19.04
C GLN K 343 72.07 -15.31 -18.40
N TRP K 344 72.58 -14.77 -17.30
CA TRP K 344 73.65 -15.41 -16.56
C TRP K 344 73.17 -15.66 -15.15
N ALA K 345 73.94 -16.47 -14.45
CA ALA K 345 73.76 -16.64 -13.03
C ALA K 345 75.07 -17.18 -12.52
N SER K 346 75.23 -17.18 -11.21
CA SER K 346 76.48 -17.65 -10.66
C SER K 346 76.28 -17.96 -9.19
N LYS K 347 77.39 -18.14 -8.51
CA LYS K 347 77.50 -18.32 -7.08
C LYS K 347 77.15 -17.01 -6.43
N ASP K 348 77.61 -16.82 -5.21
CA ASP K 348 77.48 -15.56 -4.49
C ASP K 348 77.94 -14.34 -5.31
N ALA K 349 78.60 -14.56 -6.44
CA ALA K 349 79.20 -13.50 -7.25
C ALA K 349 78.27 -12.91 -8.31
N GLY K 350 76.97 -13.23 -8.34
CA GLY K 350 76.07 -12.33 -9.04
C GLY K 350 74.93 -13.04 -9.75
N LEU K 351 74.18 -12.26 -10.53
CA LEU K 351 73.28 -12.78 -11.55
C LEU K 351 72.99 -11.67 -12.55
N MET K 352 72.40 -12.07 -13.67
CA MET K 352 71.84 -11.16 -14.67
C MET K 352 70.53 -11.75 -15.13
N GLN K 353 69.46 -10.98 -15.03
CA GLN K 353 68.15 -11.55 -15.22
C GLN K 353 67.27 -10.55 -15.95
N PHE K 354 66.50 -11.01 -16.92
CA PHE K 354 65.65 -10.11 -17.68
C PHE K 354 64.23 -10.64 -17.73
N ALA K 355 63.27 -9.75 -17.51
CA ALA K 355 61.86 -10.10 -17.34
C ALA K 355 61.05 -9.97 -18.63
N ASN K 356 61.70 -9.71 -19.77
CA ASN K 356 60.96 -9.67 -21.01
C ASN K 356 60.35 -11.02 -21.31
N GLY K 357 59.34 -11.04 -22.16
CA GLY K 357 58.67 -12.29 -22.48
C GLY K 357 57.90 -12.83 -21.29
N THR K 358 57.51 -14.10 -21.21
CA THR K 358 57.68 -15.23 -22.14
C THR K 358 59.10 -15.78 -22.13
N GLN K 359 60.02 -15.00 -21.61
CA GLN K 359 61.41 -15.42 -21.48
C GLN K 359 61.62 -15.72 -20.01
N ILE K 360 61.71 -17.00 -19.67
CA ILE K 360 61.60 -17.38 -18.25
C ILE K 360 62.87 -16.99 -17.52
N PRO K 361 62.76 -16.32 -16.37
CA PRO K 361 63.93 -15.72 -15.75
C PRO K 361 64.81 -16.74 -15.06
N ILE K 362 66.12 -16.46 -15.10
CA ILE K 362 67.08 -17.43 -14.63
C ILE K 362 67.15 -17.49 -13.12
N GLY K 363 66.69 -16.48 -12.42
CA GLY K 363 66.65 -16.58 -10.99
C GLY K 363 65.63 -17.60 -10.57
N THR K 364 64.38 -17.42 -10.98
CA THR K 364 63.34 -18.34 -10.55
C THR K 364 63.51 -19.71 -11.17
N LEU K 365 64.36 -19.86 -12.17
CA LEU K 365 64.73 -21.18 -12.63
C LEU K 365 65.71 -21.83 -11.66
N GLY K 366 66.82 -21.15 -11.37
CA GLY K 366 67.84 -21.72 -10.53
C GLY K 366 67.34 -22.12 -9.16
N ALA K 367 66.21 -21.58 -8.72
CA ALA K 367 65.59 -22.09 -7.52
C ALA K 367 64.86 -23.39 -7.80
N ALA K 368 63.99 -23.39 -8.81
CA ALA K 368 63.20 -24.57 -9.10
C ALA K 368 64.07 -25.77 -9.41
N ILE K 369 65.30 -25.56 -9.88
CA ILE K 369 66.20 -26.69 -10.03
C ILE K 369 66.64 -27.19 -8.67
N SER K 370 66.92 -26.28 -7.73
CA SER K 370 67.46 -26.73 -6.46
C SER K 370 66.37 -27.30 -5.55
N GLN K 371 65.16 -26.76 -5.61
CA GLN K 371 64.07 -27.43 -4.90
C GLN K 371 63.74 -28.78 -5.50
N ALA K 372 64.32 -29.12 -6.65
CA ALA K 372 64.09 -30.41 -7.27
C ALA K 372 65.17 -31.42 -6.95
N LYS K 373 66.11 -31.07 -6.12
CA LYS K 373 67.13 -32.08 -5.84
C LYS K 373 66.57 -33.12 -4.88
N PRO K 374 67.05 -34.35 -4.97
CA PRO K 374 66.60 -35.38 -4.02
C PRO K 374 67.12 -35.07 -2.63
N GLN K 375 66.22 -35.11 -1.65
CA GLN K 375 66.59 -34.85 -0.26
C GLN K 375 66.83 -36.18 0.44
N LYS K 376 68.07 -36.43 0.81
CA LYS K 376 68.41 -37.71 1.40
C LYS K 376 67.83 -37.77 2.80
N GLY K 377 66.95 -38.71 3.02
CA GLY K 377 66.30 -38.85 4.30
C GLY K 377 66.93 -39.92 5.15
N SER K 378 66.66 -39.84 6.44
CA SER K 378 66.90 -40.93 7.37
C SER K 378 65.97 -40.68 8.54
N THR K 379 65.59 -41.74 9.25
CA THR K 379 64.74 -41.57 10.41
C THR K 379 65.19 -42.50 11.52
N VAL K 380 65.50 -41.92 12.67
CA VAL K 380 65.96 -42.65 13.85
C VAL K 380 65.51 -41.86 15.07
N ILE K 381 65.14 -42.58 16.13
CA ILE K 381 64.78 -42.08 17.45
C ILE K 381 64.15 -40.69 17.43
N ILE K 389 66.75 -46.32 8.16
CA ILE K 389 66.43 -46.40 6.75
C ILE K 389 67.39 -45.63 5.87
N ASN K 390 67.30 -45.92 4.57
CA ASN K 390 68.03 -45.15 3.56
C ASN K 390 67.15 -44.97 2.33
N PRO K 391 65.97 -44.36 2.50
CA PRO K 391 65.20 -43.93 1.33
C PRO K 391 65.75 -42.63 0.82
N ASP K 392 65.35 -42.28 -0.39
CA ASP K 392 65.56 -40.95 -0.91
C ASP K 392 64.23 -40.45 -1.45
N THR K 393 63.69 -39.40 -0.83
CA THR K 393 62.41 -38.85 -1.25
C THR K 393 62.44 -38.36 -2.69
N ASN K 394 63.62 -38.27 -3.28
CA ASN K 394 63.82 -37.74 -4.62
C ASN K 394 63.26 -36.31 -4.63
N GLY K 395 62.63 -35.86 -5.71
CA GLY K 395 62.23 -34.49 -5.85
C GLY K 395 60.73 -34.30 -5.76
N ASP K 396 60.35 -33.04 -5.86
CA ASP K 396 59.01 -32.64 -6.25
C ASP K 396 59.15 -31.63 -7.37
N LEU K 397 58.77 -32.04 -8.57
CA LEU K 397 58.95 -31.24 -9.75
C LEU K 397 57.78 -30.31 -10.01
N SER K 398 56.83 -30.24 -9.09
CA SER K 398 55.71 -29.31 -9.25
C SER K 398 56.21 -27.91 -9.56
N THR K 399 57.28 -27.48 -8.91
CA THR K 399 57.75 -26.12 -9.13
C THR K 399 58.41 -25.98 -10.49
N LEU K 400 59.29 -26.91 -10.84
CA LEU K 400 60.01 -26.78 -12.09
C LEU K 400 59.09 -26.96 -13.29
N ALA K 401 58.18 -27.91 -13.21
CA ALA K 401 57.26 -28.12 -14.32
C ALA K 401 56.21 -27.03 -14.43
N GLN K 402 56.13 -26.12 -13.46
CA GLN K 402 55.22 -25.00 -13.62
C GLN K 402 55.83 -23.89 -14.47
N LEU K 403 57.13 -23.67 -14.36
CA LEU K 403 57.80 -22.78 -15.30
C LEU K 403 57.58 -23.25 -16.73
N LEU K 404 57.93 -24.49 -16.99
CA LEU K 404 57.92 -25.04 -18.32
C LEU K 404 56.51 -25.24 -18.86
N SER K 405 55.48 -24.97 -18.07
CA SER K 405 54.12 -25.26 -18.50
C SER K 405 53.79 -24.55 -19.80
N GLY K 406 53.90 -23.23 -19.82
CA GLY K 406 53.60 -22.46 -21.01
C GLY K 406 54.80 -22.05 -21.83
N PHE K 407 56.00 -22.40 -21.40
CA PHE K 407 57.21 -21.99 -22.09
C PHE K 407 57.23 -22.56 -23.51
N SER K 408 57.80 -21.79 -24.42
CA SER K 408 57.89 -22.17 -25.82
C SER K 408 59.18 -21.63 -26.39
N GLY K 409 59.84 -22.44 -27.21
CA GLY K 409 61.06 -22.02 -27.87
C GLY K 409 62.30 -22.42 -27.11
N THR K 410 63.43 -22.22 -27.77
CA THR K 410 64.72 -22.65 -27.26
C THR K 410 64.99 -22.14 -25.85
N ALA K 411 65.61 -22.98 -25.04
CA ALA K 411 66.45 -22.52 -23.94
C ALA K 411 67.70 -23.39 -23.96
N VAL K 412 68.83 -22.81 -24.28
CA VAL K 412 70.09 -23.52 -24.27
C VAL K 412 70.85 -23.04 -23.06
N GLY K 413 71.61 -23.92 -22.45
CA GLY K 413 72.25 -23.54 -21.20
C GLY K 413 73.60 -24.17 -21.02
N VAL K 414 74.28 -23.70 -19.99
CA VAL K 414 75.40 -24.38 -19.39
C VAL K 414 75.11 -24.37 -17.92
N VAL K 415 74.78 -25.51 -17.34
CA VAL K 415 74.63 -25.57 -15.89
C VAL K 415 75.74 -26.48 -15.38
N LYS K 416 76.79 -25.87 -14.84
CA LYS K 416 77.89 -26.61 -14.24
C LYS K 416 78.42 -25.77 -13.09
N GLY K 417 78.57 -26.37 -11.92
CA GLY K 417 79.02 -25.61 -10.77
C GLY K 417 78.10 -24.47 -10.39
N ASP K 418 76.78 -24.65 -10.60
CA ASP K 418 75.73 -23.74 -10.17
C ASP K 418 75.73 -22.41 -10.91
N TRP K 419 76.82 -22.08 -11.60
CA TRP K 419 76.80 -20.94 -12.48
C TRP K 419 76.27 -21.40 -13.83
N MET K 420 75.52 -20.53 -14.48
CA MET K 420 74.87 -20.93 -15.71
C MET K 420 74.71 -19.75 -16.63
N ALA K 421 74.61 -20.05 -17.93
CA ALA K 421 74.33 -19.05 -18.95
C ALA K 421 73.24 -19.63 -19.84
N LEU K 422 72.09 -18.98 -19.89
CA LEU K 422 70.89 -19.57 -20.47
C LEU K 422 70.41 -18.69 -21.61
N VAL K 423 70.55 -19.15 -22.84
CA VAL K 423 70.29 -18.35 -24.03
C VAL K 423 68.94 -18.74 -24.60
N GLN K 424 67.94 -17.89 -24.47
CA GLN K 424 66.61 -18.24 -24.92
C GLN K 424 66.26 -17.48 -26.18
N ALA K 425 65.61 -18.14 -27.12
CA ALA K 425 65.19 -17.50 -28.35
C ALA K 425 63.99 -18.21 -28.94
N VAL K 426 63.12 -17.50 -29.64
CA VAL K 426 61.96 -18.08 -30.28
C VAL K 426 61.53 -17.13 -31.38
N LYS K 427 60.80 -17.61 -32.36
CA LYS K 427 60.11 -16.75 -33.29
C LYS K 427 58.73 -17.30 -33.57
N ASN K 428 57.71 -16.65 -33.06
CA ASN K 428 56.35 -17.09 -33.30
C ASN K 428 55.82 -16.36 -34.51
N ASP K 429 55.18 -17.08 -35.37
CA ASP K 429 54.64 -16.49 -36.58
C ASP K 429 53.30 -17.12 -36.89
N SER K 430 52.24 -16.35 -36.97
CA SER K 430 50.95 -16.92 -37.29
C SER K 430 50.43 -16.31 -38.57
N SER K 431 49.23 -16.72 -38.94
CA SER K 431 48.52 -16.19 -40.08
C SER K 431 47.08 -16.58 -39.93
N SER K 432 46.22 -15.96 -40.70
CA SER K 432 44.84 -16.38 -40.77
C SER K 432 44.23 -15.88 -42.05
N ASN K 433 43.18 -16.54 -42.47
CA ASN K 433 42.45 -16.08 -43.62
C ASN K 433 41.02 -16.55 -43.44
N VAL K 434 40.03 -15.72 -43.63
CA VAL K 434 38.66 -16.12 -43.39
C VAL K 434 37.79 -15.47 -44.44
N LEU K 435 36.85 -16.22 -44.98
CA LEU K 435 35.89 -15.61 -45.88
C LEU K 435 34.54 -16.21 -45.59
N SER K 436 33.60 -15.43 -45.09
CA SER K 436 32.28 -15.98 -44.85
C SER K 436 31.26 -15.09 -45.53
N THR K 437 30.24 -15.69 -46.07
CA THR K 437 29.33 -14.99 -46.94
C THR K 437 27.87 -15.38 -46.77
N PRO K 438 27.22 -14.92 -45.72
CA PRO K 438 25.81 -15.22 -45.54
C PRO K 438 24.96 -14.48 -46.54
N SER K 439 23.81 -15.04 -46.87
CA SER K 439 22.94 -14.41 -47.84
C SER K 439 21.50 -14.78 -47.56
N ILE K 440 20.59 -13.86 -47.84
CA ILE K 440 19.18 -14.02 -47.51
C ILE K 440 18.39 -13.52 -48.71
N THR K 441 17.14 -13.97 -48.82
CA THR K 441 16.27 -13.57 -49.91
C THR K 441 14.95 -13.09 -49.35
N THR K 442 14.56 -11.87 -49.70
CA THR K 442 13.36 -11.26 -49.15
C THR K 442 12.53 -10.73 -50.28
N LEU K 443 11.29 -10.41 -49.97
CA LEU K 443 10.58 -9.50 -50.85
C LEU K 443 11.07 -8.09 -50.60
N ASP K 444 10.83 -7.23 -51.57
CA ASP K 444 11.02 -5.80 -51.39
C ASP K 444 10.27 -5.32 -50.15
N ASN K 445 10.86 -4.36 -49.46
CA ASN K 445 10.26 -3.63 -48.35
C ASN K 445 9.98 -4.48 -47.13
N GLN K 446 10.24 -5.77 -47.18
CA GLN K 446 10.05 -6.66 -46.04
C GLN K 446 11.40 -6.95 -45.42
N GLU K 447 11.47 -7.06 -44.10
CA GLU K 447 12.77 -7.29 -43.48
C GLU K 447 13.02 -8.76 -43.23
N ALA K 448 14.25 -9.17 -43.50
CA ALA K 448 14.68 -10.54 -43.34
C ALA K 448 15.70 -10.61 -42.22
N PHE K 449 15.79 -11.76 -41.61
CA PHE K 449 16.69 -11.98 -40.51
C PHE K 449 17.34 -13.32 -40.73
N PHE K 450 18.65 -13.40 -40.60
CA PHE K 450 19.34 -14.64 -40.83
C PHE K 450 20.41 -14.82 -39.77
N MET K 451 20.31 -15.85 -38.96
CA MET K 451 21.30 -16.09 -37.92
C MET K 451 21.84 -17.48 -38.06
N VAL K 452 23.15 -17.62 -38.05
CA VAL K 452 23.81 -18.91 -37.89
C VAL K 452 24.77 -18.74 -36.75
N GLY K 453 24.50 -19.42 -35.64
CA GLY K 453 25.19 -19.07 -34.44
C GLY K 453 24.80 -20.01 -33.34
N GLN K 454 24.94 -19.55 -32.11
CA GLN K 454 24.46 -20.32 -30.99
C GLN K 454 23.90 -19.37 -29.96
N ASP K 455 23.08 -19.90 -29.08
CA ASP K 455 22.27 -19.12 -28.17
C ASP K 455 22.73 -19.39 -26.75
N VAL K 456 23.36 -18.41 -26.12
CA VAL K 456 24.17 -18.64 -24.92
C VAL K 456 23.64 -17.78 -23.78
N PRO K 457 23.62 -18.27 -22.54
CA PRO K 457 23.07 -17.49 -21.43
C PRO K 457 24.02 -16.43 -20.88
N VAL K 458 23.46 -15.29 -20.52
CA VAL K 458 24.21 -14.20 -19.91
C VAL K 458 23.63 -13.94 -18.53
N LEU K 459 24.47 -13.52 -17.61
CA LEU K 459 24.29 -13.87 -16.20
C LEU K 459 22.90 -13.66 -15.66
N THR K 460 22.22 -12.54 -15.90
CA THR K 460 22.74 -11.20 -15.92
C THR K 460 21.74 -10.49 -15.00
N GLY K 461 22.21 -10.12 -13.82
CA GLY K 461 21.33 -9.70 -12.75
C GLY K 461 21.53 -10.53 -11.51
N THR K 474 19.98 -14.04 -12.90
CA THR K 474 18.68 -13.90 -13.52
C THR K 474 18.71 -14.43 -14.96
N VAL K 475 19.91 -14.71 -15.46
CA VAL K 475 20.15 -15.51 -16.64
C VAL K 475 19.23 -15.20 -17.81
N GLU K 476 19.44 -14.08 -18.46
CA GLU K 476 18.86 -13.87 -19.77
C GLU K 476 19.61 -14.65 -20.84
N ARG K 477 18.99 -14.80 -21.99
CA ARG K 477 19.38 -15.73 -23.05
C ARG K 477 19.77 -14.95 -24.29
N LYS K 478 21.04 -14.98 -24.66
CA LYS K 478 21.59 -14.11 -25.69
C LYS K 478 22.11 -14.91 -26.88
N LYS K 479 21.95 -14.35 -28.08
CA LYS K 479 22.29 -15.02 -29.32
C LYS K 479 23.56 -14.44 -29.92
N VAL K 480 24.53 -15.31 -30.19
CA VAL K 480 25.80 -14.90 -30.79
C VAL K 480 26.02 -15.70 -32.05
N GLY K 481 26.58 -15.08 -33.04
CA GLY K 481 27.01 -15.75 -34.25
C GLY K 481 26.82 -14.82 -35.41
N ILE K 482 27.03 -15.33 -36.61
CA ILE K 482 26.77 -14.52 -37.79
C ILE K 482 25.31 -14.12 -37.82
N MET K 483 25.05 -12.84 -37.94
CA MET K 483 23.69 -12.35 -37.99
C MET K 483 23.62 -11.31 -39.06
N LEU K 484 22.59 -11.35 -39.87
CA LEU K 484 22.41 -10.39 -40.94
C LEU K 484 20.94 -10.04 -40.94
N LYS K 485 20.62 -8.77 -40.82
CA LYS K 485 19.23 -8.35 -40.84
C LYS K 485 19.10 -7.17 -41.77
N VAL K 486 18.39 -7.34 -42.86
CA VAL K 486 18.40 -6.37 -43.95
C VAL K 486 16.97 -6.17 -44.41
N THR K 487 16.67 -4.98 -44.90
CA THR K 487 15.32 -4.64 -45.36
C THR K 487 15.32 -3.75 -46.60
N PRO K 488 15.42 -4.35 -47.78
CA PRO K 488 15.69 -3.58 -48.99
C PRO K 488 14.47 -2.86 -49.52
N GLN K 489 14.72 -1.83 -50.34
CA GLN K 489 13.65 -1.28 -51.17
C GLN K 489 14.22 -0.86 -52.51
N ILE K 490 13.59 -1.27 -53.59
CA ILE K 490 14.14 -1.00 -54.92
C ILE K 490 13.77 0.42 -55.33
N ASN K 491 14.79 1.22 -55.68
CA ASN K 491 14.63 2.63 -55.94
C ASN K 491 14.40 2.97 -57.39
N GLU K 492 14.16 1.99 -58.24
CA GLU K 492 13.57 2.29 -59.54
C GLU K 492 14.59 2.94 -60.47
N GLY K 493 15.67 3.45 -59.91
CA GLY K 493 16.82 3.54 -60.77
C GLY K 493 17.52 2.22 -60.95
N ASN K 494 16.87 1.14 -60.49
CA ASN K 494 17.44 -0.20 -60.37
C ASN K 494 18.59 -0.22 -59.36
N ALA K 495 18.32 0.30 -58.16
CA ALA K 495 19.31 0.44 -57.10
C ALA K 495 18.65 0.15 -55.76
N VAL K 496 19.29 -0.67 -54.94
CA VAL K 496 18.54 -1.38 -53.92
C VAL K 496 18.37 -0.70 -52.56
N GLN K 497 19.27 0.16 -52.09
CA GLN K 497 18.95 0.84 -50.82
C GLN K 497 18.70 -0.07 -49.62
N MET K 498 19.75 -0.64 -49.05
CA MET K 498 19.62 -1.52 -47.89
C MET K 498 19.43 -0.74 -46.62
N VAL K 499 18.89 -1.41 -45.61
CA VAL K 499 19.02 -0.99 -44.23
C VAL K 499 19.49 -2.21 -43.47
N ILE K 500 20.72 -2.20 -43.02
CA ILE K 500 21.43 -3.43 -42.75
C ILE K 500 22.05 -3.41 -41.38
N GLU K 501 22.03 -4.56 -40.70
CA GLU K 501 22.79 -4.77 -39.49
C GLU K 501 23.56 -6.06 -39.64
N GLN K 502 24.85 -5.98 -39.81
CA GLN K 502 25.70 -7.13 -39.83
C GLN K 502 26.24 -7.34 -38.44
N GLU K 503 26.44 -8.59 -38.06
CA GLU K 503 27.09 -8.83 -36.79
C GLU K 503 27.80 -10.16 -36.83
N VAL K 504 28.97 -10.24 -36.22
CA VAL K 504 29.70 -11.50 -36.13
C VAL K 504 30.23 -11.61 -34.72
N SER K 505 29.71 -12.56 -33.96
CA SER K 505 30.05 -12.71 -32.57
C SER K 505 30.60 -14.10 -32.32
N LYS K 506 31.25 -14.27 -31.19
CA LYS K 506 31.58 -15.60 -30.72
C LYS K 506 31.88 -15.51 -29.24
N VAL K 507 31.78 -16.64 -28.56
CA VAL K 507 32.15 -16.68 -27.16
C VAL K 507 33.66 -16.81 -27.06
N GLU K 508 34.29 -15.83 -26.45
CA GLU K 508 35.70 -15.90 -26.15
C GLU K 508 35.85 -15.84 -24.63
N GLY K 509 37.00 -16.29 -24.15
CA GLY K 509 36.98 -16.81 -22.80
C GLY K 509 36.64 -15.86 -21.67
N GLN K 510 35.54 -16.19 -21.00
CA GLN K 510 35.22 -15.85 -19.62
C GLN K 510 35.48 -14.42 -19.15
N THR K 511 35.68 -14.30 -17.86
CA THR K 511 35.99 -13.12 -17.06
C THR K 511 35.77 -13.64 -15.66
N SER K 512 35.97 -12.82 -14.64
CA SER K 512 35.60 -13.27 -13.30
C SER K 512 34.20 -13.87 -13.28
N LEU K 513 33.19 -13.05 -13.53
CA LEU K 513 31.80 -13.40 -13.24
C LEU K 513 30.97 -13.85 -14.44
N ASP K 514 31.51 -13.91 -15.65
CA ASP K 514 30.71 -14.28 -16.83
C ASP K 514 31.56 -14.59 -18.03
N VAL K 515 30.89 -14.73 -19.18
CA VAL K 515 31.51 -14.88 -20.50
C VAL K 515 31.62 -13.52 -21.16
N VAL K 516 32.73 -13.29 -21.80
CA VAL K 516 32.92 -12.15 -22.68
C VAL K 516 32.70 -12.66 -24.10
N PHE K 517 32.09 -11.84 -24.94
CA PHE K 517 31.86 -12.24 -26.32
C PHE K 517 32.71 -11.38 -27.23
N GLY K 518 33.49 -12.00 -28.09
CA GLY K 518 34.05 -11.23 -29.17
C GLY K 518 32.90 -10.76 -30.02
N GLU K 519 32.88 -9.51 -30.41
CA GLU K 519 31.76 -9.01 -31.18
C GLU K 519 32.22 -7.94 -32.14
N ARG K 520 31.80 -8.03 -33.39
CA ARG K 520 32.04 -6.95 -34.32
C ARG K 520 30.81 -6.74 -35.17
N LYS K 521 30.20 -5.57 -35.08
CA LYS K 521 28.98 -5.35 -35.80
C LYS K 521 28.96 -3.97 -36.39
N LEU K 522 28.22 -3.81 -37.45
CA LEU K 522 28.04 -2.51 -38.04
C LEU K 522 26.63 -2.39 -38.55
N LYS K 523 25.95 -1.30 -38.21
CA LYS K 523 24.61 -1.09 -38.72
C LYS K 523 24.54 0.28 -39.36
N THR K 524 24.27 0.29 -40.65
CA THR K 524 24.40 1.44 -41.49
C THR K 524 23.21 1.46 -42.42
N THR K 525 23.23 2.33 -43.41
CA THR K 525 22.28 2.31 -44.50
C THR K 525 23.03 2.64 -45.77
N VAL K 526 22.97 1.76 -46.75
CA VAL K 526 23.78 1.93 -47.94
C VAL K 526 22.85 1.93 -49.13
N LEU K 527 23.37 2.36 -50.25
CA LEU K 527 22.63 2.44 -51.48
C LEU K 527 23.46 1.77 -52.55
N ALA K 528 23.02 0.64 -53.05
CA ALA K 528 23.84 -0.17 -53.93
C ALA K 528 23.12 -0.40 -55.25
N ASN K 529 23.87 -0.43 -56.33
CA ASN K 529 23.28 -0.74 -57.62
C ASN K 529 22.86 -2.19 -57.67
N ASP K 530 22.06 -2.50 -58.68
CA ASP K 530 21.41 -3.80 -58.78
C ASP K 530 22.41 -4.94 -58.64
N GLY K 531 23.43 -4.97 -59.47
CA GLY K 531 24.27 -6.14 -59.45
C GLY K 531 25.65 -5.93 -58.88
N GLU K 532 25.86 -4.83 -58.18
CA GLU K 532 27.21 -4.37 -57.90
C GLU K 532 27.44 -4.25 -56.41
N LEU K 533 28.71 -4.11 -56.08
CA LEU K 533 29.27 -4.46 -54.79
C LEU K 533 29.69 -3.20 -54.07
N ILE K 534 29.09 -2.90 -52.94
CA ILE K 534 29.44 -1.72 -52.18
C ILE K 534 30.05 -2.16 -50.87
N VAL K 535 31.02 -1.40 -50.37
CA VAL K 535 31.71 -1.71 -49.14
C VAL K 535 30.99 -1.08 -47.96
N LEU K 536 30.62 -1.89 -46.98
CA LEU K 536 29.95 -1.33 -45.81
C LEU K 536 30.92 -0.76 -44.80
N GLY K 537 32.02 -1.44 -44.56
CA GLY K 537 32.77 -1.14 -43.36
C GLY K 537 34.15 -1.71 -43.51
N GLY K 538 34.86 -1.73 -42.40
CA GLY K 538 36.21 -2.22 -42.49
C GLY K 538 37.04 -1.78 -41.31
N LEU K 539 38.23 -2.34 -41.25
CA LEU K 539 39.18 -1.98 -40.23
C LEU K 539 40.54 -2.33 -40.80
N MET K 540 41.56 -1.59 -40.43
CA MET K 540 42.91 -1.96 -40.79
C MET K 540 43.73 -1.66 -39.56
N ASP K 541 44.43 -2.63 -39.01
CA ASP K 541 45.01 -2.41 -37.70
C ASP K 541 46.42 -2.94 -37.69
N ASP K 542 47.40 -2.08 -37.45
CA ASP K 542 48.79 -2.48 -37.40
C ASP K 542 49.36 -2.21 -36.03
N GLN K 543 50.42 -2.89 -35.69
CA GLN K 543 51.16 -2.59 -34.48
C GLN K 543 52.59 -2.99 -34.74
N ALA K 544 53.52 -2.26 -34.16
CA ALA K 544 54.87 -2.78 -34.06
C ALA K 544 55.38 -2.46 -32.67
N GLY K 545 55.51 -3.43 -31.85
CA GLY K 545 56.05 -3.19 -30.54
C GLY K 545 57.53 -3.33 -30.57
N GLU K 546 58.15 -3.03 -29.44
CA GLU K 546 59.52 -3.41 -29.20
C GLU K 546 59.77 -3.28 -27.71
N SER K 547 60.85 -3.88 -27.27
CA SER K 547 61.29 -3.75 -25.90
C SER K 547 62.78 -4.04 -25.90
N VAL K 548 63.44 -3.68 -24.83
CA VAL K 548 64.82 -4.09 -24.70
C VAL K 548 65.12 -4.00 -23.22
N ALA K 549 66.21 -4.61 -22.80
CA ALA K 549 66.73 -4.41 -21.47
C ALA K 549 68.22 -4.63 -21.61
N LYS K 550 69.00 -3.96 -20.81
CA LYS K 550 70.43 -4.19 -20.89
C LYS K 550 71.09 -3.69 -19.62
N VAL K 551 72.41 -3.69 -19.61
CA VAL K 551 73.15 -3.50 -18.37
C VAL K 551 73.19 -2.13 -17.68
N PRO K 552 73.24 -0.99 -18.38
CA PRO K 552 73.34 -0.30 -19.65
C PRO K 552 74.63 -0.19 -20.40
N LEU K 553 75.74 -0.01 -19.74
CA LEU K 553 76.88 0.54 -20.46
C LEU K 553 77.47 -0.50 -21.41
N LEU K 554 77.38 -1.78 -21.05
CA LEU K 554 77.94 -2.86 -21.85
C LEU K 554 77.05 -3.28 -22.99
N GLY K 555 75.76 -2.98 -22.92
CA GLY K 555 74.89 -3.36 -24.00
C GLY K 555 75.11 -2.62 -25.30
N ASP K 556 75.99 -1.62 -25.31
CA ASP K 556 76.18 -0.81 -26.50
C ASP K 556 77.39 -1.21 -27.33
N ILE K 557 78.20 -2.15 -26.89
CA ILE K 557 79.32 -2.55 -27.75
C ILE K 557 78.76 -3.17 -29.01
N PRO K 558 79.26 -2.82 -30.20
CA PRO K 558 78.60 -3.25 -31.44
C PRO K 558 78.69 -4.74 -31.72
N LEU K 559 79.63 -5.46 -31.10
CA LEU K 559 79.74 -6.90 -31.30
C LEU K 559 79.19 -7.68 -30.12
N ILE K 560 79.80 -7.53 -28.95
CA ILE K 560 79.52 -8.40 -27.81
C ILE K 560 78.39 -7.80 -27.01
N GLY K 561 77.79 -6.73 -27.52
CA GLY K 561 76.64 -6.17 -26.85
C GLY K 561 75.55 -7.20 -26.61
N ASN K 562 75.28 -8.03 -27.63
CA ASN K 562 74.16 -8.93 -27.57
C ASN K 562 74.22 -9.92 -26.43
N LEU K 563 75.36 -10.08 -25.79
CA LEU K 563 75.40 -10.98 -24.65
C LEU K 563 74.66 -10.40 -23.47
N PHE K 564 74.57 -9.08 -23.39
CA PHE K 564 74.01 -8.41 -22.23
C PHE K 564 72.58 -7.91 -22.40
N LYS K 565 71.93 -8.18 -23.52
CA LYS K 565 70.64 -7.60 -23.84
C LYS K 565 69.56 -8.66 -23.83
N SER K 566 68.32 -8.22 -23.66
CA SER K 566 67.18 -9.08 -23.89
C SER K 566 66.14 -8.31 -24.67
N THR K 567 65.82 -8.76 -25.86
CA THR K 567 64.97 -8.01 -26.77
C THR K 567 63.68 -8.77 -27.01
N ALA K 568 62.60 -8.03 -27.24
CA ALA K 568 61.35 -8.64 -27.67
C ALA K 568 60.71 -7.76 -28.72
N ASP K 569 60.42 -8.29 -29.89
CA ASP K 569 59.80 -7.51 -30.93
C ASP K 569 58.43 -8.07 -31.24
N LYS K 570 57.61 -7.26 -31.87
CA LYS K 570 56.28 -7.73 -32.19
C LYS K 570 55.83 -6.99 -33.41
N LYS K 571 55.00 -7.64 -34.21
CA LYS K 571 54.43 -7.03 -35.38
C LYS K 571 53.10 -7.71 -35.57
N GLU K 572 52.11 -6.96 -36.02
CA GLU K 572 50.79 -7.52 -36.05
C GLU K 572 49.99 -6.79 -37.09
N LYS K 573 49.02 -7.46 -37.68
CA LYS K 573 48.26 -6.78 -38.71
C LYS K 573 46.91 -7.45 -38.82
N ARG K 574 45.93 -6.69 -39.24
CA ARG K 574 44.59 -7.24 -39.38
C ARG K 574 43.86 -6.42 -40.42
N ASN K 575 42.97 -7.06 -41.15
CA ASN K 575 42.16 -6.33 -42.10
C ASN K 575 40.78 -6.93 -42.08
N LEU K 576 39.76 -6.14 -41.85
CA LEU K 576 38.41 -6.57 -42.13
C LEU K 576 37.88 -5.81 -43.32
N MET K 577 36.92 -6.42 -43.98
CA MET K 577 36.09 -5.70 -44.91
C MET K 577 34.76 -6.39 -44.85
N VAL K 578 33.71 -5.65 -45.11
CA VAL K 578 32.40 -6.22 -45.28
C VAL K 578 31.86 -5.62 -46.56
N PHE K 579 31.41 -6.44 -47.47
CA PHE K 579 30.90 -5.97 -48.72
C PHE K 579 29.46 -6.41 -48.80
N ILE K 580 28.71 -5.86 -49.73
CA ILE K 580 27.37 -6.38 -49.91
C ILE K 580 27.02 -6.27 -51.37
N ARG K 581 26.45 -7.31 -51.92
CA ARG K 581 25.98 -7.30 -53.30
C ARG K 581 24.50 -7.60 -53.37
N PRO K 582 23.66 -6.64 -53.71
CA PRO K 582 22.26 -6.94 -53.97
C PRO K 582 22.07 -7.58 -55.33
N THR K 583 20.90 -8.17 -55.51
CA THR K 583 20.49 -8.67 -56.81
C THR K 583 18.98 -8.60 -56.82
N ILE K 584 18.41 -8.22 -57.95
CA ILE K 584 16.97 -8.01 -58.04
C ILE K 584 16.39 -9.12 -58.89
N LEU K 585 15.41 -9.82 -58.34
CA LEU K 585 14.73 -10.90 -59.02
C LEU K 585 13.33 -10.38 -59.34
N ARG K 586 13.08 -10.04 -60.59
CA ARG K 586 11.81 -9.44 -60.98
C ARG K 586 10.87 -10.46 -61.61
N ASP K 587 11.30 -11.07 -62.71
CA ASP K 587 10.50 -12.07 -63.38
C ASP K 587 10.30 -13.27 -62.46
N GLY K 588 9.25 -14.03 -62.73
CA GLY K 588 9.19 -15.37 -62.19
C GLY K 588 10.36 -16.21 -62.63
N MET K 589 10.93 -15.89 -63.80
CA MET K 589 12.10 -16.59 -64.30
C MET K 589 13.40 -16.10 -63.68
N ALA K 590 13.40 -14.89 -63.11
CA ALA K 590 14.61 -14.38 -62.49
C ALA K 590 14.88 -15.08 -61.16
N ALA K 591 13.83 -15.46 -60.45
CA ALA K 591 14.01 -16.17 -59.18
C ALA K 591 14.59 -17.55 -59.38
N ASP K 592 14.36 -18.14 -60.54
CA ASP K 592 14.84 -19.48 -60.84
C ASP K 592 16.19 -19.46 -61.53
N GLY K 593 16.71 -18.29 -61.87
CA GLY K 593 18.06 -18.21 -62.40
C GLY K 593 19.10 -18.21 -61.31
N VAL K 594 18.84 -17.47 -60.24
CA VAL K 594 19.77 -17.46 -59.11
C VAL K 594 19.62 -18.72 -58.29
N SER K 595 18.39 -19.08 -57.96
CA SER K 595 18.21 -20.22 -57.09
C SER K 595 18.46 -21.54 -57.79
N GLN K 596 18.53 -21.56 -59.10
CA GLN K 596 18.92 -22.80 -59.76
C GLN K 596 20.41 -22.98 -59.83
N ARG K 597 21.18 -21.90 -59.89
CA ARG K 597 22.61 -22.11 -59.95
C ARG K 597 23.22 -22.36 -58.58
N LYS K 598 22.61 -21.87 -57.51
CA LYS K 598 23.09 -22.27 -56.20
C LYS K 598 22.67 -23.69 -55.86
N TYR K 599 21.58 -24.17 -56.45
CA TYR K 599 21.22 -25.57 -56.26
C TYR K 599 22.25 -26.46 -56.95
N ASN K 600 22.46 -26.26 -58.23
CA ASN K 600 23.45 -27.06 -58.94
C ASN K 600 24.85 -26.86 -58.41
N TYR K 601 25.08 -25.86 -57.57
CA TYR K 601 26.38 -25.75 -56.93
C TYR K 601 26.47 -26.64 -55.71
N MET K 602 25.41 -26.71 -54.90
CA MET K 602 25.42 -27.63 -53.77
C MET K 602 25.33 -29.06 -54.22
N ARG K 603 24.64 -29.33 -55.32
CA ARG K 603 24.51 -30.69 -55.75
C ARG K 603 25.80 -31.18 -56.38
N ALA K 604 26.69 -30.28 -56.75
CA ALA K 604 28.00 -30.71 -57.22
C ALA K 604 29.01 -30.82 -56.09
N GLU K 605 28.69 -30.29 -54.91
CA GLU K 605 29.49 -30.61 -53.73
C GLU K 605 29.17 -32.00 -53.24
N GLN K 606 27.89 -32.36 -53.24
CA GLN K 606 27.46 -33.64 -52.72
C GLN K 606 27.74 -34.78 -53.67
N ILE K 607 27.98 -34.50 -54.93
CA ILE K 607 28.43 -35.55 -55.83
C ILE K 607 29.92 -35.79 -55.67
N TYR K 608 30.70 -34.73 -55.56
CA TYR K 608 32.12 -34.92 -55.36
C TYR K 608 32.43 -35.48 -53.99
N ARG K 609 31.60 -35.15 -53.00
CA ARG K 609 31.69 -35.82 -51.72
C ARG K 609 31.32 -37.28 -51.84
N ASP K 610 30.44 -37.61 -52.78
CA ASP K 610 30.00 -38.98 -53.00
C ASP K 610 30.98 -39.77 -53.84
N GLU K 611 31.55 -39.15 -54.87
CA GLU K 611 32.48 -39.86 -55.74
C GLU K 611 33.64 -40.46 -54.94
N GLN K 612 34.12 -39.75 -53.93
CA GLN K 612 35.08 -40.32 -53.00
C GLN K 612 34.28 -40.72 -51.77
N GLY K 613 34.05 -42.01 -51.63
CA GLY K 613 32.98 -42.47 -50.77
C GLY K 613 33.37 -42.45 -49.33
N LEU K 614 32.47 -42.96 -48.51
CA LEU K 614 32.85 -43.38 -47.19
C LEU K 614 33.83 -44.52 -47.34
N SER K 615 35.01 -44.37 -46.74
CA SER K 615 36.11 -45.24 -47.13
C SER K 615 35.99 -46.63 -46.54
N LEU K 616 35.53 -46.73 -45.29
CA LEU K 616 35.39 -48.05 -44.69
C LEU K 616 34.21 -48.80 -45.26
N MET K 617 33.05 -48.17 -45.32
CA MET K 617 31.91 -48.82 -45.94
C MET K 617 31.77 -48.38 -47.39
N PRO K 618 32.11 -49.23 -48.36
CA PRO K 618 31.57 -48.98 -49.69
C PRO K 618 30.29 -49.80 -49.85
N HIS K 619 29.57 -49.63 -50.94
CA HIS K 619 29.64 -48.41 -51.72
C HIS K 619 28.80 -47.40 -50.97
N THR K 620 27.60 -47.82 -50.61
CA THR K 620 26.78 -47.19 -49.57
C THR K 620 26.51 -45.71 -49.88
N ALA K 621 25.67 -45.52 -50.89
CA ALA K 621 24.77 -44.37 -50.94
C ALA K 621 25.44 -43.03 -50.72
N GLN K 622 25.09 -42.41 -49.59
CA GLN K 622 25.38 -41.07 -49.09
C GLN K 622 24.40 -40.10 -49.72
N PRO K 623 23.95 -39.08 -49.00
CA PRO K 623 22.86 -38.25 -49.53
C PRO K 623 23.36 -37.37 -50.65
N VAL K 624 22.60 -37.33 -51.72
CA VAL K 624 22.83 -36.38 -52.80
C VAL K 624 21.48 -35.76 -53.11
N LEU K 625 21.51 -34.65 -53.60
CA LEU K 625 20.34 -33.82 -53.73
C LEU K 625 19.70 -34.07 -55.08
N PRO K 626 18.37 -34.24 -55.17
CA PRO K 626 17.76 -34.73 -56.40
C PRO K 626 18.11 -33.86 -57.59
N ALA K 627 18.17 -34.47 -58.76
CA ALA K 627 18.48 -33.71 -59.95
C ALA K 627 17.30 -32.84 -60.36
N GLN K 628 17.58 -31.86 -61.20
CA GLN K 628 16.53 -31.06 -61.83
C GLN K 628 16.39 -31.47 -63.29
N ASN K 629 15.15 -31.55 -63.75
CA ASN K 629 14.85 -32.06 -65.09
C ASN K 629 15.37 -33.48 -65.27
N GLN K 630 14.96 -34.35 -64.33
CA GLN K 630 15.29 -35.77 -64.44
C GLN K 630 14.77 -36.38 -65.73
N ALA K 631 13.75 -35.78 -66.34
CA ALA K 631 13.00 -36.33 -67.46
C ALA K 631 12.44 -37.68 -67.04
N LEU K 632 12.43 -38.67 -67.90
CA LEU K 632 11.73 -39.91 -67.67
C LEU K 632 12.69 -41.02 -67.28
N PRO K 633 12.37 -41.78 -66.23
CA PRO K 633 13.19 -42.95 -65.93
C PRO K 633 13.22 -43.90 -67.11
N PRO K 634 14.25 -44.76 -67.19
CA PRO K 634 14.39 -45.59 -68.40
C PRO K 634 13.22 -46.51 -68.63
N GLU K 635 12.63 -47.08 -67.58
CA GLU K 635 11.52 -48.00 -67.81
C GLU K 635 10.23 -47.26 -68.10
N VAL K 636 10.05 -46.08 -67.52
CA VAL K 636 8.90 -45.26 -67.89
C VAL K 636 9.01 -44.84 -69.34
N ARG K 637 10.23 -44.72 -69.85
CA ARG K 637 10.45 -44.35 -71.24
C ARG K 637 9.77 -45.34 -72.18
N ALA K 638 9.94 -46.64 -71.92
CA ALA K 638 9.39 -47.66 -72.81
C ALA K 638 7.86 -47.67 -72.81
N PHE K 639 7.23 -47.44 -71.66
CA PHE K 639 5.77 -47.48 -71.59
C PHE K 639 5.12 -46.53 -72.57
N LEU K 640 5.79 -45.42 -72.90
CA LEU K 640 5.30 -44.53 -73.93
C LEU K 640 5.35 -45.19 -75.30
N ASN K 641 6.44 -45.92 -75.57
CA ASN K 641 6.66 -46.48 -76.90
C ASN K 641 5.73 -47.65 -77.20
N ALA K 642 4.96 -48.12 -76.23
CA ALA K 642 3.96 -49.14 -76.52
C ALA K 642 2.61 -48.49 -76.73
N GLY K 643 1.99 -48.00 -75.66
CA GLY K 643 0.67 -47.42 -75.74
C GLY K 643 0.61 -46.12 -76.53
N GLY L 100 -103.30 13.21 -42.22
CA GLY L 100 -103.80 14.31 -43.04
C GLY L 100 -103.70 15.64 -42.34
N ASP L 101 -104.86 16.25 -42.09
CA ASP L 101 -104.98 17.49 -41.34
C ASP L 101 -105.26 17.26 -39.87
N GLU L 102 -105.33 16.01 -39.43
CA GLU L 102 -105.68 15.71 -38.05
C GLU L 102 -104.61 16.20 -37.09
N MET L 103 -105.00 17.00 -36.11
CA MET L 103 -104.09 17.52 -35.10
C MET L 103 -103.87 16.47 -34.03
N VAL L 104 -102.64 15.99 -33.88
CA VAL L 104 -102.26 15.00 -32.87
C VAL L 104 -100.84 15.27 -32.39
N THR L 105 -100.44 14.60 -31.32
CA THR L 105 -99.06 14.52 -30.88
C THR L 105 -98.52 13.12 -31.15
N LYS L 106 -97.21 13.03 -31.42
CA LYS L 106 -96.59 11.74 -31.70
C LYS L 106 -95.21 11.69 -31.05
N VAL L 107 -94.77 10.46 -30.77
CA VAL L 107 -93.48 10.19 -30.12
C VAL L 107 -92.54 9.59 -31.15
N VAL L 108 -91.41 10.26 -31.37
CA VAL L 108 -90.35 9.73 -32.23
C VAL L 108 -89.06 9.59 -31.43
N PRO L 109 -88.64 8.37 -31.11
CA PRO L 109 -87.29 8.18 -30.57
C PRO L 109 -86.24 8.34 -31.66
N VAL L 110 -85.20 9.12 -31.37
CA VAL L 110 -84.08 9.28 -32.28
C VAL L 110 -82.89 8.60 -31.65
N ARG L 111 -82.49 7.46 -32.21
CA ARG L 111 -81.50 6.60 -31.57
C ARG L 111 -80.08 6.96 -32.00
N ASN L 112 -79.72 6.64 -33.25
CA ASN L 112 -78.35 6.84 -33.70
C ASN L 112 -78.03 8.30 -34.00
N VAL L 113 -79.03 9.09 -34.39
CA VAL L 113 -78.82 10.43 -34.91
C VAL L 113 -78.78 11.43 -33.75
N SER L 114 -77.91 12.42 -33.84
CA SER L 114 -78.00 13.53 -32.91
C SER L 114 -79.26 14.32 -33.20
N VAL L 115 -80.11 14.49 -32.19
CA VAL L 115 -81.43 15.08 -32.39
C VAL L 115 -81.34 16.49 -32.94
N ARG L 116 -80.27 17.21 -32.64
CA ARG L 116 -80.12 18.55 -33.20
C ARG L 116 -79.51 18.54 -34.58
N GLU L 117 -78.94 17.41 -35.04
CA GLU L 117 -78.58 17.31 -36.44
C GLU L 117 -79.79 17.49 -37.33
N LEU L 118 -80.96 17.14 -36.81
CA LEU L 118 -82.21 17.19 -37.55
C LEU L 118 -82.94 18.51 -37.38
N ALA L 119 -82.31 19.48 -36.72
CA ALA L 119 -82.89 20.82 -36.63
C ALA L 119 -83.30 21.38 -37.99
N PRO L 120 -82.46 21.37 -39.04
CA PRO L 120 -82.90 22.00 -40.29
C PRO L 120 -84.10 21.34 -40.95
N ILE L 121 -84.07 20.02 -41.12
CA ILE L 121 -85.01 19.40 -42.04
C ILE L 121 -86.38 19.23 -41.42
N LEU L 122 -86.44 19.07 -40.10
CA LEU L 122 -87.73 18.90 -39.44
C LEU L 122 -88.43 20.24 -39.31
N ARG L 123 -87.68 21.30 -38.99
CA ARG L 123 -88.26 22.62 -38.85
C ARG L 123 -88.49 23.27 -40.21
N GLN L 124 -87.64 22.96 -41.20
CA GLN L 124 -87.89 23.48 -42.55
C GLN L 124 -89.15 22.89 -43.15
N MET L 125 -89.63 21.77 -42.62
CA MET L 125 -90.92 21.24 -43.03
C MET L 125 -92.06 22.15 -42.56
N ILE L 126 -91.88 22.76 -41.38
CA ILE L 126 -92.87 23.67 -40.83
C ILE L 126 -93.07 24.87 -41.75
N ASP L 127 -92.02 25.24 -42.49
CA ASP L 127 -92.16 26.23 -43.56
C ASP L 127 -93.22 25.79 -44.56
N SER L 128 -93.09 24.57 -45.07
CA SER L 128 -94.06 24.00 -46.01
C SER L 128 -95.32 23.50 -45.30
N ALA L 129 -95.16 22.87 -44.14
CA ALA L 129 -96.32 22.34 -43.43
C ALA L 129 -97.22 23.44 -42.89
N GLY L 130 -96.64 24.59 -42.54
CA GLY L 130 -97.41 25.65 -41.94
C GLY L 130 -97.59 25.49 -40.44
N SER L 131 -98.77 25.85 -39.94
CA SER L 131 -99.02 25.86 -38.50
C SER L 131 -99.43 24.48 -38.01
N GLY L 132 -99.65 24.39 -36.70
CA GLY L 132 -100.15 23.18 -36.08
C GLY L 132 -99.11 22.15 -35.75
N ASN L 133 -97.95 22.18 -36.39
CA ASN L 133 -96.92 21.17 -36.21
C ASN L 133 -95.75 21.73 -35.42
N VAL L 134 -95.27 20.95 -34.46
CA VAL L 134 -94.17 21.35 -33.60
C VAL L 134 -93.17 20.20 -33.54
N VAL L 135 -91.89 20.54 -33.62
CA VAL L 135 -90.80 19.58 -33.55
C VAL L 135 -89.94 19.93 -32.34
N ASN L 136 -89.68 18.94 -31.49
CA ASN L 136 -89.01 19.13 -30.21
C ASN L 136 -87.71 18.35 -30.20
N TYR L 137 -86.63 19.01 -29.81
CA TYR L 137 -85.29 18.43 -29.82
C TYR L 137 -84.79 18.28 -28.38
N ASP L 138 -84.75 17.05 -27.88
CA ASP L 138 -84.33 16.86 -26.50
C ASP L 138 -82.98 16.18 -26.46
N PRO L 139 -81.97 16.76 -25.79
CA PRO L 139 -80.65 16.11 -25.70
C PRO L 139 -80.68 14.73 -25.06
N SER L 140 -81.77 14.36 -24.39
CA SER L 140 -81.98 12.97 -23.99
C SER L 140 -82.24 12.08 -25.19
N ASN L 141 -82.17 12.66 -26.39
CA ASN L 141 -82.11 11.95 -27.67
C ASN L 141 -83.42 11.29 -28.06
N VAL L 142 -84.51 12.05 -27.96
CA VAL L 142 -85.70 11.81 -28.77
C VAL L 142 -86.13 13.13 -29.37
N ILE L 143 -87.03 13.05 -30.35
CA ILE L 143 -87.60 14.22 -30.99
C ILE L 143 -89.11 14.10 -30.96
N MET L 144 -89.76 15.03 -30.25
CA MET L 144 -91.21 14.99 -30.04
C MET L 144 -91.91 15.77 -31.14
N LEU L 145 -92.73 15.08 -31.91
CA LEU L 145 -93.47 15.67 -33.01
C LEU L 145 -94.93 15.82 -32.61
N THR L 146 -95.41 17.05 -32.56
CA THR L 146 -96.80 17.33 -32.23
C THR L 146 -97.39 18.17 -33.36
N GLY L 147 -98.37 17.60 -34.06
CA GLY L 147 -98.99 18.33 -35.14
C GLY L 147 -99.84 17.44 -36.02
N ARG L 148 -100.02 17.88 -37.26
CA ARG L 148 -100.92 17.20 -38.18
C ARG L 148 -100.34 15.86 -38.61
N ALA L 149 -101.12 14.79 -38.42
CA ALA L 149 -100.61 13.43 -38.46
C ALA L 149 -99.99 13.04 -39.81
N SER L 150 -100.22 13.82 -40.87
CA SER L 150 -99.55 13.51 -42.12
C SER L 150 -98.12 14.03 -42.15
N VAL L 151 -97.90 15.25 -41.66
CA VAL L 151 -96.56 15.83 -41.73
C VAL L 151 -95.64 15.19 -40.71
N VAL L 152 -96.16 14.87 -39.52
CA VAL L 152 -95.38 14.10 -38.57
C VAL L 152 -95.05 12.73 -39.14
N GLU L 153 -95.99 12.17 -39.91
CA GLU L 153 -95.79 10.86 -40.51
C GLU L 153 -94.47 10.79 -41.27
N ARG L 154 -94.23 11.78 -42.14
CA ARG L 154 -92.98 11.82 -42.89
C ARG L 154 -91.77 11.93 -41.97
N LEU L 155 -91.90 12.69 -40.89
CA LEU L 155 -90.74 12.87 -40.03
C LEU L 155 -90.57 11.72 -39.04
N THR L 156 -91.56 10.84 -38.93
CA THR L 156 -91.29 9.48 -38.48
C THR L 156 -90.71 8.66 -39.62
N GLU L 157 -91.13 8.93 -40.85
CA GLU L 157 -90.54 8.28 -42.02
C GLU L 157 -89.10 8.75 -42.23
N VAL L 158 -88.90 10.06 -42.37
CA VAL L 158 -87.58 10.58 -42.72
C VAL L 158 -86.54 10.12 -41.71
N ILE L 159 -86.74 10.48 -40.45
CA ILE L 159 -85.71 10.26 -39.44
C ILE L 159 -85.37 8.77 -39.34
N GLN L 160 -86.37 7.95 -39.09
CA GLN L 160 -86.13 6.52 -38.89
C GLN L 160 -85.70 5.81 -40.17
N ARG L 161 -85.82 6.47 -41.32
CA ARG L 161 -85.07 6.11 -42.52
C ARG L 161 -83.66 6.71 -42.51
N VAL L 162 -83.54 7.98 -42.11
CA VAL L 162 -82.22 8.58 -42.00
C VAL L 162 -81.44 7.96 -40.85
N ASP L 163 -82.13 7.62 -39.77
CA ASP L 163 -81.48 6.95 -38.65
C ASP L 163 -80.89 5.61 -39.08
N HIS L 164 -81.38 5.05 -40.19
CA HIS L 164 -80.75 3.89 -40.80
C HIS L 164 -79.44 4.26 -41.47
N ALA L 165 -79.37 5.45 -42.08
CA ALA L 165 -78.23 5.79 -42.92
C ALA L 165 -76.93 5.80 -42.13
N GLY L 166 -76.96 6.34 -40.92
CA GLY L 166 -75.73 6.45 -40.14
C GLY L 166 -75.46 5.24 -39.27
N ASN L 167 -76.06 4.09 -39.63
CA ASN L 167 -75.97 2.91 -38.78
C ASN L 167 -74.54 2.40 -38.68
N ARG L 168 -74.06 2.24 -37.45
CA ARG L 168 -72.67 1.91 -37.18
C ARG L 168 -72.62 0.68 -36.29
N THR L 169 -72.13 -0.43 -36.85
CA THR L 169 -72.04 -1.71 -36.15
C THR L 169 -70.60 -2.19 -36.21
N GLU L 170 -70.21 -3.01 -35.24
CA GLU L 170 -68.83 -3.44 -35.10
C GLU L 170 -68.73 -4.95 -35.27
N GLU L 171 -67.56 -5.40 -35.71
CA GLU L 171 -67.37 -6.82 -35.99
C GLU L 171 -65.91 -7.17 -35.77
N VAL L 172 -65.68 -8.39 -35.34
CA VAL L 172 -64.35 -8.88 -35.00
C VAL L 172 -63.89 -9.80 -36.12
N ILE L 173 -62.85 -9.40 -36.83
CA ILE L 173 -62.29 -10.17 -37.93
C ILE L 173 -61.02 -10.84 -37.44
N PRO L 174 -60.95 -12.17 -37.37
CA PRO L 174 -59.74 -12.82 -36.91
C PRO L 174 -58.62 -12.71 -37.94
N LEU L 175 -57.40 -12.96 -37.46
CA LEU L 175 -56.21 -12.90 -38.29
C LEU L 175 -55.37 -14.15 -38.06
N ASP L 176 -55.23 -14.95 -39.11
CA ASP L 176 -54.52 -16.23 -38.98
C ASP L 176 -53.01 -16.08 -39.07
N ASN L 177 -52.52 -15.13 -39.85
CA ASN L 177 -51.09 -15.02 -40.10
C ASN L 177 -50.51 -13.73 -39.53
N ALA L 178 -50.93 -12.58 -40.02
CA ALA L 178 -50.32 -11.33 -39.59
C ALA L 178 -50.72 -11.00 -38.15
N SER L 179 -49.91 -10.17 -37.52
CA SER L 179 -50.23 -9.70 -36.19
C SER L 179 -51.30 -8.63 -36.26
N ALA L 180 -52.27 -8.70 -35.35
CA ALA L 180 -53.31 -7.70 -35.36
C ALA L 180 -52.79 -6.32 -34.99
N SER L 181 -51.68 -6.24 -34.28
CA SER L 181 -51.17 -4.93 -33.89
C SER L 181 -50.51 -4.19 -35.04
N GLU L 182 -49.86 -4.89 -35.97
CA GLU L 182 -49.38 -4.25 -37.18
C GLU L 182 -50.55 -3.71 -37.99
N ILE L 183 -51.45 -4.60 -38.40
CA ILE L 183 -52.59 -4.23 -39.23
C ILE L 183 -53.38 -3.08 -38.63
N ALA L 184 -53.36 -2.95 -37.31
CA ALA L 184 -54.01 -1.81 -36.68
C ALA L 184 -53.23 -0.52 -36.87
N ARG L 185 -51.91 -0.58 -37.01
CA ARG L 185 -51.18 0.65 -37.33
C ARG L 185 -51.25 0.96 -38.81
N VAL L 186 -51.11 -0.05 -39.66
CA VAL L 186 -51.14 0.19 -41.11
C VAL L 186 -52.50 0.76 -41.50
N LEU L 187 -53.58 0.03 -41.22
CA LEU L 187 -54.89 0.48 -41.66
C LEU L 187 -55.29 1.81 -41.05
N GLU L 188 -54.67 2.22 -39.95
CA GLU L 188 -54.94 3.53 -39.38
C GLU L 188 -53.96 4.59 -39.88
N SER L 189 -52.92 4.19 -40.60
CA SER L 189 -52.07 5.18 -41.24
C SER L 189 -52.67 5.69 -42.53
N LEU L 190 -53.64 4.97 -43.09
CA LEU L 190 -54.30 5.44 -44.31
C LEU L 190 -55.29 6.55 -44.00
N THR L 191 -55.83 6.57 -42.80
CA THR L 191 -56.92 7.48 -42.47
C THR L 191 -56.91 7.95 -41.03
N GLN L 205 -62.47 3.71 -37.70
CA GLN L 205 -62.01 3.27 -36.38
C GLN L 205 -61.61 1.81 -36.37
N ILE L 206 -60.37 1.54 -35.96
CA ILE L 206 -59.83 0.19 -35.89
C ILE L 206 -59.09 0.02 -34.57
N VAL L 207 -59.47 -1.00 -33.82
CA VAL L 207 -58.79 -1.37 -32.60
C VAL L 207 -58.48 -2.85 -32.66
N ALA L 208 -57.26 -3.22 -32.26
CA ALA L 208 -56.79 -4.58 -32.34
C ALA L 208 -56.87 -5.26 -30.98
N ASP L 209 -57.33 -6.50 -30.97
CA ASP L 209 -57.38 -7.31 -29.76
C ASP L 209 -56.22 -8.30 -29.78
N GLU L 210 -55.39 -8.25 -28.73
CA GLU L 210 -54.16 -9.03 -28.73
C GLU L 210 -54.44 -10.51 -28.56
N ARG L 211 -55.25 -10.86 -27.55
CA ARG L 211 -55.38 -12.26 -27.13
C ARG L 211 -55.80 -13.16 -28.28
N THR L 212 -56.95 -12.87 -28.86
CA THR L 212 -57.47 -13.70 -29.94
C THR L 212 -56.84 -13.38 -31.27
N ASN L 213 -55.94 -12.39 -31.33
CA ASN L 213 -55.31 -11.97 -32.56
C ASN L 213 -56.36 -11.61 -33.60
N SER L 214 -57.11 -10.56 -33.30
CA SER L 214 -58.26 -10.20 -34.10
C SER L 214 -58.44 -8.70 -34.05
N VAL L 215 -58.95 -8.15 -35.15
CA VAL L 215 -59.08 -6.71 -35.32
C VAL L 215 -60.56 -6.35 -35.21
N ILE L 216 -60.87 -5.43 -34.29
CA ILE L 216 -62.21 -4.88 -34.17
C ILE L 216 -62.33 -3.71 -35.13
N VAL L 217 -63.41 -3.70 -35.91
CA VAL L 217 -63.64 -2.68 -36.92
C VAL L 217 -65.02 -2.09 -36.72
N SER L 218 -65.20 -0.84 -37.15
CA SER L 218 -66.48 -0.14 -36.98
C SER L 218 -66.76 0.76 -38.16
N GLY L 219 -68.03 0.77 -38.60
CA GLY L 219 -68.45 1.58 -39.71
C GLY L 219 -69.70 1.02 -40.35
N ASP L 220 -70.20 1.77 -41.34
CA ASP L 220 -71.39 1.31 -42.05
C ASP L 220 -71.06 0.10 -42.92
N PRO L 221 -72.07 -0.69 -43.30
CA PRO L 221 -71.79 -1.96 -43.98
C PRO L 221 -71.06 -1.83 -45.30
N ALA L 222 -70.98 -0.65 -45.91
CA ALA L 222 -70.15 -0.50 -47.10
C ALA L 222 -68.68 -0.33 -46.74
N THR L 223 -68.39 0.46 -45.71
CA THR L 223 -67.00 0.62 -45.28
C THR L 223 -66.48 -0.66 -44.65
N ARG L 224 -67.32 -1.37 -43.90
CA ARG L 224 -66.88 -2.65 -43.36
C ARG L 224 -66.76 -3.71 -44.43
N ASP L 225 -67.13 -3.40 -45.68
CA ASP L 225 -66.78 -4.29 -46.78
C ASP L 225 -65.33 -4.11 -47.21
N LYS L 226 -64.88 -2.86 -47.38
CA LYS L 226 -63.56 -2.63 -47.92
C LYS L 226 -62.48 -3.16 -46.99
N MET L 227 -62.50 -2.71 -45.75
CA MET L 227 -61.52 -3.21 -44.79
C MET L 227 -61.60 -4.72 -44.62
N ARG L 228 -62.73 -5.33 -44.92
CA ARG L 228 -62.79 -6.79 -44.86
C ARG L 228 -62.12 -7.42 -46.08
N ARG L 229 -62.12 -6.74 -47.22
CA ARG L 229 -61.37 -7.23 -48.38
C ARG L 229 -59.89 -6.88 -48.29
N LEU L 230 -59.55 -5.77 -47.66
CA LEU L 230 -58.15 -5.40 -47.56
C LEU L 230 -57.44 -6.18 -46.48
N ILE L 231 -58.15 -6.61 -45.44
CA ILE L 231 -57.55 -7.46 -44.42
C ILE L 231 -57.35 -8.88 -44.90
N ARG L 232 -58.10 -9.34 -45.88
CA ARG L 232 -57.86 -10.67 -46.42
C ARG L 232 -56.55 -10.75 -47.19
N ARG L 233 -56.12 -9.65 -47.82
CA ARG L 233 -54.81 -9.67 -48.48
C ARG L 233 -53.67 -9.50 -47.49
N LEU L 234 -53.82 -8.64 -46.48
CA LEU L 234 -52.75 -8.50 -45.52
C LEU L 234 -52.60 -9.73 -44.62
N ASP L 235 -53.59 -10.60 -44.59
CA ASP L 235 -53.50 -11.87 -43.90
C ASP L 235 -53.02 -13.00 -44.80
N SER L 236 -52.85 -12.74 -46.10
CA SER L 236 -52.43 -13.80 -47.01
C SER L 236 -51.10 -14.36 -46.53
N GLU L 237 -50.93 -15.68 -46.70
CA GLU L 237 -49.75 -16.33 -46.16
C GLU L 237 -48.51 -15.96 -46.97
N MET L 238 -47.46 -15.58 -46.26
CA MET L 238 -46.15 -15.37 -46.84
C MET L 238 -45.60 -16.68 -47.37
N GLU L 239 -44.85 -16.61 -48.46
CA GLU L 239 -44.26 -17.83 -49.01
C GLU L 239 -42.86 -17.98 -48.43
N ARG L 240 -42.75 -18.82 -47.39
CA ARG L 240 -41.50 -19.45 -46.95
C ARG L 240 -40.41 -18.45 -46.59
N SER L 241 -40.54 -17.21 -47.07
CA SER L 241 -39.44 -16.24 -47.03
C SER L 241 -39.86 -15.09 -46.14
N GLY L 242 -39.31 -15.06 -44.94
CA GLY L 242 -39.51 -13.95 -44.04
C GLY L 242 -38.40 -12.95 -44.21
N ASN L 243 -38.26 -12.08 -43.22
CA ASN L 243 -37.06 -11.29 -43.23
C ASN L 243 -35.85 -12.09 -42.80
N SER L 244 -36.04 -13.33 -42.34
CA SER L 244 -34.96 -14.18 -41.87
C SER L 244 -34.80 -15.38 -42.79
N GLN L 245 -33.58 -15.60 -43.26
CA GLN L 245 -33.22 -16.80 -43.98
C GLN L 245 -32.04 -17.45 -43.32
N VAL L 246 -31.83 -18.71 -43.65
CA VAL L 246 -30.79 -19.53 -43.07
C VAL L 246 -29.91 -20.00 -44.21
N PHE L 247 -28.65 -19.58 -44.20
CA PHE L 247 -27.69 -19.96 -45.23
C PHE L 247 -26.75 -21.01 -44.68
N TYR L 248 -26.81 -22.20 -45.24
CA TYR L 248 -25.84 -23.22 -44.93
C TYR L 248 -24.58 -22.95 -45.73
N LEU L 249 -23.47 -22.72 -45.06
CA LEU L 249 -22.25 -22.38 -45.74
C LEU L 249 -21.57 -23.64 -46.23
N LYS L 250 -21.20 -23.63 -47.51
CA LYS L 250 -20.61 -24.81 -48.11
C LYS L 250 -19.14 -24.96 -47.76
N TYR L 251 -18.43 -23.85 -47.59
CA TYR L 251 -17.02 -23.94 -47.32
C TYR L 251 -16.64 -23.09 -46.12
N SER L 252 -16.93 -21.80 -46.18
CA SER L 252 -16.53 -20.90 -45.12
C SER L 252 -17.01 -21.41 -43.77
N LYS L 253 -16.24 -21.09 -42.74
CA LYS L 253 -16.68 -21.35 -41.38
C LYS L 253 -17.63 -20.25 -40.94
N ALA L 254 -18.84 -20.64 -40.55
CA ALA L 254 -19.94 -19.70 -40.43
C ALA L 254 -19.59 -18.49 -39.59
N GLU L 255 -18.77 -18.66 -38.56
CA GLU L 255 -18.50 -17.57 -37.65
C GLU L 255 -17.26 -16.78 -38.03
N ASP L 256 -16.64 -17.08 -39.17
CA ASP L 256 -15.68 -16.14 -39.73
C ASP L 256 -16.38 -15.06 -40.53
N LEU L 257 -17.36 -15.43 -41.35
CA LEU L 257 -18.12 -14.45 -42.09
C LEU L 257 -18.99 -13.59 -41.21
N VAL L 258 -19.17 -13.93 -39.94
CA VAL L 258 -20.19 -13.24 -39.20
C VAL L 258 -19.76 -11.81 -38.89
N ASP L 259 -18.46 -11.59 -38.70
CA ASP L 259 -17.98 -10.23 -38.49
C ASP L 259 -17.82 -9.48 -39.80
N VAL L 260 -17.28 -10.16 -40.81
CA VAL L 260 -17.20 -9.58 -42.15
C VAL L 260 -18.55 -9.04 -42.58
N LEU L 261 -19.63 -9.73 -42.22
CA LEU L 261 -20.95 -9.29 -42.59
C LEU L 261 -21.54 -8.29 -41.63
N LYS L 262 -20.98 -8.10 -40.45
CA LYS L 262 -21.57 -7.10 -39.57
C LYS L 262 -21.19 -5.70 -39.99
N GLN L 263 -20.01 -5.50 -40.56
CA GLN L 263 -19.65 -4.20 -41.10
C GLN L 263 -20.39 -3.93 -42.40
N VAL L 264 -20.33 -4.87 -43.33
CA VAL L 264 -21.07 -4.75 -44.58
C VAL L 264 -22.53 -4.44 -44.32
N SER L 265 -23.12 -5.07 -43.32
CA SER L 265 -24.51 -4.81 -43.00
C SER L 265 -24.66 -3.54 -42.19
N GLY L 266 -23.62 -3.14 -41.46
CA GLY L 266 -23.72 -1.96 -40.62
C GLY L 266 -23.98 -0.70 -41.44
N THR L 267 -23.14 -0.43 -42.42
CA THR L 267 -23.22 0.78 -43.21
C THR L 267 -24.11 0.63 -44.42
N LEU L 268 -24.76 -0.50 -44.58
CA LEU L 268 -25.75 -0.69 -45.63
C LEU L 268 -27.15 -0.32 -45.17
N THR L 269 -27.32 -0.05 -43.89
CA THR L 269 -28.56 0.49 -43.36
C THR L 269 -28.77 1.93 -43.80
N ILE L 285 -33.28 -2.19 -39.70
CA ILE L 285 -32.27 -2.79 -38.84
C ILE L 285 -31.91 -4.16 -39.40
N VAL L 286 -30.71 -4.63 -39.07
CA VAL L 286 -30.15 -5.84 -39.67
C VAL L 286 -29.40 -6.60 -38.59
N SER L 287 -29.62 -7.91 -38.53
CA SER L 287 -28.94 -8.76 -37.58
C SER L 287 -28.36 -9.96 -38.28
N ILE L 288 -27.13 -10.31 -37.92
CA ILE L 288 -26.45 -11.49 -38.43
C ILE L 288 -26.07 -12.35 -37.24
N ALA L 289 -26.46 -13.62 -37.28
CA ALA L 289 -26.10 -14.55 -36.22
C ALA L 289 -25.66 -15.86 -36.84
N ALA L 290 -24.74 -16.53 -36.16
CA ALA L 290 -24.14 -17.76 -36.69
C ALA L 290 -24.31 -18.89 -35.69
N SER L 291 -24.86 -20.00 -36.17
CA SER L 291 -25.03 -21.18 -35.35
C SER L 291 -23.77 -22.02 -35.47
N LYS L 292 -23.02 -22.14 -34.37
CA LYS L 292 -21.76 -22.90 -34.45
C LYS L 292 -22.02 -24.36 -34.77
N HIS L 293 -22.93 -24.98 -34.04
CA HIS L 293 -23.13 -26.41 -34.22
C HIS L 293 -23.57 -26.73 -35.63
N SER L 294 -24.40 -25.89 -36.23
CA SER L 294 -24.92 -26.20 -37.56
C SER L 294 -24.12 -25.58 -38.68
N ASN L 295 -23.13 -24.74 -38.38
CA ASN L 295 -22.33 -24.05 -39.40
C ASN L 295 -23.23 -23.33 -40.40
N ALA L 296 -24.10 -22.49 -39.88
CA ALA L 296 -25.00 -21.74 -40.74
C ALA L 296 -25.23 -20.40 -40.09
N LEU L 297 -25.33 -19.37 -40.90
CA LEU L 297 -25.60 -18.04 -40.41
C LEU L 297 -26.99 -17.61 -40.83
N ILE L 298 -27.60 -16.77 -40.02
CA ILE L 298 -29.01 -16.46 -40.11
C ILE L 298 -29.14 -14.98 -40.32
N VAL L 299 -29.55 -14.58 -41.51
CA VAL L 299 -29.59 -13.19 -41.90
C VAL L 299 -31.01 -12.73 -41.79
N THR L 300 -31.24 -11.70 -40.99
CA THR L 300 -32.55 -11.06 -40.90
C THR L 300 -32.42 -9.61 -41.32
N ALA L 301 -33.03 -9.26 -42.44
CA ALA L 301 -32.95 -7.89 -42.94
C ALA L 301 -34.13 -7.67 -43.87
N PRO L 302 -34.34 -6.43 -44.31
CA PRO L 302 -35.38 -6.17 -45.29
C PRO L 302 -35.06 -6.80 -46.63
N GLN L 303 -36.08 -6.88 -47.48
CA GLN L 303 -35.93 -7.61 -48.72
C GLN L 303 -34.81 -7.04 -49.60
N ASP L 304 -34.48 -5.76 -49.46
CA ASP L 304 -33.44 -5.19 -50.30
C ASP L 304 -32.05 -5.53 -49.79
N ILE L 305 -31.81 -5.36 -48.49
CA ILE L 305 -30.50 -5.67 -47.94
C ILE L 305 -30.21 -7.15 -48.08
N MET L 306 -31.23 -7.98 -47.95
CA MET L 306 -31.03 -9.42 -48.09
C MET L 306 -30.41 -9.75 -49.43
N GLN L 307 -31.03 -9.28 -50.51
CA GLN L 307 -30.54 -9.63 -51.84
C GLN L 307 -29.11 -9.16 -52.07
N SER L 308 -28.67 -8.14 -51.34
CA SER L 308 -27.26 -7.78 -51.34
C SER L 308 -26.44 -8.83 -50.62
N LEU L 309 -26.79 -9.11 -49.37
CA LEU L 309 -26.04 -10.07 -48.59
C LEU L 309 -26.11 -11.48 -49.13
N GLN L 310 -26.96 -11.77 -50.09
CA GLN L 310 -26.88 -13.08 -50.70
C GLN L 310 -25.82 -13.15 -51.78
N SER L 311 -25.52 -12.05 -52.44
CA SER L 311 -24.49 -12.08 -53.46
C SER L 311 -23.11 -11.95 -52.87
N VAL L 312 -22.99 -11.42 -51.66
CA VAL L 312 -21.73 -11.45 -50.96
C VAL L 312 -21.41 -12.85 -50.48
N ILE L 313 -22.32 -13.45 -49.71
CA ILE L 313 -22.11 -14.79 -49.20
C ILE L 313 -21.86 -15.78 -50.32
N GLU L 314 -22.52 -15.59 -51.45
CA GLU L 314 -22.26 -16.46 -52.57
C GLU L 314 -20.83 -16.36 -53.05
N GLN L 315 -20.22 -15.19 -52.94
CA GLN L 315 -18.87 -14.97 -53.43
C GLN L 315 -17.79 -15.14 -52.37
N LEU L 316 -18.15 -15.23 -51.10
CA LEU L 316 -17.18 -15.52 -50.06
C LEU L 316 -17.13 -16.98 -49.68
N ASP L 317 -17.97 -17.79 -50.28
CA ASP L 317 -18.12 -19.18 -49.91
C ASP L 317 -17.25 -20.10 -50.77
N ILE L 318 -16.34 -19.54 -51.56
CA ILE L 318 -15.58 -20.30 -52.55
C ILE L 318 -14.67 -21.33 -51.88
N ARG L 319 -14.23 -22.28 -52.68
CA ARG L 319 -13.37 -23.38 -52.26
C ARG L 319 -11.91 -22.97 -52.21
N ARG L 320 -11.21 -23.36 -51.15
CA ARG L 320 -9.84 -22.95 -50.90
C ARG L 320 -8.87 -23.98 -51.42
N ALA L 321 -7.74 -23.52 -51.92
CA ALA L 321 -6.68 -24.38 -52.41
C ALA L 321 -5.69 -24.60 -51.28
N GLN L 322 -5.09 -25.77 -51.23
CA GLN L 322 -4.10 -26.07 -50.22
C GLN L 322 -2.73 -26.30 -50.83
N VAL L 323 -1.72 -26.03 -50.05
CA VAL L 323 -0.35 -25.89 -50.52
C VAL L 323 0.50 -26.90 -49.78
N HIS L 324 1.46 -27.51 -50.46
CA HIS L 324 2.41 -28.39 -49.81
C HIS L 324 3.79 -27.80 -49.90
N VAL L 325 4.34 -27.40 -48.77
CA VAL L 325 5.56 -26.65 -48.71
C VAL L 325 6.68 -27.53 -48.21
N GLU L 326 7.64 -27.86 -49.06
CA GLU L 326 8.83 -28.59 -48.67
C GLU L 326 9.98 -27.64 -48.48
N ALA L 327 10.79 -27.87 -47.47
CA ALA L 327 12.05 -27.17 -47.31
C ALA L 327 13.15 -28.17 -47.56
N LEU L 328 14.31 -27.72 -48.00
CA LEU L 328 15.45 -28.60 -48.12
C LEU L 328 16.64 -27.96 -47.45
N ILE L 329 17.12 -28.55 -46.38
CA ILE L 329 18.23 -27.93 -45.70
C ILE L 329 19.47 -28.74 -45.97
N VAL L 330 20.39 -28.23 -46.76
CA VAL L 330 21.59 -28.95 -47.14
C VAL L 330 22.74 -28.39 -46.33
N GLU L 331 23.66 -29.24 -45.93
CA GLU L 331 24.90 -28.77 -45.33
C GLU L 331 26.03 -29.69 -45.70
N VAL L 332 27.14 -29.14 -46.17
CA VAL L 332 28.30 -29.93 -46.52
C VAL L 332 29.50 -29.29 -45.83
N ALA L 333 30.05 -29.94 -44.83
CA ALA L 333 31.20 -29.42 -44.12
C ALA L 333 32.41 -30.27 -44.42
N GLU L 334 33.57 -29.64 -44.49
CA GLU L 334 34.78 -30.42 -44.63
C GLU L 334 35.98 -29.84 -43.91
N GLY L 335 36.48 -30.50 -42.88
CA GLY L 335 37.56 -29.98 -42.07
C GLY L 335 38.89 -30.57 -42.49
N SER L 336 39.97 -30.02 -41.94
CA SER L 336 41.29 -30.63 -42.05
C SER L 336 42.15 -29.94 -41.00
N ASN L 337 43.24 -30.57 -40.60
CA ASN L 337 44.38 -29.85 -40.05
C ASN L 337 45.57 -30.79 -40.04
N ILE L 338 46.75 -30.25 -39.93
CA ILE L 338 47.95 -31.05 -39.86
C ILE L 338 48.91 -30.39 -38.92
N ASN L 339 49.63 -31.19 -38.16
CA ASN L 339 50.47 -30.71 -37.09
C ASN L 339 51.77 -31.49 -37.08
N PHE L 340 52.88 -30.82 -37.30
CA PHE L 340 54.16 -31.52 -37.32
C PHE L 340 55.30 -30.76 -36.68
N GLY L 341 55.94 -31.26 -35.65
CA GLY L 341 57.09 -30.54 -35.13
C GLY L 341 57.94 -31.34 -34.18
N VAL L 342 59.21 -30.98 -34.14
CA VAL L 342 60.25 -31.69 -33.41
C VAL L 342 60.52 -30.98 -32.11
N GLN L 343 60.87 -31.73 -31.09
CA GLN L 343 61.22 -31.18 -29.80
C GLN L 343 62.40 -31.92 -29.22
N TRP L 344 63.24 -31.20 -28.51
CA TRP L 344 64.41 -31.79 -27.88
C TRP L 344 64.31 -31.57 -26.38
N ALA L 345 65.15 -32.29 -25.67
CA ALA L 345 65.35 -32.03 -24.26
C ALA L 345 66.70 -32.62 -23.93
N SER L 346 67.22 -32.31 -22.77
CA SER L 346 68.52 -32.82 -22.41
C SER L 346 68.69 -32.68 -20.91
N LYS L 347 69.93 -32.86 -20.49
CA LYS L 347 70.41 -32.67 -19.14
C LYS L 347 70.38 -31.18 -18.86
N ASP L 348 71.19 -30.76 -17.90
CA ASP L 348 71.38 -29.35 -17.59
C ASP L 348 71.69 -28.49 -18.82
N ALA L 349 72.00 -29.12 -19.96
CA ALA L 349 72.45 -28.44 -21.17
C ALA L 349 71.33 -27.99 -22.11
N GLY L 350 70.06 -28.08 -21.74
CA GLY L 350 69.09 -27.26 -22.43
C GLY L 350 67.74 -27.94 -22.61
N LEU L 351 66.88 -27.28 -23.39
CA LEU L 351 65.68 -27.89 -23.96
C LEU L 351 65.24 -27.06 -25.16
N MET L 352 64.33 -27.63 -25.94
CA MET L 352 63.61 -26.95 -27.01
C MET L 352 62.16 -27.40 -26.93
N GLN L 353 61.25 -26.46 -26.83
CA GLN L 353 59.88 -26.82 -26.52
C GLN L 353 58.95 -25.92 -27.30
N PHE L 354 57.89 -26.49 -27.88
CA PHE L 354 56.95 -25.68 -28.65
C PHE L 354 55.53 -25.96 -28.21
N ALA L 355 54.76 -24.89 -28.04
CA ALA L 355 53.43 -24.94 -27.45
C ALA L 355 52.31 -25.01 -28.49
N ASN L 356 52.64 -25.19 -29.76
CA ASN L 356 51.60 -25.35 -30.76
C ASN L 356 50.80 -26.61 -30.48
N GLY L 357 49.59 -26.68 -31.01
CA GLY L 357 48.76 -27.83 -30.78
C GLY L 357 48.29 -27.89 -29.34
N THR L 358 47.81 -29.02 -28.78
CA THR L 358 47.61 -30.37 -29.33
C THR L 358 48.92 -31.13 -29.49
N GLN L 359 50.03 -30.40 -29.47
CA GLN L 359 51.35 -31.01 -29.54
C GLN L 359 51.92 -30.93 -28.14
N ILE L 360 51.97 -32.07 -27.45
CA ILE L 360 52.22 -32.03 -26.00
C ILE L 360 53.67 -31.68 -25.74
N PRO L 361 53.95 -30.73 -24.87
CA PRO L 361 55.30 -30.18 -24.75
C PRO L 361 56.23 -31.11 -24.01
N ILE L 362 57.49 -31.09 -24.43
CA ILE L 362 58.46 -32.05 -23.93
C ILE L 362 58.93 -31.71 -22.53
N GLY L 363 58.78 -30.49 -22.10
CA GLY L 363 59.12 -30.19 -20.73
C GLY L 363 58.16 -30.87 -19.79
N THR L 364 56.88 -30.59 -19.93
CA THR L 364 55.91 -31.17 -19.01
C THR L 364 55.76 -32.66 -19.20
N LEU L 365 56.29 -33.22 -20.28
CA LEU L 365 56.40 -34.66 -20.39
C LEU L 365 57.54 -35.19 -19.54
N GLY L 366 58.74 -34.66 -19.74
CA GLY L 366 59.89 -35.14 -19.01
C GLY L 366 59.75 -35.07 -17.52
N ALA L 367 58.84 -34.25 -17.01
CA ALA L 367 58.54 -34.30 -15.60
C ALA L 367 57.64 -35.48 -15.29
N ALA L 368 56.53 -35.60 -16.02
CA ALA L 368 55.58 -36.66 -15.74
C ALA L 368 56.21 -38.03 -15.87
N ILE L 369 57.27 -38.17 -16.65
CA ILE L 369 57.99 -39.43 -16.66
C ILE L 369 58.74 -39.62 -15.36
N SER L 370 59.34 -38.55 -14.84
CA SER L 370 60.17 -38.73 -13.65
C SER L 370 59.33 -38.83 -12.38
N GLN L 371 58.19 -38.13 -12.31
CA GLN L 371 57.29 -38.39 -11.20
C GLN L 371 56.68 -39.78 -11.27
N ALA L 372 56.88 -40.51 -12.35
CA ALA L 372 56.36 -41.86 -12.48
C ALA L 372 57.39 -42.91 -12.13
N LYS L 373 58.55 -42.53 -11.70
CA LYS L 373 59.50 -43.57 -11.37
C LYS L 373 59.13 -44.21 -10.04
N PRO L 374 59.45 -45.48 -9.85
CA PRO L 374 59.18 -46.12 -8.56
C PRO L 374 60.08 -45.55 -7.49
N GLN L 375 59.50 -45.16 -6.37
CA GLN L 375 60.26 -44.61 -5.26
C GLN L 375 60.54 -45.71 -4.25
N LYS L 376 61.81 -46.08 -4.12
CA LYS L 376 62.17 -47.19 -3.27
C LYS L 376 62.01 -46.77 -1.83
N GLY L 377 61.13 -47.44 -1.12
CA GLY L 377 60.84 -47.12 0.26
C GLY L 377 61.58 -48.02 1.21
N SER L 378 61.69 -47.55 2.44
CA SER L 378 62.06 -48.36 3.59
C SER L 378 61.52 -47.66 4.81
N THR L 379 61.25 -48.41 5.86
CA THR L 379 60.77 -47.78 7.09
C THR L 379 61.42 -48.45 8.29
N VAL L 380 62.09 -47.64 9.11
CA VAL L 380 62.78 -48.10 10.31
C VAL L 380 62.77 -46.94 11.30
N ILE L 381 62.63 -47.28 12.57
CA ILE L 381 62.70 -46.38 13.73
C ILE L 381 62.22 -44.97 13.44
N ILE L 389 61.62 -53.24 5.99
CA ILE L 389 60.92 -53.64 4.78
C ILE L 389 61.66 -53.32 3.51
N ASN L 390 61.20 -53.92 2.42
CA ASN L 390 61.69 -53.60 1.08
C ASN L 390 60.52 -53.60 0.10
N PRO L 391 59.50 -52.77 0.34
CA PRO L 391 58.48 -52.56 -0.68
C PRO L 391 59.00 -51.54 -1.68
N ASP L 392 58.32 -51.47 -2.80
CA ASP L 392 58.50 -50.38 -3.74
C ASP L 392 57.13 -49.83 -4.09
N THR L 393 56.89 -48.58 -3.71
CA THR L 393 55.61 -47.94 -3.96
C THR L 393 55.29 -47.87 -5.45
N ASN L 394 56.26 -48.14 -6.29
CA ASN L 394 56.13 -48.04 -7.74
C ASN L 394 55.73 -46.59 -8.05
N GLY L 395 54.87 -46.36 -9.04
CA GLY L 395 54.59 -45.02 -9.49
C GLY L 395 53.20 -44.55 -9.11
N ASP L 396 52.93 -43.32 -9.51
CA ASP L 396 51.57 -42.81 -9.67
C ASP L 396 51.49 -42.19 -11.05
N LEU L 397 50.76 -42.82 -11.94
CA LEU L 397 50.69 -42.41 -13.33
C LEU L 397 49.59 -41.41 -13.56
N SER L 398 48.93 -40.93 -12.51
CA SER L 398 47.92 -39.90 -12.69
C SER L 398 48.44 -38.73 -13.52
N THR L 399 49.69 -38.34 -13.30
CA THR L 399 50.21 -37.19 -14.02
C THR L 399 50.48 -37.54 -15.47
N LEU L 400 51.13 -38.67 -15.72
CA LEU L 400 51.49 -39.00 -17.09
C LEU L 400 50.26 -39.34 -17.91
N ALA L 401 49.31 -40.06 -17.34
CA ALA L 401 48.12 -40.39 -18.09
C ALA L 401 47.19 -39.21 -18.27
N GLN L 402 47.47 -38.08 -17.63
CA GLN L 402 46.65 -36.89 -17.92
C GLN L 402 47.11 -36.18 -19.18
N LEU L 403 48.41 -36.16 -19.45
CA LEU L 403 48.88 -35.70 -20.75
C LEU L 403 48.23 -36.49 -21.86
N LEU L 404 48.38 -37.79 -21.81
CA LEU L 404 47.94 -38.68 -22.87
C LEU L 404 46.43 -38.77 -22.98
N SER L 405 45.68 -38.12 -22.09
CA SER L 405 44.24 -38.27 -22.08
C SER L 405 43.63 -37.89 -23.42
N GLY L 406 43.86 -36.66 -23.86
CA GLY L 406 43.32 -36.21 -25.12
C GLY L 406 44.28 -36.23 -26.29
N PHE L 407 45.51 -36.66 -26.07
CA PHE L 407 46.52 -36.68 -27.12
C PHE L 407 46.09 -37.60 -28.26
N SER L 408 46.46 -37.21 -29.47
CA SER L 408 46.13 -37.95 -30.66
C SER L 408 47.26 -37.83 -31.66
N GLY L 409 47.59 -38.92 -32.32
CA GLY L 409 48.61 -38.92 -33.34
C GLY L 409 49.97 -39.31 -32.82
N THR L 410 50.89 -39.49 -33.75
CA THR L 410 52.22 -39.99 -33.45
C THR L 410 52.91 -39.17 -32.37
N ALA L 411 53.65 -39.86 -31.51
CA ALA L 411 54.81 -39.27 -30.82
C ALA L 411 55.90 -40.32 -30.88
N VAL L 412 56.95 -40.04 -31.62
CA VAL L 412 58.10 -40.93 -31.68
C VAL L 412 59.21 -40.28 -30.89
N GLY L 413 60.01 -41.09 -30.23
CA GLY L 413 61.00 -40.50 -29.35
C GLY L 413 62.28 -41.29 -29.30
N VAL L 414 63.26 -40.67 -28.66
CA VAL L 414 64.44 -41.35 -28.18
C VAL L 414 64.57 -40.90 -26.73
N VAL L 415 64.29 -41.77 -25.78
CA VAL L 415 64.54 -41.41 -24.39
C VAL L 415 65.66 -42.32 -23.91
N LYS L 416 66.87 -41.78 -23.83
CA LYS L 416 68.02 -42.51 -23.31
C LYS L 416 68.92 -41.50 -22.64
N GLY L 417 69.33 -41.78 -21.40
CA GLY L 417 70.15 -40.83 -20.67
C GLY L 417 69.48 -39.49 -20.46
N ASP L 418 68.15 -39.49 -20.29
CA ASP L 418 67.35 -38.33 -19.93
C ASP L 418 67.28 -37.26 -21.02
N TRP L 419 68.15 -37.33 -22.01
CA TRP L 419 68.01 -36.48 -23.17
C TRP L 419 67.09 -37.18 -24.14
N MET L 420 66.27 -36.40 -24.84
CA MET L 420 65.28 -37.01 -25.70
C MET L 420 64.98 -36.12 -26.87
N ALA L 421 64.49 -36.72 -27.95
CA ALA L 421 64.04 -36.00 -29.13
C ALA L 421 62.70 -36.60 -29.52
N LEU L 422 61.65 -35.81 -29.49
CA LEU L 422 60.29 -36.31 -29.56
C LEU L 422 59.60 -35.70 -30.77
N VAL L 423 59.34 -36.50 -31.80
CA VAL L 423 58.85 -36.00 -33.08
C VAL L 423 57.37 -36.29 -33.18
N GLN L 424 56.53 -35.29 -33.09
CA GLN L 424 55.09 -35.50 -33.07
C GLN L 424 54.49 -35.06 -34.39
N ALA L 425 53.55 -35.84 -34.90
CA ALA L 425 52.87 -35.48 -36.13
C ALA L 425 51.48 -36.10 -36.18
N VAL L 426 50.53 -35.47 -36.84
CA VAL L 426 49.19 -35.99 -36.99
C VAL L 426 48.57 -35.31 -38.18
N LYS L 427 47.55 -35.90 -38.77
CA LYS L 427 46.72 -35.22 -39.73
C LYS L 427 45.28 -35.57 -39.50
N ASN L 428 44.49 -34.65 -38.98
CA ASN L 428 43.09 -34.89 -38.75
C ASN L 428 42.33 -34.43 -39.97
N ASP L 429 41.39 -35.24 -40.39
CA ASP L 429 40.61 -34.91 -41.56
C ASP L 429 39.18 -35.36 -41.34
N SER L 430 38.22 -34.47 -41.40
CA SER L 430 36.84 -34.87 -41.22
C SER L 430 36.05 -34.55 -42.46
N SER L 431 34.77 -34.83 -42.40
CA SER L 431 33.83 -34.51 -43.45
C SER L 431 32.44 -34.59 -42.85
N SER L 432 31.48 -34.05 -43.55
CA SER L 432 30.09 -34.23 -43.16
C SER L 432 29.20 -34.00 -44.36
N ASN L 433 28.03 -34.56 -44.30
CA ASN L 433 27.05 -34.30 -45.33
C ASN L 433 25.69 -34.46 -44.68
N VAL L 434 24.77 -33.56 -44.89
CA VAL L 434 23.48 -33.63 -44.21
C VAL L 434 22.43 -33.15 -45.17
N LEU L 435 21.31 -33.83 -45.22
CA LEU L 435 20.20 -33.34 -46.01
C LEU L 435 18.93 -33.59 -45.25
N SER L 436 18.24 -32.56 -44.80
CA SER L 436 16.99 -32.79 -44.11
C SER L 436 15.92 -31.94 -44.76
N THR L 437 14.74 -32.48 -44.84
CA THR L 437 13.69 -31.90 -45.64
C THR L 437 12.31 -31.97 -45.03
N PRO L 438 12.01 -31.14 -44.04
CA PRO L 438 10.69 -31.13 -43.46
C PRO L 438 9.67 -30.55 -44.40
N SER L 439 8.43 -30.97 -44.26
CA SER L 439 7.39 -30.49 -45.15
C SER L 439 6.05 -30.51 -44.43
N ILE L 440 5.20 -29.56 -44.77
CA ILE L 440 3.93 -29.37 -44.10
C ILE L 440 2.87 -29.09 -45.16
N THR L 441 1.62 -29.33 -44.83
CA THR L 441 0.52 -29.09 -45.76
C THR L 441 -0.54 -28.25 -45.07
N THR L 442 -0.90 -27.13 -45.67
CA THR L 442 -1.83 -26.20 -45.07
C THR L 442 -2.89 -25.86 -46.08
N LEU L 443 -3.96 -25.26 -45.61
CA LEU L 443 -4.78 -24.50 -46.53
C LEU L 443 -4.11 -23.18 -46.84
N ASP L 444 -4.53 -22.59 -47.95
CA ASP L 444 -4.16 -21.22 -48.25
C ASP L 444 -4.49 -20.31 -47.08
N ASN L 445 -3.64 -19.30 -46.87
CA ASN L 445 -3.84 -18.21 -45.93
C ASN L 445 -3.85 -18.64 -44.48
N GLN L 446 -3.74 -19.92 -44.19
CA GLN L 446 -3.70 -20.43 -42.82
C GLN L 446 -2.26 -20.77 -42.48
N GLU L 447 -1.85 -20.53 -41.25
CA GLU L 447 -0.45 -20.81 -40.91
C GLU L 447 -0.29 -22.17 -40.29
N ALA L 448 0.78 -22.84 -40.70
CA ALA L 448 1.10 -24.18 -40.24
C ALA L 448 2.37 -24.12 -39.44
N PHE L 449 2.52 -25.06 -38.53
CA PHE L 449 3.66 -25.13 -37.65
C PHE L 449 4.09 -26.57 -37.61
N PHE L 450 5.37 -26.83 -37.76
CA PHE L 450 5.85 -28.20 -37.77
C PHE L 450 7.14 -28.27 -36.99
N MET L 451 7.17 -29.00 -35.89
CA MET L 451 8.39 -29.12 -35.10
C MET L 451 8.73 -30.57 -34.93
N VAL L 452 9.98 -30.93 -35.18
CA VAL L 452 10.52 -32.22 -34.79
C VAL L 452 11.77 -31.92 -34.02
N GLY L 453 11.75 -32.22 -32.73
CA GLY L 453 12.78 -31.69 -31.88
C GLY L 453 12.62 -32.22 -30.50
N GLN L 454 13.13 -31.47 -29.53
CA GLN L 454 12.91 -31.81 -28.15
C GLN L 454 12.75 -30.54 -27.36
N ASP L 455 12.15 -30.67 -26.19
CA ASP L 455 11.71 -29.54 -25.40
C ASP L 455 12.50 -29.50 -24.11
N VAL L 456 13.38 -28.51 -23.98
CA VAL L 456 14.47 -28.54 -23.00
C VAL L 456 14.36 -27.33 -22.08
N PRO L 457 14.63 -27.46 -20.78
CA PRO L 457 14.48 -26.32 -19.86
C PRO L 457 15.64 -25.34 -19.90
N VAL L 458 15.32 -24.06 -19.78
CA VAL L 458 16.31 -23.00 -19.74
C VAL L 458 16.15 -22.28 -18.42
N LEU L 459 17.26 -21.77 -17.87
CA LEU L 459 17.44 -21.70 -16.43
C LEU L 459 16.27 -21.11 -15.66
N THR L 460 15.66 -20.00 -16.07
CA THR L 460 16.28 -18.83 -16.61
C THR L 460 15.65 -17.73 -15.75
N GLY L 461 16.46 -17.15 -14.87
CA GLY L 461 15.96 -16.31 -13.81
C GLY L 461 16.40 -16.80 -12.46
N THR L 474 14.21 -20.23 -12.32
CA THR L 474 12.81 -20.04 -12.63
C THR L 474 12.39 -20.93 -13.81
N VAL L 475 13.36 -21.54 -14.45
CA VAL L 475 13.19 -22.66 -15.36
C VAL L 475 12.02 -22.52 -16.32
N GLU L 476 12.15 -21.67 -17.31
CA GLU L 476 11.26 -21.71 -18.45
C GLU L 476 11.62 -22.87 -19.38
N ARG L 477 10.68 -23.22 -20.25
CA ARG L 477 10.68 -24.45 -21.03
C ARG L 477 10.78 -24.12 -22.51
N LYS L 478 11.90 -24.46 -23.13
CA LYS L 478 12.22 -24.01 -24.48
C LYS L 478 12.31 -25.18 -25.45
N LYS L 479 11.88 -24.94 -26.69
CA LYS L 479 11.80 -25.97 -27.72
C LYS L 479 12.91 -25.81 -28.74
N VAL L 480 13.68 -26.87 -28.97
CA VAL L 480 14.76 -26.86 -29.93
C VAL L 480 14.55 -28.00 -30.91
N GLY L 481 14.88 -27.77 -32.16
CA GLY L 481 14.89 -28.80 -33.16
C GLY L 481 14.48 -28.20 -34.47
N ILE L 482 14.30 -29.05 -35.47
CA ILE L 482 13.81 -28.55 -36.74
C ILE L 482 12.44 -27.93 -36.55
N MET L 483 12.28 -26.70 -36.99
CA MET L 483 11.01 -26.02 -36.86
C MET L 483 10.75 -25.30 -38.15
N LEU L 484 9.54 -25.38 -38.65
CA LEU L 484 9.17 -24.73 -39.89
C LEU L 484 7.81 -24.14 -39.65
N LYS L 485 7.64 -22.85 -39.85
CA LYS L 485 6.35 -22.21 -39.66
C LYS L 485 6.09 -21.33 -40.85
N VAL L 486 5.09 -21.67 -41.65
CA VAL L 486 4.89 -21.04 -42.94
C VAL L 486 3.42 -20.72 -43.10
N THR L 487 3.11 -19.67 -43.84
CA THR L 487 1.73 -19.23 -44.05
C THR L 487 1.46 -18.73 -45.47
N PRO L 488 1.18 -19.63 -46.39
CA PRO L 488 1.18 -19.28 -47.81
C PRO L 488 -0.06 -18.53 -48.24
N GLN L 489 0.05 -17.82 -49.37
CA GLN L 489 -1.15 -17.34 -50.04
C GLN L 489 -0.93 -17.40 -51.54
N ILE L 490 -1.87 -17.96 -52.28
CA ILE L 490 -1.68 -18.16 -53.70
C ILE L 490 -2.00 -16.86 -54.43
N ASN L 491 -1.06 -16.38 -55.23
CA ASN L 491 -1.15 -15.08 -55.87
C ASN L 491 -1.73 -15.10 -57.26
N GLU L 492 -2.28 -16.22 -57.69
CA GLU L 492 -3.18 -16.19 -58.84
C GLU L 492 -2.40 -16.00 -60.13
N GLY L 493 -1.16 -15.55 -60.03
CA GLY L 493 -0.28 -15.89 -61.13
C GLY L 493 0.20 -17.32 -61.04
N ASN L 494 -0.40 -18.10 -60.14
CA ASN L 494 0.05 -19.43 -59.76
C ASN L 494 1.43 -19.38 -59.08
N ALA L 495 1.55 -18.52 -58.08
CA ALA L 495 2.80 -18.28 -57.38
C ALA L 495 2.51 -18.07 -55.90
N VAL L 496 3.28 -18.74 -55.04
CA VAL L 496 2.77 -19.02 -53.70
C VAL L 496 3.05 -17.97 -52.61
N GLN L 497 4.12 -17.18 -52.65
CA GLN L 497 4.23 -16.15 -51.62
C GLN L 497 4.23 -16.64 -50.17
N MET L 498 5.33 -17.21 -49.71
CA MET L 498 5.44 -17.71 -48.35
C MET L 498 5.68 -16.59 -47.36
N VAL L 499 5.38 -16.87 -46.11
CA VAL L 499 5.93 -16.12 -44.99
C VAL L 499 6.47 -17.16 -44.03
N ILE L 500 7.77 -17.23 -43.90
CA ILE L 500 8.40 -18.46 -43.45
C ILE L 500 9.37 -18.18 -42.33
N GLU L 501 9.44 -19.07 -41.35
CA GLU L 501 10.48 -19.08 -40.34
C GLU L 501 11.04 -20.48 -40.26
N GLN L 502 12.23 -20.67 -40.76
CA GLN L 502 12.94 -21.91 -40.63
C GLN L 502 13.81 -21.83 -39.40
N GLU L 503 14.00 -22.94 -38.72
CA GLU L 503 14.94 -22.94 -37.63
C GLU L 503 15.48 -24.33 -37.42
N VAL L 504 16.76 -24.45 -37.11
CA VAL L 504 17.36 -25.74 -36.82
C VAL L 504 18.24 -25.57 -35.61
N SER L 505 17.86 -26.17 -34.50
CA SER L 505 18.56 -26.00 -33.25
C SER L 505 19.02 -27.34 -32.73
N LYS L 506 19.94 -27.31 -31.78
CA LYS L 506 20.24 -28.50 -31.01
C LYS L 506 20.95 -28.08 -29.74
N VAL L 507 20.94 -28.94 -28.75
CA VAL L 507 21.66 -28.68 -27.53
C VAL L 507 23.13 -29.03 -27.75
N GLU L 508 23.99 -28.04 -27.64
CA GLU L 508 25.42 -28.27 -27.67
C GLU L 508 25.99 -27.83 -26.33
N GLY L 509 27.17 -28.32 -26.01
CA GLY L 509 27.48 -28.45 -24.60
C GLY L 509 27.55 -27.20 -23.77
N GLN L 510 26.66 -27.14 -22.79
CA GLN L 510 26.76 -26.38 -21.54
C GLN L 510 27.27 -24.95 -21.61
N THR L 511 27.83 -24.52 -20.49
CA THR L 511 28.46 -23.24 -20.20
C THR L 511 28.59 -23.32 -18.69
N SER L 512 29.14 -22.30 -18.04
CA SER L 512 29.11 -22.31 -16.59
C SER L 512 27.72 -22.63 -16.06
N LEU L 513 26.76 -21.74 -16.30
CA LEU L 513 25.48 -21.76 -15.61
C LEU L 513 24.31 -22.37 -16.37
N ASP L 514 24.48 -22.84 -17.60
CA ASP L 514 23.36 -23.35 -18.38
C ASP L 514 23.82 -24.13 -19.60
N VAL L 515 22.84 -24.46 -20.47
CA VAL L 515 23.07 -25.06 -21.78
C VAL L 515 23.11 -23.97 -22.83
N VAL L 516 24.03 -24.12 -23.76
CA VAL L 516 24.08 -23.30 -24.95
C VAL L 516 23.43 -24.12 -26.06
N PHE L 517 22.68 -23.48 -26.94
CA PHE L 517 22.06 -24.18 -28.05
C PHE L 517 22.70 -23.76 -29.34
N GLY L 518 23.14 -24.71 -30.13
CA GLY L 518 23.46 -24.37 -31.49
C GLY L 518 22.17 -23.96 -32.15
N GLU L 519 22.16 -22.87 -32.89
CA GLU L 519 20.92 -22.42 -33.49
C GLU L 519 21.21 -21.74 -34.81
N ARG L 520 20.46 -22.08 -35.84
CA ARG L 520 20.54 -21.35 -37.08
C ARG L 520 19.14 -21.17 -37.64
N LYS L 521 18.70 -19.93 -37.77
CA LYS L 521 17.35 -19.71 -38.22
C LYS L 521 17.31 -18.55 -39.17
N LEU L 522 16.32 -18.56 -40.03
CA LEU L 522 16.12 -17.45 -40.93
C LEU L 522 14.63 -17.23 -41.10
N LYS L 523 14.18 -16.00 -40.96
CA LYS L 523 12.79 -15.69 -41.19
C LYS L 523 12.67 -14.56 -42.16
N THR L 524 12.06 -14.86 -43.31
CA THR L 524 12.07 -14.00 -44.46
C THR L 524 10.67 -14.04 -45.05
N THR L 525 10.51 -13.48 -46.24
CA THR L 525 9.29 -13.63 -47.01
C THR L 525 9.69 -13.79 -48.45
N VAL L 526 9.28 -14.88 -49.07
CA VAL L 526 9.74 -15.18 -50.41
C VAL L 526 8.53 -15.33 -51.29
N LEU L 527 8.76 -15.31 -52.59
CA LEU L 527 7.71 -15.44 -53.57
C LEU L 527 8.16 -16.50 -54.56
N ALA L 528 7.48 -17.64 -54.56
CA ALA L 528 7.95 -18.79 -55.32
C ALA L 528 6.88 -19.23 -56.30
N ASN L 529 7.30 -19.68 -57.48
CA ASN L 529 6.35 -20.22 -58.43
C ASN L 529 5.79 -21.53 -57.94
N ASP L 530 4.71 -21.97 -58.59
CA ASP L 530 3.94 -23.11 -58.12
C ASP L 530 4.82 -24.32 -57.88
N GLY L 531 5.57 -24.76 -58.87
CA GLY L 531 6.27 -26.00 -58.70
C GLY L 531 7.76 -25.89 -58.57
N GLU L 532 8.26 -24.70 -58.29
CA GLU L 532 9.67 -24.42 -58.50
C GLU L 532 10.32 -23.95 -57.22
N LEU L 533 11.63 -23.93 -57.24
CA LEU L 533 12.49 -24.03 -56.08
C LEU L 533 13.22 -22.70 -55.90
N ILE L 534 12.97 -22.02 -54.81
CA ILE L 534 13.64 -20.75 -54.56
C ILE L 534 14.54 -20.92 -53.35
N VAL L 535 15.67 -20.23 -53.34
CA VAL L 535 16.65 -20.32 -52.27
C VAL L 535 16.34 -19.28 -51.21
N LEU L 536 16.18 -19.71 -49.98
CA LEU L 536 15.92 -18.76 -48.91
C LEU L 536 17.18 -18.12 -48.38
N GLY L 537 18.23 -18.87 -48.20
CA GLY L 537 19.30 -18.41 -47.37
C GLY L 537 20.53 -19.22 -47.65
N GLY L 538 21.51 -19.07 -46.79
CA GLY L 538 22.73 -19.79 -47.03
C GLY L 538 23.89 -19.20 -46.29
N LEU L 539 24.99 -19.92 -46.33
CA LEU L 539 26.22 -19.46 -45.73
C LEU L 539 27.33 -20.19 -46.46
N MET L 540 28.47 -19.57 -46.58
CA MET L 540 29.63 -20.24 -47.12
C MET L 540 30.79 -19.77 -46.27
N ASP L 541 31.50 -20.66 -45.63
CA ASP L 541 32.44 -20.21 -44.62
C ASP L 541 33.74 -20.95 -44.79
N ASP L 542 34.83 -20.24 -45.06
CA ASP L 542 36.13 -20.85 -45.22
C ASP L 542 37.08 -20.31 -44.16
N GLN L 543 38.13 -21.05 -43.90
CA GLN L 543 39.20 -20.58 -43.05
C GLN L 543 40.46 -21.27 -43.51
N ALA L 544 41.57 -20.59 -43.40
CA ALA L 544 42.84 -21.28 -43.47
C ALA L 544 43.74 -20.70 -42.41
N GLY L 545 44.00 -21.41 -41.37
CA GLY L 545 44.90 -20.94 -40.37
C GLY L 545 46.30 -21.32 -40.70
N GLU L 546 47.23 -20.84 -39.90
CA GLU L 546 48.57 -21.38 -39.88
C GLU L 546 49.22 -20.90 -38.61
N SER L 547 50.33 -21.53 -38.27
CA SER L 547 51.14 -21.11 -37.15
C SER L 547 52.53 -21.65 -37.41
N VAL L 548 53.50 -21.13 -36.68
CA VAL L 548 54.81 -21.73 -36.77
C VAL L 548 55.52 -21.30 -35.50
N ALA L 549 56.61 -21.95 -35.17
CA ALA L 549 57.50 -21.49 -34.14
C ALA L 549 58.86 -21.99 -34.54
N LYS L 550 59.90 -21.28 -34.18
CA LYS L 550 61.22 -21.77 -34.54
C LYS L 550 62.25 -21.07 -33.67
N VAL L 551 63.51 -21.29 -33.96
CA VAL L 551 64.58 -20.90 -33.06
C VAL L 551 64.94 -19.43 -32.85
N PRO L 552 64.90 -18.55 -33.85
CA PRO L 552 64.72 -18.25 -35.26
C PRO L 552 65.75 -18.58 -36.28
N LEU L 553 67.02 -18.41 -35.99
CA LEU L 553 67.96 -18.30 -37.10
C LEU L 553 68.16 -19.63 -37.80
N LEU L 554 68.06 -20.73 -37.06
CA LEU L 554 68.27 -22.06 -37.58
C LEU L 554 67.05 -22.62 -38.30
N GLY L 555 65.87 -22.09 -38.03
CA GLY L 555 64.71 -22.59 -38.71
C GLY L 555 64.64 -22.27 -40.18
N ASP L 556 65.57 -21.49 -40.70
CA ASP L 556 65.50 -21.07 -42.09
C ASP L 556 66.39 -21.88 -43.02
N ILE L 557 67.19 -22.80 -42.52
CA ILE L 557 67.99 -23.60 -43.45
C ILE L 557 67.05 -24.43 -44.30
N PRO L 558 67.24 -24.50 -45.62
CA PRO L 558 66.21 -25.13 -46.47
C PRO L 558 66.08 -26.63 -46.29
N LEU L 559 67.08 -27.31 -45.74
CA LEU L 559 67.00 -28.74 -45.50
C LEU L 559 66.72 -29.07 -44.04
N ILE L 560 67.64 -28.73 -43.16
CA ILE L 560 67.61 -29.18 -41.77
C ILE L 560 66.80 -28.20 -40.95
N GLY L 561 66.19 -27.23 -41.60
CA GLY L 561 65.32 -26.32 -40.88
C GLY L 561 64.25 -27.04 -40.11
N ASN L 562 63.64 -28.06 -40.72
CA ASN L 562 62.48 -28.70 -40.12
C ASN L 562 62.76 -29.34 -38.78
N LEU L 563 64.02 -29.52 -38.41
CA LEU L 563 64.28 -30.07 -37.10
C LEU L 563 63.95 -29.08 -36.01
N PHE L 564 64.02 -27.79 -36.32
CA PHE L 564 63.86 -26.75 -35.32
C PHE L 564 62.50 -26.07 -35.30
N LYS L 565 61.55 -26.51 -36.10
CA LYS L 565 60.27 -25.83 -36.27
C LYS L 565 59.15 -26.64 -35.68
N SER L 566 58.05 -25.97 -35.37
CA SER L 566 56.80 -26.65 -35.05
C SER L 566 55.68 -25.94 -35.76
N THR L 567 55.00 -26.63 -36.64
CA THR L 567 54.00 -26.03 -37.51
C THR L 567 52.63 -26.58 -37.20
N ALA L 568 51.60 -25.76 -37.39
CA ALA L 568 50.23 -26.24 -37.31
C ALA L 568 49.42 -25.57 -38.39
N ASP L 569 48.76 -26.34 -39.24
CA ASP L 569 47.97 -25.78 -40.30
C ASP L 569 46.51 -26.15 -40.09
N LYS L 570 45.64 -25.42 -40.74
CA LYS L 570 44.23 -25.71 -40.56
C LYS L 570 43.53 -25.26 -41.81
N LYS L 571 42.46 -25.95 -42.16
CA LYS L 571 41.65 -25.59 -43.29
C LYS L 571 40.26 -26.05 -42.95
N GLU L 572 39.26 -25.30 -43.36
CA GLU L 572 37.93 -25.61 -42.91
C GLU L 572 36.96 -25.05 -43.90
N LYS L 573 35.80 -25.67 -44.01
CA LYS L 573 34.86 -25.18 -44.99
C LYS L 573 33.48 -25.60 -44.58
N ARG L 574 32.49 -24.83 -44.95
CA ARG L 574 31.12 -25.16 -44.61
C ARG L 574 30.21 -24.53 -45.65
N ASN L 575 29.10 -25.18 -45.91
CA ASN L 575 28.13 -24.61 -46.82
C ASN L 575 26.76 -24.93 -46.30
N LEU L 576 25.93 -23.94 -46.09
CA LEU L 576 24.52 -24.20 -45.91
C LEU L 576 23.75 -23.70 -47.11
N MET L 577 22.60 -24.29 -47.30
CA MET L 577 21.62 -23.72 -48.18
C MET L 577 20.29 -24.13 -47.60
N VAL L 578 19.29 -23.31 -47.83
CA VAL L 578 17.93 -23.67 -47.51
C VAL L 578 17.12 -23.35 -48.75
N PHE L 579 16.36 -24.29 -49.22
CA PHE L 579 15.57 -24.11 -50.41
C PHE L 579 14.12 -24.29 -50.01
N ILE L 580 13.21 -23.89 -50.85
CA ILE L 580 11.83 -24.19 -50.55
C ILE L 580 11.10 -24.42 -51.85
N ARG L 581 10.30 -25.46 -51.90
CA ARG L 581 9.49 -25.75 -53.06
C ARG L 581 8.02 -25.79 -52.70
N PRO L 582 7.21 -24.82 -53.10
CA PRO L 582 5.78 -24.94 -52.92
C PRO L 582 5.16 -25.87 -53.94
N THR L 583 3.93 -26.28 -53.64
CA THR L 583 3.13 -27.03 -54.60
C THR L 583 1.69 -26.71 -54.28
N ILE L 584 0.87 -26.55 -55.31
CA ILE L 584 -0.51 -26.14 -55.12
C ILE L 584 -1.41 -27.31 -55.42
N LEU L 585 -2.25 -27.65 -54.47
CA LEU L 585 -3.20 -28.74 -54.61
C LEU L 585 -4.58 -28.10 -54.73
N ARG L 586 -5.13 -28.07 -55.95
CA ARG L 586 -6.39 -27.38 -56.19
C ARG L 586 -7.57 -28.35 -56.23
N ASP L 587 -7.51 -29.30 -57.16
CA ASP L 587 -8.56 -30.29 -57.29
C ASP L 587 -8.61 -31.15 -56.03
N GLY L 588 -9.77 -31.76 -55.80
CA GLY L 588 -9.81 -32.87 -54.87
C GLY L 588 -8.88 -34.00 -55.31
N MET L 589 -8.63 -34.10 -56.61
CA MET L 589 -7.72 -35.10 -57.14
C MET L 589 -6.26 -34.70 -57.02
N ALA L 590 -5.99 -33.40 -56.87
CA ALA L 590 -4.61 -32.95 -56.73
C ALA L 590 -4.05 -33.31 -55.35
N ALA L 591 -4.89 -33.29 -54.32
CA ALA L 591 -4.44 -33.65 -52.98
C ALA L 591 -4.08 -35.12 -52.89
N ASP L 592 -4.68 -35.95 -53.72
CA ASP L 592 -4.43 -37.38 -53.70
C ASP L 592 -3.32 -37.78 -54.66
N GLY L 593 -2.81 -36.86 -55.46
CA GLY L 593 -1.66 -37.15 -56.28
C GLY L 593 -0.36 -37.04 -55.52
N VAL L 594 -0.24 -36.01 -54.70
CA VAL L 594 0.96 -35.85 -53.88
C VAL L 594 0.92 -36.81 -52.70
N SER L 595 -0.21 -36.85 -52.00
CA SER L 595 -0.25 -37.66 -50.81
C SER L 595 -0.32 -39.14 -51.11
N GLN L 596 -0.62 -39.53 -52.33
CA GLN L 596 -0.55 -40.93 -52.65
C GLN L 596 0.84 -41.38 -53.01
N ARG L 597 1.67 -40.51 -53.57
CA ARG L 597 3.00 -40.97 -53.90
C ARG L 597 3.93 -40.96 -52.71
N LYS L 598 3.69 -40.10 -51.73
CA LYS L 598 4.47 -40.21 -50.51
C LYS L 598 4.03 -41.39 -49.67
N TYR L 599 2.78 -41.82 -49.80
CA TYR L 599 2.35 -43.02 -49.13
C TYR L 599 3.06 -44.23 -49.71
N ASN L 600 2.93 -44.43 -51.02
CA ASN L 600 3.60 -45.54 -51.66
C ASN L 600 5.10 -45.45 -51.56
N TYR L 601 5.65 -44.32 -51.15
CA TYR L 601 7.08 -44.27 -50.89
C TYR L 601 7.42 -44.80 -49.52
N MET L 602 6.63 -44.47 -48.49
CA MET L 602 6.85 -45.04 -47.18
C MET L 602 6.50 -46.49 -47.14
N ARG L 603 5.52 -46.92 -47.92
CA ARG L 603 5.14 -48.31 -47.87
C ARG L 603 6.16 -49.16 -48.60
N ALA L 604 6.99 -48.57 -49.42
CA ALA L 604 8.07 -49.33 -50.03
C ALA L 604 9.34 -49.30 -49.19
N GLU L 605 9.41 -48.44 -48.20
CA GLU L 605 10.47 -48.55 -47.19
C GLU L 605 10.16 -49.68 -46.23
N GLN L 606 8.90 -49.80 -45.83
CA GLN L 606 8.51 -50.79 -44.86
C GLN L 606 8.41 -52.18 -45.45
N ILE L 607 8.32 -52.30 -46.76
CA ILE L 607 8.41 -53.61 -47.37
C ILE L 607 9.84 -54.06 -47.50
N TYR L 608 10.72 -53.16 -47.91
CA TYR L 608 12.13 -53.53 -48.01
C TYR L 608 12.74 -53.74 -46.63
N ARG L 609 12.25 -53.02 -45.63
CA ARG L 609 12.63 -53.33 -44.26
C ARG L 609 12.09 -54.69 -43.84
N ASP L 610 10.97 -55.10 -44.40
CA ASP L 610 10.35 -56.37 -44.07
C ASP L 610 10.98 -57.52 -44.85
N GLU L 611 11.31 -57.30 -46.13
CA GLU L 611 11.88 -58.38 -46.92
C GLU L 611 13.15 -58.93 -46.27
N GLN L 612 13.96 -58.07 -45.68
CA GLN L 612 15.08 -58.52 -44.87
C GLN L 612 14.62 -58.43 -43.42
N GLY L 613 14.30 -59.58 -42.84
CA GLY L 613 13.48 -59.60 -41.67
C GLY L 613 14.25 -59.26 -40.42
N LEU L 614 13.57 -59.36 -39.31
CA LEU L 614 14.25 -59.47 -38.05
C LEU L 614 15.04 -60.76 -38.06
N SER L 615 16.34 -60.67 -37.84
CA SER L 615 17.21 -61.78 -38.19
C SER L 615 17.12 -62.92 -37.19
N LEU L 616 17.00 -62.61 -35.91
CA LEU L 616 16.92 -63.67 -34.91
C LEU L 616 15.56 -64.32 -34.93
N MET L 617 14.49 -63.54 -34.91
CA MET L 617 13.16 -64.13 -35.01
C MET L 617 12.68 -64.07 -36.45
N PRO L 618 12.66 -65.20 -37.17
CA PRO L 618 11.79 -65.23 -38.34
C PRO L 618 10.45 -65.83 -37.95
N HIS L 619 9.48 -65.83 -38.84
CA HIS L 619 9.45 -64.90 -39.94
C HIS L 619 8.95 -63.59 -39.36
N THR L 620 7.86 -63.69 -38.61
CA THR L 620 7.42 -62.67 -37.66
C THR L 620 7.22 -61.31 -38.34
N ALA L 621 6.15 -61.25 -39.13
CA ALA L 621 5.39 -60.02 -39.31
C ALA L 621 6.22 -58.81 -39.67
N GLN L 622 6.26 -57.86 -38.74
CA GLN L 622 6.81 -56.50 -38.74
C GLN L 622 5.79 -55.58 -39.41
N PRO L 623 5.65 -54.34 -38.93
CA PRO L 623 4.55 -53.51 -39.42
C PRO L 623 4.80 -53.07 -40.84
N VAL L 624 3.78 -53.19 -41.68
CA VAL L 624 3.80 -52.61 -43.00
C VAL L 624 2.48 -51.88 -43.15
N LEU L 625 2.49 -50.96 -43.98
CA LEU L 625 1.40 -50.01 -44.06
C LEU L 625 0.40 -50.50 -45.08
N PRO L 626 -0.91 -50.45 -44.80
CA PRO L 626 -1.88 -51.15 -45.65
C PRO L 626 -1.80 -50.70 -47.09
N ALA L 627 -2.11 -51.60 -48.00
CA ALA L 627 -2.07 -51.25 -49.40
C ALA L 627 -3.23 -50.34 -49.77
N GLN L 628 -3.10 -49.68 -50.91
CA GLN L 628 -4.20 -48.91 -51.49
C GLN L 628 -4.77 -49.67 -52.68
N ASN L 629 -6.10 -49.66 -52.79
CA ASN L 629 -6.80 -50.44 -53.80
C ASN L 629 -6.49 -51.93 -53.64
N GLN L 630 -6.70 -52.44 -52.43
CA GLN L 630 -6.56 -53.86 -52.17
C GLN L 630 -7.47 -54.71 -53.05
N ALA L 631 -8.55 -54.12 -53.55
CA ALA L 631 -9.63 -54.81 -54.25
C ALA L 631 -10.19 -55.88 -53.31
N LEU L 632 -10.52 -57.04 -53.80
CA LEU L 632 -11.25 -58.04 -53.05
C LEU L 632 -10.34 -59.15 -52.57
N PRO L 633 -10.43 -59.54 -51.31
CA PRO L 633 -9.67 -60.70 -50.86
C PRO L 633 -10.05 -61.92 -51.66
N PRO L 634 -9.18 -62.94 -51.72
CA PRO L 634 -9.46 -64.07 -52.61
C PRO L 634 -10.73 -64.82 -52.28
N GLU L 635 -11.06 -64.97 -51.00
CA GLU L 635 -12.27 -65.71 -50.67
C GLU L 635 -13.52 -64.87 -50.86
N VAL L 636 -13.42 -63.56 -50.64
CA VAL L 636 -14.53 -62.68 -50.96
C VAL L 636 -14.79 -62.69 -52.45
N ARG L 637 -13.75 -62.93 -53.24
CA ARG L 637 -13.88 -62.99 -54.70
C ARG L 637 -14.90 -64.06 -55.10
N ALA L 638 -14.79 -65.24 -54.50
CA ALA L 638 -15.65 -66.36 -54.89
C ALA L 638 -17.12 -66.11 -54.53
N PHE L 639 -17.39 -65.47 -53.39
CA PHE L 639 -18.75 -65.24 -52.96
C PHE L 639 -19.56 -64.48 -54.01
N LEU L 640 -18.90 -63.63 -54.80
CA LEU L 640 -19.58 -62.99 -55.92
C LEU L 640 -19.96 -63.99 -56.99
N ASN L 641 -19.06 -64.94 -57.27
CA ASN L 641 -19.27 -65.87 -58.37
C ASN L 641 -20.36 -66.90 -58.09
N ALA L 642 -20.88 -66.95 -56.87
CA ALA L 642 -22.01 -67.82 -56.59
C ALA L 642 -23.30 -67.03 -56.66
N GLY L 643 -23.54 -66.17 -55.68
CA GLY L 643 -24.77 -65.40 -55.61
C GLY L 643 -24.92 -64.39 -56.73
N GLY M 100 -109.15 19.04 -18.75
CA GLY M 100 -109.75 19.94 -19.73
C GLY M 100 -109.33 21.39 -19.51
N ASP M 101 -110.32 22.22 -19.19
CA ASP M 101 -110.09 23.62 -18.86
C ASP M 101 -109.99 23.85 -17.36
N GLU M 102 -110.05 22.79 -16.55
CA GLU M 102 -110.04 22.93 -15.11
C GLU M 102 -108.70 23.47 -14.62
N MET M 103 -108.74 24.57 -13.87
CA MET M 103 -107.53 25.17 -13.32
C MET M 103 -107.13 24.43 -12.05
N VAL M 104 -105.95 23.80 -12.06
CA VAL M 104 -105.41 23.07 -10.91
C VAL M 104 -103.89 23.21 -10.89
N THR M 105 -103.29 22.79 -9.78
CA THR M 105 -101.86 22.59 -9.69
C THR M 105 -101.55 21.10 -9.63
N LYS M 106 -100.38 20.72 -10.16
CA LYS M 106 -99.97 19.32 -10.18
C LYS M 106 -98.49 19.20 -9.88
N VAL M 107 -98.10 18.03 -9.35
CA VAL M 107 -96.73 17.74 -8.97
C VAL M 107 -96.17 16.73 -9.96
N VAL M 108 -95.08 17.10 -10.63
CA VAL M 108 -94.36 16.19 -11.51
C VAL M 108 -92.92 16.04 -11.02
N PRO M 109 -92.53 14.90 -10.46
CA PRO M 109 -91.11 14.64 -10.22
C PRO M 109 -90.40 14.31 -11.53
N VAL M 110 -89.26 14.94 -11.74
CA VAL M 110 -88.42 14.67 -12.90
C VAL M 110 -87.16 13.98 -12.38
N ARG M 111 -87.04 12.69 -12.66
CA ARG M 111 -86.01 11.86 -12.02
C ARG M 111 -84.73 11.86 -12.87
N ASN M 112 -84.76 11.15 -14.01
CA ASN M 112 -83.56 10.98 -14.81
C ASN M 112 -83.19 12.22 -15.60
N VAL M 113 -84.17 13.04 -15.97
CA VAL M 113 -83.98 14.14 -16.91
C VAL M 113 -83.54 15.38 -16.14
N SER M 114 -82.64 16.15 -16.74
CA SER M 114 -82.35 17.47 -16.20
C SER M 114 -83.56 18.35 -16.42
N VAL M 115 -84.08 18.93 -15.32
CA VAL M 115 -85.34 19.67 -15.38
C VAL M 115 -85.28 20.84 -16.35
N ARG M 116 -84.10 21.42 -16.54
CA ARG M 116 -83.99 22.51 -17.49
C ARG M 116 -83.78 22.03 -18.93
N GLU M 117 -83.47 20.75 -19.12
CA GLU M 117 -83.51 20.20 -20.48
C GLU M 117 -84.90 20.34 -21.06
N LEU M 118 -85.91 20.35 -20.20
CA LEU M 118 -87.31 20.42 -20.60
C LEU M 118 -87.83 21.84 -20.69
N ALA M 119 -86.95 22.82 -20.52
CA ALA M 119 -87.35 24.22 -20.71
C ALA M 119 -88.07 24.46 -22.04
N PRO M 120 -87.55 24.02 -23.19
CA PRO M 120 -88.25 24.35 -24.45
C PRO M 120 -89.64 23.76 -24.56
N ILE M 121 -89.80 22.46 -24.32
CA ILE M 121 -91.01 21.78 -24.77
C ILE M 121 -92.17 22.02 -23.82
N LEU M 122 -91.88 22.24 -22.54
CA LEU M 122 -92.93 22.49 -21.58
C LEU M 122 -93.45 23.91 -21.70
N ARG M 123 -92.54 24.86 -21.90
CA ARG M 123 -92.93 26.25 -22.04
C ARG M 123 -93.46 26.54 -23.44
N GLN M 124 -92.94 25.85 -24.46
CA GLN M 124 -93.50 26.01 -25.80
C GLN M 124 -94.94 25.51 -25.88
N MET M 125 -95.35 24.67 -24.93
CA MET M 125 -96.76 24.30 -24.86
C MET M 125 -97.62 25.47 -24.43
N ILE M 126 -97.07 26.33 -23.56
CA ILE M 126 -97.78 27.53 -23.11
C ILE M 126 -98.11 28.44 -24.29
N ASP M 127 -97.27 28.42 -25.32
CA ASP M 127 -97.60 29.08 -26.58
C ASP M 127 -98.93 28.58 -27.12
N SER M 128 -99.07 27.26 -27.24
CA SER M 128 -100.32 26.65 -27.71
C SER M 128 -101.37 26.59 -26.62
N ALA M 129 -100.96 26.27 -25.38
CA ALA M 129 -101.92 26.15 -24.30
C ALA M 129 -102.53 27.50 -23.92
N GLY M 130 -101.77 28.58 -24.08
CA GLY M 130 -102.25 29.89 -23.67
C GLY M 130 -102.01 30.17 -22.20
N SER M 131 -102.97 30.84 -21.56
CA SER M 131 -102.81 31.28 -20.19
C SER M 131 -103.21 30.17 -19.21
N GLY M 132 -103.06 30.47 -17.92
CA GLY M 132 -103.48 29.60 -16.86
C GLY M 132 -102.50 28.52 -16.48
N ASN M 133 -101.55 28.18 -17.36
CA ASN M 133 -100.63 27.08 -17.13
C ASN M 133 -99.23 27.64 -16.85
N VAL M 134 -98.58 27.07 -15.84
CA VAL M 134 -97.26 27.49 -15.42
C VAL M 134 -96.39 26.25 -15.25
N VAL M 135 -95.16 26.33 -15.73
CA VAL M 135 -94.20 25.24 -15.62
C VAL M 135 -93.01 25.75 -14.82
N ASN M 136 -92.62 25.00 -13.79
CA ASN M 136 -91.62 25.40 -12.82
C ASN M 136 -90.43 24.44 -12.88
N TYR M 137 -89.23 24.98 -12.97
CA TYR M 137 -88.01 24.20 -13.12
C TYR M 137 -87.15 24.36 -11.87
N ASP M 138 -87.09 23.32 -11.04
CA ASP M 138 -86.32 23.44 -9.81
C ASP M 138 -85.08 22.57 -9.88
N PRO M 139 -83.89 23.13 -9.68
CA PRO M 139 -82.66 22.31 -9.71
C PRO M 139 -82.64 21.18 -8.69
N SER M 140 -83.53 21.19 -7.69
CA SER M 140 -83.77 20.03 -6.86
C SER M 140 -84.42 18.90 -7.64
N ASN M 141 -84.64 19.13 -8.94
CA ASN M 141 -84.99 18.09 -9.91
C ASN M 141 -86.43 17.58 -9.75
N VAL M 142 -87.36 18.52 -9.65
CA VAL M 142 -88.75 18.29 -10.04
C VAL M 142 -89.19 19.44 -10.91
N ILE M 143 -90.34 19.26 -11.56
CA ILE M 143 -90.95 20.30 -12.38
C ILE M 143 -92.40 20.45 -11.96
N MET M 144 -92.73 21.63 -11.43
CA MET M 144 -94.06 21.91 -10.89
C MET M 144 -94.95 22.48 -11.99
N LEU M 145 -96.02 21.75 -12.29
CA LEU M 145 -96.98 22.15 -13.31
C LEU M 145 -98.24 22.64 -12.64
N THR M 146 -98.58 23.91 -12.87
CA THR M 146 -99.78 24.51 -12.32
C THR M 146 -100.58 25.09 -13.47
N GLY M 147 -101.76 24.54 -13.72
CA GLY M 147 -102.59 25.05 -14.80
C GLY M 147 -103.73 24.12 -15.14
N ARG M 148 -104.19 24.23 -16.37
CA ARG M 148 -105.38 23.50 -16.80
C ARG M 148 -105.07 22.01 -16.93
N ALA M 149 -105.86 21.19 -16.24
CA ALA M 149 -105.52 19.78 -15.98
C ALA M 149 -105.34 18.97 -17.25
N SER M 150 -105.77 19.45 -18.41
CA SER M 150 -105.51 18.71 -19.64
C SER M 150 -104.09 18.94 -20.16
N VAL M 151 -103.63 20.19 -20.13
CA VAL M 151 -102.32 20.49 -20.68
C VAL M 151 -101.22 20.00 -19.75
N VAL M 152 -101.42 20.11 -18.44
CA VAL M 152 -100.48 19.49 -17.50
C VAL M 152 -100.47 17.99 -17.70
N GLU M 153 -101.63 17.41 -18.02
CA GLU M 153 -101.73 15.96 -18.22
C GLU M 153 -100.68 15.47 -19.21
N ARG M 154 -100.59 16.13 -20.38
CA ARG M 154 -99.60 15.75 -21.38
C ARG M 154 -98.18 15.89 -20.84
N LEU M 155 -97.93 16.92 -20.04
CA LEU M 155 -96.57 17.12 -19.58
C LEU M 155 -96.24 16.28 -18.36
N THR M 156 -97.24 15.65 -17.74
CA THR M 156 -96.99 14.43 -16.98
C THR M 156 -96.83 13.24 -17.92
N GLU M 157 -97.54 13.25 -19.05
CA GLU M 157 -97.37 12.22 -20.06
C GLU M 157 -96.00 12.35 -20.73
N VAL M 158 -95.72 13.52 -21.31
CA VAL M 158 -94.50 13.69 -22.10
C VAL M 158 -93.28 13.34 -21.28
N ILE M 159 -93.09 14.06 -20.16
CA ILE M 159 -91.84 13.94 -19.42
C ILE M 159 -91.63 12.51 -18.96
N GLN M 160 -92.61 11.96 -18.24
CA GLN M 160 -92.46 10.63 -17.68
C GLN M 160 -92.47 9.53 -18.74
N ARG M 161 -92.84 9.87 -19.98
CA ARG M 161 -92.48 9.07 -21.14
C ARG M 161 -91.08 9.41 -21.65
N VAL M 162 -90.73 10.69 -21.70
CA VAL M 162 -89.37 11.07 -22.09
C VAL M 162 -88.37 10.65 -21.02
N ASP M 163 -88.76 10.74 -19.76
CA ASP M 163 -87.90 10.29 -18.68
C ASP M 163 -87.58 8.80 -18.80
N HIS M 164 -88.40 8.06 -19.54
CA HIS M 164 -88.09 6.69 -19.89
C HIS M 164 -86.99 6.63 -20.93
N ALA M 165 -86.97 7.58 -21.87
CA ALA M 165 -86.08 7.48 -23.02
C ALA M 165 -84.62 7.48 -22.60
N GLY M 166 -84.26 8.32 -21.64
CA GLY M 166 -82.86 8.42 -21.24
C GLY M 166 -82.49 7.46 -20.14
N ASN M 167 -83.25 6.38 -19.98
CA ASN M 167 -83.07 5.48 -18.85
C ASN M 167 -81.72 4.78 -18.94
N ARG M 168 -80.93 4.87 -17.86
CA ARG M 168 -79.56 4.38 -17.85
C ARG M 168 -79.38 3.45 -16.66
N THR M 169 -79.17 2.16 -16.95
CA THR M 169 -79.02 1.13 -15.94
C THR M 169 -77.70 0.40 -16.19
N GLU M 170 -77.15 -0.17 -15.14
CA GLU M 170 -75.83 -0.79 -15.20
C GLU M 170 -75.92 -2.28 -14.91
N GLU M 171 -74.98 -3.03 -15.46
CA GLU M 171 -74.99 -4.47 -15.33
C GLU M 171 -73.57 -5.00 -15.37
N VAL M 172 -73.35 -6.09 -14.65
CA VAL M 172 -72.03 -6.69 -14.50
C VAL M 172 -72.00 -7.95 -15.35
N ILE M 173 -71.16 -7.94 -16.37
CA ILE M 173 -71.00 -9.06 -17.30
C ILE M 173 -69.71 -9.78 -16.93
N PRO M 174 -69.76 -11.03 -16.48
CA PRO M 174 -68.54 -11.74 -16.14
C PRO M 174 -67.73 -12.10 -17.38
N LEU M 175 -66.46 -12.42 -17.15
CA LEU M 175 -65.55 -12.80 -18.22
C LEU M 175 -64.80 -14.06 -17.82
N ASP M 176 -65.03 -15.13 -18.58
CA ASP M 176 -64.45 -16.43 -18.23
C ASP M 176 -63.01 -16.57 -18.72
N ASN M 177 -62.66 -15.96 -19.84
CA ASN M 177 -61.35 -16.17 -20.43
C ASN M 177 -60.52 -14.90 -20.44
N ALA M 178 -60.94 -13.87 -21.16
CA ALA M 178 -60.12 -12.67 -21.27
C ALA M 178 -60.08 -11.92 -19.96
N SER M 179 -59.05 -11.08 -19.82
CA SER M 179 -58.93 -10.23 -18.66
C SER M 179 -59.88 -9.05 -18.80
N ALA M 180 -60.56 -8.71 -17.72
CA ALA M 180 -61.47 -7.58 -17.78
C ALA M 180 -60.74 -6.26 -17.98
N SER M 181 -59.46 -6.19 -17.61
CA SER M 181 -58.74 -4.93 -17.77
C SER M 181 -58.36 -4.66 -19.22
N GLU M 182 -58.06 -5.69 -20.01
CA GLU M 182 -57.87 -5.48 -21.44
C GLU M 182 -59.16 -4.99 -22.08
N ILE M 183 -60.22 -5.78 -21.97
CA ILE M 183 -61.51 -5.46 -22.57
C ILE M 183 -61.98 -4.07 -22.19
N ALA M 184 -61.59 -3.59 -21.02
CA ALA M 184 -61.93 -2.23 -20.64
C ALA M 184 -61.12 -1.18 -21.38
N ARG M 185 -59.89 -1.52 -21.81
CA ARG M 185 -59.16 -0.57 -22.64
C ARG M 185 -59.60 -0.66 -24.09
N VAL M 186 -59.81 -1.86 -24.61
CA VAL M 186 -60.21 -2.02 -25.99
C VAL M 186 -61.55 -1.35 -26.23
N LEU M 187 -62.58 -1.78 -25.48
CA LEU M 187 -63.92 -1.25 -25.72
C LEU M 187 -64.01 0.25 -25.47
N GLU M 188 -63.07 0.82 -24.72
CA GLU M 188 -63.04 2.25 -24.54
C GLU M 188 -62.15 2.95 -25.54
N SER M 189 -61.38 2.21 -26.34
CA SER M 189 -60.65 2.83 -27.42
C SER M 189 -61.53 3.08 -28.64
N LEU M 190 -62.69 2.41 -28.71
CA LEU M 190 -63.60 2.63 -29.81
C LEU M 190 -64.37 3.94 -29.64
N THR M 191 -64.55 4.37 -28.39
CA THR M 191 -65.40 5.52 -28.13
C THR M 191 -64.96 6.34 -26.94
N GLN M 205 -69.77 4.18 -21.26
CA GLN M 205 -69.02 4.05 -20.03
C GLN M 205 -68.76 2.59 -19.67
N ILE M 206 -67.49 2.24 -19.50
CA ILE M 206 -67.08 0.88 -19.15
C ILE M 206 -66.04 0.96 -18.05
N VAL M 207 -66.28 0.24 -16.96
CA VAL M 207 -65.33 0.12 -15.87
C VAL M 207 -65.19 -1.36 -15.55
N ALA M 208 -63.96 -1.82 -15.35
CA ALA M 208 -63.66 -3.22 -15.13
C ALA M 208 -63.43 -3.48 -13.64
N ASP M 209 -63.98 -4.57 -13.15
CA ASP M 209 -63.77 -4.99 -11.77
C ASP M 209 -62.76 -6.14 -11.76
N GLU M 210 -61.68 -5.95 -11.01
CA GLU M 210 -60.58 -6.91 -11.06
C GLU M 210 -60.95 -8.21 -10.38
N ARG M 211 -61.47 -8.15 -9.16
CA ARG M 211 -61.61 -9.32 -8.31
C ARG M 211 -62.43 -10.41 -9.00
N THR M 212 -63.67 -10.11 -9.36
CA THR M 212 -64.54 -11.08 -9.97
C THR M 212 -64.27 -11.25 -11.46
N ASN M 213 -63.32 -10.49 -12.01
CA ASN M 213 -63.02 -10.52 -13.43
C ASN M 213 -64.28 -10.29 -14.24
N SER M 214 -64.81 -9.07 -14.11
CA SER M 214 -66.10 -8.76 -14.69
C SER M 214 -66.12 -7.28 -15.06
N VAL M 215 -66.85 -6.98 -16.12
CA VAL M 215 -66.89 -5.63 -16.69
C VAL M 215 -68.22 -5.00 -16.35
N ILE M 216 -68.18 -3.84 -15.71
CA ILE M 216 -69.37 -3.05 -15.45
C ILE M 216 -69.65 -2.18 -16.66
N VAL M 217 -70.88 -2.19 -17.13
CA VAL M 217 -71.29 -1.46 -18.33
C VAL M 217 -72.49 -0.60 -18.00
N SER M 218 -72.67 0.50 -18.72
CA SER M 218 -73.77 1.42 -18.49
C SER M 218 -74.29 2.01 -19.79
N GLY M 219 -75.61 2.12 -19.90
CA GLY M 219 -76.24 2.67 -21.08
C GLY M 219 -77.67 2.17 -21.21
N ASP M 220 -78.35 2.70 -22.22
CA ASP M 220 -79.73 2.29 -22.46
C ASP M 220 -79.78 0.85 -22.97
N PRO M 221 -80.92 0.17 -22.84
CA PRO M 221 -80.96 -1.26 -23.15
C PRO M 221 -80.60 -1.62 -24.58
N ALA M 222 -80.60 -0.67 -25.52
CA ALA M 222 -80.11 -1.01 -26.85
C ALA M 222 -78.59 -1.00 -26.92
N THR M 223 -77.95 -0.02 -26.28
CA THR M 223 -76.49 0.01 -26.25
C THR M 223 -75.93 -1.13 -25.41
N ARG M 224 -76.60 -1.45 -24.30
CA ARG M 224 -76.15 -2.59 -23.52
C ARG M 224 -76.44 -3.91 -24.21
N ASP M 225 -77.10 -3.89 -25.38
CA ASP M 225 -77.16 -5.09 -26.21
C ASP M 225 -75.88 -5.29 -26.99
N LYS M 226 -75.38 -4.23 -27.63
CA LYS M 226 -74.23 -4.38 -28.52
C LYS M 226 -72.99 -4.82 -27.76
N MET M 227 -72.63 -4.05 -26.73
CA MET M 227 -71.47 -4.44 -25.93
C MET M 227 -71.65 -5.81 -25.29
N ARG M 228 -72.88 -6.28 -25.11
CA ARG M 228 -73.06 -7.63 -24.60
C ARG M 228 -72.81 -8.68 -25.69
N ARG M 229 -73.06 -8.33 -26.96
CA ARG M 229 -72.71 -9.24 -28.05
C ARG M 229 -71.24 -9.14 -28.41
N LEU M 230 -70.63 -7.98 -28.26
CA LEU M 230 -69.22 -7.84 -28.61
C LEU M 230 -68.33 -8.41 -27.53
N ILE M 231 -68.77 -8.41 -26.28
CA ILE M 231 -67.99 -9.05 -25.22
C ILE M 231 -68.06 -10.56 -25.27
N ARG M 232 -69.11 -11.13 -25.88
CA ARG M 232 -69.14 -12.58 -26.02
C ARG M 232 -68.11 -13.09 -27.02
N ARG M 233 -67.77 -12.30 -28.04
CA ARG M 233 -66.69 -12.71 -28.93
C ARG M 233 -65.32 -12.48 -28.34
N LEU M 234 -65.11 -11.38 -27.64
CA LEU M 234 -63.80 -11.17 -27.05
C LEU M 234 -63.53 -12.11 -25.88
N ASP M 235 -64.55 -12.77 -25.35
CA ASP M 235 -64.40 -13.80 -24.34
C ASP M 235 -64.30 -15.19 -24.95
N SER M 236 -64.47 -15.32 -26.26
CA SER M 236 -64.41 -16.64 -26.88
C SER M 236 -63.07 -17.28 -26.58
N GLU M 237 -63.08 -18.60 -26.37
CA GLU M 237 -61.86 -19.27 -25.95
C GLU M 237 -60.87 -19.36 -27.10
N MET M 238 -59.63 -18.99 -26.80
CA MET M 238 -58.51 -19.17 -27.71
C MET M 238 -58.26 -20.65 -27.94
N GLU M 239 -57.83 -21.01 -29.15
CA GLU M 239 -57.54 -22.42 -29.42
C GLU M 239 -56.06 -22.64 -29.16
N ARG M 240 -55.74 -23.18 -27.97
CA ARG M 240 -54.50 -23.86 -27.67
C ARG M 240 -53.25 -23.02 -27.90
N SER M 241 -53.38 -21.95 -28.69
CA SER M 241 -52.23 -21.21 -29.20
C SER M 241 -52.27 -19.80 -28.64
N GLY M 242 -51.42 -19.55 -27.66
CA GLY M 242 -51.26 -18.22 -27.12
C GLY M 242 -50.14 -17.51 -27.84
N ASN M 243 -49.66 -16.45 -27.23
CA ASN M 243 -48.43 -15.91 -27.76
C ASN M 243 -47.24 -16.77 -27.40
N SER M 244 -47.41 -17.77 -26.56
CA SER M 244 -46.33 -18.65 -26.12
C SER M 244 -46.55 -20.06 -26.64
N GLN M 245 -45.52 -20.61 -27.29
CA GLN M 245 -45.51 -21.99 -27.68
C GLN M 245 -44.24 -22.63 -27.15
N VAL M 246 -44.26 -23.96 -27.12
CA VAL M 246 -43.19 -24.76 -26.58
C VAL M 246 -42.70 -25.67 -27.69
N PHE M 247 -41.45 -25.48 -28.10
CA PHE M 247 -40.85 -26.28 -29.17
C PHE M 247 -39.91 -27.29 -28.56
N TYR M 248 -40.24 -28.56 -28.70
CA TYR M 248 -39.32 -29.61 -28.33
C TYR M 248 -38.31 -29.79 -29.45
N LEU M 249 -37.04 -29.58 -29.15
CA LEU M 249 -36.03 -29.66 -30.18
C LEU M 249 -35.64 -31.10 -30.41
N LYS M 250 -35.63 -31.50 -31.68
CA LYS M 250 -35.34 -32.88 -32.01
C LYS M 250 -33.86 -33.17 -31.98
N TYR M 251 -33.03 -32.21 -32.33
CA TYR M 251 -31.60 -32.46 -32.39
C TYR M 251 -30.83 -31.40 -31.63
N SER M 252 -31.00 -30.15 -32.01
CA SER M 252 -30.24 -29.08 -31.39
C SER M 252 -30.38 -29.10 -29.88
N LYS M 253 -29.33 -28.67 -29.20
CA LYS M 253 -29.40 -28.47 -27.77
C LYS M 253 -30.08 -27.15 -27.48
N ALA M 254 -31.16 -27.20 -26.72
CA ALA M 254 -32.09 -26.08 -26.64
C ALA M 254 -31.42 -24.77 -26.31
N GLU M 255 -30.37 -24.80 -25.50
CA GLU M 255 -29.75 -23.57 -25.06
C GLU M 255 -28.59 -23.14 -25.93
N ASP M 256 -28.35 -23.84 -27.04
CA ASP M 256 -27.49 -23.27 -28.07
C ASP M 256 -28.26 -22.32 -28.97
N LEU M 257 -29.47 -22.73 -29.40
CA LEU M 257 -30.31 -21.87 -30.20
C LEU M 257 -30.82 -20.67 -29.44
N VAL M 258 -30.67 -20.62 -28.12
CA VAL M 258 -31.38 -19.57 -27.41
C VAL M 258 -30.74 -18.23 -27.66
N ASP M 259 -29.42 -18.20 -27.85
CA ASP M 259 -28.77 -16.93 -28.19
C ASP M 259 -28.91 -16.60 -29.67
N VAL M 260 -28.74 -17.62 -30.52
CA VAL M 260 -28.98 -17.43 -31.95
C VAL M 260 -30.33 -16.81 -32.19
N LEU M 261 -31.32 -17.17 -31.41
CA LEU M 261 -32.66 -16.64 -31.56
C LEU M 261 -32.86 -15.32 -30.85
N LYS M 262 -31.98 -14.92 -29.94
CA LYS M 262 -32.21 -13.64 -29.30
C LYS M 262 -31.82 -12.48 -30.20
N GLN M 263 -30.83 -12.66 -31.07
CA GLN M 263 -30.51 -11.63 -32.04
C GLN M 263 -31.54 -11.59 -33.16
N VAL M 264 -31.84 -12.75 -33.73
CA VAL M 264 -32.88 -12.85 -34.76
C VAL M 264 -34.17 -12.23 -34.27
N SER M 265 -34.53 -12.46 -33.02
CA SER M 265 -35.74 -11.87 -32.47
C SER M 265 -35.53 -10.43 -32.07
N GLY M 266 -34.30 -10.04 -31.77
CA GLY M 266 -34.06 -8.68 -31.33
C GLY M 266 -34.41 -7.66 -32.41
N THR M 267 -33.85 -7.81 -33.59
CA THR M 267 -34.02 -6.86 -34.68
C THR M 267 -35.22 -7.17 -35.54
N LEU M 268 -36.00 -8.18 -35.18
CA LEU M 268 -37.25 -8.47 -35.86
C LEU M 268 -38.42 -7.75 -35.23
N THR M 269 -38.21 -7.11 -34.09
CA THR M 269 -39.19 -6.25 -33.47
C THR M 269 -39.38 -4.97 -34.28
N ILE M 285 -42.96 -6.99 -28.17
CA ILE M 285 -41.82 -7.50 -27.44
C ILE M 285 -41.77 -9.02 -27.60
N VAL M 286 -40.57 -9.58 -27.45
CA VAL M 286 -40.31 -10.98 -27.76
C VAL M 286 -39.38 -11.55 -26.70
N SER M 287 -39.70 -12.73 -26.21
CA SER M 287 -38.86 -13.39 -25.22
C SER M 287 -38.62 -14.82 -25.64
N ILE M 288 -37.37 -15.27 -25.48
CA ILE M 288 -36.98 -16.64 -25.76
C ILE M 288 -36.37 -17.20 -24.49
N ALA M 289 -36.87 -18.35 -24.05
CA ALA M 289 -36.34 -19.01 -22.87
C ALA M 289 -36.21 -20.49 -23.15
N ALA M 290 -35.21 -21.10 -22.54
CA ALA M 290 -34.90 -22.50 -22.78
C ALA M 290 -34.91 -23.28 -21.48
N SER M 291 -35.66 -24.37 -21.45
CA SER M 291 -35.71 -25.25 -20.29
C SER M 291 -34.61 -26.29 -20.46
N LYS M 292 -33.61 -26.24 -19.58
CA LYS M 292 -32.51 -27.19 -19.72
C LYS M 292 -32.97 -28.62 -19.51
N HIS M 293 -33.71 -28.86 -18.42
CA HIS M 293 -34.08 -30.22 -18.11
C HIS M 293 -34.93 -30.83 -19.22
N SER M 294 -35.81 -30.05 -19.83
CA SER M 294 -36.69 -30.61 -20.83
C SER M 294 -36.18 -30.46 -22.25
N ASN M 295 -35.07 -29.76 -22.46
CA ASN M 295 -34.53 -29.52 -23.80
C ASN M 295 -35.58 -28.95 -24.73
N ALA M 296 -36.19 -27.86 -24.31
CA ALA M 296 -37.21 -27.22 -25.11
C ALA M 296 -37.14 -25.75 -24.86
N LEU M 297 -37.35 -24.97 -25.91
CA LEU M 297 -37.34 -23.53 -25.79
C LEU M 297 -38.75 -23.00 -25.99
N ILE M 298 -39.03 -21.87 -25.35
CA ILE M 298 -40.37 -21.36 -25.20
C ILE M 298 -40.41 -19.98 -25.82
N VAL M 299 -41.09 -19.86 -26.94
CA VAL M 299 -41.10 -18.65 -27.72
C VAL M 299 -42.39 -17.93 -27.41
N THR M 300 -42.29 -16.70 -26.95
CA THR M 300 -43.45 -15.84 -26.74
C THR M 300 -43.30 -14.60 -27.60
N ALA M 301 -44.16 -14.47 -28.60
CA ALA M 301 -44.10 -13.33 -29.51
C ALA M 301 -45.46 -13.16 -30.15
N PRO M 302 -45.66 -12.06 -30.88
CA PRO M 302 -46.89 -11.90 -31.62
C PRO M 302 -47.02 -12.92 -32.74
N GLN M 303 -48.23 -13.04 -33.26
CA GLN M 303 -48.50 -14.09 -34.23
C GLN M 303 -47.63 -13.99 -35.47
N ASP M 304 -47.15 -12.80 -35.80
CA ASP M 304 -46.33 -12.66 -37.00
C ASP M 304 -44.89 -13.09 -36.75
N ILE M 305 -44.29 -12.61 -35.66
CA ILE M 305 -42.91 -12.98 -35.36
C ILE M 305 -42.81 -14.48 -35.11
N MET M 306 -43.84 -15.06 -34.50
CA MET M 306 -43.82 -16.48 -34.24
C MET M 306 -43.63 -17.27 -35.52
N GLN M 307 -44.47 -17.01 -36.52
CA GLN M 307 -44.40 -17.78 -37.75
C GLN M 307 -43.06 -17.64 -38.44
N SER M 308 -42.34 -16.56 -38.18
CA SER M 308 -40.96 -16.46 -38.63
C SER M 308 -40.07 -17.41 -37.83
N LEU M 309 -40.09 -17.27 -36.51
CA LEU M 309 -39.25 -18.10 -35.66
C LEU M 309 -39.59 -19.57 -35.72
N GLN M 310 -40.71 -19.96 -36.33
CA GLN M 310 -40.92 -21.39 -36.51
C GLN M 310 -40.21 -21.92 -37.73
N SER M 311 -40.00 -21.10 -38.74
CA SER M 311 -39.30 -21.59 -39.91
C SER M 311 -37.80 -21.54 -39.74
N VAL M 312 -37.31 -20.73 -38.81
CA VAL M 312 -35.91 -20.79 -38.45
C VAL M 312 -35.61 -22.05 -37.66
N ILE M 313 -36.32 -22.24 -36.55
CA ILE M 313 -36.11 -23.42 -35.72
C ILE M 313 -36.28 -24.70 -36.51
N GLU M 314 -37.20 -24.70 -37.46
CA GLU M 314 -37.35 -25.88 -38.29
C GLU M 314 -36.10 -26.16 -39.10
N GLN M 315 -35.37 -25.13 -39.49
CA GLN M 315 -34.20 -25.28 -40.33
C GLN M 315 -32.89 -25.35 -39.55
N LEU M 316 -32.89 -25.04 -38.27
CA LEU M 316 -31.70 -25.19 -37.45
C LEU M 316 -31.70 -26.48 -36.66
N ASP M 317 -32.74 -27.27 -36.77
CA ASP M 317 -32.92 -28.46 -35.97
C ASP M 317 -32.41 -29.71 -36.69
N ILE M 318 -31.70 -29.54 -37.80
CA ILE M 318 -31.32 -30.67 -38.66
C ILE M 318 -30.37 -31.63 -37.94
N ARG M 319 -30.26 -32.82 -38.50
CA ARG M 319 -29.43 -33.89 -37.97
C ARG M 319 -27.98 -33.75 -38.40
N ARG M 320 -27.06 -33.95 -37.46
CA ARG M 320 -25.63 -33.73 -37.68
C ARG M 320 -24.95 -35.02 -38.07
N ALA M 321 -23.95 -34.91 -38.94
CA ALA M 321 -23.16 -36.04 -39.38
C ALA M 321 -21.93 -36.11 -38.50
N GLN M 322 -21.46 -37.32 -38.25
CA GLN M 322 -20.26 -37.50 -37.44
C GLN M 322 -19.15 -38.12 -38.25
N VAL M 323 -17.93 -37.82 -37.87
CA VAL M 323 -16.73 -38.06 -38.66
C VAL M 323 -15.82 -38.97 -37.87
N HIS M 324 -15.14 -39.88 -38.54
CA HIS M 324 -14.15 -40.72 -37.89
C HIS M 324 -12.79 -40.41 -38.48
N VAL M 325 -11.91 -39.83 -37.68
CA VAL M 325 -10.65 -39.31 -38.15
C VAL M 325 -9.53 -40.21 -37.67
N GLU M 326 -8.88 -40.91 -38.59
CA GLU M 326 -7.71 -41.70 -38.29
C GLU M 326 -6.46 -40.94 -38.67
N ALA M 327 -5.43 -41.03 -37.85
CA ALA M 327 -4.11 -40.54 -38.22
C ALA M 327 -3.23 -41.75 -38.41
N LEU M 328 -2.20 -41.65 -39.22
CA LEU M 328 -1.23 -42.71 -39.32
C LEU M 328 0.16 -42.13 -39.19
N ILE M 329 0.85 -42.48 -38.13
CA ILE M 329 2.17 -41.90 -37.95
C ILE M 329 3.20 -42.96 -38.24
N VAL M 330 3.91 -42.85 -39.35
CA VAL M 330 4.88 -43.84 -39.75
C VAL M 330 6.26 -43.29 -39.45
N GLU M 331 7.17 -44.15 -39.03
CA GLU M 331 8.56 -43.75 -38.92
C GLU M 331 9.46 -44.93 -39.24
N VAL M 332 10.44 -44.72 -40.11
CA VAL M 332 11.38 -45.77 -40.46
C VAL M 332 12.78 -45.18 -40.30
N ALA M 333 13.52 -45.63 -39.31
CA ALA M 333 14.86 -45.14 -39.08
C ALA M 333 15.86 -46.24 -39.38
N GLU M 334 17.01 -45.86 -39.92
CA GLU M 334 18.06 -46.84 -40.10
C GLU M 334 19.45 -46.30 -39.88
N GLY M 335 20.15 -46.74 -38.84
CA GLY M 335 21.45 -46.22 -38.52
C GLY M 335 22.56 -47.11 -39.02
N SER M 336 23.79 -46.64 -38.95
CA SER M 336 24.96 -47.47 -39.18
C SER M 336 26.14 -46.69 -38.61
N ASN M 337 27.23 -47.36 -38.31
CA ASN M 337 28.55 -46.74 -38.29
C ASN M 337 29.60 -47.82 -38.28
N ILE M 338 30.81 -47.49 -38.61
CA ILE M 338 31.89 -48.44 -38.59
C ILE M 338 33.15 -47.73 -38.14
N ASN M 339 33.96 -48.41 -37.37
CA ASN M 339 35.10 -47.80 -36.72
C ASN M 339 36.27 -48.76 -36.78
N PHE M 340 37.35 -48.39 -37.45
CA PHE M 340 38.49 -49.28 -37.55
C PHE M 340 39.83 -48.57 -37.46
N GLY M 341 40.68 -48.88 -36.51
CA GLY M 341 41.99 -48.25 -36.51
C GLY M 341 43.00 -48.92 -35.60
N VAL M 342 44.25 -48.77 -35.96
CA VAL M 342 45.37 -49.43 -35.32
C VAL M 342 46.07 -48.46 -34.40
N GLN M 343 46.61 -48.97 -33.31
CA GLN M 343 47.34 -48.15 -32.38
C GLN M 343 48.57 -48.90 -31.90
N TRP M 344 49.64 -48.17 -31.64
CA TRP M 344 50.87 -48.76 -31.16
C TRP M 344 51.21 -48.13 -29.83
N ALA M 345 52.15 -48.76 -29.15
CA ALA M 345 52.75 -48.18 -27.97
C ALA M 345 54.07 -48.89 -27.81
N SER M 346 54.92 -48.36 -26.95
CA SER M 346 56.20 -48.98 -26.76
C SER M 346 56.81 -48.48 -25.47
N LYS M 347 58.08 -48.75 -25.32
CA LYS M 347 58.93 -48.29 -24.24
C LYS M 347 59.13 -46.79 -24.43
N ASP M 348 60.21 -46.28 -23.86
CA ASP M 348 60.60 -44.89 -24.05
C ASP M 348 60.65 -44.46 -25.52
N ALA M 349 60.58 -45.42 -26.45
CA ALA M 349 60.73 -45.18 -27.88
C ALA M 349 59.45 -44.81 -28.62
N GLY M 350 58.32 -44.58 -27.95
CA GLY M 350 57.28 -43.82 -28.62
C GLY M 350 55.87 -44.27 -28.26
N LEU M 351 54.90 -43.70 -28.97
CA LEU M 351 53.55 -44.24 -29.04
C LEU M 351 52.86 -43.69 -30.29
N MET M 352 51.72 -44.29 -30.62
CA MET M 352 50.81 -43.80 -31.65
C MET M 352 49.41 -43.95 -31.10
N GLN M 353 48.65 -42.88 -31.08
CA GLN M 353 47.39 -42.90 -30.36
C GLN M 353 46.36 -42.10 -31.13
N PHE M 354 45.14 -42.61 -31.25
CA PHE M 354 44.11 -41.89 -31.99
C PHE M 354 42.85 -41.79 -31.15
N ALA M 355 42.27 -40.59 -31.15
CA ALA M 355 41.14 -40.25 -30.29
C ALA M 355 39.79 -40.42 -30.95
N ASN M 356 39.73 -40.97 -32.15
CA ASN M 356 38.44 -41.23 -32.78
C ASN M 356 37.64 -42.20 -31.95
N GLY M 357 36.33 -42.19 -32.13
CA GLY M 357 35.48 -43.08 -31.37
C GLY M 357 35.43 -42.67 -29.91
N THR M 358 35.02 -43.50 -28.94
CA THR M 358 34.53 -44.90 -29.00
C THR M 358 35.67 -45.89 -29.22
N GLN M 359 36.81 -45.38 -29.68
CA GLN M 359 37.99 -46.20 -29.87
C GLN M 359 38.94 -45.86 -28.73
N ILE M 360 39.06 -46.76 -27.76
CA ILE M 360 39.71 -46.37 -26.50
C ILE M 360 41.20 -46.23 -26.71
N PRO M 361 41.80 -45.13 -26.25
CA PRO M 361 43.18 -44.82 -26.63
C PRO M 361 44.18 -45.67 -25.88
N ILE M 362 45.27 -45.97 -26.57
CA ILE M 362 46.24 -46.92 -26.04
C ILE M 362 47.10 -46.30 -24.97
N GLY M 363 47.20 -44.99 -24.90
CA GLY M 363 47.93 -44.40 -23.81
C GLY M 363 47.21 -44.63 -22.51
N THR M 364 45.96 -44.19 -22.43
CA THR M 364 45.24 -44.32 -21.18
C THR M 364 44.90 -45.76 -20.86
N LEU M 365 45.06 -46.67 -21.82
CA LEU M 365 44.99 -48.08 -21.50
C LEU M 365 46.26 -48.55 -20.81
N GLY M 366 47.41 -48.31 -21.44
CA GLY M 366 48.66 -48.78 -20.90
C GLY M 366 48.95 -48.28 -19.51
N ALA M 367 48.30 -47.20 -19.08
CA ALA M 367 48.39 -46.81 -17.68
C ALA M 367 47.50 -47.70 -16.83
N ALA M 368 46.22 -47.82 -17.21
CA ALA M 368 45.29 -48.58 -16.41
C ALA M 368 45.72 -50.03 -16.25
N ILE M 369 46.51 -50.56 -17.18
CA ILE M 369 47.07 -51.87 -16.97
C ILE M 369 48.13 -51.83 -15.88
N SER M 370 48.97 -50.79 -15.87
CA SER M 370 50.06 -50.78 -14.92
C SER M 370 49.59 -50.39 -13.52
N GLN M 371 48.60 -49.51 -13.40
CA GLN M 371 48.01 -49.30 -12.09
C GLN M 371 47.27 -50.53 -11.59
N ALA M 372 47.10 -51.54 -12.41
CA ALA M 372 46.44 -52.77 -12.00
C ALA M 372 47.41 -53.85 -11.59
N LYS M 373 48.68 -53.57 -11.58
CA LYS M 373 49.58 -54.64 -11.18
C LYS M 373 49.53 -54.82 -9.67
N PRO M 374 49.76 -56.03 -9.18
CA PRO M 374 49.80 -56.24 -7.74
C PRO M 374 51.02 -55.56 -7.14
N GLN M 375 50.80 -54.80 -6.08
CA GLN M 375 51.89 -54.11 -5.40
C GLN M 375 52.32 -54.94 -4.21
N LYS M 376 53.55 -55.46 -4.28
CA LYS M 376 54.02 -56.34 -3.23
C LYS M 376 54.30 -55.53 -1.99
N GLY M 377 53.59 -55.83 -0.93
CA GLY M 377 53.72 -55.10 0.31
C GLY M 377 54.60 -55.83 1.30
N SER M 378 55.09 -55.07 2.27
CA SER M 378 55.69 -55.60 3.48
C SER M 378 55.57 -54.50 4.52
N THR M 379 55.53 -54.89 5.78
CA THR M 379 55.47 -53.89 6.84
C THR M 379 56.36 -54.30 8.00
N VAL M 380 57.30 -53.43 8.35
CA VAL M 380 58.25 -53.66 9.44
C VAL M 380 58.61 -52.30 10.00
N ILE M 381 58.81 -52.25 11.31
CA ILE M 381 59.27 -51.11 12.09
C ILE M 381 58.87 -49.76 11.50
N ILE M 389 55.45 -59.49 7.29
CA ILE M 389 54.41 -60.08 6.46
C ILE M 389 54.80 -60.24 5.02
N ASN M 390 54.00 -61.02 4.30
CA ASN M 390 54.13 -61.16 2.86
C ASN M 390 52.74 -61.22 2.22
N PRO M 391 51.91 -60.20 2.43
CA PRO M 391 50.68 -60.09 1.66
C PRO M 391 51.00 -59.50 0.31
N ASP M 392 50.04 -59.61 -0.60
CA ASP M 392 50.06 -58.87 -1.84
C ASP M 392 48.71 -58.20 -1.99
N THR M 393 48.71 -56.87 -1.97
CA THR M 393 47.47 -56.11 -2.10
C THR M 393 46.76 -56.39 -3.42
N ASN M 394 47.44 -57.05 -4.35
CA ASN M 394 46.92 -57.31 -5.68
C ASN M 394 46.59 -55.95 -6.32
N GLY M 395 45.53 -55.84 -7.11
CA GLY M 395 45.25 -54.65 -7.85
C GLY M 395 44.08 -53.86 -7.32
N ASP M 396 43.83 -52.75 -7.99
CA ASP M 396 42.53 -52.08 -7.97
C ASP M 396 42.14 -51.85 -9.43
N LEU M 397 41.13 -52.58 -9.88
CA LEU M 397 40.73 -52.54 -11.27
C LEU M 397 39.70 -51.46 -11.55
N SER M 398 39.42 -50.61 -10.56
CA SER M 398 38.50 -49.50 -10.79
C SER M 398 38.87 -48.72 -12.04
N THR M 399 40.17 -48.50 -12.26
CA THR M 399 40.57 -47.69 -13.39
C THR M 399 40.41 -48.45 -14.69
N LEU M 400 40.85 -49.72 -14.73
CA LEU M 400 40.79 -50.46 -15.98
C LEU M 400 39.35 -50.79 -16.35
N ALA M 401 38.53 -51.15 -15.38
CA ALA M 401 37.15 -51.46 -15.67
C ALA M 401 36.33 -50.22 -15.99
N GLN M 402 36.88 -49.03 -15.82
CA GLN M 402 36.13 -47.85 -16.25
C GLN M 402 36.29 -47.59 -17.74
N LEU M 403 37.46 -47.88 -18.30
CA LEU M 403 37.60 -47.86 -19.75
C LEU M 403 36.59 -48.80 -20.39
N LEU M 404 36.63 -50.04 -19.97
CA LEU M 404 35.83 -51.09 -20.58
C LEU M 404 34.34 -50.94 -20.29
N SER M 405 33.94 -49.96 -19.49
CA SER M 405 32.55 -49.84 -19.10
C SER M 405 31.63 -49.75 -20.32
N GLY M 406 31.85 -48.73 -21.15
CA GLY M 406 31.03 -48.56 -22.33
C GLY M 406 31.62 -49.07 -23.62
N PHE M 407 32.82 -49.62 -23.57
CA PHE M 407 33.49 -50.09 -24.77
C PHE M 407 32.69 -51.19 -25.44
N SER M 408 32.75 -51.22 -26.77
CA SER M 408 32.01 -52.19 -27.56
C SER M 408 32.84 -52.53 -28.78
N GLY M 409 32.87 -53.81 -29.14
CA GLY M 409 33.57 -54.25 -30.32
C GLY M 409 34.97 -54.72 -30.04
N THR M 410 35.57 -55.30 -31.06
CA THR M 410 36.88 -55.92 -30.95
C THR M 410 37.92 -54.97 -30.36
N ALA M 411 38.81 -55.52 -29.54
CA ALA M 411 40.14 -54.98 -29.34
C ALA M 411 41.08 -56.17 -29.34
N VAL M 412 41.91 -56.29 -30.35
CA VAL M 412 42.90 -57.35 -30.41
C VAL M 412 44.24 -56.72 -30.14
N GLY M 413 45.13 -57.45 -29.47
CA GLY M 413 46.36 -56.82 -29.06
C GLY M 413 47.52 -57.77 -29.09
N VAL M 414 48.70 -57.19 -28.91
CA VAL M 414 49.89 -57.90 -28.52
C VAL M 414 50.45 -57.11 -27.37
N VAL M 415 50.37 -57.63 -26.16
CA VAL M 415 51.03 -56.96 -25.04
C VAL M 415 52.14 -57.88 -24.58
N LYS M 416 53.37 -57.57 -24.96
CA LYS M 416 54.54 -58.32 -24.53
C LYS M 416 55.69 -57.33 -24.42
N GLY M 417 56.39 -57.34 -23.30
CA GLY M 417 57.47 -56.38 -23.11
C GLY M 417 57.02 -54.94 -23.16
N ASP M 418 55.79 -54.66 -22.70
CA ASP M 418 55.24 -53.32 -22.52
C ASP M 418 54.97 -52.60 -23.84
N TRP M 419 55.53 -53.08 -24.94
CA TRP M 419 55.16 -52.56 -26.23
C TRP M 419 53.94 -53.33 -26.70
N MET M 420 53.05 -52.64 -27.39
CA MET M 420 51.79 -53.27 -27.76
C MET M 420 51.27 -52.69 -29.05
N ALA M 421 50.46 -53.47 -29.74
CA ALA M 421 49.76 -53.03 -30.95
C ALA M 421 48.32 -53.47 -30.81
N LEU M 422 47.40 -52.52 -30.78
CA LEU M 422 46.03 -52.78 -30.38
C LEU M 422 45.10 -52.41 -31.52
N VAL M 423 44.49 -53.40 -32.16
CA VAL M 423 43.71 -53.19 -33.37
C VAL M 423 42.25 -53.24 -33.03
N GLN M 424 41.56 -52.11 -33.06
CA GLN M 424 40.17 -52.07 -32.64
C GLN M 424 39.27 -51.89 -33.84
N ALA M 425 38.16 -52.60 -33.86
CA ALA M 425 37.20 -52.48 -34.95
C ALA M 425 35.81 -52.85 -34.48
N VAL M 426 34.78 -52.25 -35.06
CA VAL M 426 33.40 -52.56 -34.72
C VAL M 426 32.54 -52.12 -35.89
N LYS M 427 31.36 -52.67 -36.00
CA LYS M 427 30.36 -52.13 -36.91
C LYS M 427 29.00 -52.17 -36.25
N ASN M 428 28.49 -51.01 -35.87
CA ASN M 428 27.18 -50.94 -35.25
C ASN M 428 26.16 -50.70 -36.34
N ASP M 429 25.07 -51.42 -36.25
CA ASP M 429 24.04 -51.27 -37.25
C ASP M 429 22.69 -51.40 -36.58
N SER M 430 21.84 -50.40 -36.69
CA SER M 430 20.53 -50.50 -36.07
C SER M 430 19.46 -50.39 -37.12
N SER M 431 18.22 -50.42 -36.69
CA SER M 431 17.06 -50.24 -37.53
C SER M 431 15.90 -49.91 -36.63
N SER M 432 14.83 -49.42 -37.22
CA SER M 432 13.60 -49.25 -36.47
C SER M 432 12.45 -49.19 -37.44
N ASN M 433 11.28 -49.50 -36.93
CA ASN M 433 10.08 -49.37 -37.73
C ASN M 433 8.95 -49.12 -36.76
N VAL M 434 8.10 -48.15 -37.01
CA VAL M 434 7.05 -47.81 -36.07
C VAL M 434 5.83 -47.43 -36.86
N LEU M 435 4.67 -47.91 -36.44
CA LEU M 435 3.45 -47.46 -37.06
C LEU M 435 2.41 -47.27 -35.97
N SER M 436 1.98 -46.05 -35.71
CA SER M 436 0.95 -45.86 -34.71
C SER M 436 -0.17 -45.06 -35.32
N THR M 437 -1.38 -45.39 -34.95
CA THR M 437 -2.54 -44.86 -35.61
C THR M 437 -3.70 -44.53 -34.71
N PRO M 438 -3.64 -43.43 -33.98
CA PRO M 438 -4.74 -43.02 -33.12
C PRO M 438 -5.91 -42.56 -33.95
N SER M 439 -7.11 -42.71 -33.39
CA SER M 439 -8.30 -42.30 -34.12
C SER M 439 -9.38 -41.90 -33.14
N ILE M 440 -10.20 -40.94 -33.54
CA ILE M 440 -11.22 -40.37 -32.67
C ILE M 440 -12.47 -40.21 -33.49
N THR M 441 -13.62 -40.12 -32.82
CA THR M 441 -14.90 -39.96 -33.50
C THR M 441 -15.64 -38.80 -32.86
N THR M 442 -16.04 -37.83 -33.69
CA THR M 442 -16.68 -36.64 -33.18
C THR M 442 -17.94 -36.39 -33.98
N LEU M 443 -18.77 -35.51 -33.48
CA LEU M 443 -19.74 -34.90 -34.36
C LEU M 443 -19.06 -33.84 -35.20
N ASP M 444 -19.70 -33.51 -36.31
CA ASP M 444 -19.31 -32.37 -37.09
C ASP M 444 -19.21 -31.12 -36.22
N ASN M 445 -18.25 -30.26 -36.53
CA ASN M 445 -18.07 -28.94 -35.95
C ASN M 445 -17.73 -28.96 -34.47
N GLN M 446 -17.66 -30.11 -33.84
CA GLN M 446 -17.29 -30.23 -32.44
C GLN M 446 -15.85 -30.71 -32.35
N GLU M 447 -15.10 -30.22 -31.38
CA GLU M 447 -13.70 -30.63 -31.31
C GLU M 447 -13.50 -31.79 -30.36
N ALA M 448 -12.67 -32.72 -30.78
CA ALA M 448 -12.35 -33.91 -30.03
C ALA M 448 -10.91 -33.87 -29.61
N PHE M 449 -10.61 -34.55 -28.52
CA PHE M 449 -9.28 -34.57 -27.96
C PHE M 449 -9.00 -36.00 -27.58
N PHE M 450 -7.84 -36.51 -27.94
CA PHE M 450 -7.51 -37.88 -27.64
C PHE M 450 -6.07 -37.96 -27.20
N MET M 451 -5.81 -38.37 -25.97
CA MET M 451 -4.45 -38.49 -25.49
C MET M 451 -4.21 -39.87 -24.97
N VAL M 452 -3.12 -40.49 -25.38
CA VAL M 452 -2.62 -41.71 -24.77
C VAL M 452 -1.19 -41.43 -24.43
N GLY M 453 -0.87 -41.36 -23.15
CA GLY M 453 0.40 -40.80 -22.77
C GLY M 453 0.57 -40.91 -21.29
N GLN M 454 1.40 -40.03 -20.76
CA GLN M 454 1.54 -39.95 -19.33
C GLN M 454 1.72 -38.50 -18.94
N ASP M 455 1.46 -38.20 -17.68
CA ASP M 455 1.36 -36.84 -17.19
C ASP M 455 2.47 -36.60 -16.20
N VAL M 456 3.44 -35.78 -16.59
CA VAL M 456 4.75 -35.73 -15.93
C VAL M 456 5.02 -34.31 -15.42
N PRO M 457 5.62 -34.14 -14.24
CA PRO M 457 5.84 -32.79 -13.72
C PRO M 457 7.04 -32.06 -14.32
N VAL M 458 6.88 -30.77 -14.52
CA VAL M 458 7.95 -29.92 -15.03
C VAL M 458 8.23 -28.85 -14.00
N LEU M 459 9.49 -28.43 -13.92
CA LEU M 459 10.07 -28.00 -12.64
C LEU M 459 9.22 -27.03 -11.85
N THR M 460 8.63 -25.98 -12.42
CA THR M 460 9.18 -25.13 -13.42
C THR M 460 8.93 -23.74 -12.82
N GLY M 461 10.00 -23.10 -12.38
CA GLY M 461 9.90 -21.92 -11.53
C GLY M 461 10.64 -22.10 -10.23
N THR M 474 8.25 -24.94 -8.54
CA THR M 474 6.84 -24.60 -8.56
C THR M 474 6.03 -25.69 -9.28
N VAL M 475 6.73 -26.61 -9.92
CA VAL M 475 6.21 -27.88 -10.37
C VAL M 475 4.84 -27.80 -11.02
N GLU M 476 4.78 -27.29 -12.24
CA GLU M 476 3.60 -27.48 -13.05
C GLU M 476 3.58 -28.89 -13.64
N ARG M 477 2.40 -29.29 -14.12
CA ARG M 477 2.07 -30.67 -14.46
C ARG M 477 1.79 -30.77 -15.96
N LYS M 478 2.65 -31.46 -16.69
CA LYS M 478 2.64 -31.45 -18.15
C LYS M 478 2.34 -32.83 -18.72
N LYS M 479 1.62 -32.87 -19.83
CA LYS M 479 1.16 -34.10 -20.44
C LYS M 479 1.95 -34.42 -21.70
N VAL M 480 2.52 -35.60 -21.76
CA VAL M 480 3.29 -36.05 -22.91
C VAL M 480 2.71 -37.36 -23.41
N GLY M 481 2.71 -37.54 -24.71
CA GLY M 481 2.34 -38.78 -25.33
C GLY M 481 1.64 -38.50 -26.61
N ILE M 482 1.12 -39.53 -27.25
CA ILE M 482 0.34 -39.32 -28.46
C ILE M 482 -0.86 -38.45 -28.15
N MET M 483 -1.01 -37.37 -28.89
CA MET M 483 -2.12 -36.47 -28.68
C MET M 483 -2.65 -36.09 -30.04
N LEU M 484 -3.97 -36.09 -30.18
CA LEU M 484 -4.59 -35.74 -31.43
C LEU M 484 -5.77 -34.89 -31.08
N LYS M 485 -5.86 -33.69 -31.62
CA LYS M 485 -6.98 -32.81 -31.34
C LYS M 485 -7.48 -32.25 -32.63
N VAL M 486 -8.69 -32.61 -33.03
CA VAL M 486 -9.17 -32.33 -34.38
C VAL M 486 -10.59 -31.81 -34.27
N THR M 487 -10.99 -30.97 -35.20
CA THR M 487 -12.32 -30.37 -35.21
C THR M 487 -12.92 -30.23 -36.61
N PRO M 488 -13.53 -31.29 -37.12
CA PRO M 488 -13.88 -31.33 -38.53
C PRO M 488 -15.12 -30.52 -38.87
N GLN M 489 -15.25 -30.16 -40.15
CA GLN M 489 -16.54 -29.69 -40.64
C GLN M 489 -16.75 -30.18 -42.06
N ILE M 490 -17.91 -30.75 -42.34
CA ILE M 490 -18.14 -31.35 -43.64
C ILE M 490 -18.52 -30.26 -44.64
N ASN M 491 -17.80 -30.19 -45.74
CA ASN M 491 -17.92 -29.12 -46.71
C ASN M 491 -18.87 -29.41 -47.84
N GLU M 492 -19.62 -30.48 -47.78
CA GLU M 492 -20.79 -30.61 -48.63
C GLU M 492 -20.39 -30.91 -50.07
N GLY M 493 -19.13 -30.68 -50.40
CA GLY M 493 -18.63 -31.45 -51.51
C GLY M 493 -18.28 -32.86 -51.12
N ASN M 494 -18.67 -33.26 -49.90
CA ASN M 494 -18.27 -34.49 -49.25
C ASN M 494 -16.76 -34.50 -48.97
N ALA M 495 -16.29 -33.44 -48.33
CA ALA M 495 -14.87 -33.22 -48.04
C ALA M 495 -14.72 -32.59 -46.68
N VAL M 496 -13.82 -33.13 -45.86
CA VAL M 496 -13.96 -32.95 -44.42
C VAL M 496 -13.30 -31.70 -43.80
N GLN M 497 -12.21 -31.15 -44.33
CA GLN M 497 -11.72 -29.91 -43.72
C GLN M 497 -11.36 -30.00 -42.23
N MET M 498 -10.24 -30.60 -41.89
CA MET M 498 -9.80 -30.73 -40.51
C MET M 498 -9.19 -29.44 -39.99
N VAL M 499 -9.17 -29.30 -38.68
CA VAL M 499 -8.26 -28.39 -38.00
C VAL M 499 -7.58 -29.21 -36.93
N ILE M 500 -6.30 -29.47 -37.09
CA ILE M 500 -5.70 -30.63 -36.45
C ILE M 500 -4.43 -30.22 -35.73
N GLU M 501 -4.19 -30.82 -34.57
CA GLU M 501 -2.92 -30.74 -33.89
C GLU M 501 -2.50 -32.14 -33.52
N GLN M 502 -1.51 -32.66 -34.19
CA GLN M 502 -0.92 -33.93 -33.86
C GLN M 502 0.26 -33.67 -32.96
N GLU M 503 0.52 -34.57 -32.03
CA GLU M 503 1.72 -34.44 -31.25
C GLU M 503 2.16 -35.81 -30.75
N VAL M 504 3.46 -36.04 -30.73
CA VAL M 504 3.99 -37.29 -30.21
C VAL M 504 5.18 -36.95 -29.35
N SER M 505 5.06 -37.16 -28.06
CA SER M 505 6.09 -36.79 -27.12
C SER M 505 6.55 -38.00 -26.34
N LYS M 506 7.69 -37.87 -25.69
CA LYS M 506 8.08 -38.85 -24.68
C LYS M 506 9.15 -38.22 -23.82
N VAL M 507 9.32 -38.78 -22.63
CA VAL M 507 10.38 -38.32 -21.76
C VAL M 507 11.68 -38.97 -22.20
N GLU M 508 12.64 -38.15 -22.60
CA GLU M 508 13.97 -38.63 -22.89
C GLU M 508 14.93 -37.95 -21.92
N GLY M 509 16.10 -38.53 -21.75
CA GLY M 509 16.77 -38.33 -20.50
C GLY M 509 17.19 -36.92 -20.12
N GLN M 510 16.61 -36.46 -19.02
CA GLN M 510 17.12 -35.42 -18.13
C GLN M 510 17.73 -34.17 -18.75
N THR M 511 18.62 -33.56 -17.98
CA THR M 511 19.42 -32.38 -18.24
C THR M 511 19.96 -32.07 -16.86
N SER M 512 20.75 -31.03 -16.70
CA SER M 512 21.13 -30.64 -15.35
C SER M 512 19.91 -30.55 -14.43
N LEU M 513 19.02 -29.61 -14.71
CA LEU M 513 17.98 -29.22 -13.76
C LEU M 513 16.59 -29.80 -14.01
N ASP M 514 16.37 -30.61 -15.04
CA ASP M 514 15.03 -31.12 -15.34
C ASP M 514 15.06 -32.25 -16.33
N VAL M 515 13.85 -32.63 -16.80
CA VAL M 515 13.65 -33.59 -17.88
C VAL M 515 13.51 -32.85 -19.19
N VAL M 516 14.12 -33.40 -20.23
CA VAL M 516 13.91 -32.96 -21.59
C VAL M 516 12.91 -33.92 -22.20
N PHE M 517 12.02 -33.42 -23.04
CA PHE M 517 11.05 -34.27 -23.70
C PHE M 517 11.35 -34.33 -25.17
N GLY M 518 11.46 -35.53 -25.72
CA GLY M 518 11.42 -35.63 -27.15
C GLY M 518 10.05 -35.18 -27.58
N GLU M 519 9.94 -34.36 -28.60
CA GLU M 519 8.63 -33.86 -28.99
C GLU M 519 8.61 -33.63 -30.48
N ARG M 520 7.58 -34.10 -31.15
CA ARG M 520 7.38 -33.75 -32.55
C ARG M 520 5.92 -33.49 -32.77
N LYS M 521 5.57 -32.28 -33.18
CA LYS M 521 4.18 -31.95 -33.34
C LYS M 521 3.99 -31.11 -34.57
N LEU M 522 2.80 -31.17 -35.13
CA LEU M 522 2.47 -30.32 -36.24
C LEU M 522 1.02 -29.91 -36.13
N LYS M 523 0.75 -28.63 -36.27
CA LYS M 523 -0.61 -28.16 -36.24
C LYS M 523 -0.89 -27.33 -37.46
N THR M 524 -1.81 -27.81 -38.28
CA THR M 524 -2.05 -27.32 -39.60
C THR M 524 -3.54 -27.26 -39.81
N THR M 525 -3.97 -27.03 -41.04
CA THR M 525 -5.37 -27.16 -41.42
C THR M 525 -5.40 -27.77 -42.80
N VAL M 526 -6.05 -28.90 -42.94
CA VAL M 526 -6.02 -29.63 -44.20
C VAL M 526 -7.44 -29.81 -44.67
N LEU M 527 -7.57 -30.17 -45.93
CA LEU M 527 -8.86 -30.38 -46.56
C LEU M 527 -8.80 -31.72 -47.24
N ALA M 528 -9.56 -32.68 -46.75
CA ALA M 528 -9.43 -34.05 -47.21
C ALA M 528 -10.77 -34.56 -47.72
N ASN M 529 -10.73 -35.36 -48.77
CA ASN M 529 -11.95 -35.98 -49.26
C ASN M 529 -12.48 -36.99 -48.27
N ASP M 530 -13.73 -37.38 -48.49
CA ASP M 530 -14.45 -38.21 -47.54
C ASP M 530 -13.66 -39.44 -47.15
N GLY M 531 -13.26 -40.25 -48.10
CA GLY M 531 -12.67 -41.51 -47.73
C GLY M 531 -11.19 -41.63 -47.99
N GLU M 532 -10.53 -40.51 -48.23
CA GLU M 532 -9.21 -40.54 -48.83
C GLU M 532 -8.19 -39.86 -47.94
N LEU M 533 -6.94 -40.09 -48.28
CA LEU M 533 -5.80 -40.01 -47.38
C LEU M 533 -4.93 -38.83 -47.79
N ILE M 534 -4.79 -37.84 -46.93
CA ILE M 534 -3.97 -36.69 -47.24
C ILE M 534 -2.79 -36.69 -46.28
N VAL M 535 -1.64 -36.23 -46.76
CA VAL M 535 -0.42 -36.19 -45.97
C VAL M 535 -0.32 -34.86 -45.24
N LEU M 536 -0.18 -34.92 -43.92
CA LEU M 536 -0.05 -33.69 -43.16
C LEU M 536 1.37 -33.15 -43.17
N GLY M 537 2.35 -34.01 -43.02
CA GLY M 537 3.65 -33.52 -42.64
C GLY M 537 4.67 -34.57 -42.94
N GLY M 538 5.86 -34.38 -42.43
CA GLY M 538 6.89 -35.35 -42.72
C GLY M 538 8.26 -34.78 -42.48
N LEU M 539 9.24 -35.65 -42.56
CA LEU M 539 10.62 -35.27 -42.44
C LEU M 539 11.40 -36.35 -43.15
N MET M 540 12.53 -35.99 -43.72
CA MET M 540 13.42 -36.98 -44.29
C MET M 540 14.81 -36.50 -43.91
N ASP M 541 15.59 -37.30 -43.23
CA ASP M 541 16.80 -36.76 -42.65
C ASP M 541 17.93 -37.73 -42.88
N ASP M 542 18.96 -37.32 -43.60
CA ASP M 542 20.11 -38.16 -43.87
C ASP M 542 21.36 -37.54 -43.28
N GLN M 543 22.37 -38.35 -43.05
CA GLN M 543 23.66 -37.86 -42.67
C GLN M 543 24.68 -38.84 -43.17
N ALA M 544 25.85 -38.37 -43.55
CA ALA M 544 26.96 -39.27 -43.70
C ALA M 544 28.18 -38.58 -43.11
N GLY M 545 28.63 -39.02 -41.99
CA GLY M 545 29.82 -38.46 -41.43
C GLY M 545 31.04 -39.16 -41.94
N GLU M 546 32.18 -38.64 -41.56
CA GLU M 546 33.43 -39.38 -41.70
C GLU M 546 34.46 -38.70 -40.83
N SER M 547 35.54 -39.40 -40.59
CA SER M 547 36.66 -38.84 -39.86
C SER M 547 37.86 -39.66 -40.27
N VAL M 548 39.04 -39.14 -39.97
CA VAL M 548 40.22 -39.96 -40.18
C VAL M 548 41.28 -39.33 -39.30
N ALA M 549 42.35 -40.05 -39.07
CA ALA M 549 43.53 -39.49 -38.46
C ALA M 549 44.67 -40.31 -39.00
N LYS M 550 45.83 -39.72 -39.13
CA LYS M 550 46.95 -40.50 -39.61
C LYS M 550 48.24 -39.79 -39.27
N VAL M 551 49.34 -40.30 -39.77
CA VAL M 551 50.65 -39.87 -39.31
C VAL M 551 51.21 -38.48 -39.64
N PRO M 552 50.97 -37.91 -40.83
CA PRO M 552 50.44 -37.98 -42.18
C PRO M 552 51.11 -38.74 -43.27
N LEU M 553 52.43 -38.73 -43.34
CA LEU M 553 53.03 -39.07 -44.62
C LEU M 553 52.90 -40.56 -44.91
N LEU M 554 52.90 -41.38 -43.86
CA LEU M 554 52.83 -42.83 -44.00
C LEU M 554 51.41 -43.33 -44.20
N GLY M 555 50.41 -42.55 -43.83
CA GLY M 555 49.06 -43.02 -44.04
C GLY M 555 48.62 -43.09 -45.47
N ASP M 556 49.44 -42.65 -46.41
CA ASP M 556 49.04 -42.62 -47.80
C ASP M 556 49.55 -43.79 -48.63
N ILE M 557 50.39 -44.66 -48.07
CA ILE M 557 50.81 -45.81 -48.88
C ILE M 557 49.59 -46.66 -49.19
N PRO M 558 49.40 -47.11 -50.43
CA PRO M 558 48.12 -47.76 -50.78
C PRO M 558 47.90 -49.12 -50.13
N LEU M 559 48.94 -49.78 -49.64
CA LEU M 559 48.79 -51.06 -48.96
C LEU M 559 48.89 -50.94 -47.46
N ILE M 560 50.05 -50.53 -46.95
CA ILE M 560 50.35 -50.59 -45.54
C ILE M 560 49.90 -49.29 -44.88
N GLY M 561 49.23 -48.44 -45.64
CA GLY M 561 48.70 -47.23 -45.05
C GLY M 561 47.81 -47.53 -43.85
N ASN M 562 46.96 -48.55 -43.97
CA ASN M 562 45.95 -48.80 -42.96
C ASN M 562 46.53 -49.09 -41.59
N LEU M 563 47.81 -49.38 -41.49
CA LEU M 563 48.38 -49.59 -40.17
C LEU M 563 48.46 -48.30 -39.38
N PHE M 564 48.55 -47.17 -40.08
CA PHE M 564 48.79 -45.89 -39.45
C PHE M 564 47.55 -45.01 -39.31
N LYS M 565 46.37 -45.48 -39.70
CA LYS M 565 45.18 -44.66 -39.76
C LYS M 565 44.19 -45.07 -38.69
N SER M 566 43.29 -44.16 -38.36
CA SER M 566 42.12 -44.49 -37.56
C SER M 566 40.92 -43.83 -38.18
N THR M 567 39.95 -44.61 -38.61
CA THR M 567 38.82 -44.09 -39.37
C THR M 567 37.54 -44.29 -38.59
N ALA M 568 36.58 -43.39 -38.78
CA ALA M 568 35.25 -43.58 -38.23
C ALA M 568 34.24 -43.10 -39.25
N ASP M 569 33.30 -43.95 -39.64
CA ASP M 569 32.30 -43.56 -40.60
C ASP M 569 30.94 -43.60 -39.95
N LYS M 570 29.99 -42.93 -40.56
CA LYS M 570 28.68 -42.93 -39.99
C LYS M 570 27.69 -42.71 -41.11
N LYS M 571 26.52 -43.27 -40.97
CA LYS M 571 25.45 -43.10 -41.94
C LYS M 571 24.17 -43.20 -41.16
N GLU M 572 23.18 -42.42 -41.53
CA GLU M 572 22.02 -42.37 -40.70
C GLU M 572 20.86 -41.94 -41.57
N LYS M 573 19.66 -42.35 -41.20
CA LYS M 573 18.54 -42.00 -42.03
C LYS M 573 17.28 -42.04 -41.19
N ARG M 574 16.31 -41.24 -41.56
CA ARG M 574 15.06 -41.22 -40.81
C ARG M 574 13.97 -40.75 -41.75
N ASN M 575 12.77 -41.24 -41.54
CA ASN M 575 11.65 -40.77 -42.33
C ASN M 575 10.45 -40.70 -41.42
N LEU M 576 9.81 -39.57 -41.34
CA LEU M 576 8.49 -39.51 -40.75
C LEU M 576 7.47 -39.23 -41.83
N MET M 577 6.26 -39.65 -41.56
CA MET M 577 5.14 -39.18 -42.32
C MET M 577 3.98 -39.17 -41.36
N VAL M 578 3.04 -38.28 -41.57
CA VAL M 578 1.79 -38.31 -40.85
C VAL M 578 0.71 -38.19 -41.89
N PHE M 579 -0.23 -39.09 -41.87
CA PHE M 579 -1.31 -39.09 -42.84
C PHE M 579 -2.59 -38.91 -42.08
N ILE M 580 -3.67 -38.60 -42.76
CA ILE M 580 -4.93 -38.57 -42.07
C ILE M 580 -6.01 -39.01 -43.03
N ARG M 581 -6.88 -39.86 -42.57
CA ARG M 581 -8.01 -40.31 -43.36
C ARG M 581 -9.32 -39.99 -42.67
N PRO M 582 -10.11 -39.05 -43.15
CA PRO M 582 -11.45 -38.86 -42.60
C PRO M 582 -12.41 -39.91 -43.11
N THR M 583 -13.54 -40.01 -42.44
CA THR M 583 -14.64 -40.83 -42.90
C THR M 583 -15.90 -40.20 -42.36
N ILE M 584 -16.96 -40.18 -43.16
CA ILE M 584 -18.18 -39.49 -42.79
C ILE M 584 -19.23 -40.54 -42.51
N LEU M 585 -19.81 -40.46 -41.33
CA LEU M 585 -20.86 -41.36 -40.90
C LEU M 585 -22.15 -40.55 -40.89
N ARG M 586 -23.02 -40.75 -41.87
CA ARG M 586 -24.22 -39.95 -42.01
C ARG M 586 -25.45 -40.68 -41.48
N ASP M 587 -25.75 -41.84 -42.06
CA ASP M 587 -26.88 -42.63 -41.63
C ASP M 587 -26.67 -43.10 -40.20
N GLY M 588 -27.76 -43.40 -39.53
CA GLY M 588 -27.65 -44.21 -38.33
C GLY M 588 -27.00 -45.54 -38.60
N MET M 589 -27.13 -46.04 -39.83
CA MET M 589 -26.49 -47.28 -40.23
C MET M 589 -25.03 -47.12 -40.59
N ALA M 590 -24.60 -45.89 -40.90
CA ALA M 590 -23.19 -45.68 -41.23
C ALA M 590 -22.32 -45.74 -39.99
N ALA M 591 -22.84 -45.32 -38.84
CA ALA M 591 -22.08 -45.37 -37.60
C ALA M 591 -21.84 -46.79 -37.15
N ASP M 592 -22.73 -47.70 -37.53
CA ASP M 592 -22.62 -49.10 -37.13
C ASP M 592 -21.87 -49.92 -38.16
N GLY M 593 -21.50 -49.35 -39.29
CA GLY M 593 -20.66 -50.05 -40.24
C GLY M 593 -19.19 -49.97 -39.87
N VAL M 594 -18.75 -48.80 -39.46
CA VAL M 594 -17.37 -48.63 -39.03
C VAL M 594 -17.17 -49.21 -37.65
N SER M 595 -18.06 -48.86 -36.73
CA SER M 595 -17.85 -49.30 -35.36
C SER M 595 -18.15 -50.77 -35.17
N GLN M 596 -18.81 -51.42 -36.11
CA GLN M 596 -18.97 -52.85 -36.00
C GLN M 596 -17.77 -53.61 -36.52
N ARG M 597 -17.05 -53.09 -37.50
CA ARG M 597 -15.91 -53.84 -37.96
C ARG M 597 -14.70 -53.66 -37.09
N LYS M 598 -14.58 -52.54 -36.39
CA LYS M 598 -13.50 -52.45 -35.41
C LYS M 598 -13.81 -53.27 -34.18
N TYR M 599 -15.08 -53.49 -33.88
CA TYR M 599 -15.42 -54.38 -32.78
C TYR M 599 -15.03 -55.81 -33.13
N ASN M 600 -15.53 -56.32 -34.24
CA ASN M 600 -15.17 -57.66 -34.64
C ASN M 600 -13.69 -57.81 -34.94
N TYR M 601 -12.95 -56.73 -35.03
CA TYR M 601 -11.50 -56.85 -35.14
C TYR M 601 -10.85 -57.04 -33.79
N MET M 602 -11.30 -56.32 -32.76
CA MET M 602 -10.77 -56.54 -31.43
C MET M 602 -11.24 -57.85 -30.87
N ARG M 603 -12.43 -58.29 -31.22
CA ARG M 603 -12.92 -59.54 -30.67
C ARG M 603 -12.23 -60.71 -31.31
N ALA M 604 -11.60 -60.52 -32.46
CA ALA M 604 -10.81 -61.59 -33.03
C ALA M 604 -9.36 -61.55 -32.57
N GLU M 605 -8.93 -60.48 -31.93
CA GLU M 605 -7.66 -60.50 -31.22
C GLU M 605 -7.80 -61.27 -29.92
N GLN M 606 -8.90 -61.05 -29.21
CA GLN M 606 -9.10 -61.66 -27.93
C GLN M 606 -9.50 -63.12 -28.02
N ILE M 607 -9.95 -63.57 -29.18
CA ILE M 607 -10.17 -64.99 -29.35
C ILE M 607 -8.87 -65.69 -29.67
N TYR M 608 -8.05 -65.10 -30.54
CA TYR M 608 -6.78 -65.73 -30.84
C TYR M 608 -5.83 -65.66 -29.65
N ARG M 609 -5.95 -64.63 -28.83
CA ARG M 609 -5.25 -64.61 -27.56
C ARG M 609 -5.78 -65.70 -26.63
N ASP M 610 -7.05 -66.04 -26.76
CA ASP M 610 -7.67 -67.05 -25.93
C ASP M 610 -7.39 -68.46 -26.44
N GLU M 611 -7.41 -68.65 -27.76
CA GLU M 611 -7.18 -69.99 -28.30
C GLU M 611 -5.84 -70.55 -27.84
N GLN M 612 -4.83 -69.72 -27.73
CA GLN M 612 -3.57 -70.12 -27.12
C GLN M 612 -3.61 -69.58 -25.69
N GLY M 613 -3.86 -70.45 -24.75
CA GLY M 613 -4.33 -70.01 -23.45
C GLY M 613 -3.22 -69.49 -22.60
N LEU M 614 -3.58 -69.16 -21.37
CA LEU M 614 -2.58 -69.04 -20.33
C LEU M 614 -1.96 -70.41 -20.14
N SER M 615 -0.64 -70.49 -20.27
CA SER M 615 -0.01 -71.79 -20.46
C SER M 615 0.07 -72.58 -19.16
N LEU M 616 0.34 -71.91 -18.05
CA LEU M 616 0.43 -72.63 -16.79
C LEU M 616 -0.94 -73.03 -16.29
N MET M 617 -1.88 -72.10 -16.26
CA MET M 617 -3.23 -72.45 -15.87
C MET M 617 -4.08 -72.71 -17.10
N PRO M 618 -4.42 -73.97 -17.41
CA PRO M 618 -5.57 -74.15 -18.28
C PRO M 618 -6.80 -74.39 -17.42
N HIS M 619 -7.98 -74.46 -18.01
CA HIS M 619 -8.22 -73.87 -19.30
C HIS M 619 -8.41 -72.39 -19.05
N THR M 620 -9.26 -72.08 -18.07
CA THR M 620 -9.31 -70.79 -17.40
C THR M 620 -9.56 -69.64 -18.39
N ALA M 621 -10.80 -69.62 -18.89
CA ALA M 621 -11.46 -68.37 -19.25
C ALA M 621 -10.64 -67.46 -20.15
N GLN M 622 -10.26 -66.32 -19.59
CA GLN M 622 -9.61 -65.13 -20.14
C GLN M 622 -10.66 -64.26 -20.79
N PRO M 623 -10.55 -62.94 -20.70
CA PRO M 623 -11.66 -62.09 -21.14
C PRO M 623 -11.77 -62.09 -22.65
N VAL M 624 -12.98 -62.25 -23.14
CA VAL M 624 -13.27 -62.07 -24.55
C VAL M 624 -14.51 -61.19 -24.61
N LEU M 625 -14.64 -60.54 -25.64
CA LEU M 625 -15.61 -59.47 -25.76
C LEU M 625 -16.90 -60.05 -26.31
N PRO M 626 -18.07 -59.70 -25.76
CA PRO M 626 -19.30 -60.41 -26.10
C PRO M 626 -19.56 -60.38 -27.59
N ALA M 627 -20.21 -61.43 -28.08
CA ALA M 627 -20.53 -61.50 -29.50
C ALA M 627 -21.64 -60.52 -29.83
N GLN M 628 -21.77 -60.22 -31.11
CA GLN M 628 -22.90 -59.46 -31.63
C GLN M 628 -23.85 -60.40 -32.36
N ASN M 629 -25.15 -60.19 -32.16
CA ASN M 629 -26.18 -61.08 -32.68
C ASN M 629 -25.98 -62.50 -32.16
N GLN M 630 -25.90 -62.62 -30.84
CA GLN M 630 -25.83 -63.93 -30.20
C GLN M 630 -27.02 -64.81 -30.54
N ALA M 631 -28.14 -64.20 -30.93
CA ALA M 631 -29.44 -64.86 -31.10
C ALA M 631 -29.81 -65.52 -29.78
N LEU M 632 -30.37 -66.69 -29.81
CA LEU M 632 -30.96 -67.31 -28.63
C LEU M 632 -30.07 -68.40 -28.07
N PRO M 633 -29.83 -68.40 -26.77
CA PRO M 633 -29.11 -69.52 -26.17
C PRO M 633 -29.82 -70.82 -26.45
N PRO M 634 -29.09 -71.95 -26.40
CA PRO M 634 -29.72 -73.22 -26.81
C PRO M 634 -30.90 -73.61 -25.98
N GLU M 635 -30.88 -73.36 -24.67
CA GLU M 635 -32.02 -73.76 -23.86
C GLU M 635 -33.19 -72.80 -24.00
N VAL M 636 -32.90 -71.52 -24.22
CA VAL M 636 -33.97 -70.58 -24.52
C VAL M 636 -34.63 -70.95 -25.83
N ARG M 637 -33.88 -71.56 -26.74
CA ARG M 637 -34.42 -71.99 -28.02
C ARG M 637 -35.59 -72.93 -27.84
N ALA M 638 -35.44 -73.91 -26.95
CA ALA M 638 -36.48 -74.92 -26.76
C ALA M 638 -37.76 -74.33 -26.16
N PHE M 639 -37.64 -73.38 -25.24
CA PHE M 639 -38.82 -72.80 -24.60
C PHE M 639 -39.79 -72.23 -25.61
N LEU M 640 -39.30 -71.76 -26.76
CA LEU M 640 -40.19 -71.33 -27.82
C LEU M 640 -40.96 -72.50 -28.41
N ASN M 641 -40.27 -73.63 -28.60
CA ASN M 641 -40.86 -74.78 -29.28
C ASN M 641 -41.92 -75.48 -28.45
N ALA M 642 -42.08 -75.12 -27.18
CA ALA M 642 -43.17 -75.66 -26.39
C ALA M 642 -44.35 -74.71 -26.40
N GLY M 643 -44.24 -73.60 -25.70
CA GLY M 643 -45.32 -72.64 -25.58
C GLY M 643 -45.66 -71.94 -26.89
N GLY N 100 -107.72 31.89 2.51
CA GLY N 100 -108.47 32.58 1.48
C GLY N 100 -107.88 33.94 1.14
N ASP N 101 -108.65 34.98 1.41
CA ASP N 101 -108.21 36.36 1.24
C ASP N 101 -107.68 36.97 2.53
N GLU N 102 -107.62 36.19 3.61
CA GLU N 102 -107.20 36.71 4.90
C GLU N 102 -105.73 37.11 4.86
N MET N 103 -105.45 38.37 5.24
CA MET N 103 -104.08 38.87 5.28
C MET N 103 -103.43 38.44 6.58
N VAL N 104 -102.35 37.65 6.48
CA VAL N 104 -101.60 37.16 7.64
C VAL N 104 -100.13 37.04 7.26
N THR N 105 -99.28 36.83 8.27
CA THR N 105 -97.90 36.43 8.09
C THR N 105 -97.74 34.98 8.52
N LYS N 106 -96.81 34.27 7.88
CA LYS N 106 -96.56 32.87 8.19
C LYS N 106 -95.06 32.58 8.15
N VAL N 107 -94.66 31.55 8.90
CA VAL N 107 -93.27 31.13 9.03
C VAL N 107 -93.10 29.81 8.29
N VAL N 108 -92.22 29.79 7.30
CA VAL N 108 -91.86 28.57 6.60
C VAL N 108 -90.36 28.31 6.74
N PRO N 109 -89.95 27.32 7.53
CA PRO N 109 -88.54 26.89 7.50
C PRO N 109 -88.26 26.11 6.22
N VAL N 110 -87.15 26.45 5.57
CA VAL N 110 -86.70 25.73 4.38
C VAL N 110 -85.43 25.00 4.78
N ARG N 111 -85.51 23.68 4.89
CA ARG N 111 -84.43 22.89 5.48
C ARG N 111 -83.44 22.43 4.40
N ASN N 112 -83.85 21.47 3.57
CA ASN N 112 -82.93 20.89 2.60
C ASN N 112 -82.67 21.78 1.40
N VAL N 113 -83.64 22.63 1.05
CA VAL N 113 -83.61 23.39 -0.20
C VAL N 113 -82.86 24.69 0.02
N SER N 114 -82.09 25.10 -0.97
CA SER N 114 -81.53 26.45 -0.94
C SER N 114 -82.67 27.44 -1.13
N VAL N 115 -82.81 28.37 -0.18
CA VAL N 115 -83.96 29.27 -0.16
C VAL N 115 -84.04 30.11 -1.42
N ARG N 116 -82.92 30.40 -2.05
CA ARG N 116 -82.97 31.16 -3.29
C ARG N 116 -83.21 30.28 -4.51
N GLU N 117 -83.09 28.96 -4.38
CA GLU N 117 -83.56 28.09 -5.45
C GLU N 117 -85.04 28.31 -5.70
N LEU N 118 -85.77 28.71 -4.67
CA LEU N 118 -87.20 28.92 -4.74
C LEU N 118 -87.59 30.33 -5.13
N ALA N 119 -86.61 31.15 -5.48
CA ALA N 119 -86.91 32.49 -5.99
C ALA N 119 -87.93 32.49 -7.12
N PRO N 120 -87.80 31.68 -8.17
CA PRO N 120 -88.78 31.78 -9.27
C PRO N 120 -90.21 31.42 -8.87
N ILE N 121 -90.41 30.28 -8.22
CA ILE N 121 -91.77 29.72 -8.14
C ILE N 121 -92.58 30.41 -7.06
N LEU N 122 -91.94 30.91 -6.01
CA LEU N 122 -92.66 31.58 -4.95
C LEU N 122 -93.04 32.99 -5.37
N ARG N 123 -92.14 33.69 -6.06
CA ARG N 123 -92.41 35.03 -6.53
C ARG N 123 -93.28 35.02 -7.79
N GLN N 124 -93.14 33.99 -8.63
CA GLN N 124 -94.02 33.89 -9.80
C GLN N 124 -95.46 33.64 -9.38
N MET N 125 -95.69 33.17 -8.15
CA MET N 125 -97.04 33.07 -7.63
C MET N 125 -97.64 34.45 -7.40
N ILE N 126 -96.79 35.41 -6.99
CA ILE N 126 -97.22 36.78 -6.77
C ILE N 126 -97.78 37.40 -8.05
N ASP N 127 -97.26 36.94 -9.20
CA ASP N 127 -97.86 37.29 -10.48
C ASP N 127 -99.33 36.91 -10.52
N SER N 128 -99.63 35.65 -10.19
CA SER N 128 -100.99 35.16 -10.15
C SER N 128 -101.72 35.58 -8.88
N ALA N 129 -101.01 35.53 -7.74
CA ALA N 129 -101.65 35.89 -6.46
C ALA N 129 -101.99 37.37 -6.39
N GLY N 130 -101.21 38.22 -7.04
CA GLY N 130 -101.42 39.64 -6.94
C GLY N 130 -100.77 40.27 -5.73
N SER N 131 -101.44 41.24 -5.14
CA SER N 131 -100.87 42.00 -4.03
C SER N 131 -101.09 41.28 -2.70
N GLY N 132 -100.57 41.89 -1.63
CA GLY N 132 -100.76 41.41 -0.29
C GLY N 132 -99.82 40.33 0.15
N ASN N 133 -99.20 39.60 -0.77
CA ASN N 133 -98.35 38.47 -0.44
C ASN N 133 -96.88 38.82 -0.68
N VAL N 134 -96.04 38.44 0.28
CA VAL N 134 -94.61 38.73 0.23
C VAL N 134 -93.86 37.45 0.55
N VAL N 135 -92.80 37.18 -0.20
CA VAL N 135 -91.95 36.02 0.00
C VAL N 135 -90.54 36.50 0.30
N ASN N 136 -89.97 36.00 1.39
CA ASN N 136 -88.70 36.47 1.92
C ASN N 136 -87.68 35.34 1.88
N TYR N 137 -86.50 35.63 1.36
CA TYR N 137 -85.45 34.63 1.18
C TYR N 137 -84.27 34.97 2.08
N ASP N 138 -84.08 34.20 3.15
CA ASP N 138 -83.00 34.51 4.06
C ASP N 138 -81.92 33.45 3.98
N PRO N 139 -80.66 33.83 3.70
CA PRO N 139 -79.58 32.83 3.64
C PRO N 139 -79.39 32.03 4.93
N SER N 140 -79.97 32.47 6.04
CA SER N 140 -80.07 31.63 7.24
C SER N 140 -81.02 30.46 7.01
N ASN N 141 -81.57 30.37 5.79
CA ASN N 141 -82.27 29.19 5.28
C ASN N 141 -83.65 28.99 5.92
N VAL N 142 -84.42 30.07 5.95
CA VAL N 142 -85.88 29.98 5.99
C VAL N 142 -86.43 30.93 4.94
N ILE N 143 -87.73 30.78 4.67
CA ILE N 143 -88.44 31.64 3.74
C ILE N 143 -89.69 32.16 4.42
N MET N 144 -89.75 33.47 4.62
CA MET N 144 -90.85 34.11 5.36
C MET N 144 -91.95 34.51 4.38
N LEU N 145 -93.13 33.92 4.57
CA LEU N 145 -94.28 34.19 3.72
C LEU N 145 -95.26 35.06 4.50
N THR N 146 -95.52 36.26 3.98
CA THR N 146 -96.47 37.18 4.59
C THR N 146 -97.49 37.56 3.53
N GLY N 147 -98.74 37.18 3.75
CA GLY N 147 -99.78 37.51 2.78
C GLY N 147 -101.05 36.73 3.03
N ARG N 148 -101.83 36.59 1.97
CA ARG N 148 -103.14 35.98 2.07
C ARG N 148 -103.04 34.48 2.33
N ALA N 149 -103.68 34.02 3.41
CA ALA N 149 -103.42 32.71 3.99
C ALA N 149 -103.67 31.55 3.03
N SER N 150 -104.36 31.78 1.91
CA SER N 150 -104.52 30.70 0.94
C SER N 150 -103.28 30.55 0.06
N VAL N 151 -102.71 31.65 -0.41
CA VAL N 151 -101.57 31.55 -1.31
C VAL N 151 -100.31 31.15 -0.56
N VAL N 152 -100.14 31.65 0.66
CA VAL N 152 -99.04 31.15 1.48
C VAL N 152 -99.23 29.67 1.77
N GLU N 153 -100.48 29.24 1.92
CA GLU N 153 -100.77 27.83 2.19
C GLU N 153 -100.08 26.92 1.19
N ARG N 154 -100.27 27.21 -0.11
CA ARG N 154 -99.63 26.41 -1.15
C ARG N 154 -98.11 26.44 -1.03
N LEU N 155 -97.55 27.60 -0.67
CA LEU N 155 -96.10 27.67 -0.63
C LEU N 155 -95.52 27.14 0.68
N THR N 156 -96.38 26.89 1.69
CA THR N 156 -96.05 25.90 2.70
C THR N 156 -96.27 24.49 2.16
N GLU N 157 -97.26 24.31 1.29
CA GLU N 157 -97.46 23.03 0.62
C GLU N 157 -96.34 22.74 -0.37
N VAL N 158 -96.12 23.65 -1.32
CA VAL N 158 -95.15 23.38 -2.39
C VAL N 158 -93.78 23.06 -1.80
N ILE N 159 -93.23 24.01 -1.04
CA ILE N 159 -91.84 23.88 -0.61
C ILE N 159 -91.66 22.61 0.21
N GLN N 160 -92.44 22.45 1.27
CA GLN N 160 -92.27 21.31 2.16
C GLN N 160 -92.68 19.99 1.50
N ARG N 161 -93.34 20.05 0.34
CA ARG N 161 -93.40 18.92 -0.57
C ARG N 161 -92.17 18.85 -1.46
N VAL N 162 -91.71 20.00 -1.99
CA VAL N 162 -90.49 20.01 -2.78
C VAL N 162 -89.28 19.73 -1.91
N ASP N 163 -89.30 20.22 -0.66
CA ASP N 163 -88.21 19.94 0.26
C ASP N 163 -88.10 18.44 0.53
N HIS N 164 -89.16 17.69 0.27
CA HIS N 164 -89.08 16.23 0.28
C HIS N 164 -88.32 15.71 -0.92
N ALA N 165 -88.48 16.35 -2.08
CA ALA N 165 -87.95 15.79 -3.32
C ALA N 165 -86.43 15.66 -3.28
N GLY N 166 -85.74 16.65 -2.72
CA GLY N 166 -84.30 16.60 -2.72
C GLY N 166 -83.71 15.93 -1.49
N ASN N 167 -84.51 15.09 -0.84
CA ASN N 167 -84.11 14.50 0.44
C ASN N 167 -82.91 13.59 0.25
N ARG N 168 -81.85 13.81 1.03
CA ARG N 168 -80.57 13.13 0.87
C ARG N 168 -80.18 12.52 2.20
N THR N 169 -80.18 11.19 2.28
CA THR N 169 -79.85 10.46 3.50
C THR N 169 -78.73 9.47 3.17
N GLU N 170 -77.97 9.11 4.20
CA GLU N 170 -76.79 8.28 4.02
C GLU N 170 -76.94 6.97 4.76
N GLU N 171 -76.25 5.94 4.25
CA GLU N 171 -76.38 4.62 4.82
C GLU N 171 -75.08 3.86 4.61
N VAL N 172 -74.77 2.99 5.56
CA VAL N 172 -73.53 2.23 5.57
C VAL N 172 -73.86 0.81 5.16
N ILE N 173 -73.33 0.39 4.01
CA ILE N 173 -73.54 -0.95 3.47
C ILE N 173 -72.28 -1.76 3.71
N PRO N 174 -72.32 -2.81 4.53
CA PRO N 174 -71.13 -3.61 4.76
C PRO N 174 -70.73 -4.42 3.54
N LEU N 175 -69.49 -4.87 3.55
CA LEU N 175 -68.94 -5.68 2.46
C LEU N 175 -68.24 -6.90 3.04
N ASP N 176 -68.77 -8.07 2.74
CA ASP N 176 -68.24 -9.31 3.31
C ASP N 176 -67.02 -9.83 2.57
N ASN N 177 -66.94 -9.61 1.26
CA ASN N 177 -65.87 -10.20 0.47
C ASN N 177 -64.95 -9.14 -0.12
N ALA N 178 -65.44 -8.28 -1.00
CA ALA N 178 -64.58 -7.33 -1.67
C ALA N 178 -64.10 -6.26 -0.69
N SER N 179 -63.00 -5.61 -1.05
CA SER N 179 -62.49 -4.51 -0.27
C SER N 179 -63.32 -3.27 -0.53
N ALA N 180 -63.64 -2.53 0.52
CA ALA N 180 -64.41 -1.32 0.34
C ALA N 180 -63.65 -0.26 -0.43
N SER N 181 -62.32 -0.31 -0.42
CA SER N 181 -61.55 0.71 -1.11
C SER N 181 -61.55 0.52 -2.62
N GLU N 182 -61.59 -0.72 -3.10
CA GLU N 182 -61.78 -0.94 -4.53
C GLU N 182 -63.14 -0.42 -4.97
N ILE N 183 -64.20 -0.96 -4.38
CA ILE N 183 -65.57 -0.60 -4.74
C ILE N 183 -65.78 0.90 -4.69
N ALA N 184 -65.03 1.60 -3.85
CA ALA N 184 -65.13 3.05 -3.83
C ALA N 184 -64.45 3.70 -5.02
N ARG N 185 -63.43 3.07 -5.61
CA ARG N 185 -62.87 3.61 -6.83
C ARG N 185 -63.70 3.21 -8.04
N VAL N 186 -64.15 1.96 -8.11
CA VAL N 186 -64.94 1.51 -9.24
C VAL N 186 -66.23 2.31 -9.34
N LEU N 187 -67.04 2.29 -8.29
CA LEU N 187 -68.33 2.97 -8.35
C LEU N 187 -68.21 4.46 -8.56
N GLU N 188 -67.05 5.05 -8.26
CA GLU N 188 -66.83 6.45 -8.53
C GLU N 188 -66.18 6.69 -9.90
N SER N 189 -65.75 5.63 -10.58
CA SER N 189 -65.28 5.80 -11.94
C SER N 189 -66.43 5.86 -12.92
N LEU N 190 -67.62 5.41 -12.51
CA LEU N 190 -68.78 5.49 -13.39
C LEU N 190 -69.34 6.91 -13.44
N THR N 191 -69.13 7.68 -12.39
CA THR N 191 -69.77 8.98 -12.28
C THR N 191 -68.93 10.01 -11.55
N GLN N 205 -72.18 10.33 -4.52
CA GLN N 205 -71.13 10.40 -3.52
C GLN N 205 -70.93 9.07 -2.80
N ILE N 206 -69.70 8.55 -2.83
CA ILE N 206 -69.34 7.30 -2.20
C ILE N 206 -68.03 7.48 -1.45
N VAL N 207 -68.03 7.14 -0.17
CA VAL N 207 -66.85 7.15 0.66
C VAL N 207 -66.77 5.81 1.37
N ALA N 208 -65.57 5.22 1.39
CA ALA N 208 -65.36 3.90 1.96
C ALA N 208 -64.76 4.01 3.36
N ASP N 209 -65.26 3.20 4.28
CA ASP N 209 -64.72 3.13 5.63
C ASP N 209 -63.86 1.88 5.74
N GLU N 210 -62.60 2.07 6.13
CA GLU N 210 -61.65 0.96 6.12
C GLU N 210 -61.94 -0.03 7.23
N ARG N 211 -62.11 0.46 8.46
CA ARG N 211 -62.12 -0.41 9.64
C ARG N 211 -63.19 -1.49 9.53
N THR N 212 -64.44 -1.07 9.39
CA THR N 212 -65.54 -2.02 9.32
C THR N 212 -65.71 -2.62 7.95
N ASN N 213 -64.89 -2.21 6.98
CA ASN N 213 -64.99 -2.68 5.60
C ASN N 213 -66.39 -2.45 5.08
N SER N 214 -66.75 -1.18 4.96
CA SER N 214 -68.11 -0.81 4.62
C SER N 214 -68.09 0.49 3.84
N VAL N 215 -69.05 0.63 2.94
CA VAL N 215 -69.12 1.75 2.01
C VAL N 215 -70.24 2.67 2.45
N ILE N 216 -69.91 3.94 2.68
CA ILE N 216 -70.90 4.96 2.95
C ILE N 216 -71.41 5.51 1.63
N VAL N 217 -72.72 5.58 1.49
CA VAL N 217 -73.37 6.02 0.26
C VAL N 217 -74.35 7.14 0.60
N SER N 218 -74.61 8.01 -0.38
CA SER N 218 -75.51 9.14 -0.18
C SER N 218 -76.32 9.44 -1.43
N GLY N 219 -77.59 9.74 -1.26
CA GLY N 219 -78.47 10.05 -2.37
C GLY N 219 -79.92 9.79 -2.00
N ASP N 220 -80.80 10.15 -2.94
CA ASP N 220 -82.22 9.93 -2.71
C ASP N 220 -82.54 8.44 -2.73
N PRO N 221 -83.67 8.03 -2.14
CA PRO N 221 -83.93 6.59 -1.97
C PRO N 221 -84.02 5.81 -3.27
N ALA N 222 -84.17 6.45 -4.43
CA ALA N 222 -84.11 5.69 -5.67
C ALA N 222 -82.67 5.42 -6.09
N THR N 223 -81.79 6.41 -5.95
CA THR N 223 -80.38 6.18 -6.28
C THR N 223 -79.73 5.24 -5.28
N ARG N 224 -80.09 5.35 -4.00
CA ARG N 224 -79.56 4.40 -3.04
C ARG N 224 -80.15 3.02 -3.21
N ASP N 225 -81.10 2.84 -4.14
CA ASP N 225 -81.50 1.49 -4.53
C ASP N 225 -80.51 0.87 -5.49
N LYS N 226 -80.10 1.61 -6.52
CA LYS N 226 -79.27 1.03 -7.56
C LYS N 226 -77.92 0.60 -7.01
N MET N 227 -77.21 1.54 -6.39
CA MET N 227 -75.93 1.19 -5.80
C MET N 227 -76.05 0.09 -4.75
N ARG N 228 -77.22 -0.09 -4.16
CA ARG N 228 -77.39 -1.21 -3.24
C ARG N 228 -77.56 -2.53 -3.97
N ARG N 229 -78.11 -2.50 -5.19
CA ARG N 229 -78.15 -3.71 -6.01
C ARG N 229 -76.85 -3.98 -6.71
N LEU N 230 -76.10 -2.93 -7.07
CA LEU N 230 -74.84 -3.14 -7.76
C LEU N 230 -73.74 -3.56 -6.81
N ILE N 231 -73.81 -3.14 -5.55
CA ILE N 231 -72.84 -3.58 -4.56
C ILE N 231 -73.08 -5.03 -4.13
N ARG N 232 -74.30 -5.55 -4.26
CA ARG N 232 -74.51 -6.95 -3.94
C ARG N 232 -73.85 -7.88 -4.96
N ARG N 233 -73.72 -7.46 -6.21
CA ARG N 233 -72.98 -8.29 -7.17
C ARG N 233 -71.48 -8.14 -7.01
N LEU N 234 -70.98 -6.94 -6.75
CA LEU N 234 -69.54 -6.81 -6.58
C LEU N 234 -69.05 -7.44 -5.28
N ASP N 235 -69.96 -7.74 -4.35
CA ASP N 235 -69.62 -8.47 -3.15
C ASP N 235 -69.84 -9.97 -3.30
N SER N 236 -70.37 -10.42 -4.43
CA SER N 236 -70.61 -11.84 -4.61
C SER N 236 -69.31 -12.61 -4.46
N GLU N 237 -69.39 -13.80 -3.86
CA GLU N 237 -68.17 -14.54 -3.56
C GLU N 237 -67.55 -15.10 -4.82
N MET N 238 -66.25 -14.89 -4.96
CA MET N 238 -65.45 -15.49 -6.00
C MET N 238 -65.41 -17.00 -5.82
N GLU N 239 -65.37 -17.74 -6.92
CA GLU N 239 -65.29 -19.19 -6.82
C GLU N 239 -63.83 -19.59 -6.85
N ARG N 240 -63.25 -19.84 -5.67
CA ARG N 240 -62.04 -20.62 -5.47
C ARG N 240 -60.83 -20.09 -6.23
N SER N 241 -61.08 -19.28 -7.25
CA SER N 241 -60.04 -18.91 -8.22
C SER N 241 -59.79 -17.42 -8.13
N GLY N 242 -58.68 -17.06 -7.51
CA GLY N 242 -58.25 -15.69 -7.45
C GLY N 242 -57.31 -15.41 -8.60
N ASN N 243 -56.58 -14.31 -8.47
CA ASN N 243 -55.49 -14.15 -9.41
C ASN N 243 -54.34 -15.08 -9.10
N SER N 244 -54.37 -15.78 -7.96
CA SER N 244 -53.30 -16.67 -7.55
C SER N 244 -53.79 -18.11 -7.56
N GLN N 245 -53.04 -18.98 -8.23
CA GLN N 245 -53.26 -20.41 -8.16
C GLN N 245 -51.98 -21.09 -7.77
N VAL N 246 -52.12 -22.33 -7.33
CA VAL N 246 -51.01 -23.13 -6.85
C VAL N 246 -50.94 -24.37 -7.71
N PHE N 247 -49.84 -24.53 -8.44
CA PHE N 247 -49.64 -25.68 -9.32
C PHE N 247 -48.66 -26.63 -8.68
N TYR N 248 -49.14 -27.81 -8.34
CA TYR N 248 -48.26 -28.87 -7.89
C TYR N 248 -47.63 -29.52 -9.11
N LEU N 249 -46.31 -29.45 -9.20
CA LEU N 249 -45.63 -29.98 -10.36
C LEU N 249 -45.45 -31.48 -10.22
N LYS N 250 -45.84 -32.20 -11.27
CA LYS N 250 -45.79 -33.64 -11.22
C LYS N 250 -44.39 -34.17 -11.46
N TYR N 251 -43.60 -33.50 -12.27
CA TYR N 251 -42.27 -33.99 -12.58
C TYR N 251 -41.23 -32.92 -12.38
N SER N 252 -41.37 -31.80 -13.08
CA SER N 252 -40.37 -30.76 -13.02
C SER N 252 -40.09 -30.35 -11.58
N LYS N 253 -38.86 -29.94 -11.34
CA LYS N 253 -38.51 -29.35 -10.05
C LYS N 253 -38.95 -27.91 -10.03
N ALA N 254 -39.79 -27.57 -9.06
CA ALA N 254 -40.55 -26.32 -9.10
C ALA N 254 -39.67 -25.11 -9.36
N GLU N 255 -38.46 -25.10 -8.85
CA GLU N 255 -37.63 -23.92 -8.97
C GLU N 255 -36.71 -23.95 -10.18
N ASP N 256 -36.86 -24.95 -11.04
CA ASP N 256 -36.26 -24.83 -12.36
C ASP N 256 -37.16 -24.05 -13.31
N LEU N 257 -38.46 -24.34 -13.29
CA LEU N 257 -39.41 -23.59 -14.10
C LEU N 257 -39.57 -22.16 -13.64
N VAL N 258 -39.06 -21.79 -12.48
CA VAL N 258 -39.44 -20.49 -11.96
C VAL N 258 -38.76 -19.39 -12.76
N ASP N 259 -37.56 -19.64 -13.26
CA ASP N 259 -36.92 -18.64 -14.11
C ASP N 259 -37.41 -18.71 -15.54
N VAL N 260 -37.59 -19.92 -16.06
CA VAL N 260 -38.19 -20.10 -17.37
C VAL N 260 -39.50 -19.34 -17.47
N LEU N 261 -40.26 -19.30 -16.40
CA LEU N 261 -41.53 -18.59 -16.39
C LEU N 261 -41.40 -17.12 -16.08
N LYS N 262 -40.27 -16.66 -15.58
CA LYS N 262 -40.18 -15.23 -15.33
C LYS N 262 -39.95 -14.44 -16.60
N GLN N 263 -39.26 -15.01 -17.58
CA GLN N 263 -39.12 -14.36 -18.87
C GLN N 263 -40.41 -14.44 -19.67
N VAL N 264 -40.97 -15.65 -19.78
CA VAL N 264 -42.26 -15.83 -20.45
C VAL N 264 -43.29 -14.88 -19.89
N SER N 265 -43.31 -14.70 -18.57
CA SER N 265 -44.27 -13.80 -17.97
C SER N 265 -43.82 -12.36 -18.09
N GLY N 266 -42.52 -12.12 -18.21
CA GLY N 266 -42.04 -10.75 -18.29
C GLY N 266 -42.57 -10.01 -19.49
N THR N 267 -42.37 -10.58 -20.69
CA THR N 267 -42.74 -9.94 -21.93
C THR N 267 -44.16 -10.25 -22.35
N LEU N 268 -44.91 -10.97 -21.52
CA LEU N 268 -46.31 -11.22 -21.78
C LEU N 268 -47.19 -10.17 -21.14
N THR N 269 -46.61 -9.30 -20.33
CA THR N 269 -47.30 -8.14 -19.78
C THR N 269 -47.57 -7.11 -20.87
N ILE N 285 -49.52 -6.76 -13.78
CA ILE N 285 -48.27 -7.24 -13.21
C ILE N 285 -48.41 -8.73 -12.93
N VAL N 286 -47.29 -9.44 -12.89
CA VAL N 286 -47.25 -10.89 -12.82
C VAL N 286 -46.12 -11.30 -11.89
N SER N 287 -46.41 -12.24 -10.99
CA SER N 287 -45.41 -12.74 -10.08
C SER N 287 -45.43 -14.26 -10.09
N ILE N 288 -44.23 -14.85 -10.10
CA ILE N 288 -44.06 -16.29 -10.02
C ILE N 288 -43.19 -16.59 -8.81
N ALA N 289 -43.66 -17.47 -7.95
CA ALA N 289 -42.88 -17.87 -6.79
C ALA N 289 -42.98 -19.37 -6.62
N ALA N 290 -41.92 -19.98 -6.10
CA ALA N 290 -41.82 -21.41 -5.98
C ALA N 290 -41.54 -21.80 -4.53
N SER N 291 -42.36 -22.68 -4.00
CA SER N 291 -42.18 -23.20 -2.65
C SER N 291 -41.27 -24.41 -2.74
N LYS N 292 -40.07 -24.31 -2.18
CA LYS N 292 -39.14 -25.44 -2.28
C LYS N 292 -39.67 -26.65 -1.54
N HIS N 293 -40.10 -26.46 -0.30
CA HIS N 293 -40.50 -27.61 0.50
C HIS N 293 -41.67 -28.33 -0.14
N SER N 294 -42.61 -27.61 -0.73
CA SER N 294 -43.78 -28.25 -1.28
C SER N 294 -43.67 -28.58 -2.76
N ASN N 295 -42.60 -28.16 -3.43
CA ASN N 295 -42.42 -28.39 -4.86
C ASN N 295 -43.63 -27.92 -5.65
N ALA N 296 -43.99 -26.67 -5.45
CA ALA N 296 -45.14 -26.11 -6.14
C ALA N 296 -44.85 -24.65 -6.38
N LEU N 297 -45.26 -24.16 -7.53
CA LEU N 297 -45.08 -22.77 -7.87
C LEU N 297 -46.43 -22.07 -7.87
N ILE N 298 -46.41 -20.78 -7.57
CA ILE N 298 -47.62 -20.03 -7.27
C ILE N 298 -47.68 -18.89 -8.25
N VAL N 299 -48.63 -18.96 -9.17
CA VAL N 299 -48.73 -18.00 -10.25
C VAL N 299 -49.82 -17.02 -9.89
N THR N 300 -49.47 -15.75 -9.85
CA THR N 300 -50.45 -14.68 -9.65
C THR N 300 -50.42 -13.76 -10.87
N ALA N 301 -51.50 -13.75 -11.62
CA ALA N 301 -51.58 -12.94 -12.82
C ALA N 301 -53.04 -12.71 -13.15
N PRO N 302 -53.33 -11.83 -14.11
CA PRO N 302 -54.71 -11.66 -14.55
C PRO N 302 -55.23 -12.91 -15.24
N GLN N 303 -56.54 -12.95 -15.40
CA GLN N 303 -57.17 -14.17 -15.91
C GLN N 303 -56.67 -14.55 -17.29
N ASP N 304 -56.18 -13.59 -18.08
CA ASP N 304 -55.71 -13.93 -19.42
C ASP N 304 -54.31 -14.51 -19.40
N ILE N 305 -53.39 -13.88 -18.67
CA ILE N 305 -52.03 -14.39 -18.61
C ILE N 305 -52.01 -15.75 -17.95
N MET N 306 -52.88 -15.96 -16.97
CA MET N 306 -52.92 -17.24 -16.29
C MET N 306 -53.17 -18.36 -17.28
N GLN N 307 -54.23 -18.24 -18.08
CA GLN N 307 -54.57 -19.31 -19.00
C GLN N 307 -53.46 -19.60 -19.99
N SER N 308 -52.60 -18.63 -20.25
CA SER N 308 -51.39 -18.90 -21.02
C SER N 308 -50.42 -19.73 -20.21
N LEU N 309 -50.06 -19.25 -19.03
CA LEU N 309 -49.10 -19.95 -18.19
C LEU N 309 -49.60 -21.30 -17.70
N GLN N 310 -50.86 -21.64 -17.88
CA GLN N 310 -51.25 -22.99 -17.57
C GLN N 310 -50.96 -23.95 -18.70
N SER N 311 -50.95 -23.48 -19.94
CA SER N 311 -50.66 -24.38 -21.03
C SER N 311 -49.17 -24.55 -21.23
N VAL N 312 -48.37 -23.63 -20.74
CA VAL N 312 -46.93 -23.82 -20.73
C VAL N 312 -46.56 -24.86 -19.67
N ILE N 313 -46.95 -24.62 -18.43
CA ILE N 313 -46.63 -25.54 -17.35
C ILE N 313 -47.13 -26.94 -17.66
N GLU N 314 -48.28 -27.04 -18.31
CA GLU N 314 -48.76 -28.36 -18.68
C GLU N 314 -47.82 -29.06 -19.63
N GLN N 315 -47.13 -28.30 -20.49
CA GLN N 315 -46.25 -28.88 -21.49
C GLN N 315 -44.79 -28.96 -21.06
N LEU N 316 -44.40 -28.32 -19.97
CA LEU N 316 -43.06 -28.45 -19.45
C LEU N 316 -42.97 -29.47 -18.33
N ASP N 317 -44.07 -30.06 -17.94
CA ASP N 317 -44.13 -30.95 -16.80
C ASP N 317 -43.96 -32.40 -17.20
N ILE N 318 -43.58 -32.67 -18.44
CA ILE N 318 -43.56 -34.04 -18.98
C ILE N 318 -42.54 -34.91 -18.26
N ARG N 319 -42.70 -36.21 -18.43
CA ARG N 319 -41.86 -37.22 -17.81
C ARG N 319 -40.58 -37.46 -18.59
N ARG N 320 -39.46 -37.56 -17.88
CA ARG N 320 -38.14 -37.65 -18.48
C ARG N 320 -37.72 -39.10 -18.62
N ALA N 321 -37.00 -39.40 -19.68
CA ALA N 321 -36.46 -40.72 -19.92
C ALA N 321 -35.05 -40.78 -19.39
N GLN N 322 -34.65 -41.93 -18.89
CA GLN N 322 -33.30 -42.08 -18.37
C GLN N 322 -32.51 -43.09 -19.20
N VAL N 323 -31.21 -42.91 -19.22
CA VAL N 323 -30.31 -43.56 -20.15
C VAL N 323 -29.31 -44.36 -19.36
N HIS N 324 -28.94 -45.52 -19.86
CA HIS N 324 -27.89 -46.32 -19.24
C HIS N 324 -26.72 -46.42 -20.20
N VAL N 325 -25.61 -45.81 -19.84
CA VAL N 325 -24.47 -45.65 -20.73
C VAL N 325 -23.36 -46.57 -20.28
N GLU N 326 -23.07 -47.60 -21.06
CA GLU N 326 -21.94 -48.48 -20.81
C GLU N 326 -20.77 -48.07 -21.69
N ALA N 327 -19.57 -48.12 -21.16
CA ALA N 327 -18.37 -47.98 -21.95
C ALA N 327 -17.69 -49.32 -21.96
N LEU N 328 -16.92 -49.63 -22.99
CA LEU N 328 -16.11 -50.83 -22.99
C LEU N 328 -14.70 -50.49 -23.37
N ILE N 329 -13.78 -50.65 -22.45
CA ILE N 329 -12.42 -50.28 -22.77
C ILE N 329 -11.61 -51.54 -22.96
N VAL N 330 -11.22 -51.86 -24.18
CA VAL N 330 -10.50 -53.07 -24.48
C VAL N 330 -9.04 -52.71 -24.69
N GLU N 331 -8.14 -53.57 -24.25
CA GLU N 331 -6.74 -53.40 -24.60
C GLU N 331 -6.08 -54.76 -24.74
N VAL N 332 -5.36 -54.96 -25.84
CA VAL N 332 -4.66 -56.21 -26.07
C VAL N 332 -3.23 -55.85 -26.43
N ALA N 333 -2.29 -56.14 -25.56
CA ALA N 333 -0.89 -55.85 -25.80
C ALA N 333 -0.12 -57.14 -25.99
N GLU N 334 0.86 -57.12 -26.86
CA GLU N 334 1.72 -58.29 -26.97
C GLU N 334 3.17 -57.96 -27.26
N GLY N 335 4.07 -58.22 -26.34
CA GLY N 335 5.47 -57.86 -26.51
C GLY N 335 6.29 -59.04 -26.96
N SER N 336 7.54 -58.77 -27.31
CA SER N 336 8.52 -59.83 -27.55
C SER N 336 9.88 -59.14 -27.55
N ASN N 337 10.93 -59.89 -27.33
CA ASN N 337 12.26 -59.51 -27.80
C ASN N 337 13.16 -60.73 -27.70
N ILE N 338 14.26 -60.70 -28.40
CA ILE N 338 15.22 -61.79 -28.35
C ILE N 338 16.61 -61.21 -28.43
N ASN N 339 17.53 -61.79 -27.72
CA ASN N 339 18.86 -61.24 -27.57
C ASN N 339 19.87 -62.37 -27.61
N PHE N 340 20.74 -62.38 -28.59
CA PHE N 340 21.73 -63.45 -28.68
C PHE N 340 23.10 -62.99 -29.13
N GLY N 341 24.15 -63.16 -28.35
CA GLY N 341 25.46 -62.80 -28.85
C GLY N 341 26.61 -63.36 -28.05
N VAL N 342 27.72 -63.53 -28.72
CA VAL N 342 28.91 -64.19 -28.19
C VAL N 342 29.93 -63.14 -27.81
N GLN N 343 30.69 -63.42 -26.77
CA GLN N 343 31.73 -62.51 -26.33
C GLN N 343 32.96 -63.31 -25.95
N TRP N 344 34.13 -62.74 -26.18
CA TRP N 344 35.37 -63.38 -25.84
C TRP N 344 36.13 -62.49 -24.89
N ALA N 345 37.15 -63.06 -24.28
CA ALA N 345 38.11 -62.30 -23.52
C ALA N 345 39.35 -63.15 -23.46
N SER N 346 40.44 -62.57 -23.02
CA SER N 346 41.67 -63.33 -22.97
C SER N 346 42.65 -62.61 -22.07
N LYS N 347 43.88 -63.05 -22.14
CA LYS N 347 45.03 -62.46 -21.49
C LYS N 347 45.32 -61.14 -22.17
N ASP N 348 46.55 -60.68 -22.05
CA ASP N 348 47.02 -59.48 -22.74
C ASP N 348 46.71 -59.48 -24.24
N ALA N 349 46.28 -60.63 -24.79
CA ALA N 349 46.06 -60.80 -26.22
C ALA N 349 44.66 -60.44 -26.72
N GLY N 350 43.79 -59.84 -25.91
CA GLY N 350 42.68 -59.12 -26.50
C GLY N 350 41.40 -59.21 -25.71
N LEU N 351 40.32 -58.70 -26.32
CA LEU N 351 38.96 -58.99 -25.90
C LEU N 351 38.01 -58.69 -27.05
N MET N 352 36.78 -59.14 -26.91
CA MET N 352 35.66 -58.80 -27.79
C MET N 352 34.46 -58.56 -26.91
N GLN N 353 33.84 -57.41 -27.03
CA GLN N 353 32.83 -57.01 -26.08
C GLN N 353 31.72 -56.28 -26.79
N PHE N 354 30.47 -56.58 -26.46
CA PHE N 354 29.35 -55.93 -27.12
C PHE N 354 28.38 -55.38 -26.08
N ALA N 355 27.93 -54.16 -26.30
CA ALA N 355 27.14 -53.40 -25.35
C ALA N 355 25.64 -53.50 -25.59
N ASN N 356 25.20 -54.35 -26.52
CA ASN N 356 23.77 -54.52 -26.71
C ASN N 356 23.14 -55.08 -25.46
N GLY N 357 21.84 -54.90 -25.34
CA GLY N 357 21.14 -55.40 -24.16
C GLY N 357 21.54 -54.60 -22.93
N THR N 358 21.33 -55.06 -21.68
CA THR N 358 20.72 -56.31 -21.19
C THR N 358 21.66 -57.50 -21.36
N GLN N 359 22.67 -57.35 -22.20
CA GLN N 359 23.66 -58.38 -22.40
C GLN N 359 24.92 -57.92 -21.69
N ILE N 360 25.21 -58.53 -20.55
CA ILE N 360 26.21 -57.93 -19.65
C ILE N 360 27.60 -58.10 -20.24
N PRO N 361 28.40 -57.05 -20.29
CA PRO N 361 29.64 -57.10 -21.06
C PRO N 361 30.73 -57.88 -20.35
N ILE N 362 31.56 -58.54 -21.15
CA ILE N 362 32.53 -59.46 -20.59
C ILE N 362 33.72 -58.73 -19.99
N GLY N 363 33.95 -57.49 -20.35
CA GLY N 363 35.01 -56.77 -19.70
C GLY N 363 34.65 -56.51 -18.26
N THR N 364 33.53 -55.85 -18.03
CA THR N 364 33.17 -55.51 -16.67
C THR N 364 32.80 -56.73 -15.85
N LEU N 365 32.60 -57.87 -16.49
CA LEU N 365 32.48 -59.13 -15.75
C LEU N 365 33.84 -59.60 -15.28
N GLY N 366 34.78 -59.74 -16.20
CA GLY N 366 36.09 -60.26 -15.85
C GLY N 366 36.80 -59.45 -14.79
N ALA N 367 36.40 -58.21 -14.57
CA ALA N 367 36.90 -57.49 -13.42
C ALA N 367 36.20 -57.93 -12.15
N ALA N 368 34.86 -57.93 -12.16
CA ALA N 368 34.12 -58.28 -10.97
C ALA N 368 34.44 -59.68 -10.48
N ILE N 369 34.89 -60.57 -11.37
CA ILE N 369 35.36 -61.86 -10.91
C ILE N 369 36.67 -61.71 -10.16
N SER N 370 37.57 -60.86 -10.66
CA SER N 370 38.87 -60.79 -10.05
C SER N 370 38.85 -59.96 -8.76
N GLN N 371 38.02 -58.93 -8.70
CA GLN N 371 37.84 -58.26 -7.41
C GLN N 371 37.16 -59.16 -6.39
N ALA N 372 36.66 -60.32 -6.80
CA ALA N 372 36.02 -61.26 -5.90
C ALA N 372 36.96 -62.34 -5.42
N LYS N 373 38.21 -62.30 -5.79
CA LYS N 373 39.07 -63.35 -5.31
C LYS N 373 39.43 -63.11 -3.85
N PRO N 374 39.67 -64.17 -3.09
CA PRO N 374 40.08 -63.99 -1.69
C PRO N 374 41.47 -63.38 -1.63
N GLN N 375 41.63 -62.35 -0.84
CA GLN N 375 42.93 -61.69 -0.67
C GLN N 375 43.60 -62.24 0.57
N LYS N 376 44.69 -62.96 0.39
CA LYS N 376 45.34 -63.60 1.51
C LYS N 376 46.03 -62.54 2.34
N GLY N 377 45.61 -62.42 3.58
CA GLY N 377 46.16 -61.42 4.47
C GLY N 377 47.20 -61.99 5.39
N SER N 378 48.00 -61.10 5.94
CA SER N 378 48.85 -61.39 7.08
C SER N 378 49.14 -60.04 7.74
N THR N 379 49.41 -60.05 9.03
CA THR N 379 49.74 -58.81 9.70
C THR N 379 50.86 -59.05 10.70
N VAL N 380 51.95 -58.29 10.54
CA VAL N 380 53.13 -58.39 11.39
C VAL N 380 53.77 -57.00 11.40
N ILE N 381 54.32 -56.64 12.56
CA ILE N 381 55.09 -55.43 12.81
C ILE N 381 54.67 -54.24 11.95
N ILE N 389 49.30 -64.00 11.84
CA ILE N 389 48.02 -64.60 11.49
C ILE N 389 47.98 -65.21 10.13
N ASN N 390 46.95 -66.01 9.89
CA ASN N 390 46.66 -66.55 8.57
C ASN N 390 45.16 -66.54 8.32
N PRO N 391 44.52 -65.37 8.41
CA PRO N 391 43.14 -65.26 7.95
C PRO N 391 43.13 -65.11 6.44
N ASP N 392 41.95 -65.30 5.87
CA ASP N 392 41.70 -64.93 4.50
C ASP N 392 40.43 -64.10 4.46
N THR N 393 40.56 -62.83 4.08
CA THR N 393 39.41 -61.94 4.02
C THR N 393 38.35 -62.43 3.05
N ASN N 394 38.67 -63.43 2.24
CA ASN N 394 37.79 -63.95 1.20
C ASN N 394 37.43 -62.77 0.28
N GLY N 395 36.21 -62.70 -0.22
CA GLY N 395 35.85 -61.72 -1.22
C GLY N 395 34.95 -60.63 -0.69
N ASP N 396 34.64 -59.71 -1.59
CA ASP N 396 33.46 -58.85 -1.48
C ASP N 396 32.71 -58.96 -2.79
N LEU N 397 31.55 -59.59 -2.75
CA LEU N 397 30.79 -59.85 -3.95
C LEU N 397 29.83 -58.73 -4.29
N SER N 398 29.91 -57.61 -3.58
CA SER N 398 29.07 -56.47 -3.91
C SER N 398 29.17 -56.13 -5.39
N THR N 399 30.37 -56.20 -5.96
CA THR N 399 30.52 -55.80 -7.35
C THR N 399 29.93 -56.85 -8.28
N LEU N 400 30.23 -58.12 -8.03
CA LEU N 400 29.75 -59.16 -8.94
C LEU N 400 28.25 -59.33 -8.84
N ALA N 401 27.69 -59.27 -7.64
CA ALA N 401 26.25 -59.40 -7.51
C ALA N 401 25.51 -58.17 -7.98
N GLN N 402 26.19 -57.09 -8.32
CA GLN N 402 25.48 -55.96 -8.90
C GLN N 402 25.24 -56.14 -10.38
N LEU N 403 26.18 -56.76 -11.09
CA LEU N 403 25.91 -57.16 -12.47
C LEU N 403 24.68 -58.05 -12.53
N LEU N 404 24.70 -59.12 -11.78
CA LEU N 404 23.68 -60.14 -11.84
C LEU N 404 22.35 -59.67 -11.26
N SER N 405 22.28 -58.45 -10.73
CA SER N 405 21.06 -58.00 -10.07
C SER N 405 19.86 -58.07 -11.01
N GLY N 406 19.94 -57.38 -12.14
CA GLY N 406 18.85 -57.38 -13.10
C GLY N 406 19.01 -58.31 -14.27
N PHE N 407 20.12 -59.03 -14.34
CA PHE N 407 20.38 -59.92 -15.46
C PHE N 407 19.32 -61.00 -15.56
N SER N 408 19.01 -61.39 -16.78
CA SER N 408 18.00 -62.40 -17.05
C SER N 408 18.42 -63.19 -18.27
N GLY N 409 18.23 -64.50 -18.21
CA GLY N 409 18.53 -65.36 -19.33
C GLY N 409 19.91 -65.97 -19.26
N THR N 410 20.15 -66.90 -20.17
CA THR N 410 21.37 -67.68 -20.19
C THR N 410 22.61 -66.81 -20.17
N ALA N 411 23.63 -67.25 -19.45
CA ALA N 411 25.02 -66.93 -19.76
C ALA N 411 25.80 -68.22 -19.61
N VAL N 412 26.30 -68.75 -20.69
CA VAL N 412 27.13 -69.94 -20.66
C VAL N 412 28.56 -69.49 -20.91
N GLY N 413 29.51 -70.16 -20.28
CA GLY N 413 30.86 -69.68 -20.40
C GLY N 413 31.88 -70.78 -20.39
N VAL N 414 33.10 -70.39 -20.68
CA VAL N 414 34.28 -71.17 -20.39
C VAL N 414 35.21 -70.20 -19.70
N VAL N 415 35.42 -70.35 -18.40
CA VAL N 415 36.42 -69.53 -17.73
C VAL N 415 37.52 -70.48 -17.29
N LYS N 416 38.62 -70.49 -18.02
CA LYS N 416 39.79 -71.29 -17.67
C LYS N 416 41.01 -70.53 -18.14
N GLY N 417 41.99 -70.35 -17.27
CA GLY N 417 43.17 -69.58 -17.64
C GLY N 417 42.86 -68.14 -18.02
N ASP N 418 41.84 -67.55 -17.39
CA ASP N 418 41.50 -66.14 -17.51
C ASP N 418 40.95 -65.76 -18.88
N TRP N 419 41.14 -66.61 -19.87
CA TRP N 419 40.46 -66.40 -21.14
C TRP N 419 39.10 -67.05 -21.06
N MET N 420 38.12 -66.42 -21.69
CA MET N 420 36.76 -66.90 -21.55
C MET N 420 35.97 -66.60 -22.80
N ALA N 421 34.91 -67.39 -23.00
CA ALA N 421 33.97 -67.18 -24.08
C ALA N 421 32.58 -67.30 -23.49
N LEU N 422 31.80 -66.25 -23.54
CA LEU N 422 30.57 -66.14 -22.76
C LEU N 422 29.40 -65.93 -23.70
N VAL N 423 28.55 -66.94 -23.86
CA VAL N 423 27.49 -66.93 -24.86
C VAL N 423 26.18 -66.63 -24.18
N GLN N 424 25.63 -65.45 -24.39
CA GLN N 424 24.41 -65.06 -23.69
C GLN N 424 23.24 -65.07 -24.65
N ALA N 425 22.10 -65.55 -24.18
CA ALA N 425 20.90 -65.56 -25.01
C ALA N 425 19.67 -65.54 -24.13
N VAL N 426 18.58 -64.95 -24.60
CA VAL N 426 17.32 -64.92 -23.86
C VAL N 426 16.22 -64.66 -24.88
N LYS N 427 15.00 -65.01 -24.54
CA LYS N 427 13.85 -64.57 -25.30
C LYS N 427 12.73 -64.19 -24.37
N ASN N 428 12.45 -62.91 -24.25
CA ASN N 428 11.39 -62.44 -23.40
C ASN N 428 10.14 -62.33 -24.23
N ASP N 429 9.04 -62.81 -23.68
CA ASP N 429 7.79 -62.76 -24.40
C ASP N 429 6.68 -62.46 -23.43
N SER N 430 5.93 -61.40 -23.63
CA SER N 430 4.84 -61.09 -22.71
C SER N 430 3.53 -61.09 -23.48
N SER N 431 2.47 -60.79 -22.77
CA SER N 431 1.15 -60.64 -23.33
C SER N 431 0.31 -59.89 -22.33
N SER N 432 -0.82 -59.40 -22.77
CA SER N 432 -1.78 -58.82 -21.85
C SER N 432 -3.15 -58.84 -22.48
N ASN N 433 -4.15 -58.79 -21.65
CA ASN N 433 -5.50 -58.67 -22.15
C ASN N 433 -6.29 -57.97 -21.07
N VAL N 434 -7.08 -56.98 -21.40
CA VAL N 434 -7.79 -56.22 -20.38
C VAL N 434 -9.15 -55.87 -20.93
N LEU N 435 -10.18 -55.99 -20.13
CA LEU N 435 -11.48 -55.52 -20.55
C LEU N 435 -12.16 -54.88 -19.37
N SER N 436 -12.38 -53.58 -19.40
CA SER N 436 -13.07 -52.95 -18.28
C SER N 436 -14.23 -52.16 -18.83
N THR N 437 -15.31 -52.16 -18.10
CA THR N 437 -16.56 -51.65 -18.61
C THR N 437 -17.39 -50.88 -17.59
N PRO N 438 -17.02 -49.65 -17.27
CA PRO N 438 -17.81 -48.85 -16.35
C PRO N 438 -19.11 -48.43 -16.97
N SER N 439 -20.11 -48.21 -16.14
CA SER N 439 -21.41 -47.82 -16.65
C SER N 439 -22.14 -46.99 -15.61
N ILE N 440 -22.93 -46.04 -16.08
CA ILE N 440 -23.61 -45.09 -15.22
C ILE N 440 -25.03 -44.94 -15.73
N THR N 441 -25.93 -44.48 -14.87
CA THR N 441 -27.32 -44.28 -15.24
C THR N 441 -27.75 -42.89 -14.84
N THR N 442 -28.27 -42.13 -15.80
CA THR N 442 -28.62 -40.75 -15.55
C THR N 442 -30.02 -40.51 -16.06
N LEU N 443 -30.59 -39.40 -15.67
CA LEU N 443 -31.70 -38.88 -16.44
C LEU N 443 -31.19 -38.23 -17.70
N ASP N 444 -32.07 -38.11 -18.68
CA ASP N 444 -31.80 -37.29 -19.84
C ASP N 444 -31.35 -35.90 -19.44
N ASN N 445 -30.43 -35.34 -20.21
CA ASN N 445 -29.96 -33.96 -20.12
C ASN N 445 -29.24 -33.64 -18.83
N GLN N 446 -29.11 -34.57 -17.91
CA GLN N 446 -28.38 -34.37 -16.67
C GLN N 446 -27.03 -35.05 -16.78
N GLU N 447 -25.99 -34.46 -16.21
CA GLU N 447 -24.67 -35.07 -16.35
C GLU N 447 -24.34 -35.95 -15.17
N ALA N 448 -23.74 -37.09 -15.48
CA ALA N 448 -23.35 -38.07 -14.49
C ALA N 448 -21.85 -38.16 -14.44
N PHE N 449 -21.33 -38.56 -13.30
CA PHE N 449 -19.91 -38.66 -13.10
C PHE N 449 -19.68 -39.97 -12.37
N PHE N 450 -18.71 -40.75 -12.82
CA PHE N 450 -18.45 -42.03 -12.20
C PHE N 450 -16.96 -42.24 -12.12
N MET N 451 -16.40 -42.33 -10.92
CA MET N 451 -14.99 -42.55 -10.76
C MET N 451 -14.75 -43.77 -9.91
N VAL N 452 -13.88 -44.65 -10.36
CA VAL N 452 -13.35 -45.73 -9.54
C VAL N 452 -11.85 -45.62 -9.65
N GLY N 453 -11.20 -45.26 -8.56
CA GLY N 453 -9.82 -44.85 -8.68
C GLY N 453 -9.26 -44.58 -7.32
N GLN N 454 -8.24 -43.75 -7.28
CA GLN N 454 -7.70 -43.31 -6.02
C GLN N 454 -7.28 -41.87 -6.15
N ASP N 455 -7.16 -41.20 -5.01
CA ASP N 455 -6.99 -39.77 -4.95
C ASP N 455 -5.62 -39.46 -4.39
N VAL N 456 -4.72 -38.95 -5.22
CA VAL N 456 -3.29 -38.96 -4.93
C VAL N 456 -2.76 -37.53 -4.96
N PRO N 457 -1.84 -37.15 -4.07
CA PRO N 457 -1.35 -35.76 -4.03
C PRO N 457 -0.30 -35.44 -5.09
N VAL N 458 -0.38 -34.25 -5.64
CA VAL N 458 0.58 -33.76 -6.62
C VAL N 458 1.24 -32.53 -6.05
N LEU N 459 2.51 -32.32 -6.41
CA LEU N 459 3.45 -31.67 -5.50
C LEU N 459 2.95 -30.39 -4.86
N THR N 460 2.34 -29.45 -5.57
CA THR N 460 2.67 -29.00 -6.89
C THR N 460 2.73 -27.49 -6.69
N GLY N 461 3.93 -26.94 -6.73
CA GLY N 461 4.18 -25.58 -6.29
C GLY N 461 5.23 -25.54 -5.21
N THR N 474 3.14 -27.35 -2.22
CA THR N 474 1.81 -26.79 -2.00
C THR N 474 0.73 -27.88 -2.15
N VAL N 475 1.14 -29.04 -2.62
CA VAL N 475 0.39 -30.29 -2.53
C VAL N 475 -1.09 -30.14 -2.83
N GLU N 476 -1.43 -29.97 -4.09
CA GLU N 476 -2.80 -30.16 -4.52
C GLU N 476 -3.12 -31.66 -4.62
N ARG N 477 -4.41 -31.97 -4.67
CA ARG N 477 -4.96 -33.30 -4.49
C ARG N 477 -5.65 -33.75 -5.78
N LYS N 478 -5.09 -34.75 -6.44
CA LYS N 478 -5.50 -35.13 -7.80
C LYS N 478 -6.08 -36.54 -7.81
N LYS N 479 -7.08 -36.75 -8.66
CA LYS N 479 -7.81 -38.01 -8.75
C LYS N 479 -7.42 -38.78 -10.00
N VAL N 480 -7.01 -40.03 -9.82
CA VAL N 480 -6.63 -40.89 -10.93
C VAL N 480 -7.46 -42.16 -10.86
N GLY N 481 -7.83 -42.67 -12.00
CA GLY N 481 -8.47 -43.96 -12.11
C GLY N 481 -9.47 -43.91 -13.22
N ILE N 482 -10.24 -44.98 -13.37
CA ILE N 482 -11.30 -44.97 -14.36
C ILE N 482 -12.27 -43.84 -14.07
N MET N 483 -12.52 -43.00 -15.04
CA MET N 483 -13.44 -41.90 -14.86
C MET N 483 -14.28 -41.81 -16.10
N LEU N 484 -15.58 -41.63 -15.93
CA LEU N 484 -16.49 -41.52 -17.05
C LEU N 484 -17.44 -40.41 -16.69
N LYS N 485 -17.56 -39.41 -17.54
CA LYS N 485 -18.47 -38.30 -17.28
C LYS N 485 -19.24 -38.04 -18.54
N VAL N 486 -20.54 -38.27 -18.51
CA VAL N 486 -21.35 -38.29 -19.72
C VAL N 486 -22.63 -37.52 -19.45
N THR N 487 -23.18 -36.90 -20.48
CA THR N 487 -24.41 -36.11 -20.35
C THR N 487 -25.35 -36.25 -21.54
N PRO N 488 -26.17 -37.28 -21.56
CA PRO N 488 -26.91 -37.64 -22.76
C PRO N 488 -28.10 -36.75 -23.03
N GLN N 489 -28.55 -36.74 -24.28
CA GLN N 489 -29.87 -36.20 -24.58
C GLN N 489 -30.51 -37.01 -25.70
N ILE N 490 -31.74 -37.42 -25.50
CA ILE N 490 -32.38 -38.30 -26.47
C ILE N 490 -32.92 -37.47 -27.63
N ASN N 491 -32.52 -37.83 -28.84
CA ASN N 491 -32.80 -37.04 -30.03
C ASN N 491 -34.05 -37.47 -30.77
N GLU N 492 -34.86 -38.33 -30.20
CA GLU N 492 -36.23 -38.48 -30.68
C GLU N 492 -36.26 -39.22 -32.01
N GLY N 493 -35.13 -39.31 -32.68
CA GLY N 493 -35.02 -40.42 -33.59
C GLY N 493 -34.72 -41.71 -32.87
N ASN N 494 -34.79 -41.69 -31.54
CA ASN N 494 -34.36 -42.77 -30.66
C ASN N 494 -32.83 -42.95 -30.75
N ALA N 495 -32.10 -41.85 -30.60
CA ALA N 495 -30.65 -41.82 -30.73
C ALA N 495 -30.07 -40.89 -29.70
N VAL N 496 -29.04 -41.33 -28.99
CA VAL N 496 -28.76 -40.75 -27.69
C VAL N 496 -27.83 -39.51 -27.65
N GLN N 497 -26.89 -39.32 -28.55
CA GLN N 497 -26.13 -38.07 -28.48
C GLN N 497 -25.38 -37.81 -27.17
N MET N 498 -24.27 -38.48 -26.93
CA MET N 498 -23.49 -38.31 -25.72
C MET N 498 -22.64 -37.06 -25.78
N VAL N 499 -22.24 -36.58 -24.61
CA VAL N 499 -21.10 -35.69 -24.48
C VAL N 499 -20.24 -36.30 -23.40
N ILE N 500 -19.08 -36.81 -23.78
CA ILE N 500 -18.44 -37.84 -22.98
C ILE N 500 -16.99 -37.48 -22.73
N GLU N 501 -16.50 -37.77 -21.53
CA GLU N 501 -15.08 -37.73 -21.23
C GLU N 501 -14.71 -39.03 -20.56
N GLN N 502 -14.00 -39.88 -21.25
CA GLN N 502 -13.47 -41.09 -20.70
C GLN N 502 -12.06 -40.80 -20.22
N GLU N 503 -11.65 -41.46 -19.15
CA GLU N 503 -10.27 -41.34 -18.75
C GLU N 503 -9.85 -42.57 -17.99
N VAL N 504 -8.63 -43.02 -18.20
CA VAL N 504 -8.10 -44.15 -17.46
C VAL N 504 -6.69 -43.80 -17.05
N SER N 505 -6.46 -43.63 -15.76
CA SER N 505 -5.18 -43.20 -15.26
C SER N 505 -4.65 -44.21 -14.26
N LYS N 506 -3.37 -44.12 -13.97
CA LYS N 506 -2.82 -44.85 -12.84
C LYS N 506 -1.49 -44.20 -12.48
N VAL N 507 -1.06 -44.44 -11.26
CA VAL N 507 0.25 -43.96 -10.84
C VAL N 507 1.31 -44.91 -11.36
N GLU N 508 2.19 -44.41 -12.20
CA GLU N 508 3.34 -45.16 -12.64
C GLU N 508 4.58 -44.43 -12.18
N GLY N 509 5.70 -45.14 -12.12
CA GLY N 509 6.70 -44.72 -11.17
C GLY N 509 7.34 -43.37 -11.36
N GLN N 510 7.14 -42.52 -10.34
CA GLN N 510 7.98 -41.39 -9.95
C GLN N 510 8.50 -40.49 -11.06
N THR N 511 9.62 -39.85 -10.73
CA THR N 511 10.43 -38.95 -11.53
C THR N 511 11.37 -38.37 -10.47
N SER N 512 12.26 -37.47 -10.83
CA SER N 512 13.03 -36.81 -9.79
C SER N 512 12.12 -36.27 -8.69
N LEU N 513 11.29 -35.30 -9.01
CA LEU N 513 10.59 -34.50 -8.02
C LEU N 513 9.14 -34.88 -7.74
N ASP N 514 8.57 -35.88 -8.40
CA ASP N 514 7.16 -36.21 -8.20
C ASP N 514 6.80 -37.56 -8.79
N VAL N 515 5.49 -37.83 -8.82
CA VAL N 515 4.90 -38.99 -9.48
C VAL N 515 4.47 -38.62 -10.88
N VAL N 516 4.73 -39.53 -11.80
CA VAL N 516 4.19 -39.44 -13.14
C VAL N 516 2.97 -40.34 -13.18
N PHE N 517 1.93 -39.94 -13.90
CA PHE N 517 0.73 -40.76 -14.02
C PHE N 517 0.61 -41.26 -15.44
N GLY N 518 0.46 -42.56 -15.59
CA GLY N 518 0.02 -43.03 -16.88
C GLY N 518 -1.37 -42.48 -17.09
N GLU N 519 -1.67 -41.95 -18.26
CA GLU N 519 -2.99 -41.37 -18.47
C GLU N 519 -3.40 -41.55 -19.91
N ARG N 520 -4.61 -42.00 -20.14
CA ARG N 520 -5.16 -42.01 -21.49
C ARG N 520 -6.59 -41.57 -21.44
N LYS N 521 -6.91 -40.47 -22.10
CA LYS N 521 -8.26 -39.97 -22.02
C LYS N 521 -8.70 -39.46 -23.36
N LEU N 522 -10.00 -39.47 -23.57
CA LEU N 522 -10.54 -38.90 -24.79
C LEU N 522 -11.85 -38.23 -24.47
N LYS N 523 -12.03 -37.01 -24.93
CA LYS N 523 -13.28 -36.32 -24.72
C LYS N 523 -13.80 -35.81 -26.04
N THR N 524 -14.95 -36.32 -26.44
CA THR N 524 -15.49 -36.18 -27.75
C THR N 524 -16.98 -35.92 -27.61
N THR N 525 -17.70 -35.96 -28.71
CA THR N 525 -19.15 -35.94 -28.70
C THR N 525 -19.62 -36.89 -29.77
N VAL N 526 -20.40 -37.89 -29.41
CA VAL N 526 -20.78 -38.91 -30.36
C VAL N 526 -22.28 -38.97 -30.41
N LEU N 527 -22.79 -39.63 -31.42
CA LEU N 527 -24.22 -39.77 -31.64
C LEU N 527 -24.48 -41.23 -31.87
N ALA N 528 -25.16 -41.88 -30.94
CA ALA N 528 -25.30 -43.32 -30.98
C ALA N 528 -26.76 -43.71 -30.99
N ASN N 529 -27.10 -44.76 -31.72
CA ASN N 529 -28.46 -45.26 -31.70
C ASN N 529 -28.79 -45.87 -30.36
N ASP N 530 -30.08 -46.08 -30.14
CA ASP N 530 -30.59 -46.49 -28.84
C ASP N 530 -29.84 -47.68 -28.29
N GLY N 531 -29.80 -48.78 -29.03
CA GLY N 531 -29.26 -49.97 -28.43
C GLY N 531 -27.92 -50.40 -28.98
N GLU N 532 -27.25 -49.53 -29.70
CA GLU N 532 -26.15 -49.94 -30.55
C GLU N 532 -24.87 -49.24 -30.18
N LEU N 533 -23.79 -49.76 -30.72
CA LEU N 533 -22.44 -49.64 -30.18
C LEU N 533 -21.61 -48.79 -31.12
N ILE N 534 -21.16 -47.65 -30.66
CA ILE N 534 -20.34 -46.78 -31.49
C ILE N 534 -18.95 -46.72 -30.89
N VAL N 535 -17.93 -46.61 -31.73
CA VAL N 535 -16.55 -46.58 -31.30
C VAL N 535 -16.12 -45.15 -31.06
N LEU N 536 -15.63 -44.86 -29.86
CA LEU N 536 -15.17 -43.52 -29.57
C LEU N 536 -13.77 -43.25 -30.06
N GLY N 537 -12.87 -44.19 -29.90
CA GLY N 537 -11.47 -43.86 -30.01
C GLY N 537 -10.68 -45.12 -30.20
N GLY N 538 -9.38 -45.00 -30.06
CA GLY N 538 -8.57 -46.16 -30.28
C GLY N 538 -7.15 -45.80 -30.55
N LEU N 539 -6.32 -46.82 -30.59
CA LEU N 539 -4.92 -46.67 -30.91
C LEU N 539 -4.47 -48.02 -31.43
N MET N 540 -3.52 -48.02 -32.33
CA MET N 540 -2.91 -49.26 -32.76
C MET N 540 -1.45 -48.95 -32.88
N ASP N 541 -0.58 -49.65 -32.19
CA ASP N 541 0.79 -49.21 -32.11
C ASP N 541 1.71 -50.38 -32.29
N ASP N 542 2.54 -50.36 -33.32
CA ASP N 542 3.48 -51.43 -33.58
C ASP N 542 4.89 -50.90 -33.52
N GLN N 543 5.85 -51.78 -33.30
CA GLN N 543 7.24 -51.43 -33.40
C GLN N 543 7.97 -52.69 -33.80
N ALA N 544 9.03 -52.54 -34.57
CA ALA N 544 9.98 -53.62 -34.70
C ALA N 544 11.36 -53.02 -34.64
N GLY N 545 12.06 -53.22 -33.59
CA GLY N 545 13.41 -52.74 -33.52
C GLY N 545 14.37 -53.75 -34.06
N GLU N 546 15.62 -53.36 -34.14
CA GLU N 546 16.70 -54.31 -34.33
C GLU N 546 17.98 -53.61 -33.97
N SER N 547 19.02 -54.39 -33.79
CA SER N 547 20.34 -53.87 -33.57
C SER N 547 21.31 -54.96 -33.97
N VAL N 548 22.56 -54.59 -34.14
CA VAL N 548 23.56 -55.62 -34.35
C VAL N 548 24.87 -54.98 -33.99
N ALA N 549 25.89 -55.79 -33.80
CA ALA N 549 27.24 -55.30 -33.68
C ALA N 549 28.10 -56.41 -34.20
N LYS N 550 29.24 -56.09 -34.77
CA LYS N 550 30.10 -57.14 -35.25
C LYS N 550 31.50 -56.60 -35.45
N VAL N 551 32.37 -57.42 -36.01
CA VAL N 551 33.79 -57.11 -36.02
C VAL N 551 34.36 -55.98 -36.88
N PRO N 552 33.87 -55.71 -38.10
CA PRO N 552 32.98 -56.05 -39.20
C PRO N 552 33.24 -57.18 -40.13
N LEU N 553 34.49 -57.42 -40.52
CA LEU N 553 34.68 -58.18 -41.73
C LEU N 553 34.33 -59.66 -41.50
N LEU N 554 34.54 -60.15 -40.30
CA LEU N 554 34.29 -61.55 -39.96
C LEU N 554 32.83 -61.83 -39.67
N GLY N 555 32.05 -60.83 -39.33
CA GLY N 555 30.66 -61.09 -39.06
C GLY N 555 29.83 -61.46 -40.25
N ASP N 556 30.41 -61.44 -41.46
CA ASP N 556 29.64 -61.72 -42.65
C ASP N 556 29.79 -63.14 -43.18
N ILE N 557 30.65 -63.96 -42.59
CA ILE N 557 30.73 -65.33 -43.08
C ILE N 557 29.39 -66.02 -42.82
N PRO N 558 28.82 -66.75 -43.78
CA PRO N 558 27.45 -67.23 -43.61
C PRO N 558 27.29 -68.31 -42.55
N LEU N 559 28.35 -68.97 -42.13
CA LEU N 559 28.27 -69.99 -41.09
C LEU N 559 28.79 -69.48 -39.76
N ILE N 560 30.08 -69.16 -39.70
CA ILE N 560 30.76 -68.88 -38.44
C ILE N 560 30.63 -67.41 -38.12
N GLY N 561 29.86 -66.69 -38.93
CA GLY N 561 29.62 -65.30 -38.62
C GLY N 561 29.08 -65.10 -37.22
N ASN N 562 28.13 -65.95 -36.81
CA ASN N 562 27.42 -65.74 -35.56
C ASN N 562 28.32 -65.75 -34.35
N LEU N 563 29.55 -66.21 -34.47
CA LEU N 563 30.43 -66.16 -33.32
C LEU N 563 30.86 -64.74 -33.01
N PHE N 564 30.87 -63.87 -34.02
CA PHE N 564 31.38 -62.53 -33.88
C PHE N 564 30.33 -61.45 -33.73
N LYS N 565 29.05 -61.78 -33.67
CA LYS N 565 27.96 -60.82 -33.69
C LYS N 565 27.27 -60.75 -32.36
N SER N 566 26.59 -59.65 -32.12
CA SER N 566 25.65 -59.55 -31.00
C SER N 566 24.40 -58.87 -31.49
N THR N 567 23.28 -59.56 -31.43
CA THR N 567 22.04 -59.08 -32.02
C THR N 567 21.01 -58.83 -30.93
N ALA N 568 20.13 -57.87 -31.15
CA ALA N 568 18.99 -57.67 -30.28
C ALA N 568 17.79 -57.31 -31.12
N ASP N 569 16.71 -58.06 -31.01
CA ASP N 569 15.52 -57.78 -31.78
C ASP N 569 14.40 -57.41 -30.85
N LYS N 570 13.38 -56.78 -31.40
CA LYS N 570 12.28 -56.38 -30.56
C LYS N 570 11.06 -56.31 -31.43
N LYS N 571 9.91 -56.60 -30.86
CA LYS N 571 8.65 -56.51 -31.56
C LYS N 571 7.63 -56.18 -30.50
N GLU N 572 6.65 -55.37 -30.85
CA GLU N 572 5.77 -54.89 -29.82
C GLU N 572 4.47 -54.53 -30.48
N LYS N 573 3.38 -54.61 -29.74
CA LYS N 573 2.12 -54.30 -30.36
C LYS N 573 1.14 -53.89 -29.27
N ARG N 574 0.18 -53.07 -29.62
CA ARG N 574 -0.80 -52.64 -28.65
C ARG N 574 -2.06 -52.25 -29.40
N ASN N 575 -3.19 -52.45 -28.77
CA ASN N 575 -4.44 -52.03 -29.38
C ASN N 575 -5.33 -51.52 -28.28
N LEU N 576 -5.82 -50.30 -28.39
CA LEU N 576 -6.91 -49.86 -27.57
C LEU N 576 -8.16 -49.72 -28.40
N MET N 577 -9.27 -49.83 -27.75
CA MET N 577 -10.51 -49.39 -28.32
C MET N 577 -11.35 -48.92 -27.17
N VAL N 578 -12.23 -47.98 -27.42
CA VAL N 578 -13.22 -47.59 -26.46
C VAL N 578 -14.54 -47.58 -27.20
N PHE N 579 -15.52 -48.26 -26.67
CA PHE N 579 -16.81 -48.33 -27.31
C PHE N 579 -17.81 -47.73 -26.37
N ILE N 580 -19.00 -47.43 -26.85
CA ILE N 580 -20.01 -47.00 -25.92
C ILE N 580 -21.34 -47.48 -26.42
N ARG N 581 -22.14 -48.03 -25.53
CA ARG N 581 -23.49 -48.47 -25.86
C ARG N 581 -24.52 -47.75 -25.01
N PRO N 582 -25.31 -46.85 -25.55
CA PRO N 582 -26.42 -46.29 -24.80
C PRO N 582 -27.59 -47.26 -24.72
N THR N 583 -28.49 -46.98 -23.80
CA THR N 583 -29.74 -47.69 -23.71
C THR N 583 -30.75 -46.73 -23.11
N ILE N 584 -31.97 -46.74 -23.61
CA ILE N 584 -32.97 -45.78 -23.19
C ILE N 584 -34.00 -46.51 -22.36
N LEU N 585 -34.23 -46.02 -21.16
CA LEU N 585 -35.20 -46.58 -20.25
C LEU N 585 -36.35 -45.58 -20.18
N ARG N 586 -37.47 -45.89 -20.83
CA ARG N 586 -38.58 -44.96 -20.92
C ARG N 586 -39.68 -45.30 -19.92
N ASP N 587 -40.24 -46.50 -20.04
CA ASP N 587 -41.28 -46.93 -19.13
C ASP N 587 -40.72 -47.02 -17.71
N GLY N 588 -41.62 -46.95 -16.75
CA GLY N 588 -41.26 -47.41 -15.42
C GLY N 588 -40.84 -48.86 -15.41
N MET N 589 -41.35 -49.64 -16.37
CA MET N 589 -40.97 -51.04 -16.50
C MET N 589 -39.66 -51.23 -17.23
N ALA N 590 -39.21 -50.23 -17.99
CA ALA N 590 -37.95 -50.35 -18.69
C ALA N 590 -36.77 -50.23 -17.74
N ALA N 591 -36.91 -49.43 -16.68
CA ALA N 591 -35.84 -49.28 -15.70
C ALA N 591 -35.63 -50.55 -14.91
N ASP N 592 -36.67 -51.36 -14.77
CA ASP N 592 -36.60 -52.59 -14.00
C ASP N 592 -36.24 -53.78 -14.87
N GLY N 593 -36.14 -53.60 -16.19
CA GLY N 593 -35.66 -54.67 -17.04
C GLY N 593 -34.16 -54.75 -17.07
N VAL N 594 -33.51 -53.59 -17.16
CA VAL N 594 -32.05 -53.57 -17.13
C VAL N 594 -31.53 -53.77 -15.72
N SER N 595 -32.10 -53.04 -14.77
CA SER N 595 -31.56 -53.13 -13.42
C SER N 595 -31.94 -54.42 -12.73
N GLN N 596 -32.89 -55.17 -13.25
CA GLN N 596 -33.14 -56.47 -12.66
C GLN N 596 -32.23 -57.54 -13.20
N ARG N 597 -31.75 -57.43 -14.42
CA ARG N 597 -30.87 -58.46 -14.90
C ARG N 597 -29.45 -58.28 -14.43
N LYS N 598 -29.02 -57.05 -14.16
CA LYS N 598 -27.72 -56.88 -13.53
C LYS N 598 -27.76 -57.27 -12.06
N TYR N 599 -28.91 -57.18 -11.42
CA TYR N 599 -29.02 -57.67 -10.06
C TYR N 599 -28.87 -59.18 -10.04
N ASN N 600 -29.71 -59.88 -10.79
CA ASN N 600 -29.61 -61.32 -10.84
C ASN N 600 -28.28 -61.80 -11.41
N TYR N 601 -27.50 -60.93 -12.01
CA TYR N 601 -26.16 -61.32 -12.41
C TYR N 601 -25.18 -61.26 -11.25
N MET N 602 -25.26 -60.22 -10.42
CA MET N 602 -24.41 -60.16 -9.24
C MET N 602 -24.83 -61.17 -8.22
N ARG N 603 -26.11 -61.47 -8.13
CA ARG N 603 -26.54 -62.42 -7.13
C ARG N 603 -26.18 -63.83 -7.53
N ALA N 604 -25.86 -64.06 -8.79
CA ALA N 604 -25.37 -65.36 -9.18
C ALA N 604 -23.86 -65.46 -9.10
N GLU N 605 -23.17 -64.35 -8.95
CA GLU N 605 -21.76 -64.40 -8.58
C GLU N 605 -21.61 -64.74 -7.11
N GLN N 606 -22.45 -64.16 -6.27
CA GLN N 606 -22.34 -64.36 -4.84
C GLN N 606 -22.89 -65.70 -4.40
N ILE N 607 -23.69 -66.36 -5.22
CA ILE N 607 -24.08 -67.71 -4.90
C ILE N 607 -22.99 -68.69 -5.29
N TYR N 608 -22.39 -68.50 -6.45
CA TYR N 608 -21.31 -69.39 -6.84
C TYR N 608 -20.08 -69.18 -5.99
N ARG N 609 -19.87 -67.96 -5.52
CA ARG N 609 -18.84 -67.72 -4.50
C ARG N 609 -19.20 -68.40 -3.20
N ASP N 610 -20.48 -68.55 -2.92
CA ASP N 610 -20.95 -69.18 -1.69
C ASP N 610 -20.95 -70.69 -1.81
N GLU N 611 -21.36 -71.23 -2.96
CA GLU N 611 -21.41 -72.68 -3.11
C GLU N 611 -20.06 -73.33 -2.82
N GLN N 612 -18.98 -72.68 -3.22
CA GLN N 612 -17.65 -73.11 -2.82
C GLN N 612 -17.24 -72.20 -1.67
N GLY N 613 -17.30 -72.73 -0.46
CA GLY N 613 -17.35 -71.89 0.70
C GLY N 613 -16.00 -71.35 1.08
N LEU N 614 -15.98 -70.66 2.19
CA LEU N 614 -14.73 -70.44 2.89
C LEU N 614 -14.21 -71.79 3.32
N SER N 615 -12.99 -72.13 2.93
CA SER N 615 -12.57 -73.52 2.99
C SER N 615 -12.22 -73.93 4.42
N LEU N 616 -11.58 -73.05 5.17
CA LEU N 616 -11.22 -73.41 6.54
C LEU N 616 -12.43 -73.42 7.45
N MET N 617 -13.24 -72.36 7.41
CA MET N 617 -14.45 -72.35 8.19
C MET N 617 -15.63 -72.77 7.35
N PRO N 618 -16.15 -73.99 7.51
CA PRO N 618 -17.51 -74.21 7.04
C PRO N 618 -18.48 -73.99 8.19
N HIS N 619 -19.78 -74.01 7.95
CA HIS N 619 -20.31 -73.76 6.63
C HIS N 619 -20.28 -72.25 6.45
N THR N 620 -20.79 -71.56 7.47
CA THR N 620 -20.53 -70.14 7.70
C THR N 620 -20.93 -69.28 6.50
N ALA N 621 -22.24 -69.18 6.31
CA ALA N 621 -22.86 -67.98 5.76
C ALA N 621 -22.23 -67.50 4.46
N GLN N 622 -21.60 -66.33 4.54
CA GLN N 622 -21.02 -65.47 3.51
C GLN N 622 -22.12 -64.63 2.90
N PRO N 623 -21.86 -63.37 2.55
CA PRO N 623 -22.97 -62.50 2.14
C PRO N 623 -23.48 -62.88 0.78
N VAL N 624 -24.79 -62.96 0.66
CA VAL N 624 -25.45 -63.11 -0.62
C VAL N 624 -26.56 -62.08 -0.66
N LEU N 625 -26.90 -61.72 -1.77
CA LEU N 625 -27.76 -60.57 -1.98
C LEU N 625 -29.21 -61.05 -2.02
N PRO N 626 -30.13 -60.36 -1.34
CA PRO N 626 -31.47 -60.92 -1.15
C PRO N 626 -32.14 -61.24 -2.47
N ALA N 627 -32.99 -62.26 -2.45
CA ALA N 627 -33.69 -62.65 -3.66
C ALA N 627 -34.75 -61.62 -4.01
N GLN N 628 -35.20 -61.66 -5.25
CA GLN N 628 -36.36 -60.88 -5.69
C GLN N 628 -37.55 -61.81 -5.86
N ASN N 629 -38.72 -61.33 -5.43
CA ASN N 629 -39.93 -62.13 -5.41
C ASN N 629 -39.74 -63.38 -4.54
N GLN N 630 -39.30 -63.14 -3.30
CA GLN N 630 -39.19 -64.22 -2.33
C GLN N 630 -40.51 -64.93 -2.09
N ALA N 631 -41.62 -64.28 -2.38
CA ALA N 631 -42.98 -64.73 -2.04
C ALA N 631 -43.04 -64.93 -0.52
N LEU N 632 -43.69 -65.95 -0.06
CA LEU N 632 -43.99 -66.12 1.36
C LEU N 632 -43.08 -67.15 1.99
N PRO N 633 -42.50 -66.84 3.15
CA PRO N 633 -41.76 -67.88 3.87
C PRO N 633 -42.64 -69.06 4.16
N PRO N 634 -42.04 -70.24 4.39
CA PRO N 634 -42.87 -71.45 4.54
C PRO N 634 -43.81 -71.38 5.71
N GLU N 635 -43.41 -70.80 6.84
CA GLU N 635 -44.31 -70.76 7.98
C GLU N 635 -45.37 -69.68 7.83
N VAL N 636 -45.04 -68.58 7.16
CA VAL N 636 -46.06 -67.58 6.85
C VAL N 636 -47.08 -68.18 5.91
N ARG N 637 -46.67 -69.13 5.09
CA ARG N 637 -47.58 -69.79 4.16
C ARG N 637 -48.75 -70.43 4.89
N ALA N 638 -48.45 -71.15 5.97
CA ALA N 638 -49.49 -71.87 6.70
C ALA N 638 -50.49 -70.93 7.37
N PHE N 639 -50.03 -69.80 7.91
CA PHE N 639 -50.92 -68.87 8.59
C PHE N 639 -52.09 -68.44 7.73
N LEU N 640 -51.88 -68.38 6.41
CA LEU N 640 -52.98 -68.11 5.50
C LEU N 640 -54.00 -69.25 5.49
N ASN N 641 -53.49 -70.48 5.50
CA ASN N 641 -54.36 -71.64 5.35
C ASN N 641 -55.20 -71.91 6.59
N ALA N 642 -54.99 -71.19 7.68
CA ALA N 642 -55.86 -71.32 8.84
C ALA N 642 -56.91 -70.22 8.82
N GLY N 643 -56.48 -68.98 9.09
CA GLY N 643 -57.39 -67.86 9.16
C GLY N 643 -58.02 -67.50 7.83
N GLY O 100 -99.28 49.52 17.89
CA GLY O 100 -100.21 50.03 16.90
C GLY O 100 -99.59 51.12 16.04
N ASP O 101 -100.17 52.32 16.15
CA ASP O 101 -99.65 53.51 15.47
C ASP O 101 -98.73 54.33 16.35
N GLU O 102 -98.46 53.88 17.57
CA GLU O 102 -97.64 54.65 18.50
C GLU O 102 -96.21 54.76 18.00
N MET O 103 -95.72 55.99 17.90
CA MET O 103 -94.35 56.25 17.47
C MET O 103 -93.41 56.09 18.65
N VAL O 104 -92.49 55.12 18.55
CA VAL O 104 -91.49 54.84 19.58
C VAL O 104 -90.20 54.37 18.93
N THR O 105 -89.14 54.30 19.72
CA THR O 105 -87.90 53.63 19.35
C THR O 105 -87.77 52.33 20.15
N LYS O 106 -87.12 51.33 19.56
CA LYS O 106 -86.93 50.05 20.22
C LYS O 106 -85.55 49.51 19.91
N VAL O 107 -85.05 48.66 20.83
CA VAL O 107 -83.73 48.05 20.74
C VAL O 107 -83.90 46.58 20.43
N VAL O 108 -83.33 46.15 19.31
CA VAL O 108 -83.28 44.73 18.95
C VAL O 108 -81.85 44.27 18.81
N PRO O 109 -81.33 43.47 19.74
CA PRO O 109 -80.04 42.81 19.51
C PRO O 109 -80.18 41.67 18.52
N VAL O 110 -79.28 41.63 17.54
CA VAL O 110 -79.24 40.55 16.56
C VAL O 110 -77.99 39.75 16.84
N ARG O 111 -78.16 38.54 17.38
CA ARG O 111 -77.05 37.76 17.90
C ARG O 111 -76.44 36.87 16.82
N ASN O 112 -77.15 35.80 16.44
CA ASN O 112 -76.60 34.83 15.51
C ASN O 112 -76.60 35.31 14.07
N VAL O 113 -77.54 36.19 13.71
CA VAL O 113 -77.78 36.57 12.33
C VAL O 113 -76.87 37.73 11.95
N SER O 114 -76.36 37.72 10.73
CA SER O 114 -75.70 38.91 10.21
C SER O 114 -76.74 40.00 10.01
N VAL O 115 -76.52 41.16 10.63
CA VAL O 115 -77.54 42.21 10.65
C VAL O 115 -77.88 42.68 9.25
N ARG O 116 -76.95 42.59 8.31
CA ARG O 116 -77.26 42.99 6.94
C ARG O 116 -77.91 41.87 6.15
N GLU O 117 -77.89 40.63 6.65
CA GLU O 117 -78.72 39.61 6.03
C GLU O 117 -80.18 40.00 6.07
N LEU O 118 -80.56 40.78 7.07
CA LEU O 118 -81.93 41.21 7.29
C LEU O 118 -82.26 42.51 6.59
N ALA O 119 -81.35 43.03 5.78
CA ALA O 119 -81.64 44.21 4.97
C ALA O 119 -82.94 44.08 4.18
N PRO O 120 -83.18 43.00 3.42
CA PRO O 120 -84.41 42.97 2.61
C PRO O 120 -85.70 43.00 3.42
N ILE O 121 -85.82 42.12 4.41
CA ILE O 121 -87.14 41.85 4.97
C ILE O 121 -87.57 42.93 5.95
N LEU O 122 -86.61 43.58 6.62
CA LEU O 122 -86.94 44.62 7.56
C LEU O 122 -87.29 45.91 6.84
N ARG O 123 -86.55 46.22 5.77
CA ARG O 123 -86.82 47.42 5.00
C ARG O 123 -87.99 47.23 4.04
N GLN O 124 -88.19 46.00 3.54
CA GLN O 124 -89.36 45.74 2.71
C GLN O 124 -90.64 45.87 3.51
N MET O 125 -90.57 45.79 4.84
CA MET O 125 -91.73 46.07 5.66
C MET O 125 -92.10 47.55 5.60
N ILE O 126 -91.10 48.42 5.49
CA ILE O 126 -91.31 49.86 5.38
C ILE O 126 -92.12 50.18 4.13
N ASP O 127 -92.00 49.36 3.09
CA ASP O 127 -92.89 49.45 1.94
C ASP O 127 -94.35 49.33 2.36
N SER O 128 -94.66 48.28 3.12
CA SER O 128 -96.00 48.05 3.63
C SER O 128 -96.30 48.91 4.85
N ALA O 129 -95.32 49.07 5.75
CA ALA O 129 -95.55 49.85 6.96
C ALA O 129 -95.71 51.33 6.67
N GLY O 130 -95.06 51.83 5.61
CA GLY O 130 -95.10 53.24 5.32
C GLY O 130 -94.08 54.04 6.09
N SER O 131 -94.47 55.25 6.51
CA SER O 131 -93.54 56.17 7.16
C SER O 131 -93.45 55.88 8.66
N GLY O 132 -92.60 56.65 9.34
CA GLY O 132 -92.46 56.59 10.77
C GLY O 132 -91.54 55.52 11.29
N ASN O 133 -91.28 54.47 10.51
CA ASN O 133 -90.48 53.34 10.96
C ASN O 133 -89.11 53.36 10.28
N VAL O 134 -88.07 53.12 11.09
CA VAL O 134 -86.70 53.12 10.62
C VAL O 134 -86.01 51.87 11.14
N VAL O 135 -85.23 51.23 10.28
CA VAL O 135 -84.48 50.03 10.62
C VAL O 135 -83.00 50.34 10.42
N ASN O 136 -82.20 50.05 11.44
CA ASN O 136 -80.79 50.42 11.49
C ASN O 136 -79.94 49.16 11.56
N TYR O 137 -78.93 49.09 10.71
CA TYR O 137 -78.08 47.91 10.60
C TYR O 137 -76.66 48.28 11.05
N ASP O 138 -76.26 47.80 12.22
CA ASP O 138 -74.95 48.15 12.72
C ASP O 138 -74.04 46.94 12.72
N PRO O 139 -72.87 47.01 12.06
CA PRO O 139 -71.95 45.85 12.05
C PRO O 139 -71.49 45.41 13.43
N SER O 140 -71.70 46.22 14.47
CA SER O 140 -71.54 45.76 15.84
C SER O 140 -72.63 44.77 16.21
N ASN O 141 -73.50 44.43 15.25
CA ASN O 141 -74.43 43.31 15.31
C ASN O 141 -75.59 43.53 16.27
N VAL O 142 -76.22 44.70 16.16
CA VAL O 142 -77.60 44.88 16.56
C VAL O 142 -78.33 45.59 15.44
N ILE O 143 -79.66 45.59 15.53
CA ILE O 143 -80.51 46.28 14.57
C ILE O 143 -81.48 47.17 15.34
N MET O 144 -81.35 48.48 15.15
CA MET O 144 -82.13 49.48 15.88
C MET O 144 -83.42 49.78 15.12
N LEU O 145 -84.55 49.48 15.75
CA LEU O 145 -85.86 49.70 15.15
C LEU O 145 -86.50 50.91 15.83
N THR O 146 -86.77 51.94 15.06
CA THR O 146 -87.43 53.15 15.56
C THR O 146 -88.65 53.39 14.71
N GLY O 147 -89.83 53.31 15.32
CA GLY O 147 -91.05 53.54 14.57
C GLY O 147 -92.27 53.09 15.33
N ARG O 148 -93.33 52.81 14.57
CA ARG O 148 -94.62 52.48 15.17
C ARG O 148 -94.58 51.12 15.84
N ALA O 149 -94.95 51.09 17.12
CA ALA O 149 -94.67 49.95 18.00
C ALA O 149 -95.28 48.65 17.52
N SER O 150 -96.23 48.68 16.58
CA SER O 150 -96.75 47.42 16.05
C SER O 150 -95.83 46.82 15.00
N VAL O 151 -95.30 47.65 14.10
CA VAL O 151 -94.48 47.11 13.02
C VAL O 151 -93.10 46.71 13.54
N VAL O 152 -92.55 47.48 14.49
CA VAL O 152 -91.33 47.05 15.13
C VAL O 152 -91.56 45.75 15.89
N GLU O 153 -92.76 45.59 16.45
CA GLU O 153 -93.10 44.39 17.21
C GLU O 153 -92.81 43.14 16.39
N ARG O 154 -93.31 43.10 15.15
CA ARG O 154 -93.06 41.96 14.28
C ARG O 154 -91.57 41.75 14.03
N LEU O 155 -90.83 42.84 13.87
CA LEU O 155 -89.42 42.68 13.55
C LEU O 155 -88.57 42.43 14.80
N THR O 156 -89.13 42.60 15.99
CA THR O 156 -88.64 41.87 17.15
C THR O 156 -89.13 40.43 17.13
N GLU O 157 -90.34 40.21 16.62
CA GLU O 157 -90.83 38.85 16.43
C GLU O 157 -90.06 38.11 15.36
N VAL O 158 -90.02 38.67 14.14
CA VAL O 158 -89.42 37.97 13.01
C VAL O 158 -87.98 37.59 13.32
N ILE O 159 -87.15 38.59 13.61
CA ILE O 159 -85.71 38.35 13.72
C ILE O 159 -85.43 37.33 14.82
N GLN O 160 -85.91 37.61 16.03
CA GLN O 160 -85.61 36.73 17.16
C GLN O 160 -86.31 35.38 17.06
N ARG O 161 -87.25 35.23 16.13
CA ARG O 161 -87.67 33.93 15.64
C ARG O 161 -86.74 33.41 14.54
N VAL O 162 -86.35 34.28 13.60
CA VAL O 162 -85.39 33.87 12.58
C VAL O 162 -84.02 33.63 13.19
N ASP O 163 -83.65 34.43 14.19
CA ASP O 163 -82.39 34.22 14.88
C ASP O 163 -82.34 32.86 15.56
N HIS O 164 -83.51 32.25 15.79
CA HIS O 164 -83.57 30.87 16.23
C HIS O 164 -83.22 29.90 15.11
N ALA O 165 -83.62 30.23 13.87
CA ALA O 165 -83.51 29.29 12.77
C ALA O 165 -82.07 28.90 12.50
N GLY O 166 -81.16 29.87 12.54
CA GLY O 166 -79.78 29.58 12.22
C GLY O 166 -78.95 29.17 13.43
N ASN O 167 -79.61 28.69 14.47
CA ASN O 167 -78.93 28.40 15.73
C ASN O 167 -77.92 27.27 15.56
N ARG O 168 -76.68 27.53 15.96
CA ARG O 168 -75.57 26.60 15.73
C ARG O 168 -74.88 26.32 17.04
N THR O 169 -74.99 25.09 17.53
CA THR O 169 -74.41 24.66 18.79
C THR O 169 -73.53 23.45 18.53
N GLU O 170 -72.55 23.24 19.40
CA GLU O 170 -71.55 22.21 19.21
C GLU O 170 -71.61 21.20 20.33
N GLU O 171 -71.20 19.97 20.02
CA GLU O 171 -71.29 18.88 20.98
C GLU O 171 -70.18 17.89 20.71
N VAL O 172 -69.71 17.25 21.78
CA VAL O 172 -68.60 16.33 21.72
C VAL O 172 -69.15 14.93 21.85
N ILE O 173 -69.01 14.13 20.80
CA ILE O 173 -69.49 12.76 20.76
C ILE O 173 -68.29 11.84 20.94
N PRO O 174 -68.21 11.07 22.02
CA PRO O 174 -67.08 10.17 22.20
C PRO O 174 -67.11 9.01 21.22
N LEU O 175 -65.96 8.36 21.08
CA LEU O 175 -65.82 7.21 20.19
C LEU O 175 -65.11 6.09 20.94
N ASP O 176 -65.81 4.98 21.14
CA ASP O 176 -65.27 3.87 21.91
C ASP O 176 -64.35 2.97 21.10
N ASN O 177 -64.62 2.80 19.81
CA ASN O 177 -63.86 1.85 19.00
C ASN O 177 -63.04 2.54 17.93
N ALA O 178 -63.67 3.21 16.97
CA ALA O 178 -62.94 3.78 15.86
C ALA O 178 -62.11 4.97 16.32
N SER O 179 -61.09 5.29 15.54
CA SER O 179 -60.28 6.47 15.80
C SER O 179 -61.03 7.71 15.37
N ALA O 180 -60.98 8.75 16.20
CA ALA O 180 -61.65 9.98 15.84
C ALA O 180 -61.02 10.65 14.63
N SER O 181 -59.76 10.37 14.34
CA SER O 181 -59.11 11.03 13.21
C SER O 181 -59.55 10.44 11.88
N GLU O 182 -59.83 9.13 11.82
CA GLU O 182 -60.44 8.58 10.61
C GLU O 182 -61.80 9.19 10.37
N ILE O 183 -62.71 9.02 11.33
CA ILE O 183 -64.08 9.50 11.21
C ILE O 183 -64.13 10.98 10.84
N ALA O 184 -63.11 11.73 11.23
CA ALA O 184 -63.06 13.13 10.83
C ALA O 184 -62.67 13.30 9.37
N ARG O 185 -61.92 12.37 8.79
CA ARG O 185 -61.67 12.45 7.35
C ARG O 185 -62.83 11.90 6.55
N VAL O 186 -63.40 10.78 6.98
CA VAL O 186 -64.51 10.18 6.26
C VAL O 186 -65.70 11.14 6.21
N LEU O 187 -66.18 11.54 7.39
CA LEU O 187 -67.37 12.38 7.43
C LEU O 187 -67.17 13.72 6.76
N GLU O 188 -65.93 14.15 6.58
CA GLU O 188 -65.65 15.38 5.85
C GLU O 188 -65.38 15.13 4.37
N SER O 189 -65.26 13.87 3.96
CA SER O 189 -65.17 13.59 2.54
C SER O 189 -66.54 13.56 1.89
N LEU O 190 -67.60 13.46 2.68
CA LEU O 190 -68.95 13.50 2.12
C LEU O 190 -69.36 14.92 1.77
N THR O 191 -68.80 15.91 2.46
CA THR O 191 -69.25 17.27 2.30
C THR O 191 -68.14 18.30 2.48
N GLN O 205 -69.29 21.05 9.63
CA GLN O 205 -67.99 21.20 10.29
C GLN O 205 -67.74 20.11 11.31
N ILE O 206 -66.63 19.39 11.14
CA ILE O 206 -66.23 18.32 12.04
C ILE O 206 -64.76 18.46 12.36
N VAL O 207 -64.44 18.49 13.64
CA VAL O 207 -63.07 18.51 14.13
C VAL O 207 -62.93 17.42 15.17
N ALA O 208 -61.84 16.66 15.09
CA ALA O 208 -61.61 15.53 15.98
C ALA O 208 -60.63 15.91 17.08
N ASP O 209 -60.93 15.47 18.30
CA ASP O 209 -60.06 15.68 19.44
C ASP O 209 -59.32 14.38 19.73
N GLU O 210 -58.00 14.44 19.73
CA GLU O 210 -57.19 13.22 19.83
C GLU O 210 -57.26 12.63 21.23
N ARG O 211 -57.03 13.45 22.25
CA ARG O 211 -56.81 12.95 23.60
C ARG O 211 -57.96 12.09 24.08
N THR O 212 -59.16 12.66 24.13
CA THR O 212 -60.32 11.93 24.61
C THR O 212 -60.92 11.02 23.56
N ASN O 213 -60.36 11.01 22.35
CA ASN O 213 -60.88 10.21 21.25
C ASN O 213 -62.35 10.52 21.02
N SER O 214 -62.60 11.76 20.60
CA SER O 214 -63.95 12.26 20.50
C SER O 214 -64.02 13.26 19.39
N VAL O 215 -65.18 13.33 18.74
CA VAL O 215 -65.38 14.15 17.56
C VAL O 215 -66.25 15.34 17.94
N ILE O 216 -65.76 16.54 17.69
CA ILE O 216 -66.53 17.76 17.86
C ILE O 216 -67.33 18.01 16.59
N VAL O 217 -68.62 18.27 16.75
CA VAL O 217 -69.53 18.47 15.63
C VAL O 217 -70.27 19.78 15.83
N SER O 218 -70.70 20.39 14.72
CA SER O 218 -71.40 21.67 14.78
C SER O 218 -72.47 21.76 13.72
N GLY O 219 -73.63 22.32 14.09
CA GLY O 219 -74.74 22.46 13.18
C GLY O 219 -76.05 22.57 13.93
N ASP O 220 -77.12 22.80 13.17
CA ASP O 220 -78.43 22.90 13.77
C ASP O 220 -78.89 21.54 14.28
N PRO O 221 -79.85 21.50 15.22
CA PRO O 221 -80.19 20.23 15.88
C PRO O 221 -80.71 19.15 14.94
N ALA O 222 -81.11 19.47 13.71
CA ALA O 222 -81.47 18.42 12.78
C ALA O 222 -80.23 17.79 12.14
N THR O 223 -79.25 18.62 11.76
CA THR O 223 -78.02 18.08 11.20
C THR O 223 -77.21 17.34 12.25
N ARG O 224 -77.20 17.85 13.48
CA ARG O 224 -76.52 17.11 14.53
C ARG O 224 -77.27 15.85 14.93
N ASP O 225 -78.44 15.60 14.36
CA ASP O 225 -79.07 14.30 14.51
C ASP O 225 -78.44 13.27 13.57
N LYS O 226 -78.26 13.63 12.30
CA LYS O 226 -77.81 12.65 11.33
C LYS O 226 -76.41 12.16 11.64
N MET O 227 -75.47 13.09 11.77
CA MET O 227 -74.11 12.70 12.12
C MET O 227 -74.04 11.97 13.44
N ARG O 228 -75.02 12.16 14.32
CA ARG O 228 -75.03 11.38 15.55
C ARG O 228 -75.52 9.95 15.31
N ARG O 229 -76.38 9.74 14.31
CA ARG O 229 -76.77 8.39 13.93
C ARG O 229 -75.74 7.72 13.06
N LEU O 230 -75.03 8.48 12.24
CA LEU O 230 -74.03 7.88 11.37
C LEU O 230 -72.76 7.56 12.12
N ILE O 231 -72.44 8.30 13.18
CA ILE O 231 -71.28 7.98 13.99
C ILE O 231 -71.53 6.77 14.88
N ARG O 232 -72.77 6.44 15.20
CA ARG O 232 -73.03 5.24 15.97
C ARG O 232 -72.77 3.97 15.17
N ARG O 233 -72.95 4.01 13.84
CA ARG O 233 -72.58 2.85 13.04
C ARG O 233 -71.10 2.76 12.79
N LEU O 234 -70.43 3.88 12.54
CA LEU O 234 -68.99 3.80 12.33
C LEU O 234 -68.22 3.48 13.61
N ASP O 235 -68.86 3.59 14.76
CA ASP O 235 -68.28 3.17 16.02
C ASP O 235 -68.68 1.74 16.39
N SER O 236 -69.54 1.10 15.61
CA SER O 236 -69.96 -0.25 15.93
C SER O 236 -68.74 -1.15 16.00
N GLU O 237 -68.77 -2.11 16.93
CA GLU O 237 -67.59 -2.94 17.15
C GLU O 237 -67.40 -3.92 16.01
N MET O 238 -66.17 -3.97 15.52
CA MET O 238 -65.75 -4.97 14.55
C MET O 238 -65.81 -6.35 15.17
N GLU O 239 -66.14 -7.36 14.36
CA GLU O 239 -66.18 -8.72 14.89
C GLU O 239 -64.83 -9.37 14.63
N ARG O 240 -63.98 -9.38 15.65
CA ARG O 240 -62.85 -10.28 15.80
C ARG O 240 -61.85 -10.19 14.65
N SER O 241 -62.28 -9.65 13.52
CA SER O 241 -61.52 -9.74 12.27
C SER O 241 -61.12 -8.34 11.85
N GLY O 242 -59.84 -8.04 12.05
CA GLY O 242 -59.28 -6.79 11.59
C GLY O 242 -58.68 -6.99 10.22
N ASN O 243 -57.83 -6.05 9.83
CA ASN O 243 -57.04 -6.34 8.66
C ASN O 243 -55.94 -7.33 8.96
N SER O 244 -55.73 -7.69 10.22
CA SER O 244 -54.68 -8.61 10.63
C SER O 244 -55.28 -9.89 11.18
N GLN O 245 -54.83 -11.02 10.65
CA GLN O 245 -55.17 -12.32 11.19
C GLN O 245 -53.89 -13.08 11.46
N VAL O 246 -54.03 -14.12 12.27
CA VAL O 246 -52.91 -14.93 12.71
C VAL O 246 -53.20 -16.36 12.27
N PHE O 247 -52.37 -16.89 11.39
CA PHE O 247 -52.53 -18.24 10.88
C PHE O 247 -51.51 -19.14 11.54
N TYR O 248 -51.99 -20.10 12.32
CA TYR O 248 -51.12 -21.13 12.84
C TYR O 248 -50.91 -22.18 11.77
N LEU O 249 -49.67 -22.37 11.36
CA LEU O 249 -49.40 -23.30 10.29
C LEU O 249 -49.33 -24.71 10.83
N LYS O 250 -50.06 -25.60 10.17
CA LYS O 250 -50.14 -26.98 10.64
C LYS O 250 -48.92 -27.79 10.26
N TYR O 251 -48.31 -27.50 9.12
CA TYR O 251 -47.18 -28.28 8.67
C TYR O 251 -46.02 -27.39 8.28
N SER O 252 -46.24 -26.50 7.33
CA SER O 252 -45.17 -25.66 6.84
C SER O 252 -44.47 -24.94 7.97
N LYS O 253 -43.18 -24.69 7.79
CA LYS O 253 -42.44 -23.85 8.71
C LYS O 253 -42.71 -22.40 8.39
N ALA O 254 -43.21 -21.67 9.39
CA ALA O 254 -43.83 -20.37 9.14
C ALA O 254 -42.95 -19.44 8.34
N GLU O 255 -41.65 -19.51 8.50
CA GLU O 255 -40.77 -18.57 7.85
C GLU O 255 -40.24 -19.08 6.53
N ASP O 256 -40.70 -20.23 6.07
CA ASP O 256 -40.49 -20.58 4.67
C ASP O 256 -41.53 -19.94 3.78
N LEU O 257 -42.80 -19.98 4.19
CA LEU O 257 -43.86 -19.33 3.44
C LEU O 257 -43.74 -17.83 3.45
N VAL O 258 -42.90 -17.25 4.29
CA VAL O 258 -43.00 -15.81 4.47
C VAL O 258 -42.46 -15.09 3.24
N ASP O 259 -41.47 -15.67 2.57
CA ASP O 259 -41.00 -15.07 1.33
C ASP O 259 -41.87 -15.44 0.14
N VAL O 260 -42.30 -16.69 0.07
CA VAL O 260 -43.25 -17.11 -0.95
C VAL O 260 -44.45 -16.18 -0.96
N LEU O 261 -44.88 -15.72 0.20
CA LEU O 261 -46.03 -14.85 0.28
C LEU O 261 -45.68 -13.39 0.09
N LYS O 262 -44.41 -13.00 0.15
CA LYS O 262 -44.13 -11.60 -0.08
C LYS O 262 -44.17 -11.24 -1.55
N GLN O 263 -43.84 -12.16 -2.43
CA GLN O 263 -44.00 -11.91 -3.85
C GLN O 263 -45.46 -11.98 -4.26
N VAL O 264 -46.14 -13.05 -3.87
CA VAL O 264 -47.57 -13.18 -4.12
C VAL O 264 -48.32 -11.96 -3.65
N SER O 265 -47.96 -11.44 -2.49
CA SER O 265 -48.62 -10.25 -1.99
C SER O 265 -48.08 -8.99 -2.64
N GLY O 266 -46.85 -9.03 -3.14
CA GLY O 266 -46.28 -7.83 -3.73
C GLY O 266 -47.04 -7.36 -4.95
N THR O 267 -47.24 -8.25 -5.91
CA THR O 267 -47.88 -7.92 -7.18
C THR O 267 -49.39 -8.09 -7.13
N LEU O 268 -49.94 -8.42 -5.98
CA LEU O 268 -51.38 -8.48 -5.81
C LEU O 268 -51.94 -7.15 -5.33
N THR O 269 -51.08 -6.21 -4.98
CA THR O 269 -51.48 -4.85 -4.67
C THR O 269 -51.93 -4.12 -5.94
N ILE O 285 -51.82 -1.55 0.97
CA ILE O 285 -50.51 -2.07 1.35
C ILE O 285 -50.72 -3.38 2.09
N VAL O 286 -49.69 -4.23 2.08
CA VAL O 286 -49.78 -5.59 2.59
C VAL O 286 -48.49 -5.93 3.31
N SER O 287 -48.60 -6.52 4.48
CA SER O 287 -47.44 -6.93 5.25
C SER O 287 -47.61 -8.37 5.70
N ILE O 288 -46.52 -9.13 5.60
CA ILE O 288 -46.48 -10.51 6.06
C ILE O 288 -45.34 -10.62 7.05
N ALA O 289 -45.64 -11.14 8.24
CA ALA O 289 -44.62 -11.34 9.25
C ALA O 289 -44.80 -12.70 9.88
N ALA O 290 -43.70 -13.31 10.30
CA ALA O 290 -43.72 -14.66 10.83
C ALA O 290 -43.09 -14.69 12.22
N SER O 291 -43.82 -15.24 13.17
CA SER O 291 -43.32 -15.40 14.52
C SER O 291 -42.59 -16.73 14.60
N LYS O 292 -41.28 -16.70 14.80
CA LYS O 292 -40.52 -17.95 14.84
C LYS O 292 -40.94 -18.80 16.02
N HIS O 293 -40.99 -18.22 17.20
CA HIS O 293 -41.27 -19.02 18.39
C HIS O 293 -42.64 -19.68 18.29
N SER O 294 -43.62 -18.99 17.74
CA SER O 294 -44.97 -19.55 17.71
C SER O 294 -45.29 -20.27 16.42
N ASN O 295 -44.41 -20.24 15.42
CA ASN O 295 -44.66 -20.87 14.13
C ASN O 295 -45.99 -20.42 13.54
N ALA O 296 -46.16 -19.12 13.44
CA ALA O 296 -47.39 -18.58 12.89
C ALA O 296 -47.04 -17.31 12.15
N LEU O 297 -47.70 -17.09 11.04
CA LEU O 297 -47.49 -15.89 10.26
C LEU O 297 -48.72 -15.00 10.35
N ILE O 298 -48.49 -13.70 10.25
CA ILE O 298 -49.48 -12.70 10.57
C ILE O 298 -49.71 -11.87 9.33
N VAL O 299 -50.87 -12.01 8.73
CA VAL O 299 -51.18 -11.38 7.47
C VAL O 299 -52.02 -10.17 7.76
N THR O 300 -51.55 -9.01 7.33
CA THR O 300 -52.34 -7.78 7.41
C THR O 300 -52.55 -7.24 6.00
N ALA O 301 -53.80 -7.25 5.56
CA ALA O 301 -54.11 -6.78 4.22
C ALA O 301 -55.58 -6.39 4.19
N PRO O 302 -56.04 -5.77 3.10
CA PRO O 302 -57.46 -5.50 2.96
C PRO O 302 -58.27 -6.77 2.84
N GLN O 303 -59.58 -6.64 3.01
CA GLN O 303 -60.44 -7.81 3.05
C GLN O 303 -60.37 -8.64 1.78
N ASP O 304 -60.03 -8.02 0.65
CA ASP O 304 -59.98 -8.78 -0.60
C ASP O 304 -58.69 -9.57 -0.73
N ILE O 305 -57.55 -8.93 -0.46
CA ILE O 305 -56.28 -9.63 -0.58
C ILE O 305 -56.21 -10.75 0.45
N MET O 306 -56.79 -10.53 1.62
CA MET O 306 -56.77 -11.57 2.64
C MET O 306 -57.39 -12.85 2.13
N GLN O 307 -58.61 -12.76 1.60
CA GLN O 307 -59.29 -13.97 1.16
C GLN O 307 -58.53 -14.70 0.07
N SER O 308 -57.69 -13.99 -0.66
CA SER O 308 -56.77 -14.67 -1.58
C SER O 308 -55.69 -15.41 -0.80
N LEU O 309 -54.98 -14.69 0.06
CA LEU O 309 -53.90 -15.30 0.82
C LEU O 309 -54.37 -16.36 1.79
N GLN O 310 -55.66 -16.51 2.03
CA GLN O 310 -56.08 -17.65 2.82
C GLN O 310 -56.20 -18.91 2.00
N SER O 311 -56.50 -18.80 0.72
CA SER O 311 -56.60 -20.00 -0.09
C SER O 311 -55.25 -20.47 -0.57
N VAL O 312 -54.25 -19.60 -0.59
CA VAL O 312 -52.89 -20.02 -0.85
C VAL O 312 -52.35 -20.79 0.34
N ILE O 313 -52.35 -20.16 1.51
CA ILE O 313 -51.85 -20.81 2.71
C ILE O 313 -52.54 -22.12 2.98
N GLU O 314 -53.83 -22.20 2.67
CA GLU O 314 -54.53 -23.46 2.85
C GLU O 314 -53.94 -24.54 1.96
N GLN O 315 -53.45 -24.18 0.78
CA GLN O 315 -52.94 -25.14 -0.17
C GLN O 315 -51.44 -25.36 -0.10
N LEU O 316 -50.71 -24.52 0.63
CA LEU O 316 -49.29 -24.74 0.84
C LEU O 316 -48.98 -25.41 2.15
N ASP O 317 -49.99 -25.68 2.95
CA ASP O 317 -49.83 -26.21 4.29
C ASP O 317 -49.92 -27.72 4.32
N ILE O 318 -49.91 -28.38 3.16
CA ILE O 318 -50.17 -29.82 3.08
C ILE O 318 -49.08 -30.63 3.77
N ARG O 319 -49.41 -31.88 4.05
CA ARG O 319 -48.54 -32.82 4.74
C ARG O 319 -47.55 -33.47 3.78
N ARG O 320 -46.30 -33.57 4.21
CA ARG O 320 -45.21 -34.05 3.37
C ARG O 320 -44.98 -35.52 3.59
N ALA O 321 -44.62 -36.22 2.53
CA ALA O 321 -44.30 -37.64 2.58
C ALA O 321 -42.81 -37.79 2.77
N GLN O 322 -42.39 -38.81 3.48
CA GLN O 322 -40.97 -39.06 3.68
C GLN O 322 -40.54 -40.37 3.04
N VAL O 323 -39.29 -40.43 2.67
CA VAL O 323 -38.75 -41.45 1.79
C VAL O 323 -37.65 -42.17 2.53
N HIS O 324 -37.54 -43.47 2.34
CA HIS O 324 -36.45 -44.24 2.91
C HIS O 324 -35.60 -44.80 1.77
N VAL O 325 -34.38 -44.31 1.66
CA VAL O 325 -33.52 -44.60 0.52
C VAL O 325 -32.42 -45.54 0.96
N GLU O 326 -32.46 -46.78 0.48
CA GLU O 326 -31.39 -47.74 0.71
C GLU O 326 -30.48 -47.80 -0.50
N ALA O 327 -29.19 -47.89 -0.27
CA ALA O 327 -28.25 -48.19 -1.33
C ALA O 327 -27.72 -49.58 -1.09
N LEU O 328 -27.30 -50.27 -2.13
CA LEU O 328 -26.65 -51.56 -1.95
C LEU O 328 -25.36 -51.58 -2.73
N ILE O 329 -24.24 -51.64 -2.04
CA ILE O 329 -23.00 -51.62 -2.77
C ILE O 329 -22.39 -53.00 -2.76
N VAL O 330 -22.39 -53.69 -3.87
CA VAL O 330 -21.90 -55.04 -3.95
C VAL O 330 -20.54 -55.02 -4.60
N GLU O 331 -19.64 -55.87 -4.15
CA GLU O 331 -18.37 -56.05 -4.85
C GLU O 331 -17.92 -57.48 -4.73
N VAL O 332 -17.55 -58.10 -5.84
CA VAL O 332 -17.06 -59.46 -5.84
C VAL O 332 -15.75 -59.47 -6.61
N ALA O 333 -14.64 -59.66 -5.94
CA ALA O 333 -13.35 -59.70 -6.59
C ALA O 333 -12.79 -61.11 -6.53
N GLU O 334 -12.09 -61.49 -7.58
CA GLU O 334 -11.40 -62.78 -7.54
C GLU O 334 -10.07 -62.80 -8.24
N GLY O 335 -8.97 -62.95 -7.53
CA GLY O 335 -7.65 -62.89 -8.11
C GLY O 335 -7.10 -64.28 -8.37
N SER O 336 -5.98 -64.34 -9.06
CA SER O 336 -5.21 -65.57 -9.19
C SER O 336 -3.84 -65.15 -9.72
N ASN O 337 -2.84 -65.98 -9.53
CA ASN O 337 -1.67 -65.99 -10.40
C ASN O 337 -0.89 -67.27 -10.16
N ILE O 338 -0.03 -67.62 -11.06
CA ILE O 338 0.78 -68.81 -10.90
C ILE O 338 2.15 -68.51 -11.49
N ASN O 339 3.17 -69.03 -10.86
CA ASN O 339 4.53 -68.70 -11.21
C ASN O 339 5.39 -69.96 -11.13
N PHE O 340 5.95 -70.37 -12.25
CA PHE O 340 6.76 -71.59 -12.24
C PHE O 340 8.00 -71.51 -13.11
N GLY O 341 9.20 -71.65 -12.59
CA GLY O 341 10.35 -71.67 -13.47
C GLY O 341 11.61 -72.18 -12.83
N VAL O 342 12.48 -72.72 -13.65
CA VAL O 342 13.70 -73.40 -13.25
C VAL O 342 14.87 -72.48 -13.44
N GLN O 343 15.87 -72.59 -12.58
CA GLN O 343 17.07 -71.80 -12.69
C GLN O 343 18.27 -72.66 -12.39
N TRP O 344 19.37 -72.39 -13.05
CA TRP O 344 20.61 -73.12 -12.84
C TRP O 344 21.68 -72.15 -12.40
N ALA O 345 22.76 -72.71 -11.92
CA ALA O 345 23.96 -71.94 -11.67
C ALA O 345 25.08 -72.95 -11.64
N SER O 346 26.31 -72.47 -11.68
CA SER O 346 27.42 -73.39 -11.68
C SER O 346 28.68 -72.63 -11.30
N LYS O 347 29.80 -73.29 -11.53
CA LYS O 347 31.13 -72.75 -11.38
C LYS O 347 31.35 -71.73 -12.46
N ASP O 348 32.60 -71.48 -12.79
CA ASP O 348 32.98 -70.61 -13.90
C ASP O 348 32.26 -70.96 -15.21
N ALA O 349 31.60 -72.12 -15.27
CA ALA O 349 30.97 -72.63 -16.48
C ALA O 349 29.53 -72.18 -16.72
N GLY O 350 28.98 -71.24 -15.95
CA GLY O 350 27.83 -70.53 -16.47
C GLY O 350 26.80 -70.18 -15.40
N LEU O 351 25.66 -69.67 -15.86
CA LEU O 351 24.44 -69.60 -15.06
C LEU O 351 23.25 -69.46 -16.01
N MET O 352 22.06 -69.64 -15.45
CA MET O 352 20.79 -69.36 -16.11
C MET O 352 19.90 -68.68 -15.09
N GLN O 353 19.38 -67.52 -15.40
CA GLN O 353 18.73 -66.71 -14.40
C GLN O 353 17.53 -66.02 -15.03
N PHE O 354 16.41 -65.99 -14.33
CA PHE O 354 15.21 -65.36 -14.87
C PHE O 354 14.62 -64.40 -13.85
N ALA O 355 14.25 -63.21 -14.32
CA ALA O 355 13.82 -62.11 -13.49
C ALA O 355 12.32 -62.01 -13.33
N ASN O 356 11.56 -62.98 -13.83
CA ASN O 356 10.12 -62.96 -13.63
C ASN O 356 9.81 -63.05 -12.15
N GLY O 357 8.61 -62.61 -11.77
CA GLY O 357 8.23 -62.64 -10.38
C GLY O 357 9.02 -61.63 -9.57
N THR O 358 9.12 -61.68 -8.24
CA THR O 358 8.55 -62.64 -7.26
C THR O 358 9.29 -63.97 -7.27
N GLN O 359 10.03 -64.22 -8.34
CA GLN O 359 10.83 -65.44 -8.44
C GLN O 359 12.28 -65.01 -8.21
N ILE O 360 12.81 -65.35 -7.05
CA ILE O 360 14.07 -64.71 -6.63
C ILE O 360 15.22 -65.28 -7.45
N PRO O 361 16.07 -64.43 -8.01
CA PRO O 361 17.04 -64.90 -8.99
C PRO O 361 18.21 -65.63 -8.35
N ILE O 362 18.71 -66.61 -9.08
CA ILE O 362 19.71 -67.51 -8.53
C ILE O 362 21.08 -66.86 -8.47
N GLY O 363 21.32 -65.82 -9.22
CA GLY O 363 22.59 -65.14 -9.10
C GLY O 363 22.66 -64.45 -7.77
N THR O 364 21.72 -63.57 -7.49
CA THR O 364 21.78 -62.82 -6.25
C THR O 364 21.53 -63.70 -5.04
N LEU O 365 21.05 -64.91 -5.23
CA LEU O 365 21.02 -65.87 -4.14
C LEU O 365 22.41 -66.43 -3.88
N GLY O 366 23.05 -66.98 -4.91
CA GLY O 366 24.34 -67.60 -4.74
C GLY O 366 25.39 -66.68 -4.16
N ALA O 367 25.18 -65.37 -4.24
CA ALA O 367 26.05 -64.46 -3.52
C ALA O 367 25.69 -64.43 -2.05
N ALA O 368 24.41 -64.19 -1.76
CA ALA O 368 23.99 -64.08 -0.37
C ALA O 368 24.29 -65.32 0.43
N ILE O 369 24.39 -66.49 -0.23
CA ILE O 369 24.84 -67.66 0.48
C ILE O 369 26.31 -67.55 0.83
N SER O 370 27.12 -67.04 -0.11
CA SER O 370 28.56 -67.02 0.13
C SER O 370 28.96 -65.89 1.07
N GLN O 371 28.29 -64.75 1.01
CA GLN O 371 28.53 -63.74 2.04
C GLN O 371 28.07 -64.21 3.41
N ALA O 372 27.37 -65.32 3.51
CA ALA O 372 26.92 -65.86 4.78
C ALA O 372 27.85 -66.92 5.32
N LYS O 373 28.94 -67.20 4.67
CA LYS O 373 29.79 -68.22 5.24
C LYS O 373 30.56 -67.65 6.43
N PRO O 374 30.89 -68.49 7.40
CA PRO O 374 31.69 -68.01 8.54
C PRO O 374 33.10 -67.67 8.08
N GLN O 375 33.57 -66.50 8.46
CA GLN O 375 34.92 -66.07 8.10
C GLN O 375 35.86 -66.36 9.27
N LYS O 376 36.77 -67.29 9.06
CA LYS O 376 37.64 -67.70 10.14
C LYS O 376 38.63 -66.60 10.42
N GLY O 377 38.58 -66.07 11.63
CA GLY O 377 39.44 -64.98 12.02
C GLY O 377 40.64 -65.46 12.80
N SER O 378 41.65 -64.60 12.84
CA SER O 378 42.75 -64.71 13.79
C SER O 378 43.33 -63.31 13.91
N THR O 379 43.94 -63.03 15.04
CA THR O 379 44.57 -61.72 15.21
C THR O 379 45.90 -61.87 15.94
N VAL O 380 46.96 -61.39 15.31
CA VAL O 380 48.31 -61.45 15.84
C VAL O 380 49.07 -60.25 15.28
N ILE O 381 49.94 -59.68 16.11
CA ILE O 381 50.87 -58.60 15.79
C ILE O 381 50.35 -57.64 14.73
N ILE O 389 44.24 -65.99 18.86
CA ILE O 389 42.86 -66.43 19.03
C ILE O 389 42.38 -67.37 17.96
N ASN O 390 41.25 -68.00 18.23
CA ASN O 390 40.56 -68.83 17.24
C ASN O 390 39.06 -68.62 17.36
N PRO O 391 38.58 -67.38 17.24
CA PRO O 391 37.15 -67.16 17.10
C PRO O 391 36.74 -67.42 15.67
N ASP O 392 35.43 -67.55 15.48
CA ASP O 392 34.86 -67.53 14.15
C ASP O 392 33.71 -66.54 14.17
N THR O 393 33.85 -65.46 13.40
CA THR O 393 32.83 -64.42 13.33
C THR O 393 31.49 -64.97 12.84
N ASN O 394 31.48 -66.18 12.32
CA ASN O 394 30.30 -66.80 11.74
C ASN O 394 29.82 -65.88 10.61
N GLY O 395 28.51 -65.73 10.41
CA GLY O 395 28.00 -65.01 9.28
C GLY O 395 27.39 -63.67 9.64
N ASP O 396 26.93 -63.00 8.60
CA ASP O 396 25.92 -61.95 8.72
C ASP O 396 24.83 -62.27 7.72
N LEU O 397 23.67 -62.66 8.22
CA LEU O 397 22.58 -63.10 7.37
C LEU O 397 21.68 -61.97 6.94
N SER O 398 22.06 -60.72 7.23
CA SER O 398 21.28 -59.59 6.77
C SER O 398 21.00 -59.68 5.28
N THR O 399 21.98 -60.11 4.50
CA THR O 399 21.78 -60.14 3.06
C THR O 399 20.86 -61.27 2.67
N LEU O 400 21.09 -62.47 3.21
CA LEU O 400 20.28 -63.61 2.80
C LEU O 400 18.86 -63.48 3.29
N ALA O 401 18.66 -63.01 4.51
CA ALA O 401 17.31 -62.85 5.01
C ALA O 401 16.58 -61.67 4.38
N GLN O 402 17.25 -60.87 3.58
CA GLN O 402 16.52 -59.82 2.87
C GLN O 402 15.86 -60.35 1.61
N LEU O 403 16.51 -61.30 0.92
CA LEU O 403 15.83 -61.99 -0.17
C LEU O 403 14.56 -62.64 0.32
N LEU O 404 14.68 -63.46 1.35
CA LEU O 404 13.58 -64.26 1.84
C LEU O 404 12.52 -63.43 2.54
N SER O 405 12.71 -62.13 2.67
CA SER O 405 11.78 -61.31 3.43
C SER O 405 10.36 -61.42 2.87
N GLY O 406 10.19 -61.08 1.60
CA GLY O 406 8.89 -61.15 0.97
C GLY O 406 8.63 -62.37 0.14
N PHE O 407 9.59 -63.27 0.04
CA PHE O 407 9.46 -64.45 -0.79
C PHE O 407 8.32 -65.32 -0.30
N SER O 408 7.64 -65.98 -1.24
CA SER O 408 6.50 -66.82 -0.94
C SER O 408 6.49 -67.97 -1.92
N GLY O 409 6.19 -69.17 -1.43
CA GLY O 409 6.09 -70.34 -2.27
C GLY O 409 7.37 -71.13 -2.34
N THR O 410 7.26 -72.30 -2.96
CA THR O 410 8.35 -73.26 -3.02
C THR O 410 9.63 -72.64 -3.56
N ALA O 411 10.76 -73.04 -3.00
CA ALA O 411 12.03 -73.06 -3.71
C ALA O 411 12.70 -74.38 -3.37
N VAL O 412 12.83 -75.26 -4.32
CA VAL O 412 13.51 -76.52 -4.12
C VAL O 412 14.85 -76.41 -4.82
N GLY O 413 15.87 -77.04 -4.27
CA GLY O 413 17.18 -76.84 -4.84
C GLY O 413 18.04 -78.07 -4.74
N VAL O 414 19.18 -77.98 -5.41
CA VAL O 414 20.31 -78.85 -5.18
C VAL O 414 21.48 -77.90 -5.05
N VAL O 415 22.02 -77.74 -3.86
CA VAL O 415 23.24 -76.95 -3.73
C VAL O 415 24.33 -77.92 -3.28
N LYS O 416 25.18 -78.32 -4.21
CA LYS O 416 26.31 -79.19 -3.92
C LYS O 416 27.43 -78.80 -4.88
N GLY O 417 28.62 -78.57 -4.35
CA GLY O 417 29.72 -78.13 -5.21
C GLY O 417 29.46 -76.83 -5.92
N ASP O 418 28.72 -75.92 -5.28
CA ASP O 418 28.49 -74.55 -5.74
C ASP O 418 27.62 -74.47 -6.99
N TRP O 419 27.44 -75.57 -7.70
CA TRP O 419 26.48 -75.60 -8.78
C TRP O 419 25.13 -75.95 -8.18
N MET O 420 24.08 -75.36 -8.73
CA MET O 420 22.78 -75.54 -8.13
C MET O 420 21.70 -75.46 -9.19
N ALA O 421 20.56 -76.08 -8.89
CA ALA O 421 19.38 -76.00 -9.73
C ALA O 421 18.20 -75.73 -8.82
N LEU O 422 17.55 -74.59 -9.00
CA LEU O 422 16.59 -74.08 -8.03
C LEU O 422 15.24 -73.93 -8.68
N VAL O 423 14.28 -74.78 -8.32
CA VAL O 423 12.99 -74.86 -8.99
C VAL O 423 11.95 -74.16 -8.15
N GLN O 424 11.48 -73.01 -8.57
CA GLN O 424 10.55 -72.24 -7.77
C GLN O 424 9.17 -72.30 -8.37
N ALA O 425 8.16 -72.43 -7.53
CA ALA O 425 6.78 -72.46 -8.00
C ALA O 425 5.83 -71.99 -6.91
N VAL O 426 4.72 -71.37 -7.27
CA VAL O 426 3.73 -70.92 -6.31
C VAL O 426 2.43 -70.77 -7.06
N LYS O 427 1.31 -70.79 -6.36
CA LYS O 427 0.05 -70.38 -6.92
C LYS O 427 -0.73 -69.57 -5.91
N ASN O 428 -0.83 -68.28 -6.13
CA ASN O 428 -1.58 -67.43 -5.24
C ASN O 428 -2.99 -67.32 -5.74
N ASP O 429 -3.93 -67.44 -4.84
CA ASP O 429 -5.32 -67.38 -5.23
C ASP O 429 -6.09 -66.64 -4.16
N SER O 430 -6.76 -65.55 -4.48
CA SER O 430 -7.52 -64.83 -3.48
C SER O 430 -8.98 -64.81 -3.88
N SER O 431 -9.77 -64.15 -3.08
CA SER O 431 -11.18 -63.93 -3.33
C SER O 431 -11.63 -62.80 -2.43
N SER O 432 -12.78 -62.26 -2.72
CA SER O 432 -13.39 -61.31 -1.82
C SER O 432 -14.88 -61.25 -2.09
N ASN O 433 -15.61 -60.81 -1.09
CA ASN O 433 -17.02 -60.60 -1.27
C ASN O 433 -17.42 -59.51 -0.30
N VAL O 434 -18.16 -58.51 -0.72
CA VAL O 434 -18.49 -57.40 0.16
C VAL O 434 -19.91 -56.98 -0.14
N LEU O 435 -20.68 -56.71 0.87
CA LEU O 435 -22.00 -56.15 0.65
C LEU O 435 -22.26 -55.10 1.70
N SER O 436 -22.35 -53.84 1.34
CA SER O 436 -22.64 -52.83 2.33
C SER O 436 -23.83 -52.02 1.86
N THR O 437 -24.67 -51.65 2.79
CA THR O 437 -25.95 -51.07 2.46
C THR O 437 -26.39 -49.93 3.35
N PRO O 438 -25.83 -48.75 3.18
CA PRO O 438 -26.25 -47.60 3.98
C PRO O 438 -27.62 -47.15 3.58
N SER O 439 -28.34 -46.55 4.52
CA SER O 439 -29.68 -46.09 4.24
C SER O 439 -30.01 -44.89 5.10
N ILE O 440 -30.81 -43.98 4.58
CA ILE O 440 -31.13 -42.73 5.24
C ILE O 440 -32.61 -42.47 5.06
N THR O 441 -33.19 -41.67 5.92
CA THR O 441 -34.61 -41.33 5.85
C THR O 441 -34.77 -39.83 5.89
N THR O 442 -35.45 -39.27 4.89
CA THR O 442 -35.59 -37.83 4.78
C THR O 442 -37.05 -37.51 4.57
N LEU O 443 -37.38 -36.25 4.72
CA LEU O 443 -38.61 -35.78 4.12
C LEU O 443 -38.40 -35.59 2.64
N ASP O 444 -39.49 -35.58 1.91
CA ASP O 444 -39.48 -35.17 0.52
C ASP O 444 -38.80 -33.82 0.36
N ASN O 445 -38.08 -33.66 -0.74
CA ASN O 445 -37.48 -32.41 -1.19
C ASN O 445 -36.39 -31.88 -0.27
N GLN O 446 -36.11 -32.53 0.85
CA GLN O 446 -35.06 -32.14 1.76
C GLN O 446 -33.86 -33.05 1.54
N GLU O 447 -32.65 -32.52 1.64
CA GLU O 447 -31.48 -33.36 1.39
C GLU O 447 -30.93 -33.94 2.68
N ALA O 448 -30.55 -35.20 2.60
CA ALA O 448 -30.00 -35.93 3.72
C ALA O 448 -28.56 -36.27 3.43
N PHE O 449 -27.79 -36.42 4.48
CA PHE O 449 -26.38 -36.71 4.38
C PHE O 449 -26.08 -37.79 5.38
N PHE O 450 -25.36 -38.82 4.98
CA PHE O 450 -25.06 -39.91 5.88
C PHE O 450 -23.63 -40.34 5.67
N MET O 451 -22.79 -40.21 6.68
CA MET O 451 -21.40 -40.61 6.56
C MET O 451 -21.06 -41.58 7.66
N VAL O 452 -20.44 -42.69 7.31
CA VAL O 452 -19.80 -43.57 8.27
C VAL O 452 -18.40 -43.77 7.78
N GLY O 453 -17.44 -43.26 8.53
CA GLY O 453 -16.12 -43.14 7.97
C GLY O 453 -15.18 -42.61 9.01
N GLN O 454 -14.11 -41.99 8.54
CA GLN O 454 -13.21 -41.32 9.45
C GLN O 454 -12.70 -40.06 8.79
N ASP O 455 -12.21 -39.16 9.61
CA ASP O 455 -11.89 -37.80 9.19
C ASP O 455 -10.40 -37.60 9.30
N VAL O 456 -9.71 -37.49 8.17
CA VAL O 456 -8.26 -37.67 8.10
C VAL O 456 -7.62 -36.42 7.51
N PRO O 457 -6.47 -35.97 8.00
CA PRO O 457 -5.86 -34.74 7.50
C PRO O 457 -5.12 -34.91 6.17
N VAL O 458 -5.23 -33.90 5.32
CA VAL O 458 -4.53 -33.87 4.04
C VAL O 458 -3.62 -32.66 4.04
N LEU O 459 -2.49 -32.78 3.34
CA LEU O 459 -1.28 -32.09 3.76
C LEU O 459 -1.45 -30.61 4.08
N THR O 460 -2.15 -29.80 3.29
CA THR O 460 -2.15 -29.80 1.86
C THR O 460 -1.88 -28.31 1.57
N GLY O 461 -0.69 -28.02 1.08
CA GLY O 461 -0.21 -26.65 1.02
C GLY O 461 1.10 -26.50 1.75
N THR O 474 -0.26 -27.06 5.56
CA THR O 474 -1.40 -26.24 5.89
C THR O 474 -2.58 -27.12 6.34
N VAL O 475 -2.43 -28.42 6.16
CA VAL O 475 -3.25 -29.44 6.80
C VAL O 475 -4.73 -29.14 6.83
N GLU O 476 -5.39 -29.25 5.69
CA GLU O 476 -6.84 -29.32 5.68
C GLU O 476 -7.32 -30.70 6.11
N ARG O 477 -8.60 -30.79 6.47
CA ARG O 477 -9.20 -31.91 7.18
C ARG O 477 -10.25 -32.56 6.28
N LYS O 478 -10.00 -33.79 5.84
CA LYS O 478 -10.80 -34.43 4.81
C LYS O 478 -11.50 -35.68 5.35
N LYS O 479 -12.71 -35.93 4.86
CA LYS O 479 -13.55 -37.02 5.35
C LYS O 479 -13.60 -38.15 4.34
N VAL O 480 -13.27 -39.35 4.78
CA VAL O 480 -13.30 -40.54 3.93
C VAL O 480 -14.19 -41.58 4.57
N GLY O 481 -14.91 -42.30 3.77
CA GLY O 481 -15.68 -43.44 4.22
C GLY O 481 -16.93 -43.52 3.40
N ILE O 482 -17.82 -44.44 3.78
CA ILE O 482 -19.10 -44.51 3.10
C ILE O 482 -19.85 -43.20 3.27
N MET O 483 -20.27 -42.62 2.16
CA MET O 483 -20.99 -41.37 2.21
C MET O 483 -22.13 -41.47 1.24
N LEU O 484 -23.30 -41.03 1.64
CA LEU O 484 -24.47 -41.07 0.80
C LEU O 484 -25.18 -39.76 1.01
N LYS O 485 -25.42 -39.02 -0.06
CA LYS O 485 -26.12 -37.75 0.06
C LYS O 485 -27.19 -37.70 -1.00
N VAL O 486 -28.44 -37.69 -0.60
CA VAL O 486 -29.54 -37.88 -1.52
C VAL O 486 -30.62 -36.87 -1.20
N THR O 487 -31.37 -36.46 -2.21
CA THR O 487 -32.43 -35.46 -2.05
C THR O 487 -33.68 -35.76 -2.89
N PRO O 488 -34.57 -36.59 -2.39
CA PRO O 488 -35.64 -37.14 -3.21
C PRO O 488 -36.76 -36.15 -3.45
N GLN O 489 -37.54 -36.40 -4.51
CA GLN O 489 -38.83 -35.74 -4.65
C GLN O 489 -39.82 -36.69 -5.27
N ILE O 490 -41.00 -36.82 -4.68
CA ILE O 490 -41.96 -37.81 -5.16
C ILE O 490 -42.71 -37.24 -6.35
N ASN O 491 -42.69 -37.97 -7.46
CA ASN O 491 -43.22 -37.49 -8.73
C ASN O 491 -44.65 -37.88 -8.99
N GLU O 492 -45.36 -38.41 -8.01
CA GLU O 492 -46.81 -38.44 -8.08
C GLU O 492 -47.28 -39.50 -9.08
N GLY O 493 -46.39 -39.96 -9.93
CA GLY O 493 -46.64 -41.27 -10.47
C GLY O 493 -46.28 -42.36 -9.49
N ASN O 494 -45.99 -41.97 -8.24
CA ASN O 494 -45.43 -42.82 -7.20
C ASN O 494 -44.02 -43.28 -7.58
N ALA O 495 -43.17 -42.33 -7.95
CA ALA O 495 -41.81 -42.59 -8.42
C ALA O 495 -40.89 -41.52 -7.89
N VAL O 496 -39.74 -41.92 -7.35
CA VAL O 496 -39.06 -41.07 -6.40
C VAL O 496 -38.05 -40.06 -6.94
N GLN O 497 -37.37 -40.29 -8.06
CA GLN O 497 -36.50 -39.21 -8.55
C GLN O 497 -35.41 -38.74 -7.60
N MET O 498 -34.34 -39.50 -7.44
CA MET O 498 -33.25 -39.15 -6.56
C MET O 498 -32.33 -38.13 -7.19
N VAL O 499 -31.58 -37.43 -6.35
CA VAL O 499 -30.37 -36.75 -6.77
C VAL O 499 -29.30 -37.18 -5.79
N ILE O 500 -28.35 -37.97 -6.24
CA ILE O 500 -27.61 -38.83 -5.34
C ILE O 500 -26.12 -38.68 -5.57
N GLU O 501 -25.35 -38.73 -4.48
CA GLU O 501 -23.91 -38.84 -4.55
C GLU O 501 -23.50 -39.97 -3.62
N GLN O 502 -23.09 -41.08 -4.18
CA GLN O 502 -22.55 -42.17 -3.42
C GLN O 502 -21.05 -42.02 -3.40
N GLU O 503 -20.42 -42.41 -2.31
CA GLU O 503 -18.98 -42.43 -2.30
C GLU O 503 -18.49 -43.46 -1.31
N VAL O 504 -17.42 -44.16 -1.66
CA VAL O 504 -16.82 -45.13 -0.76
C VAL O 504 -15.32 -44.93 -0.81
N SER O 505 -14.73 -44.46 0.27
CA SER O 505 -13.33 -44.13 0.31
C SER O 505 -12.65 -44.93 1.41
N LYS O 506 -11.33 -44.98 1.34
CA LYS O 506 -10.56 -45.46 2.48
C LYS O 506 -9.13 -44.98 2.31
N VAL O 507 -8.40 -44.95 3.40
CA VAL O 507 -6.99 -44.60 3.33
C VAL O 507 -6.21 -45.84 2.90
N GLU O 508 -5.55 -45.74 1.76
CA GLU O 508 -4.65 -46.78 1.31
C GLU O 508 -3.26 -46.17 1.23
N GLY O 509 -2.24 -47.02 1.24
CA GLY O 509 -0.98 -46.54 1.75
C GLY O 509 -0.29 -45.41 1.02
N GLN O 510 -0.13 -44.31 1.74
CA GLN O 510 0.89 -43.28 1.56
C GLN O 510 1.18 -42.80 0.14
N THR O 511 2.40 -42.31 -0.02
CA THR O 511 3.05 -41.80 -1.21
C THR O 511 4.29 -41.14 -0.64
N SER O 512 5.13 -40.54 -1.46
CA SER O 512 6.22 -39.76 -0.87
C SER O 512 5.70 -38.80 0.19
N LEU O 513 4.91 -37.82 -0.21
CA LEU O 513 4.60 -36.67 0.63
C LEU O 513 3.24 -36.71 1.34
N ASP O 514 2.42 -37.74 1.17
CA ASP O 514 1.10 -37.75 1.79
C ASP O 514 0.46 -39.12 1.74
N VAL O 515 -0.83 -39.16 2.11
CA VAL O 515 -1.68 -40.34 1.99
C VAL O 515 -2.45 -40.30 0.68
N VAL O 516 -2.55 -41.43 0.05
CA VAL O 516 -3.42 -41.63 -1.10
C VAL O 516 -4.68 -42.28 -0.57
N PHE O 517 -5.83 -41.91 -1.11
CA PHE O 517 -7.09 -42.51 -0.69
C PHE O 517 -7.64 -43.35 -1.82
N GLY O 518 -7.96 -44.59 -1.53
CA GLY O 518 -8.78 -45.31 -2.48
C GLY O 518 -10.12 -44.62 -2.51
N GLU O 519 -10.67 -44.37 -3.67
CA GLU O 519 -11.94 -43.65 -3.73
C GLU O 519 -12.74 -44.13 -4.91
N ARG O 520 -14.01 -44.41 -4.71
CA ARG O 520 -14.90 -44.69 -5.81
C ARG O 520 -16.21 -44.01 -5.57
N LYS O 521 -16.61 -43.09 -6.44
CA LYS O 521 -17.82 -42.36 -6.21
C LYS O 521 -18.56 -42.17 -7.49
N LEU O 522 -19.86 -42.01 -7.39
CA LEU O 522 -20.66 -41.71 -8.55
C LEU O 522 -21.76 -40.76 -8.15
N LYS O 523 -21.93 -39.69 -8.90
CA LYS O 523 -23.01 -38.76 -8.63
C LYS O 523 -23.82 -38.55 -9.88
N THR O 524 -25.08 -38.94 -9.82
CA THR O 524 -25.95 -39.06 -10.95
C THR O 524 -27.30 -38.52 -10.54
N THR O 525 -28.30 -38.72 -11.39
CA THR O 525 -29.68 -38.46 -11.03
C THR O 525 -30.52 -39.56 -11.63
N VAL O 526 -31.27 -40.27 -10.81
CA VAL O 526 -31.98 -41.43 -11.28
C VAL O 526 -33.45 -41.24 -10.96
N LEU O 527 -34.27 -42.05 -11.58
CA LEU O 527 -35.70 -41.99 -11.39
C LEU O 527 -36.17 -43.41 -11.11
N ALA O 528 -36.62 -43.65 -9.89
CA ALA O 528 -36.91 -45.00 -9.45
C ALA O 528 -38.35 -45.11 -8.99
N ASN O 529 -38.97 -46.25 -9.27
CA ASN O 529 -40.32 -46.48 -8.79
C ASN O 529 -40.33 -46.64 -7.28
N ASP O 530 -41.52 -46.56 -6.72
CA ASP O 530 -41.69 -46.51 -5.27
C ASP O 530 -40.94 -47.63 -4.57
N GLY O 531 -41.20 -48.86 -4.92
CA GLY O 531 -40.64 -49.93 -4.14
C GLY O 531 -39.56 -50.72 -4.83
N GLU O 532 -39.01 -50.20 -5.92
CA GLU O 532 -38.25 -51.02 -6.84
C GLU O 532 -36.85 -50.47 -7.01
N LEU O 533 -36.01 -51.30 -7.61
CA LEU O 533 -34.57 -51.26 -7.45
C LEU O 533 -33.95 -50.86 -8.78
N ILE O 534 -33.27 -49.73 -8.80
CA ILE O 534 -32.63 -49.27 -10.03
C ILE O 534 -31.13 -49.29 -9.82
N VAL O 535 -30.38 -49.59 -10.87
CA VAL O 535 -28.94 -49.69 -10.81
C VAL O 535 -28.32 -48.33 -11.12
N LEU O 536 -27.49 -47.83 -10.21
CA LEU O 536 -26.85 -46.55 -10.47
C LEU O 536 -25.62 -46.67 -11.33
N GLY O 537 -24.80 -47.68 -11.10
CA GLY O 537 -23.47 -47.64 -11.63
C GLY O 537 -22.88 -49.02 -11.62
N GLY O 538 -21.59 -49.10 -11.83
CA GLY O 538 -20.99 -50.40 -11.86
C GLY O 538 -19.66 -50.38 -12.56
N LEU O 539 -18.98 -51.50 -12.48
CA LEU O 539 -17.72 -51.68 -13.15
C LEU O 539 -17.56 -53.17 -13.32
N MET O 540 -16.90 -53.59 -14.38
CA MET O 540 -16.56 -54.98 -14.54
C MET O 540 -15.16 -54.98 -15.09
N ASP O 541 -14.21 -55.61 -14.44
CA ASP O 541 -12.83 -55.39 -14.83
C ASP O 541 -12.12 -56.72 -14.85
N ASP O 542 -11.60 -57.12 -16.00
CA ASP O 542 -10.88 -58.37 -16.14
C ASP O 542 -9.46 -58.09 -16.58
N GLN O 543 -8.57 -59.03 -16.32
CA GLN O 543 -7.23 -58.97 -16.86
C GLN O 543 -6.76 -60.39 -17.02
N ALA O 544 -5.95 -60.64 -18.02
CA ALA O 544 -5.18 -61.86 -18.03
C ALA O 544 -3.78 -61.52 -18.49
N GLY O 545 -2.84 -61.55 -17.61
CA GLY O 545 -1.49 -61.30 -18.01
C GLY O 545 -0.83 -62.57 -18.43
N GLU O 546 0.39 -62.45 -18.92
CA GLU O 546 1.28 -63.58 -19.06
C GLU O 546 2.68 -63.04 -19.24
N SER O 547 3.64 -63.91 -19.08
CA SER O 547 5.03 -63.58 -19.34
C SER O 547 5.73 -64.89 -19.61
N VAL O 548 6.91 -64.81 -20.17
CA VAL O 548 7.71 -66.02 -20.28
C VAL O 548 9.13 -65.53 -20.45
N ALA O 549 10.09 -66.42 -20.28
CA ALA O 549 11.45 -66.16 -20.63
C ALA O 549 12.03 -67.51 -20.97
N LYS O 550 12.98 -67.55 -21.87
CA LYS O 550 13.58 -68.83 -22.18
C LYS O 550 14.91 -68.61 -22.86
N VAL O 551 15.51 -69.68 -23.34
CA VAL O 551 16.90 -69.64 -23.77
C VAL O 551 17.30 -68.90 -25.04
N PRO O 552 16.53 -68.89 -26.14
CA PRO O 552 15.34 -69.35 -26.83
C PRO O 552 15.24 -70.72 -27.42
N LEU O 553 16.30 -71.26 -27.99
CA LEU O 553 16.07 -72.35 -28.93
C LEU O 553 15.66 -73.62 -28.19
N LEU O 554 16.14 -73.80 -26.96
CA LEU O 554 15.86 -74.99 -26.18
C LEU O 554 14.52 -74.93 -25.48
N GLY O 555 13.96 -73.75 -25.28
CA GLY O 555 12.68 -73.69 -24.63
C GLY O 555 11.52 -74.22 -25.42
N ASP O 556 11.74 -74.62 -26.67
CA ASP O 556 10.65 -75.08 -27.51
C ASP O 556 10.52 -76.58 -27.60
N ILE O 557 11.42 -77.35 -27.02
CA ILE O 557 11.23 -78.79 -27.06
C ILE O 557 9.96 -79.15 -26.30
N PRO O 558 9.08 -80.00 -26.83
CA PRO O 558 7.76 -80.18 -26.21
C PRO O 558 7.79 -80.87 -24.86
N LEU O 559 8.87 -81.59 -24.52
CA LEU O 559 8.98 -82.25 -23.23
C LEU O 559 9.89 -81.50 -22.27
N ILE O 560 11.17 -81.41 -22.62
CA ILE O 560 12.19 -80.92 -21.70
C ILE O 560 12.30 -79.41 -21.83
N GLY O 561 11.41 -78.82 -22.61
CA GLY O 561 11.40 -77.37 -22.70
C GLY O 561 11.29 -76.72 -21.34
N ASN O 562 10.41 -77.25 -20.49
CA ASN O 562 10.10 -76.59 -19.23
C ASN O 562 11.29 -76.43 -18.32
N LEU O 563 12.39 -77.12 -18.58
CA LEU O 563 13.55 -76.91 -17.74
C LEU O 563 14.18 -75.56 -17.99
N PHE O 564 13.99 -75.01 -19.18
CA PHE O 564 14.66 -73.78 -19.58
C PHE O 564 13.79 -72.53 -19.53
N LYS O 565 12.56 -72.62 -19.06
CA LYS O 565 11.60 -71.53 -19.13
C LYS O 565 11.32 -70.98 -17.75
N SER O 566 10.84 -69.75 -17.70
CA SER O 566 10.26 -69.20 -16.49
C SER O 566 8.99 -68.47 -16.85
N THR O 567 7.87 -68.91 -16.32
CA THR O 567 6.57 -68.40 -16.72
C THR O 567 5.90 -67.70 -15.55
N ALA O 568 5.10 -66.69 -15.84
CA ALA O 568 4.26 -66.07 -14.82
C ALA O 568 2.92 -65.76 -15.44
N ASP O 569 1.84 -66.25 -14.85
CA ASP O 569 0.52 -65.98 -15.37
C ASP O 569 -0.26 -65.17 -14.36
N LYS O 570 -1.32 -64.55 -14.82
CA LYS O 570 -2.11 -63.76 -13.90
C LYS O 570 -3.51 -63.72 -14.45
N LYS O 571 -4.47 -63.64 -13.55
CA LYS O 571 -5.86 -63.52 -13.93
C LYS O 571 -6.52 -62.75 -12.82
N GLU O 572 -7.47 -61.91 -13.16
CA GLU O 572 -8.00 -61.03 -12.14
C GLU O 572 -9.39 -60.63 -12.56
N LYS O 573 -10.22 -60.32 -11.60
CA LYS O 573 -11.57 -59.97 -11.96
C LYS O 573 -12.17 -59.14 -10.86
N ARG O 574 -13.10 -58.28 -11.21
CA ARG O 574 -13.73 -57.44 -10.21
C ARG O 574 -15.10 -57.06 -10.73
N ASN O 575 -16.04 -56.88 -9.82
CA ASN O 575 -17.35 -56.43 -10.21
C ASN O 575 -17.85 -55.49 -9.15
N LEU O 576 -18.23 -54.29 -9.51
CA LEU O 576 -19.01 -53.46 -8.62
C LEU O 576 -20.41 -53.33 -9.15
N MET O 577 -21.32 -53.07 -8.25
CA MET O 577 -22.63 -52.59 -8.62
C MET O 577 -23.06 -51.70 -7.50
N VAL O 578 -23.87 -50.72 -7.81
CA VAL O 578 -24.53 -49.92 -6.80
C VAL O 578 -25.98 -49.88 -7.19
N PHE O 579 -26.84 -50.21 -6.27
CA PHE O 579 -28.26 -50.23 -6.54
C PHE O 579 -28.90 -49.23 -5.61
N ILE O 580 -30.14 -48.88 -5.87
CA ILE O 580 -30.81 -48.04 -4.91
C ILE O 580 -32.27 -48.40 -4.90
N ARG O 581 -32.84 -48.54 -3.72
CA ARG O 581 -34.26 -48.81 -3.58
C ARG O 581 -34.94 -47.73 -2.78
N PRO O 582 -35.77 -46.88 -3.36
CA PRO O 582 -36.57 -45.96 -2.57
C PRO O 582 -37.75 -46.65 -1.93
N THR O 583 -38.34 -45.98 -0.96
CA THR O 583 -39.58 -46.42 -0.37
C THR O 583 -40.28 -45.17 0.12
N ILE O 584 -41.59 -45.11 -0.04
CA ILE O 584 -42.34 -43.91 0.29
C ILE O 584 -43.18 -44.20 1.52
N LEU O 585 -43.01 -43.37 2.53
CA LEU O 585 -43.75 -43.49 3.77
C LEU O 585 -44.73 -42.33 3.80
N ARG O 586 -46.00 -42.60 3.56
CA ARG O 586 -47.00 -41.55 3.45
C ARG O 586 -47.81 -41.41 4.74
N ASP O 587 -48.49 -42.48 5.13
CA ASP O 587 -49.28 -42.47 6.34
C ASP O 587 -48.37 -42.27 7.54
N GLY O 588 -48.96 -41.79 8.63
CA GLY O 588 -48.29 -41.92 9.91
C GLY O 588 -48.03 -43.38 10.25
N MET O 589 -48.85 -44.28 9.73
CA MET O 589 -48.67 -45.71 9.95
C MET O 589 -47.62 -46.32 9.02
N ALA O 590 -47.31 -45.64 7.91
CA ALA O 590 -46.30 -46.17 7.00
C ALA O 590 -44.90 -46.00 7.57
N ALA O 591 -44.67 -44.93 8.32
CA ALA O 591 -43.36 -44.71 8.94
C ALA O 591 -43.07 -45.74 10.02
N ASP O 592 -44.10 -46.29 10.63
CA ASP O 592 -43.95 -47.26 11.70
C ASP O 592 -43.94 -48.69 11.17
N GLY O 593 -44.21 -48.89 9.89
CA GLY O 593 -44.08 -50.21 9.30
C GLY O 593 -42.66 -50.55 8.95
N VAL O 594 -41.95 -49.60 8.37
CA VAL O 594 -40.54 -49.81 8.04
C VAL O 594 -39.69 -49.72 9.28
N SER O 595 -39.89 -48.67 10.07
CA SER O 595 -39.02 -48.49 11.22
C SER O 595 -39.31 -49.46 12.34
N GLN O 596 -40.43 -50.14 12.31
CA GLN O 596 -40.65 -51.18 13.31
C GLN O 596 -40.01 -52.49 12.92
N ARG O 597 -39.89 -52.80 11.65
CA ARG O 597 -39.28 -54.07 11.31
C ARG O 597 -37.76 -54.00 11.36
N LYS O 598 -37.17 -52.84 11.13
CA LYS O 598 -35.74 -52.74 11.36
C LYS O 598 -35.40 -52.71 12.83
N TYR O 599 -36.32 -52.25 13.67
CA TYR O 599 -36.10 -52.33 15.11
C TYR O 599 -36.10 -53.79 15.55
N ASN O 600 -37.17 -54.51 15.26
CA ASN O 600 -37.23 -55.90 15.64
C ASN O 600 -36.17 -56.73 14.95
N TYR O 601 -35.49 -56.19 13.94
CA TYR O 601 -34.37 -56.92 13.38
C TYR O 601 -33.10 -56.71 14.20
N MET O 602 -32.85 -55.49 14.66
CA MET O 602 -31.70 -55.27 15.53
C MET O 602 -31.92 -55.87 16.89
N ARG O 603 -33.15 -55.92 17.36
CA ARG O 603 -33.38 -56.47 18.68
C ARG O 603 -33.27 -57.98 18.65
N ALA O 604 -33.35 -58.59 17.49
CA ALA O 604 -33.11 -60.02 17.40
C ALA O 604 -31.66 -60.35 17.15
N GLU O 605 -30.84 -59.36 16.80
CA GLU O 605 -29.40 -59.56 16.82
C GLU O 605 -28.88 -59.52 18.24
N GLN O 606 -29.39 -58.59 19.04
CA GLN O 606 -28.92 -58.42 20.39
C GLN O 606 -29.45 -59.47 21.34
N ILE O 607 -30.50 -60.18 20.97
CA ILE O 607 -30.92 -61.31 21.77
C ILE O 607 -30.08 -62.53 21.45
N TYR O 608 -29.81 -62.77 20.17
CA TYR O 608 -28.97 -63.91 19.83
C TYR O 608 -27.54 -63.69 20.28
N ARG O 609 -27.08 -62.44 20.29
CA ARG O 609 -25.81 -62.12 20.90
C ARG O 609 -25.85 -62.36 22.39
N ASP O 610 -27.02 -62.19 23.00
CA ASP O 610 -27.18 -62.38 24.43
C ASP O 610 -27.37 -63.85 24.80
N GLU O 611 -28.13 -64.60 23.99
CA GLU O 611 -28.35 -66.00 24.31
C GLU O 611 -27.05 -66.77 24.45
N GLN O 612 -26.06 -66.45 23.64
CA GLN O 612 -24.72 -66.98 23.83
C GLN O 612 -23.92 -65.89 24.51
N GLY O 613 -23.70 -66.05 25.80
CA GLY O 613 -23.34 -64.93 26.63
C GLY O 613 -21.90 -64.56 26.49
N LEU O 614 -21.51 -63.60 27.31
CA LEU O 614 -20.10 -63.42 27.58
C LEU O 614 -19.61 -64.67 28.28
N SER O 615 -18.60 -65.31 27.73
CA SER O 615 -18.30 -66.68 28.13
C SER O 615 -17.61 -66.75 29.47
N LEU O 616 -16.71 -65.83 29.76
CA LEU O 616 -16.02 -65.86 31.05
C LEU O 616 -16.94 -65.41 32.17
N MET O 617 -17.61 -64.28 32.00
CA MET O 617 -18.55 -63.85 33.01
C MET O 617 -19.96 -64.28 32.63
N PRO O 618 -20.53 -65.30 33.28
CA PRO O 618 -21.98 -65.40 33.23
C PRO O 618 -22.57 -64.71 34.45
N HIS O 619 -23.88 -64.57 34.54
CA HIS O 619 -24.72 -64.59 33.36
C HIS O 619 -24.60 -63.22 32.74
N THR O 620 -24.74 -62.20 33.58
CA THR O 620 -24.30 -60.84 33.30
C THR O 620 -24.92 -60.28 32.02
N ALA O 621 -26.22 -60.00 32.14
CA ALA O 621 -26.85 -58.91 31.40
C ALA O 621 -26.56 -58.91 29.91
N GLN O 622 -25.82 -57.89 29.48
CA GLN O 622 -25.46 -57.45 28.14
C GLN O 622 -26.61 -56.63 27.57
N PRO O 623 -26.34 -55.58 26.81
CA PRO O 623 -27.41 -54.67 26.42
C PRO O 623 -28.32 -55.32 25.40
N VAL O 624 -29.61 -55.19 25.62
CA VAL O 624 -30.61 -55.57 24.64
C VAL O 624 -31.58 -54.41 24.55
N LEU O 625 -32.18 -54.31 23.49
CA LEU O 625 -32.94 -53.13 23.15
C LEU O 625 -34.39 -53.33 23.60
N PRO O 626 -35.02 -52.34 24.23
CA PRO O 626 -36.31 -52.59 24.90
C PRO O 626 -37.34 -53.14 23.94
N ALA O 627 -38.24 -53.95 24.46
CA ALA O 627 -39.28 -54.51 23.62
C ALA O 627 -40.30 -53.46 23.24
N GLN O 628 -41.08 -53.75 22.21
CA GLN O 628 -42.22 -52.93 21.84
C GLN O 628 -43.50 -53.65 22.25
N ASN O 629 -44.45 -52.87 22.77
CA ASN O 629 -45.68 -53.42 23.32
C ASN O 629 -45.38 -54.39 24.46
N GLN O 630 -44.60 -53.92 25.43
CA GLN O 630 -44.33 -54.70 26.63
C GLN O 630 -45.60 -55.08 27.37
N ALA O 631 -46.67 -54.34 27.17
CA ALA O 631 -47.93 -54.44 27.93
C ALA O 631 -47.58 -54.22 29.41
N LEU O 632 -48.18 -54.95 30.31
CA LEU O 632 -48.09 -54.67 31.73
C LEU O 632 -47.15 -55.64 32.42
N PRO O 633 -46.25 -55.14 33.26
CA PRO O 633 -45.43 -56.05 34.06
C PRO O 633 -46.31 -56.94 34.90
N PRO O 634 -45.79 -58.10 35.32
CA PRO O 634 -46.65 -59.06 36.03
C PRO O 634 -47.23 -58.52 37.32
N GLU O 635 -46.48 -57.73 38.08
CA GLU O 635 -47.03 -57.24 39.34
C GLU O 635 -47.97 -56.08 39.12
N VAL O 636 -47.74 -55.27 38.08
CA VAL O 636 -48.70 -54.23 37.74
C VAL O 636 -50.00 -54.86 37.29
N ARG O 637 -49.92 -56.06 36.71
CA ARG O 637 -51.11 -56.78 36.27
C ARG O 637 -52.09 -56.99 37.42
N ALA O 638 -51.57 -57.43 38.57
CA ALA O 638 -52.44 -57.74 39.71
C ALA O 638 -53.12 -56.50 40.28
N PHE O 639 -52.42 -55.36 40.32
CA PHE O 639 -53.00 -54.14 40.88
C PHE O 639 -54.31 -53.77 40.21
N LEU O 640 -54.47 -54.10 38.93
CA LEU O 640 -55.75 -53.89 38.26
C LEU O 640 -56.82 -54.80 38.84
N ASN O 641 -56.46 -56.06 39.11
CA ASN O 641 -57.45 -57.05 39.54
C ASN O 641 -57.94 -56.82 40.96
N ALA O 642 -57.36 -55.88 41.69
CA ALA O 642 -57.89 -55.54 43.00
C ALA O 642 -58.78 -54.32 42.90
N GLY O 643 -58.19 -53.15 42.68
CA GLY O 643 -58.93 -51.91 42.61
C GLY O 643 -59.87 -51.82 41.43
N CYS P 1 70.06 -9.83 -37.21
CA CYS P 1 69.75 -11.26 -37.25
C CYS P 1 69.10 -11.65 -38.58
N ALA P 2 69.89 -11.75 -39.65
CA ALA P 2 71.34 -11.51 -39.60
C ALA P 2 71.79 -10.65 -40.78
N SER P 3 71.08 -10.78 -41.91
CA SER P 3 71.40 -10.02 -43.11
C SER P 3 70.64 -10.57 -44.32
N HIS P 4 70.35 -9.68 -45.27
CA HIS P 4 69.63 -10.07 -46.47
C HIS P 4 70.21 -11.36 -47.05
N ASN P 5 69.38 -12.16 -47.72
CA ASN P 5 67.97 -11.85 -47.93
C ASN P 5 67.75 -10.69 -48.89
N GLU P 6 66.54 -10.16 -48.91
CA GLU P 6 66.23 -9.03 -49.79
C GLU P 6 66.26 -9.47 -51.25
N ASN P 7 65.31 -9.00 -52.06
CA ASN P 7 64.25 -8.09 -51.61
C ASN P 7 62.86 -8.72 -51.56
N ALA P 8 61.86 -7.94 -51.95
CA ALA P 8 60.47 -8.36 -51.96
C ALA P 8 60.35 -9.88 -51.62
N SER P 9 59.42 -10.72 -52.13
CA SER P 9 58.22 -10.49 -52.96
C SER P 9 57.15 -9.64 -52.28
N LEU P 10 57.36 -9.26 -51.02
CA LEU P 10 56.45 -8.34 -50.36
C LEU P 10 56.34 -7.03 -51.11
N LEU P 11 57.44 -6.28 -51.22
CA LEU P 11 57.38 -4.96 -51.83
C LEU P 11 57.01 -5.05 -53.31
N ALA P 12 57.45 -6.10 -53.99
CA ALA P 12 56.96 -6.35 -55.34
C ALA P 12 55.45 -6.46 -55.35
N LYS P 13 54.85 -6.90 -54.25
CA LYS P 13 53.42 -6.68 -54.09
C LYS P 13 53.13 -5.25 -53.67
N LYS P 14 53.89 -4.75 -52.69
CA LYS P 14 53.66 -3.39 -52.22
C LYS P 14 53.79 -2.37 -53.35
N GLN P 15 54.60 -2.66 -54.36
CA GLN P 15 54.71 -1.70 -55.44
C GLN P 15 53.56 -1.78 -56.42
N ALA P 16 53.09 -2.98 -56.77
CA ALA P 16 51.83 -3.07 -57.49
C ALA P 16 50.68 -2.57 -56.64
N GLN P 17 50.76 -2.81 -55.33
CA GLN P 17 49.83 -2.20 -54.39
C GLN P 17 49.74 -0.70 -54.58
N ASN P 18 50.88 -0.02 -54.51
CA ASN P 18 50.91 1.43 -54.69
C ASN P 18 50.25 1.86 -55.99
N ILE P 19 50.47 1.10 -57.06
CA ILE P 19 49.96 1.48 -58.37
C ILE P 19 48.45 1.55 -58.36
N SER P 20 47.81 0.58 -57.71
CA SER P 20 46.38 0.36 -57.86
C SER P 20 45.52 1.25 -57.00
N GLN P 21 46.07 1.89 -55.97
CA GLN P 21 45.24 2.72 -55.12
C GLN P 21 44.75 3.95 -55.84
N ASN P 22 45.40 4.34 -56.92
CA ASN P 22 45.04 5.52 -57.69
C ASN P 22 44.18 5.18 -58.90
N LEU P 23 43.83 3.91 -59.07
CA LEU P 23 43.37 3.37 -60.34
C LEU P 23 41.86 3.47 -60.50
N PRO P 24 41.37 3.68 -61.74
CA PRO P 24 42.09 3.95 -62.99
C PRO P 24 42.32 5.43 -63.26
N VAL P 33 40.78 -2.39 -64.97
CA VAL P 33 42.21 -2.16 -64.97
C VAL P 33 42.73 -2.58 -63.60
N LEU P 34 43.85 -3.28 -63.57
CA LEU P 34 44.43 -3.72 -62.30
C LEU P 34 45.91 -3.98 -62.48
N ALA P 35 46.64 -4.09 -61.39
CA ALA P 35 48.02 -4.57 -61.43
C ALA P 35 48.14 -5.79 -60.55
N GLN P 36 48.71 -6.87 -61.05
CA GLN P 36 48.86 -8.03 -60.20
C GLN P 36 50.34 -8.31 -59.96
N SER P 37 50.72 -8.39 -58.69
CA SER P 37 52.09 -8.72 -58.34
C SER P 37 52.14 -10.23 -58.16
N SER P 38 52.59 -10.91 -59.21
CA SER P 38 52.60 -12.37 -59.24
C SER P 38 54.02 -12.84 -58.94
N GLY P 39 54.19 -13.45 -57.78
CA GLY P 39 55.54 -13.77 -57.33
C GLY P 39 56.32 -12.49 -57.22
N THR P 40 57.47 -12.44 -57.88
CA THR P 40 58.26 -11.23 -57.99
C THR P 40 57.93 -10.44 -59.25
N THR P 41 56.95 -10.88 -60.02
CA THR P 41 56.58 -10.24 -61.25
C THR P 41 55.40 -9.30 -61.00
N VAL P 42 55.43 -8.14 -61.63
CA VAL P 42 54.30 -7.21 -61.61
C VAL P 42 53.49 -7.42 -62.88
N LYS P 43 52.18 -7.29 -62.77
CA LYS P 43 51.30 -7.41 -63.92
C LYS P 43 50.38 -6.19 -63.96
N MET P 44 49.93 -5.86 -65.17
CA MET P 44 49.05 -4.72 -65.37
C MET P 44 48.00 -5.09 -66.40
N THR P 45 46.73 -4.86 -66.07
CA THR P 45 45.62 -5.27 -66.92
C THR P 45 44.90 -4.02 -67.40
N ILE P 46 44.17 -4.14 -68.50
CA ILE P 46 43.32 -3.07 -68.99
C ILE P 46 41.96 -3.63 -69.38
N THR P 57 45.19 0.01 -80.78
CA THR P 57 46.39 -0.65 -81.29
C THR P 57 47.66 -0.13 -80.63
N PRO P 58 47.74 -0.15 -79.23
CA PRO P 58 48.90 0.44 -78.55
C PRO P 58 50.19 -0.38 -78.68
N ASP P 59 50.83 -0.27 -79.85
CA ASP P 59 52.17 -0.84 -80.00
C ASP P 59 53.24 0.18 -79.73
N ALA P 60 53.32 1.22 -80.57
CA ALA P 60 54.27 2.30 -80.33
C ALA P 60 54.03 2.93 -78.97
N PHE P 61 52.90 2.62 -78.34
CA PHE P 61 52.78 2.73 -76.90
C PHE P 61 53.97 2.12 -76.20
N LEU P 62 54.32 0.87 -76.54
CA LEU P 62 55.36 0.15 -75.81
C LEU P 62 56.66 0.92 -75.76
N THR P 63 57.32 1.07 -76.92
CA THR P 63 58.62 1.74 -76.97
C THR P 63 58.61 3.05 -76.21
N SER P 64 57.57 3.85 -76.41
CA SER P 64 57.35 5.00 -75.55
C SER P 64 57.23 4.53 -74.12
N TYR P 65 56.11 3.85 -73.81
CA TYR P 65 55.77 3.53 -72.43
C TYR P 65 56.88 2.77 -71.70
N GLN P 66 57.57 1.86 -72.39
CA GLN P 66 58.61 1.09 -71.71
C GLN P 66 59.76 1.99 -71.27
N ARG P 67 60.21 2.87 -72.16
CA ARG P 67 61.48 3.54 -71.94
C ARG P 67 61.43 4.53 -70.79
N GLN P 68 60.27 5.13 -70.52
CA GLN P 68 60.18 5.90 -69.30
C GLN P 68 60.45 5.03 -68.08
N MET P 69 59.86 3.83 -68.00
CA MET P 69 60.25 2.90 -66.94
C MET P 69 61.74 2.63 -66.99
N CYS P 70 62.22 2.20 -68.15
CA CYS P 70 63.64 1.98 -68.38
C CYS P 70 64.47 3.21 -68.01
N ALA P 71 63.89 4.41 -68.11
CA ALA P 71 64.53 5.65 -67.68
C ALA P 71 64.25 6.00 -66.23
N ASP P 72 63.32 5.33 -65.58
CA ASP P 72 63.02 5.67 -64.20
C ASP P 72 64.07 5.05 -63.27
N PRO P 73 64.70 5.86 -62.41
CA PRO P 73 65.79 5.32 -61.57
C PRO P 73 65.34 4.32 -60.51
N THR P 74 64.05 4.26 -60.18
CA THR P 74 63.56 3.18 -59.32
C THR P 74 63.44 1.87 -60.10
N VAL P 75 62.87 1.94 -61.30
CA VAL P 75 62.92 0.81 -62.22
C VAL P 75 64.37 0.51 -62.58
N LYS P 76 65.18 1.55 -62.76
CA LYS P 76 66.61 1.33 -62.92
C LYS P 76 67.24 0.84 -61.62
N LEU P 77 66.58 1.06 -60.48
CA LEU P 77 66.96 0.34 -59.27
C LEU P 77 66.36 -1.06 -59.24
N MET P 78 65.05 -1.17 -59.45
CA MET P 78 64.34 -2.41 -59.11
C MET P 78 64.54 -3.49 -60.16
N LEU P 79 64.40 -3.15 -61.44
CA LEU P 79 64.73 -4.12 -62.47
C LEU P 79 66.19 -4.54 -62.36
N THR P 80 67.02 -3.69 -61.77
CA THR P 80 68.36 -4.05 -61.36
C THR P 80 68.42 -4.52 -59.90
N GLU P 81 67.30 -4.52 -59.19
CA GLU P 81 67.21 -5.24 -57.92
C GLU P 81 66.92 -6.72 -58.12
N GLY P 82 66.20 -7.08 -59.17
CA GLY P 82 65.88 -8.48 -59.43
C GLY P 82 64.44 -8.90 -59.27
N ILE P 83 63.51 -8.00 -58.96
CA ILE P 83 62.09 -8.31 -59.03
C ILE P 83 61.60 -8.09 -60.46
N ASN P 84 60.92 -9.10 -61.01
CA ASN P 84 60.54 -9.04 -62.41
C ASN P 84 59.44 -8.01 -62.64
N TYR P 85 59.36 -7.54 -63.88
CA TYR P 85 58.27 -6.71 -64.33
C TYR P 85 57.61 -7.36 -65.53
N SER P 86 56.34 -7.03 -65.77
CA SER P 86 55.59 -7.51 -66.93
C SER P 86 54.43 -6.59 -67.20
N ILE P 87 53.85 -6.70 -68.39
CA ILE P 87 52.71 -5.90 -68.78
C ILE P 87 51.68 -6.72 -69.55
N THR P 88 50.42 -6.32 -69.46
CA THR P 88 49.34 -6.98 -70.20
C THR P 88 48.50 -5.91 -70.89
N ILE P 89 47.92 -6.25 -72.04
CA ILE P 89 47.02 -5.32 -72.72
C ILE P 89 45.89 -6.05 -73.42
N ASN P 90 44.66 -5.58 -73.22
CA ASN P 90 43.55 -5.92 -74.11
C ASN P 90 43.33 -4.74 -75.05
N ASN P 96 41.00 -9.01 -79.35
CA ASN P 96 42.35 -8.50 -79.15
C ASN P 96 42.88 -8.71 -77.72
N GLN P 97 44.17 -9.05 -77.63
CA GLN P 97 44.92 -9.07 -76.37
C GLN P 97 46.37 -9.41 -76.67
N TYR P 98 47.26 -9.11 -75.72
CA TYR P 98 48.67 -9.41 -75.84
C TYR P 98 49.37 -8.93 -74.59
N GLN P 99 50.66 -9.19 -74.52
CA GLN P 99 51.50 -8.67 -73.44
C GLN P 99 52.96 -8.90 -73.81
N ARG P 100 53.84 -8.44 -72.92
CA ARG P 100 55.24 -8.85 -72.91
C ARG P 100 55.81 -8.56 -71.54
N LYS P 101 56.94 -9.18 -71.25
CA LYS P 101 57.68 -8.88 -70.04
C LYS P 101 58.88 -8.03 -70.39
N LEU P 102 59.26 -7.14 -69.47
CA LEU P 102 60.44 -6.31 -69.65
C LEU P 102 61.23 -6.28 -68.35
N ASP P 103 62.54 -6.46 -68.47
CA ASP P 103 63.46 -6.42 -67.35
C ASP P 103 64.62 -5.48 -67.68
N ARG P 104 65.61 -5.44 -66.78
CA ARG P 104 66.75 -4.55 -66.94
C ARG P 104 67.41 -4.77 -68.29
N THR P 105 67.32 -6.00 -68.80
CA THR P 105 67.98 -6.34 -70.06
C THR P 105 67.24 -5.73 -71.25
N THR P 106 65.92 -5.91 -71.28
CA THR P 106 65.09 -5.34 -72.33
C THR P 106 65.03 -3.81 -72.29
N CYS P 107 65.58 -3.19 -71.26
CA CYS P 107 65.69 -1.74 -71.17
C CYS P 107 67.06 -1.22 -71.56
N CYS Q 1 55.82 -31.44 -47.79
CA CYS Q 1 55.38 -32.75 -47.33
C CYS Q 1 54.36 -33.36 -48.28
N ALA Q 2 54.81 -33.88 -49.42
CA ALA Q 2 56.23 -33.89 -49.79
C ALA Q 2 56.42 -33.47 -51.25
N SER Q 3 55.42 -33.78 -52.08
CA SER Q 3 55.47 -33.44 -53.50
C SER Q 3 54.36 -34.15 -54.27
N HIS Q 4 53.90 -33.51 -55.35
CA HIS Q 4 52.85 -34.08 -56.18
C HIS Q 4 53.11 -35.56 -56.45
N ASN Q 5 52.06 -36.35 -56.63
CA ASN Q 5 50.68 -35.88 -56.59
C ASN Q 5 50.33 -34.99 -57.78
N GLU Q 6 49.22 -34.28 -57.67
CA GLU Q 6 48.78 -33.40 -58.75
C GLU Q 6 48.37 -34.21 -59.98
N ASN Q 7 47.28 -33.82 -60.64
CA ASN Q 7 46.47 -32.66 -60.25
C ASN Q 7 45.10 -32.99 -59.68
N ALA Q 8 44.12 -32.19 -60.06
CA ALA Q 8 42.74 -32.35 -59.60
C ALA Q 8 42.57 -33.68 -58.80
N SER Q 9 41.46 -34.45 -58.79
CA SER Q 9 40.11 -34.25 -59.35
C SER Q 9 39.35 -33.07 -58.74
N LEU Q 10 39.93 -32.42 -57.74
CA LEU Q 10 39.34 -31.20 -57.19
C LEU Q 10 39.15 -30.15 -58.27
N LEU Q 11 40.25 -29.66 -58.85
CA LEU Q 11 40.14 -28.56 -59.80
C LEU Q 11 39.38 -28.98 -61.05
N ALA Q 12 39.51 -30.23 -61.47
CA ALA Q 12 38.64 -30.75 -62.51
C ALA Q 12 37.19 -30.59 -62.14
N LYS Q 13 36.87 -30.61 -60.84
CA LYS Q 13 35.57 -30.12 -60.43
C LYS Q 13 35.55 -28.60 -60.41
N LYS Q 14 36.59 -27.99 -59.84
CA LYS Q 14 36.63 -26.53 -59.76
C LYS Q 14 36.54 -25.89 -61.15
N GLN Q 15 37.01 -26.59 -62.18
CA GLN Q 15 36.92 -25.98 -63.50
C GLN Q 15 35.53 -26.12 -64.10
N ALA Q 16 34.88 -27.27 -63.95
CA ALA Q 16 33.47 -27.33 -64.30
C ALA Q 16 32.65 -26.43 -63.39
N GLN Q 17 33.06 -26.32 -62.13
CA GLN Q 17 32.48 -25.33 -61.23
C GLN Q 17 32.49 -23.94 -61.84
N ASN Q 18 33.67 -23.47 -62.25
CA ASN Q 18 33.79 -22.15 -62.86
C ASN Q 18 32.83 -21.99 -64.03
N ILE Q 19 32.68 -23.03 -64.84
CA ILE Q 19 31.87 -22.93 -66.06
C ILE Q 19 30.43 -22.60 -65.71
N SER Q 20 29.91 -23.24 -64.67
CA SER Q 20 28.47 -23.25 -64.41
C SER Q 20 27.98 -22.02 -63.68
N GLN Q 21 28.85 -21.23 -63.06
CA GLN Q 21 28.37 -20.07 -62.32
C GLN Q 21 27.82 -19.01 -63.24
N ASN Q 22 28.18 -19.05 -64.52
CA ASN Q 22 27.74 -18.08 -65.51
C ASN Q 22 26.55 -18.57 -66.32
N LEU Q 23 26.04 -19.75 -66.00
CA LEU Q 23 25.21 -20.53 -66.91
C LEU Q 23 23.73 -20.22 -66.73
N PRO Q 24 22.94 -20.27 -67.83
CA PRO Q 24 23.32 -20.47 -69.23
C PRO Q 24 23.60 -19.18 -69.98
N VAL Q 33 20.90 -26.79 -68.80
CA VAL Q 33 22.28 -26.82 -69.22
C VAL Q 33 23.12 -26.94 -67.95
N LEU Q 34 24.14 -27.78 -67.97
CA LEU Q 34 25.00 -27.96 -66.81
C LEU Q 34 26.33 -28.52 -67.24
N ALA Q 35 27.33 -28.45 -66.36
CA ALA Q 35 28.58 -29.15 -66.58
C ALA Q 35 28.83 -30.10 -65.43
N GLN Q 36 29.13 -31.35 -65.69
CA GLN Q 36 29.40 -32.25 -64.58
C GLN Q 36 30.85 -32.70 -64.63
N SER Q 37 31.56 -32.50 -63.52
CA SER Q 37 32.94 -32.95 -63.42
C SER Q 37 32.89 -34.35 -62.82
N SER Q 38 32.95 -35.36 -63.67
CA SER Q 38 32.82 -36.75 -63.26
C SER Q 38 34.21 -37.36 -63.17
N GLY Q 39 34.63 -37.66 -61.95
CA GLY Q 39 36.01 -38.07 -61.76
C GLY Q 39 36.93 -36.95 -62.23
N THR Q 40 37.84 -37.30 -63.13
CA THR Q 40 38.69 -36.31 -63.78
C THR Q 40 38.11 -35.84 -65.10
N THR Q 41 36.91 -36.30 -65.44
CA THR Q 41 36.28 -35.96 -66.71
C THR Q 41 35.31 -34.80 -66.48
N VAL Q 42 35.27 -33.87 -67.42
CA VAL Q 42 34.29 -32.79 -67.42
C VAL Q 42 33.15 -33.19 -68.34
N LYS Q 43 31.94 -32.81 -67.97
CA LYS Q 43 30.77 -33.08 -68.79
C LYS Q 43 30.00 -31.78 -68.98
N MET Q 44 29.26 -31.71 -70.08
CA MET Q 44 28.48 -30.53 -70.42
C MET Q 44 27.15 -30.98 -71.01
N THR Q 45 26.05 -30.45 -70.47
CA THR Q 45 24.72 -30.88 -70.88
C THR Q 45 24.01 -29.70 -71.53
N ILE Q 46 23.00 -29.99 -72.34
CA ILE Q 46 22.16 -28.95 -72.92
C ILE Q 46 20.70 -29.35 -72.78
N THR Q 57 21.00 -29.54 -85.17
CA THR Q 57 21.95 -30.50 -85.72
C THR Q 57 23.39 -30.05 -85.57
N PRO Q 58 23.84 -29.71 -84.29
CA PRO Q 58 25.20 -29.16 -84.12
C PRO Q 58 26.32 -30.20 -84.29
N ASP Q 59 26.63 -30.51 -85.55
CA ASP Q 59 27.80 -31.34 -85.83
C ASP Q 59 29.00 -30.47 -86.14
N ALA Q 60 28.95 -29.73 -87.26
CA ALA Q 60 30.03 -28.80 -87.59
C ALA Q 60 30.24 -27.79 -86.47
N PHE Q 61 29.30 -27.73 -85.53
CA PHE Q 61 29.58 -27.22 -84.20
C PHE Q 61 30.87 -27.82 -83.65
N LEU Q 62 30.98 -29.15 -83.66
CA LEU Q 62 32.11 -29.82 -83.02
C LEU Q 62 33.44 -29.30 -83.52
N THR Q 63 33.76 -29.59 -84.79
CA THR Q 63 35.06 -29.19 -85.33
C THR Q 63 35.39 -27.74 -85.03
N SER Q 64 34.42 -26.85 -85.22
CA SER Q 64 34.56 -25.50 -84.72
C SER Q 64 34.79 -25.53 -83.22
N TYR Q 65 33.73 -25.90 -82.47
CA TYR Q 65 33.75 -25.78 -81.02
C TYR Q 65 34.95 -26.49 -80.38
N GLN Q 66 35.33 -27.66 -80.90
CA GLN Q 66 36.44 -28.38 -80.28
C GLN Q 66 37.74 -27.62 -80.42
N ARG Q 67 38.02 -27.09 -81.61
CA ARG Q 67 39.36 -26.62 -81.91
C ARG Q 67 39.72 -25.37 -81.14
N GLN Q 68 38.73 -24.53 -80.81
CA GLN Q 68 39.07 -23.45 -79.89
C GLN Q 68 39.58 -23.99 -78.56
N MET Q 69 38.92 -25.01 -77.99
CA MET Q 69 39.49 -25.67 -76.82
C MET Q 69 40.88 -26.19 -77.14
N CYS Q 70 40.98 -27.00 -78.18
CA CYS Q 70 42.25 -27.51 -78.65
C CYS Q 70 43.27 -26.40 -78.89
N ALA Q 71 42.80 -25.18 -79.22
CA ALA Q 71 43.65 -24.01 -79.34
C ALA Q 71 43.82 -23.23 -78.04
N ASP Q 72 43.04 -23.54 -77.02
CA ASP Q 72 43.16 -22.79 -75.77
C ASP Q 72 44.36 -23.31 -74.98
N PRO Q 73 45.28 -22.43 -74.57
CA PRO Q 73 46.50 -22.90 -73.90
C PRO Q 73 46.27 -23.47 -72.51
N THR Q 74 45.12 -23.22 -71.87
CA THR Q 74 44.78 -23.94 -70.64
C THR Q 74 44.33 -25.35 -70.94
N VAL Q 75 43.46 -25.52 -71.93
CA VAL Q 75 43.14 -26.85 -72.44
C VAL Q 75 44.40 -27.49 -73.03
N LYS Q 76 45.23 -26.69 -73.71
CA LYS Q 76 46.53 -27.17 -74.11
C LYS Q 76 47.45 -27.40 -72.93
N LEU Q 77 47.15 -26.78 -71.78
CA LEU Q 77 47.77 -27.20 -70.53
C LEU Q 77 47.08 -28.42 -69.93
N MET Q 78 45.75 -28.35 -69.79
CA MET Q 78 45.05 -29.30 -68.93
C MET Q 78 44.85 -30.64 -69.62
N LEU Q 79 44.39 -30.64 -70.87
CA LEU Q 79 44.33 -31.89 -71.61
C LEU Q 79 45.71 -32.52 -71.72
N THR Q 80 46.75 -31.70 -71.62
CA THR Q 80 48.11 -32.17 -71.45
C THR Q 80 48.53 -32.23 -69.98
N GLU Q 81 47.65 -31.84 -69.06
CA GLU Q 81 47.85 -32.16 -67.65
C GLU Q 81 47.37 -33.57 -67.30
N GLY Q 82 46.36 -34.07 -68.00
CA GLY Q 82 45.86 -35.41 -67.74
C GLY Q 82 44.47 -35.51 -67.12
N ILE Q 83 43.76 -34.42 -66.90
CA ILE Q 83 42.34 -34.49 -66.53
C ILE Q 83 41.50 -34.58 -67.80
N ASN Q 84 40.61 -35.56 -67.85
CA ASN Q 84 39.87 -35.81 -69.07
C ASN Q 84 38.85 -34.71 -69.33
N TYR Q 85 38.47 -34.60 -70.61
CA TYR Q 85 37.39 -33.73 -71.01
C TYR Q 85 36.37 -34.56 -71.77
N SER Q 86 35.11 -34.10 -71.78
CA SER Q 86 34.03 -34.73 -72.53
C SER Q 86 32.94 -33.72 -72.79
N ILE Q 87 32.05 -34.06 -73.73
CA ILE Q 87 30.92 -33.20 -74.06
C ILE Q 87 29.64 -34.01 -74.28
N THR Q 88 28.50 -33.38 -74.02
CA THR Q 88 27.21 -34.02 -74.26
C THR Q 88 26.31 -33.05 -75.01
N ILE Q 89 25.42 -33.58 -75.85
CA ILE Q 89 24.46 -32.73 -76.54
C ILE Q 89 23.11 -33.41 -76.70
N ASN Q 90 22.03 -32.70 -76.37
CA ASN Q 90 20.70 -33.06 -76.83
C ASN Q 90 20.34 -32.16 -78.00
N ASN Q 96 16.52 -36.96 -80.12
CA ASN Q 96 17.91 -36.66 -80.41
C ASN Q 96 18.79 -36.57 -79.15
N GLN Q 97 20.02 -37.09 -79.27
CA GLN Q 97 21.08 -36.90 -78.28
C GLN Q 97 22.35 -37.56 -78.78
N TYR Q 98 23.49 -37.17 -78.21
CA TYR Q 98 24.78 -37.72 -78.57
C TYR Q 98 25.84 -37.05 -77.72
N GLN Q 99 27.07 -37.51 -77.88
CA GLN Q 99 28.21 -36.87 -77.23
C GLN Q 99 29.50 -37.43 -77.85
N ARG Q 100 30.62 -36.92 -77.37
CA ARG Q 100 31.92 -37.55 -77.58
C ARG Q 100 32.87 -37.00 -76.52
N LYS Q 101 33.98 -37.70 -76.34
CA LYS Q 101 35.05 -37.23 -75.49
C LYS Q 101 36.18 -36.71 -76.35
N LEU Q 102 36.88 -35.70 -75.86
CA LEU Q 102 38.04 -35.16 -76.56
C LEU Q 102 39.16 -34.92 -75.55
N ASP Q 103 40.36 -35.35 -75.91
CA ASP Q 103 41.55 -35.16 -75.10
C ASP Q 103 42.66 -34.57 -75.97
N ARG Q 104 43.85 -34.46 -75.38
CA ARG Q 104 44.99 -33.86 -76.07
C ARG Q 104 45.23 -34.54 -77.40
N THR Q 105 44.88 -35.83 -77.49
CA THR Q 105 45.13 -36.61 -78.69
C THR Q 105 44.16 -36.21 -79.79
N THR Q 106 42.87 -36.16 -79.46
CA THR Q 106 41.84 -35.77 -80.42
C THR Q 106 41.95 -34.30 -80.83
N CYS Q 107 42.82 -33.52 -80.20
CA CYS Q 107 43.09 -32.14 -80.59
C CYS Q 107 44.34 -32.00 -81.43
N CYS R 1 37.22 -52.29 -47.64
CA CYS R 1 36.79 -53.33 -46.70
C CYS R 1 35.49 -54.00 -47.15
N ALA R 2 35.56 -54.87 -48.16
CA ALA R 2 36.81 -55.23 -48.83
C ALA R 2 36.64 -55.25 -50.34
N SER R 3 35.42 -55.59 -50.79
CA SER R 3 35.11 -55.66 -52.21
C SER R 3 33.77 -56.35 -52.45
N HIS R 4 33.09 -55.96 -53.53
CA HIS R 4 31.80 -56.54 -53.87
C HIS R 4 31.84 -58.06 -53.74
N ASN R 5 30.70 -58.68 -53.41
CA ASN R 5 29.45 -57.97 -53.19
C ASN R 5 28.86 -57.39 -54.48
N GLU R 6 27.90 -56.50 -54.33
CA GLU R 6 27.27 -55.88 -55.50
C GLU R 6 26.45 -56.91 -56.28
N ASN R 7 25.27 -56.53 -56.76
CA ASN R 7 24.72 -55.18 -56.57
C ASN R 7 23.53 -55.11 -55.62
N ALA R 8 22.56 -54.29 -55.98
CA ALA R 8 21.36 -54.07 -55.19
C ALA R 8 21.28 -55.09 -54.01
N SER R 9 20.15 -55.62 -53.50
CA SER R 9 18.73 -55.35 -53.75
C SER R 9 18.28 -53.94 -53.37
N LEU R 10 19.17 -53.15 -52.79
CA LEU R 10 18.88 -51.75 -52.52
C LEU R 10 18.51 -51.00 -53.79
N LEU R 11 19.44 -50.89 -54.73
CA LEU R 11 19.18 -50.09 -55.91
C LEU R 11 18.08 -50.68 -56.77
N ALA R 12 17.96 -52.01 -56.80
CA ALA R 12 16.80 -52.63 -57.41
C ALA R 12 15.52 -52.13 -56.76
N LYS R 13 15.57 -51.74 -55.49
CA LYS R 13 14.48 -50.94 -54.95
C LYS R 13 14.62 -49.49 -55.38
N LYS R 14 15.83 -48.94 -55.29
CA LYS R 14 16.03 -47.54 -55.68
C LYS R 14 15.63 -47.29 -57.13
N GLN R 15 15.72 -48.31 -57.98
CA GLN R 15 15.33 -48.08 -59.36
C GLN R 15 13.83 -48.13 -59.56
N ALA R 16 13.14 -49.06 -58.91
CA ALA R 16 11.68 -48.98 -58.87
C ALA R 16 11.24 -47.73 -58.12
N GLN R 17 11.99 -47.36 -57.09
CA GLN R 17 11.78 -46.09 -56.42
C GLN R 17 11.75 -44.93 -57.41
N ASN R 18 12.81 -44.80 -58.21
CA ASN R 18 12.89 -43.74 -59.20
C ASN R 18 11.66 -43.73 -60.12
N ILE R 19 11.19 -44.92 -60.50
CA ILE R 19 10.09 -45.00 -61.46
C ILE R 19 8.85 -44.35 -60.91
N SER R 20 8.57 -44.58 -59.63
CA SER R 20 7.27 -44.27 -59.06
C SER R 20 7.11 -42.82 -58.64
N GLN R 21 8.20 -42.06 -58.50
CA GLN R 21 8.05 -40.68 -58.07
C GLN R 21 7.37 -39.83 -59.12
N ASN R 22 7.37 -40.28 -60.37
CA ASN R 22 6.76 -39.55 -61.47
C ASN R 22 5.35 -40.02 -61.78
N LEU R 23 4.84 -40.97 -61.02
CA LEU R 23 3.72 -41.80 -61.41
C LEU R 23 2.39 -41.21 -61.00
N PRO R 24 1.32 -41.41 -61.81
CA PRO R 24 1.28 -42.04 -63.13
C PRO R 24 1.46 -41.08 -64.29
N VAL R 33 -1.53 -47.50 -60.26
CA VAL R 33 -0.32 -47.87 -60.95
C VAL R 33 0.82 -47.80 -59.94
N LEU R 34 1.70 -48.78 -59.94
CA LEU R 34 2.83 -48.78 -59.02
C LEU R 34 3.94 -49.65 -59.55
N ALA R 35 5.13 -49.53 -58.99
CA ALA R 35 6.20 -50.48 -59.29
C ALA R 35 6.67 -51.09 -57.99
N GLN R 36 6.77 -52.41 -57.92
CA GLN R 36 7.24 -53.01 -56.68
C GLN R 36 8.57 -53.70 -56.93
N SER R 37 9.57 -53.33 -56.14
CA SER R 37 10.87 -53.98 -56.24
C SER R 37 10.86 -55.12 -55.23
N SER R 38 10.59 -56.33 -55.73
CA SER R 38 10.44 -57.51 -54.90
C SER R 38 11.74 -58.29 -54.95
N GLY R 39 12.44 -58.33 -53.84
CA GLY R 39 13.79 -58.90 -53.86
C GLY R 39 14.63 -58.14 -54.85
N THR R 40 15.23 -58.85 -55.79
CA THR R 40 15.95 -58.25 -56.89
C THR R 40 15.08 -58.06 -58.11
N THR R 41 13.79 -58.38 -58.01
CA THR R 41 12.87 -58.28 -59.12
C THR R 41 12.13 -56.95 -59.04
N VAL R 42 11.92 -56.32 -60.18
CA VAL R 42 11.09 -55.13 -60.29
C VAL R 42 9.70 -55.56 -60.74
N LYS R 43 8.68 -54.89 -60.23
CA LYS R 43 7.31 -55.16 -60.63
C LYS R 43 6.64 -53.85 -61.02
N MET R 44 5.64 -53.95 -61.90
CA MET R 44 4.92 -52.79 -62.38
C MET R 44 3.44 -53.14 -62.47
N THR R 45 2.58 -52.32 -61.88
CA THR R 45 1.16 -52.58 -61.81
C THR R 45 0.42 -51.53 -62.60
N ILE R 46 -0.80 -51.84 -63.03
CA ILE R 46 -1.67 -50.86 -63.68
C ILE R 46 -3.07 -50.96 -63.09
N THR R 57 -6.20 -54.52 -74.55
CA THR R 57 -5.54 -55.74 -74.98
C THR R 57 -4.07 -55.52 -75.32
N PRO R 58 -3.25 -54.94 -74.35
CA PRO R 58 -1.86 -54.61 -74.67
C PRO R 58 -0.93 -55.83 -74.78
N ASP R 59 -1.02 -56.52 -75.92
CA ASP R 59 -0.05 -57.58 -76.20
C ASP R 59 1.10 -57.05 -77.03
N ALA R 60 0.81 -56.64 -78.27
CA ALA R 60 1.84 -56.04 -79.11
C ALA R 60 2.45 -54.82 -78.44
N PHE R 61 1.82 -54.34 -77.37
CA PHE R 61 2.51 -53.55 -76.37
C PHE R 61 3.82 -54.19 -75.98
N LEU R 62 3.80 -55.47 -75.61
CA LEU R 62 4.99 -56.13 -75.07
C LEU R 62 6.18 -56.00 -76.01
N THR R 63 6.11 -56.66 -77.17
CA THR R 63 7.24 -56.67 -78.10
C THR R 63 7.77 -55.27 -78.33
N SER R 64 6.88 -54.31 -78.55
CA SER R 64 7.28 -52.92 -78.54
C SER R 64 7.90 -52.59 -77.20
N TYR R 65 7.08 -52.55 -76.16
CA TYR R 65 7.50 -52.05 -74.85
C TYR R 65 8.76 -52.76 -74.32
N GLN R 66 8.86 -54.08 -74.54
CA GLN R 66 10.02 -54.79 -74.01
C GLN R 66 11.30 -54.32 -74.67
N ARG R 67 11.29 -54.19 -76.00
CA ARG R 67 12.54 -54.06 -76.74
C ARG R 67 13.22 -52.73 -76.49
N GLN R 68 12.45 -51.67 -76.20
CA GLN R 68 13.12 -50.46 -75.77
C GLN R 68 13.93 -50.70 -74.49
N MET R 69 13.36 -51.39 -73.50
CA MET R 69 14.16 -51.81 -72.35
C MET R 69 15.35 -52.63 -72.81
N CYS R 70 15.08 -53.70 -73.55
CA CYS R 70 16.12 -54.52 -74.14
C CYS R 70 17.13 -53.71 -74.92
N ALA R 71 16.71 -52.56 -75.50
CA ALA R 71 17.60 -51.63 -76.16
C ALA R 71 18.20 -50.58 -75.24
N ASP R 72 17.71 -50.46 -74.03
CA ASP R 72 18.24 -49.44 -73.13
C ASP R 72 19.56 -49.91 -72.52
N PRO R 73 20.63 -49.13 -72.63
CA PRO R 73 21.94 -49.61 -72.15
C PRO R 73 22.04 -49.74 -70.63
N THR R 74 21.14 -49.13 -69.86
CA THR R 74 21.09 -49.42 -68.42
C THR R 74 20.43 -50.77 -68.16
N VAL R 75 19.31 -51.04 -68.82
CA VAL R 75 18.75 -52.38 -68.82
C VAL R 75 19.72 -53.36 -69.46
N LYS R 76 20.40 -52.92 -70.52
CA LYS R 76 21.49 -53.72 -71.05
C LYS R 76 22.67 -53.78 -70.10
N LEU R 77 22.76 -52.83 -69.16
CA LEU R 77 23.66 -53.00 -68.03
C LEU R 77 23.04 -53.88 -66.94
N MET R 78 21.82 -53.53 -66.51
CA MET R 78 21.30 -54.09 -65.27
C MET R 78 20.79 -55.51 -65.45
N LEU R 79 20.00 -55.76 -66.49
CA LEU R 79 19.62 -57.14 -66.78
C LEU R 79 20.86 -58.00 -67.02
N THR R 80 21.95 -57.38 -67.42
CA THR R 80 23.26 -58.01 -67.43
C THR R 80 24.05 -57.75 -66.16
N GLU R 81 23.51 -56.97 -65.22
CA GLU R 81 24.05 -56.94 -63.87
C GLU R 81 23.56 -58.10 -63.02
N GLY R 82 22.34 -58.59 -63.27
CA GLY R 82 21.80 -59.70 -62.50
C GLY R 82 20.64 -59.39 -61.57
N ILE R 83 20.13 -58.17 -61.52
CA ILE R 83 18.87 -57.89 -60.83
C ILE R 83 17.71 -58.17 -61.78
N ASN R 84 16.74 -58.96 -61.32
CA ASN R 84 15.67 -59.40 -62.20
C ASN R 84 14.73 -58.25 -62.54
N TYR R 85 14.03 -58.42 -63.66
CA TYR R 85 12.97 -57.52 -64.04
C TYR R 85 11.70 -58.34 -64.24
N SER R 86 10.55 -57.68 -64.11
CA SER R 86 9.24 -58.30 -64.35
C SER R 86 8.22 -57.22 -64.64
N ILE R 87 7.09 -57.63 -65.20
CA ILE R 87 6.00 -56.72 -65.50
C ILE R 87 4.64 -57.32 -65.16
N THR R 88 3.67 -56.47 -64.84
CA THR R 88 2.31 -56.91 -64.56
C THR R 88 1.34 -56.03 -65.34
N ILE R 89 0.20 -56.60 -65.74
CA ILE R 89 -0.83 -55.82 -66.42
C ILE R 89 -2.22 -56.28 -66.04
N ASN R 90 -3.09 -55.32 -65.70
CA ASN R 90 -4.53 -55.57 -65.69
C ASN R 90 -5.11 -54.96 -66.96
N ASN R 96 -9.81 -59.42 -66.57
CA ASN R 96 -8.53 -59.45 -67.25
C ASN R 96 -7.34 -59.19 -66.32
N GLN R 97 -6.25 -59.92 -66.56
CA GLN R 97 -4.94 -59.66 -65.95
C GLN R 97 -3.93 -60.63 -66.52
N TYR R 98 -2.64 -60.31 -66.38
CA TYR R 98 -1.56 -61.16 -66.84
C TYR R 98 -0.24 -60.47 -66.51
N GLN R 99 0.85 -61.16 -66.80
CA GLN R 99 2.18 -60.59 -66.68
C GLN R 99 3.17 -61.50 -67.37
N ARG R 100 4.44 -61.08 -67.35
CA ARG R 100 5.56 -61.95 -67.65
C ARG R 100 6.81 -61.32 -67.07
N LYS R 101 7.85 -62.13 -66.94
CA LYS R 101 9.16 -61.63 -66.55
C LYS R 101 10.06 -61.57 -67.78
N LEU R 102 10.96 -60.60 -67.80
CA LEU R 102 11.93 -60.48 -68.88
C LEU R 102 13.29 -60.18 -68.28
N ASP R 103 14.30 -60.89 -68.77
CA ASP R 103 15.68 -60.70 -68.36
C ASP R 103 16.56 -60.56 -69.60
N ARG R 104 17.88 -60.51 -69.38
CA ARG R 104 18.84 -60.32 -70.45
C ARG R 104 18.63 -61.37 -71.54
N THR R 105 18.15 -62.55 -71.14
CA THR R 105 17.98 -63.65 -72.08
C THR R 105 16.79 -63.40 -72.98
N THR R 106 15.65 -63.05 -72.39
CA THR R 106 14.44 -62.75 -73.15
C THR R 106 14.57 -61.49 -74.01
N CYS R 107 15.66 -60.73 -73.86
CA CYS R 107 15.93 -59.58 -74.70
C CYS R 107 16.92 -59.88 -75.82
N CYS S 1 17.44 -68.79 -36.77
CA CYS S 1 17.19 -69.45 -35.49
C CYS S 1 15.76 -69.98 -35.40
N ALA S 2 15.47 -71.09 -36.07
CA ALA S 2 16.44 -71.83 -36.88
C ALA S 2 15.85 -72.23 -38.23
N SER S 3 14.54 -72.46 -38.25
CA SER S 3 13.84 -72.85 -39.47
C SER S 3 12.43 -73.33 -39.16
N HIS S 4 11.52 -73.14 -40.12
CA HIS S 4 10.14 -73.56 -39.96
C HIS S 4 10.06 -74.97 -39.38
N ASN S 5 9.01 -75.27 -38.63
CA ASN S 5 7.93 -74.33 -38.34
C ASN S 5 7.08 -74.02 -39.57
N GLU S 6 6.28 -72.97 -39.48
CA GLU S 6 5.41 -72.59 -40.60
C GLU S 6 4.33 -73.63 -40.82
N ASN S 7 3.09 -73.20 -41.09
CA ASN S 7 2.75 -71.77 -41.21
C ASN S 7 1.88 -71.25 -40.07
N ALA S 8 0.94 -70.39 -40.43
CA ALA S 8 0.02 -69.77 -39.47
C ALA S 8 0.18 -70.40 -38.05
N SER S 9 -0.82 -70.58 -37.16
CA SER S 9 -2.22 -70.13 -37.14
C SER S 9 -2.41 -68.63 -37.12
N LEU S 10 -1.31 -67.87 -37.03
CA LEU S 10 -1.39 -66.41 -37.13
C LEU S 10 -2.03 -65.99 -38.45
N LEU S 11 -1.38 -66.30 -39.57
CA LEU S 11 -1.87 -65.81 -40.85
C LEU S 11 -3.22 -66.41 -41.19
N ALA S 12 -3.47 -67.66 -40.79
CA ALA S 12 -4.81 -68.20 -40.90
C ALA S 12 -5.81 -67.34 -40.15
N LYS S 13 -5.37 -66.64 -39.10
CA LYS S 13 -6.18 -65.54 -38.59
C LYS S 13 -6.03 -64.31 -39.48
N LYS S 14 -4.79 -63.98 -39.85
CA LYS S 14 -4.57 -62.79 -40.66
C LYS S 14 -5.34 -62.88 -41.98
N GLN S 15 -5.58 -64.09 -42.48
CA GLN S 15 -6.31 -64.16 -43.73
C GLN S 15 -7.81 -64.01 -43.55
N ALA S 16 -8.39 -64.60 -42.50
CA ALA S 16 -9.75 -64.25 -42.16
C ALA S 16 -9.85 -62.80 -41.73
N GLN S 17 -8.81 -62.30 -41.07
CA GLN S 17 -8.71 -60.87 -40.80
C GLN S 17 -8.89 -60.04 -42.06
N ASN S 18 -8.09 -60.32 -43.09
CA ASN S 18 -8.19 -59.59 -44.33
C ASN S 18 -9.61 -59.62 -44.89
N ILE S 19 -10.28 -60.76 -44.79
CA ILE S 19 -11.60 -60.91 -45.39
C ILE S 19 -12.58 -59.93 -44.78
N SER S 20 -12.51 -59.76 -43.47
CA SER S 20 -13.57 -59.08 -42.72
C SER S 20 -13.46 -57.56 -42.74
N GLN S 21 -12.32 -57.00 -43.11
CA GLN S 21 -12.20 -55.55 -43.09
C GLN S 21 -13.06 -54.91 -44.16
N ASN S 22 -13.45 -55.66 -45.17
CA ASN S 22 -14.26 -55.16 -46.27
C ASN S 22 -15.74 -55.45 -46.09
N LEU S 23 -16.11 -56.06 -44.97
CA LEU S 23 -17.37 -56.76 -44.82
C LEU S 23 -18.48 -55.85 -44.31
N PRO S 24 -19.74 -56.09 -44.74
CA PRO S 24 -20.21 -57.03 -45.76
C PRO S 24 -20.25 -56.46 -47.17
N VAL S 33 -22.62 -60.94 -40.79
CA VAL S 33 -21.70 -61.70 -41.60
C VAL S 33 -20.32 -61.55 -40.95
N LEU S 34 -19.57 -62.63 -40.86
CA LEU S 34 -18.24 -62.58 -40.27
C LEU S 34 -17.41 -63.74 -40.76
N ALA S 35 -16.11 -63.68 -40.56
CA ALA S 35 -15.25 -64.84 -40.80
C ALA S 35 -14.51 -65.16 -39.52
N GLN S 36 -14.53 -66.40 -39.07
CA GLN S 36 -13.79 -66.72 -37.86
C GLN S 36 -12.66 -67.67 -38.19
N SER S 37 -11.44 -67.28 -37.81
CA SER S 37 -10.28 -68.14 -38.01
C SER S 37 -10.13 -68.96 -36.73
N SER S 38 -10.64 -70.18 -36.76
CA SER S 38 -10.67 -71.06 -35.60
C SER S 38 -9.52 -72.04 -35.71
N GLY S 39 -8.54 -71.90 -34.84
CA GLY S 39 -7.32 -72.68 -35.00
C GLY S 39 -6.70 -72.36 -36.34
N THR S 40 -6.47 -73.40 -37.12
CA THR S 40 -6.02 -73.24 -38.50
C THR S 40 -7.18 -73.25 -39.49
N THR S 41 -8.41 -73.30 -38.99
CA THR S 41 -9.58 -73.34 -39.83
C THR S 41 -10.14 -71.94 -39.99
N VAL S 42 -10.59 -71.61 -41.19
CA VAL S 42 -11.31 -70.37 -41.45
C VAL S 42 -12.80 -70.65 -41.41
N LYS S 43 -13.57 -69.71 -40.90
CA LYS S 43 -15.02 -69.83 -40.87
C LYS S 43 -15.63 -68.58 -41.48
N MET S 44 -16.84 -68.74 -42.01
CA MET S 44 -17.56 -67.64 -42.64
C MET S 44 -19.03 -67.74 -42.27
N THR S 45 -19.61 -66.65 -41.78
CA THR S 45 -20.98 -66.65 -41.30
C THR S 45 -21.80 -65.73 -42.18
N ILE S 46 -23.11 -65.93 -42.19
CA ILE S 46 -24.02 -65.02 -42.89
C ILE S 46 -25.21 -64.72 -41.98
N THR S 57 -31.71 -70.63 -50.73
CA THR S 57 -31.31 -72.02 -50.92
C THR S 57 -29.98 -72.16 -51.64
N PRO S 58 -28.87 -71.48 -51.12
CA PRO S 58 -27.59 -71.50 -51.85
C PRO S 58 -26.86 -72.85 -51.79
N ASP S 59 -27.32 -73.79 -52.60
CA ASP S 59 -26.57 -75.04 -52.78
C ASP S 59 -25.65 -74.95 -53.98
N ALA S 60 -26.23 -74.85 -55.18
CA ALA S 60 -25.42 -74.68 -56.38
C ALA S 60 -24.53 -73.46 -56.27
N PHE S 61 -24.79 -72.60 -55.28
CA PHE S 61 -23.78 -71.70 -54.75
C PHE S 61 -22.48 -72.44 -54.52
N LEU S 62 -22.53 -73.55 -53.77
CA LEU S 62 -21.31 -74.24 -53.36
C LEU S 62 -20.41 -74.57 -54.54
N THR S 63 -20.86 -75.50 -55.39
CA THR S 63 -20.04 -75.95 -56.52
C THR S 63 -19.46 -74.78 -57.28
N SER S 64 -20.28 -73.77 -57.57
CA SER S 64 -19.76 -72.52 -58.08
C SER S 64 -18.76 -71.95 -57.09
N TYR S 65 -19.26 -71.50 -55.94
CA TYR S 65 -18.45 -70.74 -54.98
C TYR S 65 -17.17 -71.49 -54.58
N GLN S 66 -17.25 -72.81 -54.40
CA GLN S 66 -16.07 -73.54 -53.96
C GLN S 66 -14.97 -73.50 -55.03
N ARG S 67 -15.34 -73.73 -56.29
CA ARG S 67 -14.34 -74.02 -57.30
C ARG S 67 -13.49 -72.81 -57.63
N GLN S 68 -14.04 -71.60 -57.52
CA GLN S 68 -13.17 -70.45 -57.63
C GLN S 68 -12.07 -70.48 -56.58
N MET S 69 -12.41 -70.77 -55.32
CA MET S 69 -11.36 -70.99 -54.31
C MET S 69 -10.44 -72.10 -54.77
N CYS S 70 -11.00 -73.26 -55.06
CA CYS S 70 -10.25 -74.38 -55.59
C CYS S 70 -9.42 -74.00 -56.81
N ALA S 71 -9.87 -73.00 -57.58
CA ALA S 71 -9.11 -72.45 -58.70
C ALA S 71 -8.18 -71.30 -58.30
N ASP S 72 -8.30 -70.78 -57.11
CA ASP S 72 -7.45 -69.66 -56.72
C ASP S 72 -6.07 -70.17 -56.32
N PRO S 73 -5.00 -69.65 -56.91
CA PRO S 73 -3.66 -70.19 -56.62
C PRO S 73 -3.15 -69.93 -55.21
N THR S 74 -3.75 -69.00 -54.47
CA THR S 74 -3.43 -68.88 -53.05
C THR S 74 -4.11 -69.96 -52.24
N VAL S 75 -5.39 -70.20 -52.50
CA VAL S 75 -6.07 -71.38 -51.96
C VAL S 75 -5.40 -72.65 -52.48
N LYS S 76 -5.00 -72.64 -53.75
CA LYS S 76 -4.18 -73.73 -54.26
C LYS S 76 -2.79 -73.72 -53.63
N LEU S 77 -2.35 -72.58 -53.08
CA LEU S 77 -1.20 -72.60 -52.20
C LEU S 77 -1.58 -73.03 -50.78
N MET S 78 -2.60 -72.38 -50.20
CA MET S 78 -2.81 -72.48 -48.76
C MET S 78 -3.49 -73.79 -48.37
N LEU S 79 -4.54 -74.17 -49.07
CA LEU S 79 -5.13 -75.50 -48.83
C LEU S 79 -4.09 -76.59 -49.07
N THR S 80 -3.09 -76.29 -49.90
CA THR S 80 -1.90 -77.12 -50.03
C THR S 80 -0.77 -76.67 -49.11
N GLU S 81 -0.97 -75.59 -48.35
CA GLU S 81 -0.06 -75.28 -47.25
C GLU S 81 -0.42 -76.07 -45.99
N GLY S 82 -1.69 -76.39 -45.79
CA GLY S 82 -2.10 -77.14 -44.61
C GLY S 82 -2.93 -76.40 -43.58
N ILE S 83 -3.30 -75.15 -43.79
CA ILE S 83 -4.28 -74.47 -42.94
C ILE S 83 -5.68 -74.79 -43.45
N ASN S 84 -6.55 -75.25 -42.56
CA ASN S 84 -7.86 -75.72 -42.98
C ASN S 84 -8.74 -74.55 -43.43
N TYR S 85 -9.74 -74.89 -44.25
CA TYR S 85 -10.77 -73.96 -44.62
C TYR S 85 -12.12 -74.58 -44.27
N SER S 86 -13.12 -73.72 -44.08
CA SER S 86 -14.49 -74.14 -43.81
C SER S 86 -15.44 -73.02 -44.16
N ILE S 87 -16.73 -73.37 -44.27
CA ILE S 87 -17.76 -72.39 -44.58
C ILE S 87 -19.03 -72.63 -43.76
N THR S 88 -19.78 -71.57 -43.50
CA THR S 88 -21.04 -71.68 -42.79
C THR S 88 -22.11 -70.90 -43.54
N ILE S 89 -23.36 -71.34 -43.47
CA ILE S 89 -24.46 -70.61 -44.10
C ILE S 89 -25.73 -70.70 -43.28
N ASN S 90 -26.37 -69.54 -43.05
CA ASN S 90 -27.77 -69.52 -42.64
C ASN S 90 -28.63 -69.20 -43.85
N ASN S 96 -33.44 -72.50 -41.03
CA ASN S 96 -32.40 -72.94 -41.96
C ASN S 96 -30.98 -72.64 -41.46
N GLN S 97 -30.07 -73.59 -41.70
CA GLN S 97 -28.63 -73.40 -41.54
C GLN S 97 -27.91 -74.65 -41.99
N TYR S 98 -26.61 -74.53 -42.27
CA TYR S 98 -25.79 -75.65 -42.69
C TYR S 98 -24.37 -75.14 -42.90
N GLN S 99 -23.48 -76.06 -43.22
CA GLN S 99 -22.11 -75.71 -43.59
C GLN S 99 -21.43 -76.94 -44.19
N ARG S 100 -20.19 -76.75 -44.59
CA ARG S 100 -19.28 -77.85 -44.87
C ARG S 100 -17.86 -77.32 -44.81
N LYS S 101 -16.91 -78.23 -44.70
CA LYS S 101 -15.50 -77.88 -44.80
C LYS S 101 -14.98 -78.31 -46.15
N LEU S 102 -14.02 -77.54 -46.69
CA LEU S 102 -13.39 -77.89 -47.94
C LEU S 102 -11.89 -77.68 -47.81
N ASP S 103 -11.12 -78.66 -48.27
CA ASP S 103 -9.66 -78.61 -48.28
C ASP S 103 -9.16 -78.96 -49.67
N ARG S 104 -7.83 -79.08 -49.79
CA ARG S 104 -7.19 -79.35 -51.07
C ARG S 104 -7.79 -80.60 -51.70
N THR S 105 -8.25 -81.53 -50.86
CA THR S 105 -8.77 -82.80 -51.35
C THR S 105 -10.14 -82.60 -51.99
N THR S 106 -11.04 -81.91 -51.28
CA THR S 106 -12.37 -81.62 -51.79
C THR S 106 -12.36 -80.68 -52.99
N CYS S 107 -11.21 -80.11 -53.34
CA CYS S 107 -11.06 -79.29 -54.54
C CYS S 107 -10.45 -80.05 -55.70
N CYS T 1 -0.08 -78.09 -17.06
CA CYS T 1 -0.03 -78.32 -15.62
C CYS T 1 -1.42 -78.55 -15.05
N ALA T 2 -2.00 -79.74 -15.26
CA ALA T 2 -1.35 -80.82 -16.01
C ALA T 2 -2.33 -81.46 -17.00
N SER T 3 -3.61 -81.45 -16.64
CA SER T 3 -4.66 -82.04 -17.48
C SER T 3 -5.97 -82.17 -16.71
N HIS T 4 -7.08 -82.08 -17.45
CA HIS T 4 -8.40 -82.19 -16.84
C HIS T 4 -8.45 -83.36 -15.86
N ASN T 5 -9.27 -83.26 -14.83
CA ASN T 5 -10.14 -82.10 -14.60
C ASN T 5 -11.26 -82.00 -15.62
N GLU T 6 -11.90 -80.84 -15.68
CA GLU T 6 -13.00 -80.63 -16.62
C GLU T 6 -14.20 -81.49 -16.25
N ASN T 7 -15.41 -80.94 -16.35
CA ASN T 7 -15.64 -79.57 -16.80
C ASN T 7 -16.11 -78.61 -15.71
N ALA T 8 -17.03 -77.73 -16.07
CA ALA T 8 -17.57 -76.72 -15.17
C ALA T 8 -17.09 -76.97 -13.71
N SER T 9 -17.82 -76.72 -12.60
CA SER T 9 -19.12 -76.06 -12.39
C SER T 9 -19.14 -74.58 -12.78
N LEU T 10 -18.00 -74.04 -13.18
CA LEU T 10 -17.95 -72.67 -13.71
C LEU T 10 -18.88 -72.51 -14.90
N LEU T 11 -18.60 -73.22 -15.99
CA LEU T 11 -19.38 -73.01 -17.21
C LEU T 11 -20.83 -73.45 -17.03
N ALA T 12 -21.07 -74.48 -16.21
CA ALA T 12 -22.44 -74.78 -15.83
C ALA T 12 -23.10 -73.59 -15.17
N LYS T 13 -22.33 -72.73 -14.52
CA LYS T 13 -22.86 -71.41 -14.19
C LYS T 13 -22.85 -70.51 -15.42
N LYS T 14 -21.73 -70.50 -16.15
CA LYS T 14 -21.63 -69.64 -17.32
C LYS T 14 -22.73 -69.94 -18.33
N GLN T 15 -23.22 -71.18 -18.37
CA GLN T 15 -24.26 -71.46 -19.33
C GLN T 15 -25.63 -71.00 -18.85
N ALA T 16 -25.95 -71.19 -17.57
CA ALA T 16 -27.14 -70.53 -17.04
C ALA T 16 -26.97 -69.02 -17.07
N GLN T 17 -25.75 -68.55 -16.85
CA GLN T 17 -25.43 -67.14 -17.06
C GLN T 17 -25.87 -66.66 -18.43
N ASN T 18 -25.42 -67.34 -19.49
CA ASN T 18 -25.79 -66.97 -20.84
C ASN T 18 -27.30 -66.90 -21.01
N ILE T 19 -28.02 -67.84 -20.41
CA ILE T 19 -29.47 -67.91 -20.60
C ILE T 19 -30.14 -66.65 -20.12
N SER T 20 -29.70 -66.14 -18.98
CA SER T 20 -30.44 -65.12 -18.24
C SER T 20 -30.20 -63.71 -18.75
N GLN T 21 -29.15 -63.47 -19.52
CA GLN T 21 -28.90 -62.11 -19.98
C GLN T 21 -29.94 -61.64 -20.96
N ASN T 22 -30.67 -62.56 -21.58
CA ASN T 22 -31.70 -62.24 -22.55
C ASN T 22 -33.09 -62.21 -21.95
N LEU T 23 -33.20 -62.42 -20.64
CA LEU T 23 -34.43 -62.83 -19.99
C LEU T 23 -35.27 -61.64 -19.53
N PRO T 24 -36.61 -61.76 -19.57
CA PRO T 24 -37.42 -62.85 -20.11
C PRO T 24 -37.80 -62.68 -21.58
N VAL T 33 -38.75 -64.80 -13.76
CA VAL T 33 -38.16 -65.89 -14.50
C VAL T 33 -36.65 -65.81 -14.27
N LEU T 34 -36.01 -66.95 -14.03
CA LEU T 34 -34.57 -66.96 -13.81
C LEU T 34 -34.03 -68.35 -14.11
N ALA T 35 -32.72 -68.46 -14.26
CA ALA T 35 -32.07 -69.77 -14.32
C ALA T 35 -31.04 -69.85 -13.21
N GLN T 36 -31.06 -70.91 -12.42
CA GLN T 36 -30.05 -71.02 -11.38
C GLN T 36 -29.15 -72.20 -11.65
N SER T 37 -27.84 -71.93 -11.71
CA SER T 37 -26.87 -73.01 -11.90
C SER T 37 -26.46 -73.46 -10.51
N SER T 38 -27.07 -74.54 -10.04
CA SER T 38 -26.87 -75.05 -8.69
C SER T 38 -25.89 -76.22 -8.76
N GLY T 39 -24.70 -76.01 -8.23
CA GLY T 39 -23.65 -77.01 -8.43
C GLY T 39 -23.40 -77.18 -9.91
N THR T 40 -23.49 -78.41 -10.38
CA THR T 40 -23.42 -78.71 -11.81
C THR T 40 -24.80 -78.78 -12.43
N THR T 41 -25.84 -78.48 -11.68
CA THR T 41 -27.21 -78.55 -12.16
C THR T 41 -27.65 -77.15 -12.60
N VAL T 42 -28.38 -77.09 -13.70
CA VAL T 42 -29.01 -75.86 -14.16
C VAL T 42 -30.46 -75.86 -13.68
N LYS T 43 -30.97 -74.70 -13.33
CA LYS T 43 -32.35 -74.56 -12.92
C LYS T 43 -32.99 -73.43 -13.71
N MET T 44 -34.31 -73.51 -13.87
CA MET T 44 -35.06 -72.52 -14.62
C MET T 44 -36.37 -72.26 -13.91
N THR T 45 -36.68 -71.00 -13.65
CA THR T 45 -37.87 -70.63 -12.88
C THR T 45 -38.80 -69.84 -13.78
N ILE T 46 -40.08 -69.82 -13.43
CA ILE T 46 -41.06 -68.99 -14.13
C ILE T 46 -41.91 -68.25 -13.11
N THR T 57 -51.11 -75.08 -17.86
CA THR T 57 -50.91 -76.51 -17.71
C THR T 57 -49.86 -77.07 -18.64
N PRO T 58 -48.58 -76.48 -18.62
CA PRO T 58 -47.56 -76.92 -19.59
C PRO T 58 -46.97 -78.30 -19.30
N ASP T 59 -47.73 -79.34 -19.66
CA ASP T 59 -47.18 -80.69 -19.61
C ASP T 59 -46.63 -81.10 -20.95
N ALA T 60 -47.50 -81.22 -21.96
CA ALA T 60 -47.03 -81.52 -23.31
C ALA T 60 -46.04 -80.49 -23.80
N PHE T 61 -45.94 -79.37 -23.07
CA PHE T 61 -44.74 -78.55 -23.10
C PHE T 61 -43.49 -79.40 -22.97
N LEU T 62 -43.44 -80.25 -21.93
CA LEU T 62 -42.23 -81.00 -21.62
C LEU T 62 -41.73 -81.79 -22.82
N THR T 63 -42.49 -82.82 -23.22
CA THR T 63 -42.06 -83.70 -24.31
C THR T 63 -41.59 -82.89 -25.52
N SER T 64 -42.36 -81.87 -25.89
CA SER T 64 -41.88 -80.91 -26.87
C SER T 64 -40.60 -80.28 -26.36
N TYR T 65 -40.72 -79.45 -25.32
CA TYR T 65 -39.60 -78.62 -24.86
C TYR T 65 -38.35 -79.44 -24.56
N GLN T 66 -38.50 -80.63 -23.97
CA GLN T 66 -37.32 -81.41 -23.63
C GLN T 66 -36.57 -81.85 -24.87
N ARG T 67 -37.28 -82.34 -25.88
CA ARG T 67 -36.63 -83.06 -26.96
C ARG T 67 -35.80 -82.15 -27.83
N GLN T 68 -36.18 -80.88 -27.96
CA GLN T 68 -35.25 -79.97 -28.64
C GLN T 68 -33.92 -79.90 -27.90
N MET T 69 -33.93 -79.78 -26.57
CA MET T 69 -32.67 -79.91 -25.83
C MET T 69 -32.01 -81.24 -26.13
N CYS T 70 -32.75 -82.32 -25.92
CA CYS T 70 -32.28 -83.65 -26.24
C CYS T 70 -31.78 -83.76 -27.68
N ALA T 71 -32.33 -82.94 -28.58
CA ALA T 71 -31.86 -82.85 -29.96
C ALA T 71 -30.75 -81.82 -30.16
N ASP T 72 -30.49 -80.98 -29.19
CA ASP T 72 -29.46 -79.97 -29.37
C ASP T 72 -28.07 -80.58 -29.17
N PRO T 73 -27.17 -80.43 -30.13
CA PRO T 73 -25.85 -81.10 -30.02
C PRO T 73 -24.96 -80.56 -28.90
N THR T 74 -25.24 -79.37 -28.36
CA THR T 74 -24.52 -78.93 -27.16
C THR T 74 -25.06 -79.63 -25.93
N VAL T 75 -26.38 -79.70 -25.80
CA VAL T 75 -26.99 -80.55 -24.78
C VAL T 75 -26.62 -82.01 -25.02
N LYS T 76 -26.59 -82.42 -26.30
CA LYS T 76 -26.05 -83.72 -26.63
C LYS T 76 -24.55 -83.79 -26.38
N LEU T 77 -23.87 -82.64 -26.32
CA LEU T 77 -22.52 -82.62 -25.76
C LEU T 77 -22.53 -82.58 -24.24
N MET T 78 -23.28 -81.63 -23.66
CA MET T 78 -23.10 -81.31 -22.25
C MET T 78 -23.77 -82.32 -21.34
N LEU T 79 -25.01 -82.69 -21.62
CA LEU T 79 -25.62 -83.77 -20.86
C LEU T 79 -24.81 -85.05 -21.00
N THR T 80 -24.05 -85.17 -22.08
CA THR T 80 -23.03 -86.19 -22.23
C THR T 80 -21.65 -85.71 -21.78
N GLU T 81 -21.52 -84.45 -21.37
CA GLU T 81 -20.33 -84.03 -20.65
C GLU T 81 -20.40 -84.37 -19.16
N GLY T 82 -21.59 -84.40 -18.58
CA GLY T 82 -21.73 -84.72 -17.17
C GLY T 82 -22.17 -83.60 -16.25
N ILE T 83 -22.45 -82.40 -16.74
CA ILE T 83 -23.09 -81.37 -15.93
C ILE T 83 -24.61 -81.57 -15.98
N ASN T 84 -25.24 -81.61 -14.81
CA ASN T 84 -26.65 -81.94 -14.76
C ASN T 84 -27.51 -80.81 -15.31
N TYR T 85 -28.72 -81.18 -15.73
CA TYR T 85 -29.73 -80.22 -16.12
C TYR T 85 -30.98 -80.47 -15.28
N SER T 86 -31.80 -79.43 -15.13
CA SER T 86 -33.07 -79.52 -14.43
C SER T 86 -33.98 -78.39 -14.87
N ILE T 87 -35.27 -78.52 -14.58
CA ILE T 87 -36.24 -77.50 -14.91
C ILE T 87 -37.26 -77.30 -13.79
N THR T 88 -37.80 -76.09 -13.70
CA THR T 88 -38.83 -75.78 -12.71
C THR T 88 -39.98 -75.06 -13.40
N ILE T 89 -41.19 -75.24 -12.90
CA ILE T 89 -42.34 -74.53 -13.45
C ILE T 89 -43.35 -74.17 -12.36
N ASN T 90 -43.79 -72.91 -12.35
CA ASN T 90 -45.01 -72.53 -11.65
C ASN T 90 -46.13 -72.41 -12.67
N ASN T 96 -50.28 -73.94 -7.93
CA ASN T 96 -49.58 -74.79 -8.89
C ASN T 96 -48.06 -74.62 -8.85
N GLN T 97 -47.35 -75.74 -9.01
CA GLN T 97 -45.91 -75.77 -9.25
C GLN T 97 -45.46 -77.20 -9.46
N TYR T 98 -44.28 -77.38 -10.05
CA TYR T 98 -43.72 -78.70 -10.30
C TYR T 98 -42.37 -78.51 -10.97
N GLN T 99 -41.70 -79.63 -11.20
CA GLN T 99 -40.46 -79.63 -11.97
C GLN T 99 -40.09 -81.07 -12.30
N ARG T 100 -38.99 -81.22 -13.03
CA ARG T 100 -38.30 -82.49 -13.16
C ARG T 100 -36.88 -82.22 -13.61
N LYS T 101 -36.02 -83.21 -13.45
CA LYS T 101 -34.67 -83.15 -13.98
C LYS T 101 -34.58 -84.01 -15.23
N LEU T 102 -33.75 -83.60 -16.16
CA LEU T 102 -33.51 -84.38 -17.37
C LEU T 102 -32.03 -84.40 -17.66
N ASP T 103 -31.52 -85.59 -17.98
CA ASP T 103 -30.12 -85.79 -18.34
C ASP T 103 -30.05 -86.59 -19.63
N ARG T 104 -28.82 -86.96 -20.02
CA ARG T 104 -28.60 -87.68 -21.27
C ARG T 104 -29.46 -88.92 -21.32
N THR T 105 -29.75 -89.50 -20.16
CA THR T 105 -30.51 -90.74 -20.10
C THR T 105 -31.98 -90.49 -20.42
N THR T 106 -32.58 -89.49 -19.77
CA THR T 106 -33.96 -89.12 -20.02
C THR T 106 -34.19 -88.56 -21.42
N CYS T 107 -33.13 -88.31 -22.19
CA CYS T 107 -33.24 -87.88 -23.58
C CYS T 107 -33.05 -89.02 -24.57
N CYS U 1 -12.31 -78.57 8.07
CA CYS U 1 -11.89 -78.41 9.46
C CYS U 1 -13.09 -78.23 10.39
N ALA U 2 -13.80 -79.31 10.68
CA ALA U 2 -13.50 -80.64 10.17
C ALA U 2 -14.77 -81.35 9.69
N SER U 3 -15.90 -81.03 10.32
CA SER U 3 -17.18 -81.63 9.96
C SER U 3 -18.24 -81.32 11.02
N HIS U 4 -19.49 -81.24 10.58
CA HIS U 4 -20.60 -80.95 11.48
C HIS U 4 -20.49 -81.79 12.75
N ASN U 5 -20.99 -81.28 13.87
CA ASN U 5 -21.64 -79.97 13.93
C ASN U 5 -22.99 -79.95 13.21
N GLU U 6 -23.50 -78.76 12.96
CA GLU U 6 -24.79 -78.62 12.29
C GLU U 6 -25.92 -79.12 13.17
N ASN U 7 -27.06 -78.43 13.20
CA ASN U 7 -27.26 -77.20 12.41
C ASN U 7 -27.31 -75.92 13.23
N ALA U 8 -28.21 -75.03 12.85
CA ALA U 8 -28.40 -73.73 13.51
C ALA U 8 -27.55 -73.66 14.82
N SER U 9 -27.92 -73.00 15.93
CA SER U 9 -29.04 -72.09 16.24
C SER U 9 -29.02 -70.80 15.42
N LEU U 10 -27.99 -70.58 14.62
CA LEU U 10 -27.96 -69.44 13.71
C LEU U 10 -29.16 -69.44 12.78
N LEU U 11 -29.27 -70.46 11.92
CA LEU U 11 -30.32 -70.46 10.92
C LEU U 11 -31.70 -70.57 11.56
N ALA U 12 -31.81 -71.28 12.68
CA ALA U 12 -33.04 -71.24 13.45
C ALA U 12 -33.38 -69.81 13.85
N LYS U 13 -32.37 -68.95 14.01
CA LYS U 13 -32.66 -67.52 14.03
C LYS U 13 -32.90 -67.00 12.63
N LYS U 14 -32.03 -67.39 11.68
CA LYS U 14 -32.17 -66.89 10.31
C LYS U 14 -33.54 -67.27 9.73
N GLN U 15 -34.13 -68.37 10.19
CA GLN U 15 -35.43 -68.71 9.64
C GLN U 15 -36.56 -67.92 10.25
N ALA U 16 -36.53 -67.68 11.57
CA ALA U 16 -37.45 -66.72 12.14
C ALA U 16 -37.16 -65.33 11.61
N GLN U 17 -35.88 -65.03 11.38
CA GLN U 17 -35.50 -63.81 10.68
C GLN U 17 -36.25 -63.64 9.37
N ASN U 18 -36.17 -64.64 8.50
CA ASN U 18 -36.87 -64.60 7.23
C ASN U 18 -38.36 -64.32 7.40
N ILE U 19 -38.97 -64.92 8.42
CA ILE U 19 -40.42 -64.79 8.60
C ILE U 19 -40.80 -63.35 8.82
N SER U 20 -40.02 -62.63 9.62
CA SER U 20 -40.42 -61.34 10.16
C SER U 20 -40.19 -60.18 9.20
N GLN U 21 -39.38 -60.35 8.16
CA GLN U 21 -39.13 -59.22 7.27
C GLN U 21 -40.36 -58.87 6.47
N ASN U 22 -41.31 -59.77 6.35
CA ASN U 22 -42.54 -59.56 5.59
C ASN U 22 -43.70 -59.13 6.47
N LEU U 23 -43.46 -58.96 7.76
CA LEU U 23 -44.50 -58.95 8.78
C LEU U 23 -45.06 -57.56 9.04
N PRO U 24 -46.37 -57.45 9.35
CA PRO U 24 -47.40 -58.48 9.38
C PRO U 24 -48.15 -58.65 8.06
N VAL U 33 -47.11 -58.39 16.15
CA VAL U 33 -46.85 -59.73 15.66
C VAL U 33 -45.34 -59.86 15.49
N LEU U 34 -44.77 -60.97 15.91
CA LEU U 34 -43.34 -61.19 15.77
C LEU U 34 -43.03 -62.67 15.80
N ALA U 35 -41.82 -63.04 15.39
CA ALA U 35 -41.36 -64.41 15.58
C ALA U 35 -40.07 -64.37 16.38
N GLN U 36 -39.97 -65.15 17.44
CA GLN U 36 -38.73 -65.14 18.20
C GLN U 36 -38.06 -66.50 18.08
N SER U 37 -36.80 -66.49 17.66
CA SER U 37 -36.03 -67.72 17.58
C SER U 37 -35.29 -67.85 18.91
N SER U 38 -35.85 -68.65 19.81
CA SER U 38 -35.34 -68.80 21.16
C SER U 38 -34.54 -70.09 21.22
N GLY U 39 -33.23 -69.97 21.36
CA GLY U 39 -32.38 -71.15 21.24
C GLY U 39 -32.56 -71.74 19.87
N THR U 40 -32.89 -73.02 19.83
CA THR U 40 -33.26 -73.70 18.60
C THR U 40 -34.75 -73.70 18.36
N THR U 41 -35.52 -73.03 19.21
CA THR U 41 -36.96 -72.99 19.10
C THR U 41 -37.37 -71.71 18.38
N VAL U 42 -38.36 -71.82 17.51
CA VAL U 42 -38.97 -70.66 16.86
C VAL U 42 -40.23 -70.30 17.64
N LYS U 43 -40.50 -69.00 17.73
CA LYS U 43 -41.70 -68.52 18.40
C LYS U 43 -42.42 -67.55 17.46
N MET U 44 -43.73 -67.45 17.66
CA MET U 44 -44.56 -66.58 16.84
C MET U 44 -45.60 -65.92 17.73
N THR U 45 -45.70 -64.60 17.65
CA THR U 45 -46.58 -63.83 18.52
C THR U 45 -47.65 -63.17 17.67
N ILE U 46 -48.78 -62.83 18.30
CA ILE U 46 -49.82 -62.07 17.62
C ILE U 46 -50.29 -60.94 18.54
N THR U 57 -61.05 -67.10 18.39
CA THR U 57 -60.96 -68.45 18.94
C THR U 57 -60.25 -69.41 17.99
N PRO U 58 -58.98 -69.07 17.53
CA PRO U 58 -58.31 -69.92 16.53
C PRO U 58 -57.80 -71.25 17.08
N ASP U 59 -58.72 -72.20 17.24
CA ASP U 59 -58.32 -73.57 17.57
C ASP U 59 -58.20 -74.41 16.32
N ALA U 60 -59.32 -74.65 15.64
CA ALA U 60 -59.28 -75.38 14.37
C ALA U 60 -58.36 -74.70 13.37
N PHE U 61 -57.96 -73.46 13.67
CA PHE U 61 -56.74 -72.90 13.12
C PHE U 61 -55.59 -73.89 13.22
N LEU U 62 -55.34 -74.43 14.41
CA LEU U 62 -54.16 -75.26 14.64
C LEU U 62 -54.10 -76.42 13.66
N THR U 63 -55.03 -77.37 13.78
CA THR U 63 -55.00 -78.56 12.94
C THR U 63 -54.81 -78.20 11.47
N SER U 64 -55.55 -77.21 11.00
CA SER U 64 -55.27 -76.65 9.69
C SER U 64 -53.84 -76.14 9.67
N TYR U 65 -53.58 -75.04 10.40
CA TYR U 65 -52.31 -74.33 10.31
C TYR U 65 -51.10 -75.24 10.54
N GLN U 66 -51.20 -76.18 11.48
CA GLN U 66 -50.05 -77.03 11.77
C GLN U 66 -49.72 -77.92 10.57
N ARG U 67 -50.73 -78.53 9.96
CA ARG U 67 -50.48 -79.62 9.03
C ARG U 67 -49.83 -79.14 7.74
N GLN U 68 -50.10 -77.89 7.32
CA GLN U 68 -49.32 -77.38 6.21
C GLN U 68 -47.84 -77.35 6.55
N MET U 69 -47.47 -76.87 7.75
CA MET U 69 -46.08 -77.01 8.18
C MET U 69 -45.65 -78.46 8.16
N CYS U 70 -46.41 -79.30 8.86
CA CYS U 70 -46.17 -80.74 8.85
C CYS U 70 -46.10 -81.31 7.44
N ALA U 71 -46.79 -80.68 6.48
CA ALA U 71 -46.71 -81.04 5.08
C ALA U 71 -45.61 -80.32 4.31
N ASP U 72 -45.01 -79.30 4.89
CA ASP U 72 -43.98 -78.57 4.18
C ASP U 72 -42.66 -79.34 4.23
N PRO U 73 -42.03 -79.61 3.08
CA PRO U 73 -40.82 -80.44 3.09
C PRO U 73 -39.61 -79.79 3.73
N THR U 74 -39.60 -78.47 3.93
CA THR U 74 -38.55 -77.85 4.74
C THR U 74 -38.79 -78.08 6.22
N VAL U 75 -40.03 -77.90 6.67
CA VAL U 75 -40.40 -78.31 8.01
C VAL U 75 -40.27 -79.83 8.14
N LYS U 76 -40.62 -80.56 7.09
CA LYS U 76 -40.33 -81.98 7.06
C LYS U 76 -38.83 -82.24 6.95
N LEU U 77 -38.05 -81.25 6.49
CA LEU U 77 -36.61 -81.32 6.68
C LEU U 77 -36.20 -80.86 8.08
N MET U 78 -36.67 -79.69 8.50
CA MET U 78 -36.07 -79.02 9.67
C MET U 78 -36.56 -79.62 10.98
N LEU U 79 -37.86 -79.84 11.11
CA LEU U 79 -38.34 -80.56 12.29
C LEU U 79 -37.72 -81.94 12.36
N THR U 80 -37.31 -82.48 11.23
CA THR U 80 -36.47 -83.66 11.16
C THR U 80 -34.98 -83.33 11.10
N GLU U 81 -34.62 -82.04 11.07
CA GLU U 81 -33.24 -81.65 11.32
C GLU U 81 -32.93 -81.56 12.81
N GLY U 82 -33.91 -81.23 13.64
CA GLY U 82 -33.70 -81.13 15.07
C GLY U 82 -33.76 -79.75 15.69
N ILE U 83 -34.04 -78.69 14.93
CA ILE U 83 -34.33 -77.39 15.52
C ILE U 83 -35.82 -77.33 15.89
N ASN U 84 -36.10 -76.95 17.13
CA ASN U 84 -37.47 -77.00 17.61
C ASN U 84 -38.33 -75.92 16.96
N TYR U 85 -39.64 -76.18 16.97
CA TYR U 85 -40.61 -75.20 16.54
C TYR U 85 -41.60 -74.99 17.68
N SER U 86 -42.25 -73.83 17.71
CA SER U 86 -43.28 -73.51 18.68
C SER U 86 -44.17 -72.40 18.14
N ILE U 87 -45.33 -72.22 18.76
CA ILE U 87 -46.26 -71.17 18.37
C ILE U 87 -46.90 -70.50 19.58
N THR U 88 -47.27 -69.24 19.42
CA THR U 88 -47.96 -68.51 20.48
C THR U 88 -49.17 -67.81 19.89
N ILE U 89 -50.22 -67.64 20.70
CA ILE U 89 -51.40 -66.91 20.24
C ILE U 89 -52.03 -66.11 21.37
N ASN U 90 -52.33 -64.83 21.11
CA ASN U 90 -53.26 -64.08 21.92
C ASN U 90 -54.60 -64.03 21.21
N ASN U 96 -57.41 -63.49 27.03
CA ASN U 96 -57.09 -64.67 26.23
C ASN U 96 -55.61 -64.77 25.86
N GLN U 97 -55.08 -65.99 25.88
CA GLN U 97 -53.77 -66.34 25.34
C GLN U 97 -53.54 -67.83 25.47
N TYR U 98 -52.59 -68.36 24.70
CA TYR U 98 -52.24 -69.77 24.74
C TYR U 98 -51.13 -70.02 23.74
N GLN U 99 -50.65 -71.25 23.71
CA GLN U 99 -49.68 -71.67 22.72
C GLN U 99 -49.57 -73.20 22.76
N ARG U 100 -48.72 -73.71 21.88
CA ARG U 100 -48.22 -75.08 21.98
C ARG U 100 -46.96 -75.18 21.15
N LYS U 101 -46.20 -76.23 21.41
CA LYS U 101 -45.04 -76.54 20.59
C LYS U 101 -45.38 -77.71 19.67
N LEU U 102 -44.80 -77.72 18.48
CA LEU U 102 -44.98 -78.82 17.55
C LEU U 102 -43.64 -79.18 16.94
N ASP U 103 -43.35 -80.48 16.89
CA ASP U 103 -42.14 -81.01 16.29
C ASP U 103 -42.51 -82.13 15.32
N ARG U 104 -41.47 -82.79 14.79
CA ARG U 104 -41.66 -83.85 13.81
C ARG U 104 -42.63 -84.90 14.33
N THR U 105 -42.65 -85.08 15.66
CA THR U 105 -43.48 -86.11 16.27
C THR U 105 -44.95 -85.70 16.23
N THR U 106 -45.24 -84.47 16.66
CA THR U 106 -46.60 -83.95 16.66
C THR U 106 -47.15 -83.76 15.24
N CYS U 107 -46.33 -83.91 14.22
CA CYS U 107 -46.77 -83.85 12.83
C CYS U 107 -46.97 -85.23 12.22
N CYS V 1 -17.14 -70.14 34.29
CA CYS V 1 -16.34 -69.70 35.42
C CYS V 1 -17.21 -69.06 36.50
N ALA V 2 -17.93 -69.89 37.28
CA ALA V 2 -17.91 -71.35 37.13
C ALA V 2 -19.31 -71.92 37.20
N SER V 3 -20.19 -71.25 37.95
CA SER V 3 -21.57 -71.69 38.10
C SER V 3 -22.27 -70.93 39.24
N HIS V 4 -23.58 -70.76 39.10
CA HIS V 4 -24.37 -70.06 40.10
C HIS V 4 -23.99 -70.52 41.51
N ASN V 5 -24.11 -69.65 42.50
CA ASN V 5 -24.59 -68.28 42.31
C ASN V 5 -26.07 -68.22 41.96
N GLU V 6 -26.52 -67.08 41.49
CA GLU V 6 -27.93 -66.91 41.12
C GLU V 6 -28.81 -66.95 42.36
N ASN V 7 -29.82 -66.08 42.43
CA ASN V 7 -30.11 -65.09 41.38
C ASN V 7 -29.81 -63.64 41.77
N ALA V 8 -30.70 -62.76 41.35
CA ALA V 8 -30.56 -61.32 41.61
C ALA V 8 -29.39 -61.04 42.59
N SER V 9 -29.37 -60.05 43.52
CA SER V 9 -30.27 -58.92 43.77
C SER V 9 -30.35 -57.91 42.63
N LEU V 10 -29.56 -58.10 41.58
CA LEU V 10 -29.68 -57.27 40.39
C LEU V 10 -31.08 -57.32 39.81
N LEU V 11 -31.51 -58.50 39.35
CA LEU V 11 -32.81 -58.58 38.67
C LEU V 11 -33.95 -58.27 39.62
N ALA V 12 -33.82 -58.63 40.89
CA ALA V 12 -34.78 -58.16 41.89
C ALA V 12 -34.86 -56.65 41.90
N LYS V 13 -33.77 -55.97 41.54
CA LYS V 13 -33.91 -54.56 41.20
C LYS V 13 -34.47 -54.40 39.79
N LYS V 14 -33.94 -55.17 38.84
CA LYS V 14 -34.40 -55.05 37.47
C LYS V 14 -35.90 -55.33 37.35
N GLN V 15 -36.44 -56.14 38.25
CA GLN V 15 -37.87 -56.39 38.15
C GLN V 15 -38.70 -55.27 38.75
N ALA V 16 -38.29 -54.71 39.88
CA ALA V 16 -38.93 -53.47 40.33
C ALA V 16 -38.66 -52.35 39.35
N GLN V 17 -37.47 -52.35 38.75
CA GLN V 17 -37.18 -51.44 37.64
C GLN V 17 -38.25 -51.51 36.56
N ASN V 18 -38.50 -52.71 36.05
CA ASN V 18 -39.51 -52.89 35.01
C ASN V 18 -40.86 -52.32 35.44
N ILE V 19 -41.23 -52.51 36.70
CA ILE V 19 -42.55 -52.09 37.17
C ILE V 19 -42.72 -50.60 37.03
N SER V 20 -41.67 -49.83 37.36
CA SER V 20 -41.80 -48.40 37.56
C SER V 20 -41.72 -47.60 36.27
N GLN V 21 -41.25 -48.17 35.18
CA GLN V 21 -41.15 -47.39 33.95
C GLN V 21 -42.51 -47.05 33.39
N ASN V 22 -43.54 -47.79 33.78
CA ASN V 22 -44.90 -47.57 33.30
C ASN V 22 -45.73 -46.72 34.25
N LEU V 23 -45.13 -46.26 35.34
CA LEU V 23 -45.84 -45.80 36.51
C LEU V 23 -46.17 -44.31 36.46
N PRO V 24 -47.33 -43.90 37.02
CA PRO V 24 -48.41 -44.70 37.61
C PRO V 24 -49.50 -45.08 36.62
N VAL V 33 -46.26 -42.83 43.76
CA VAL V 33 -46.27 -44.28 43.66
C VAL V 33 -44.88 -44.71 43.18
N LEU V 34 -44.33 -45.75 43.77
CA LEU V 34 -43.02 -46.24 43.38
C LEU V 34 -42.86 -47.68 43.78
N ALA V 35 -41.86 -48.36 43.23
CA ALA V 35 -41.49 -49.68 43.72
C ALA V 35 -40.03 -49.65 44.15
N GLN V 36 -39.72 -50.13 45.33
CA GLN V 36 -38.34 -50.14 45.74
C GLN V 36 -37.84 -51.56 45.89
N SER V 37 -36.76 -51.89 45.20
CA SER V 37 -36.16 -53.21 45.32
C SER V 37 -35.11 -53.10 46.42
N SER V 38 -35.47 -53.52 47.63
CA SER V 38 -34.62 -53.39 48.79
C SER V 38 -33.97 -54.74 49.05
N GLY V 39 -32.66 -54.80 48.84
CA GLY V 39 -31.99 -56.09 48.89
C GLY V 39 -32.61 -57.00 47.85
N THR V 40 -33.06 -58.17 48.28
CA THR V 40 -33.81 -59.08 47.44
C THR V 40 -35.31 -58.88 47.56
N THR V 41 -35.74 -57.89 48.33
CA THR V 41 -37.14 -57.63 48.55
C THR V 41 -37.61 -56.55 47.59
N VAL V 42 -38.81 -56.71 47.05
CA VAL V 42 -39.46 -55.68 46.25
C VAL V 42 -40.41 -54.90 47.15
N LYS V 43 -40.52 -53.61 46.91
CA LYS V 43 -41.44 -52.77 47.65
C LYS V 43 -42.29 -51.98 46.67
N MET V 44 -43.48 -51.60 47.11
CA MET V 44 -44.42 -50.85 46.29
C MET V 44 -45.10 -49.81 47.15
N THR V 45 -45.09 -48.55 46.71
CA THR V 45 -45.63 -47.45 47.49
C THR V 45 -46.82 -46.86 46.76
N ILE V 46 -47.69 -46.18 47.49
CA ILE V 46 -48.80 -45.45 46.89
C ILE V 46 -48.88 -44.06 47.49
N THR V 57 -59.82 -48.07 51.76
CA THR V 57 -59.71 -49.22 52.65
C THR V 57 -59.39 -50.51 51.91
N PRO V 58 -58.26 -50.53 51.08
CA PRO V 58 -57.98 -51.72 50.25
C PRO V 58 -57.47 -52.92 51.06
N ASP V 59 -58.40 -53.62 51.70
CA ASP V 59 -58.05 -54.89 52.34
C ASP V 59 -58.36 -56.05 51.40
N ALA V 60 -59.65 -56.26 51.12
CA ALA V 60 -60.03 -57.31 50.16
C ALA V 60 -59.36 -57.09 48.82
N PHE V 61 -58.77 -55.90 48.62
CA PHE V 61 -57.70 -55.73 47.64
C PHE V 61 -56.67 -56.84 47.76
N LEU V 62 -56.16 -57.07 48.98
CA LEU V 62 -55.05 -58.01 49.17
C LEU V 62 -55.36 -59.38 48.59
N THR V 63 -56.31 -60.08 49.22
CA THR V 63 -56.63 -61.45 48.79
C THR V 63 -56.82 -61.53 47.30
N SER V 64 -57.56 -60.59 46.72
CA SER V 64 -57.60 -60.46 45.28
C SER V 64 -56.19 -60.23 44.77
N TYR V 65 -55.63 -59.04 45.05
CA TYR V 65 -54.38 -58.61 44.46
C TYR V 65 -53.25 -59.62 44.66
N GLN V 66 -53.18 -60.24 45.84
CA GLN V 66 -52.08 -61.17 46.09
C GLN V 66 -52.18 -62.39 45.18
N ARG V 67 -53.37 -62.96 45.03
CA ARG V 67 -53.49 -64.28 44.45
C ARG V 67 -53.17 -64.28 42.97
N GLN V 68 -53.44 -63.17 42.27
CA GLN V 68 -52.94 -63.12 40.90
C GLN V 68 -51.43 -63.25 40.86
N MET V 69 -50.69 -62.54 41.72
CA MET V 69 -49.25 -62.79 41.84
C MET V 69 -49.00 -64.25 42.16
N CYS V 70 -49.61 -64.73 43.24
CA CYS V 70 -49.53 -66.13 43.62
C CYS V 70 -49.91 -67.07 42.48
N ALA V 71 -50.77 -66.61 41.56
CA ALA V 71 -51.11 -67.35 40.36
C ALA V 71 -50.20 -67.05 39.17
N ASP V 72 -49.36 -66.04 39.25
CA ASP V 72 -48.50 -65.71 38.13
C ASP V 72 -47.30 -66.66 38.10
N PRO V 73 -47.05 -67.33 36.98
CA PRO V 73 -45.96 -68.33 36.95
C PRO V 73 -44.57 -67.75 37.07
N THR V 74 -44.38 -66.44 36.84
CA THR V 74 -43.09 -65.81 37.15
C THR V 74 -42.94 -65.61 38.64
N VAL V 75 -43.97 -65.08 39.30
CA VAL V 75 -44.00 -65.06 40.75
C VAL V 75 -43.98 -66.49 41.29
N LYS V 76 -44.68 -67.40 40.63
CA LYS V 76 -44.55 -68.81 40.96
C LYS V 76 -43.17 -69.34 40.60
N LEU V 77 -42.46 -68.66 39.70
CA LEU V 77 -41.03 -68.92 39.54
C LEU V 77 -40.20 -68.18 40.60
N MET V 78 -40.43 -66.87 40.75
CA MET V 78 -39.47 -66.04 41.47
C MET V 78 -39.63 -66.17 42.98
N LEU V 79 -40.87 -66.11 43.48
CA LEU V 79 -41.07 -66.39 44.90
C LEU V 79 -40.59 -67.79 45.24
N THR V 80 -40.56 -68.67 44.26
CA THR V 80 -39.90 -69.96 44.37
C THR V 80 -38.46 -69.92 43.86
N GLU V 81 -37.99 -68.77 43.35
CA GLU V 81 -36.57 -68.57 43.15
C GLU V 81 -35.85 -68.14 44.41
N GLY V 82 -36.53 -67.43 45.32
CA GLY V 82 -35.91 -66.99 46.55
C GLY V 82 -35.67 -65.50 46.71
N ILE V 83 -36.05 -64.66 45.75
CA ILE V 83 -36.04 -63.21 45.97
C ILE V 83 -37.36 -62.81 46.64
N ASN V 84 -37.25 -62.06 47.74
CA ASN V 84 -38.42 -61.74 48.52
C ASN V 84 -39.33 -60.75 47.79
N TYR V 85 -40.60 -60.76 48.18
CA TYR V 85 -41.55 -59.77 47.73
C TYR V 85 -42.17 -59.10 48.95
N SER V 86 -42.67 -57.88 48.76
CA SER V 86 -43.36 -57.14 49.81
C SER V 86 -44.24 -56.09 49.17
N ILE V 87 -45.18 -55.55 49.97
CA ILE V 87 -46.07 -54.50 49.50
C ILE V 87 -46.27 -53.42 50.56
N THR V 88 -46.56 -52.20 50.13
CA THR V 88 -46.85 -51.11 51.04
C THR V 88 -48.11 -50.39 50.57
N ILE V 89 -48.87 -49.83 51.51
CA ILE V 89 -50.06 -49.06 51.14
C ILE V 89 -50.27 -47.89 52.09
N ASN V 90 -50.50 -46.70 51.52
CA ASN V 90 -51.10 -45.60 52.27
C ASN V 90 -52.58 -45.53 51.91
N ASN V 96 -53.61 -42.96 57.78
CA ASN V 96 -53.64 -44.35 57.33
C ASN V 96 -52.33 -44.80 56.66
N GLN V 97 -51.94 -46.04 56.94
CA GLN V 97 -50.86 -46.74 56.22
C GLN V 97 -50.75 -48.16 56.75
N TYR V 98 -50.11 -49.04 55.99
CA TYR V 98 -49.91 -50.42 56.37
C TYR V 98 -49.13 -51.11 55.26
N GLN V 99 -48.80 -52.37 55.50
CA GLN V 99 -48.19 -53.21 54.48
C GLN V 99 -48.21 -54.66 54.96
N ARG V 100 -47.70 -55.53 54.11
CA ARG V 100 -47.33 -56.89 54.50
C ARG V 100 -46.36 -57.43 53.46
N LYS V 101 -45.66 -58.48 53.83
CA LYS V 101 -44.81 -59.20 52.91
C LYS V 101 -45.50 -60.49 52.49
N LEU V 102 -45.27 -60.92 51.26
CA LEU V 102 -45.81 -62.19 50.79
C LEU V 102 -44.73 -62.92 50.01
N ASP V 103 -44.59 -64.21 50.30
CA ASP V 103 -43.65 -65.09 49.62
C ASP V 103 -44.37 -66.34 49.15
N ARG V 104 -43.59 -67.29 48.62
CA ARG V 104 -44.15 -68.53 48.09
C ARG V 104 -45.03 -69.21 49.12
N THR V 105 -44.70 -69.03 50.39
CA THR V 105 -45.43 -69.70 51.46
C THR V 105 -46.80 -69.06 51.66
N THR V 106 -46.84 -67.73 51.75
CA THR V 106 -48.10 -67.01 51.90
C THR V 106 -48.99 -67.10 50.67
N CYS V 107 -48.50 -67.67 49.57
CA CYS V 107 -49.31 -67.91 48.38
C CYS V 107 -49.80 -69.35 48.28
N CYS W 1 -13.74 -54.28 57.05
CA CYS W 1 -12.61 -53.69 57.77
C CYS W 1 -13.08 -52.64 58.78
N ALA W 2 -13.63 -53.10 59.91
CA ALA W 2 -13.79 -54.52 60.22
C ALA W 2 -15.18 -54.80 60.80
N SER W 3 -15.75 -53.81 61.49
CA SER W 3 -17.07 -53.95 62.08
C SER W 3 -17.35 -52.81 63.06
N HIS W 4 -18.63 -52.45 63.19
CA HIS W 4 -19.04 -51.39 64.09
C HIS W 4 -18.34 -51.51 65.44
N ASN W 5 -18.09 -50.40 66.12
CA ASN W 5 -18.47 -49.07 65.64
C ASN W 5 -19.98 -48.85 65.64
N GLU W 6 -20.43 -47.81 64.96
CA GLU W 6 -21.85 -47.50 64.90
C GLU W 6 -22.38 -47.06 66.27
N ASN W 7 -23.23 -46.04 66.31
CA ASN W 7 -23.70 -45.34 65.10
C ASN W 7 -23.17 -43.92 64.96
N ALA W 8 -24.05 -43.04 64.50
CA ALA W 8 -23.71 -41.63 64.27
C ALA W 8 -22.29 -41.31 64.82
N SER W 9 -21.92 -40.12 65.36
CA SER W 9 -22.60 -38.82 65.47
C SER W 9 -22.89 -38.16 64.12
N LEU W 10 -22.45 -38.76 63.03
CA LEU W 10 -22.81 -38.27 61.70
C LEU W 10 -24.32 -38.23 61.51
N LEU W 11 -24.96 -39.39 61.54
CA LEU W 11 -26.39 -39.43 61.25
C LEU W 11 -27.20 -38.68 62.30
N ALA W 12 -26.76 -38.70 63.56
CA ALA W 12 -27.36 -37.83 64.55
C ALA W 12 -27.29 -36.38 64.12
N LYS W 13 -26.27 -36.01 63.33
CA LYS W 13 -26.36 -34.75 62.61
C LYS W 13 -27.27 -34.88 61.40
N LYS W 14 -27.10 -35.96 60.63
CA LYS W 14 -27.91 -36.13 59.43
C LYS W 14 -29.40 -36.16 59.77
N GLN W 15 -29.76 -36.60 60.97
CA GLN W 15 -31.18 -36.62 61.29
C GLN W 15 -31.70 -35.26 61.70
N ALA W 16 -30.94 -34.49 62.48
CA ALA W 16 -31.30 -33.09 62.66
C ALA W 16 -31.20 -32.33 61.35
N GLN W 17 -30.23 -32.70 60.52
CA GLN W 17 -30.17 -32.19 59.15
C GLN W 17 -31.50 -32.36 58.42
N ASN W 18 -32.00 -33.58 58.37
CA ASN W 18 -33.26 -33.86 57.71
C ASN W 18 -34.38 -32.97 58.25
N ILE W 19 -34.41 -32.75 59.56
CA ILE W 19 -35.50 -31.99 60.18
C ILE W 19 -35.56 -30.59 59.63
N SER W 20 -34.39 -29.97 59.45
CA SER W 20 -34.32 -28.53 59.23
C SER W 20 -34.53 -28.13 57.79
N GLN W 21 -34.43 -29.05 56.84
CA GLN W 21 -34.59 -28.65 55.45
C GLN W 21 -36.02 -28.25 55.14
N ASN W 22 -36.96 -28.66 55.96
CA ASN W 22 -38.38 -28.35 55.78
C ASN W 22 -38.83 -27.15 56.59
N LEU W 23 -37.91 -26.52 57.31
CA LEU W 23 -38.23 -25.65 58.43
C LEU W 23 -38.41 -24.20 58.00
N PRO W 24 -39.32 -23.45 58.66
CA PRO W 24 -40.27 -23.86 59.70
C PRO W 24 -41.62 -24.30 59.15
N VAL W 33 -36.34 -20.82 64.30
CA VAL W 33 -36.52 -22.21 64.65
C VAL W 33 -35.37 -22.98 64.02
N LEU W 34 -34.77 -23.91 64.76
CA LEU W 34 -33.68 -24.70 64.23
C LEU W 34 -33.56 -26.00 65.01
N ALA W 35 -32.81 -26.96 64.48
CA ALA W 35 -32.45 -28.14 65.23
C ALA W 35 -30.94 -28.25 65.28
N GLN W 36 -30.37 -28.44 66.46
CA GLN W 36 -28.92 -28.57 66.50
C GLN W 36 -28.55 -29.97 66.96
N SER W 37 -27.74 -30.66 66.17
CA SER W 37 -27.26 -31.98 66.54
C SER W 37 -25.93 -31.76 67.27
N SER W 38 -25.99 -31.77 68.59
CA SER W 38 -24.85 -31.48 69.44
C SER W 38 -24.28 -32.80 69.94
N GLY W 39 -23.09 -33.14 69.46
CA GLY W 39 -22.57 -34.48 69.73
C GLY W 39 -23.52 -35.50 69.19
N THR W 40 -23.95 -36.42 70.06
CA THR W 40 -24.99 -37.38 69.72
C THR W 40 -26.37 -36.89 70.14
N THR W 41 -26.47 -35.68 70.64
CA THR W 41 -27.73 -35.12 71.10
C THR W 41 -28.34 -34.28 69.99
N VAL W 42 -29.65 -34.37 69.84
CA VAL W 42 -30.39 -33.50 68.92
C VAL W 42 -30.98 -32.35 69.74
N LYS W 43 -31.03 -31.17 69.15
CA LYS W 43 -31.62 -30.01 69.79
C LYS W 43 -32.63 -29.38 68.85
N MET W 44 -33.61 -28.70 69.43
CA MET W 44 -34.66 -28.05 68.66
C MET W 44 -34.97 -26.71 69.29
N THR W 45 -34.97 -25.64 68.50
CA THR W 45 -35.15 -24.29 69.00
C THR W 45 -36.44 -23.73 68.43
N ILE W 46 -37.01 -22.74 69.10
CA ILE W 46 -38.17 -22.01 68.59
C ILE W 46 -37.95 -20.52 68.74
N THR W 57 -47.62 -21.28 76.47
CA THR W 57 -47.38 -22.15 77.62
C THR W 57 -47.41 -23.64 77.25
N PRO W 58 -46.55 -24.06 76.22
CA PRO W 58 -46.63 -25.46 75.77
C PRO W 58 -46.03 -26.48 76.74
N ASP W 59 -46.81 -26.80 77.78
CA ASP W 59 -46.43 -27.90 78.66
C ASP W 59 -47.09 -29.19 78.23
N ALA W 60 -48.42 -29.25 78.33
CA ALA W 60 -49.15 -30.43 77.85
C ALA W 60 -48.86 -30.70 76.39
N PHE W 61 -48.23 -29.73 75.71
CA PHE W 61 -47.46 -30.01 74.51
C PHE W 61 -46.55 -31.21 74.72
N LEU W 62 -45.74 -31.19 75.78
CA LEU W 62 -44.73 -32.22 75.98
C LEU W 62 -45.32 -33.62 75.95
N THR W 63 -46.12 -33.96 76.96
CA THR W 63 -46.67 -35.30 77.07
C THR W 63 -47.28 -35.76 75.74
N SER W 64 -48.05 -34.89 75.11
CA SER W 64 -48.47 -35.14 73.74
C SER W 64 -47.24 -35.31 72.86
N TYR W 65 -46.52 -34.20 72.64
CA TYR W 65 -45.44 -34.17 71.66
C TYR W 65 -44.40 -35.27 71.90
N GLN W 66 -44.06 -35.55 73.16
CA GLN W 66 -43.04 -36.56 73.41
C GLN W 66 -43.50 -37.94 72.96
N ARG W 67 -44.73 -38.31 73.29
CA ARG W 67 -45.14 -39.70 73.17
C ARG W 67 -45.25 -40.16 71.73
N GLN W 68 -45.58 -39.25 70.81
CA GLN W 68 -45.48 -39.65 69.41
C GLN W 68 -44.05 -40.04 69.06
N MET W 69 -43.05 -39.27 69.48
CA MET W 69 -41.66 -39.73 69.32
C MET W 69 -41.47 -41.07 70.00
N CYS W 70 -41.80 -41.12 71.29
CA CYS W 70 -41.76 -42.37 72.04
C CYS W 70 -42.52 -43.49 71.37
N ALA W 71 -43.56 -43.16 70.57
CA ALA W 71 -44.29 -44.12 69.77
C ALA W 71 -43.71 -44.32 68.38
N ASP W 72 -42.79 -43.47 67.95
CA ASP W 72 -42.25 -43.62 66.61
C ASP W 72 -41.20 -44.73 66.59
N PRO W 73 -41.33 -45.72 65.70
CA PRO W 73 -40.39 -46.86 65.72
C PRO W 73 -38.97 -46.51 65.32
N THR W 74 -38.72 -45.37 64.67
CA THR W 74 -37.35 -44.92 64.47
C THR W 74 -36.77 -44.34 65.74
N VAL W 75 -37.53 -43.50 66.44
CA VAL W 75 -37.16 -43.08 67.77
C VAL W 75 -37.13 -44.28 68.71
N LYS W 76 -38.07 -45.21 68.54
CA LYS W 76 -37.98 -46.48 69.24
C LYS W 76 -36.82 -47.32 68.74
N LEU W 77 -36.32 -47.04 67.54
CA LEU W 77 -35.02 -47.57 67.14
C LEU W 77 -33.87 -46.74 67.70
N MET W 78 -33.92 -45.42 67.48
CA MET W 78 -32.72 -44.59 67.68
C MET W 78 -32.47 -44.28 69.15
N LEU W 79 -33.51 -43.89 69.88
CA LEU W 79 -33.33 -43.72 71.32
C LEU W 79 -32.92 -45.04 71.96
N THR W 80 -33.25 -46.16 71.31
CA THR W 80 -32.70 -47.46 71.64
C THR W 80 -31.47 -47.81 70.82
N GLU W 81 -31.05 -46.93 69.89
CA GLU W 81 -29.72 -47.05 69.30
C GLU W 81 -28.65 -46.42 70.18
N GLY W 82 -28.99 -45.39 70.95
CA GLY W 82 -28.02 -44.75 71.82
C GLY W 82 -27.59 -43.33 71.45
N ILE W 83 -28.14 -42.73 70.40
CA ILE W 83 -27.93 -41.30 70.16
C ILE W 83 -28.96 -40.50 70.96
N ASN W 84 -28.49 -39.52 71.72
CA ASN W 84 -29.37 -38.81 72.63
C ASN W 84 -30.33 -37.91 71.85
N TYR W 85 -31.44 -37.59 72.52
CA TYR W 85 -32.39 -36.62 72.03
C TYR W 85 -32.58 -35.55 73.09
N SER W 86 -32.99 -34.36 72.67
CA SER W 86 -33.29 -33.25 73.56
C SER W 86 -34.20 -32.26 72.87
N ILE W 87 -34.82 -31.38 73.65
CA ILE W 87 -35.71 -30.36 73.12
C ILE W 87 -35.51 -29.02 73.83
N THR W 88 -35.78 -27.93 73.11
CA THR W 88 -35.70 -26.60 73.68
C THR W 88 -36.96 -25.83 73.33
N ILE W 89 -37.39 -24.91 74.21
CA ILE W 89 -38.54 -24.08 73.91
C ILE W 89 -38.37 -22.67 74.48
N ASN W 90 -38.64 -21.66 73.65
CA ASN W 90 -38.90 -20.31 74.14
C ASN W 90 -40.41 -20.09 74.13
N ASN W 96 -39.53 -15.90 79.01
CA ASN W 96 -39.81 -17.33 79.02
C ASN W 96 -38.79 -18.16 78.24
N GLN W 97 -38.46 -19.33 78.78
CA GLN W 97 -37.70 -20.37 78.09
C GLN W 97 -37.58 -21.59 78.98
N TYR W 98 -37.26 -22.74 78.38
CA TYR W 98 -37.09 -23.99 79.11
C TYR W 98 -36.73 -25.07 78.12
N GLN W 99 -36.47 -26.26 78.64
CA GLN W 99 -36.24 -27.43 77.82
C GLN W 99 -36.28 -28.67 78.71
N ARG W 100 -36.10 -29.82 78.06
CA ARG W 100 -35.77 -31.07 78.75
C ARG W 100 -35.17 -32.02 77.73
N LYS W 101 -34.50 -33.04 78.24
CA LYS W 101 -34.02 -34.12 77.40
C LYS W 101 -34.91 -35.33 77.57
N LEU W 102 -35.08 -36.11 76.51
CA LEU W 102 -35.85 -37.34 76.58
C LEU W 102 -35.10 -38.43 75.84
N ASP W 103 -35.02 -39.61 76.46
CA ASP W 103 -34.38 -40.77 75.89
C ASP W 103 -35.32 -41.97 76.01
N ARG W 104 -34.82 -43.15 75.63
CA ARG W 104 -35.62 -44.36 75.63
C ARG W 104 -36.25 -44.59 77.00
N THR W 105 -35.56 -44.12 78.05
CA THR W 105 -36.02 -44.34 79.41
C THR W 105 -37.22 -43.45 79.72
N THR W 106 -37.11 -42.15 79.41
CA THR W 106 -38.20 -41.22 79.62
C THR W 106 -39.40 -41.48 78.72
N CYS W 107 -39.28 -42.40 77.77
CA CYS W 107 -40.41 -42.81 76.93
C CYS W 107 -41.04 -44.11 77.40
N CYS X 1 -2.68 -33.72 72.43
CA CYS X 1 -1.36 -33.16 72.65
C CYS X 1 -1.42 -31.81 73.37
N ALA X 2 -1.68 -31.83 74.69
CA ALA X 2 -1.89 -33.08 75.44
C ALA X 2 -3.09 -32.96 76.38
N SER X 3 -3.34 -31.73 76.85
CA SER X 3 -4.45 -31.47 77.76
C SER X 3 -4.34 -30.08 78.37
N HIS X 4 -5.50 -29.49 78.69
CA HIS X 4 -5.53 -28.16 79.28
C HIS X 4 -4.51 -28.04 80.40
N ASN X 5 -3.98 -26.84 80.63
CA ASN X 5 -4.35 -25.65 79.88
C ASN X 5 -5.77 -25.18 80.17
N GLU X 6 -6.28 -24.30 79.33
CA GLU X 6 -7.63 -23.78 79.51
C GLU X 6 -7.71 -22.90 80.77
N ASN X 7 -8.42 -21.78 80.69
CA ASN X 7 -9.14 -21.36 79.48
C ASN X 7 -8.53 -20.14 78.77
N ALA X 8 -9.41 -19.28 78.29
CA ALA X 8 -9.02 -18.06 77.58
C ALA X 8 -7.47 -17.85 77.66
N SER X 9 -6.85 -16.65 77.70
CA SER X 9 -7.35 -15.27 77.57
C SER X 9 -7.94 -14.95 76.19
N LEU X 10 -7.87 -15.90 75.26
CA LEU X 10 -8.53 -15.72 73.97
C LEU X 10 -10.02 -15.48 74.14
N LEU X 11 -10.75 -16.46 74.67
CA LEU X 11 -12.20 -16.33 74.74
C LEU X 11 -12.61 -15.20 75.69
N ALA X 12 -11.85 -14.96 76.75
CA ALA X 12 -12.06 -13.76 77.54
C ALA X 12 -11.97 -12.51 76.68
N LYS X 13 -11.19 -12.56 75.60
CA LYS X 13 -11.35 -11.53 74.58
C LYS X 13 -12.56 -11.83 73.71
N LYS X 14 -12.71 -13.09 73.28
CA LYS X 14 -13.83 -13.43 72.42
C LYS X 14 -15.17 -13.11 73.09
N GLN X 15 -15.22 -13.14 74.42
CA GLN X 15 -16.49 -12.83 75.05
C GLN X 15 -16.74 -11.33 75.13
N ALA X 16 -15.73 -10.52 75.44
CA ALA X 16 -15.89 -9.08 75.28
C ALA X 16 -16.09 -8.74 73.81
N GLN X 17 -15.43 -9.49 72.93
CA GLN X 17 -15.70 -9.38 71.49
C GLN X 17 -17.17 -9.50 71.18
N ASN X 18 -17.79 -10.59 71.63
CA ASN X 18 -19.21 -10.81 71.40
C ASN X 18 -20.04 -9.63 71.89
N ILE X 19 -19.68 -9.06 73.03
CA ILE X 19 -20.49 -8.00 73.63
C ILE X 19 -20.55 -6.80 72.71
N SER X 20 -19.43 -6.45 72.10
CA SER X 20 -19.28 -5.17 71.42
C SER X 20 -19.84 -5.14 70.02
N GLN X 21 -20.10 -6.29 69.39
CA GLN X 21 -20.60 -6.26 68.03
C GLN X 21 -22.00 -5.71 67.96
N ASN X 22 -22.73 -5.72 69.08
CA ASN X 22 -24.10 -5.23 69.13
C ASN X 22 -24.19 -3.80 69.62
N LEU X 23 -23.05 -3.16 69.89
CA LEU X 23 -22.96 -1.98 70.72
C LEU X 23 -23.12 -0.69 69.93
N PRO X 24 -23.73 0.36 70.53
CA PRO X 24 -24.40 0.40 71.83
C PRO X 24 -25.88 0.09 71.78
N VAL X 33 -19.08 3.85 74.23
CA VAL X 33 -19.29 2.65 75.03
C VAL X 33 -18.43 1.55 74.40
N LEU X 34 -17.76 0.77 75.23
CA LEU X 34 -16.92 -0.31 74.73
C LEU X 34 -16.72 -1.35 75.81
N ALA X 35 -16.25 -2.53 75.43
CA ALA X 35 -15.81 -3.51 76.41
C ALA X 35 -14.36 -3.87 76.13
N GLN X 36 -13.50 -3.82 77.13
CA GLN X 36 -12.13 -4.19 76.88
C GLN X 36 -11.78 -5.45 77.65
N SER X 37 -11.29 -6.46 76.93
CA SER X 37 -10.85 -7.69 77.57
C SER X 37 -9.37 -7.53 77.86
N SER X 38 -9.06 -7.16 79.11
CA SER X 38 -7.70 -6.86 79.52
C SER X 38 -7.15 -8.07 80.24
N GLY X 39 -6.18 -8.73 79.63
CA GLY X 39 -5.73 -10.01 80.17
C GLY X 39 -6.89 -10.97 80.21
N THR X 40 -7.15 -11.52 81.39
CA THR X 40 -8.33 -12.34 81.63
C THR X 40 -9.49 -11.54 82.18
N THR X 41 -9.33 -10.23 82.29
CA THR X 41 -10.36 -9.37 82.84
C THR X 41 -11.16 -8.75 81.71
N VAL X 42 -12.46 -8.66 81.89
CA VAL X 42 -13.35 -7.95 80.97
C VAL X 42 -13.57 -6.54 81.51
N LYS X 43 -13.66 -5.57 80.62
CA LYS X 43 -13.94 -4.20 80.99
C LYS X 43 -15.10 -3.68 80.17
N MET X 44 -15.82 -2.71 80.72
CA MET X 44 -16.97 -2.12 80.06
C MET X 44 -16.97 -0.63 80.31
N THR X 45 -17.08 0.17 79.26
CA THR X 45 -16.99 1.62 79.35
C THR X 45 -18.32 2.22 78.95
N ILE X 46 -18.58 3.44 79.40
CA ILE X 46 -19.76 4.18 78.98
C ILE X 46 -19.37 5.60 78.62
N THR X 57 -26.56 8.63 88.25
CA THR X 57 -26.11 8.08 89.52
C THR X 57 -26.37 6.58 89.64
N PRO X 58 -25.88 5.75 88.61
CA PRO X 58 -26.21 4.32 88.64
C PRO X 58 -25.48 3.51 89.71
N ASP X 59 -25.96 3.61 90.95
CA ASP X 59 -25.46 2.75 92.01
C ASP X 59 -26.33 1.52 92.16
N ALA X 60 -27.59 1.73 92.58
CA ALA X 60 -28.53 0.61 92.67
C ALA X 60 -28.68 -0.10 91.33
N PHE X 61 -28.18 0.53 90.27
CA PHE X 61 -27.80 -0.19 89.07
C PHE X 61 -26.99 -1.43 89.41
N LEU X 62 -25.91 -1.26 90.20
CA LEU X 62 -24.98 -2.36 90.45
C LEU X 62 -25.69 -3.59 90.99
N THR X 63 -26.22 -3.50 92.22
CA THR X 63 -26.85 -4.65 92.85
C THR X 63 -27.84 -5.34 91.91
N SER X 64 -28.67 -4.55 91.25
CA SER X 64 -29.47 -5.09 90.16
C SER X 64 -28.55 -5.69 89.11
N TYR X 65 -27.82 -4.83 88.40
CA TYR X 65 -27.05 -5.25 87.23
C TYR X 65 -26.09 -6.41 87.53
N GLN X 66 -25.46 -6.40 88.71
CA GLN X 66 -24.50 -7.46 89.01
C GLN X 66 -25.19 -8.80 89.12
N ARG X 67 -26.32 -8.85 89.83
CA ARG X 67 -26.88 -10.14 90.24
C ARG X 67 -27.42 -10.93 89.07
N GLN X 68 -27.91 -10.27 88.02
CA GLN X 68 -28.23 -11.03 86.83
C GLN X 68 -27.00 -11.76 86.29
N MET X 69 -25.85 -11.08 86.21
CA MET X 69 -24.61 -11.79 85.88
C MET X 69 -24.37 -12.91 86.87
N CYS X 70 -24.34 -12.56 88.15
CA CYS X 70 -24.21 -13.55 89.22
C CYS X 70 -25.23 -14.66 89.11
N ALA X 71 -26.41 -14.38 88.53
CA ALA X 71 -27.43 -15.38 88.25
C ALA X 71 -27.28 -16.04 86.89
N ASP X 72 -26.44 -15.53 86.01
CA ASP X 72 -26.29 -16.11 84.70
C ASP X 72 -25.41 -17.36 84.77
N PRO X 73 -25.87 -18.50 84.28
CA PRO X 73 -25.08 -19.74 84.42
C PRO X 73 -23.79 -19.77 83.62
N THR X 74 -23.62 -18.89 82.62
CA THR X 74 -22.33 -18.77 81.96
C THR X 74 -21.36 -17.98 82.83
N VAL X 75 -21.82 -16.86 83.38
CA VAL X 75 -21.06 -16.16 84.41
C VAL X 75 -20.88 -17.06 85.63
N LYS X 76 -21.92 -17.82 85.98
CA LYS X 76 -21.77 -18.85 87.00
C LYS X 76 -20.87 -19.98 86.51
N LEU X 77 -20.70 -20.13 85.20
CA LEU X 77 -19.62 -20.96 84.69
C LEU X 77 -18.29 -20.22 84.68
N MET X 78 -18.26 -19.02 84.09
CA MET X 78 -16.98 -18.39 83.74
C MET X 78 -16.31 -17.75 84.95
N LEU X 79 -17.06 -16.99 85.74
CA LEU X 79 -16.49 -16.49 86.98
C LEU X 79 -16.04 -17.64 87.87
N THR X 80 -16.64 -18.81 87.69
CA THR X 80 -16.15 -20.04 88.27
C THR X 80 -15.23 -20.81 87.33
N GLU X 81 -15.01 -20.31 86.11
CA GLU X 81 -13.90 -20.80 85.29
C GLU X 81 -12.57 -20.16 85.65
N GLY X 82 -12.59 -18.92 86.13
CA GLY X 82 -11.36 -18.24 86.51
C GLY X 82 -10.91 -17.07 85.64
N ILE X 83 -11.67 -16.69 84.61
CA ILE X 83 -11.40 -15.44 83.90
C ILE X 83 -12.09 -14.29 84.64
N ASN X 84 -11.33 -13.23 84.94
CA ASN X 84 -11.85 -12.16 85.75
C ASN X 84 -12.91 -11.35 85.00
N TYR X 85 -13.75 -10.68 85.78
CA TYR X 85 -14.69 -9.73 85.24
C TYR X 85 -14.48 -8.39 85.95
N SER X 86 -14.87 -7.30 85.29
CA SER X 86 -14.81 -5.96 85.86
C SER X 86 -15.79 -5.06 85.13
N ILE X 87 -16.07 -3.91 85.72
CA ILE X 87 -16.97 -2.93 85.13
C ILE X 87 -16.46 -1.51 85.31
N THR X 88 -16.81 -0.62 84.40
CA THR X 88 -16.45 0.79 84.51
C THR X 88 -17.68 1.63 84.24
N ILE X 89 -17.75 2.81 84.87
CA ILE X 89 -18.86 3.73 84.61
C ILE X 89 -18.40 5.18 84.67
N ASN X 90 -18.79 5.96 83.65
CA ASN X 90 -18.77 7.41 83.76
C ASN X 90 -20.19 7.89 84.03
N ASN X 96 -17.61 13.02 87.06
CA ASN X 96 -18.01 11.71 87.57
C ASN X 96 -17.34 10.53 86.85
N GLN X 97 -16.98 9.52 87.64
CA GLN X 97 -16.54 8.21 87.13
C GLN X 97 -16.30 7.28 88.31
N TYR X 98 -16.27 5.97 88.03
CA TYR X 98 -16.03 4.96 89.04
C TYR X 98 -16.06 3.60 88.37
N GLN X 99 -15.78 2.57 89.15
CA GLN X 99 -15.90 1.21 88.70
C GLN X 99 -15.81 0.27 89.90
N ARG X 100 -15.93 -1.02 89.62
CA ARG X 100 -15.54 -2.06 90.55
C ARG X 100 -15.35 -3.35 89.76
N LYS X 101 -14.67 -4.30 90.38
CA LYS X 101 -14.54 -5.64 89.82
C LYS X 101 -15.46 -6.58 90.57
N LEU X 102 -15.99 -7.57 89.87
CA LEU X 102 -16.82 -8.59 90.48
C LEU X 102 -16.42 -9.95 89.96
N ASP X 103 -16.28 -10.91 90.88
CA ASP X 103 -15.94 -12.28 90.54
C ASP X 103 -16.93 -13.21 91.24
N ARG X 104 -16.67 -14.53 91.13
CA ARG X 104 -17.54 -15.54 91.69
C ARG X 104 -17.79 -15.27 93.17
N THR X 105 -16.80 -14.67 93.84
CA THR X 105 -16.89 -14.43 95.27
C THR X 105 -17.87 -13.30 95.57
N THR X 106 -17.72 -12.17 94.86
CA THR X 106 -18.61 -11.04 95.02
C THR X 106 -20.04 -11.32 94.55
N CYS X 107 -20.27 -12.47 93.92
CA CYS X 107 -21.62 -12.89 93.55
C CYS X 107 -22.22 -13.88 94.52
N CYS Y 1 14.11 -12.01 77.76
CA CYS Y 1 15.50 -11.65 77.47
C CYS Y 1 15.76 -10.17 77.76
N ALA Y 2 15.87 -9.80 79.04
CA ALA Y 2 15.76 -10.72 80.16
C ALA Y 2 14.88 -10.16 81.27
N SER Y 3 14.89 -8.83 81.39
CA SER Y 3 14.09 -8.14 82.42
C SER Y 3 14.51 -6.67 82.53
N HIS Y 4 13.55 -5.83 82.91
CA HIS Y 4 13.80 -4.40 83.07
C HIS Y 4 15.11 -4.17 83.82
N ASN Y 5 15.79 -3.07 83.54
CA ASN Y 5 15.34 -2.08 82.57
C ASN Y 5 14.11 -1.31 83.03
N GLU Y 6 13.48 -0.61 82.10
CA GLU Y 6 12.28 0.17 82.44
C GLU Y 6 12.64 1.35 83.34
N ASN Y 7 12.05 2.52 83.10
CA ASN Y 7 11.07 2.71 82.02
C ASN Y 7 11.57 3.57 80.86
N ALA Y 8 10.68 4.42 80.35
CA ALA Y 8 10.98 5.31 79.23
C ALA Y 8 12.49 5.25 78.87
N SER Y 9 13.22 6.30 78.40
CA SER Y 9 12.84 7.66 77.97
C SER Y 9 11.93 7.70 76.76
N LEU Y 10 11.64 6.53 76.16
CA LEU Y 10 10.67 6.46 75.07
C LEU Y 10 9.32 7.00 75.50
N LEU Y 11 8.67 6.34 76.47
CA LEU Y 11 7.32 6.73 76.84
C LEU Y 11 7.29 8.13 77.45
N ALA Y 12 8.34 8.52 78.18
CA ALA Y 12 8.47 9.90 78.59
C ALA Y 12 8.44 10.83 77.40
N LYS Y 13 8.89 10.37 76.23
CA LYS Y 13 8.56 11.09 75.02
C LYS Y 13 7.13 10.79 74.59
N LYS Y 14 6.74 9.51 74.62
CA LYS Y 14 5.40 9.14 74.19
C LYS Y 14 4.33 9.85 75.03
N GLN Y 15 4.65 10.20 76.27
CA GLN Y 15 3.64 10.88 77.06
C GLN Y 15 3.56 12.36 76.73
N ALA Y 16 4.69 13.03 76.53
CA ALA Y 16 4.63 14.38 75.99
C ALA Y 16 4.08 14.35 74.57
N GLN Y 17 4.40 13.29 73.82
CA GLN Y 17 3.75 13.05 72.54
C GLN Y 17 2.24 13.11 72.64
N ASN Y 18 1.67 12.30 73.52
CA ASN Y 18 0.23 12.28 73.71
C ASN Y 18 -0.32 13.67 73.99
N ILE Y 19 0.39 14.46 74.80
CA ILE Y 19 -0.12 15.76 75.21
C ILE Y 19 -0.31 16.66 74.01
N SER Y 20 0.62 16.63 73.08
CA SER Y 20 0.71 17.64 72.03
C SER Y 20 -0.21 17.38 70.85
N GLN Y 21 -0.74 16.18 70.69
CA GLN Y 21 -1.59 15.92 69.54
C GLN Y 21 -2.90 16.67 69.63
N ASN Y 22 -3.29 17.09 70.83
CA ASN Y 22 -4.53 17.80 71.07
C ASN Y 22 -4.35 19.31 71.10
N LEU Y 23 -3.13 19.78 70.88
CA LEU Y 23 -2.70 21.11 71.27
C LEU Y 23 -2.94 22.14 70.18
N PRO Y 24 -3.26 23.41 70.56
CA PRO Y 24 -3.53 23.92 71.90
C PRO Y 24 -5.00 23.86 72.31
N VAL Y 33 2.55 26.91 71.82
CA VAL Y 33 2.44 26.02 72.97
C VAL Y 33 2.99 24.66 72.53
N LEU Y 34 3.79 24.03 73.37
CA LEU Y 34 4.34 22.72 73.04
C LEU Y 34 4.73 22.00 74.31
N ALA Y 35 4.97 20.69 74.21
CA ALA Y 35 5.56 19.95 75.31
C ALA Y 35 6.84 19.29 74.82
N GLN Y 36 7.93 19.45 75.54
CA GLN Y 36 9.15 18.80 75.09
C GLN Y 36 9.57 17.75 76.10
N SER Y 37 9.75 16.52 75.63
CA SER Y 37 10.22 15.45 76.49
C SER Y 37 11.74 15.42 76.36
N SER Y 38 12.41 16.05 77.32
CA SER Y 38 13.86 16.22 77.30
C SER Y 38 14.46 15.16 78.21
N GLY Y 39 15.15 14.21 77.62
CA GLY Y 39 15.62 13.07 78.40
C GLY Y 39 14.42 12.37 79.00
N THR Y 40 14.44 12.20 80.31
CA THR Y 40 13.30 11.69 81.05
C THR Y 40 12.42 12.80 81.59
N THR Y 41 12.73 14.05 81.27
CA THR Y 41 11.98 15.19 81.75
C THR Y 41 10.96 15.61 80.70
N VAL Y 42 9.77 15.97 81.15
CA VAL Y 42 8.75 16.55 80.29
C VAL Y 42 8.81 18.06 80.41
N LYS Y 43 8.58 18.76 79.31
CA LYS Y 43 8.54 20.21 79.32
C LYS Y 43 7.25 20.68 78.66
N MET Y 44 6.82 21.87 79.05
CA MET Y 44 5.59 22.45 78.53
C MET Y 44 5.81 23.93 78.31
N THR Y 45 5.49 24.42 77.11
CA THR Y 45 5.74 25.80 76.74
C THR Y 45 4.41 26.50 76.50
N ILE Y 46 4.41 27.83 76.60
CA ILE Y 46 3.23 28.62 76.26
C ILE Y 46 3.65 29.80 75.41
N THR Y 57 -0.30 36.50 85.06
CA THR Y 57 0.44 36.23 86.29
C THR Y 57 0.07 34.89 86.92
N PRO Y 58 0.18 33.75 86.13
CA PRO Y 58 -0.27 32.45 86.65
C PRO Y 58 0.66 31.86 87.72
N ASP Y 59 0.54 32.37 88.94
CA ASP Y 59 1.23 31.75 90.07
C ASP Y 59 0.31 30.78 90.79
N ALA Y 60 -0.75 31.30 91.41
CA ALA Y 60 -1.73 30.43 92.06
C ALA Y 60 -2.31 29.43 91.07
N PHE Y 61 -2.06 29.65 89.78
CA PHE Y 61 -2.10 28.58 88.79
C PHE Y 61 -1.35 27.36 89.30
N LEU Y 62 -0.10 27.54 89.73
CA LEU Y 62 0.76 26.41 90.08
C LEU Y 62 0.11 25.51 91.11
N THR Y 63 -0.04 26.01 92.34
CA THR Y 63 -0.58 25.20 93.43
C THR Y 63 -1.85 24.47 93.00
N SER Y 64 -2.75 25.18 92.34
CA SER Y 64 -3.88 24.52 91.69
C SER Y 64 -3.34 23.51 90.69
N TYR Y 65 -2.75 24.00 89.60
CA TYR Y 65 -2.38 23.15 88.47
C TYR Y 65 -1.49 21.98 88.88
N GLN Y 66 -0.56 22.20 89.80
CA GLN Y 66 0.34 21.10 90.18
C GLN Y 66 -0.43 19.98 90.86
N ARG Y 67 -1.32 20.32 91.79
CA ARG Y 67 -1.85 19.31 92.69
C ARG Y 67 -2.78 18.33 91.99
N GLN Y 68 -3.46 18.77 90.93
CA GLN Y 68 -4.18 17.78 90.14
C GLN Y 68 -3.22 16.73 89.57
N MET Y 69 -2.08 17.15 89.02
CA MET Y 69 -1.06 16.17 88.64
C MET Y 69 -0.66 15.33 89.84
N CYS Y 70 -0.25 16.00 90.91
CA CYS Y 70 0.09 15.34 92.16
C CYS Y 70 -1.04 14.42 92.64
N ALA Y 71 -2.30 14.75 92.30
CA ALA Y 71 -3.44 13.90 92.58
C ALA Y 71 -3.74 12.87 91.49
N ASP Y 72 -3.11 13.00 90.33
CA ASP Y 72 -3.40 12.06 89.26
C ASP Y 72 -2.65 10.74 89.50
N PRO Y 73 -3.35 9.60 89.51
CA PRO Y 73 -2.67 8.33 89.83
C PRO Y 73 -1.66 7.87 88.79
N THR Y 74 -1.69 8.40 87.57
CA THR Y 74 -0.61 8.12 86.62
C THR Y 74 0.62 8.93 86.95
N VAL Y 75 0.44 10.22 87.23
CA VAL Y 75 1.52 11.02 87.79
C VAL Y 75 1.94 10.47 89.15
N LYS Y 76 0.96 10.02 89.94
CA LYS Y 76 1.30 9.29 91.15
C LYS Y 76 1.91 7.94 90.85
N LEU Y 77 1.70 7.41 89.64
CA LEU Y 77 2.52 6.30 89.17
C LEU Y 77 3.86 6.78 88.62
N MET Y 78 3.84 7.74 87.70
CA MET Y 78 5.02 8.02 86.89
C MET Y 78 6.05 8.84 87.65
N LEU Y 79 5.63 9.90 88.33
CA LEU Y 79 6.57 10.62 89.18
C LEU Y 79 7.13 9.69 90.26
N THR Y 80 6.39 8.63 90.58
CA THR Y 80 6.90 7.54 91.38
C THR Y 80 7.45 6.39 90.52
N GLU Y 81 7.38 6.51 89.20
CA GLU Y 81 8.16 5.63 88.32
C GLU Y 81 9.60 6.11 88.16
N GLY Y 82 9.84 7.41 88.22
CA GLY Y 82 11.18 7.94 88.07
C GLY Y 82 11.47 8.74 86.81
N ILE Y 83 10.51 8.96 85.93
CA ILE Y 83 10.69 9.91 84.83
C ILE Y 83 10.35 11.31 85.32
N ASN Y 84 11.26 12.26 85.09
CA ASN Y 84 11.09 13.58 85.64
C ASN Y 84 9.94 14.33 84.95
N TYR Y 85 9.41 15.32 85.66
CA TYR Y 85 8.46 16.25 85.10
C TYR Y 85 8.99 17.66 85.29
N SER Y 86 8.53 18.58 84.44
CA SER Y 86 8.88 20.00 84.54
C SER Y 86 7.84 20.82 83.82
N ILE Y 87 7.83 22.13 84.09
CA ILE Y 87 6.91 23.04 83.45
C ILE Y 87 7.59 24.36 83.07
N THR Y 88 7.08 25.01 82.04
CA THR Y 88 7.60 26.31 81.62
C THR Y 88 6.43 27.26 81.40
N ILE Y 89 6.64 28.55 81.64
CA ILE Y 89 5.60 29.54 81.39
C ILE Y 89 6.19 30.85 80.88
N ASN Y 90 5.62 31.39 79.81
CA ASN Y 90 5.81 32.79 79.46
C ASN Y 90 4.57 33.56 79.90
N ASN Y 96 8.37 38.78 80.52
CA ASN Y 96 7.99 37.76 81.49
C ASN Y 96 8.34 36.33 81.02
N GLN Y 97 8.79 35.51 81.98
CA GLN Y 97 8.95 34.07 81.81
C GLN Y 97 9.40 33.46 83.12
N TYR Y 98 9.23 32.14 83.26
CA TYR Y 98 9.65 31.41 84.44
C TYR Y 98 9.30 29.95 84.24
N GLN Y 99 9.68 29.14 85.21
CA GLN Y 99 9.30 27.73 85.24
C GLN Y 99 9.64 27.16 86.61
N ARG Y 100 9.33 25.89 86.77
CA ARG Y 100 9.85 25.07 87.86
C ARG Y 100 9.69 23.61 87.48
N LYS Y 101 10.42 22.76 88.19
CA LYS Y 101 10.26 21.33 88.04
C LYS Y 101 9.49 20.79 89.24
N LEU Y 102 8.70 19.75 89.01
CA LEU Y 102 7.98 19.10 90.09
C LEU Y 102 8.09 17.59 89.92
N ASP Y 103 8.38 16.91 91.03
CA ASP Y 103 8.48 15.46 91.06
C ASP Y 103 7.64 14.94 92.22
N ARG Y 104 7.73 13.62 92.46
CA ARG Y 104 6.95 12.97 93.49
C ARG Y 104 7.15 13.66 94.83
N THR Y 105 8.33 14.24 95.03
CA THR Y 105 8.67 14.87 96.30
C THR Y 105 7.92 16.19 96.46
N THR Y 106 7.98 17.03 95.43
CA THR Y 106 7.28 18.31 95.45
C THR Y 106 5.76 18.16 95.43
N CYS Y 107 5.25 16.95 95.26
CA CYS Y 107 3.82 16.68 95.35
C CYS Y 107 3.41 16.10 96.69
N CYS Z 1 33.73 7.09 72.12
CA CYS Z 1 35.01 7.12 71.43
C CYS Z 1 35.49 8.55 71.17
N ALA Z 2 35.98 9.22 72.22
CA ALA Z 2 36.09 8.66 73.56
C ALA Z 2 35.62 9.66 74.61
N SER Z 3 35.78 10.95 74.32
CA SER Z 3 35.38 12.01 75.24
C SER Z 3 35.94 13.36 74.81
N HIS Z 4 35.21 14.42 75.12
CA HIS Z 4 35.64 15.77 74.77
C HIS Z 4 37.11 15.98 75.09
N ASN Z 5 37.80 16.83 74.34
CA ASN Z 5 37.20 17.58 73.24
C ASN Z 5 36.22 18.65 73.72
N GLU Z 6 35.42 19.17 72.81
CA GLU Z 6 34.45 20.20 73.15
C GLU Z 6 35.15 21.50 73.55
N ASN Z 7 34.63 22.64 73.10
CA ASN Z 7 33.42 22.71 72.28
C ASN Z 7 33.66 23.13 70.83
N ALA Z 8 32.76 23.94 70.31
CA ALA Z 8 32.81 24.43 68.93
C ALA Z 8 34.16 24.03 68.26
N SER Z 9 34.82 24.77 67.35
CA SER Z 9 34.48 26.00 66.63
C SER Z 9 33.27 25.86 65.70
N LEU Z 10 32.72 24.65 65.58
CA LEU Z 10 31.49 24.46 64.82
C LEU Z 10 30.37 25.33 65.37
N LEU Z 11 29.95 25.07 66.62
CA LEU Z 11 28.80 25.78 67.15
C LEU Z 11 29.07 27.27 67.30
N ALA Z 12 30.32 27.65 67.60
CA ALA Z 12 30.68 29.05 67.54
C ALA Z 12 30.42 29.62 66.16
N LYS Z 13 30.48 28.78 65.12
CA LYS Z 13 29.89 29.20 63.86
C LYS Z 13 28.38 29.05 63.89
N LYS Z 14 27.90 27.91 64.40
CA LYS Z 14 26.46 27.67 64.43
C LYS Z 14 25.74 28.76 65.24
N GLN Z 15 26.42 29.36 66.20
CA GLN Z 15 25.73 30.40 66.96
C GLN Z 15 25.72 31.73 66.23
N ALA Z 16 26.81 32.12 65.57
CA ALA Z 16 26.73 33.25 64.66
C ALA Z 16 25.80 32.94 63.49
N GLN Z 17 25.80 31.68 63.06
CA GLN Z 17 24.81 31.22 62.09
C GLN Z 17 23.39 31.56 62.52
N ASN Z 18 23.01 31.13 63.73
CA ASN Z 18 21.69 31.41 64.25
C ASN Z 18 21.37 32.90 64.21
N ILE Z 19 22.35 33.74 64.54
CA ILE Z 19 22.11 35.17 64.64
C ILE Z 19 21.67 35.74 63.31
N SER Z 20 22.31 35.30 62.23
CA SER Z 20 22.20 35.96 60.94
C SER Z 20 20.97 35.56 60.15
N GLN Z 21 20.31 34.47 60.49
CA GLN Z 21 19.15 34.06 59.70
C GLN Z 21 17.99 35.02 59.87
N ASN Z 22 17.99 35.80 60.95
CA ASN Z 22 16.94 36.77 61.23
C ASN Z 22 17.27 38.16 60.76
N LEU Z 23 18.42 38.34 60.13
CA LEU Z 23 19.07 39.63 59.99
C LEU Z 23 18.64 40.36 58.72
N PRO Z 24 18.56 41.72 58.76
CA PRO Z 24 18.72 42.61 59.91
C PRO Z 24 17.42 42.92 60.65
N VAL Z 33 24.80 44.36 57.50
CA VAL Z 33 24.93 43.86 58.85
C VAL Z 33 25.20 42.35 58.72
N LEU Z 34 26.13 41.85 59.51
CA LEU Z 34 26.44 40.42 59.48
C LEU Z 34 27.10 40.00 60.77
N ALA Z 35 27.17 38.70 61.03
CA ALA Z 35 27.97 38.19 62.13
C ALA Z 35 28.99 37.22 61.58
N GLN Z 36 30.25 37.37 61.93
CA GLN Z 36 31.23 36.41 61.43
C GLN Z 36 31.81 35.62 62.58
N SER Z 37 31.73 34.30 62.48
CA SER Z 37 32.32 33.44 63.49
C SER Z 37 33.72 33.11 63.02
N SER Z 38 34.70 33.85 63.57
CA SER Z 38 36.09 33.75 63.16
C SER Z 38 36.82 32.89 64.17
N GLY Z 39 37.22 31.71 63.75
CA GLY Z 39 37.77 30.76 64.71
C GLY Z 39 36.72 30.47 65.77
N THR Z 40 37.09 30.66 67.03
CA THR Z 40 36.16 30.57 68.13
C THR Z 40 35.57 31.92 68.49
N THR Z 41 35.89 32.96 67.74
CA THR Z 41 35.42 34.30 68.02
C THR Z 41 34.20 34.59 67.16
N VAL Z 42 33.22 35.27 67.74
CA VAL Z 42 32.06 35.75 67.01
C VAL Z 42 32.30 37.21 66.65
N LYS Z 43 31.84 37.62 65.48
CA LYS Z 43 31.95 39.00 65.05
C LYS Z 43 30.58 39.49 64.60
N MET Z 44 30.38 40.80 64.70
CA MET Z 44 29.12 41.42 64.33
C MET Z 44 29.41 42.73 63.62
N THR Z 45 28.82 42.93 62.45
CA THR Z 45 29.10 44.09 61.62
C THR Z 45 27.83 44.92 61.50
N ILE Z 46 27.98 46.20 61.19
CA ILE Z 46 26.84 47.06 60.92
C ILE Z 46 27.12 47.88 59.66
N THR Z 57 26.65 57.51 67.46
CA THR Z 57 27.67 57.46 68.50
C THR Z 57 27.36 56.42 69.57
N PRO Z 58 27.13 55.10 69.16
CA PRO Z 58 26.72 54.09 70.15
C PRO Z 58 27.84 53.65 71.10
N ASP Z 59 28.12 54.49 72.10
CA ASP Z 59 29.02 54.08 73.17
C ASP Z 59 28.25 53.52 74.35
N ALA Z 60 27.45 54.36 75.01
CA ALA Z 60 26.62 53.88 76.10
C ALA Z 60 25.69 52.77 75.62
N PHE Z 61 25.59 52.58 74.31
CA PHE Z 61 25.18 51.31 73.74
C PHE Z 61 25.92 50.16 74.41
N LEU Z 62 27.26 50.24 74.45
CA LEU Z 62 28.07 49.11 74.92
C LEU Z 62 27.64 48.64 76.30
N THR Z 63 27.88 49.49 77.32
CA THR Z 63 27.58 49.10 78.70
C THR Z 63 26.18 48.51 78.82
N SER Z 64 25.20 49.16 78.21
CA SER Z 64 23.89 48.55 78.06
C SER Z 64 24.03 47.23 77.32
N TYR Z 65 24.34 47.31 76.03
CA TYR Z 65 24.30 46.14 75.15
C TYR Z 65 25.15 44.98 75.68
N GLN Z 66 26.32 45.28 76.26
CA GLN Z 66 27.18 44.19 76.73
C GLN Z 66 26.52 43.43 77.88
N ARG Z 67 25.96 44.16 78.84
CA ARG Z 67 25.59 43.54 80.11
C ARG Z 67 24.42 42.59 79.97
N GLN Z 68 23.52 42.83 79.02
CA GLN Z 68 22.53 41.80 78.76
C GLN Z 68 23.18 40.50 78.34
N MET Z 69 24.16 40.55 77.43
CA MET Z 69 24.95 39.34 77.13
C MET Z 69 25.57 38.80 78.41
N CYS Z 70 26.32 39.65 79.10
CA CYS Z 70 26.92 39.30 80.38
C CYS Z 70 25.89 38.76 81.36
N ALA Z 71 24.62 39.19 81.24
CA ALA Z 71 23.52 38.66 82.03
C ALA Z 71 22.85 37.45 81.40
N ASP Z 72 23.13 37.14 80.15
CA ASP Z 72 22.46 36.00 79.52
C ASP Z 72 23.12 34.70 79.97
N PRO Z 73 22.36 33.74 80.47
CA PRO Z 73 22.97 32.51 81.00
C PRO Z 73 23.61 31.62 79.95
N THR Z 74 23.29 31.79 78.66
CA THR Z 74 24.03 31.08 77.62
C THR Z 74 25.38 31.74 77.39
N VAL Z 75 25.41 33.06 77.30
CA VAL Z 75 26.68 33.79 77.31
C VAL Z 75 27.39 33.56 78.64
N LYS Z 76 26.63 33.51 79.74
CA LYS Z 76 27.22 33.09 81.00
C LYS Z 76 27.58 31.62 80.99
N LEU Z 77 27.00 30.83 80.08
CA LEU Z 77 27.55 29.51 79.79
C LEU Z 77 28.73 29.58 78.83
N MET Z 78 28.55 30.26 77.69
CA MET Z 78 29.48 30.10 76.58
C MET Z 78 30.76 30.89 76.79
N LEU Z 79 30.65 32.16 77.19
CA LEU Z 79 31.85 32.90 77.55
C LEU Z 79 32.59 32.21 78.68
N THR Z 80 31.87 31.43 79.47
CA THR Z 80 32.47 30.51 80.42
C THR Z 80 32.65 29.11 79.86
N GLU Z 81 32.23 28.87 78.61
CA GLU Z 81 32.65 27.67 77.90
C GLU Z 81 34.02 27.83 77.27
N GLY Z 82 34.40 29.04 76.86
CA GLY Z 82 35.69 29.26 76.25
C GLY Z 82 35.71 29.64 74.77
N ILE Z 83 34.56 29.77 74.12
CA ILE Z 83 34.52 30.34 72.77
C ILE Z 83 34.46 31.87 72.88
N ASN Z 84 35.36 32.54 72.16
CA ASN Z 84 35.48 33.98 72.31
C ASN Z 84 34.27 34.70 71.71
N TYR Z 85 34.06 35.92 72.19
CA TYR Z 85 33.07 36.81 71.61
C TYR Z 85 33.78 38.12 71.24
N SER Z 86 33.19 38.84 70.28
CA SER Z 86 33.69 40.15 69.86
C SER Z 86 32.57 40.91 69.18
N ILE Z 87 32.77 42.22 69.03
CA ILE Z 87 31.80 43.08 68.38
C ILE Z 87 32.47 44.11 67.47
N THR Z 88 31.76 44.53 66.44
CA THR Z 88 32.26 45.56 65.54
C THR Z 88 31.18 46.61 65.32
N ILE Z 89 31.58 47.86 65.10
CA ILE Z 89 30.60 48.90 64.80
C ILE Z 89 31.16 49.91 63.80
N ASN Z 90 30.37 50.23 62.77
CA ASN Z 90 30.59 51.43 61.98
C ASN Z 90 29.60 52.50 62.45
N ASN Z 96 33.90 56.95 60.54
CA ASN Z 96 33.71 56.30 61.83
C ASN Z 96 33.78 54.78 61.76
N GLN Z 97 34.39 54.17 62.78
CA GLN Z 97 34.36 52.73 63.02
C GLN Z 97 35.10 52.42 64.31
N TYR Z 98 34.84 51.25 64.89
CA TYR Z 98 35.49 50.80 66.10
C TYR Z 98 34.97 49.42 66.44
N GLN Z 99 35.52 48.85 67.50
CA GLN Z 99 35.03 47.59 68.04
C GLN Z 99 35.67 47.36 69.41
N ARG Z 100 35.29 46.24 70.02
CA ARG Z 100 36.02 45.68 71.15
C ARG Z 100 35.62 44.22 71.28
N LYS Z 101 36.43 43.48 72.01
CA LYS Z 101 36.10 42.11 72.36
C LYS Z 101 35.64 42.05 73.80
N LEU Z 102 34.73 41.14 74.10
CA LEU Z 102 34.26 40.94 75.46
C LEU Z 102 34.18 39.45 75.74
N ASP Z 103 34.69 39.05 76.89
CA ASP Z 103 34.66 37.67 77.35
C ASP Z 103 34.12 37.63 78.78
N ARG Z 104 34.15 36.43 79.38
CA ARG Z 104 33.62 36.22 80.71
C ARG Z 104 34.25 37.20 81.69
N THR Z 105 35.49 37.60 81.42
CA THR Z 105 36.22 38.48 82.32
C THR Z 105 35.68 39.90 82.23
N THR Z 106 35.54 40.42 81.02
CA THR Z 106 35.00 41.76 80.80
C THR Z 106 33.53 41.87 81.20
N CYS Z 107 32.87 40.76 81.52
CA CYS Z 107 31.50 40.78 82.03
C CYS Z 107 31.42 40.66 83.54
N CYS AA 1 52.79 20.27 56.49
CA CYS AA 1 53.83 19.89 55.55
C CYS AA 1 54.35 21.10 54.77
N ALA AA 2 55.18 21.94 55.40
CA ALA AA 2 55.61 21.74 56.78
C ALA AA 2 55.54 23.05 57.57
N SER AA 3 55.74 24.17 56.87
CA SER AA 3 55.70 25.49 57.48
C SER AA 3 56.25 26.55 56.54
N HIS AA 4 55.74 27.78 56.69
CA HIS AA 4 56.18 28.89 55.85
C HIS AA 4 57.70 28.91 55.74
N ASN AA 5 58.23 29.40 54.62
CA ASN AA 5 57.43 29.91 53.51
C ASN AA 5 56.73 31.22 53.86
N GLU AA 6 55.77 31.61 53.05
CA GLU AA 6 55.03 32.85 53.27
C GLU AA 6 55.94 34.07 53.08
N ASN AA 7 55.42 35.12 52.45
CA ASN AA 7 54.04 35.17 51.95
C ASN AA 7 53.92 35.14 50.43
N ALA AA 8 52.99 35.92 49.91
CA ALA AA 8 52.71 36.01 48.49
C ALA AA 8 53.78 35.21 47.67
N SER AA 9 54.24 35.55 46.44
CA SER AA 9 53.82 36.59 45.48
C SER AA 9 52.40 36.41 44.95
N LEU AA 10 51.72 35.33 45.33
CA LEU AA 10 50.32 35.16 44.99
C LEU AA 10 49.47 36.32 45.50
N LEU AA 11 49.40 36.48 46.81
CA LEU AA 11 48.51 37.50 47.37
C LEU AA 11 48.96 38.90 46.98
N ALA AA 12 50.27 39.13 46.86
CA ALA AA 12 50.74 40.37 46.29
C ALA AA 12 50.16 40.59 44.90
N LYS AA 13 49.85 39.51 44.18
CA LYS AA 13 48.99 39.66 43.03
C LYS AA 13 47.53 39.79 43.46
N LYS AA 14 47.10 38.93 44.38
CA LYS AA 14 45.71 38.97 44.82
C LYS AA 14 45.34 40.33 45.40
N GLN AA 15 46.32 41.06 45.96
CA GLN AA 15 45.97 42.35 46.50
C GLN AA 15 45.88 43.42 45.42
N ALA AA 16 46.79 43.43 44.44
CA ALA AA 16 46.57 44.27 43.28
C ALA AA 16 45.34 43.82 42.52
N GLN AA 17 45.09 42.51 42.49
CA GLN AA 17 43.83 41.99 41.97
C GLN AA 17 42.63 42.67 42.60
N ASN AA 18 42.55 42.65 43.93
CA ASN AA 18 41.46 43.29 44.63
C ASN AA 18 41.28 44.74 44.22
N ILE AA 19 42.40 45.46 44.04
CA ILE AA 19 42.33 46.89 43.76
C ILE AA 19 41.60 47.13 42.46
N SER AA 20 41.87 46.32 41.45
CA SER AA 20 41.47 46.61 40.08
C SER AA 20 40.04 46.23 39.76
N GLN AA 21 39.39 45.41 40.57
CA GLN AA 21 38.04 45.01 40.23
C GLN AA 21 37.07 46.16 40.37
N ASN AA 22 37.44 47.20 41.12
CA ASN AA 22 36.60 48.37 41.34
C ASN AA 22 36.93 49.52 40.40
N LEU AA 23 37.87 49.31 39.48
CA LEU AA 23 38.58 50.39 38.81
C LEU AA 23 37.88 50.81 37.52
N PRO AA 24 37.95 52.12 37.17
CA PRO AA 24 38.50 53.24 37.92
C PRO AA 24 37.49 53.95 38.81
N VAL AA 33 43.82 53.21 33.73
CA VAL AA 33 44.27 53.06 35.10
C VAL AA 33 44.35 51.56 35.38
N LEU AA 34 45.41 51.13 36.05
CA LEU AA 34 45.56 49.71 36.37
C LEU AA 34 46.51 49.56 37.54
N ALA AA 35 46.51 48.38 38.16
CA ALA AA 35 47.53 48.05 39.14
C ALA AA 35 48.27 46.80 38.69
N GLN AA 36 49.58 46.83 38.67
CA GLN AA 36 50.29 45.63 38.27
C GLN AA 36 51.09 45.08 39.44
N SER AA 37 50.85 43.81 39.77
CA SER AA 37 51.61 43.16 40.83
C SER AA 37 52.80 42.49 40.16
N SER AA 38 53.95 43.17 40.21
CA SER AA 38 55.15 42.72 39.54
C SER AA 38 56.05 42.05 40.56
N GLY AA 39 56.21 40.75 40.45
CA GLY AA 39 56.91 40.01 41.49
C GLY AA 39 56.16 40.20 42.80
N THR AA 40 56.88 40.65 43.81
CA THR AA 40 56.28 41.03 45.08
C THR AA 40 55.95 42.51 45.15
N THR AA 41 56.16 43.24 44.06
CA THR AA 41 55.91 44.66 44.02
C THR AA 41 54.53 44.92 43.43
N VAL AA 42 53.82 45.88 43.98
CA VAL AA 42 52.56 46.35 43.43
C VAL AA 42 52.83 47.59 42.60
N LYS AA 43 52.10 47.74 41.50
CA LYS AA 43 52.22 48.91 40.65
C LYS AA 43 50.84 49.50 40.42
N MET AA 44 50.80 50.80 40.15
CA MET AA 44 49.55 51.50 39.92
C MET AA 44 49.77 52.50 38.79
N THR AA 45 48.89 52.47 37.79
CA THR AA 45 49.05 53.31 36.61
C THR AA 45 47.88 54.28 36.55
N ILE AA 46 48.06 55.39 35.83
CA ILE AA 46 46.97 56.33 35.58
C ILE AA 46 46.97 56.71 34.11
N THR AA 57 49.61 68.01 38.48
CA THR AA 57 50.86 68.08 39.22
C THR AA 57 50.76 67.43 40.60
N PRO AA 58 50.30 66.11 40.68
CA PRO AA 58 50.08 65.50 42.00
C PRO AA 58 51.38 65.14 42.74
N ASP AA 59 51.99 66.16 43.34
CA ASP AA 59 53.11 65.90 44.24
C ASP AA 59 52.65 65.81 45.68
N ALA AA 60 52.15 66.93 46.23
CA ALA AA 60 51.60 66.91 47.57
C ALA AA 60 50.48 65.89 47.69
N PHE AA 61 50.00 65.38 46.56
CA PHE AA 61 49.33 64.09 46.52
C PHE AA 61 50.11 63.05 47.30
N LEU AA 62 51.41 62.90 47.01
CA LEU AA 62 52.20 61.82 47.59
C LEU AA 62 52.13 61.83 49.12
N THR AA 63 52.72 62.86 49.74
CA THR AA 63 52.77 62.91 51.20
C THR AA 63 51.41 62.63 51.82
N SER AA 64 50.37 63.25 51.29
CA SER AA 64 49.02 62.86 51.65
C SER AA 64 48.82 61.39 51.34
N TYR AA 65 48.77 61.06 50.04
CA TYR AA 65 48.38 59.72 49.60
C TYR AA 65 49.22 58.61 50.25
N GLN AA 66 50.53 58.85 50.41
CA GLN AA 66 51.37 57.80 50.98
C GLN AA 66 50.99 57.51 52.42
N ARG AA 67 50.79 58.55 53.23
CA ARG AA 67 50.73 58.37 54.66
C ARG AA 67 49.48 57.62 55.10
N GLN AA 68 48.37 57.76 54.36
CA GLN AA 68 47.26 56.89 54.67
C GLN AA 68 47.64 55.42 54.52
N MET AA 69 48.33 55.05 53.44
CA MET AA 69 48.88 53.70 53.35
C MET AA 69 49.78 53.42 54.54
N CYS AA 70 50.77 54.28 54.74
CA CYS AA 70 51.66 54.19 55.89
C CYS AA 70 50.90 54.13 57.21
N ALA AA 71 49.69 54.71 57.26
CA ALA AA 71 48.81 54.61 58.41
C ALA AA 71 47.86 53.42 58.36
N ASP AA 72 47.76 52.74 57.23
CA ASP AA 72 46.85 51.62 57.15
C ASP AA 72 47.47 50.38 57.80
N PRO AA 73 46.79 49.75 58.75
CA PRO AA 73 47.40 48.61 59.47
C PRO AA 73 47.63 47.37 58.62
N THR AA 74 46.99 47.24 57.45
CA THR AA 74 47.34 46.17 56.53
C THR AA 74 48.64 46.48 55.80
N VAL AA 75 48.77 47.72 55.31
CA VAL AA 75 50.05 48.19 54.81
C VAL AA 75 51.08 48.20 55.93
N LYS AA 76 50.65 48.58 57.13
CA LYS AA 76 51.52 48.43 58.29
C LYS AA 76 51.72 46.96 58.64
N LEU AA 77 50.84 46.08 58.18
CA LEU AA 77 51.16 44.65 58.19
C LEU AA 77 52.03 44.25 57.00
N MET AA 78 51.60 44.62 55.79
CA MET AA 78 52.18 44.00 54.59
C MET AA 78 53.53 44.59 54.24
N LEU AA 79 53.66 45.93 54.25
CA LEU AA 79 54.98 46.51 54.07
C LEU AA 79 55.93 46.04 55.15
N THR AA 80 55.39 45.63 56.30
CA THR AA 80 56.13 44.92 57.32
C THR AA 80 56.02 43.41 57.17
N GLU AA 81 55.25 42.91 56.19
CA GLU AA 81 55.34 41.52 55.80
C GLU AA 81 56.49 41.26 54.85
N GLY AA 82 56.85 42.23 54.02
CA GLY AA 82 57.95 42.06 53.08
C GLY AA 82 57.58 42.00 51.61
N ILE AA 83 56.33 42.16 51.23
CA ILE AA 83 55.98 42.35 49.81
C ILE AA 83 56.10 43.83 49.47
N ASN AA 84 56.83 44.12 48.39
CA ASN AA 84 57.12 45.50 48.06
C ASN AA 84 55.87 46.23 47.57
N TYR AA 85 55.91 47.56 47.69
CA TYR AA 85 54.89 48.41 47.12
C TYR AA 85 55.59 49.42 46.20
N SER AA 86 54.83 49.95 45.25
CA SER AA 86 55.32 50.99 44.33
C SER AA 86 54.14 51.73 43.75
N ILE AA 87 54.41 52.89 43.16
CA ILE AA 87 53.39 53.70 42.52
C ILE AA 87 53.88 54.32 41.22
N THR AA 88 52.96 54.56 40.29
CA THR AA 88 53.30 55.21 39.03
C THR AA 88 52.30 56.33 38.77
N ILE AA 89 52.74 57.39 38.09
CA ILE AA 89 51.83 58.47 37.72
C ILE AA 89 52.18 59.06 36.37
N ASN AA 90 51.17 59.22 35.50
CA ASN AA 90 51.28 60.11 34.36
C ASN AA 90 50.56 61.41 34.70
N ASN AA 96 54.58 64.37 30.56
CA ASN AA 96 54.70 64.15 32.00
C ASN AA 96 54.59 62.66 32.38
N GLN AA 97 55.40 62.26 33.36
CA GLN AA 97 55.30 60.97 34.04
C GLN AA 97 56.33 60.89 35.14
N TYR AA 98 56.13 59.97 36.09
CA TYR AA 98 57.05 59.77 37.20
C TYR AA 98 56.51 58.64 38.06
N GLN AA 99 57.27 58.29 39.08
CA GLN AA 99 56.83 57.33 40.07
C GLN AA 99 57.79 57.36 41.25
N ARG AA 100 57.48 56.53 42.25
CA ARG AA 100 58.44 56.18 43.30
C ARG AA 100 57.96 54.90 43.95
N LYS AA 101 58.86 54.26 44.66
CA LYS AA 101 58.51 53.11 45.48
C LYS AA 101 58.46 53.52 46.94
N LEU AA 102 57.57 52.90 47.71
CA LEU AA 102 57.49 53.16 49.13
C LEU AA 102 57.34 51.83 49.87
N ASP AA 103 58.11 51.67 50.93
CA ASP AA 103 58.07 50.49 51.78
C ASP AA 103 57.95 50.93 53.23
N ARG AA 104 58.02 49.95 54.15
CA ARG AA 104 57.86 50.20 55.57
C ARG AA 104 58.83 51.30 56.02
N THR AA 105 59.98 51.38 55.36
CA THR AA 105 61.01 52.33 55.76
C THR AA 105 60.61 53.75 55.38
N THR AA 106 60.19 53.93 54.12
CA THR AA 106 59.74 55.24 53.65
C THR AA 106 58.46 55.71 54.32
N CYS AA 107 57.80 54.86 55.11
CA CYS AA 107 56.63 55.25 55.90
C CYS AA 107 56.96 55.55 57.34
N CYS BA 1 68.00 25.26 33.57
CA CYS BA 1 68.70 24.47 32.56
C CYS BA 1 69.09 25.32 31.37
N ALA BA 2 70.14 26.13 31.49
CA ALA BA 2 70.91 26.25 32.73
C ALA BA 2 71.19 27.72 33.07
N SER BA 3 71.30 28.55 32.04
CA SER BA 3 71.56 29.97 32.22
C SER BA 3 71.93 30.63 30.90
N HIS BA 4 71.60 31.92 30.76
CA HIS BA 4 71.90 32.67 29.56
C HIS BA 4 73.33 32.40 29.09
N ASN BA 5 73.58 32.47 27.79
CA ASN BA 5 72.55 32.80 26.80
C ASN BA 5 72.10 34.26 26.89
N GLU BA 6 70.99 34.57 26.24
CA GLU BA 6 70.47 35.93 26.25
C GLU BA 6 71.40 36.87 25.48
N ASN BA 7 70.84 37.79 24.70
CA ASN BA 7 69.38 37.94 24.54
C ASN BA 7 68.84 37.52 23.19
N ALA BA 8 67.89 38.29 22.68
CA ALA BA 8 67.23 38.03 21.41
C ALA BA 8 67.96 36.88 20.64
N SER BA 9 68.09 36.79 19.30
CA SER BA 9 67.53 37.59 18.20
C SER BA 9 66.00 37.52 18.09
N LEU BA 10 65.36 36.72 18.93
CA LEU BA 10 63.91 36.71 18.99
C LEU BA 10 63.35 38.09 19.31
N LEU BA 11 63.65 38.61 20.50
CA LEU BA 11 63.06 39.87 20.90
C LEU BA 11 63.51 41.02 20.02
N ALA BA 12 64.76 40.98 19.53
CA ALA BA 12 65.17 41.93 18.50
C ALA BA 12 64.25 41.85 17.30
N LYS BA 13 63.66 40.69 17.03
CA LYS BA 13 62.53 40.68 16.13
C LYS BA 13 61.27 41.16 16.82
N LYS BA 14 61.03 40.67 18.04
CA LYS BA 14 59.81 41.07 18.77
C LYS BA 14 59.76 42.58 18.97
N GLN BA 15 60.92 43.24 19.03
CA GLN BA 15 60.86 44.68 19.22
C GLN BA 15 60.58 45.42 17.92
N ALA BA 16 61.17 45.00 16.81
CA ALA BA 16 60.73 45.53 15.53
C ALA BA 16 59.29 45.11 15.25
N GLN BA 17 58.92 43.90 15.68
CA GLN BA 17 57.53 43.49 15.66
C GLN BA 17 56.61 44.51 16.31
N ASN BA 18 56.91 44.86 17.55
CA ASN BA 18 56.11 45.85 18.27
C ASN BA 18 55.98 47.14 17.49
N ILE BA 19 57.06 47.58 16.85
CA ILE BA 19 57.06 48.87 16.16
C ILE BA 19 56.03 48.88 15.06
N SER BA 20 55.93 47.79 14.31
CA SER BA 20 55.20 47.77 13.05
C SER BA 20 53.71 47.57 13.20
N GLN BA 21 53.23 47.11 14.35
CA GLN BA 21 51.80 46.89 14.49
C GLN BA 21 51.02 48.19 14.49
N ASN BA 22 51.68 49.30 14.78
CA ASN BA 22 51.05 50.61 14.83
C ASN BA 22 51.22 51.39 13.53
N LEU BA 23 51.85 50.79 12.53
CA LEU BA 23 52.44 51.51 11.41
C LEU BA 23 51.47 51.68 10.25
N PRO BA 24 51.55 52.81 9.52
CA PRO BA 24 52.40 53.98 9.73
C PRO BA 24 51.75 55.07 10.57
N VAL BA 33 56.33 51.90 4.63
CA VAL BA 33 57.13 52.06 5.83
C VAL BA 33 57.14 50.70 6.54
N LEU BA 34 58.29 50.28 7.03
CA LEU BA 34 58.39 49.00 7.73
C LEU BA 34 59.59 49.00 8.63
N ALA BA 35 59.67 48.05 9.55
CA ALA BA 35 60.88 47.83 10.32
C ALA BA 35 61.33 46.40 10.12
N GLN BA 36 62.59 46.19 9.79
CA GLN BA 36 63.04 44.82 9.62
C GLN BA 36 64.07 44.48 10.68
N SER BA 37 63.82 43.41 11.42
CA SER BA 37 64.77 42.95 12.41
C SER BA 37 65.66 41.93 11.73
N SER BA 38 66.83 42.38 11.29
CA SER BA 38 67.76 41.57 10.53
C SER BA 38 68.84 41.05 11.46
N GLY BA 39 68.83 39.76 11.71
CA GLY BA 39 69.71 39.22 12.75
C GLY BA 39 69.37 39.87 14.07
N THR BA 40 70.39 40.46 14.70
CA THR BA 40 70.20 41.27 15.90
C THR BA 40 70.05 42.74 15.58
N THR BA 41 70.01 43.10 14.31
CA THR BA 41 69.90 44.47 13.89
C THR BA 41 68.45 44.80 13.59
N VAL BA 42 68.02 45.99 13.98
CA VAL BA 42 66.70 46.50 13.62
C VAL BA 42 66.84 47.40 12.41
N LYS BA 43 65.86 47.38 11.52
CA LYS BA 43 65.86 48.24 10.36
C LYS BA 43 64.53 48.97 10.29
N MET BA 44 64.55 50.14 9.65
CA MET BA 44 63.36 50.96 9.52
C MET BA 44 63.35 51.57 8.13
N THR BA 45 62.24 51.43 7.41
CA THR BA 45 62.13 51.87 6.02
C THR BA 45 61.09 52.98 5.95
N ILE BA 46 61.18 53.80 4.91
CA ILE BA 46 60.16 54.82 4.65
C ILE BA 46 59.80 54.79 3.17
N THR BA 57 64.61 66.22 3.15
CA THR BA 57 66.02 66.26 3.51
C THR BA 57 66.24 66.03 5.01
N PRO BA 58 65.69 64.88 5.59
CA PRO BA 58 65.79 64.69 7.04
C PRO BA 58 67.19 64.32 7.54
N ASP BA 59 68.05 65.34 7.63
CA ASP BA 59 69.34 65.15 8.28
C ASP BA 59 69.28 65.53 9.75
N ALA BA 60 69.06 66.82 10.03
CA ALA BA 60 68.91 67.27 11.41
C ALA BA 60 67.77 66.53 12.09
N PHE BA 61 66.96 65.81 11.30
CA PHE BA 61 66.17 64.70 11.82
C PHE BA 61 67.04 63.79 12.68
N LEU BA 62 68.18 63.35 12.15
CA LEU BA 62 68.99 62.34 12.84
C LEU BA 62 69.34 62.77 14.25
N THR BA 63 70.18 63.81 14.38
CA THR BA 63 70.64 64.24 15.70
C THR BA 63 69.49 64.38 16.67
N SER BA 64 68.40 65.01 16.24
CA SER BA 64 67.17 64.97 17.00
C SER BA 64 66.75 63.52 17.21
N TYR BA 65 66.31 62.87 16.13
CA TYR BA 65 65.69 61.56 16.23
C TYR BA 65 66.57 60.54 16.97
N GLN BA 66 67.89 60.58 16.74
CA GLN BA 66 68.74 59.58 17.38
C GLN BA 66 68.75 59.76 18.89
N ARG BA 67 68.88 61.00 19.36
CA ARG BA 67 69.20 61.23 20.76
C ARG BA 67 68.06 60.86 21.68
N GLN BA 68 66.81 60.98 21.22
CA GLN BA 68 65.74 60.43 22.03
C GLN BA 68 65.93 58.94 22.25
N MET BA 69 66.25 58.17 21.20
CA MET BA 69 66.62 56.77 21.41
C MET BA 69 67.78 56.68 22.38
N CYS BA 70 68.87 57.36 22.07
CA CYS BA 70 70.02 57.44 22.95
C CYS BA 70 69.65 57.87 24.36
N ALA BA 71 68.56 58.64 24.51
CA ALA BA 71 68.03 59.01 25.81
C ALA BA 71 67.00 58.03 26.35
N ASP BA 72 66.52 57.10 25.55
CA ASP BA 72 65.52 56.16 26.02
C ASP BA 72 66.18 55.07 26.86
N PRO BA 73 65.72 54.84 28.09
CA PRO BA 73 66.40 53.85 28.94
C PRO BA 73 66.26 52.41 28.49
N THR BA 74 65.32 52.09 27.60
CA THR BA 74 65.30 50.76 27.00
C THR BA 74 66.37 50.64 25.93
N VAL BA 75 66.47 51.64 25.06
CA VAL BA 75 67.60 51.73 24.15
C VAL BA 75 68.90 51.88 24.95
N LYS BA 76 68.86 52.63 26.03
CA LYS BA 76 69.99 52.64 26.95
C LYS BA 76 70.15 51.31 27.66
N LEU BA 77 69.09 50.50 27.72
CA LEU BA 77 69.26 49.10 28.09
C LEU BA 77 69.72 48.26 26.92
N MET BA 78 69.02 48.35 25.78
CA MET BA 78 69.18 47.35 24.72
C MET BA 78 70.44 47.58 23.90
N LEU BA 79 70.69 48.82 23.48
CA LEU BA 79 71.96 49.10 22.83
C LEU BA 79 73.12 48.77 23.75
N THR BA 80 72.88 48.80 25.05
CA THR BA 80 73.80 48.26 26.04
C THR BA 80 73.50 46.81 26.40
N GLU BA 81 72.46 46.22 25.82
CA GLU BA 81 72.29 44.77 25.87
C GLU BA 81 73.11 44.07 24.79
N GLY BA 82 73.32 44.70 23.65
CA GLY BA 82 74.10 44.10 22.57
C GLY BA 82 73.34 43.72 21.31
N ILE BA 83 72.04 43.98 21.21
CA ILE BA 83 71.34 43.83 19.93
C ILE BA 83 71.50 45.12 19.14
N ASN BA 84 71.93 44.99 17.88
CA ASN BA 84 72.25 46.16 17.08
C ASN BA 84 70.99 46.93 16.70
N TYR BA 85 71.19 48.21 16.40
CA TYR BA 85 70.15 49.05 15.85
C TYR BA 85 70.66 49.64 14.53
N SER BA 86 69.72 50.01 13.66
CA SER BA 86 70.04 50.67 12.39
C SER BA 86 68.82 51.41 11.90
N ILE BA 87 69.04 52.31 10.94
CA ILE BA 87 67.96 53.08 10.35
C ILE BA 87 68.13 53.23 8.84
N THR BA 88 67.02 53.37 8.13
CA THR BA 88 67.05 53.59 6.69
C THR BA 88 66.13 54.74 6.34
N ILE BA 89 66.47 55.50 5.29
CA ILE BA 89 65.60 56.58 4.83
C ILE BA 89 65.62 56.71 3.32
N ASN BA 90 64.43 56.81 2.71
CA ASN BA 90 64.31 57.32 1.35
C ASN BA 90 63.84 58.77 1.44
N ASN BA 96 66.84 59.78 -4.22
CA ASN BA 96 67.32 59.92 -2.86
C ASN BA 96 67.18 58.63 -2.02
N GLN BA 97 68.19 58.38 -1.18
CA GLN BA 97 68.15 57.35 -0.15
C GLN BA 97 69.43 57.40 0.66
N TYR BA 98 69.41 56.82 1.86
CA TYR BA 98 70.57 56.76 2.72
C TYR BA 98 70.18 56.02 3.99
N GLN BA 99 71.16 55.83 4.86
CA GLN BA 99 70.92 55.26 6.18
C GLN BA 99 72.17 55.44 7.03
N ARG BA 100 72.07 54.99 8.27
CA ARG BA 100 73.23 54.77 9.12
C ARG BA 100 72.84 53.82 10.23
N LYS BA 101 73.83 53.24 10.88
CA LYS BA 101 73.60 52.43 12.06
C LYS BA 101 74.01 53.22 13.29
N LEU BA 102 73.30 52.99 14.40
CA LEU BA 102 73.64 53.63 15.66
C LEU BA 102 73.58 52.60 16.76
N ASP BA 103 74.60 52.60 17.62
CA ASP BA 103 74.67 51.72 18.77
C ASP BA 103 75.00 52.55 20.01
N ARG BA 104 75.22 51.85 21.13
CA ARG BA 104 75.49 52.50 22.41
C ARG BA 104 76.64 53.49 22.27
N THR BA 105 77.57 53.19 21.36
CA THR BA 105 78.75 54.02 21.20
C THR BA 105 78.40 55.33 20.50
N THR BA 106 77.67 55.24 19.39
CA THR BA 106 77.24 56.43 18.66
C THR BA 106 76.24 57.28 19.44
N CYS BA 107 75.75 56.80 20.58
CA CYS BA 107 74.89 57.58 21.46
C CYS BA 107 75.64 58.21 22.62
N CYS CA 1 76.72 21.20 7.32
CA CYS CA 1 77.04 20.06 6.48
C CYS CA 1 77.17 20.47 5.00
N ALA CA 2 78.28 21.10 4.64
CA ALA CA 2 79.37 21.41 5.57
C ALA CA 2 79.87 22.84 5.37
N SER CA 3 79.77 23.33 4.14
CA SER CA 3 80.21 24.68 3.81
C SER CA 3 80.26 24.89 2.30
N HIS CA 4 80.03 26.13 1.86
CA HIS CA 4 80.06 26.46 0.45
C HIS CA 4 81.27 25.83 -0.23
N ASN CA 5 81.16 25.51 -1.52
CA ASN CA 5 79.93 25.73 -2.30
C ASN CA 5 79.67 27.22 -2.55
N GLU CA 6 78.46 27.53 -2.98
CA GLU CA 6 78.10 28.91 -3.26
C GLU CA 6 78.87 29.44 -4.48
N ASN CA 7 78.20 30.19 -5.35
CA ASN CA 7 76.79 30.55 -5.20
C ASN CA 7 75.85 29.88 -6.20
N ALA CA 8 74.88 30.64 -6.66
CA ALA CA 8 73.87 30.16 -7.62
C ALA CA 8 74.25 28.74 -8.14
N SER CA 9 73.99 28.28 -9.38
CA SER CA 9 73.23 28.82 -10.52
C SER CA 9 71.74 29.00 -10.24
N LEU CA 10 71.28 28.57 -9.07
CA LEU CA 10 69.90 28.83 -8.65
C LEU CA 10 69.59 30.32 -8.66
N LEU CA 11 70.26 31.09 -7.79
CA LEU CA 11 69.92 32.49 -7.66
C LEU CA 11 70.22 33.26 -8.94
N ALA CA 12 71.27 32.88 -9.66
CA ALA CA 12 71.47 33.43 -10.99
C ALA CA 12 70.26 33.19 -11.88
N LYS CA 13 69.51 32.12 -11.62
CA LYS CA 13 68.17 32.06 -12.19
C LYS CA 13 67.20 32.93 -11.39
N LYS CA 14 67.26 32.83 -10.06
CA LYS CA 14 66.35 33.61 -9.24
C LYS CA 14 66.50 35.11 -9.50
N GLN CA 15 67.68 35.55 -9.91
CA GLN CA 15 67.82 36.98 -10.17
C GLN CA 15 67.27 37.38 -11.52
N ALA CA 16 67.49 36.58 -12.57
CA ALA CA 16 66.76 36.81 -13.81
C ALA CA 16 65.27 36.59 -13.59
N GLN CA 17 64.92 35.63 -12.74
CA GLN CA 17 63.54 35.46 -12.31
C GLN CA 17 62.94 36.77 -11.80
N ASN CA 18 63.60 37.38 -10.83
CA ASN CA 18 63.13 38.65 -10.28
C ASN CA 18 62.91 39.69 -11.37
N ILE CA 19 63.81 39.74 -12.34
CA ILE CA 19 63.74 40.78 -13.37
C ILE CA 19 62.46 40.67 -14.15
N SER CA 20 62.05 39.45 -14.49
CA SER CA 20 61.01 39.23 -15.48
C SER CA 20 59.60 39.34 -14.92
N GLN CA 21 59.42 39.29 -13.61
CA GLN CA 21 58.06 39.36 -13.08
C GLN CA 21 57.45 40.73 -13.29
N ASN CA 22 58.26 41.75 -13.51
CA ASN CA 22 57.80 43.11 -13.73
C ASN CA 22 57.67 43.47 -15.20
N LEU CA 23 57.95 42.53 -16.09
CA LEU CA 23 58.27 42.80 -17.48
C LEU CA 23 57.04 42.82 -18.37
N PRO CA 24 57.03 43.68 -19.41
CA PRO CA 24 58.02 44.71 -19.77
C PRO CA 24 57.73 46.07 -19.18
N VAL CA 33 60.18 40.68 -24.77
CA VAL CA 33 61.28 41.01 -23.89
C VAL CA 33 61.35 39.91 -22.84
N LEU CA 34 62.55 39.45 -22.52
CA LEU CA 34 62.71 38.41 -21.52
C LEU CA 34 64.11 38.44 -20.96
N ALA CA 35 64.34 37.78 -19.84
CA ALA CA 35 65.70 37.57 -19.34
C ALA CA 35 65.93 36.08 -19.21
N GLN CA 36 67.02 35.57 -19.74
CA GLN CA 36 67.27 34.14 -19.58
C GLN CA 36 68.52 33.94 -18.74
N SER CA 37 68.38 33.16 -17.67
CA SER CA 37 69.52 32.83 -16.83
C SER CA 37 70.08 31.52 -17.37
N SER CA 38 71.13 31.63 -18.17
CA SER CA 38 71.72 30.49 -18.86
C SER CA 38 72.96 30.08 -18.09
N GLY CA 39 72.90 28.92 -17.46
CA GLY CA 39 73.97 28.53 -16.55
C GLY CA 39 74.08 29.56 -15.46
N THR CA 40 75.28 30.11 -15.29
CA THR CA 40 75.51 31.23 -14.38
C THR CA 40 75.42 32.57 -15.09
N THR CA 41 75.07 32.57 -16.36
CA THR CA 41 74.98 33.79 -17.14
C THR CA 41 73.53 34.26 -17.18
N VAL CA 42 73.34 35.57 -17.08
CA VAL CA 42 72.04 36.19 -17.25
C VAL CA 42 71.94 36.69 -18.69
N LYS CA 43 70.75 36.59 -19.27
CA LYS CA 43 70.51 37.10 -20.60
C LYS CA 43 69.29 38.01 -20.58
N MET CA 44 69.24 38.93 -21.53
CA MET CA 44 68.14 39.89 -21.62
C MET CA 44 67.81 40.09 -23.09
N THR CA 45 66.54 39.96 -23.44
CA THR CA 45 66.10 40.02 -24.84
C THR CA 45 65.19 41.22 -25.00
N ILE CA 46 65.07 41.71 -26.22
CA ILE CA 46 64.12 42.78 -26.54
C ILE CA 46 63.36 42.41 -27.81
N THR CA 57 69.06 52.41 -32.45
CA THR CA 57 70.51 52.30 -32.45
C THR CA 57 71.11 52.46 -31.05
N PRO CA 58 70.64 51.61 -30.04
CA PRO CA 58 71.11 51.81 -28.65
C PRO CA 58 72.55 51.35 -28.42
N ASP CA 59 73.50 52.19 -28.84
CA ASP CA 59 74.90 51.96 -28.49
C ASP CA 59 75.28 52.73 -27.24
N ALA CA 60 75.27 54.06 -27.33
CA ALA CA 60 75.54 54.88 -26.15
C ALA CA 60 74.57 54.56 -25.02
N PHE CA 61 73.51 53.82 -25.34
CA PHE CA 61 72.80 53.03 -24.34
C PHE CA 61 73.77 52.26 -23.47
N LEU CA 62 74.68 51.49 -24.10
CA LEU CA 62 75.55 50.59 -23.35
C LEU CA 62 76.32 51.32 -22.26
N THR CA 63 77.25 52.18 -22.65
CA THR CA 63 78.09 52.87 -21.67
C THR CA 63 77.27 53.47 -20.55
N SER CA 64 76.17 54.13 -20.88
CA SER CA 64 75.21 54.51 -19.88
C SER CA 64 74.72 53.27 -19.14
N TYR CA 65 73.94 52.44 -19.84
CA TYR CA 65 73.24 51.32 -19.20
C TYR CA 65 74.19 50.41 -18.42
N GLN CA 66 75.39 50.15 -18.95
CA GLN CA 66 76.29 49.24 -18.25
C GLN CA 66 76.73 49.81 -16.93
N ARG CA 67 77.10 51.09 -16.89
CA ARG CA 67 77.81 51.62 -15.74
C ARG CA 67 76.94 51.72 -14.51
N GLN CA 68 75.63 51.93 -14.68
CA GLN CA 68 74.78 51.81 -13.52
C GLN CA 68 74.87 50.42 -12.90
N MET CA 69 74.82 49.36 -13.71
CA MET CA 69 75.10 48.03 -13.18
C MET CA 69 76.46 47.99 -12.52
N CYS CA 70 77.49 48.38 -13.28
CA CYS CA 70 78.84 48.48 -12.77
C CYS CA 70 78.91 49.32 -11.50
N ALA CA 71 77.99 50.29 -11.34
CA ALA CA 71 77.87 51.08 -10.13
C ALA CA 71 76.94 50.47 -9.09
N ASP CA 72 76.18 49.46 -9.44
CA ASP CA 72 75.26 48.88 -8.48
C ASP CA 72 76.00 47.95 -7.53
N PRO CA 73 75.89 48.14 -6.22
CA PRO CA 73 76.68 47.32 -5.28
C PRO CA 73 76.28 45.85 -5.23
N THR CA 74 75.10 45.47 -5.73
CA THR CA 74 74.79 44.06 -5.87
C THR CA 74 75.50 43.47 -7.08
N VAL CA 75 75.46 44.17 -8.21
CA VAL CA 75 76.31 43.82 -9.35
C VAL CA 75 77.78 43.94 -8.96
N LYS CA 76 78.12 44.96 -8.18
CA LYS CA 76 79.45 45.02 -7.60
C LYS CA 76 79.67 43.93 -6.57
N LEU CA 77 78.59 43.36 -6.02
CA LEU CA 77 78.72 42.10 -5.29
C LEU CA 77 78.76 40.90 -6.23
N MET CA 78 77.78 40.80 -7.15
CA MET CA 78 77.55 39.55 -7.85
C MET CA 78 78.55 39.33 -8.97
N LEU CA 79 78.79 40.35 -9.80
CA LEU CA 79 79.85 40.21 -10.79
C LEU CA 79 81.19 39.95 -10.11
N THR CA 80 81.32 40.37 -8.86
CA THR CA 80 82.42 39.97 -8.00
C THR CA 80 82.09 38.74 -7.15
N GLU CA 81 80.87 38.20 -7.26
CA GLU CA 81 80.59 36.87 -6.74
C GLU CA 81 81.01 35.77 -7.71
N GLY CA 82 80.96 36.03 -9.01
CA GLY CA 82 81.34 35.04 -9.99
C GLY CA 82 80.24 34.47 -10.87
N ILE CA 83 78.99 34.91 -10.74
CA ILE CA 83 77.96 34.55 -11.71
C ILE CA 83 78.02 35.53 -12.88
N ASN CA 84 78.07 34.99 -14.09
CA ASN CA 84 78.27 35.83 -15.26
C ASN CA 84 77.03 36.68 -15.55
N TYR CA 85 77.27 37.77 -16.27
CA TYR CA 85 76.20 38.60 -16.78
C TYR CA 85 76.38 38.72 -18.29
N SER CA 86 75.28 39.00 -19.00
CA SER CA 86 75.29 39.22 -20.44
C SER CA 86 74.07 40.01 -20.84
N ILE CA 87 74.10 40.57 -22.05
CA ILE CA 87 72.97 41.32 -22.58
C ILE CA 87 72.74 41.03 -24.05
N THR CA 88 71.50 41.17 -24.49
CA THR CA 88 71.15 40.98 -25.89
C THR CA 88 70.29 42.14 -26.35
N ILE CA 89 70.39 42.50 -27.64
CA ILE CA 89 69.55 43.56 -28.19
C ILE CA 89 69.16 43.28 -29.62
N ASN CA 90 67.86 43.41 -29.94
CA ASN CA 90 67.42 43.55 -31.31
C ASN CA 90 67.13 45.03 -31.57
N ASN CA 96 68.54 43.94 -37.81
CA ASN CA 96 69.40 44.36 -36.71
C ASN CA 96 69.36 43.40 -35.51
N GLN CA 97 70.54 43.20 -34.90
CA GLN CA 97 70.69 42.52 -33.62
C GLN CA 97 72.14 42.56 -33.19
N TYR CA 98 72.39 42.33 -31.90
CA TYR CA 98 73.74 42.31 -31.35
C TYR CA 98 73.64 42.01 -29.87
N GLN CA 99 74.79 41.89 -29.23
CA GLN CA 99 74.87 41.75 -27.80
C GLN CA 99 76.32 41.94 -27.35
N ARG CA 100 76.52 41.85 -26.05
CA ARG CA 100 77.85 41.67 -25.47
C ARG CA 100 77.68 41.14 -24.06
N LYS CA 101 78.76 40.60 -23.52
CA LYS CA 101 78.79 40.19 -22.12
C LYS CA 101 79.58 41.20 -21.33
N LEU CA 102 79.19 41.40 -20.07
CA LEU CA 102 79.93 42.29 -19.19
C LEU CA 102 80.07 41.62 -17.83
N ASP CA 103 81.28 41.67 -17.28
CA ASP CA 103 81.59 41.14 -15.96
C ASP CA 103 82.32 42.20 -15.15
N ARG CA 104 82.77 41.80 -13.96
CA ARG CA 104 83.44 42.71 -13.04
C ARG CA 104 84.60 43.41 -13.74
N THR CA 105 85.21 42.72 -14.71
CA THR CA 105 86.38 43.26 -15.39
C THR CA 105 85.98 44.37 -16.35
N THR CA 106 84.96 44.12 -17.18
CA THR CA 106 84.46 45.13 -18.11
C THR CA 106 83.80 46.31 -17.41
N CYS CA 107 83.61 46.25 -16.10
CA CYS CA 107 83.10 47.37 -15.32
C CYS CA 107 84.19 48.15 -14.61
N CYS DA 1 77.45 8.79 -17.71
CA CYS DA 1 77.41 7.42 -18.22
C CYS DA 1 77.17 7.39 -19.73
N ALA DA 2 78.19 7.69 -20.52
CA ALA DA 2 79.52 8.05 -20.02
C ALA DA 2 80.09 9.27 -20.75
N SER DA 3 79.70 9.42 -22.02
CA SER DA 3 80.15 10.54 -22.84
C SER DA 3 79.81 10.31 -24.31
N HIS DA 4 79.59 11.42 -25.03
CA HIS DA 4 79.26 11.35 -26.44
C HIS DA 4 80.16 10.36 -27.16
N ASN DA 5 79.67 9.72 -28.23
CA ASN DA 5 78.32 9.94 -28.73
C ASN DA 5 78.14 11.32 -29.36
N GLU DA 6 76.89 11.71 -29.56
CA GLU DA 6 76.60 13.01 -30.16
C GLU DA 6 77.05 13.05 -31.62
N ASN DA 7 76.24 13.64 -32.50
CA ASN DA 7 74.97 14.26 -32.14
C ASN DA 7 73.74 13.52 -32.63
N ALA DA 8 72.75 14.29 -33.07
CA ALA DA 8 71.49 13.75 -33.57
C ALA DA 8 71.56 12.20 -33.70
N SER DA 9 70.92 11.46 -34.64
CA SER DA 9 69.94 11.82 -35.68
C SER DA 9 68.61 12.32 -35.13
N LEU DA 10 68.44 12.30 -33.81
CA LEU DA 10 67.26 12.90 -33.19
C LEU DA 10 67.11 14.36 -33.57
N LEU DA 11 68.06 15.20 -33.16
CA LEU DA 11 67.91 16.64 -33.39
C LEU DA 11 67.92 16.97 -34.87
N ALA DA 12 68.69 16.23 -35.67
CA ALA DA 12 68.57 16.36 -37.11
C ALA DA 12 67.15 16.11 -37.57
N LYS DA 13 66.39 15.29 -36.83
CA LYS DA 13 64.95 15.31 -37.02
C LYS DA 13 64.33 16.51 -36.33
N LYS DA 14 64.74 16.77 -35.09
CA LYS DA 14 64.17 17.89 -34.35
C LYS DA 14 64.38 19.21 -35.08
N GLN DA 15 65.44 19.31 -35.87
CA GLN DA 15 65.64 20.57 -36.58
C GLN DA 15 64.78 20.68 -37.82
N ALA DA 16 64.62 19.60 -38.59
CA ALA DA 16 63.61 19.62 -39.63
C ALA DA 16 62.22 19.72 -39.02
N GLN DA 17 62.03 19.10 -37.86
CA GLN DA 17 60.81 19.30 -37.09
C GLN DA 17 60.51 20.78 -36.88
N ASN DA 18 61.47 21.51 -36.32
CA ASN DA 18 61.29 22.94 -36.09
C ASN DA 18 60.88 23.67 -37.36
N ILE DA 19 61.48 23.30 -38.49
CA ILE DA 19 61.23 24.02 -39.74
C ILE DA 19 59.77 23.93 -40.12
N SER DA 20 59.18 22.76 -39.96
CA SER DA 20 57.89 22.45 -40.56
C SER DA 20 56.70 22.95 -39.75
N GLN DA 21 56.88 23.30 -38.49
CA GLN DA 21 55.75 23.74 -37.70
C GLN DA 21 55.22 25.08 -38.16
N ASN DA 22 56.04 25.84 -38.88
CA ASN DA 22 55.68 27.16 -39.38
C ASN DA 22 55.19 27.13 -40.82
N LEU DA 23 55.11 25.95 -41.41
CA LEU DA 23 55.07 25.77 -42.86
C LEU DA 23 53.65 25.77 -43.39
N PRO DA 24 53.43 26.30 -44.61
CA PRO DA 24 54.37 27.01 -45.49
C PRO DA 24 54.39 28.51 -45.29
N VAL DA 33 54.67 21.47 -49.39
CA VAL DA 33 56.00 21.84 -48.94
C VAL DA 33 56.25 21.06 -47.64
N LEU DA 34 57.44 20.51 -47.49
CA LEU DA 34 57.77 19.76 -46.29
C LEU DA 34 59.27 19.70 -46.11
N ALA DA 35 59.73 19.33 -44.93
CA ALA DA 35 61.15 19.04 -44.72
C ALA DA 35 61.26 17.61 -44.20
N GLN DA 36 62.11 16.80 -44.80
CA GLN DA 36 62.26 15.45 -44.27
C GLN DA 36 63.66 15.26 -43.72
N SER DA 37 63.75 14.84 -42.47
CA SER DA 37 65.03 14.55 -41.87
C SER DA 37 65.30 13.07 -42.09
N SER DA 38 66.09 12.78 -43.12
CA SER DA 38 66.36 11.41 -43.54
C SER DA 38 67.72 11.02 -42.99
N GLY DA 39 67.72 10.09 -42.05
CA GLY DA 39 68.97 9.79 -41.35
C GLY DA 39 69.46 11.04 -40.67
N THR DA 40 70.71 11.40 -40.96
CA THR DA 40 71.29 12.66 -40.52
C THR DA 40 71.13 13.76 -41.56
N THR DA 41 70.45 13.47 -42.66
CA THR DA 41 70.27 14.43 -43.73
C THR DA 41 68.92 15.13 -43.56
N VAL DA 42 68.89 16.42 -43.83
CA VAL DA 42 67.65 17.19 -43.87
C VAL DA 42 67.21 17.30 -45.32
N LYS DA 43 65.90 17.25 -45.55
CA LYS DA 43 65.36 17.42 -46.88
C LYS DA 43 64.28 18.49 -46.84
N MET DA 44 64.07 19.13 -47.99
CA MET DA 44 63.08 20.19 -48.11
C MET DA 44 62.38 20.05 -49.44
N THR DA 45 61.05 20.04 -49.44
CA THR DA 45 60.26 19.81 -50.64
C THR DA 45 59.46 21.06 -50.94
N ILE DA 46 59.05 21.22 -52.19
CA ILE DA 46 58.16 22.31 -52.58
C ILE DA 46 57.05 21.76 -53.46
N THR DA 57 62.19 28.99 -62.13
CA THR DA 57 63.57 28.64 -62.44
C THR DA 57 64.55 29.06 -61.35
N PRO DA 58 64.29 28.61 -60.04
CA PRO DA 58 65.14 29.08 -58.94
C PRO DA 58 66.54 28.47 -58.92
N ASP DA 59 67.41 28.99 -59.78
CA ASP DA 59 68.82 28.62 -59.72
C ASP DA 59 69.60 29.61 -58.89
N ALA DA 60 69.70 30.86 -59.37
CA ALA DA 60 70.37 31.90 -58.59
C ALA DA 60 69.72 32.07 -57.23
N PHE DA 61 68.54 31.47 -57.05
CA PHE DA 61 68.06 31.11 -55.72
C PHE DA 61 69.15 30.44 -54.91
N LEU DA 62 69.77 29.39 -55.47
CA LEU DA 62 70.72 28.59 -54.71
C LEU DA 62 71.83 29.44 -54.10
N THR DA 63 72.70 29.99 -54.95
CA THR DA 63 73.84 30.76 -54.45
C THR DA 63 73.42 31.77 -53.40
N SER DA 64 72.34 32.50 -53.66
CA SER DA 64 71.73 33.30 -52.62
C SER DA 64 71.35 32.40 -51.45
N TYR DA 65 70.34 31.57 -51.65
CA TYR DA 65 69.73 30.80 -50.56
C TYR DA 65 70.76 29.97 -49.79
N GLN DA 66 71.74 29.38 -50.48
CA GLN DA 66 72.71 28.55 -49.77
C GLN DA 66 73.55 29.38 -48.82
N ARG DA 67 74.04 30.53 -49.26
CA ARG DA 67 75.08 31.22 -48.53
C ARG DA 67 74.60 31.80 -47.22
N GLN DA 68 73.32 32.18 -47.13
CA GLN DA 68 72.81 32.53 -45.82
C GLN DA 68 72.93 31.35 -44.85
N MET DA 69 72.56 30.14 -45.27
CA MET DA 69 72.84 28.97 -44.43
C MET DA 69 74.33 28.88 -44.14
N CYS DA 70 75.13 28.86 -45.19
CA CYS DA 70 76.58 28.87 -45.07
C CYS DA 70 77.08 30.00 -44.17
N ALA DA 71 76.34 31.11 -44.11
CA ALA DA 71 76.63 32.21 -43.20
C ALA DA 71 75.97 32.07 -41.84
N ASP DA 72 75.04 31.15 -41.67
CA ASP DA 72 74.37 31.02 -40.39
C ASP DA 72 75.26 30.26 -39.41
N PRO DA 73 75.52 30.81 -38.22
CA PRO DA 73 76.46 30.16 -37.29
C PRO DA 73 75.95 28.84 -36.71
N THR DA 74 74.65 28.56 -36.78
CA THR DA 74 74.18 27.23 -36.41
C THR DA 74 74.47 26.22 -37.51
N VAL DA 75 74.19 26.59 -38.76
CA VAL DA 75 74.65 25.81 -39.90
C VAL DA 75 76.18 25.77 -39.92
N LYS DA 76 76.81 26.88 -39.59
CA LYS DA 76 78.25 26.87 -39.39
C LYS DA 76 78.63 26.07 -38.15
N LEU DA 77 77.70 25.87 -37.22
CA LEU DA 77 77.91 24.85 -36.19
C LEU DA 77 77.57 23.45 -36.71
N MET DA 78 76.38 23.29 -37.29
CA MET DA 78 75.84 21.95 -37.51
C MET DA 78 76.46 21.27 -38.71
N LEU DA 79 76.57 21.96 -39.84
CA LEU DA 79 77.30 21.39 -40.96
C LEU DA 79 78.74 21.09 -40.57
N THR DA 80 79.25 21.80 -39.57
CA THR DA 80 80.49 21.46 -38.92
C THR DA 80 80.29 20.57 -37.68
N GLU DA 81 79.05 20.25 -37.33
CA GLU DA 81 78.80 19.18 -36.38
C GLU DA 81 78.82 17.81 -37.03
N GLY DA 82 78.44 17.71 -38.31
CA GLY DA 82 78.44 16.44 -39.01
C GLY DA 82 77.09 15.85 -39.37
N ILE DA 83 75.98 16.53 -39.10
CA ILE DA 83 74.68 16.10 -39.64
C ILE DA 83 74.52 16.71 -41.03
N ASN DA 84 74.17 15.86 -42.00
CA ASN DA 84 74.12 16.30 -43.38
C ASN DA 84 72.94 17.25 -43.61
N TYR DA 85 73.08 18.06 -44.66
CA TYR DA 85 72.00 18.88 -45.15
C TYR DA 85 71.76 18.56 -46.62
N SER DA 86 70.55 18.82 -47.10
CA SER DA 86 70.18 18.64 -48.49
C SER DA 86 68.98 19.49 -48.82
N ILE DA 87 68.73 19.69 -50.11
CA ILE DA 87 67.58 20.46 -50.57
C ILE DA 87 66.92 19.82 -51.79
N THR DA 88 65.62 20.05 -51.94
CA THR DA 88 64.89 19.56 -53.10
C THR DA 88 64.05 20.69 -53.67
N ILE DA 89 63.84 20.67 -54.99
CA ILE DA 89 62.98 21.67 -55.62
C ILE DA 89 62.18 21.08 -56.77
N ASN DA 90 60.87 21.34 -56.80
CA ASN DA 90 60.08 21.19 -58.01
C ASN DA 90 59.88 22.56 -58.63
N ASN DA 96 59.40 19.61 -64.38
CA ASN DA 96 60.56 20.16 -63.69
C ASN DA 96 60.77 19.57 -62.28
N GLN DA 97 62.04 19.35 -61.93
CA GLN DA 97 62.46 19.02 -60.58
C GLN DA 97 63.98 18.92 -60.54
N TYR DA 98 64.56 19.01 -59.33
CA TYR DA 98 65.99 18.91 -59.14
C TYR DA 98 66.28 19.04 -57.66
N GLN DA 99 67.54 18.89 -57.31
CA GLN DA 99 68.00 19.14 -55.96
C GLN DA 99 69.53 19.18 -55.94
N ARG DA 100 70.07 19.42 -54.76
CA ARG DA 100 71.48 19.17 -54.48
C ARG DA 100 71.66 19.08 -52.98
N LYS DA 101 72.78 18.52 -52.57
CA LYS DA 101 73.15 18.49 -51.17
C LYS DA 101 74.23 19.54 -50.92
N LEU DA 102 74.23 20.13 -49.74
CA LEU DA 102 75.26 21.09 -49.36
C LEU DA 102 75.70 20.79 -47.94
N ASP DA 103 77.01 20.78 -47.73
CA ASP DA 103 77.62 20.57 -46.42
C ASP DA 103 78.64 21.67 -46.17
N ARG DA 104 79.37 21.53 -45.05
CA ARG DA 104 80.35 22.53 -44.65
C ARG DA 104 81.33 22.80 -45.77
N THR DA 105 81.59 21.79 -46.60
CA THR DA 105 82.57 21.91 -47.67
C THR DA 105 82.03 22.78 -48.79
N THR DA 106 80.80 22.49 -49.24
CA THR DA 106 80.16 23.27 -50.29
C THR DA 106 79.84 24.70 -49.86
N CYS DA 107 80.02 25.03 -48.59
CA CYS DA 107 79.84 26.39 -48.08
C CYS DA 107 81.16 27.13 -47.93
#